data_6YFJ
#
_entry.id   6YFJ
#
_cell.length_a   283.345
_cell.length_b   283.345
_cell.length_c   666.042
_cell.angle_alpha   90.000
_cell.angle_beta   90.000
_cell.angle_gamma   120.000
#
_symmetry.space_group_name_H-M   'H 3'
#
_entity_poly.entity_id   1
_entity_poly.type   'polypeptide(L)'
_entity_poly.pdbx_seq_one_letter_code
;AYKLIKMAGGNSAIQTYAREDKTTQTLSTQKTISVLRNGSTSTRIIKVHINSTAPVTINTCDPTKCGPTVPMGVSFKSSM
PEDADPAEVLKAAKAALALFEANLNSAFNKNVDEISVA
;
_entity_poly.pdbx_strand_id   AA,AB,AC,AD,AE,AF,AG,AH,AI,AJ,AK,AL,AM,AN,AO,AP,AQ,AR,AS,AT,AU,AV,AW,AX,AY,AZ,BA,BB,BC,BD,BE,BF,BG,BH,BI,BJ,BK,BL,BM,BN,BO,BP,BQ,BR,BS,BT,BU,BV,BW,BX,BY,BZ,CA,CB,CC,CD,CE,CF,CG,CH
#
# COMPACT_ATOMS: atom_id res chain seq x y z
N ALA A 1 -38.97 -37.95 -41.31
CA ALA A 1 -40.24 -37.37 -40.86
C ALA A 1 -40.19 -36.95 -39.38
N TYR A 2 -39.74 -35.73 -39.12
CA TYR A 2 -39.63 -35.20 -37.77
C TYR A 2 -39.98 -33.71 -37.77
N LYS A 3 -39.92 -33.09 -36.60
CA LYS A 3 -40.18 -31.66 -36.50
C LYS A 3 -39.25 -31.01 -35.49
N LEU A 4 -38.88 -29.77 -35.78
CA LEU A 4 -37.99 -28.97 -34.96
C LEU A 4 -38.82 -28.06 -34.08
N ILE A 5 -38.76 -28.26 -32.78
CA ILE A 5 -39.50 -27.46 -31.82
C ILE A 5 -38.60 -26.33 -31.34
N LYS A 6 -39.21 -25.18 -31.04
CA LYS A 6 -38.44 -24.02 -30.61
C LYS A 6 -37.79 -24.27 -29.26
N MET A 7 -36.52 -23.88 -29.15
CA MET A 7 -35.74 -24.00 -27.93
C MET A 7 -35.84 -22.74 -27.10
N ALA A 8 -35.57 -22.89 -25.81
CA ALA A 8 -35.40 -21.74 -24.94
C ALA A 8 -34.14 -20.98 -25.36
N GLY A 9 -34.30 -19.70 -25.68
CA GLY A 9 -33.18 -18.89 -26.12
C GLY A 9 -33.22 -17.52 -25.46
N GLY A 10 -32.07 -16.87 -25.46
CA GLY A 10 -31.92 -15.58 -24.80
C GLY A 10 -32.22 -14.39 -25.68
N ASN A 11 -31.92 -14.48 -26.97
CA ASN A 11 -32.10 -13.38 -27.89
C ASN A 11 -33.52 -13.39 -28.47
N SER A 12 -34.07 -12.19 -28.69
CA SER A 12 -35.41 -12.08 -29.26
C SER A 12 -35.42 -12.07 -30.78
N ALA A 13 -34.32 -11.62 -31.39
CA ALA A 13 -34.22 -11.60 -32.85
C ALA A 13 -33.95 -12.98 -33.42
N ILE A 14 -33.28 -13.84 -32.67
CA ILE A 14 -32.88 -15.18 -33.11
C ILE A 14 -33.87 -16.19 -32.56
N GLN A 15 -34.44 -17.00 -33.45
CA GLN A 15 -35.26 -18.14 -33.06
C GLN A 15 -34.40 -19.40 -33.21
N THR A 16 -34.29 -20.16 -32.13
CA THR A 16 -33.52 -21.40 -32.12
C THR A 16 -34.46 -22.57 -31.95
N TYR A 17 -34.24 -23.62 -32.75
CA TYR A 17 -35.04 -24.82 -32.77
C TYR A 17 -34.11 -26.03 -32.61
N ALA A 18 -34.64 -27.07 -32.00
CA ALA A 18 -33.97 -28.35 -31.92
C ALA A 18 -34.89 -29.44 -32.44
N ARG A 19 -34.28 -30.48 -33.00
CA ARG A 19 -35.04 -31.61 -33.50
C ARG A 19 -35.61 -32.41 -32.34
N GLU A 20 -36.85 -32.87 -32.50
CA GLU A 20 -37.50 -33.60 -31.42
C GLU A 20 -36.78 -34.91 -31.14
N ASP A 21 -36.49 -35.69 -32.19
CA ASP A 21 -35.81 -36.97 -32.02
C ASP A 21 -34.42 -36.78 -31.42
N LYS A 22 -33.56 -36.05 -32.14
CA LYS A 22 -32.21 -35.72 -31.68
C LYS A 22 -32.17 -34.25 -31.32
N THR A 23 -32.11 -33.96 -30.02
CA THR A 23 -31.96 -32.59 -29.60
C THR A 23 -30.54 -32.07 -29.81
N THR A 24 -29.67 -32.85 -30.49
CA THR A 24 -28.34 -32.41 -30.86
C THR A 24 -28.30 -31.74 -32.21
N GLN A 25 -29.28 -32.02 -33.07
CA GLN A 25 -29.43 -31.34 -34.34
C GLN A 25 -30.26 -30.09 -34.12
N THR A 26 -29.73 -28.93 -34.51
CA THR A 26 -30.38 -27.67 -34.23
C THR A 26 -30.42 -26.82 -35.50
N LEU A 27 -31.23 -25.75 -35.41
CA LEU A 27 -31.48 -24.82 -36.50
C LEU A 27 -31.76 -23.44 -35.90
N SER A 28 -31.37 -22.39 -36.61
CA SER A 28 -31.50 -21.04 -36.08
C SER A 28 -31.83 -20.07 -37.20
N THR A 29 -32.83 -19.23 -36.98
CA THR A 29 -33.24 -18.23 -37.96
C THR A 29 -33.21 -16.85 -37.33
N GLN A 30 -32.59 -15.90 -38.02
CA GLN A 30 -32.46 -14.54 -37.52
C GLN A 30 -32.78 -13.55 -38.63
N LYS A 31 -33.49 -12.47 -38.29
CA LYS A 31 -33.75 -11.39 -39.21
C LYS A 31 -33.24 -10.08 -38.64
N THR A 32 -32.49 -9.35 -39.44
CA THR A 32 -31.89 -8.06 -39.11
C THR A 32 -32.41 -7.03 -40.10
N ILE A 33 -32.77 -5.86 -39.58
CA ILE A 33 -33.13 -4.73 -40.42
C ILE A 33 -32.06 -3.67 -40.29
N SER A 34 -31.61 -3.13 -41.41
CA SER A 34 -30.62 -2.07 -41.47
C SER A 34 -31.20 -0.91 -42.26
N VAL A 35 -30.62 0.27 -42.09
CA VAL A 35 -31.06 1.47 -42.78
C VAL A 35 -29.91 2.01 -43.62
N LEU A 36 -30.19 2.27 -44.90
CA LEU A 36 -29.19 2.87 -45.78
C LEU A 36 -29.82 4.09 -46.42
N ARG A 37 -29.25 5.26 -46.17
CA ARG A 37 -29.83 6.49 -46.67
C ARG A 37 -28.88 7.18 -47.64
N ASN A 38 -29.43 7.63 -48.76
CA ASN A 38 -28.77 8.50 -49.72
C ASN A 38 -29.44 9.87 -49.64
N GLY A 39 -28.69 10.87 -49.22
CA GLY A 39 -29.26 12.19 -49.01
C GLY A 39 -30.38 12.15 -48.01
N SER A 40 -31.57 12.55 -48.46
CA SER A 40 -32.76 12.50 -47.62
C SER A 40 -33.45 11.16 -47.67
N THR A 41 -33.35 10.43 -48.79
CA THR A 41 -34.06 9.17 -48.92
C THR A 41 -33.37 8.09 -48.10
N SER A 42 -34.18 7.19 -47.54
CA SER A 42 -33.65 6.10 -46.73
C SER A 42 -34.43 4.82 -47.04
N THR A 43 -33.72 3.70 -47.11
CA THR A 43 -34.31 2.42 -47.48
C THR A 43 -33.85 1.32 -46.54
N ARG A 44 -34.73 0.35 -46.33
CA ARG A 44 -34.47 -0.74 -45.41
C ARG A 44 -33.75 -1.88 -46.11
N ILE A 45 -32.79 -2.47 -45.42
CA ILE A 45 -32.04 -3.62 -45.90
C ILE A 45 -32.36 -4.78 -44.98
N ILE A 46 -33.07 -5.77 -45.51
CA ILE A 46 -33.51 -6.93 -44.75
C ILE A 46 -32.52 -8.06 -44.97
N LYS A 47 -31.99 -8.59 -43.86
CA LYS A 47 -30.99 -9.64 -43.86
C LYS A 47 -31.53 -10.82 -43.07
N VAL A 48 -31.51 -12.01 -43.68
CA VAL A 48 -31.98 -13.24 -43.08
C VAL A 48 -30.81 -14.20 -42.97
N HIS A 49 -30.77 -14.96 -41.88
CA HIS A 49 -29.70 -15.94 -41.66
C HIS A 49 -30.31 -17.20 -41.08
N ILE A 50 -30.16 -18.31 -41.79
CA ILE A 50 -30.64 -19.62 -41.37
C ILE A 50 -29.44 -20.55 -41.27
N ASN A 51 -29.26 -21.20 -40.13
CA ASN A 51 -28.12 -22.08 -39.91
C ASN A 51 -28.62 -23.40 -39.34
N SER A 52 -28.29 -24.51 -40.01
CA SER A 52 -28.68 -25.84 -39.57
C SER A 52 -27.40 -26.61 -39.28
N THR A 53 -27.22 -27.07 -38.04
CA THR A 53 -26.03 -27.87 -37.72
C THR A 53 -26.37 -29.07 -36.89
N ALA A 54 -25.42 -30.01 -36.89
CA ALA A 54 -25.44 -31.17 -36.01
C ALA A 54 -23.99 -31.53 -35.73
N PRO A 55 -23.70 -32.10 -34.56
CA PRO A 55 -22.34 -32.59 -34.33
C PRO A 55 -22.13 -33.90 -35.07
N VAL A 56 -20.89 -34.12 -35.48
CA VAL A 56 -20.50 -35.37 -36.12
C VAL A 56 -19.16 -35.81 -35.54
N THR A 57 -19.07 -37.11 -35.22
CA THR A 57 -17.88 -37.69 -34.61
C THR A 57 -16.73 -37.73 -35.60
N ILE A 58 -15.55 -37.28 -35.17
CA ILE A 58 -14.43 -37.12 -36.09
C ILE A 58 -14.04 -38.44 -36.73
N ASN A 59 -13.88 -39.48 -35.91
CA ASN A 59 -13.10 -40.65 -36.28
C ASN A 59 -14.00 -41.73 -36.86
N THR A 60 -13.93 -41.92 -38.17
CA THR A 60 -14.78 -42.92 -38.81
C THR A 60 -14.33 -44.33 -38.47
N CYS A 61 -13.02 -44.60 -38.51
CA CYS A 61 -12.47 -45.93 -38.28
C CYS A 61 -12.24 -46.24 -36.79
N ASP A 62 -12.66 -45.37 -35.88
CA ASP A 62 -12.52 -45.61 -34.45
C ASP A 62 -13.67 -46.47 -33.94
N PRO A 63 -13.57 -46.99 -32.70
CA PRO A 63 -14.68 -47.79 -32.15
C PRO A 63 -15.84 -46.95 -31.63
N THR A 64 -15.88 -45.67 -32.05
CA THR A 64 -16.90 -44.71 -31.63
C THR A 64 -16.88 -44.49 -30.11
N LYS A 65 -15.67 -44.40 -29.55
CA LYS A 65 -15.49 -44.21 -28.11
C LYS A 65 -15.56 -42.73 -27.74
N CYS A 66 -16.71 -42.11 -28.08
CA CYS A 66 -16.96 -40.69 -27.81
C CYS A 66 -15.79 -39.83 -28.25
N GLY A 67 -15.37 -40.01 -29.51
CA GLY A 67 -14.35 -39.19 -30.10
C GLY A 67 -14.84 -37.76 -30.17
N PRO A 68 -13.93 -36.79 -30.01
CA PRO A 68 -14.34 -35.39 -30.04
C PRO A 68 -15.08 -35.08 -31.34
N THR A 69 -16.14 -34.30 -31.23
CA THR A 69 -17.05 -34.03 -32.32
C THR A 69 -16.78 -32.67 -32.94
N VAL A 70 -17.05 -32.58 -34.24
CA VAL A 70 -16.94 -31.31 -34.96
C VAL A 70 -18.34 -30.96 -35.48
N PRO A 71 -18.71 -29.68 -35.46
CA PRO A 71 -20.00 -29.27 -36.02
C PRO A 71 -19.99 -29.38 -37.55
N MET A 72 -21.03 -30.03 -38.08
CA MET A 72 -21.32 -30.07 -39.51
C MET A 72 -22.51 -29.17 -39.75
N GLY A 73 -22.39 -28.29 -40.74
CA GLY A 73 -23.31 -27.16 -40.85
C GLY A 73 -23.66 -26.83 -42.29
N VAL A 74 -24.87 -26.31 -42.46
CA VAL A 74 -25.34 -25.80 -43.74
C VAL A 74 -26.04 -24.48 -43.44
N SER A 75 -25.60 -23.41 -44.11
CA SER A 75 -26.03 -22.06 -43.78
C SER A 75 -26.57 -21.36 -45.01
N PHE A 76 -27.50 -20.44 -44.78
CA PHE A 76 -28.15 -19.65 -45.81
C PHE A 76 -28.21 -18.21 -45.33
N LYS A 77 -27.87 -17.26 -46.20
CA LYS A 77 -27.90 -15.85 -45.86
C LYS A 77 -28.51 -15.07 -47.01
N SER A 78 -29.26 -14.02 -46.66
CA SER A 78 -30.02 -13.22 -47.59
C SER A 78 -29.88 -11.75 -47.21
N SER A 79 -29.52 -10.89 -48.17
CA SER A 79 -29.46 -9.46 -47.89
C SER A 79 -30.02 -8.70 -49.08
N MET A 80 -31.08 -7.93 -48.86
CA MET A 80 -31.70 -7.27 -50.00
C MET A 80 -32.45 -6.03 -49.55
N PRO A 81 -32.60 -5.03 -50.43
CA PRO A 81 -33.48 -3.91 -50.10
C PRO A 81 -34.91 -4.39 -49.94
N GLU A 82 -35.63 -3.75 -49.03
CA GLU A 82 -37.02 -4.10 -48.76
C GLU A 82 -37.83 -4.08 -50.06
N ASP A 83 -38.71 -5.08 -50.21
CA ASP A 83 -39.60 -5.23 -51.36
C ASP A 83 -38.87 -5.53 -52.67
N ALA A 84 -37.60 -5.93 -52.62
CA ALA A 84 -36.93 -6.38 -53.83
C ALA A 84 -37.37 -7.80 -54.16
N ASP A 85 -36.99 -8.28 -55.35
CA ASP A 85 -37.44 -9.61 -55.77
C ASP A 85 -36.29 -10.61 -55.81
N PRO A 86 -36.13 -11.44 -54.79
CA PRO A 86 -35.05 -12.43 -54.81
C PRO A 86 -35.31 -13.63 -55.70
N ALA A 87 -36.46 -13.65 -56.40
CA ALA A 87 -36.89 -14.85 -57.11
C ALA A 87 -35.79 -15.40 -58.01
N GLU A 88 -35.14 -14.52 -58.76
CA GLU A 88 -34.17 -14.99 -59.75
C GLU A 88 -32.83 -15.38 -59.12
N VAL A 89 -32.34 -14.60 -58.15
CA VAL A 89 -31.09 -14.98 -57.48
C VAL A 89 -31.29 -16.27 -56.68
N LEU A 90 -32.51 -16.51 -56.18
CA LEU A 90 -32.80 -17.76 -55.50
C LEU A 90 -32.81 -18.93 -56.49
N LYS A 91 -33.48 -18.77 -57.63
CA LYS A 91 -33.46 -19.82 -58.65
C LYS A 91 -32.02 -20.19 -59.02
N ALA A 92 -31.20 -19.16 -59.29
CA ALA A 92 -29.81 -19.40 -59.66
C ALA A 92 -29.05 -20.10 -58.53
N ALA A 93 -29.18 -19.59 -57.30
CA ALA A 93 -28.48 -20.18 -56.17
C ALA A 93 -28.86 -21.65 -56.00
N LYS A 94 -30.15 -21.96 -56.11
CA LYS A 94 -30.60 -23.34 -55.95
C LYS A 94 -30.05 -24.23 -57.06
N ALA A 95 -30.05 -23.73 -58.30
CA ALA A 95 -29.49 -24.48 -59.41
C ALA A 95 -28.00 -24.78 -59.17
N ALA A 96 -27.25 -23.79 -58.68
CA ALA A 96 -25.84 -24.02 -58.38
C ALA A 96 -25.69 -25.05 -57.27
N LEU A 97 -26.48 -24.91 -56.20
CA LEU A 97 -26.39 -25.83 -55.08
C LEU A 97 -26.61 -27.26 -55.53
N ALA A 98 -27.61 -27.49 -56.39
CA ALA A 98 -27.89 -28.84 -56.87
C ALA A 98 -26.65 -29.53 -57.44
N LEU A 99 -25.71 -28.76 -58.01
CA LEU A 99 -24.48 -29.37 -58.52
C LEU A 99 -23.54 -29.78 -57.39
N PHE A 100 -23.60 -29.08 -56.26
CA PHE A 100 -22.65 -29.34 -55.18
C PHE A 100 -23.17 -30.31 -54.13
N GLU A 101 -24.48 -30.38 -53.90
CA GLU A 101 -24.94 -31.04 -52.68
C GLU A 101 -24.68 -32.54 -52.69
N ALA A 102 -24.52 -33.14 -53.86
CA ALA A 102 -24.04 -34.52 -53.89
C ALA A 102 -22.63 -34.61 -53.35
N ASN A 103 -21.76 -33.67 -53.75
CA ASN A 103 -20.34 -33.68 -53.44
C ASN A 103 -20.00 -32.65 -52.37
N LEU A 104 -20.89 -32.49 -51.38
CA LEU A 104 -20.71 -31.51 -50.32
C LEU A 104 -19.67 -31.93 -49.29
N ASN A 105 -19.22 -33.19 -49.35
CA ASN A 105 -18.25 -33.72 -48.41
C ASN A 105 -17.03 -34.33 -49.10
N SER A 106 -16.92 -34.23 -50.42
CA SER A 106 -15.98 -35.10 -51.13
C SER A 106 -14.79 -34.36 -51.72
N ALA A 107 -14.57 -33.10 -51.35
CA ALA A 107 -13.34 -32.39 -51.70
C ALA A 107 -13.10 -32.29 -53.21
N PHE A 108 -14.10 -32.59 -54.02
CA PHE A 108 -13.95 -32.64 -55.47
C PHE A 108 -14.83 -31.56 -56.08
N ASN A 109 -14.20 -30.55 -56.66
CA ASN A 109 -14.91 -29.43 -57.29
C ASN A 109 -14.83 -29.61 -58.80
N LYS A 110 -15.91 -30.05 -59.43
CA LYS A 110 -15.88 -30.26 -60.86
C LYS A 110 -15.77 -28.92 -61.59
N ASN A 111 -15.00 -28.91 -62.68
CA ASN A 111 -14.95 -27.73 -63.54
C ASN A 111 -16.23 -27.67 -64.34
N VAL A 112 -17.09 -26.72 -63.95
CA VAL A 112 -18.33 -26.44 -64.65
C VAL A 112 -18.17 -25.10 -65.35
N ASP A 113 -18.36 -25.09 -66.66
CA ASP A 113 -18.24 -23.89 -67.47
C ASP A 113 -19.57 -23.19 -67.71
N GLU A 114 -20.70 -23.85 -67.45
CA GLU A 114 -21.99 -23.17 -67.51
C GLU A 114 -23.00 -23.95 -66.67
N ILE A 115 -23.87 -23.20 -66.00
CA ILE A 115 -24.90 -23.74 -65.13
C ILE A 115 -26.25 -23.36 -65.73
N SER A 116 -27.08 -24.35 -66.02
CA SER A 116 -28.39 -24.12 -66.61
C SER A 116 -29.42 -23.91 -65.50
N VAL A 117 -30.16 -22.81 -65.59
CA VAL A 117 -31.19 -22.47 -64.61
C VAL A 117 -32.55 -22.75 -65.23
N ALA A 118 -33.41 -23.44 -64.48
CA ALA A 118 -34.71 -23.87 -64.98
C ALA A 118 -35.63 -22.69 -65.28
N ALA B 1 -58.63 0.66 -42.02
CA ALA B 1 -58.62 -0.26 -43.15
C ALA B 1 -57.24 -0.90 -43.34
N TYR B 2 -56.34 -0.69 -42.38
CA TYR B 2 -55.03 -1.34 -42.37
C TYR B 2 -54.65 -1.68 -40.95
N LYS B 3 -53.50 -2.34 -40.79
CA LYS B 3 -53.01 -2.68 -39.46
C LYS B 3 -51.51 -2.42 -39.35
N LEU B 4 -51.11 -1.96 -38.17
CA LEU B 4 -49.70 -1.69 -37.86
C LEU B 4 -49.11 -2.94 -37.23
N ILE B 5 -48.21 -3.59 -37.93
CA ILE B 5 -47.60 -4.82 -37.46
C ILE B 5 -46.31 -4.50 -36.73
N LYS B 6 -46.06 -5.18 -35.61
CA LYS B 6 -44.84 -4.95 -34.83
C LYS B 6 -43.63 -5.32 -35.66
N MET B 7 -42.69 -4.39 -35.78
CA MET B 7 -41.56 -4.64 -36.65
C MET B 7 -40.56 -5.56 -35.98
N ALA B 8 -39.77 -6.22 -36.82
CA ALA B 8 -38.73 -7.15 -36.38
C ALA B 8 -37.61 -6.33 -35.75
N GLY B 9 -37.87 -5.81 -34.56
CA GLY B 9 -36.90 -5.05 -33.82
C GLY B 9 -36.81 -5.56 -32.38
N GLY B 10 -35.69 -5.26 -31.75
CA GLY B 10 -35.50 -5.70 -30.38
C GLY B 10 -36.37 -4.94 -29.41
N ASN B 11 -37.33 -5.64 -28.79
CA ASN B 11 -38.21 -5.00 -27.81
C ASN B 11 -37.37 -4.45 -26.67
N SER B 12 -37.51 -3.15 -26.40
CA SER B 12 -36.78 -2.47 -25.34
C SER B 12 -37.71 -1.92 -24.28
N ALA B 13 -38.83 -2.64 -24.02
CA ALA B 13 -40.03 -2.08 -23.40
C ALA B 13 -40.54 -0.87 -24.18
N ILE B 14 -40.10 -0.77 -25.45
CA ILE B 14 -40.58 0.18 -26.44
C ILE B 14 -41.00 -0.63 -27.65
N GLN B 15 -42.26 -0.53 -28.05
CA GLN B 15 -42.79 -1.34 -29.14
C GLN B 15 -42.96 -0.47 -30.38
N THR B 16 -42.30 -0.86 -31.46
CA THR B 16 -42.32 -0.11 -32.72
C THR B 16 -43.01 -0.95 -33.78
N TYR B 17 -43.98 -0.34 -34.45
CA TYR B 17 -44.79 -0.97 -35.48
C TYR B 17 -44.63 -0.18 -36.78
N ALA B 18 -44.79 -0.90 -37.89
CA ALA B 18 -44.88 -0.28 -39.21
C ALA B 18 -46.19 -0.69 -39.85
N ARG B 19 -46.72 0.19 -40.69
CA ARG B 19 -47.96 -0.09 -41.39
C ARG B 19 -47.75 -1.16 -42.45
N GLU B 20 -48.72 -2.07 -42.56
CA GLU B 20 -48.49 -3.28 -43.34
C GLU B 20 -48.26 -2.96 -44.82
N ASP B 21 -49.11 -2.10 -45.39
CA ASP B 21 -49.01 -1.80 -46.82
C ASP B 21 -47.99 -0.69 -47.10
N LYS B 22 -48.04 0.40 -46.34
CA LYS B 22 -47.04 1.45 -46.44
C LYS B 22 -46.10 1.33 -45.25
N THR B 23 -45.01 0.59 -45.43
CA THR B 23 -44.07 0.38 -44.32
C THR B 23 -43.24 1.62 -44.02
N THR B 24 -43.45 2.73 -44.74
CA THR B 24 -42.80 3.98 -44.41
C THR B 24 -43.46 4.67 -43.22
N GLN B 25 -44.74 4.40 -43.01
CA GLN B 25 -45.48 4.95 -41.89
C GLN B 25 -45.25 4.06 -40.66
N THR B 26 -44.76 4.65 -39.59
CA THR B 26 -44.41 3.92 -38.39
C THR B 26 -45.10 4.54 -37.17
N LEU B 27 -45.02 3.80 -36.05
CA LEU B 27 -45.65 4.20 -34.79
C LEU B 27 -44.96 3.48 -33.64
N SER B 28 -44.69 4.21 -32.55
CA SER B 28 -43.95 3.68 -31.42
C SER B 28 -44.68 3.98 -30.11
N THR B 29 -44.77 2.97 -29.23
CA THR B 29 -45.41 3.15 -27.94
C THR B 29 -44.48 2.65 -26.84
N GLN B 30 -44.20 3.51 -25.86
CA GLN B 30 -43.43 3.12 -24.69
C GLN B 30 -44.11 3.60 -23.42
N LYS B 31 -43.97 2.81 -22.36
CA LYS B 31 -44.41 3.20 -21.02
C LYS B 31 -43.22 3.05 -20.09
N THR B 32 -43.00 4.07 -19.25
CA THR B 32 -41.92 4.09 -18.28
C THR B 32 -42.48 4.45 -16.92
N ILE B 33 -41.75 4.07 -15.87
CA ILE B 33 -42.17 4.32 -14.50
C ILE B 33 -41.06 5.06 -13.77
N SER B 34 -41.40 6.19 -13.15
CA SER B 34 -40.51 6.98 -12.34
C SER B 34 -40.95 6.92 -10.89
N VAL B 35 -40.06 7.31 -9.98
CA VAL B 35 -40.38 7.39 -8.56
C VAL B 35 -40.10 8.81 -8.09
N LEU B 36 -41.13 9.49 -7.60
CA LEU B 36 -41.02 10.86 -7.11
C LEU B 36 -41.15 10.81 -5.60
N ARG B 37 -40.10 11.25 -4.90
CA ARG B 37 -40.03 11.22 -3.45
C ARG B 37 -40.04 12.65 -2.92
N ASN B 38 -41.05 12.97 -2.12
CA ASN B 38 -41.12 14.24 -1.40
C ASN B 38 -41.11 13.92 0.10
N GLY B 39 -39.97 14.13 0.74
CA GLY B 39 -39.86 13.77 2.16
C GLY B 39 -39.98 12.27 2.37
N SER B 40 -40.87 11.89 3.29
CA SER B 40 -41.08 10.47 3.59
C SER B 40 -41.79 9.76 2.45
N THR B 41 -42.72 10.44 1.79
CA THR B 41 -43.58 9.82 0.79
C THR B 41 -42.85 9.65 -0.54
N SER B 42 -43.07 8.49 -1.17
CA SER B 42 -42.63 8.23 -2.53
C SER B 42 -43.81 7.68 -3.32
N THR B 43 -43.97 8.17 -4.56
CA THR B 43 -45.07 7.75 -5.42
C THR B 43 -44.55 7.44 -6.81
N ARG B 44 -45.23 6.51 -7.49
CA ARG B 44 -44.85 6.09 -8.82
C ARG B 44 -45.55 6.94 -9.88
N ILE B 45 -44.79 7.34 -10.89
CA ILE B 45 -45.28 8.19 -11.97
C ILE B 45 -45.23 7.39 -13.27
N ILE B 46 -46.41 7.21 -13.89
CA ILE B 46 -46.54 6.49 -15.14
C ILE B 46 -46.44 7.49 -16.29
N LYS B 47 -45.56 7.18 -17.25
CA LYS B 47 -45.33 8.06 -18.40
C LYS B 47 -45.46 7.25 -19.69
N VAL B 48 -46.46 7.60 -20.50
CA VAL B 48 -46.73 6.98 -21.79
C VAL B 48 -46.28 7.93 -22.89
N HIS B 49 -45.68 7.37 -23.94
CA HIS B 49 -45.28 8.16 -25.10
C HIS B 49 -45.61 7.36 -26.36
N ILE B 50 -46.50 7.93 -27.19
CA ILE B 50 -46.90 7.37 -28.47
C ILE B 50 -46.47 8.32 -29.57
N ASN B 51 -45.89 7.78 -30.63
CA ASN B 51 -45.45 8.60 -31.75
C ASN B 51 -45.89 7.95 -33.06
N SER B 52 -46.39 8.76 -33.99
CA SER B 52 -46.89 8.24 -35.27
C SER B 52 -46.35 9.14 -36.37
N THR B 53 -45.39 8.63 -37.16
CA THR B 53 -44.78 9.46 -38.20
C THR B 53 -44.83 8.77 -39.55
N ALA B 54 -44.69 9.60 -40.59
CA ALA B 54 -44.51 9.17 -41.95
C ALA B 54 -43.60 10.17 -42.64
N PRO B 55 -42.85 9.77 -43.65
CA PRO B 55 -42.09 10.73 -44.43
C PRO B 55 -43.01 11.47 -45.39
N VAL B 56 -42.68 12.73 -45.65
CA VAL B 56 -43.40 13.56 -46.61
C VAL B 56 -42.40 14.10 -47.61
N THR B 57 -42.62 13.80 -48.89
CA THR B 57 -41.85 14.43 -49.95
C THR B 57 -42.09 15.93 -49.95
N ILE B 58 -41.00 16.71 -49.86
CA ILE B 58 -41.14 18.15 -49.89
C ILE B 58 -41.84 18.57 -51.17
N ASN B 59 -42.81 19.47 -51.05
CA ASN B 59 -43.44 20.06 -52.22
C ASN B 59 -42.37 20.59 -53.15
N THR B 60 -42.26 20.01 -54.34
CA THR B 60 -41.16 20.31 -55.23
C THR B 60 -41.67 20.72 -56.60
N CYS B 61 -40.72 21.09 -57.45
CA CYS B 61 -41.02 21.65 -58.76
C CYS B 61 -41.44 20.58 -59.76
N ASP B 62 -40.88 19.37 -59.66
CA ASP B 62 -41.11 18.33 -60.65
C ASP B 62 -42.55 17.88 -60.67
N PRO B 63 -43.08 17.49 -61.84
CA PRO B 63 -44.40 16.83 -61.85
C PRO B 63 -44.36 15.50 -61.13
N THR B 64 -43.30 14.72 -61.32
CA THR B 64 -43.09 13.54 -60.50
C THR B 64 -42.89 13.96 -59.05
N LYS B 65 -43.43 13.16 -58.13
CA LYS B 65 -43.35 13.48 -56.71
C LYS B 65 -41.97 13.06 -56.21
N CYS B 66 -40.98 13.91 -56.51
CA CYS B 66 -39.60 13.66 -56.13
C CYS B 66 -38.99 14.89 -55.49
N GLY B 67 -38.49 14.73 -54.26
CA GLY B 67 -37.78 15.76 -53.56
C GLY B 67 -37.26 15.23 -52.23
N PRO B 68 -36.52 16.05 -51.48
CA PRO B 68 -36.11 15.63 -50.14
C PRO B 68 -37.34 15.33 -49.28
N THR B 69 -37.19 14.36 -48.38
CA THR B 69 -38.27 13.95 -47.49
C THR B 69 -38.04 14.51 -46.09
N VAL B 70 -39.06 15.15 -45.55
CA VAL B 70 -39.06 15.65 -44.18
C VAL B 70 -40.04 14.78 -43.41
N PRO B 71 -39.73 14.39 -42.17
CA PRO B 71 -40.69 13.59 -41.40
C PRO B 71 -41.84 14.45 -40.89
N MET B 72 -43.07 13.96 -41.05
CA MET B 72 -44.22 14.52 -40.38
C MET B 72 -44.69 13.54 -39.31
N GLY B 73 -45.16 14.08 -38.20
CA GLY B 73 -45.37 13.27 -37.03
C GLY B 73 -46.37 13.86 -36.08
N VAL B 74 -47.13 12.97 -35.45
CA VAL B 74 -48.07 13.34 -34.40
C VAL B 74 -47.69 12.55 -33.16
N SER B 75 -47.54 13.23 -32.04
CA SER B 75 -47.00 12.63 -30.83
C SER B 75 -47.91 12.92 -29.65
N PHE B 76 -48.16 11.91 -28.83
CA PHE B 76 -48.97 12.02 -27.63
C PHE B 76 -48.15 11.57 -26.44
N LYS B 77 -48.07 12.41 -25.40
CA LYS B 77 -47.32 12.09 -24.20
C LYS B 77 -48.22 12.29 -22.98
N SER B 78 -48.01 11.47 -21.95
CA SER B 78 -48.89 11.42 -20.80
C SER B 78 -48.08 11.08 -19.55
N SER B 79 -48.13 11.95 -18.54
CA SER B 79 -47.39 11.69 -17.30
C SER B 79 -48.28 11.99 -16.10
N MET B 80 -48.47 11.00 -15.23
CA MET B 80 -49.31 11.22 -14.06
C MET B 80 -48.91 10.24 -12.98
N PRO B 81 -49.12 10.58 -11.71
CA PRO B 81 -48.82 9.62 -10.64
C PRO B 81 -49.82 8.47 -10.65
N GLU B 82 -49.36 7.30 -10.23
CA GLU B 82 -50.13 6.07 -10.34
C GLU B 82 -51.51 6.22 -9.70
N ASP B 83 -52.51 5.60 -10.35
CA ASP B 83 -53.90 5.55 -9.91
C ASP B 83 -54.60 6.90 -9.92
N ALA B 84 -54.02 7.94 -10.52
CA ALA B 84 -54.71 9.20 -10.68
C ALA B 84 -55.80 9.06 -11.77
N ASP B 85 -56.68 10.07 -11.87
CA ASP B 85 -57.75 10.02 -12.87
C ASP B 85 -57.56 11.10 -13.93
N PRO B 86 -57.00 10.78 -15.09
CA PRO B 86 -56.79 11.81 -16.12
C PRO B 86 -58.01 12.07 -17.00
N ALA B 87 -59.20 11.63 -16.58
CA ALA B 87 -60.38 11.67 -17.44
C ALA B 87 -60.63 13.07 -17.97
N GLU B 88 -60.61 14.07 -17.08
CA GLU B 88 -60.95 15.42 -17.50
C GLU B 88 -59.81 16.06 -18.27
N VAL B 89 -58.57 15.75 -17.90
CA VAL B 89 -57.41 16.24 -18.64
C VAL B 89 -57.46 15.74 -20.09
N LEU B 90 -57.71 14.44 -20.26
CA LEU B 90 -57.88 13.86 -21.59
C LEU B 90 -59.02 14.52 -22.34
N LYS B 91 -60.16 14.74 -21.67
CA LYS B 91 -61.31 15.34 -22.35
C LYS B 91 -60.97 16.72 -22.90
N ALA B 92 -60.32 17.55 -22.08
CA ALA B 92 -59.94 18.90 -22.52
C ALA B 92 -58.90 18.84 -23.63
N ALA B 93 -57.90 17.98 -23.48
CA ALA B 93 -56.89 17.83 -24.53
C ALA B 93 -57.53 17.45 -25.86
N LYS B 94 -58.50 16.52 -25.81
CA LYS B 94 -59.16 16.07 -27.03
C LYS B 94 -59.98 17.19 -27.65
N ALA B 95 -60.65 18.01 -26.82
CA ALA B 95 -61.40 19.15 -27.37
C ALA B 95 -60.48 20.14 -28.07
N ALA B 96 -59.35 20.45 -27.44
CA ALA B 96 -58.38 21.36 -28.07
C ALA B 96 -57.86 20.80 -29.38
N LEU B 97 -57.49 19.51 -29.38
CA LEU B 97 -57.02 18.88 -30.61
C LEU B 97 -58.09 18.93 -31.69
N ALA B 98 -59.35 18.75 -31.31
CA ALA B 98 -60.44 18.85 -32.28
C ALA B 98 -60.47 20.24 -32.90
N LEU B 99 -60.22 21.27 -32.10
CA LEU B 99 -60.17 22.62 -32.65
C LEU B 99 -59.00 22.82 -33.61
N PHE B 100 -57.82 22.29 -33.28
CA PHE B 100 -56.61 22.59 -34.03
C PHE B 100 -56.26 21.57 -35.12
N GLU B 101 -57.04 20.50 -35.25
CA GLU B 101 -56.67 19.37 -36.10
C GLU B 101 -56.62 19.76 -37.57
N ALA B 102 -57.61 20.52 -38.04
CA ALA B 102 -57.59 20.99 -39.42
C ALA B 102 -56.44 21.96 -39.67
N ASN B 103 -56.00 22.66 -38.63
CA ASN B 103 -54.96 23.68 -38.73
C ASN B 103 -53.58 23.17 -38.34
N LEU B 104 -53.42 21.85 -38.18
CA LEU B 104 -52.10 21.30 -37.88
C LEU B 104 -51.06 21.64 -38.94
N ASN B 105 -51.48 21.96 -40.17
CA ASN B 105 -50.57 22.26 -41.28
C ASN B 105 -50.79 23.66 -41.86
N SER B 106 -51.39 24.58 -41.09
CA SER B 106 -51.98 25.77 -41.69
C SER B 106 -51.04 26.97 -41.78
N ALA B 107 -50.04 27.08 -40.89
CA ALA B 107 -49.16 28.25 -40.78
C ALA B 107 -49.91 29.51 -40.35
N PHE B 108 -51.19 29.38 -40.02
CA PHE B 108 -51.99 30.46 -39.45
C PHE B 108 -52.56 29.98 -38.13
N ASN B 109 -52.49 30.83 -37.11
CA ASN B 109 -52.99 30.47 -35.79
C ASN B 109 -54.38 31.07 -35.60
N LYS B 110 -55.36 30.21 -35.31
CA LYS B 110 -56.71 30.68 -35.03
C LYS B 110 -56.77 31.16 -33.57
N ASN B 111 -57.16 32.41 -33.38
CA ASN B 111 -57.24 32.98 -32.04
C ASN B 111 -58.64 32.72 -31.49
N VAL B 112 -58.77 31.68 -30.67
CA VAL B 112 -60.02 31.34 -30.01
C VAL B 112 -59.92 31.72 -28.54
N ASP B 113 -61.01 32.26 -28.00
CA ASP B 113 -61.05 32.77 -26.64
C ASP B 113 -61.66 31.79 -25.65
N GLU B 114 -62.33 30.73 -26.10
CA GLU B 114 -62.80 29.70 -25.19
C GLU B 114 -62.93 28.37 -25.92
N ILE B 115 -62.83 27.29 -25.15
CA ILE B 115 -62.80 25.92 -25.67
C ILE B 115 -63.82 25.13 -24.89
N SER B 116 -64.91 24.72 -25.55
CA SER B 116 -66.00 24.01 -24.88
C SER B 116 -65.72 22.51 -24.80
N VAL B 117 -66.02 21.91 -23.65
CA VAL B 117 -65.64 20.55 -23.31
C VAL B 117 -66.87 19.78 -22.84
N ALA B 118 -66.87 18.47 -23.11
CA ALA B 118 -67.91 17.53 -22.64
C ALA B 118 -69.31 17.97 -23.00
N ALA C 1 -62.20 -16.81 -11.67
CA ALA C 1 -61.50 -17.13 -12.91
C ALA C 1 -61.00 -15.86 -13.60
N TYR C 2 -59.72 -15.85 -13.98
CA TYR C 2 -59.12 -14.69 -14.63
C TYR C 2 -58.03 -15.15 -15.59
N LYS C 3 -57.51 -14.19 -16.36
CA LYS C 3 -56.46 -14.45 -17.34
C LYS C 3 -55.23 -13.61 -17.03
N LEU C 4 -54.06 -14.24 -17.07
CA LEU C 4 -52.78 -13.55 -16.96
C LEU C 4 -52.36 -13.09 -18.35
N ILE C 5 -52.55 -11.80 -18.62
CA ILE C 5 -52.21 -11.18 -19.91
C ILE C 5 -50.71 -10.95 -19.99
N LYS C 6 -50.14 -11.17 -21.16
CA LYS C 6 -48.70 -11.03 -21.31
C LYS C 6 -48.30 -9.57 -21.35
N MET C 7 -47.44 -9.16 -20.42
CA MET C 7 -46.86 -7.82 -20.42
C MET C 7 -45.77 -7.72 -21.48
N ALA C 8 -45.46 -6.48 -21.84
CA ALA C 8 -44.48 -6.20 -22.89
C ALA C 8 -43.10 -6.08 -22.25
N GLY C 9 -42.27 -7.10 -22.46
CA GLY C 9 -40.96 -7.15 -21.84
C GLY C 9 -39.87 -7.04 -22.89
N GLY C 10 -38.76 -6.39 -22.51
CA GLY C 10 -37.63 -6.29 -23.41
C GLY C 10 -36.86 -7.59 -23.55
N ASN C 11 -36.74 -8.34 -22.46
CA ASN C 11 -36.02 -9.61 -22.47
C ASN C 11 -36.93 -10.73 -22.97
N SER C 12 -36.43 -11.50 -23.95
CA SER C 12 -37.20 -12.58 -24.51
C SER C 12 -37.08 -13.88 -23.73
N ALA C 13 -36.05 -14.03 -22.90
CA ALA C 13 -35.91 -15.25 -22.11
C ALA C 13 -36.99 -15.34 -21.04
N ILE C 14 -37.44 -14.20 -20.52
CA ILE C 14 -38.43 -14.12 -19.45
C ILE C 14 -39.74 -13.62 -20.05
N GLN C 15 -40.83 -14.35 -19.80
CA GLN C 15 -42.17 -13.91 -20.15
C GLN C 15 -42.88 -13.45 -18.90
N THR C 16 -43.37 -12.22 -18.90
CA THR C 16 -44.05 -11.64 -17.75
C THR C 16 -45.52 -11.45 -18.08
N TYR C 17 -46.37 -11.68 -17.09
CA TYR C 17 -47.81 -11.58 -17.23
C TYR C 17 -48.37 -10.84 -16.02
N ALA C 18 -49.50 -10.18 -16.23
CA ALA C 18 -50.24 -9.49 -15.19
C ALA C 18 -51.68 -9.95 -15.25
N ARG C 19 -52.31 -10.06 -14.09
CA ARG C 19 -53.71 -10.46 -14.04
C ARG C 19 -54.58 -9.36 -14.64
N GLU C 20 -55.62 -9.77 -15.36
CA GLU C 20 -56.48 -8.80 -16.03
C GLU C 20 -57.20 -7.92 -15.02
N ASP C 21 -57.77 -8.53 -13.97
CA ASP C 21 -58.45 -7.75 -12.93
C ASP C 21 -57.48 -6.84 -12.20
N LYS C 22 -56.47 -7.41 -11.58
CA LYS C 22 -55.45 -6.67 -10.85
C LYS C 22 -54.16 -6.74 -11.63
N THR C 23 -53.79 -5.64 -12.29
CA THR C 23 -52.50 -5.61 -12.95
C THR C 23 -51.34 -5.52 -11.96
N THR C 24 -51.65 -5.45 -10.65
CA THR C 24 -50.60 -5.46 -9.64
C THR C 24 -50.10 -6.87 -9.37
N GLN C 25 -50.96 -7.86 -9.54
CA GLN C 25 -50.57 -9.26 -9.37
C GLN C 25 -49.90 -9.74 -10.65
N THR C 26 -48.67 -10.21 -10.54
CA THR C 26 -47.90 -10.58 -11.72
C THR C 26 -47.33 -11.98 -11.57
N LEU C 27 -46.80 -12.47 -12.69
CA LEU C 27 -46.26 -13.82 -12.80
C LEU C 27 -45.21 -13.84 -13.92
N SER C 28 -44.08 -14.47 -13.66
CA SER C 28 -42.99 -14.56 -14.63
C SER C 28 -42.59 -16.01 -14.84
N THR C 29 -42.36 -16.38 -16.10
CA THR C 29 -41.86 -17.70 -16.45
C THR C 29 -40.56 -17.54 -17.24
N GLN C 30 -39.55 -18.32 -16.87
CA GLN C 30 -38.25 -18.27 -17.53
C GLN C 30 -37.66 -19.66 -17.62
N LYS C 31 -37.21 -20.05 -18.82
CA LYS C 31 -36.44 -21.27 -18.98
C LYS C 31 -35.08 -20.92 -19.55
N THR C 32 -34.03 -21.50 -18.96
CA THR C 32 -32.66 -21.29 -19.37
C THR C 32 -31.97 -22.64 -19.52
N ILE C 33 -30.93 -22.65 -20.35
CA ILE C 33 -30.21 -23.89 -20.68
C ILE C 33 -28.75 -23.67 -20.36
N SER C 34 -28.12 -24.67 -19.73
CA SER C 34 -26.70 -24.66 -19.40
C SER C 34 -26.03 -25.87 -20.01
N VAL C 35 -24.75 -25.74 -20.32
CA VAL C 35 -23.96 -26.82 -20.91
C VAL C 35 -22.99 -27.34 -19.85
N LEU C 36 -23.01 -28.65 -19.63
CA LEU C 36 -22.14 -29.30 -18.66
C LEU C 36 -21.21 -30.21 -19.45
N ARG C 37 -19.95 -29.80 -19.60
CA ARG C 37 -19.00 -30.53 -20.44
C ARG C 37 -18.24 -31.51 -19.56
N ASN C 38 -18.46 -32.79 -19.78
CA ASN C 38 -17.70 -33.88 -19.16
C ASN C 38 -16.88 -34.54 -20.27
N GLY C 39 -15.57 -34.35 -20.22
CA GLY C 39 -14.71 -34.86 -21.26
C GLY C 39 -15.08 -34.28 -22.61
N SER C 40 -15.34 -35.16 -23.58
CA SER C 40 -15.73 -34.75 -24.91
C SER C 40 -17.24 -34.83 -25.12
N THR C 41 -18.01 -34.97 -24.04
CA THR C 41 -19.46 -35.05 -24.12
C THR C 41 -20.06 -33.91 -23.33
N SER C 42 -20.89 -33.09 -23.97
CA SER C 42 -21.55 -31.98 -23.31
C SER C 42 -23.03 -32.31 -23.14
N THR C 43 -23.53 -32.15 -21.93
CA THR C 43 -24.92 -32.45 -21.59
C THR C 43 -25.68 -31.19 -21.23
N ARG C 44 -26.95 -31.19 -21.60
CA ARG C 44 -27.81 -30.02 -21.51
C ARG C 44 -28.57 -30.02 -20.19
N ILE C 45 -28.61 -28.87 -19.52
CA ILE C 45 -29.18 -28.76 -18.18
C ILE C 45 -30.25 -27.66 -18.20
N ILE C 46 -31.50 -28.06 -17.98
CA ILE C 46 -32.66 -27.20 -18.14
C ILE C 46 -33.07 -26.67 -16.76
N LYS C 47 -33.19 -25.36 -16.65
CA LYS C 47 -33.61 -24.67 -15.44
C LYS C 47 -34.85 -23.84 -15.73
N VAL C 48 -35.90 -24.04 -14.93
CA VAL C 48 -37.16 -23.32 -15.05
C VAL C 48 -37.38 -22.51 -13.78
N HIS C 49 -37.89 -21.29 -13.94
CA HIS C 49 -38.17 -20.41 -12.82
C HIS C 49 -39.52 -19.70 -13.05
N ILE C 50 -40.49 -20.01 -12.19
CA ILE C 50 -41.80 -19.37 -12.19
C ILE C 50 -41.95 -18.56 -10.91
N ASN C 51 -42.39 -17.32 -11.02
CA ASN C 51 -42.62 -16.48 -9.85
C ASN C 51 -43.99 -15.84 -9.94
N SER C 52 -44.73 -15.83 -8.83
CA SER C 52 -46.08 -15.27 -8.81
C SER C 52 -46.19 -14.38 -7.58
N THR C 53 -46.21 -13.06 -7.77
CA THR C 53 -46.26 -12.14 -6.63
C THR C 53 -47.38 -11.14 -6.77
N ALA C 54 -47.63 -10.47 -5.66
CA ALA C 54 -48.59 -9.37 -5.58
C ALA C 54 -48.21 -8.52 -4.39
N PRO C 55 -48.49 -7.22 -4.43
CA PRO C 55 -48.12 -6.36 -3.30
C PRO C 55 -49.19 -6.44 -2.21
N VAL C 56 -48.75 -6.58 -0.96
CA VAL C 56 -49.63 -6.52 0.21
C VAL C 56 -49.21 -5.32 1.03
N THR C 57 -50.21 -4.59 1.56
CA THR C 57 -49.96 -3.39 2.35
C THR C 57 -50.08 -3.71 3.84
N ILE C 58 -49.03 -3.38 4.59
CA ILE C 58 -49.00 -3.60 6.03
C ILE C 58 -49.62 -2.37 6.70
N ASN C 59 -50.82 -2.52 7.23
CA ASN C 59 -51.50 -1.40 7.87
C ASN C 59 -50.92 -1.21 9.27
N THR C 60 -50.38 -0.01 9.50
CA THR C 60 -49.84 0.38 10.79
C THR C 60 -50.53 1.68 11.19
N CYS C 61 -51.00 1.75 12.42
CA CYS C 61 -51.71 2.94 12.86
C CYS C 61 -50.74 4.12 12.96
N ASP C 62 -51.20 5.27 12.49
CA ASP C 62 -50.36 6.44 12.29
C ASP C 62 -51.27 7.65 12.19
N PRO C 63 -50.82 8.83 12.63
CA PRO C 63 -51.64 10.04 12.39
C PRO C 63 -52.00 10.21 10.93
N THR C 64 -51.06 9.92 10.04
CA THR C 64 -51.31 9.85 8.60
C THR C 64 -51.38 8.38 8.19
N LYS C 65 -52.57 7.93 7.80
CA LYS C 65 -52.84 6.50 7.63
C LYS C 65 -52.39 6.03 6.24
N CYS C 66 -51.06 5.98 6.06
CA CYS C 66 -50.45 5.31 4.91
C CYS C 66 -49.31 4.44 5.41
N GLY C 67 -49.40 3.15 5.15
CA GLY C 67 -48.37 2.21 5.53
C GLY C 67 -47.61 1.69 4.33
N PRO C 68 -46.52 0.97 4.59
CA PRO C 68 -45.65 0.53 3.49
C PRO C 68 -46.25 -0.66 2.75
N THR C 69 -45.66 -0.96 1.61
CA THR C 69 -46.09 -2.06 0.76
C THR C 69 -44.93 -3.02 0.56
N VAL C 70 -45.18 -4.30 0.75
CA VAL C 70 -44.15 -5.34 0.64
C VAL C 70 -44.75 -6.48 -0.17
N PRO C 71 -43.97 -7.16 -1.03
CA PRO C 71 -44.56 -8.17 -1.89
C PRO C 71 -44.72 -9.51 -1.20
N MET C 72 -45.83 -10.19 -1.51
CA MET C 72 -46.00 -11.58 -1.19
C MET C 72 -45.86 -12.41 -2.46
N GLY C 73 -45.11 -13.49 -2.36
CA GLY C 73 -44.66 -14.20 -3.54
C GLY C 73 -44.62 -15.69 -3.34
N VAL C 74 -44.87 -16.42 -4.41
CA VAL C 74 -44.73 -17.86 -4.44
C VAL C 74 -43.85 -18.20 -5.64
N SER C 75 -42.76 -18.89 -5.38
CA SER C 75 -41.75 -19.15 -6.39
C SER C 75 -41.55 -20.64 -6.57
N PHE C 76 -41.32 -21.04 -7.82
CA PHE C 76 -41.05 -22.42 -8.20
C PHE C 76 -39.77 -22.42 -9.02
N LYS C 77 -38.82 -23.27 -8.67
CA LYS C 77 -37.60 -23.41 -9.44
C LYS C 77 -37.34 -24.89 -9.69
N SER C 78 -36.66 -25.15 -10.81
CA SER C 78 -36.45 -26.51 -11.30
C SER C 78 -35.13 -26.55 -12.05
N SER C 79 -34.35 -27.61 -11.87
CA SER C 79 -33.08 -27.77 -12.57
C SER C 79 -32.74 -29.24 -12.72
N MET C 80 -32.49 -29.68 -13.95
CA MET C 80 -32.21 -31.09 -14.15
C MET C 80 -31.55 -31.31 -15.50
N PRO C 81 -30.81 -32.40 -15.68
CA PRO C 81 -30.25 -32.68 -17.00
C PRO C 81 -31.34 -33.08 -17.96
N GLU C 82 -31.08 -32.80 -19.25
CA GLU C 82 -32.07 -33.06 -20.29
C GLU C 82 -32.50 -34.52 -20.26
N ASP C 83 -33.78 -34.75 -20.53
CA ASP C 83 -34.39 -36.07 -20.61
C ASP C 83 -34.34 -36.83 -19.28
N ALA C 84 -34.20 -36.13 -18.17
CA ALA C 84 -34.30 -36.77 -16.86
C ALA C 84 -35.77 -36.90 -16.48
N ASP C 85 -36.05 -37.63 -15.39
CA ASP C 85 -37.44 -37.84 -15.00
C ASP C 85 -37.72 -37.13 -13.67
N PRO C 86 -38.42 -36.00 -13.66
CA PRO C 86 -38.75 -35.32 -12.41
C PRO C 86 -40.01 -35.81 -11.71
N ALA C 87 -40.65 -36.87 -12.22
CA ALA C 87 -42.00 -37.21 -11.77
C ALA C 87 -42.03 -37.39 -10.26
N GLU C 88 -41.02 -38.04 -9.70
CA GLU C 88 -41.08 -38.37 -8.29
C GLU C 88 -40.68 -37.20 -7.40
N VAL C 89 -39.66 -36.44 -7.78
CA VAL C 89 -39.32 -35.24 -7.00
C VAL C 89 -40.48 -34.25 -7.02
N LEU C 90 -41.20 -34.17 -8.14
CA LEU C 90 -42.41 -33.35 -8.20
C LEU C 90 -43.46 -33.86 -7.23
N LYS C 91 -43.75 -35.17 -7.25
CA LYS C 91 -44.76 -35.71 -6.33
C LYS C 91 -44.41 -35.40 -4.87
N ALA C 92 -43.14 -35.60 -4.50
CA ALA C 92 -42.72 -35.37 -3.12
C ALA C 92 -42.82 -33.88 -2.76
N ALA C 93 -42.29 -33.01 -3.63
CA ALA C 93 -42.39 -31.58 -3.39
C ALA C 93 -43.84 -31.15 -3.23
N LYS C 94 -44.73 -31.71 -4.06
CA LYS C 94 -46.13 -31.33 -4.00
C LYS C 94 -46.78 -31.80 -2.70
N ALA C 95 -46.39 -32.97 -2.20
CA ALA C 95 -46.92 -33.44 -0.92
C ALA C 95 -46.46 -32.54 0.24
N ALA C 96 -45.18 -32.16 0.23
CA ALA C 96 -44.69 -31.24 1.26
C ALA C 96 -45.40 -29.89 1.17
N LEU C 97 -45.54 -29.36 -0.04
CA LEU C 97 -46.30 -28.13 -0.23
C LEU C 97 -47.71 -28.27 0.29
N ALA C 98 -48.33 -29.43 0.06
CA ALA C 98 -49.68 -29.65 0.56
C ALA C 98 -49.73 -29.53 2.08
N LEU C 99 -48.69 -30.03 2.76
CA LEU C 99 -48.64 -29.84 4.21
C LEU C 99 -48.49 -28.37 4.59
N PHE C 100 -47.58 -27.65 3.93
CA PHE C 100 -47.26 -26.31 4.40
C PHE C 100 -48.19 -25.22 3.86
N GLU C 101 -49.03 -25.52 2.85
CA GLU C 101 -49.71 -24.48 2.09
C GLU C 101 -50.68 -23.70 2.96
N ALA C 102 -51.48 -24.40 3.77
CA ALA C 102 -52.41 -23.72 4.66
C ALA C 102 -51.69 -22.74 5.58
N ASN C 103 -50.49 -23.09 6.02
CA ASN C 103 -49.75 -22.34 7.02
C ASN C 103 -48.66 -21.44 6.42
N LEU C 104 -48.83 -21.01 5.16
CA LEU C 104 -47.81 -20.19 4.53
C LEU C 104 -47.75 -18.77 5.11
N ASN C 105 -48.83 -18.33 5.75
CA ASN C 105 -48.96 -16.99 6.29
C ASN C 105 -49.05 -16.97 7.81
N SER C 106 -48.63 -18.05 8.48
CA SER C 106 -49.04 -18.23 9.87
C SER C 106 -47.91 -18.25 10.90
N ALA C 107 -46.65 -18.45 10.49
CA ALA C 107 -45.50 -18.43 11.40
C ALA C 107 -45.51 -19.59 12.39
N PHE C 108 -46.34 -20.61 12.16
CA PHE C 108 -46.38 -21.81 12.97
C PHE C 108 -45.70 -22.95 12.23
N ASN C 109 -45.00 -23.80 12.97
CA ASN C 109 -44.42 -25.00 12.38
C ASN C 109 -44.29 -26.06 13.46
N LYS C 110 -44.76 -27.26 13.15
CA LYS C 110 -44.75 -28.39 14.08
C LYS C 110 -43.83 -29.47 13.52
N ASN C 111 -43.20 -30.22 14.43
CA ASN C 111 -42.33 -31.31 13.98
C ASN C 111 -43.16 -32.35 13.25
N VAL C 112 -42.73 -32.70 12.05
CA VAL C 112 -43.36 -33.74 11.24
C VAL C 112 -42.36 -34.86 11.08
N ASP C 113 -42.72 -36.05 11.56
CA ASP C 113 -41.79 -37.17 11.54
C ASP C 113 -41.79 -37.88 10.20
N GLU C 114 -42.84 -37.71 9.39
CA GLU C 114 -42.82 -38.31 8.06
C GLU C 114 -43.86 -37.61 7.18
N ILE C 115 -43.58 -37.63 5.88
CA ILE C 115 -44.47 -37.09 4.86
C ILE C 115 -44.86 -38.23 3.95
N SER C 116 -46.16 -38.49 3.84
CA SER C 116 -46.66 -39.57 3.00
C SER C 116 -46.87 -39.05 1.58
N VAL C 117 -46.29 -39.73 0.61
CA VAL C 117 -46.38 -39.35 -0.80
C VAL C 117 -47.34 -40.28 -1.51
N ALA C 118 -48.15 -39.73 -2.40
CA ALA C 118 -49.20 -40.45 -3.12
C ALA C 118 -48.67 -41.65 -3.92
N ALA D 1 1.83 102.84 -99.04
CA ALA D 1 0.57 103.40 -98.57
C ALA D 1 -0.18 102.43 -97.65
N TYR D 2 0.12 102.48 -96.35
CA TYR D 2 -0.50 101.61 -95.35
C TYR D 2 -0.70 102.40 -94.06
N LYS D 3 -1.25 101.73 -93.05
CA LYS D 3 -1.45 102.37 -91.75
C LYS D 3 -1.18 101.39 -90.62
N LEU D 4 -0.63 101.90 -89.53
CA LEU D 4 -0.29 101.12 -88.35
C LEU D 4 -1.42 101.27 -87.33
N ILE D 5 -2.08 100.18 -87.04
CA ILE D 5 -3.19 100.17 -86.09
C ILE D 5 -2.64 99.79 -84.72
N LYS D 6 -3.25 100.34 -83.67
CA LYS D 6 -2.77 100.08 -82.31
C LYS D 6 -2.98 98.61 -81.94
N MET D 7 -1.96 98.02 -81.32
CA MET D 7 -2.00 96.65 -80.86
C MET D 7 -2.46 96.59 -79.40
N ALA D 8 -2.96 95.41 -79.03
CA ALA D 8 -3.21 95.13 -77.63
C ALA D 8 -1.89 95.08 -76.87
N GLY D 9 -1.77 95.92 -75.84
CA GLY D 9 -0.56 95.98 -75.06
C GLY D 9 -0.86 96.05 -73.58
N GLY D 10 0.14 95.71 -72.78
CA GLY D 10 -0.03 95.65 -71.34
C GLY D 10 0.27 96.95 -70.62
N ASN D 11 1.24 97.71 -71.13
CA ASN D 11 1.66 98.95 -70.48
C ASN D 11 0.80 100.12 -70.96
N SER D 12 0.53 101.06 -70.03
CA SER D 12 -0.27 102.22 -70.37
C SER D 12 0.58 103.38 -70.91
N ALA D 13 1.85 103.43 -70.54
CA ALA D 13 2.74 104.49 -71.03
C ALA D 13 3.19 104.23 -72.46
N ILE D 14 3.27 102.96 -72.85
CA ILE D 14 3.77 102.55 -74.16
C ILE D 14 2.59 102.27 -75.06
N GLN D 15 2.55 102.90 -76.23
CA GLN D 15 1.59 102.59 -77.27
C GLN D 15 2.30 101.74 -78.33
N THR D 16 1.76 100.57 -78.62
CA THR D 16 2.33 99.66 -79.60
C THR D 16 1.37 99.56 -80.79
N TYR D 17 1.94 99.64 -81.99
CA TYR D 17 1.20 99.58 -83.24
C TYR D 17 1.82 98.51 -84.12
N ALA D 18 0.98 97.90 -84.95
CA ALA D 18 1.41 96.97 -85.98
C ALA D 18 0.86 97.42 -87.32
N ARG D 19 1.62 97.11 -88.36
CA ARG D 19 1.19 97.42 -89.72
C ARG D 19 0.02 96.54 -90.12
N GLU D 20 -0.95 97.13 -90.82
CA GLU D 20 -2.13 96.37 -91.21
C GLU D 20 -1.76 95.25 -92.19
N ASP D 21 -0.98 95.58 -93.22
CA ASP D 21 -0.59 94.58 -94.22
C ASP D 21 0.25 93.49 -93.58
N LYS D 22 1.40 93.86 -93.03
CA LYS D 22 2.29 92.93 -92.33
C LYS D 22 2.21 93.21 -90.84
N THR D 23 1.57 92.34 -90.09
CA THR D 23 1.55 92.49 -88.64
C THR D 23 2.88 92.11 -88.00
N THR D 24 3.92 91.85 -88.82
CA THR D 24 5.27 91.60 -88.32
C THR D 24 6.09 92.86 -88.19
N GLN D 25 5.72 93.90 -88.93
CA GLN D 25 6.34 95.21 -88.80
C GLN D 25 5.59 95.98 -87.72
N THR D 26 6.33 96.45 -86.71
CA THR D 26 5.72 97.10 -85.57
C THR D 26 6.43 98.41 -85.26
N LEU D 27 5.77 99.19 -84.39
CA LEU D 27 6.22 100.51 -83.97
C LEU D 27 5.74 100.77 -82.55
N SER D 28 6.53 101.51 -81.78
CA SER D 28 6.21 101.72 -80.37
C SER D 28 6.62 103.12 -79.95
N THR D 29 5.71 103.83 -79.27
CA THR D 29 5.97 105.17 -78.78
C THR D 29 5.73 105.23 -77.28
N GLN D 30 6.68 105.80 -76.56
CA GLN D 30 6.60 105.90 -75.12
C GLN D 30 7.01 107.29 -74.67
N LYS D 31 6.28 107.84 -73.69
CA LYS D 31 6.65 109.11 -73.08
C LYS D 31 6.82 108.92 -71.57
N THR D 32 7.95 109.42 -71.07
CA THR D 32 8.34 109.37 -69.67
C THR D 32 8.51 110.79 -69.16
N ILE D 33 8.00 111.07 -67.98
CA ILE D 33 8.24 112.35 -67.31
C ILE D 33 9.12 112.10 -66.10
N SER D 34 10.15 112.93 -65.95
CA SER D 34 11.07 112.87 -64.82
C SER D 34 11.09 114.23 -64.15
N VAL D 35 11.56 114.26 -62.91
CA VAL D 35 11.64 115.50 -62.14
C VAL D 35 13.09 115.73 -61.75
N LEU D 36 13.59 116.94 -62.02
CA LEU D 36 14.93 117.32 -61.63
C LEU D 36 14.84 118.62 -60.85
N ARG D 37 15.25 118.60 -59.59
CA ARG D 37 15.12 119.77 -58.74
C ARG D 37 16.49 120.27 -58.30
N ASN D 38 16.66 121.58 -58.40
CA ASN D 38 17.80 122.30 -57.83
C ASN D 38 17.28 123.14 -56.67
N GLY D 39 17.73 122.82 -55.46
CA GLY D 39 17.23 123.50 -54.28
C GLY D 39 15.73 123.31 -54.15
N SER D 40 15.02 124.43 -54.16
CA SER D 40 13.57 124.42 -54.10
C SER D 40 12.93 124.28 -55.48
N THR D 41 13.59 124.78 -56.52
CA THR D 41 12.99 124.76 -57.85
C THR D 41 13.04 123.34 -58.41
N SER D 42 12.02 122.98 -59.18
CA SER D 42 11.94 121.66 -59.80
C SER D 42 11.39 121.80 -61.21
N THR D 43 11.95 121.03 -62.14
CA THR D 43 11.58 121.12 -63.54
C THR D 43 11.38 119.72 -64.12
N ARG D 44 10.46 119.64 -65.09
CA ARG D 44 10.12 118.38 -65.71
C ARG D 44 11.03 118.08 -66.88
N ILE D 45 11.41 116.81 -67.00
CA ILE D 45 12.23 116.32 -68.10
C ILE D 45 11.39 115.34 -68.88
N ILE D 46 11.03 115.71 -70.11
CA ILE D 46 10.17 114.91 -70.96
C ILE D 46 11.05 114.10 -71.91
N LYS D 47 10.85 112.78 -71.89
CA LYS D 47 11.62 111.83 -72.68
C LYS D 47 10.66 111.05 -73.58
N VAL D 48 10.94 111.04 -74.88
CA VAL D 48 10.14 110.33 -75.87
C VAL D 48 11.00 109.25 -76.49
N HIS D 49 10.39 108.10 -76.79
CA HIS D 49 11.08 106.99 -77.42
C HIS D 49 10.18 106.38 -78.47
N ILE D 50 10.64 106.38 -79.72
CA ILE D 50 9.92 105.79 -80.85
C ILE D 50 10.81 104.72 -81.46
N ASN D 51 10.29 103.50 -81.60
CA ASN D 51 11.07 102.40 -82.13
C ASN D 51 10.25 101.71 -83.22
N SER D 52 10.83 101.59 -84.41
CA SER D 52 10.19 100.93 -85.55
C SER D 52 11.04 99.74 -85.92
N THR D 53 10.47 98.52 -85.86
CA THR D 53 11.25 97.35 -86.25
C THR D 53 10.43 96.42 -87.13
N ALA D 54 11.16 95.55 -87.81
CA ALA D 54 10.60 94.43 -88.55
C ALA D 54 11.62 93.31 -88.53
N PRO D 55 11.18 92.05 -88.59
CA PRO D 55 12.16 90.97 -88.71
C PRO D 55 12.66 90.89 -90.14
N VAL D 56 13.90 90.46 -90.27
CA VAL D 56 14.50 90.24 -91.58
C VAL D 56 15.27 88.92 -91.55
N THR D 57 15.10 88.12 -92.60
CA THR D 57 15.70 86.80 -92.70
C THR D 57 17.21 86.93 -92.90
N ILE D 58 17.98 86.16 -92.12
CA ILE D 58 19.44 86.33 -92.11
C ILE D 58 20.02 86.07 -93.49
N ASN D 59 19.65 84.96 -94.11
CA ASN D 59 20.43 84.35 -95.18
C ASN D 59 19.93 84.83 -96.54
N THR D 60 20.70 85.71 -97.18
CA THR D 60 20.29 86.24 -98.47
C THR D 60 20.39 85.17 -99.57
N CYS D 61 21.49 84.41 -99.60
CA CYS D 61 21.73 83.42 -100.64
C CYS D 61 21.09 82.06 -100.34
N ASP D 62 20.29 81.95 -99.28
CA ASP D 62 19.60 80.70 -98.95
C ASP D 62 18.30 80.59 -99.76
N PRO D 63 17.67 79.39 -99.77
CA PRO D 63 16.40 79.24 -100.49
C PRO D 63 15.20 79.80 -99.73
N THR D 64 15.48 80.64 -98.72
CA THR D 64 14.46 81.25 -97.86
C THR D 64 13.66 80.19 -97.12
N LYS D 65 14.35 79.16 -96.62
CA LYS D 65 13.72 78.06 -95.89
C LYS D 65 13.55 78.41 -94.40
N CYS D 66 12.83 79.51 -94.17
CA CYS D 66 12.55 80.02 -92.81
C CYS D 66 13.82 80.08 -91.97
N GLY D 67 14.85 80.72 -92.53
CA GLY D 67 16.07 80.96 -91.82
C GLY D 67 15.78 81.84 -90.62
N PRO D 68 16.52 81.62 -89.52
CA PRO D 68 16.28 82.43 -88.32
C PRO D 68 16.40 83.91 -88.63
N THR D 69 15.50 84.69 -88.05
CA THR D 69 15.37 86.11 -88.37
C THR D 69 16.01 86.98 -87.30
N VAL D 70 16.51 88.12 -87.74
CA VAL D 70 17.08 89.12 -86.83
C VAL D 70 16.22 90.37 -86.94
N PRO D 71 15.99 91.07 -85.83
CA PRO D 71 15.24 92.33 -85.88
C PRO D 71 16.07 93.43 -86.53
N MET D 72 15.47 94.12 -87.50
CA MET D 72 16.02 95.32 -88.10
C MET D 72 15.22 96.50 -87.58
N GLY D 73 15.91 97.52 -87.11
CA GLY D 73 15.28 98.55 -86.29
C GLY D 73 15.80 99.94 -86.56
N VAL D 74 14.92 100.91 -86.36
CA VAL D 74 15.25 102.33 -86.43
C VAL D 74 14.60 103.01 -85.25
N SER D 75 15.39 103.68 -84.44
CA SER D 75 14.94 104.21 -83.15
C SER D 75 15.20 105.71 -83.06
N PHE D 76 14.37 106.38 -82.29
CA PHE D 76 14.44 107.81 -82.05
C PHE D 76 14.22 108.06 -80.57
N LYS D 77 15.04 108.90 -79.97
CA LYS D 77 14.90 109.23 -78.56
C LYS D 77 15.08 110.74 -78.36
N SER D 78 14.32 111.27 -77.41
CA SER D 78 14.25 112.71 -77.15
C SER D 78 14.26 112.92 -75.64
N SER D 79 15.13 113.80 -75.14
CA SER D 79 15.12 114.13 -73.71
C SER D 79 15.37 115.62 -73.56
N MET D 80 14.40 116.32 -72.96
CA MET D 80 14.55 117.77 -72.88
C MET D 80 13.76 118.32 -71.70
N PRO D 81 14.18 119.45 -71.14
CA PRO D 81 13.34 120.12 -70.14
C PRO D 81 12.03 120.56 -70.77
N GLU D 82 10.96 120.51 -69.97
CA GLU D 82 9.63 120.91 -70.45
C GLU D 82 9.69 122.30 -71.05
N ASP D 83 8.98 122.48 -72.17
CA ASP D 83 8.86 123.77 -72.87
C ASP D 83 10.16 124.24 -73.50
N ALA D 84 11.16 123.37 -73.63
CA ALA D 84 12.37 123.75 -74.36
C ALA D 84 12.10 123.66 -75.86
N ASP D 85 13.04 124.16 -76.66
CA ASP D 85 12.81 124.19 -78.11
C ASP D 85 13.73 123.22 -78.84
N PRO D 86 13.26 122.03 -79.20
CA PRO D 86 14.10 121.07 -79.93
C PRO D 86 14.30 121.42 -81.40
N ALA D 87 13.74 122.53 -81.86
CA ALA D 87 13.69 122.80 -83.30
C ALA D 87 15.07 122.68 -83.94
N GLU D 88 16.08 123.27 -83.30
CA GLU D 88 17.41 123.31 -83.92
C GLU D 88 18.14 121.97 -83.81
N VAL D 89 18.07 121.29 -82.65
CA VAL D 89 18.71 119.98 -82.54
C VAL D 89 18.02 118.98 -83.47
N LEU D 90 16.73 119.15 -83.71
CA LEU D 90 16.03 118.29 -84.67
C LEU D 90 16.50 118.56 -86.09
N LYS D 91 16.57 119.85 -86.49
CA LYS D 91 17.09 120.18 -87.81
C LYS D 91 18.47 119.56 -88.03
N ALA D 92 19.36 119.73 -87.05
CA ALA D 92 20.72 119.17 -87.16
C ALA D 92 20.67 117.66 -87.26
N ALA D 93 19.92 117.00 -86.37
CA ALA D 93 19.85 115.56 -86.37
C ALA D 93 19.34 115.04 -87.72
N LYS D 94 18.32 115.68 -88.27
CA LYS D 94 17.76 115.24 -89.55
C LYS D 94 18.77 115.44 -90.67
N ALA D 95 19.49 116.56 -90.65
CA ALA D 95 20.53 116.79 -91.66
C ALA D 95 21.61 115.71 -91.59
N ALA D 96 22.03 115.36 -90.38
CA ALA D 96 23.02 114.29 -90.23
C ALA D 96 22.48 112.97 -90.74
N LEU D 97 21.24 112.64 -90.36
CA LEU D 97 20.64 111.38 -90.78
C LEU D 97 20.62 111.27 -92.29
N ALA D 98 20.25 112.34 -92.98
CA ALA D 98 20.19 112.32 -94.44
C ALA D 98 21.49 111.81 -95.06
N LEU D 99 22.64 112.05 -94.42
CA LEU D 99 23.90 111.54 -94.94
C LEU D 99 24.05 110.04 -94.74
N PHE D 100 23.41 109.49 -93.70
CA PHE D 100 23.58 108.09 -93.37
C PHE D 100 22.52 107.18 -93.97
N GLU D 101 21.30 107.67 -94.18
CA GLU D 101 20.20 106.72 -94.42
C GLU D 101 20.33 106.01 -95.75
N ALA D 102 21.07 106.57 -96.70
CA ALA D 102 21.40 105.79 -97.90
C ALA D 102 22.29 104.59 -97.53
N ASN D 103 23.27 104.82 -96.67
CA ASN D 103 24.29 103.84 -96.31
C ASN D 103 24.04 103.26 -94.92
N LEU D 104 22.76 103.05 -94.57
CA LEU D 104 22.40 102.55 -93.26
C LEU D 104 22.67 101.06 -93.09
N ASN D 105 23.00 100.37 -94.18
CA ASN D 105 23.25 98.94 -94.16
C ASN D 105 24.61 98.57 -94.76
N SER D 106 25.44 99.54 -95.12
CA SER D 106 26.55 99.24 -96.01
C SER D 106 27.92 99.34 -95.34
N ALA D 107 27.97 99.45 -94.02
CA ALA D 107 29.23 99.36 -93.27
C ALA D 107 30.27 100.40 -93.70
N PHE D 108 29.87 101.42 -94.45
CA PHE D 108 30.79 102.41 -94.99
C PHE D 108 30.46 103.76 -94.38
N ASN D 109 31.36 104.27 -93.55
CA ASN D 109 31.19 105.56 -92.89
C ASN D 109 32.09 106.58 -93.58
N LYS D 110 31.49 107.44 -94.41
CA LYS D 110 32.30 108.42 -95.12
C LYS D 110 32.87 109.45 -94.13
N ASN D 111 34.11 109.87 -94.39
CA ASN D 111 34.71 110.95 -93.60
C ASN D 111 34.08 112.25 -94.07
N VAL D 112 33.20 112.79 -93.21
CA VAL D 112 32.57 114.08 -93.42
C VAL D 112 33.18 115.05 -92.42
N ASP D 113 33.74 116.15 -92.93
CA ASP D 113 34.36 117.18 -92.10
C ASP D 113 33.43 118.33 -91.78
N GLU D 114 32.31 118.47 -92.49
CA GLU D 114 31.31 119.46 -92.12
C GLU D 114 29.96 119.05 -92.70
N ILE D 115 28.91 119.30 -91.91
CA ILE D 115 27.54 118.98 -92.26
C ILE D 115 26.77 120.29 -92.37
N SER D 116 26.18 120.54 -93.53
CA SER D 116 25.43 121.77 -93.76
C SER D 116 23.98 121.57 -93.34
N VAL D 117 23.48 122.46 -92.50
CA VAL D 117 22.10 122.41 -92.00
C VAL D 117 21.29 123.47 -92.73
N ALA D 118 20.12 123.08 -93.24
CA ALA D 118 19.29 123.97 -94.04
C ALA D 118 18.76 125.16 -93.23
N ALA E 1 -11.77 129.11 -67.40
CA ALA E 1 -11.20 129.60 -68.64
C ALA E 1 -9.99 128.76 -69.06
N TYR E 2 -9.75 127.65 -68.36
CA TYR E 2 -8.70 126.70 -68.72
C TYR E 2 -9.20 125.28 -68.45
N LYS E 3 -8.36 124.29 -68.80
CA LYS E 3 -8.71 122.90 -68.54
C LYS E 3 -7.51 122.14 -68.00
N LEU E 4 -7.78 121.22 -67.08
CA LEU E 4 -6.78 120.36 -66.48
C LEU E 4 -6.72 119.07 -67.29
N ILE E 5 -5.62 118.87 -67.99
CA ILE E 5 -5.45 117.69 -68.84
C ILE E 5 -4.74 116.61 -68.04
N LYS E 6 -5.20 115.36 -68.21
CA LYS E 6 -4.61 114.22 -67.52
C LYS E 6 -3.16 114.05 -67.94
N MET E 7 -2.25 114.02 -66.98
CA MET E 7 -0.85 113.99 -67.33
C MET E 7 -0.44 112.59 -67.74
N ALA E 8 0.64 112.54 -68.52
CA ALA E 8 1.20 111.28 -69.02
C ALA E 8 1.84 110.55 -67.86
N GLY E 9 0.99 110.00 -66.99
CA GLY E 9 1.44 109.24 -65.86
C GLY E 9 0.69 107.91 -65.79
N GLY E 10 1.29 106.96 -65.09
CA GLY E 10 0.68 105.66 -64.96
C GLY E 10 -0.54 105.70 -64.06
N ASN E 11 -1.72 105.46 -64.64
CA ASN E 11 -2.95 105.44 -63.86
C ASN E 11 -2.85 104.35 -62.78
N SER E 12 -3.04 104.75 -61.52
CA SER E 12 -2.97 103.84 -60.39
C SER E 12 -4.31 103.74 -59.67
N ALA E 13 -5.41 103.86 -60.41
CA ALA E 13 -6.72 104.25 -59.89
C ALA E 13 -6.64 105.59 -59.16
N ILE E 14 -5.58 106.34 -59.45
CA ILE E 14 -5.36 107.73 -59.02
C ILE E 14 -5.09 108.53 -60.28
N GLN E 15 -5.92 109.53 -60.55
CA GLN E 15 -5.81 110.31 -61.78
C GLN E 15 -5.22 111.68 -61.47
N THR E 16 -4.09 111.99 -62.10
CA THR E 16 -3.37 113.23 -61.88
C THR E 16 -3.41 114.07 -63.15
N TYR E 17 -3.82 115.32 -63.01
CA TYR E 17 -3.96 116.27 -64.10
C TYR E 17 -3.06 117.47 -63.83
N ALA E 18 -2.62 118.11 -64.91
CA ALA E 18 -1.94 119.38 -64.83
C ALA E 18 -2.69 120.39 -65.68
N ARG E 19 -2.62 121.65 -65.27
CA ARG E 19 -3.28 122.72 -66.00
C ARG E 19 -2.59 122.98 -67.33
N GLU E 20 -3.39 123.21 -68.36
CA GLU E 20 -2.85 123.19 -69.72
C GLU E 20 -1.83 124.31 -69.92
N ASP E 21 -2.16 125.53 -69.49
CA ASP E 21 -1.27 126.66 -69.73
C ASP E 21 -0.20 126.79 -68.63
N LYS E 22 -0.60 126.68 -67.38
CA LYS E 22 0.36 126.64 -66.26
C LYS E 22 0.48 125.20 -65.78
N THR E 23 1.44 124.46 -66.33
CA THR E 23 1.60 123.06 -65.96
C THR E 23 2.20 122.89 -64.56
N THR E 24 2.48 123.99 -63.86
CA THR E 24 2.93 123.90 -62.47
C THR E 24 1.76 123.63 -61.53
N GLN E 25 0.57 124.04 -61.92
CA GLN E 25 -0.63 123.80 -61.14
C GLN E 25 -1.18 122.41 -61.47
N THR E 26 -1.33 121.58 -60.44
CA THR E 26 -1.75 120.20 -60.62
C THR E 26 -2.95 119.90 -59.73
N LEU E 27 -3.55 118.73 -59.98
CA LEU E 27 -4.73 118.27 -59.28
C LEU E 27 -4.84 116.75 -59.39
N SER E 28 -5.18 116.09 -58.28
CA SER E 28 -5.22 114.62 -58.22
C SER E 28 -6.53 114.16 -57.60
N THR E 29 -7.14 113.14 -58.21
CA THR E 29 -8.37 112.57 -57.69
C THR E 29 -8.23 111.06 -57.59
N GLN E 30 -8.49 110.53 -56.40
CA GLN E 30 -8.52 109.08 -56.19
C GLN E 30 -9.76 108.67 -55.40
N LYS E 31 -10.28 107.49 -55.72
CA LYS E 31 -11.35 106.87 -54.95
C LYS E 31 -10.89 105.49 -54.54
N THR E 32 -11.10 105.16 -53.27
CA THR E 32 -10.74 103.86 -52.71
C THR E 32 -11.94 103.28 -51.98
N ILE E 33 -11.93 101.96 -51.82
CA ILE E 33 -13.02 101.25 -51.16
C ILE E 33 -12.45 100.41 -50.02
N SER E 34 -13.01 100.58 -48.84
CA SER E 34 -12.67 99.82 -47.65
C SER E 34 -13.84 98.94 -47.25
N VAL E 35 -13.57 97.94 -46.42
CA VAL E 35 -14.62 97.07 -45.88
C VAL E 35 -14.55 97.14 -44.36
N LEU E 36 -15.64 97.59 -43.75
CA LEU E 36 -15.74 97.70 -42.29
C LEU E 36 -16.67 96.61 -41.80
N ARG E 37 -16.15 95.71 -40.97
CA ARG E 37 -16.90 94.57 -40.45
C ARG E 37 -17.11 94.75 -38.96
N ASN E 38 -18.38 94.81 -38.54
CA ASN E 38 -18.76 94.81 -37.13
C ASN E 38 -19.59 93.56 -36.89
N GLY E 39 -18.99 92.56 -36.26
CA GLY E 39 -19.69 91.30 -36.05
C GLY E 39 -20.01 90.61 -37.37
N SER E 40 -21.28 90.22 -37.54
CA SER E 40 -21.71 89.55 -38.76
C SER E 40 -21.71 90.50 -39.95
N THR E 41 -22.08 91.75 -39.73
CA THR E 41 -22.29 92.70 -40.81
C THR E 41 -20.96 93.26 -41.32
N SER E 42 -20.86 93.38 -42.64
CA SER E 42 -19.76 94.07 -43.31
C SER E 42 -20.33 95.06 -44.31
N THR E 43 -19.75 96.27 -44.33
CA THR E 43 -20.22 97.33 -45.22
C THR E 43 -19.04 97.97 -45.93
N ARG E 44 -19.30 98.47 -47.13
CA ARG E 44 -18.27 99.11 -47.94
C ARG E 44 -18.21 100.60 -47.67
N ILE E 45 -17.00 101.13 -47.54
CA ILE E 45 -16.76 102.53 -47.24
C ILE E 45 -16.05 103.17 -48.44
N ILE E 46 -16.71 104.17 -49.03
CA ILE E 46 -16.17 104.90 -50.18
C ILE E 46 -15.39 106.11 -49.67
N LYS E 47 -14.15 106.24 -50.13
CA LYS E 47 -13.26 107.33 -49.72
C LYS E 47 -12.72 108.04 -50.95
N VAL E 48 -13.09 109.31 -51.10
CA VAL E 48 -12.64 110.19 -52.17
C VAL E 48 -11.60 111.15 -51.63
N HIS E 49 -10.55 111.40 -52.42
CA HIS E 49 -9.53 112.37 -52.06
C HIS E 49 -9.16 113.18 -53.29
N ILE E 50 -9.40 114.49 -53.23
CA ILE E 50 -9.07 115.45 -54.28
C ILE E 50 -8.04 116.42 -53.73
N ASN E 51 -7.01 116.71 -54.52
CA ASN E 51 -5.97 117.63 -54.10
C ASN E 51 -5.66 118.58 -55.25
N SER E 52 -5.51 119.88 -54.94
CA SER E 52 -5.26 120.89 -55.96
C SER E 52 -4.15 121.79 -55.45
N THR E 53 -2.95 121.68 -56.03
CA THR E 53 -1.82 122.47 -55.55
C THR E 53 -1.15 123.23 -56.68
N ALA E 54 -0.42 124.27 -56.26
CA ALA E 54 0.46 125.04 -57.13
C ALA E 54 1.66 125.46 -56.30
N PRO E 55 2.82 125.66 -56.91
CA PRO E 55 3.94 126.24 -56.18
C PRO E 55 3.74 127.73 -56.02
N VAL E 56 4.25 128.26 -54.90
CA VAL E 56 4.21 129.69 -54.62
C VAL E 56 5.63 130.12 -54.31
N THR E 57 6.14 131.09 -55.09
CA THR E 57 7.41 131.73 -54.77
C THR E 57 7.30 132.44 -53.44
N ILE E 58 8.20 132.12 -52.50
CA ILE E 58 8.20 132.80 -51.21
C ILE E 58 8.34 134.29 -51.43
N ASN E 59 7.53 135.07 -50.72
CA ASN E 59 7.67 136.51 -50.72
C ASN E 59 9.12 136.86 -50.38
N THR E 60 9.82 137.47 -51.34
CA THR E 60 11.25 137.67 -51.19
C THR E 60 11.60 139.14 -51.40
N CYS E 61 12.89 139.42 -51.20
CA CYS E 61 13.39 140.78 -51.22
C CYS E 61 13.52 141.33 -52.64
N ASP E 62 13.86 140.48 -53.61
CA ASP E 62 14.17 140.93 -54.96
C ASP E 62 12.93 141.52 -55.64
N PRO E 63 13.12 142.52 -56.50
CA PRO E 63 11.99 142.96 -57.34
C PRO E 63 11.55 141.87 -58.29
N THR E 64 12.48 141.14 -58.89
CA THR E 64 12.13 139.94 -59.64
C THR E 64 11.52 138.91 -58.69
N LYS E 65 10.52 138.19 -59.18
CA LYS E 65 9.82 137.20 -58.36
C LYS E 65 10.67 135.94 -58.32
N CYS E 66 11.71 135.98 -57.48
CA CYS E 66 12.64 134.87 -57.33
C CYS E 66 12.87 134.56 -55.86
N GLY E 67 12.60 133.31 -55.48
CA GLY E 67 12.86 132.82 -54.15
C GLY E 67 12.53 131.35 -54.07
N PRO E 68 12.78 130.72 -52.92
CA PRO E 68 12.35 129.33 -52.73
C PRO E 68 10.85 129.20 -52.91
N THR E 69 10.42 128.06 -53.44
CA THR E 69 9.00 127.80 -53.69
C THR E 69 8.46 126.86 -52.63
N VAL E 70 7.34 127.24 -52.02
CA VAL E 70 6.63 126.41 -51.06
C VAL E 70 5.33 126.01 -51.75
N PRO E 71 4.87 124.76 -51.60
CA PRO E 71 3.60 124.36 -52.22
C PRO E 71 2.42 124.93 -51.44
N MET E 72 1.46 125.49 -52.17
CA MET E 72 0.16 125.83 -51.61
C MET E 72 -0.88 124.89 -52.19
N GLY E 73 -1.85 124.51 -51.37
CA GLY E 73 -2.71 123.41 -51.74
C GLY E 73 -4.04 123.46 -51.03
N VAL E 74 -5.07 123.04 -51.73
CA VAL E 74 -6.41 122.89 -51.18
C VAL E 74 -6.82 121.45 -51.40
N SER E 75 -7.28 120.79 -50.33
CA SER E 75 -7.53 119.36 -50.35
C SER E 75 -8.92 119.08 -49.81
N PHE E 76 -9.64 118.18 -50.48
CA PHE E 76 -10.97 117.76 -50.08
C PHE E 76 -10.97 116.25 -49.91
N LYS E 77 -11.43 115.77 -48.76
CA LYS E 77 -11.48 114.34 -48.48
C LYS E 77 -12.89 113.97 -48.02
N SER E 78 -13.33 112.76 -48.35
CA SER E 78 -14.71 112.35 -48.13
C SER E 78 -14.75 110.85 -47.84
N SER E 79 -15.28 110.45 -46.69
CA SER E 79 -15.37 109.04 -46.34
C SER E 79 -16.75 108.72 -45.78
N MET E 80 -17.45 107.77 -46.42
CA MET E 80 -18.78 107.43 -45.94
C MET E 80 -19.10 106.01 -46.37
N PRO E 81 -19.96 105.31 -45.63
CA PRO E 81 -20.36 103.97 -46.07
C PRO E 81 -21.25 104.05 -47.29
N GLU E 82 -21.17 103.01 -48.13
CA GLU E 82 -21.83 103.02 -49.43
C GLU E 82 -23.32 103.32 -49.31
N ASP E 83 -23.83 104.08 -50.27
CA ASP E 83 -25.23 104.47 -50.41
C ASP E 83 -25.74 105.39 -49.30
N ALA E 84 -24.84 105.94 -48.47
CA ALA E 84 -25.26 106.93 -47.49
C ALA E 84 -25.58 108.26 -48.20
N ASP E 85 -26.19 109.20 -47.48
CA ASP E 85 -26.53 110.50 -48.07
C ASP E 85 -25.73 111.63 -47.43
N PRO E 86 -24.64 112.09 -48.05
CA PRO E 86 -23.83 113.15 -47.45
C PRO E 86 -24.35 114.55 -47.73
N ALA E 87 -25.59 114.69 -48.20
CA ALA E 87 -26.10 115.98 -48.67
C ALA E 87 -25.93 117.06 -47.63
N GLU E 88 -26.35 116.78 -46.39
CA GLU E 88 -26.32 117.81 -45.37
C GLU E 88 -24.90 118.05 -44.86
N VAL E 89 -24.09 117.00 -44.80
CA VAL E 89 -22.70 117.14 -44.42
C VAL E 89 -21.97 118.04 -45.41
N LEU E 90 -22.16 117.78 -46.71
CA LEU E 90 -21.60 118.65 -47.75
C LEU E 90 -22.09 120.07 -47.61
N LYS E 91 -23.40 120.26 -47.37
CA LYS E 91 -23.94 121.61 -47.28
C LYS E 91 -23.27 122.40 -46.15
N ALA E 92 -23.14 121.77 -44.98
CA ALA E 92 -22.50 122.43 -43.84
C ALA E 92 -21.03 122.71 -44.12
N ALA E 93 -20.31 121.72 -44.67
CA ALA E 93 -18.92 121.92 -45.01
C ALA E 93 -18.75 123.10 -45.96
N LYS E 94 -19.62 123.21 -46.96
CA LYS E 94 -19.53 124.29 -47.93
C LYS E 94 -19.80 125.64 -47.27
N ALA E 95 -20.76 125.70 -46.34
CA ALA E 95 -21.02 126.95 -45.63
C ALA E 95 -19.81 127.39 -44.82
N ALA E 96 -19.20 126.44 -44.10
CA ALA E 96 -18.00 126.77 -43.34
C ALA E 96 -16.87 127.25 -44.24
N LEU E 97 -16.64 126.55 -45.35
CA LEU E 97 -15.61 126.97 -46.29
C LEU E 97 -15.90 128.36 -46.82
N ALA E 98 -17.17 128.66 -47.07
CA ALA E 98 -17.53 130.01 -47.52
C ALA E 98 -17.13 131.05 -46.48
N LEU E 99 -17.29 130.72 -45.20
CA LEU E 99 -16.88 131.65 -44.16
C LEU E 99 -15.35 131.84 -44.13
N PHE E 100 -14.60 130.76 -44.28
CA PHE E 100 -13.15 130.80 -44.06
C PHE E 100 -12.32 131.03 -45.34
N GLU E 101 -12.97 131.11 -46.50
CA GLU E 101 -12.25 131.10 -47.78
C GLU E 101 -11.38 132.34 -47.95
N ALA E 102 -11.91 133.51 -47.59
CA ALA E 102 -11.09 134.72 -47.67
C ALA E 102 -9.94 134.69 -46.67
N ASN E 103 -10.11 133.96 -45.57
CA ASN E 103 -9.13 133.89 -44.50
C ASN E 103 -8.22 132.67 -44.59
N LEU E 104 -8.25 131.95 -45.71
CA LEU E 104 -7.36 130.81 -45.87
C LEU E 104 -5.88 131.19 -45.76
N ASN E 105 -5.55 132.46 -45.99
CA ASN E 105 -4.16 132.94 -45.96
C ASN E 105 -3.93 134.04 -44.93
N SER E 106 -4.79 134.15 -43.91
CA SER E 106 -4.89 135.39 -43.14
C SER E 106 -3.98 135.43 -41.92
N ALA E 107 -3.64 134.29 -41.32
CA ALA E 107 -2.90 134.21 -40.06
C ALA E 107 -3.67 134.78 -38.88
N PHE E 108 -4.93 135.15 -39.09
CA PHE E 108 -5.84 135.58 -38.04
C PHE E 108 -7.08 134.69 -38.10
N ASN E 109 -7.52 134.22 -36.94
CA ASN E 109 -8.69 133.36 -36.88
C ASN E 109 -9.92 134.18 -36.50
N LYS E 110 -10.94 134.15 -37.34
CA LYS E 110 -12.20 134.83 -37.05
C LYS E 110 -13.02 133.97 -36.10
N ASN E 111 -13.37 134.53 -34.95
CA ASN E 111 -14.14 133.78 -33.95
C ASN E 111 -15.62 134.00 -34.22
N VAL E 112 -16.24 133.04 -34.91
CA VAL E 112 -17.67 133.07 -35.19
C VAL E 112 -18.37 132.06 -34.30
N ASP E 113 -19.54 132.45 -33.80
CA ASP E 113 -20.30 131.65 -32.84
C ASP E 113 -21.42 130.83 -33.48
N GLU E 114 -21.78 131.11 -34.73
CA GLU E 114 -22.75 130.25 -35.43
C GLU E 114 -22.53 130.35 -36.93
N ILE E 115 -22.93 129.29 -37.62
CA ILE E 115 -22.71 129.10 -39.05
C ILE E 115 -24.04 128.74 -39.67
N SER E 116 -24.61 129.65 -40.48
CA SER E 116 -25.93 129.44 -41.07
C SER E 116 -25.82 128.63 -42.37
N VAL E 117 -26.75 127.69 -42.54
CA VAL E 117 -26.70 126.69 -43.61
C VAL E 117 -28.03 126.68 -44.34
N ALA E 118 -27.97 126.36 -45.65
CA ALA E 118 -29.15 126.18 -46.51
C ALA E 118 -30.09 127.37 -46.48
N ALA F 1 -32.53 101.24 -72.96
CA ALA F 1 -31.28 101.68 -73.57
C ALA F 1 -30.42 102.43 -72.57
N TYR F 2 -29.14 102.06 -72.49
CA TYR F 2 -28.22 102.69 -71.56
C TYR F 2 -26.81 102.65 -72.14
N LYS F 3 -25.89 103.34 -71.45
CA LYS F 3 -24.49 103.42 -71.85
C LYS F 3 -23.59 102.87 -70.76
N LEU F 4 -22.63 102.05 -71.15
CA LEU F 4 -21.58 101.55 -70.25
C LEU F 4 -20.44 102.56 -70.27
N ILE F 5 -20.36 103.38 -69.22
CA ILE F 5 -19.35 104.41 -69.07
C ILE F 5 -18.04 103.78 -68.62
N LYS F 6 -16.92 104.26 -69.15
CA LYS F 6 -15.63 103.67 -68.82
C LYS F 6 -15.18 104.08 -67.43
N MET F 7 -14.96 103.09 -66.57
CA MET F 7 -14.41 103.31 -65.25
C MET F 7 -12.91 103.58 -65.34
N ALA F 8 -12.36 104.18 -64.29
CA ALA F 8 -10.96 104.57 -64.24
C ALA F 8 -10.16 103.41 -63.67
N GLY F 9 -9.41 102.73 -64.52
CA GLY F 9 -8.66 101.55 -64.12
C GLY F 9 -7.17 101.80 -64.21
N GLY F 10 -6.43 101.19 -63.29
CA GLY F 10 -4.98 101.32 -63.32
C GLY F 10 -4.34 100.50 -64.44
N ASN F 11 -4.90 99.31 -64.70
CA ASN F 11 -4.36 98.44 -65.73
C ASN F 11 -4.90 98.85 -67.11
N SER F 12 -4.00 99.00 -68.07
CA SER F 12 -4.40 99.41 -69.41
C SER F 12 -4.81 98.23 -70.29
N ALA F 13 -4.42 97.01 -69.94
CA ALA F 13 -4.81 95.86 -70.75
C ALA F 13 -6.31 95.58 -70.64
N ILE F 14 -6.90 95.90 -69.48
CA ILE F 14 -8.31 95.64 -69.19
C ILE F 14 -9.03 96.98 -69.17
N GLN F 15 -10.11 97.07 -69.94
CA GLN F 15 -11.01 98.23 -69.90
C GLN F 15 -12.27 97.84 -69.15
N THR F 16 -12.60 98.58 -68.11
CA THR F 16 -13.76 98.32 -67.28
C THR F 16 -14.79 99.42 -67.47
N TYR F 17 -16.07 99.03 -67.47
CA TYR F 17 -17.18 99.94 -67.69
C TYR F 17 -18.27 99.61 -66.67
N ALA F 18 -19.04 100.62 -66.33
CA ALA F 18 -20.19 100.51 -65.45
C ALA F 18 -21.39 101.13 -66.14
N ARG F 19 -22.56 100.54 -65.94
CA ARG F 19 -23.77 101.09 -66.52
C ARG F 19 -24.10 102.43 -65.89
N GLU F 20 -24.60 103.35 -66.71
CA GLU F 20 -24.89 104.70 -66.22
C GLU F 20 -25.99 104.67 -65.16
N ASP F 21 -27.08 103.94 -65.43
CA ASP F 21 -28.17 103.83 -64.47
C ASP F 21 -27.71 103.13 -63.20
N LYS F 22 -27.24 101.89 -63.33
CA LYS F 22 -26.75 101.12 -62.20
C LYS F 22 -25.25 100.99 -62.32
N THR F 23 -24.52 101.74 -61.50
CA THR F 23 -23.07 101.57 -61.49
C THR F 23 -22.66 100.25 -60.83
N THR F 24 -23.62 99.45 -60.35
CA THR F 24 -23.31 98.13 -59.81
C THR F 24 -23.13 97.11 -60.92
N GLN F 25 -23.81 97.30 -62.04
CA GLN F 25 -23.66 96.41 -63.19
C GLN F 25 -22.44 96.82 -63.99
N THR F 26 -21.49 95.90 -64.14
CA THR F 26 -20.24 96.24 -64.77
C THR F 26 -19.93 95.27 -65.91
N LEU F 27 -18.89 95.62 -66.67
CA LEU F 27 -18.46 94.89 -67.85
C LEU F 27 -16.98 95.17 -68.10
N SER F 28 -16.22 94.12 -68.39
CA SER F 28 -14.78 94.26 -68.63
C SER F 28 -14.42 93.62 -69.97
N THR F 29 -13.56 94.30 -70.72
CA THR F 29 -13.02 93.76 -71.96
C THR F 29 -11.50 93.73 -71.88
N GLN F 30 -10.92 92.62 -72.30
CA GLN F 30 -9.47 92.45 -72.26
C GLN F 30 -9.00 91.65 -73.46
N LYS F 31 -8.01 92.16 -74.17
CA LYS F 31 -7.35 91.39 -75.23
C LYS F 31 -5.87 91.24 -74.87
N THR F 32 -5.37 90.01 -75.00
CA THR F 32 -3.99 89.69 -74.71
C THR F 32 -3.41 88.90 -75.89
N ILE F 33 -2.09 88.97 -76.03
CA ILE F 33 -1.39 88.35 -77.13
C ILE F 33 -0.32 87.41 -76.58
N SER F 34 -0.22 86.22 -77.14
CA SER F 34 0.78 85.23 -76.77
C SER F 34 1.61 84.84 -77.99
N VAL F 35 2.85 84.45 -77.76
CA VAL F 35 3.76 84.05 -78.83
C VAL F 35 3.96 82.54 -78.75
N LEU F 36 3.74 81.86 -79.86
CA LEU F 36 3.89 80.41 -79.95
C LEU F 36 5.04 80.16 -80.91
N ARG F 37 6.20 79.77 -80.38
CA ARG F 37 7.40 79.61 -81.18
C ARG F 37 7.50 78.15 -81.62
N ASN F 38 7.36 77.93 -82.92
CA ASN F 38 7.57 76.63 -83.56
C ASN F 38 8.82 76.77 -84.42
N GLY F 39 9.90 76.11 -84.00
CA GLY F 39 11.17 76.24 -84.70
C GLY F 39 11.64 77.68 -84.71
N SER F 40 11.90 78.19 -85.92
CA SER F 40 12.34 79.57 -86.11
C SER F 40 11.19 80.48 -86.52
N THR F 41 9.94 80.02 -86.39
CA THR F 41 8.77 80.81 -86.74
C THR F 41 7.91 80.99 -85.50
N SER F 42 7.63 82.23 -85.14
CA SER F 42 6.77 82.53 -84.00
C SER F 42 5.43 83.05 -84.50
N THR F 43 4.35 82.47 -83.99
CA THR F 43 3.00 82.82 -84.40
C THR F 43 2.25 83.46 -83.24
N ARG F 44 1.39 84.40 -83.59
CA ARG F 44 0.71 85.26 -82.64
C ARG F 44 -0.67 84.66 -82.29
N ILE F 45 -0.99 84.63 -81.00
CA ILE F 45 -2.21 83.98 -80.51
C ILE F 45 -3.01 84.99 -79.69
N ILE F 46 -4.20 85.33 -80.21
CA ILE F 46 -5.03 86.40 -79.67
C ILE F 46 -6.09 85.79 -78.77
N LYS F 47 -6.17 86.30 -77.53
CA LYS F 47 -7.15 85.87 -76.54
C LYS F 47 -7.98 87.08 -76.11
N VAL F 48 -9.29 86.95 -76.18
CA VAL F 48 -10.23 88.00 -75.77
C VAL F 48 -11.07 87.49 -74.62
N HIS F 49 -11.34 88.36 -73.65
CA HIS F 49 -12.14 88.01 -72.48
C HIS F 49 -13.08 89.18 -72.16
N ILE F 50 -14.37 88.93 -72.29
CA ILE F 50 -15.43 89.88 -71.93
C ILE F 50 -16.21 89.31 -70.76
N ASN F 51 -16.44 90.13 -69.74
CA ASN F 51 -17.22 89.70 -68.58
C ASN F 51 -18.28 90.74 -68.27
N SER F 52 -19.51 90.29 -67.98
CA SER F 52 -20.60 91.22 -67.69
C SER F 52 -21.31 90.71 -66.45
N THR F 53 -21.15 91.39 -65.31
CA THR F 53 -21.76 90.93 -64.08
C THR F 53 -22.56 92.03 -63.40
N ALA F 54 -23.34 91.58 -62.42
CA ALA F 54 -24.12 92.47 -61.57
C ALA F 54 -24.40 91.71 -60.28
N PRO F 55 -24.53 92.41 -59.15
CA PRO F 55 -24.80 91.72 -57.89
C PRO F 55 -26.29 91.42 -57.76
N VAL F 56 -26.62 90.19 -57.35
CA VAL F 56 -28.00 89.81 -57.03
C VAL F 56 -28.02 89.45 -55.55
N THR F 57 -29.10 89.86 -54.87
CA THR F 57 -29.26 89.62 -53.45
C THR F 57 -30.19 88.44 -53.21
N ILE F 58 -29.72 87.46 -52.46
CA ILE F 58 -30.50 86.27 -52.12
C ILE F 58 -31.30 86.58 -50.87
N ASN F 59 -32.62 86.77 -51.03
CA ASN F 59 -33.46 87.08 -49.88
C ASN F 59 -33.73 85.81 -49.09
N THR F 60 -33.34 85.82 -47.82
CA THR F 60 -33.58 84.72 -46.89
C THR F 60 -34.29 85.31 -45.68
N CYS F 61 -35.36 84.66 -45.25
CA CYS F 61 -36.12 85.18 -44.12
C CYS F 61 -35.30 85.07 -42.85
N ASP F 62 -35.35 86.12 -42.03
CA ASP F 62 -34.47 86.29 -40.89
C ASP F 62 -35.10 87.33 -39.98
N PRO F 63 -34.90 87.24 -38.66
CA PRO F 63 -35.37 88.32 -37.78
C PRO F 63 -34.85 89.68 -38.24
N THR F 64 -33.60 89.74 -38.66
CA THR F 64 -33.02 90.93 -39.29
C THR F 64 -32.95 90.68 -40.78
N LYS F 65 -33.74 91.43 -41.55
CA LYS F 65 -33.96 91.13 -42.97
C LYS F 65 -32.85 91.74 -43.83
N CYS F 66 -31.65 91.16 -43.71
CA CYS F 66 -30.54 91.43 -44.63
C CYS F 66 -29.92 90.11 -45.04
N GLY F 67 -29.94 89.83 -46.34
CA GLY F 67 -29.35 88.62 -46.88
C GLY F 67 -28.09 88.92 -47.67
N PRO F 68 -27.35 87.87 -48.03
CA PRO F 68 -26.07 88.05 -48.69
C PRO F 68 -26.22 88.45 -50.15
N THR F 69 -25.11 88.89 -50.74
CA THR F 69 -25.09 89.31 -52.13
C THR F 69 -24.06 88.47 -52.88
N VAL F 70 -24.46 87.95 -54.03
CA VAL F 70 -23.60 87.07 -54.83
C VAL F 70 -23.72 87.54 -56.28
N PRO F 71 -22.64 87.50 -57.07
CA PRO F 71 -22.71 88.06 -58.42
C PRO F 71 -23.31 87.09 -59.42
N MET F 72 -24.10 87.63 -60.34
CA MET F 72 -24.52 86.93 -61.54
C MET F 72 -23.75 87.48 -62.73
N GLY F 73 -23.24 86.57 -63.55
CA GLY F 73 -22.26 86.95 -64.56
C GLY F 73 -22.44 86.18 -65.84
N VAL F 74 -22.09 86.83 -66.94
CA VAL F 74 -22.05 86.20 -68.24
C VAL F 74 -20.68 86.50 -68.83
N SER F 75 -19.95 85.45 -69.19
CA SER F 75 -18.56 85.58 -69.61
C SER F 75 -18.39 85.01 -71.01
N PHE F 76 -17.53 85.67 -71.79
CA PHE F 76 -17.19 85.25 -73.14
C PHE F 76 -15.67 85.21 -73.22
N LYS F 77 -15.13 84.10 -73.70
CA LYS F 77 -13.70 83.97 -73.91
C LYS F 77 -13.42 83.45 -75.30
N SER F 78 -12.26 83.82 -75.83
CA SER F 78 -11.90 83.55 -77.21
C SER F 78 -10.39 83.38 -77.29
N SER F 79 -9.91 82.42 -78.07
CA SER F 79 -8.48 82.22 -78.24
C SER F 79 -8.21 81.56 -79.58
N MET F 80 -7.34 82.18 -80.38
CA MET F 80 -7.09 81.62 -81.71
C MET F 80 -5.81 82.20 -82.28
N PRO F 81 -5.16 81.51 -83.21
CA PRO F 81 -3.98 82.09 -83.86
C PRO F 81 -4.38 83.23 -84.76
N GLU F 82 -3.44 84.17 -84.93
CA GLU F 82 -3.70 85.36 -85.71
C GLU F 82 -4.17 84.99 -87.12
N ASP F 83 -5.10 85.78 -87.64
CA ASP F 83 -5.64 85.63 -89.00
C ASP F 83 -6.37 84.30 -89.20
N ALA F 84 -6.84 83.67 -88.12
CA ALA F 84 -7.68 82.49 -88.25
C ALA F 84 -9.12 82.92 -88.48
N ASP F 85 -10.00 81.96 -88.81
CA ASP F 85 -11.39 82.32 -89.09
C ASP F 85 -12.30 81.75 -88.01
N PRO F 86 -12.82 82.56 -87.10
CA PRO F 86 -13.75 82.06 -86.08
C PRO F 86 -15.21 82.01 -86.50
N ALA F 87 -15.53 82.31 -87.76
CA ALA F 87 -16.91 82.55 -88.13
C ALA F 87 -17.79 81.36 -87.75
N GLU F 88 -17.30 80.14 -87.97
CA GLU F 88 -18.15 78.98 -87.78
C GLU F 88 -18.23 78.57 -86.31
N VAL F 89 -17.13 78.62 -85.57
CA VAL F 89 -17.20 78.33 -84.13
C VAL F 89 -18.09 79.36 -83.44
N LEU F 90 -18.06 80.61 -83.89
CA LEU F 90 -18.99 81.62 -83.38
C LEU F 90 -20.44 81.24 -83.67
N LYS F 91 -20.75 80.89 -84.93
CA LYS F 91 -22.12 80.51 -85.27
C LYS F 91 -22.61 79.36 -84.39
N ALA F 92 -21.77 78.32 -84.22
CA ALA F 92 -22.16 77.17 -83.42
C ALA F 92 -22.37 77.54 -81.96
N ALA F 93 -21.40 78.26 -81.38
CA ALA F 93 -21.52 78.70 -80.01
C ALA F 93 -22.78 79.53 -79.80
N LYS F 94 -23.10 80.39 -80.77
CA LYS F 94 -24.29 81.24 -80.65
C LYS F 94 -25.56 80.40 -80.71
N ALA F 95 -25.59 79.35 -81.55
CA ALA F 95 -26.76 78.49 -81.59
C ALA F 95 -26.96 77.73 -80.27
N ALA F 96 -25.88 77.22 -79.70
CA ALA F 96 -25.98 76.56 -78.40
C ALA F 96 -26.44 77.54 -77.32
N LEU F 97 -25.85 78.73 -77.30
CA LEU F 97 -26.29 79.77 -76.38
C LEU F 97 -27.77 80.06 -76.56
N ALA F 98 -28.23 80.11 -77.81
CA ALA F 98 -29.65 80.35 -78.07
C ALA F 98 -30.51 79.29 -77.42
N LEU F 99 -30.06 78.03 -77.44
CA LEU F 99 -30.81 76.98 -76.74
C LEU F 99 -30.79 77.20 -75.23
N PHE F 100 -29.64 77.50 -74.65
CA PHE F 100 -29.54 77.52 -73.20
C PHE F 100 -29.96 78.85 -72.56
N GLU F 101 -30.10 79.92 -73.34
CA GLU F 101 -30.20 81.27 -72.79
C GLU F 101 -31.43 81.44 -71.93
N ALA F 102 -32.58 80.98 -72.41
CA ALA F 102 -33.82 81.07 -71.62
C ALA F 102 -33.65 80.40 -70.27
N ASN F 103 -32.92 79.29 -70.22
CA ASN F 103 -32.82 78.44 -69.04
C ASN F 103 -31.53 78.69 -68.25
N LEU F 104 -30.94 79.89 -68.34
CA LEU F 104 -29.69 80.16 -67.63
C LEU F 104 -29.88 80.25 -66.12
N ASN F 105 -31.11 80.52 -65.67
CA ASN F 105 -31.42 80.71 -64.26
C ASN F 105 -32.34 79.63 -63.72
N SER F 106 -32.43 78.48 -64.39
CA SER F 106 -33.55 77.57 -64.12
C SER F 106 -33.17 76.21 -63.56
N ALA F 107 -31.91 75.77 -63.67
CA ALA F 107 -31.46 74.48 -63.13
C ALA F 107 -32.08 73.28 -63.83
N PHE F 108 -32.70 73.49 -64.99
CA PHE F 108 -33.25 72.42 -65.80
C PHE F 108 -32.35 72.17 -67.00
N ASN F 109 -32.24 70.90 -67.38
CA ASN F 109 -31.50 70.56 -68.59
C ASN F 109 -32.05 69.26 -69.16
N LYS F 110 -32.35 69.26 -70.44
CA LYS F 110 -32.91 68.10 -71.13
C LYS F 110 -31.91 67.60 -72.17
N ASN F 111 -31.92 66.29 -72.42
CA ASN F 111 -31.03 65.74 -73.43
C ASN F 111 -31.38 66.31 -74.79
N VAL F 112 -30.38 66.85 -75.47
CA VAL F 112 -30.52 67.37 -76.82
C VAL F 112 -29.66 66.50 -77.72
N ASP F 113 -30.30 65.87 -78.70
CA ASP F 113 -29.59 64.95 -79.58
C ASP F 113 -28.89 65.66 -80.71
N GLU F 114 -29.31 66.90 -81.04
CA GLU F 114 -28.60 67.65 -82.06
C GLU F 114 -28.93 69.13 -81.93
N ILE F 115 -27.99 69.96 -82.37
CA ILE F 115 -28.13 71.40 -82.40
C ILE F 115 -28.02 71.84 -83.85
N SER F 116 -29.06 72.50 -84.35
CA SER F 116 -29.08 72.97 -85.73
C SER F 116 -28.44 74.36 -85.81
N VAL F 117 -27.46 74.50 -86.68
CA VAL F 117 -26.74 75.76 -86.86
C VAL F 117 -27.21 76.42 -88.15
N ALA F 118 -27.35 77.75 -88.10
CA ALA F 118 -27.88 78.55 -89.21
C ALA F 118 -27.07 78.39 -90.50
N ALA G 1 21.47 -87.68 55.58
CA ALA G 1 21.23 -87.61 57.03
C ALA G 1 22.37 -86.87 57.76
N TYR G 2 22.28 -85.55 57.84
CA TYR G 2 23.28 -84.71 58.51
C TYR G 2 22.60 -83.57 59.23
N LYS G 3 23.40 -82.72 59.88
CA LYS G 3 22.85 -81.55 60.55
C LYS G 3 23.78 -80.35 60.40
N LEU G 4 23.16 -79.17 60.30
CA LEU G 4 23.86 -77.92 60.14
C LEU G 4 24.01 -77.26 61.50
N ILE G 5 25.24 -77.11 61.96
CA ILE G 5 25.52 -76.50 63.25
C ILE G 5 25.80 -75.02 63.03
N LYS G 6 25.42 -74.19 64.01
CA LYS G 6 25.59 -72.75 63.88
C LYS G 6 27.07 -72.39 63.84
N MET G 7 27.43 -71.49 62.93
CA MET G 7 28.78 -70.99 62.77
C MET G 7 28.98 -69.73 63.59
N ALA G 8 30.24 -69.44 63.89
CA ALA G 8 30.62 -68.15 64.45
C ALA G 8 30.37 -67.06 63.42
N GLY G 9 29.55 -66.08 63.78
CA GLY G 9 29.22 -65.00 62.88
C GLY G 9 29.25 -63.67 63.59
N GLY G 10 29.37 -62.61 62.80
CA GLY G 10 29.50 -61.26 63.34
C GLY G 10 28.18 -60.54 63.55
N ASN G 11 27.20 -60.80 62.70
CA ASN G 11 25.91 -60.12 62.76
C ASN G 11 24.97 -60.85 63.70
N SER G 12 24.15 -60.10 64.43
CA SER G 12 23.18 -60.68 65.35
C SER G 12 21.86 -61.02 64.68
N ALA G 13 21.50 -60.32 63.60
CA ALA G 13 20.27 -60.60 62.87
C ALA G 13 20.38 -61.83 62.00
N ILE G 14 21.59 -62.13 61.53
CA ILE G 14 21.84 -63.23 60.60
C ILE G 14 22.38 -64.41 61.39
N GLN G 15 21.74 -65.57 61.25
CA GLN G 15 22.25 -66.83 61.78
C GLN G 15 22.87 -67.61 60.63
N THR G 16 24.14 -67.98 60.80
CA THR G 16 24.87 -68.74 59.78
C THR G 16 25.16 -70.13 60.32
N TYR G 17 24.93 -71.13 59.48
CA TYR G 17 25.13 -72.53 59.81
C TYR G 17 26.02 -73.16 58.74
N ALA G 18 26.78 -74.16 59.15
CA ALA G 18 27.55 -74.99 58.24
C ALA G 18 27.22 -76.45 58.50
N ARG G 19 27.32 -77.23 57.42
CA ARG G 19 27.09 -78.66 57.52
C ARG G 19 28.22 -79.33 58.30
N GLU G 20 27.84 -80.29 59.15
CA GLU G 20 28.86 -80.96 59.97
C GLU G 20 29.83 -81.74 59.10
N ASP G 21 29.31 -82.54 58.16
CA ASP G 21 30.17 -83.34 57.29
C ASP G 21 31.06 -82.45 56.43
N LYS G 22 30.44 -81.62 55.59
CA LYS G 22 31.15 -80.68 54.75
C LYS G 22 30.91 -79.27 55.29
N THR G 23 31.95 -78.69 55.89
CA THR G 23 31.83 -77.32 56.35
C THR G 23 31.90 -76.32 55.20
N THR G 24 31.89 -76.81 53.94
CA THR G 24 31.84 -75.94 52.78
C THR G 24 30.42 -75.65 52.34
N GLN G 25 29.48 -76.50 52.70
CA GLN G 25 28.06 -76.27 52.46
C GLN G 25 27.52 -75.46 53.63
N THR G 26 26.90 -74.32 53.34
CA THR G 26 26.44 -73.42 54.37
C THR G 26 25.01 -72.98 54.10
N LEU G 27 24.41 -72.36 55.14
CA LEU G 27 23.03 -71.91 55.14
C LEU G 27 22.94 -70.67 56.03
N SER G 28 22.05 -69.75 55.69
CA SER G 28 21.95 -68.50 56.42
C SER G 28 20.50 -68.04 56.49
N THR G 29 20.05 -67.67 57.68
CA THR G 29 18.68 -67.19 57.88
C THR G 29 18.72 -65.82 58.53
N GLN G 30 17.95 -64.88 57.97
CA GLN G 30 17.91 -63.53 58.47
C GLN G 30 16.47 -63.05 58.54
N LYS G 31 16.13 -62.33 59.60
CA LYS G 31 14.82 -61.69 59.73
C LYS G 31 14.99 -60.19 59.93
N THR G 32 14.25 -59.42 59.13
CA THR G 32 14.24 -57.97 59.15
C THR G 32 12.83 -57.50 59.45
N ILE G 33 12.70 -56.51 60.33
CA ILE G 33 11.42 -55.87 60.59
C ILE G 33 11.49 -54.45 60.04
N SER G 34 10.45 -54.06 59.31
CA SER G 34 10.31 -52.72 58.76
C SER G 34 9.00 -52.13 59.24
N VAL G 35 8.88 -50.81 59.15
CA VAL G 35 7.68 -50.10 59.58
C VAL G 35 7.12 -49.35 58.38
N LEU G 36 5.83 -49.52 58.12
CA LEU G 36 5.15 -48.80 57.06
C LEU G 36 3.93 -48.13 57.66
N ARG G 37 3.88 -46.80 57.62
CA ARG G 37 2.79 -46.07 58.25
C ARG G 37 2.00 -45.30 57.21
N ASN G 38 0.68 -45.40 57.32
CA ASN G 38 -0.27 -44.58 56.58
C ASN G 38 -0.95 -43.64 57.58
N GLY G 39 -0.72 -42.35 57.42
CA GLY G 39 -1.23 -41.38 58.37
C GLY G 39 -0.70 -41.65 59.75
N SER G 40 -1.62 -41.91 60.68
CA SER G 40 -1.28 -42.24 62.05
C SER G 40 -1.02 -43.74 62.23
N THR G 41 -1.67 -44.58 61.44
CA THR G 41 -1.54 -46.02 61.62
C THR G 41 -0.19 -46.49 61.09
N SER G 42 0.38 -47.49 61.76
CA SER G 42 1.66 -48.05 61.35
C SER G 42 1.63 -49.55 61.52
N THR G 43 2.23 -50.26 60.54
CA THR G 43 2.20 -51.71 60.53
C THR G 43 3.59 -52.27 60.24
N ARG G 44 3.86 -53.44 60.80
CA ARG G 44 5.16 -54.08 60.67
C ARG G 44 5.21 -54.95 59.41
N ILE G 45 6.35 -54.89 58.74
CA ILE G 45 6.61 -55.70 57.55
C ILE G 45 7.75 -56.64 57.90
N ILE G 46 7.44 -57.94 57.98
CA ILE G 46 8.41 -58.96 58.36
C ILE G 46 8.97 -59.59 57.09
N LYS G 47 10.30 -59.58 56.99
CA LYS G 47 11.02 -60.08 55.82
C LYS G 47 11.98 -61.16 56.30
N VAL G 48 11.91 -62.33 55.67
CA VAL G 48 12.75 -63.47 55.99
C VAL G 48 13.59 -63.79 54.76
N HIS G 49 14.84 -64.20 54.98
CA HIS G 49 15.75 -64.55 53.90
C HIS G 49 16.54 -65.79 54.30
N ILE G 50 16.39 -66.86 53.54
CA ILE G 50 17.11 -68.12 53.76
C ILE G 50 17.93 -68.41 52.51
N ASN G 51 19.23 -68.64 52.69
CA ASN G 51 20.12 -68.88 51.56
C ASN G 51 20.96 -70.12 51.85
N SER G 52 20.90 -71.12 50.96
CA SER G 52 21.67 -72.34 51.09
C SER G 52 22.63 -72.41 49.92
N THR G 53 23.94 -72.45 50.18
CA THR G 53 24.90 -72.58 49.08
C THR G 53 25.98 -73.59 49.39
N ALA G 54 26.63 -74.01 48.32
CA ALA G 54 27.83 -74.82 48.39
C ALA G 54 28.68 -74.48 47.17
N PRO G 55 30.00 -74.60 47.28
CA PRO G 55 30.83 -74.40 46.09
C PRO G 55 30.76 -75.62 45.21
N VAL G 56 30.89 -75.40 43.91
CA VAL G 56 30.93 -76.48 42.93
C VAL G 56 32.04 -76.18 41.92
N THR G 57 32.82 -77.20 41.61
CA THR G 57 33.97 -77.07 40.72
C THR G 57 33.49 -76.85 39.28
N ILE G 58 34.07 -75.87 38.59
CA ILE G 58 33.58 -75.46 37.28
C ILE G 58 33.66 -76.62 36.29
N ASN G 59 34.81 -77.26 36.22
CA ASN G 59 35.20 -78.06 35.06
C ASN G 59 34.82 -79.52 35.26
N THR G 60 33.77 -79.96 34.57
CA THR G 60 33.32 -81.34 34.70
C THR G 60 34.30 -82.32 34.07
N CYS G 61 34.79 -82.01 32.87
CA CYS G 61 35.68 -82.90 32.12
C CYS G 61 37.15 -82.73 32.49
N ASP G 62 37.48 -81.92 33.50
CA ASP G 62 38.86 -81.75 33.95
C ASP G 62 39.25 -82.87 34.90
N PRO G 63 40.56 -83.00 35.21
CA PRO G 63 40.99 -84.04 36.17
C PRO G 63 40.74 -83.66 37.62
N THR G 64 39.88 -82.65 37.84
CA THR G 64 39.54 -82.12 39.17
C THR G 64 40.78 -81.59 39.88
N LYS G 65 41.62 -80.87 39.14
CA LYS G 65 42.86 -80.29 39.67
C LYS G 65 42.59 -78.93 40.33
N CYS G 66 41.70 -78.95 41.32
CA CYS G 66 41.30 -77.75 42.07
C CYS G 66 40.96 -76.59 41.12
N GLY G 67 40.09 -76.88 40.16
CA GLY G 67 39.57 -75.86 39.27
C GLY G 67 38.82 -74.83 40.07
N PRO G 68 38.87 -73.57 39.65
CA PRO G 68 38.18 -72.51 40.38
C PRO G 68 36.70 -72.85 40.53
N THR G 69 36.17 -72.58 41.70
CA THR G 69 34.81 -72.98 42.07
C THR G 69 33.84 -71.81 41.96
N VAL G 70 32.60 -72.15 41.65
CA VAL G 70 31.52 -71.17 41.59
C VAL G 70 30.50 -71.56 42.64
N PRO G 71 29.90 -70.58 43.33
CA PRO G 71 28.85 -70.90 44.31
C PRO G 71 27.57 -71.34 43.60
N MET G 72 27.02 -72.47 44.05
CA MET G 72 25.71 -72.95 43.65
C MET G 72 24.77 -72.72 44.82
N GLY G 73 23.61 -72.12 44.53
CA GLY G 73 22.79 -71.55 45.59
C GLY G 73 21.31 -71.73 45.35
N VAL G 74 20.57 -71.82 46.45
CA VAL G 74 19.12 -71.87 46.44
C VAL G 74 18.63 -70.94 47.54
N SER G 75 17.80 -69.97 47.18
CA SER G 75 17.42 -68.89 48.08
C SER G 75 15.91 -68.79 48.19
N PHE G 76 15.46 -68.31 49.35
CA PHE G 76 14.06 -68.13 49.67
C PHE G 76 13.91 -66.78 50.35
N LYS G 77 12.91 -66.00 49.94
CA LYS G 77 12.65 -64.70 50.53
C LYS G 77 11.16 -64.54 50.77
N SER G 78 10.83 -63.84 51.86
CA SER G 78 9.46 -63.68 52.33
C SER G 78 9.28 -62.24 52.79
N SER G 79 8.23 -61.56 52.32
CA SER G 79 7.94 -60.21 52.80
C SER G 79 6.44 -60.06 52.96
N MET G 80 6.00 -59.78 54.19
CA MET G 80 4.57 -59.72 54.41
C MET G 80 4.23 -58.84 55.59
N PRO G 81 3.05 -58.23 55.62
CA PRO G 81 2.62 -57.53 56.82
C PRO G 81 2.48 -58.52 57.98
N GLU G 82 2.80 -58.05 59.19
CA GLU G 82 2.71 -58.88 60.37
C GLU G 82 1.32 -59.50 60.49
N ASP G 83 1.29 -60.77 60.89
CA ASP G 83 0.07 -61.55 61.10
C ASP G 83 -0.72 -61.81 59.80
N ALA G 84 -0.11 -61.62 58.64
CA ALA G 84 -0.78 -62.01 57.40
C ALA G 84 -0.66 -63.52 57.22
N ASP G 85 -1.38 -64.06 56.23
CA ASP G 85 -1.38 -65.51 56.05
C ASP G 85 -0.68 -65.92 54.77
N PRO G 86 0.59 -66.34 54.83
CA PRO G 86 1.29 -66.77 53.63
C PRO G 86 0.89 -68.13 53.12
N ALA G 87 -0.07 -68.80 53.77
CA ALA G 87 -0.36 -70.20 53.48
C ALA G 87 -0.58 -70.42 51.99
N GLU G 88 -1.36 -69.56 51.35
CA GLU G 88 -1.73 -69.79 49.96
C GLU G 88 -0.59 -69.42 49.00
N VAL G 89 0.10 -68.30 49.23
CA VAL G 89 1.23 -67.97 48.36
C VAL G 89 2.34 -68.99 48.51
N LEU G 90 2.48 -69.60 49.69
CA LEU G 90 3.45 -70.67 49.89
C LEU G 90 3.04 -71.92 49.11
N LYS G 91 1.78 -72.33 49.23
CA LYS G 91 1.31 -73.48 48.45
C LYS G 91 1.58 -73.29 46.97
N ALA G 92 1.22 -72.10 46.44
CA ALA G 92 1.45 -71.81 45.03
C ALA G 92 2.93 -71.85 44.68
N ALA G 93 3.76 -71.18 45.48
CA ALA G 93 5.19 -71.14 45.22
C ALA G 93 5.78 -72.54 45.19
N LYS G 94 5.38 -73.39 46.14
CA LYS G 94 5.90 -74.75 46.21
C LYS G 94 5.45 -75.56 45.00
N ALA G 95 4.19 -75.39 44.58
CA ALA G 95 3.70 -76.08 43.40
C ALA G 95 4.50 -75.67 42.17
N ALA G 96 4.78 -74.37 42.03
CA ALA G 96 5.59 -73.92 40.90
C ALA G 96 6.99 -74.49 40.96
N LEU G 97 7.61 -74.46 42.14
CA LEU G 97 8.97 -74.97 42.29
C LEU G 97 9.06 -76.42 41.87
N ALA G 98 8.08 -77.24 42.27
CA ALA G 98 8.08 -78.65 41.91
C ALA G 98 8.25 -78.86 40.41
N LEU G 99 7.76 -77.94 39.58
CA LEU G 99 7.95 -78.08 38.14
C LEU G 99 9.38 -77.78 37.71
N PHE G 100 10.08 -76.93 38.46
CA PHE G 100 11.42 -76.51 38.07
C PHE G 100 12.54 -77.34 38.69
N GLU G 101 12.34 -77.89 39.89
CA GLU G 101 13.51 -78.38 40.63
C GLU G 101 14.14 -79.59 39.97
N ALA G 102 13.41 -80.33 39.14
CA ALA G 102 14.07 -81.35 38.33
C ALA G 102 15.03 -80.71 37.33
N ASN G 103 14.60 -79.61 36.70
CA ASN G 103 15.33 -78.95 35.63
C ASN G 103 15.98 -77.65 36.10
N LEU G 104 16.49 -77.66 37.34
CA LEU G 104 17.08 -76.46 37.94
C LEU G 104 18.48 -76.17 37.39
N ASN G 105 19.04 -77.10 36.62
CA ASN G 105 20.38 -76.94 36.06
C ASN G 105 20.40 -77.13 34.55
N SER G 106 19.26 -77.29 33.90
CA SER G 106 19.28 -77.83 32.54
C SER G 106 18.87 -76.82 31.48
N ALA G 107 18.77 -75.54 31.81
CA ALA G 107 18.59 -74.47 30.82
C ALA G 107 17.32 -74.64 29.98
N PHE G 108 16.42 -75.51 30.38
CA PHE G 108 15.22 -75.83 29.60
C PHE G 108 14.00 -75.39 30.39
N ASN G 109 13.31 -74.38 29.89
CA ASN G 109 12.11 -73.84 30.53
C ASN G 109 10.90 -74.30 29.74
N LYS G 110 10.18 -75.30 30.25
CA LYS G 110 9.02 -75.81 29.54
C LYS G 110 7.92 -74.75 29.51
N ASN G 111 7.22 -74.67 28.38
CA ASN G 111 6.04 -73.80 28.29
C ASN G 111 4.91 -74.48 29.05
N VAL G 112 4.61 -73.93 30.22
CA VAL G 112 3.50 -74.34 31.05
C VAL G 112 2.43 -73.26 30.99
N ASP G 113 1.23 -73.65 30.57
CA ASP G 113 0.11 -72.73 30.46
C ASP G 113 -0.79 -72.73 31.68
N GLU G 114 -0.68 -73.72 32.57
CA GLU G 114 -1.40 -73.68 33.83
C GLU G 114 -0.71 -74.59 34.83
N ILE G 115 -0.69 -74.14 36.08
CA ILE G 115 -0.06 -74.84 37.20
C ILE G 115 -1.16 -75.21 38.18
N SER G 116 -1.30 -76.51 38.47
CA SER G 116 -2.32 -76.98 39.39
C SER G 116 -1.77 -76.96 40.81
N VAL G 117 -2.50 -76.33 41.72
CA VAL G 117 -2.12 -76.23 43.13
C VAL G 117 -2.99 -77.20 43.93
N ALA G 118 -2.35 -77.98 44.79
CA ALA G 118 -3.04 -79.03 45.54
C ALA G 118 -4.04 -78.45 46.54
N ALA H 1 -0.21 -62.18 83.08
CA ALA H 1 -0.84 -63.24 82.32
C ALA H 1 -0.32 -63.27 80.87
N TYR H 2 0.73 -62.49 80.59
CA TYR H 2 1.40 -62.49 79.29
C TYR H 2 2.89 -62.31 79.50
N LYS H 3 3.64 -62.37 78.40
CA LYS H 3 5.09 -62.16 78.49
C LYS H 3 5.55 -61.28 77.33
N LEU H 4 6.54 -60.44 77.64
CA LEU H 4 7.16 -59.54 76.66
C LEU H 4 8.37 -60.25 76.09
N ILE H 5 8.30 -60.60 74.83
CA ILE H 5 9.39 -61.32 74.15
C ILE H 5 10.30 -60.31 73.48
N LYS H 6 11.60 -60.55 73.57
CA LYS H 6 12.58 -59.67 72.94
C LYS H 6 12.41 -59.67 71.44
N MET H 7 12.26 -58.49 70.85
CA MET H 7 11.95 -58.44 69.44
C MET H 7 13.21 -58.67 68.62
N ALA H 8 12.99 -59.12 67.38
CA ALA H 8 14.05 -59.39 66.43
C ALA H 8 14.66 -58.06 65.99
N GLY H 9 15.40 -57.44 66.90
CA GLY H 9 16.07 -56.19 66.61
C GLY H 9 17.52 -56.27 67.02
N GLY H 10 18.32 -55.39 66.44
CA GLY H 10 19.75 -55.38 66.75
C GLY H 10 20.00 -54.86 68.14
N ASN H 11 20.50 -55.72 69.03
CA ASN H 11 20.82 -55.30 70.39
C ASN H 11 21.88 -54.21 70.35
N SER H 12 21.56 -53.06 70.96
CA SER H 12 22.46 -51.91 70.99
C SER H 12 22.87 -51.58 72.42
N ALA H 13 23.00 -52.61 73.28
CA ALA H 13 22.94 -52.48 74.73
C ALA H 13 21.64 -51.82 75.18
N ILE H 14 20.65 -51.83 74.26
CA ILE H 14 19.27 -51.43 74.51
C ILE H 14 18.40 -52.59 74.09
N GLN H 15 17.61 -53.13 75.02
CA GLN H 15 16.80 -54.31 74.76
C GLN H 15 15.34 -53.91 74.60
N THR H 16 14.76 -54.22 73.45
CA THR H 16 13.39 -53.86 73.12
C THR H 16 12.55 -55.14 73.00
N TYR H 17 11.44 -55.17 73.71
CA TYR H 17 10.53 -56.29 73.75
C TYR H 17 9.16 -55.84 73.27
N ALA H 18 8.41 -56.79 72.71
CA ALA H 18 7.01 -56.59 72.38
C ALA H 18 6.19 -57.65 73.08
N ARG H 19 4.95 -57.29 73.42
CA ARG H 19 4.05 -58.21 74.08
C ARG H 19 3.61 -59.32 73.13
N GLU H 20 3.55 -60.54 73.64
CA GLU H 20 3.40 -61.70 72.75
C GLU H 20 2.08 -61.67 72.01
N ASP H 21 0.98 -61.40 72.71
CA ASP H 21 -0.33 -61.43 72.08
C ASP H 21 -0.68 -60.10 71.42
N LYS H 22 -0.46 -58.98 72.11
CA LYS H 22 -0.61 -57.66 71.51
C LYS H 22 0.77 -57.09 71.20
N THR H 23 1.24 -57.32 69.98
CA THR H 23 2.58 -56.86 69.62
C THR H 23 2.64 -55.35 69.41
N THR H 24 1.52 -54.64 69.59
CA THR H 24 1.54 -53.18 69.54
C THR H 24 2.09 -52.58 70.83
N GLN H 25 1.97 -53.31 71.92
CA GLN H 25 2.49 -52.88 73.21
C GLN H 25 3.96 -53.28 73.31
N THR H 26 4.83 -52.30 73.54
CA THR H 26 6.27 -52.53 73.56
C THR H 26 6.86 -51.98 74.86
N LEU H 27 8.13 -52.34 75.08
CA LEU H 27 8.87 -51.96 76.28
C LEU H 27 10.36 -52.03 76.00
N SER H 28 11.11 -51.03 76.46
CA SER H 28 12.54 -50.92 76.18
C SER H 28 13.31 -50.67 77.47
N THR H 29 14.44 -51.38 77.64
CA THR H 29 15.29 -51.19 78.80
C THR H 29 16.72 -50.98 78.35
N GLN H 30 17.34 -49.89 78.81
CA GLN H 30 18.74 -49.63 78.55
C GLN H 30 19.44 -49.20 79.83
N LYS H 31 20.72 -49.59 79.95
CA LYS H 31 21.59 -49.13 81.03
C LYS H 31 22.83 -48.54 80.39
N THR H 32 23.23 -47.36 80.86
CA THR H 32 24.42 -46.67 80.38
C THR H 32 25.28 -46.27 81.57
N ILE H 33 26.56 -46.05 81.30
CA ILE H 33 27.52 -45.68 82.34
C ILE H 33 28.23 -44.41 81.93
N SER H 34 28.22 -43.42 82.82
CA SER H 34 28.90 -42.15 82.64
C SER H 34 30.04 -42.06 83.65
N VAL H 35 30.98 -41.14 83.40
CA VAL H 35 32.08 -40.87 84.33
C VAL H 35 32.02 -39.39 84.70
N LEU H 36 31.86 -39.12 86.00
CA LEU H 36 31.79 -37.76 86.51
C LEU H 36 33.08 -37.50 87.27
N ARG H 37 33.86 -36.51 86.81
CA ARG H 37 35.15 -36.18 87.39
C ARG H 37 35.06 -34.80 88.04
N ASN H 38 35.31 -34.75 89.36
CA ASN H 38 35.43 -33.50 90.10
C ASN H 38 36.84 -33.44 90.66
N GLY H 39 37.69 -32.63 90.03
CA GLY H 39 39.08 -32.57 90.47
C GLY H 39 39.80 -33.88 90.23
N SER H 40 40.47 -34.38 91.28
CA SER H 40 41.20 -35.64 91.19
C SER H 40 40.25 -36.82 91.07
N THR H 41 39.12 -36.77 91.78
CA THR H 41 38.22 -37.91 91.88
C THR H 41 37.36 -38.06 90.62
N SER H 42 37.19 -39.30 90.19
CA SER H 42 36.25 -39.67 89.14
C SER H 42 35.39 -40.83 89.64
N THR H 43 34.08 -40.75 89.37
CA THR H 43 33.15 -41.77 89.80
C THR H 43 32.22 -42.16 88.65
N ARG H 44 31.78 -43.41 88.67
CA ARG H 44 30.90 -43.93 87.63
C ARG H 44 29.44 -43.73 88.01
N ILE H 45 28.65 -43.29 87.04
CA ILE H 45 27.23 -43.00 87.21
C ILE H 45 26.42 -43.98 86.36
N ILE H 46 25.58 -44.78 87.03
CA ILE H 46 24.73 -45.77 86.39
C ILE H 46 23.39 -45.11 86.08
N LYS H 47 22.95 -45.24 84.82
CA LYS H 47 21.70 -44.63 84.37
C LYS H 47 20.85 -45.70 83.67
N VAL H 48 19.70 -46.00 84.27
CA VAL H 48 18.72 -46.95 83.75
C VAL H 48 17.56 -46.18 83.16
N HIS H 49 17.05 -46.67 82.02
CA HIS H 49 15.87 -46.08 81.39
C HIS H 49 14.98 -47.21 80.88
N ILE H 50 13.76 -47.27 81.43
CA ILE H 50 12.73 -48.23 81.06
C ILE H 50 11.55 -47.47 80.48
N ASN H 51 11.02 -47.95 79.36
CA ASN H 51 9.88 -47.30 78.71
C ASN H 51 8.86 -48.36 78.33
N SER H 52 7.58 -48.08 78.56
CA SER H 52 6.51 -49.04 78.29
C SER H 52 5.39 -48.27 77.59
N THR H 53 5.20 -48.50 76.29
CA THR H 53 4.18 -47.77 75.56
C THR H 53 3.27 -48.71 74.79
N ALA H 54 2.10 -48.16 74.45
CA ALA H 54 1.12 -48.78 73.58
C ALA H 54 0.45 -47.67 72.78
N PRO H 55 -0.03 -47.96 71.58
CA PRO H 55 -0.83 -46.97 70.88
C PRO H 55 -2.25 -46.93 71.45
N VAL H 56 -2.85 -45.74 71.40
CA VAL H 56 -4.22 -45.54 71.84
C VAL H 56 -4.97 -44.88 70.70
N THR H 57 -6.04 -45.53 70.24
CA THR H 57 -6.95 -44.90 69.29
C THR H 57 -7.59 -43.68 69.93
N ILE H 58 -7.47 -42.53 69.27
CA ILE H 58 -8.10 -41.32 69.80
C ILE H 58 -9.59 -41.55 69.94
N ASN H 59 -10.14 -41.13 71.07
CA ASN H 59 -11.58 -41.16 71.26
C ASN H 59 -12.24 -40.45 70.09
N THR H 60 -13.02 -41.19 69.31
CA THR H 60 -13.54 -40.67 68.06
C THR H 60 -15.06 -40.85 68.01
N CYS H 61 -15.62 -40.31 66.94
CA CYS H 61 -17.07 -40.26 66.77
C CYS H 61 -17.67 -41.61 66.38
N ASP H 62 -16.94 -42.40 65.60
CA ASP H 62 -17.47 -43.64 65.05
C ASP H 62 -17.78 -44.65 66.15
N PRO H 63 -18.82 -45.48 65.96
CA PRO H 63 -18.99 -46.62 66.89
C PRO H 63 -17.85 -47.61 66.79
N THR H 64 -17.38 -47.89 65.58
CA THR H 64 -16.15 -48.65 65.42
C THR H 64 -14.99 -47.87 66.02
N LYS H 65 -14.06 -48.57 66.65
CA LYS H 65 -12.91 -47.93 67.31
C LYS H 65 -11.88 -47.60 66.23
N CYS H 66 -12.15 -46.52 65.50
CA CYS H 66 -11.28 -46.07 64.42
C CYS H 66 -11.01 -44.58 64.54
N GLY H 67 -9.72 -44.24 64.62
CA GLY H 67 -9.28 -42.86 64.62
C GLY H 67 -7.76 -42.80 64.62
N PRO H 68 -7.19 -41.61 64.55
CA PRO H 68 -5.73 -41.49 64.68
C PRO H 68 -5.26 -42.06 66.01
N THR H 69 -4.06 -42.64 66.01
CA THR H 69 -3.48 -43.25 67.20
C THR H 69 -2.42 -42.33 67.78
N VAL H 70 -2.51 -42.08 69.08
CA VAL H 70 -1.52 -41.32 69.83
C VAL H 70 -0.83 -42.32 70.75
N PRO H 71 0.49 -42.25 70.93
CA PRO H 71 1.15 -43.17 71.85
C PRO H 71 0.89 -42.77 73.30
N MET H 72 0.56 -43.76 74.13
CA MET H 72 0.54 -43.60 75.57
C MET H 72 1.69 -44.40 76.16
N GLY H 73 2.30 -43.87 77.20
CA GLY H 73 3.57 -44.40 77.66
C GLY H 73 3.83 -44.08 79.11
N VAL H 74 4.48 -45.02 79.78
CA VAL H 74 4.94 -44.86 81.14
C VAL H 74 6.44 -45.12 81.13
N SER H 75 7.20 -44.18 81.71
CA SER H 75 8.65 -44.20 81.60
C SER H 75 9.26 -44.06 82.98
N PHE H 76 10.29 -44.86 83.26
CA PHE H 76 11.02 -44.81 84.52
C PHE H 76 12.49 -44.59 84.22
N LYS H 77 13.09 -43.59 84.86
CA LYS H 77 14.50 -43.27 84.66
C LYS H 77 15.19 -43.20 86.02
N SER H 78 16.46 -43.59 86.05
CA SER H 78 17.20 -43.73 87.30
C SER H 78 18.67 -43.40 87.08
N SER H 79 19.20 -42.42 87.80
CA SER H 79 20.60 -42.05 87.66
C SER H 79 21.24 -41.88 89.02
N MET H 80 22.31 -42.63 89.27
CA MET H 80 22.97 -42.52 90.58
C MET H 80 24.41 -42.96 90.43
N PRO H 81 25.31 -42.46 91.28
CA PRO H 81 26.69 -42.94 91.22
C PRO H 81 26.80 -44.36 91.73
N GLU H 82 27.77 -45.08 91.19
CA GLU H 82 27.89 -46.52 91.44
C GLU H 82 27.95 -46.82 92.94
N ASP H 83 27.30 -47.92 93.32
CA ASP H 83 27.26 -48.45 94.68
C ASP H 83 26.50 -47.57 95.66
N ALA H 84 25.78 -46.56 95.19
CA ALA H 84 24.93 -45.77 96.08
C ALA H 84 23.70 -46.60 96.49
N ASP H 85 22.94 -46.11 97.48
CA ASP H 85 21.75 -46.83 97.93
C ASP H 85 20.48 -46.04 97.61
N PRO H 86 19.77 -46.36 96.54
CA PRO H 86 18.56 -45.62 96.19
C PRO H 86 17.30 -46.09 96.91
N ALA H 87 17.45 -46.89 97.97
CA ALA H 87 16.32 -47.54 98.61
C ALA H 87 15.23 -46.53 99.00
N GLU H 88 15.64 -45.45 99.66
CA GLU H 88 14.64 -44.50 100.15
C GLU H 88 14.09 -43.65 99.03
N VAL H 89 14.93 -43.31 98.05
CA VAL H 89 14.48 -42.57 96.88
C VAL H 89 13.40 -43.36 96.14
N LEU H 90 13.67 -44.65 95.90
CA LEU H 90 12.69 -45.54 95.29
C LEU H 90 11.41 -45.60 96.11
N LYS H 91 11.54 -45.73 97.45
CA LYS H 91 10.36 -45.85 98.29
C LYS H 91 9.46 -44.62 98.15
N ALA H 92 10.06 -43.43 98.21
CA ALA H 92 9.29 -42.19 98.08
C ALA H 92 8.68 -42.06 96.70
N ALA H 93 9.46 -42.36 95.65
CA ALA H 93 8.93 -42.31 94.30
C ALA H 93 7.73 -43.22 94.15
N LYS H 94 7.81 -44.43 94.71
CA LYS H 94 6.71 -45.38 94.61
C LYS H 94 5.48 -44.89 95.35
N ALA H 95 5.67 -44.26 96.52
CA ALA H 95 4.52 -43.71 97.25
C ALA H 95 3.82 -42.61 96.44
N ALA H 96 4.62 -41.71 95.85
CA ALA H 96 4.05 -40.66 95.01
C ALA H 96 3.29 -41.25 93.82
N LEU H 97 3.89 -42.22 93.14
CA LEU H 97 3.22 -42.86 92.02
C LEU H 97 1.93 -43.51 92.46
N ALA H 98 1.92 -44.12 93.66
CA ALA H 98 0.69 -44.70 94.17
C ALA H 98 -0.39 -43.63 94.32
N LEU H 99 0.00 -42.44 94.75
CA LEU H 99 -0.98 -41.36 94.87
C LEU H 99 -1.52 -40.93 93.50
N PHE H 100 -0.65 -40.81 92.51
CA PHE H 100 -1.02 -40.21 91.22
C PHE H 100 -1.47 -41.22 90.16
N GLU H 101 -1.42 -42.53 90.44
CA GLU H 101 -1.60 -43.55 89.42
C GLU H 101 -3.02 -43.54 88.85
N ALA H 102 -4.02 -43.38 89.71
CA ALA H 102 -5.40 -43.29 89.22
C ALA H 102 -5.62 -42.01 88.41
N ASN H 103 -4.84 -40.97 88.68
CA ASN H 103 -4.98 -39.67 88.06
C ASN H 103 -4.01 -39.45 86.91
N LEU H 104 -3.32 -40.50 86.46
CA LEU H 104 -2.42 -40.36 85.32
C LEU H 104 -3.13 -39.87 84.06
N ASN H 105 -4.45 -40.05 83.98
CA ASN H 105 -5.23 -39.67 82.80
C ASN H 105 -6.34 -38.66 83.13
N SER H 106 -6.22 -37.92 84.23
CA SER H 106 -7.39 -37.26 84.81
C SER H 106 -7.62 -35.85 84.32
N ALA H 107 -6.57 -35.13 83.91
CA ALA H 107 -6.64 -33.71 83.54
C ALA H 107 -6.99 -32.81 84.73
N PHE H 108 -7.07 -33.37 85.94
CA PHE H 108 -7.24 -32.64 87.17
C PHE H 108 -6.09 -32.99 88.10
N ASN H 109 -5.51 -31.98 88.74
CA ASN H 109 -4.39 -32.20 89.64
C ASN H 109 -4.90 -32.21 91.08
N LYS H 110 -4.64 -33.30 91.80
CA LYS H 110 -5.02 -33.39 93.20
C LYS H 110 -3.96 -32.67 94.03
N ASN H 111 -4.40 -31.68 94.81
CA ASN H 111 -3.47 -30.89 95.63
C ASN H 111 -3.35 -31.58 96.98
N VAL H 112 -2.28 -32.37 97.15
CA VAL H 112 -1.99 -33.04 98.41
C VAL H 112 -0.82 -32.32 99.09
N ASP H 113 -0.91 -32.17 100.41
CA ASP H 113 0.06 -31.43 101.20
C ASP H 113 1.11 -32.32 101.87
N GLU H 114 0.89 -33.63 101.93
CA GLU H 114 1.93 -34.52 102.44
C GLU H 114 1.76 -35.92 101.85
N ILE H 115 2.87 -36.64 101.78
CA ILE H 115 2.96 -37.95 101.14
C ILE H 115 3.61 -38.90 102.12
N SER H 116 2.84 -39.86 102.64
CA SER H 116 3.35 -40.78 103.65
C SER H 116 4.08 -41.96 103.01
N VAL H 117 5.21 -42.34 103.61
CA VAL H 117 6.14 -43.31 103.05
C VAL H 117 6.45 -44.38 104.07
N ALA H 118 6.72 -45.60 103.58
CA ALA H 118 7.15 -46.75 104.39
C ALA H 118 6.21 -47.04 105.57
N ALA I 1 31.61 -71.98 94.50
CA ALA I 1 30.87 -72.25 93.28
C ALA I 1 29.96 -71.08 92.92
N TYR I 2 30.03 -70.63 91.66
CA TYR I 2 29.22 -69.51 91.19
C TYR I 2 28.92 -69.68 89.71
N LYS I 3 28.05 -68.80 89.20
CA LYS I 3 27.64 -68.80 87.81
C LYS I 3 27.98 -67.48 87.14
N LEU I 4 28.56 -67.57 85.95
CA LEU I 4 28.81 -66.39 85.11
C LEU I 4 27.56 -66.14 84.27
N ILE I 5 26.77 -65.14 84.68
CA ILE I 5 25.53 -64.77 84.01
C ILE I 5 25.85 -63.94 82.77
N LYS I 6 25.11 -64.17 81.69
CA LYS I 6 25.39 -63.48 80.44
C LYS I 6 24.92 -62.03 80.51
N MET I 7 25.85 -61.10 80.30
CA MET I 7 25.52 -59.69 80.20
C MET I 7 24.92 -59.39 78.85
N ALA I 8 24.23 -58.25 78.77
CA ALA I 8 23.53 -57.83 77.56
C ALA I 8 24.48 -57.01 76.70
N GLY I 9 24.96 -57.60 75.61
CA GLY I 9 25.93 -56.95 74.75
C GLY I 9 25.35 -56.65 73.40
N GLY I 10 25.78 -55.53 72.81
CA GLY I 10 25.32 -55.17 71.49
C GLY I 10 25.94 -56.03 70.39
N ASN I 11 27.21 -56.38 70.56
CA ASN I 11 27.92 -57.19 69.58
C ASN I 11 27.61 -58.67 69.80
N SER I 12 27.23 -59.36 68.72
CA SER I 12 26.90 -60.77 68.82
C SER I 12 28.12 -61.69 68.69
N ALA I 13 29.22 -61.19 68.13
CA ALA I 13 30.42 -62.01 68.02
C ALA I 13 31.04 -62.30 69.38
N ILE I 14 30.90 -61.38 70.32
CA ILE I 14 31.48 -61.47 71.65
C ILE I 14 30.35 -61.71 72.65
N GLN I 15 30.50 -62.75 73.47
CA GLN I 15 29.59 -63.01 74.58
C GLN I 15 30.28 -62.61 75.87
N THR I 16 29.64 -61.74 76.64
CA THR I 16 30.20 -61.24 77.89
C THR I 16 29.37 -61.76 79.05
N TYR I 17 30.04 -62.09 80.15
CA TYR I 17 29.42 -62.64 81.34
C TYR I 17 30.01 -61.94 82.56
N ALA I 18 29.20 -61.89 83.61
CA ALA I 18 29.61 -61.35 84.90
C ALA I 18 29.26 -62.37 85.97
N ARG I 19 30.12 -62.47 86.98
CA ARG I 19 29.85 -63.39 88.07
C ARG I 19 28.64 -62.93 88.87
N GLU I 20 27.84 -63.89 89.33
CA GLU I 20 26.61 -63.56 90.03
C GLU I 20 26.91 -62.84 91.34
N ASP I 21 27.87 -63.37 92.11
CA ASP I 21 28.25 -62.74 93.38
C ASP I 21 28.86 -61.36 93.14
N LYS I 22 29.94 -61.30 92.39
CA LYS I 22 30.62 -60.05 92.06
C LYS I 22 30.38 -59.75 90.59
N THR I 23 29.50 -58.79 90.32
CA THR I 23 29.34 -58.38 88.93
C THR I 23 30.54 -57.58 88.42
N THR I 24 31.54 -57.34 89.27
CA THR I 24 32.77 -56.68 88.83
C THR I 24 33.70 -57.64 88.12
N GLN I 25 33.65 -58.92 88.49
CA GLN I 25 34.45 -59.94 87.83
C GLN I 25 33.75 -60.39 86.56
N THR I 26 34.42 -60.24 85.41
CA THR I 26 33.78 -60.52 84.15
C THR I 26 34.63 -61.49 83.32
N LEU I 27 34.03 -61.95 82.23
CA LEU I 27 34.61 -62.93 81.33
C LEU I 27 33.99 -62.78 79.94
N SER I 28 34.82 -62.80 78.91
CA SER I 28 34.35 -62.64 77.54
C SER I 28 34.86 -63.79 76.68
N THR I 29 33.98 -64.31 75.83
CA THR I 29 34.35 -65.34 74.86
C THR I 29 34.03 -64.85 73.46
N GLN I 30 34.97 -65.03 72.54
CA GLN I 30 34.79 -64.59 71.16
C GLN I 30 35.44 -65.58 70.20
N LYS I 31 34.69 -66.02 69.20
CA LYS I 31 35.26 -66.80 68.11
C LYS I 31 35.08 -66.05 66.81
N THR I 32 36.15 -66.00 66.01
CA THR I 32 36.15 -65.32 64.73
C THR I 32 36.75 -66.26 63.69
N ILE I 33 36.38 -66.03 62.44
CA ILE I 33 36.79 -66.88 61.32
C ILE I 33 37.46 -66.01 60.27
N SER I 34 38.59 -66.48 59.74
CA SER I 34 39.33 -65.79 58.68
C SER I 34 39.48 -66.73 57.49
N VAL I 35 39.58 -66.14 56.30
CA VAL I 35 39.73 -66.90 55.06
C VAL I 35 41.15 -66.70 54.56
N LEU I 36 41.83 -67.81 54.29
CA LEU I 36 43.21 -67.79 53.80
C LEU I 36 43.16 -68.38 52.40
N ARG I 37 43.28 -67.53 51.39
CA ARG I 37 43.15 -67.96 50.00
C ARG I 37 44.53 -68.30 49.46
N ASN I 38 44.76 -69.59 49.17
CA ASN I 38 45.95 -70.07 48.49
C ASN I 38 45.51 -70.56 47.12
N GLY I 39 45.90 -69.83 46.08
CA GLY I 39 45.47 -70.17 44.73
C GLY I 39 43.95 -70.12 44.62
N SER I 40 43.37 -71.23 44.16
CA SER I 40 41.93 -71.35 44.02
C SER I 40 41.30 -72.10 45.19
N THR I 41 42.04 -72.29 46.28
CA THR I 41 41.54 -72.99 47.45
C THR I 41 41.59 -72.04 48.64
N SER I 42 40.46 -71.82 49.29
CA SER I 42 40.40 -70.98 50.47
C SER I 42 40.19 -71.85 51.70
N THR I 43 41.02 -71.63 52.72
CA THR I 43 40.99 -72.41 53.95
C THR I 43 40.56 -71.53 55.12
N ARG I 44 39.85 -72.14 56.05
CA ARG I 44 39.18 -71.46 57.14
C ARG I 44 40.09 -71.47 58.38
N ILE I 45 40.23 -70.32 59.03
CA ILE I 45 41.15 -70.15 60.15
C ILE I 45 40.37 -69.64 61.36
N ILE I 46 40.31 -70.46 62.40
CA ILE I 46 39.48 -70.22 63.57
C ILE I 46 40.34 -69.62 64.67
N LYS I 47 39.89 -68.49 65.21
CA LYS I 47 40.55 -67.78 66.30
C LYS I 47 39.57 -67.64 67.47
N VAL I 48 40.01 -68.07 68.65
CA VAL I 48 39.22 -67.98 69.87
C VAL I 48 39.94 -67.08 70.86
N HIS I 49 39.16 -66.26 71.58
CA HIS I 49 39.71 -65.34 72.57
C HIS I 49 38.82 -65.34 73.80
N ILE I 50 39.36 -65.81 74.92
CA ILE I 50 38.68 -65.80 76.22
C ILE I 50 39.45 -64.86 77.14
N ASN I 51 38.74 -63.98 77.83
CA ASN I 51 39.36 -63.06 78.77
C ASN I 51 38.60 -63.10 80.09
N SER I 52 39.32 -63.13 81.21
CA SER I 52 38.68 -63.20 82.52
C SER I 52 39.37 -62.18 83.43
N THR I 53 38.69 -61.08 83.74
CA THR I 53 39.32 -60.03 84.54
C THR I 53 38.45 -59.65 85.73
N ALA I 54 39.08 -58.91 86.62
CA ALA I 54 38.42 -58.34 87.79
C ALA I 54 39.24 -57.15 88.24
N PRO I 55 38.62 -56.13 88.83
CA PRO I 55 39.40 -54.96 89.27
C PRO I 55 40.02 -55.23 90.64
N VAL I 56 41.31 -54.87 90.77
CA VAL I 56 42.01 -54.92 92.05
C VAL I 56 42.40 -53.50 92.41
N THR I 57 42.26 -53.15 93.69
CA THR I 57 42.57 -51.81 94.19
C THR I 57 43.92 -51.80 94.85
N ILE I 58 44.80 -50.89 94.39
CA ILE I 58 46.14 -50.74 94.94
C ILE I 58 46.05 -49.77 96.11
N ASN I 59 46.19 -50.28 97.33
CA ASN I 59 46.09 -49.44 98.50
C ASN I 59 47.41 -48.69 98.69
N THR I 60 47.33 -47.36 98.67
CA THR I 60 48.48 -46.49 98.90
C THR I 60 48.10 -45.55 100.03
N CYS I 61 48.99 -45.41 101.01
CA CYS I 61 48.68 -44.55 102.14
C CYS I 61 48.63 -43.09 101.70
N ASP I 62 47.63 -42.37 102.22
CA ASP I 62 47.29 -41.04 101.75
C ASP I 62 46.44 -40.39 102.83
N PRO I 63 46.52 -39.05 102.99
CA PRO I 63 45.59 -38.39 103.91
C PRO I 63 44.13 -38.74 103.62
N THR I 64 43.77 -38.81 102.35
CA THR I 64 42.48 -39.30 101.91
C THR I 64 42.67 -40.72 101.37
N LYS I 65 42.11 -41.70 102.07
CA LYS I 65 42.42 -43.11 101.82
C LYS I 65 41.55 -43.67 100.68
N CYS I 66 41.83 -43.19 99.47
CA CYS I 66 41.29 -43.77 98.24
C CYS I 66 42.42 -43.95 97.24
N GLY I 67 42.67 -45.19 96.83
CA GLY I 67 43.69 -45.49 95.86
C GLY I 67 43.09 -45.91 94.53
N PRO I 68 43.94 -46.02 93.51
CA PRO I 68 43.44 -46.30 92.15
C PRO I 68 43.07 -47.76 92.00
N THR I 69 42.37 -48.04 90.89
CA THR I 69 41.93 -49.39 90.58
C THR I 69 42.48 -49.80 89.22
N VAL I 70 43.05 -50.99 89.16
CA VAL I 70 43.69 -51.48 87.93
C VAL I 70 43.23 -52.93 87.75
N PRO I 71 43.00 -53.39 86.52
CA PRO I 71 42.45 -54.73 86.34
C PRO I 71 43.51 -55.81 86.40
N MET I 72 43.13 -56.94 87.01
CA MET I 72 43.90 -58.18 86.90
C MET I 72 43.16 -59.12 85.98
N GLY I 73 43.90 -59.74 85.07
CA GLY I 73 43.28 -60.46 83.96
C GLY I 73 44.05 -61.69 83.59
N VAL I 74 43.32 -62.69 83.11
CA VAL I 74 43.89 -63.90 82.57
C VAL I 74 43.27 -64.11 81.20
N SER I 75 44.10 -64.21 80.18
CA SER I 75 43.65 -64.23 78.80
C SER I 75 44.13 -65.51 78.11
N PHE I 76 43.27 -66.05 77.25
CA PHE I 76 43.56 -67.23 76.47
C PHE I 76 43.26 -66.89 75.02
N LYS I 77 44.19 -67.17 74.12
CA LYS I 77 43.98 -66.96 72.70
C LYS I 77 44.40 -68.20 71.94
N SER I 78 43.75 -68.42 70.79
CA SER I 78 43.91 -69.63 70.01
C SER I 78 43.71 -69.27 68.54
N SER I 79 44.52 -69.85 67.66
CA SER I 79 44.38 -69.61 66.22
C SER I 79 44.92 -70.79 65.45
N MET I 80 44.10 -71.36 64.56
CA MET I 80 44.57 -72.52 63.83
C MET I 80 43.69 -72.76 62.61
N PRO I 81 44.18 -73.45 61.59
CA PRO I 81 43.34 -73.76 60.45
C PRO I 81 42.29 -74.80 60.82
N GLU I 82 41.16 -74.74 60.13
CA GLU I 82 40.04 -75.62 60.43
C GLU I 82 40.49 -77.08 60.38
N ASP I 83 39.92 -77.88 61.30
CA ASP I 83 40.17 -79.31 61.39
C ASP I 83 41.63 -79.65 61.71
N ALA I 84 42.37 -78.72 62.29
CA ALA I 84 43.71 -79.03 62.77
C ALA I 84 43.61 -79.66 64.15
N ASP I 85 44.74 -80.18 64.65
CA ASP I 85 44.73 -80.84 65.96
C ASP I 85 45.52 -80.03 66.99
N PRO I 86 44.86 -79.33 67.91
CA PRO I 86 45.59 -78.58 68.94
C PRO I 86 45.97 -79.38 70.17
N ALA I 87 45.73 -80.69 70.19
CA ALA I 87 45.82 -81.44 71.43
C ALA I 87 47.18 -81.27 72.08
N GLU I 88 48.24 -81.28 71.28
CA GLU I 88 49.57 -81.29 71.87
C GLU I 88 50.02 -79.88 72.26
N VAL I 89 49.73 -78.86 71.44
CA VAL I 89 50.06 -77.49 71.84
C VAL I 89 49.28 -77.11 73.09
N LEU I 90 48.05 -77.61 73.24
CA LEU I 90 47.30 -77.41 74.48
C LEU I 90 48.01 -78.07 75.65
N LYS I 91 48.39 -79.34 75.51
CA LYS I 91 49.07 -80.02 76.62
C LYS I 91 50.33 -79.26 77.05
N ALA I 92 51.13 -78.83 76.08
CA ALA I 92 52.37 -78.12 76.40
C ALA I 92 52.08 -76.79 77.07
N ALA I 93 51.17 -75.99 76.50
CA ALA I 93 50.80 -74.73 77.10
C ALA I 93 50.30 -74.92 78.52
N LYS I 94 49.51 -75.97 78.74
CA LYS I 94 48.97 -76.22 80.08
C LYS I 94 50.07 -76.60 81.06
N ALA I 95 51.08 -77.35 80.61
CA ALA I 95 52.20 -77.68 81.50
C ALA I 95 53.00 -76.44 81.87
N ALA I 96 53.26 -75.57 80.91
CA ALA I 96 53.95 -74.32 81.21
C ALA I 96 53.14 -73.44 82.16
N LEU I 97 51.84 -73.32 81.89
CA LEU I 97 50.95 -72.60 82.80
C LEU I 97 51.01 -73.20 84.19
N ALA I 98 51.05 -74.53 84.29
CA ALA I 98 51.13 -75.17 85.59
C ALA I 98 52.38 -74.73 86.34
N LEU I 99 53.49 -74.58 85.61
CA LEU I 99 54.70 -74.06 86.26
C LEU I 99 54.52 -72.61 86.73
N PHE I 100 53.98 -71.76 85.87
CA PHE I 100 53.97 -70.33 86.20
C PHE I 100 52.78 -69.88 87.06
N GLU I 101 51.76 -70.74 87.23
CA GLU I 101 50.48 -70.29 87.78
C GLU I 101 50.62 -69.81 89.21
N ALA I 102 51.33 -70.56 90.05
CA ALA I 102 51.54 -70.15 91.43
C ALA I 102 52.20 -68.77 91.51
N ASN I 103 53.11 -68.48 90.58
CA ASN I 103 53.92 -67.28 90.61
C ASN I 103 53.41 -66.18 89.68
N LEU I 104 52.10 -66.16 89.39
CA LEU I 104 51.56 -65.15 88.48
C LEU I 104 51.54 -63.76 89.10
N ASN I 105 51.58 -63.68 90.43
CA ASN I 105 51.49 -62.42 91.15
C ASN I 105 52.77 -62.08 91.91
N SER I 106 53.90 -62.71 91.55
CA SER I 106 55.05 -62.71 92.45
C SER I 106 56.30 -62.01 91.95
N ALA I 107 56.44 -61.76 90.64
CA ALA I 107 57.58 -61.05 90.07
C ALA I 107 58.89 -61.84 90.18
N PHE I 108 58.80 -63.14 90.49
CA PHE I 108 59.95 -64.03 90.53
C PHE I 108 59.96 -64.91 89.30
N ASN I 109 61.16 -65.19 88.79
CA ASN I 109 61.29 -66.14 87.69
C ASN I 109 62.67 -66.77 87.76
N LYS I 110 62.71 -68.09 87.67
CA LYS I 110 63.96 -68.86 87.74
C LYS I 110 64.18 -69.55 86.40
N ASN I 111 65.45 -69.74 86.05
CA ASN I 111 65.76 -70.44 84.81
C ASN I 111 65.26 -71.87 84.89
N VAL I 112 64.49 -72.27 83.89
CA VAL I 112 63.98 -73.63 83.77
C VAL I 112 64.60 -74.24 82.52
N ASP I 113 65.35 -75.32 82.70
CA ASP I 113 66.06 -75.92 81.58
C ASP I 113 65.17 -76.85 80.77
N GLU I 114 64.08 -77.33 81.35
CA GLU I 114 63.15 -78.15 80.59
C GLU I 114 61.79 -78.19 81.28
N ILE I 115 60.76 -78.39 80.47
CA ILE I 115 59.38 -78.51 80.93
C ILE I 115 58.90 -79.90 80.52
N SER I 116 58.49 -80.69 81.50
CA SER I 116 58.01 -82.04 81.24
C SER I 116 56.51 -82.01 80.95
N VAL I 117 56.12 -82.59 79.82
CA VAL I 117 54.73 -82.61 79.39
C VAL I 117 54.16 -84.01 79.63
N ALA I 118 52.91 -84.06 80.08
CA ALA I 118 52.24 -85.31 80.44
C ALA I 118 52.16 -86.31 79.30
N ALA J 1 -2.82 -21.69 -96.80
CA ALA J 1 -3.80 -22.62 -96.24
C ALA J 1 -3.20 -23.47 -95.10
N TYR J 2 -3.27 -22.93 -93.87
CA TYR J 2 -2.75 -23.61 -92.69
C TYR J 2 -3.66 -23.34 -91.51
N LYS J 3 -3.30 -23.89 -90.35
CA LYS J 3 -4.08 -23.65 -89.13
C LYS J 3 -3.16 -23.52 -87.93
N LEU J 4 -3.59 -22.65 -87.01
CA LEU J 4 -2.85 -22.37 -85.77
C LEU J 4 -3.44 -23.21 -84.65
N ILE J 5 -2.65 -24.11 -84.13
CA ILE J 5 -3.09 -24.98 -83.05
C ILE J 5 -2.67 -24.35 -81.72
N LYS J 6 -3.47 -24.57 -80.68
CA LYS J 6 -3.20 -23.97 -79.39
C LYS J 6 -1.92 -24.54 -78.78
N MET J 7 -1.10 -23.66 -78.23
CA MET J 7 0.15 -24.03 -77.57
C MET J 7 -0.07 -24.24 -76.09
N ALA J 8 0.84 -24.99 -75.48
CA ALA J 8 0.91 -25.08 -74.03
C ALA J 8 1.30 -23.73 -73.47
N GLY J 9 0.47 -23.18 -72.59
CA GLY J 9 0.72 -21.89 -71.99
C GLY J 9 0.42 -21.90 -70.52
N GLY J 10 1.00 -20.94 -69.81
CA GLY J 10 0.87 -20.86 -68.37
C GLY J 10 -0.32 -20.06 -67.89
N ASN J 11 -0.69 -19.01 -68.62
CA ASN J 11 -1.77 -18.13 -68.22
C ASN J 11 -3.11 -18.66 -68.72
N SER J 12 -4.17 -18.47 -67.92
CA SER J 12 -5.50 -18.93 -68.29
C SER J 12 -6.26 -17.88 -69.10
N ALA J 13 -5.95 -16.60 -68.93
CA ALA J 13 -6.60 -15.53 -69.67
C ALA J 13 -6.09 -15.43 -71.10
N ILE J 14 -4.83 -15.81 -71.31
CA ILE J 14 -4.17 -15.69 -72.61
C ILE J 14 -4.19 -17.04 -73.29
N GLN J 15 -4.69 -17.08 -74.52
CA GLN J 15 -4.61 -18.26 -75.37
C GLN J 15 -3.51 -18.03 -76.39
N THR J 16 -2.54 -18.94 -76.43
CA THR J 16 -1.42 -18.85 -77.35
C THR J 16 -1.52 -19.97 -78.37
N TYR J 17 -1.30 -19.64 -79.63
CA TYR J 17 -1.37 -20.55 -80.75
C TYR J 17 -0.08 -20.46 -81.56
N ALA J 18 0.29 -21.57 -82.17
CA ALA J 18 1.40 -21.61 -83.11
C ALA J 18 0.93 -22.23 -84.42
N ARG J 19 1.55 -21.79 -85.50
CA ARG J 19 1.24 -22.33 -86.81
C ARG J 19 1.74 -23.77 -86.93
N GLU J 20 0.93 -24.62 -87.56
CA GLU J 20 1.30 -26.02 -87.68
C GLU J 20 2.55 -26.18 -88.52
N ASP J 21 2.60 -25.53 -89.70
CA ASP J 21 3.75 -25.64 -90.59
C ASP J 21 5.00 -25.08 -89.92
N LYS J 22 4.98 -23.79 -89.59
CA LYS J 22 6.07 -23.11 -88.90
C LYS J 22 5.64 -22.84 -87.47
N THR J 23 6.20 -23.59 -86.52
CA THR J 23 5.91 -23.31 -85.12
C THR J 23 6.65 -22.06 -84.62
N THR J 24 7.30 -21.31 -85.52
CA THR J 24 7.92 -20.05 -85.17
C THR J 24 6.98 -18.86 -85.33
N GLN J 25 5.95 -19.02 -86.16
CA GLN J 25 4.90 -18.02 -86.30
C GLN J 25 3.85 -18.30 -85.24
N THR J 26 3.54 -17.30 -84.41
CA THR J 26 2.63 -17.47 -83.30
C THR J 26 1.59 -16.36 -83.27
N LEU J 27 0.57 -16.58 -82.44
CA LEU J 27 -0.57 -15.70 -82.28
C LEU J 27 -1.09 -15.83 -80.86
N SER J 28 -1.61 -14.73 -80.31
CA SER J 28 -2.04 -14.73 -78.91
C SER J 28 -3.27 -13.84 -78.75
N THR J 29 -4.28 -14.37 -78.06
CA THR J 29 -5.51 -13.63 -77.81
C THR J 29 -5.78 -13.58 -76.31
N GLN J 30 -6.07 -12.39 -75.81
CA GLN J 30 -6.32 -12.18 -74.39
C GLN J 30 -7.55 -11.30 -74.20
N LYS J 31 -8.38 -11.65 -73.23
CA LYS J 31 -9.51 -10.82 -72.85
C LYS J 31 -9.42 -10.45 -71.38
N THR J 32 -9.58 -9.15 -71.10
CA THR J 32 -9.54 -8.57 -69.77
C THR J 32 -10.86 -7.88 -69.51
N ILE J 33 -11.39 -8.08 -68.31
CA ILE J 33 -12.58 -7.36 -67.86
C ILE J 33 -12.17 -6.40 -66.76
N SER J 34 -12.63 -5.16 -66.87
CA SER J 34 -12.39 -4.12 -65.87
C SER J 34 -13.73 -3.57 -65.41
N VAL J 35 -13.71 -2.91 -64.26
CA VAL J 35 -14.93 -2.33 -63.68
C VAL J 35 -14.72 -0.83 -63.53
N LEU J 36 -15.67 -0.04 -64.03
CA LEU J 36 -15.63 1.40 -63.89
C LEU J 36 -16.95 1.84 -63.29
N ARG J 37 -16.91 2.44 -62.10
CA ARG J 37 -18.14 2.81 -61.41
C ARG J 37 -18.21 4.32 -61.25
N ASN J 38 -19.38 4.88 -61.55
CA ASN J 38 -19.75 6.25 -61.24
C ASN J 38 -20.81 6.21 -60.14
N GLY J 39 -20.47 6.76 -58.99
CA GLY J 39 -21.38 6.69 -57.84
C GLY J 39 -21.70 5.26 -57.49
N SER J 40 -22.99 4.93 -57.55
CA SER J 40 -23.44 3.57 -57.30
C SER J 40 -23.39 2.69 -58.55
N THR J 41 -23.55 3.28 -59.74
CA THR J 41 -23.60 2.49 -60.95
C THR J 41 -22.20 2.01 -61.32
N SER J 42 -22.12 0.81 -61.88
CA SER J 42 -20.85 0.23 -62.29
C SER J 42 -21.03 -0.49 -63.62
N THR J 43 -20.04 -0.35 -64.50
CA THR J 43 -20.12 -0.92 -65.84
C THR J 43 -18.81 -1.63 -66.19
N ARG J 44 -18.95 -2.67 -67.00
CA ARG J 44 -17.81 -3.50 -67.39
C ARG J 44 -17.12 -2.93 -68.62
N ILE J 45 -15.80 -2.98 -68.61
CA ILE J 45 -14.98 -2.55 -69.72
C ILE J 45 -14.25 -3.77 -70.25
N ILE J 46 -14.61 -4.20 -71.45
CA ILE J 46 -14.04 -5.40 -72.07
C ILE J 46 -12.91 -4.98 -72.99
N LYS J 47 -11.74 -5.57 -72.77
CA LYS J 47 -10.53 -5.27 -73.52
C LYS J 47 -10.02 -6.55 -74.15
N VAL J 48 -9.80 -6.52 -75.46
CA VAL J 48 -9.31 -7.65 -76.23
C VAL J 48 -7.95 -7.28 -76.81
N HIS J 49 -7.04 -8.26 -76.87
CA HIS J 49 -5.71 -8.05 -77.42
C HIS J 49 -5.32 -9.26 -78.24
N ILE J 50 -5.08 -9.05 -79.53
CA ILE J 50 -4.64 -10.09 -80.45
C ILE J 50 -3.29 -9.69 -81.02
N ASN J 51 -2.31 -10.57 -80.92
CA ASN J 51 -0.95 -10.27 -81.38
C ASN J 51 -0.46 -11.42 -82.24
N SER J 52 -0.07 -11.13 -83.49
CA SER J 52 0.45 -12.13 -84.42
C SER J 52 1.88 -11.75 -84.74
N THR J 53 2.84 -12.63 -84.43
CA THR J 53 4.23 -12.34 -84.76
C THR J 53 4.92 -13.53 -85.37
N ALA J 54 6.04 -13.23 -86.02
CA ALA J 54 6.97 -14.22 -86.51
C ALA J 54 8.36 -13.61 -86.47
N PRO J 55 9.41 -14.40 -86.29
CA PRO J 55 10.75 -13.84 -86.39
C PRO J 55 11.12 -13.64 -87.85
N VAL J 56 11.94 -12.62 -88.09
CA VAL J 56 12.46 -12.35 -89.42
C VAL J 56 13.95 -12.03 -89.32
N THR J 57 14.74 -12.61 -90.21
CA THR J 57 16.19 -12.46 -90.21
C THR J 57 16.57 -11.05 -90.62
N ILE J 58 17.47 -10.42 -89.86
CA ILE J 58 17.79 -9.01 -90.07
C ILE J 58 18.34 -8.77 -91.47
N ASN J 59 19.32 -9.57 -91.86
CA ASN J 59 20.24 -9.20 -92.93
C ASN J 59 19.75 -9.76 -94.27
N THR J 60 19.23 -8.88 -95.12
CA THR J 60 18.71 -9.32 -96.41
C THR J 60 19.85 -9.75 -97.35
N CYS J 61 20.92 -8.96 -97.42
CA CYS J 61 22.02 -9.20 -98.33
C CYS J 61 23.07 -10.17 -97.77
N ASP J 62 22.83 -10.76 -96.59
CA ASP J 62 23.75 -11.74 -96.02
C ASP J 62 23.52 -13.13 -96.61
N PRO J 63 24.45 -14.08 -96.37
CA PRO J 63 24.24 -15.43 -96.89
C PRO J 63 23.26 -16.26 -96.06
N THR J 64 22.47 -15.57 -95.22
CA THR J 64 21.49 -16.19 -94.33
C THR J 64 22.16 -17.15 -93.34
N LYS J 65 23.31 -16.72 -92.80
CA LYS J 65 24.08 -17.52 -91.84
C LYS J 65 23.56 -17.32 -90.42
N CYS J 66 22.26 -17.62 -90.24
CA CYS J 66 21.58 -17.49 -88.94
C CYS J 66 21.86 -16.14 -88.30
N GLY J 67 21.63 -15.08 -89.08
CA GLY J 67 21.73 -13.74 -88.57
C GLY J 67 20.70 -13.53 -87.47
N PRO J 68 21.04 -12.72 -86.48
CA PRO J 68 20.10 -12.49 -85.37
C PRO J 68 18.77 -11.98 -85.90
N THR J 69 17.69 -12.49 -85.33
CA THR J 69 16.34 -12.24 -85.82
C THR J 69 15.64 -11.20 -84.98
N VAL J 70 14.75 -10.45 -85.64
CA VAL J 70 13.92 -9.47 -84.96
C VAL J 70 12.47 -9.90 -85.12
N PRO J 71 11.63 -9.72 -84.09
CA PRO J 71 10.21 -10.04 -84.23
C PRO J 71 9.50 -9.05 -85.13
N MET J 72 8.75 -9.57 -86.09
CA MET J 72 7.84 -8.80 -86.93
C MET J 72 6.43 -9.11 -86.48
N GLY J 73 5.64 -8.06 -86.25
CA GLY J 73 4.40 -8.20 -85.50
C GLY J 73 3.28 -7.33 -86.03
N VAL J 74 2.06 -7.83 -85.85
CA VAL J 74 0.84 -7.10 -86.17
C VAL J 74 -0.12 -7.31 -85.02
N SER J 75 -0.57 -6.22 -84.41
CA SER J 75 -1.34 -6.26 -83.17
C SER J 75 -2.66 -5.55 -83.32
N PHE J 76 -3.64 -5.99 -82.54
CA PHE J 76 -4.99 -5.44 -82.53
C PHE J 76 -5.43 -5.33 -81.08
N LYS J 77 -6.01 -4.20 -80.71
CA LYS J 77 -6.49 -3.98 -79.36
C LYS J 77 -7.87 -3.33 -79.40
N SER J 78 -8.71 -3.72 -78.44
CA SER J 78 -10.10 -3.29 -78.37
C SER J 78 -10.44 -2.97 -76.93
N SER J 79 -11.03 -1.80 -76.68
CA SER J 79 -11.47 -1.46 -75.33
C SER J 79 -12.82 -0.76 -75.42
N MET J 80 -13.85 -1.34 -74.78
CA MET J 80 -15.17 -0.75 -74.93
C MET J 80 -16.04 -1.12 -73.74
N PRO J 81 -17.03 -0.29 -73.41
CA PRO J 81 -18.01 -0.71 -72.41
C PRO J 81 -18.79 -1.91 -72.92
N GLU J 82 -19.16 -2.79 -71.98
CA GLU J 82 -19.92 -3.99 -72.33
C GLU J 82 -21.17 -3.63 -73.11
N ASP J 83 -21.47 -4.42 -74.14
CA ASP J 83 -22.64 -4.28 -75.00
C ASP J 83 -22.61 -3.01 -75.85
N ALA J 84 -21.46 -2.35 -75.99
CA ALA J 84 -21.37 -1.24 -76.93
C ALA J 84 -21.24 -1.77 -78.35
N ASP J 85 -21.33 -0.89 -79.34
CA ASP J 85 -21.30 -1.34 -80.72
C ASP J 85 -20.02 -0.89 -81.43
N PRO J 86 -19.02 -1.77 -81.56
CA PRO J 86 -17.79 -1.38 -82.25
C PRO J 86 -17.91 -1.35 -83.76
N ALA J 87 -19.10 -1.62 -84.31
CA ALA J 87 -19.24 -1.82 -85.74
C ALA J 87 -18.63 -0.68 -86.54
N GLU J 88 -18.91 0.56 -86.13
CA GLU J 88 -18.47 1.70 -86.92
C GLU J 88 -16.98 2.00 -86.73
N VAL J 89 -16.48 1.93 -85.49
CA VAL J 89 -15.05 2.15 -85.28
C VAL J 89 -14.24 1.05 -85.96
N LEU J 90 -14.79 -0.16 -86.05
CA LEU J 90 -14.12 -1.24 -86.77
C LEU J 90 -14.10 -0.97 -88.27
N LYS J 91 -15.24 -0.57 -88.84
CA LYS J 91 -15.27 -0.21 -90.26
C LYS J 91 -14.22 0.86 -90.57
N ALA J 92 -14.19 1.92 -89.76
CA ALA J 92 -13.22 2.99 -89.96
C ALA J 92 -11.80 2.49 -89.84
N ALA J 93 -11.50 1.73 -88.78
CA ALA J 93 -10.15 1.22 -88.58
C ALA J 93 -9.70 0.36 -89.75
N LYS J 94 -10.60 -0.51 -90.25
CA LYS J 94 -10.25 -1.37 -91.36
C LYS J 94 -10.01 -0.56 -92.63
N ALA J 95 -10.83 0.46 -92.87
CA ALA J 95 -10.63 1.34 -94.02
C ALA J 95 -9.28 2.02 -93.95
N ALA J 96 -8.91 2.52 -92.77
CA ALA J 96 -7.60 3.16 -92.61
C ALA J 96 -6.48 2.15 -92.85
N LEU J 97 -6.60 0.96 -92.26
CA LEU J 97 -5.57 -0.06 -92.42
C LEU J 97 -5.34 -0.38 -93.88
N ALA J 98 -6.40 -0.51 -94.66
CA ALA J 98 -6.27 -0.82 -96.09
C ALA J 98 -5.32 0.14 -96.80
N LEU J 99 -5.23 1.40 -96.34
CA LEU J 99 -4.30 2.34 -96.97
C LEU J 99 -2.86 2.05 -96.58
N PHE J 100 -2.65 1.47 -95.39
CA PHE J 100 -1.29 1.26 -94.90
C PHE J 100 -0.72 -0.12 -95.21
N GLU J 101 -1.56 -1.15 -95.33
CA GLU J 101 -1.00 -2.50 -95.29
C GLU J 101 -0.16 -2.82 -96.51
N ALA J 102 -0.36 -2.13 -97.62
CA ALA J 102 0.58 -2.26 -98.72
C ALA J 102 1.96 -1.74 -98.32
N ASN J 103 1.99 -0.59 -97.63
CA ASN J 103 3.21 0.13 -97.28
C ASN J 103 3.56 -0.04 -95.80
N LEU J 104 3.31 -1.24 -95.26
CA LEU J 104 3.54 -1.51 -93.85
C LEU J 104 5.02 -1.67 -93.51
N ASN J 105 5.87 -1.77 -94.53
CA ASN J 105 7.31 -1.95 -94.34
C ASN J 105 8.14 -0.90 -95.06
N SER J 106 7.52 0.11 -95.67
CA SER J 106 8.25 0.91 -96.65
C SER J 106 8.53 2.33 -96.20
N ALA J 107 8.33 2.65 -94.91
CA ALA J 107 8.75 3.93 -94.35
C ALA J 107 8.14 5.14 -95.04
N PHE J 108 7.12 4.94 -95.87
CA PHE J 108 6.52 6.01 -96.66
C PHE J 108 5.09 6.22 -96.20
N ASN J 109 4.83 7.37 -95.59
CA ASN J 109 3.50 7.70 -95.09
C ASN J 109 2.88 8.74 -96.04
N LYS J 110 1.96 8.30 -96.89
CA LYS J 110 1.35 9.23 -97.83
C LYS J 110 0.49 10.24 -97.09
N ASN J 111 0.51 11.49 -97.56
CA ASN J 111 -0.39 12.52 -97.03
C ASN J 111 -1.77 12.24 -97.57
N VAL J 112 -2.63 11.73 -96.70
CA VAL J 112 -4.05 11.49 -96.99
C VAL J 112 -4.86 12.53 -96.23
N ASP J 113 -5.66 13.30 -96.95
CA ASP J 113 -6.50 14.33 -96.37
C ASP J 113 -7.92 13.87 -96.09
N GLU J 114 -8.35 12.74 -96.66
CA GLU J 114 -9.63 12.16 -96.29
C GLU J 114 -9.63 10.67 -96.63
N ILE J 115 -10.28 9.90 -95.75
CA ILE J 115 -10.38 8.46 -95.87
C ILE J 115 -11.85 8.11 -96.05
N SER J 116 -12.18 7.45 -97.15
CA SER J 116 -13.55 7.07 -97.44
C SER J 116 -13.87 5.72 -96.80
N VAL J 117 -14.95 5.67 -96.04
CA VAL J 117 -15.39 4.44 -95.36
C VAL J 117 -16.59 3.89 -96.11
N ALA J 118 -16.55 2.58 -96.38
CA ALA J 118 -17.57 1.94 -97.20
C ALA J 118 -18.94 1.94 -96.49
N ALA K 1 -34.81 -21.05 -67.59
CA ALA K 1 -34.96 -20.57 -68.96
C ALA K 1 -33.74 -19.76 -69.41
N TYR K 2 -32.68 -19.76 -68.61
CA TYR K 2 -31.41 -19.13 -68.97
C TYR K 2 -30.27 -19.97 -68.44
N LYS K 3 -29.05 -19.55 -68.75
CA LYS K 3 -27.87 -20.25 -68.26
C LYS K 3 -26.81 -19.27 -67.79
N LEU K 4 -26.12 -19.65 -66.71
CA LEU K 4 -25.03 -18.86 -66.14
C LEU K 4 -23.72 -19.33 -66.77
N ILE K 5 -23.11 -18.48 -67.57
CA ILE K 5 -21.88 -18.83 -68.26
C ILE K 5 -20.70 -18.36 -67.43
N LYS K 6 -19.66 -19.20 -67.36
CA LYS K 6 -18.46 -18.86 -66.60
C LYS K 6 -17.79 -17.63 -67.19
N MET K 7 -17.56 -16.63 -66.35
CA MET K 7 -17.04 -15.38 -66.88
C MET K 7 -15.55 -15.49 -67.15
N ALA K 8 -15.08 -14.63 -68.05
CA ALA K 8 -13.69 -14.57 -68.45
C ALA K 8 -12.89 -13.99 -67.29
N GLY K 9 -12.73 -14.81 -66.24
CA GLY K 9 -11.96 -14.42 -65.08
C GLY K 9 -10.96 -15.51 -64.73
N GLY K 10 -9.93 -15.11 -63.99
CA GLY K 10 -8.91 -16.06 -63.60
C GLY K 10 -9.44 -17.04 -62.56
N ASN K 11 -9.53 -18.32 -62.94
CA ASN K 11 -9.98 -19.34 -62.00
C ASN K 11 -9.01 -19.40 -60.81
N SER K 12 -9.56 -19.23 -59.61
CA SER K 12 -8.79 -19.25 -58.37
C SER K 12 -9.20 -20.40 -57.47
N ALA K 13 -9.58 -21.53 -58.07
CA ALA K 13 -10.42 -22.56 -57.43
C ALA K 13 -11.73 -21.95 -56.91
N ILE K 14 -12.07 -20.78 -57.45
CA ILE K 14 -13.34 -20.08 -57.25
C ILE K 14 -13.90 -19.79 -58.64
N GLN K 15 -15.08 -20.31 -58.93
CA GLN K 15 -15.67 -20.19 -60.25
C GLN K 15 -16.80 -19.17 -60.22
N THR K 16 -16.67 -18.13 -61.03
CA THR K 16 -17.63 -17.04 -61.09
C THR K 16 -18.32 -17.03 -62.45
N TYR K 17 -19.64 -17.01 -62.43
CA TYR K 17 -20.49 -17.05 -63.61
C TYR K 17 -21.36 -15.80 -63.64
N ALA K 18 -21.71 -15.38 -64.84
CA ALA K 18 -22.70 -14.33 -65.04
C ALA K 18 -23.83 -14.88 -65.91
N ARG K 19 -25.03 -14.36 -65.69
CA ARG K 19 -26.19 -14.78 -66.47
C ARG K 19 -26.08 -14.29 -67.90
N GLU K 20 -26.46 -15.14 -68.85
CA GLU K 20 -26.16 -14.88 -70.25
C GLU K 20 -26.86 -13.62 -70.74
N ASP K 21 -28.15 -13.48 -70.45
CA ASP K 21 -28.92 -12.34 -70.95
C ASP K 21 -28.78 -11.12 -70.04
N LYS K 22 -28.92 -11.31 -68.73
CA LYS K 22 -28.69 -10.23 -67.77
C LYS K 22 -27.33 -10.47 -67.11
N THR K 23 -26.28 -9.88 -67.68
CA THR K 23 -24.94 -10.10 -67.14
C THR K 23 -24.71 -9.35 -65.83
N THR K 24 -25.72 -8.63 -65.32
CA THR K 24 -25.61 -8.00 -64.01
C THR K 24 -25.82 -9.01 -62.89
N GLN K 25 -26.55 -10.08 -63.17
CA GLN K 25 -26.78 -11.15 -62.21
C GLN K 25 -25.62 -12.13 -62.26
N THR K 26 -24.98 -12.34 -61.13
CA THR K 26 -23.80 -13.19 -61.06
C THR K 26 -23.97 -14.25 -59.98
N LEU K 27 -23.04 -15.21 -59.97
CA LEU K 27 -23.06 -16.35 -59.06
C LEU K 27 -21.65 -16.91 -58.94
N SER K 28 -21.23 -17.25 -57.72
CA SER K 28 -19.87 -17.71 -57.46
C SER K 28 -19.90 -18.97 -56.61
N THR K 29 -19.09 -19.97 -56.98
CA THR K 29 -19.00 -21.21 -56.22
C THR K 29 -17.53 -21.52 -55.93
N GLN K 30 -17.23 -21.72 -54.65
CA GLN K 30 -15.89 -22.15 -54.24
C GLN K 30 -15.98 -23.29 -53.24
N LYS K 31 -15.00 -24.19 -53.32
CA LYS K 31 -14.83 -25.25 -52.34
C LYS K 31 -13.41 -25.17 -51.80
N THR K 32 -13.28 -25.26 -50.48
CA THR K 32 -12.00 -25.21 -49.80
C THR K 32 -11.90 -26.39 -48.84
N ILE K 33 -10.66 -26.74 -48.50
CA ILE K 33 -10.41 -27.87 -47.60
C ILE K 33 -9.54 -27.39 -46.45
N SER K 34 -9.99 -27.67 -45.23
CA SER K 34 -9.26 -27.37 -44.01
C SER K 34 -8.83 -28.67 -43.34
N VAL K 35 -7.88 -28.57 -42.42
CA VAL K 35 -7.45 -29.72 -41.64
C VAL K 35 -7.63 -29.38 -40.15
N LEU K 36 -8.46 -30.16 -39.47
CA LEU K 36 -8.73 -29.97 -38.05
C LEU K 36 -8.05 -31.10 -37.28
N ARG K 37 -7.11 -30.74 -36.42
CA ARG K 37 -6.32 -31.69 -35.65
C ARG K 37 -6.69 -31.59 -34.17
N ASN K 38 -7.19 -32.68 -33.61
CA ASN K 38 -7.44 -32.80 -32.17
C ASN K 38 -6.55 -33.92 -31.64
N GLY K 39 -5.47 -33.54 -30.98
CA GLY K 39 -4.53 -34.55 -30.49
C GLY K 39 -3.86 -35.28 -31.64
N SER K 40 -3.89 -36.62 -31.59
CA SER K 40 -3.28 -37.43 -32.64
C SER K 40 -4.06 -37.35 -33.94
N THR K 41 -5.39 -37.28 -33.84
CA THR K 41 -6.26 -37.36 -35.01
C THR K 41 -6.31 -36.04 -35.77
N SER K 42 -6.27 -36.14 -37.10
CA SER K 42 -6.50 -35.01 -37.99
C SER K 42 -7.53 -35.42 -39.03
N THR K 43 -8.49 -34.52 -39.30
CA THR K 43 -9.55 -34.79 -40.26
C THR K 43 -9.73 -33.61 -41.20
N ARG K 44 -10.16 -33.90 -42.43
CA ARG K 44 -10.36 -32.89 -43.44
C ARG K 44 -11.78 -32.34 -43.39
N ILE K 45 -11.90 -31.02 -43.49
CA ILE K 45 -13.17 -30.32 -43.44
C ILE K 45 -13.43 -29.67 -44.79
N ILE K 46 -14.53 -30.08 -45.43
CA ILE K 46 -14.95 -29.56 -46.73
C ILE K 46 -15.88 -28.37 -46.50
N LYS K 47 -15.56 -27.24 -47.15
CA LYS K 47 -16.34 -26.01 -47.01
C LYS K 47 -16.73 -25.49 -48.38
N VAL K 48 -18.03 -25.48 -48.66
CA VAL K 48 -18.61 -24.98 -49.91
C VAL K 48 -19.24 -23.62 -49.64
N HIS K 49 -19.07 -22.70 -50.58
CA HIS K 49 -19.69 -21.38 -50.51
C HIS K 49 -20.22 -21.00 -51.89
N ILE K 50 -21.54 -20.83 -51.97
CA ILE K 50 -22.24 -20.40 -53.19
C ILE K 50 -22.88 -19.05 -52.92
N ASN K 51 -22.74 -18.13 -53.86
CA ASN K 51 -23.32 -16.80 -53.73
C ASN K 51 -24.02 -16.42 -55.02
N SER K 52 -25.20 -15.84 -54.92
CA SER K 52 -25.99 -15.46 -56.10
C SER K 52 -26.53 -14.07 -55.87
N THR K 53 -25.99 -13.07 -56.59
CA THR K 53 -26.42 -11.69 -56.38
C THR K 53 -26.82 -11.02 -57.69
N ALA K 54 -27.59 -9.96 -57.52
CA ALA K 54 -27.95 -9.05 -58.60
C ALA K 54 -28.05 -7.66 -58.00
N PRO K 55 -27.81 -6.61 -58.79
CA PRO K 55 -28.06 -5.27 -58.31
C PRO K 55 -29.55 -4.97 -58.32
N VAL K 56 -29.98 -4.15 -57.37
CA VAL K 56 -31.36 -3.68 -57.30
C VAL K 56 -31.35 -2.17 -57.24
N THR K 57 -32.02 -1.54 -58.21
CA THR K 57 -32.25 -0.11 -58.15
C THR K 57 -33.09 0.24 -56.93
N ILE K 58 -32.57 1.14 -56.09
CA ILE K 58 -33.32 1.56 -54.91
C ILE K 58 -34.66 2.12 -55.35
N ASN K 59 -35.73 1.71 -54.66
CA ASN K 59 -37.04 2.29 -54.89
C ASN K 59 -36.94 3.81 -54.79
N THR K 60 -37.19 4.49 -55.91
CA THR K 60 -36.94 5.91 -55.99
C THR K 60 -38.19 6.64 -56.44
N CYS K 61 -38.06 7.97 -56.46
CA CYS K 61 -39.18 8.86 -56.74
C CYS K 61 -39.53 8.90 -58.23
N ASP K 62 -38.53 8.80 -59.10
CA ASP K 62 -38.73 8.98 -60.53
C ASP K 62 -39.63 7.89 -61.11
N PRO K 63 -40.43 8.23 -62.13
CA PRO K 63 -41.13 7.15 -62.86
C PRO K 63 -40.16 6.23 -63.58
N THR K 64 -39.12 6.79 -64.20
CA THR K 64 -38.03 5.98 -64.71
C THR K 64 -37.35 5.25 -63.56
N LYS K 65 -36.94 4.01 -63.80
CA LYS K 65 -36.31 3.20 -62.76
C LYS K 65 -34.85 3.62 -62.66
N CYS K 66 -34.63 4.76 -61.99
CA CYS K 66 -33.30 5.32 -61.81
C CYS K 66 -33.07 5.69 -60.35
N GLY K 67 -32.01 5.11 -59.77
CA GLY K 67 -31.58 5.44 -58.43
C GLY K 67 -30.30 4.70 -58.10
N PRO K 68 -29.73 4.95 -56.92
CA PRO K 68 -28.58 4.16 -56.50
C PRO K 68 -28.94 2.67 -56.44
N THR K 69 -27.94 1.83 -56.74
CA THR K 69 -28.13 0.38 -56.76
C THR K 69 -27.51 -0.23 -55.51
N VAL K 70 -28.29 -1.05 -54.82
CA VAL K 70 -27.82 -1.81 -53.67
C VAL K 70 -27.79 -3.28 -54.11
N PRO K 71 -26.78 -4.05 -53.73
CA PRO K 71 -26.76 -5.47 -54.11
C PRO K 71 -27.74 -6.27 -53.27
N MET K 72 -28.52 -7.13 -53.93
CA MET K 72 -29.30 -8.15 -53.26
C MET K 72 -28.69 -9.50 -53.56
N GLY K 73 -28.73 -10.39 -52.58
CA GLY K 73 -27.93 -11.59 -52.66
C GLY K 73 -28.48 -12.70 -51.79
N VAL K 74 -28.33 -13.92 -52.29
CA VAL K 74 -28.68 -15.11 -51.54
C VAL K 74 -27.43 -15.98 -51.49
N SER K 75 -27.06 -16.42 -50.30
CA SER K 75 -25.79 -17.09 -50.08
C SER K 75 -26.01 -18.39 -49.32
N PHE K 76 -25.34 -19.45 -49.76
CA PHE K 76 -25.40 -20.76 -49.12
C PHE K 76 -24.00 -21.19 -48.75
N LYS K 77 -23.79 -21.57 -47.49
CA LYS K 77 -22.49 -22.01 -47.01
C LYS K 77 -22.64 -23.36 -46.32
N SER K 78 -21.61 -24.19 -46.42
CA SER K 78 -21.68 -25.57 -45.96
C SER K 78 -20.30 -26.01 -45.46
N SER K 79 -20.21 -26.44 -44.20
CA SER K 79 -18.94 -26.89 -43.65
C SER K 79 -19.14 -28.18 -42.88
N MET K 80 -18.40 -29.22 -43.27
CA MET K 80 -18.55 -30.50 -42.57
C MET K 80 -17.28 -31.31 -42.75
N PRO K 81 -16.96 -32.19 -41.82
CA PRO K 81 -15.79 -33.05 -42.01
C PRO K 81 -16.03 -34.08 -43.09
N GLU K 82 -14.96 -34.46 -43.78
CA GLU K 82 -15.05 -35.30 -44.97
C GLU K 82 -15.83 -36.58 -44.69
N ASP K 83 -16.63 -36.99 -45.67
CA ASP K 83 -17.44 -38.21 -45.67
C ASP K 83 -18.56 -38.22 -44.65
N ALA K 84 -18.87 -37.07 -44.03
CA ALA K 84 -20.03 -37.00 -43.16
C ALA K 84 -21.32 -37.01 -44.00
N ASP K 85 -22.46 -37.17 -43.32
CA ASP K 85 -23.74 -37.21 -44.04
C ASP K 85 -24.60 -35.99 -43.68
N PRO K 86 -24.63 -34.95 -44.49
CA PRO K 86 -25.43 -33.76 -44.17
C PRO K 86 -26.89 -33.87 -44.58
N ALA K 87 -27.38 -35.07 -44.89
CA ALA K 87 -28.71 -35.24 -45.46
C ALA K 87 -29.78 -34.57 -44.60
N GLU K 88 -29.75 -34.83 -43.30
CA GLU K 88 -30.81 -34.32 -42.44
C GLU K 88 -30.63 -32.83 -42.18
N VAL K 89 -29.38 -32.39 -42.07
CA VAL K 89 -29.10 -30.96 -41.91
C VAL K 89 -29.63 -30.18 -43.11
N LEU K 90 -29.33 -30.66 -44.31
CA LEU K 90 -29.87 -30.06 -45.53
C LEU K 90 -31.39 -30.07 -45.53
N LYS K 91 -32.00 -31.19 -45.15
CA LYS K 91 -33.46 -31.27 -45.16
C LYS K 91 -34.09 -30.21 -44.26
N ALA K 92 -33.56 -30.08 -43.04
CA ALA K 92 -34.09 -29.07 -42.11
C ALA K 92 -33.84 -27.65 -42.61
N ALA K 93 -32.63 -27.39 -43.11
CA ALA K 93 -32.34 -26.08 -43.66
C ALA K 93 -33.31 -25.72 -44.78
N LYS K 94 -33.60 -26.68 -45.67
CA LYS K 94 -34.51 -26.43 -46.78
C LYS K 94 -35.93 -26.18 -46.28
N ALA K 95 -36.36 -26.89 -45.25
CA ALA K 95 -37.70 -26.64 -44.69
C ALA K 95 -37.80 -25.22 -44.12
N ALA K 96 -36.77 -24.81 -43.37
CA ALA K 96 -36.76 -23.45 -42.82
C ALA K 96 -36.78 -22.40 -43.93
N LEU K 97 -35.94 -22.60 -44.95
CA LEU K 97 -35.92 -21.67 -46.07
C LEU K 97 -37.27 -21.61 -46.75
N ALA K 98 -37.96 -22.76 -46.87
CA ALA K 98 -39.29 -22.76 -47.44
C ALA K 98 -40.23 -21.88 -46.62
N LEU K 99 -40.09 -21.93 -45.30
CA LEU K 99 -40.94 -21.07 -44.47
C LEU K 99 -40.63 -19.58 -44.67
N PHE K 100 -39.34 -19.23 -44.77
CA PHE K 100 -38.94 -17.81 -44.75
C PHE K 100 -38.78 -17.20 -46.14
N GLU K 101 -38.96 -17.97 -47.22
CA GLU K 101 -38.60 -17.52 -48.56
C GLU K 101 -39.48 -16.37 -49.02
N ALA K 102 -40.78 -16.44 -48.76
CA ALA K 102 -41.66 -15.32 -49.11
C ALA K 102 -41.35 -14.08 -48.29
N ASN K 103 -40.80 -14.26 -47.08
CA ASN K 103 -40.52 -13.18 -46.16
C ASN K 103 -39.07 -12.72 -46.19
N LEU K 104 -38.30 -13.16 -47.19
CA LEU K 104 -36.92 -12.69 -47.31
C LEU K 104 -36.82 -11.18 -47.46
N ASN K 105 -37.89 -10.51 -47.90
CA ASN K 105 -37.90 -9.07 -48.12
C ASN K 105 -38.96 -8.35 -47.29
N SER K 106 -39.42 -8.94 -46.20
CA SER K 106 -40.69 -8.52 -45.61
C SER K 106 -40.56 -7.44 -44.53
N ALA K 107 -39.42 -7.37 -43.83
CA ALA K 107 -39.22 -6.49 -42.69
C ALA K 107 -40.12 -6.84 -41.50
N PHE K 108 -40.86 -7.94 -41.59
CA PHE K 108 -41.64 -8.49 -40.49
C PHE K 108 -41.20 -9.92 -40.26
N ASN K 109 -41.01 -10.29 -39.00
CA ASN K 109 -40.57 -11.63 -38.66
C ASN K 109 -41.77 -12.46 -38.24
N LYS K 110 -41.99 -13.59 -38.93
CA LYS K 110 -43.06 -14.50 -38.57
C LYS K 110 -42.60 -15.36 -37.41
N ASN K 111 -43.34 -15.33 -36.30
CA ASN K 111 -42.98 -16.11 -35.11
C ASN K 111 -43.64 -17.47 -35.22
N VAL K 112 -42.87 -18.46 -35.67
CA VAL K 112 -43.33 -19.84 -35.77
C VAL K 112 -42.69 -20.66 -34.64
N ASP K 113 -43.48 -21.55 -34.05
CA ASP K 113 -43.06 -22.33 -32.90
C ASP K 113 -42.58 -23.74 -33.26
N GLU K 114 -42.85 -24.21 -34.48
CA GLU K 114 -42.29 -25.49 -34.92
C GLU K 114 -42.18 -25.53 -36.43
N ILE K 115 -41.24 -26.34 -36.91
CA ILE K 115 -40.87 -26.42 -38.32
C ILE K 115 -40.90 -27.90 -38.70
N SER K 116 -41.86 -28.29 -39.53
CA SER K 116 -42.03 -29.69 -39.91
C SER K 116 -41.13 -30.06 -41.08
N VAL K 117 -40.52 -31.25 -40.99
CA VAL K 117 -39.46 -31.68 -41.90
C VAL K 117 -39.81 -33.07 -42.45
N ALA K 118 -39.37 -33.32 -43.70
CA ALA K 118 -39.50 -34.63 -44.36
C ALA K 118 -40.93 -35.15 -44.37
N ALA L 1 -14.70 -49.91 -66.36
CA ALA L 1 -14.66 -48.72 -67.20
C ALA L 1 -15.18 -47.49 -66.43
N TYR L 2 -14.42 -46.40 -66.47
CA TYR L 2 -14.82 -45.18 -65.77
C TYR L 2 -14.27 -43.98 -66.52
N LYS L 3 -14.67 -42.78 -66.07
CA LYS L 3 -14.27 -41.52 -66.67
C LYS L 3 -13.56 -40.65 -65.64
N LEU L 4 -12.43 -40.07 -66.04
CA LEU L 4 -11.72 -39.09 -65.23
C LEU L 4 -12.31 -37.71 -65.53
N ILE L 5 -13.14 -37.21 -64.63
CA ILE L 5 -13.81 -35.92 -64.77
C ILE L 5 -12.83 -34.81 -64.40
N LYS L 6 -12.88 -33.70 -65.15
CA LYS L 6 -11.93 -32.62 -64.92
C LYS L 6 -12.31 -31.84 -63.67
N MET L 7 -11.37 -31.78 -62.72
CA MET L 7 -11.53 -30.96 -61.53
C MET L 7 -11.29 -29.49 -61.86
N ALA L 8 -11.78 -28.62 -60.99
CA ALA L 8 -11.69 -27.19 -61.18
C ALA L 8 -10.39 -26.68 -60.56
N GLY L 9 -9.42 -26.33 -61.40
CA GLY L 9 -8.12 -25.92 -60.94
C GLY L 9 -7.87 -24.47 -61.28
N GLY L 10 -7.14 -23.79 -60.38
CA GLY L 10 -6.79 -22.41 -60.63
C GLY L 10 -5.71 -22.25 -61.69
N ASN L 11 -4.75 -23.17 -61.72
CA ASN L 11 -3.66 -23.11 -62.68
C ASN L 11 -4.09 -23.73 -64.01
N SER L 12 -3.87 -23.00 -65.09
CA SER L 12 -4.26 -23.48 -66.41
C SER L 12 -3.21 -24.37 -67.06
N ALA L 13 -1.95 -24.32 -66.61
CA ALA L 13 -0.92 -25.18 -67.17
C ALA L 13 -1.15 -26.64 -66.82
N ILE L 14 -1.73 -26.90 -65.66
CA ILE L 14 -1.98 -28.25 -65.15
C ILE L 14 -3.47 -28.52 -65.22
N GLN L 15 -3.84 -29.65 -65.84
CA GLN L 15 -5.22 -30.13 -65.84
C GLN L 15 -5.33 -31.30 -64.88
N THR L 16 -6.23 -31.20 -63.91
CA THR L 16 -6.42 -32.23 -62.90
C THR L 16 -7.77 -32.90 -63.11
N TYR L 17 -7.82 -34.20 -62.88
CA TYR L 17 -9.00 -35.01 -63.07
C TYR L 17 -9.14 -35.95 -61.89
N ALA L 18 -10.38 -36.31 -61.59
CA ALA L 18 -10.72 -37.27 -60.55
C ALA L 18 -11.63 -38.32 -61.16
N ARG L 19 -11.46 -39.57 -60.72
CA ARG L 19 -12.32 -40.64 -61.21
C ARG L 19 -13.75 -40.43 -60.73
N GLU L 20 -14.71 -40.76 -61.60
CA GLU L 20 -16.11 -40.53 -61.26
C GLU L 20 -16.53 -41.39 -60.07
N ASP L 21 -16.18 -42.68 -60.10
CA ASP L 21 -16.51 -43.58 -58.98
C ASP L 21 -15.82 -43.14 -57.70
N LYS L 22 -14.48 -43.09 -57.71
CA LYS L 22 -13.70 -42.69 -56.57
C LYS L 22 -13.08 -41.33 -56.87
N THR L 23 -13.62 -40.28 -56.27
CA THR L 23 -13.00 -38.98 -56.42
C THR L 23 -11.68 -38.87 -55.66
N THR L 24 -11.28 -39.94 -54.94
CA THR L 24 -9.99 -39.94 -54.27
C THR L 24 -8.86 -40.28 -55.23
N GLN L 25 -9.16 -41.05 -56.27
CA GLN L 25 -8.18 -41.38 -57.29
C GLN L 25 -8.10 -40.24 -58.29
N THR L 26 -6.91 -39.67 -58.46
CA THR L 26 -6.77 -38.49 -59.29
C THR L 26 -5.65 -38.70 -60.30
N LEU L 27 -5.59 -37.75 -61.25
CA LEU L 27 -4.65 -37.77 -62.37
C LEU L 27 -4.42 -36.33 -62.84
N SER L 28 -3.17 -35.99 -63.08
CA SER L 28 -2.80 -34.65 -63.53
C SER L 28 -1.97 -34.73 -64.80
N THR L 29 -2.26 -33.84 -65.75
CA THR L 29 -1.48 -33.72 -66.96
C THR L 29 -0.96 -32.28 -67.09
N GLN L 30 0.32 -32.15 -67.41
CA GLN L 30 0.93 -30.83 -67.55
C GLN L 30 1.96 -30.85 -68.68
N LYS L 31 1.85 -29.88 -69.59
CA LYS L 31 2.89 -29.68 -70.60
C LYS L 31 3.47 -28.28 -70.42
N THR L 32 4.79 -28.20 -70.45
CA THR L 32 5.52 -26.96 -70.31
C THR L 32 6.55 -26.85 -71.43
N ILE L 33 6.93 -25.62 -71.75
CA ILE L 33 7.84 -25.34 -72.85
C ILE L 33 9.01 -24.53 -72.32
N SER L 34 10.22 -24.90 -72.73
CA SER L 34 11.44 -24.18 -72.35
C SER L 34 12.18 -23.75 -73.61
N VAL L 35 12.93 -22.65 -73.49
CA VAL L 35 13.70 -22.11 -74.60
C VAL L 35 15.18 -22.36 -74.34
N LEU L 36 15.85 -22.96 -75.32
CA LEU L 36 17.26 -23.28 -75.22
C LEU L 36 17.95 -22.44 -76.28
N ARG L 37 18.65 -21.39 -75.85
CA ARG L 37 19.27 -20.45 -76.78
C ARG L 37 20.70 -20.87 -77.03
N ASN L 38 20.99 -21.30 -78.25
CA ASN L 38 22.34 -21.60 -78.72
C ASN L 38 22.69 -20.53 -79.75
N GLY L 39 23.62 -19.64 -79.39
CA GLY L 39 23.97 -18.54 -80.27
C GLY L 39 22.77 -17.66 -80.56
N SER L 40 22.47 -17.48 -81.84
CA SER L 40 21.33 -16.68 -82.28
C SER L 40 20.14 -17.55 -82.65
N THR L 41 20.17 -18.83 -82.29
CA THR L 41 19.06 -19.75 -82.60
C THR L 41 18.52 -20.29 -81.29
N SER L 42 17.22 -20.11 -81.06
CA SER L 42 16.57 -20.63 -79.88
C SER L 42 15.69 -21.82 -80.26
N THR L 43 15.84 -22.92 -79.53
CA THR L 43 15.11 -24.15 -79.79
C THR L 43 14.16 -24.47 -78.64
N ARG L 44 13.03 -25.05 -79.00
CA ARG L 44 11.91 -25.26 -78.10
C ARG L 44 12.01 -26.66 -77.49
N ILE L 45 11.82 -26.76 -76.18
CA ILE L 45 12.00 -28.01 -75.44
C ILE L 45 10.71 -28.32 -74.68
N ILE L 46 10.05 -29.41 -75.06
CA ILE L 46 8.73 -29.77 -74.57
C ILE L 46 8.88 -30.80 -73.47
N LYS L 47 8.27 -30.52 -72.31
CA LYS L 47 8.26 -31.39 -71.15
C LYS L 47 6.82 -31.73 -70.78
N VAL L 48 6.52 -33.01 -70.66
CA VAL L 48 5.20 -33.50 -70.28
C VAL L 48 5.31 -34.25 -68.96
N HIS L 49 4.31 -34.06 -68.09
CA HIS L 49 4.27 -34.71 -66.79
C HIS L 49 2.85 -35.19 -66.52
N ILE L 50 2.67 -36.50 -66.43
CA ILE L 50 1.41 -37.14 -66.07
C ILE L 50 1.59 -37.85 -64.73
N ASN L 51 0.66 -37.65 -63.82
CA ASN L 51 0.71 -38.30 -62.51
C ASN L 51 -0.64 -38.93 -62.21
N SER L 52 -0.65 -40.16 -61.70
CA SER L 52 -1.90 -40.86 -61.40
C SER L 52 -1.75 -41.47 -60.01
N THR L 53 -2.45 -40.91 -59.02
CA THR L 53 -2.31 -41.41 -57.66
C THR L 53 -3.67 -41.72 -57.04
N ALA L 54 -3.60 -42.41 -55.92
CA ALA L 54 -4.75 -42.72 -55.09
C ALA L 54 -4.25 -43.00 -53.69
N PRO L 55 -5.05 -42.72 -52.66
CA PRO L 55 -4.60 -42.97 -51.29
C PRO L 55 -4.81 -44.42 -50.92
N VAL L 56 -3.80 -45.03 -50.31
CA VAL L 56 -3.90 -46.39 -49.75
C VAL L 56 -3.71 -46.27 -48.25
N THR L 57 -4.50 -47.04 -47.49
CA THR L 57 -4.45 -47.01 -46.04
C THR L 57 -3.67 -48.21 -45.51
N ILE L 58 -2.65 -47.93 -44.70
CA ILE L 58 -1.81 -48.95 -44.10
C ILE L 58 -2.48 -49.41 -42.81
N ASN L 59 -3.05 -50.61 -42.81
CA ASN L 59 -3.73 -51.11 -41.62
C ASN L 59 -2.69 -51.62 -40.62
N THR L 60 -2.68 -51.02 -39.44
CA THR L 60 -1.82 -51.42 -38.35
C THR L 60 -2.71 -51.70 -37.14
N CYS L 61 -2.48 -52.83 -36.48
CA CYS L 61 -3.31 -53.18 -35.35
C CYS L 61 -3.06 -52.22 -34.19
N ASP L 62 -4.14 -51.82 -33.54
CA ASP L 62 -4.11 -50.74 -32.55
C ASP L 62 -5.38 -50.86 -31.73
N PRO L 63 -5.35 -50.48 -30.44
CA PRO L 63 -6.60 -50.43 -29.67
C PRO L 63 -7.68 -49.62 -30.36
N THR L 64 -7.29 -48.50 -30.97
CA THR L 64 -8.16 -47.70 -31.81
C THR L 64 -7.78 -47.97 -33.27
N LYS L 65 -8.67 -48.62 -34.02
CA LYS L 65 -8.33 -49.16 -35.34
C LYS L 65 -8.47 -48.09 -36.42
N CYS L 66 -7.55 -47.11 -36.38
CA CYS L 66 -7.37 -46.15 -37.46
C CYS L 66 -5.89 -46.04 -37.77
N GLY L 67 -5.51 -46.36 -39.01
CA GLY L 67 -4.14 -46.26 -39.45
C GLY L 67 -3.94 -45.13 -40.43
N PRO L 68 -2.68 -44.83 -40.73
CA PRO L 68 -2.39 -43.67 -41.59
C PRO L 68 -2.67 -43.95 -43.05
N THR L 69 -2.67 -42.88 -43.84
CA THR L 69 -2.93 -42.96 -45.26
C THR L 69 -1.75 -42.38 -46.01
N VAL L 70 -1.28 -43.11 -47.03
CA VAL L 70 -0.10 -42.72 -47.80
C VAL L 70 -0.46 -42.93 -49.27
N PRO L 71 0.00 -42.08 -50.19
CA PRO L 71 -0.44 -42.20 -51.58
C PRO L 71 0.38 -43.23 -52.35
N MET L 72 -0.30 -43.96 -53.22
CA MET L 72 0.34 -44.78 -54.24
C MET L 72 0.17 -44.08 -55.59
N GLY L 73 1.26 -44.03 -56.33
CA GLY L 73 1.31 -43.17 -57.50
C GLY L 73 2.10 -43.78 -58.63
N VAL L 74 1.70 -43.45 -59.85
CA VAL L 74 2.42 -43.83 -61.05
C VAL L 74 2.63 -42.56 -61.84
N SER L 75 3.88 -42.25 -62.15
CA SER L 75 4.26 -40.99 -62.77
C SER L 75 4.97 -41.24 -64.09
N PHE L 76 4.69 -40.38 -65.06
CA PHE L 76 5.31 -40.40 -66.37
C PHE L 76 5.85 -39.01 -66.65
N LYS L 77 7.11 -38.92 -67.04
CA LYS L 77 7.71 -37.65 -67.41
C LYS L 77 8.43 -37.80 -68.75
N SER L 78 8.49 -36.68 -69.48
CA SER L 78 8.99 -36.67 -70.84
C SER L 78 9.63 -35.30 -71.10
N SER L 79 10.77 -35.30 -71.79
CA SER L 79 11.44 -34.03 -72.12
C SER L 79 12.26 -34.20 -73.38
N MET L 80 12.03 -33.35 -74.37
CA MET L 80 12.77 -33.50 -75.62
C MET L 80 12.68 -32.23 -76.44
N PRO L 81 13.62 -31.99 -77.34
CA PRO L 81 13.51 -30.82 -78.22
C PRO L 81 12.39 -31.01 -79.22
N GLU L 82 11.82 -29.88 -79.64
CA GLU L 82 10.67 -29.90 -80.53
C GLU L 82 11.01 -30.69 -81.80
N ASP L 83 10.01 -31.40 -82.30
CA ASP L 83 10.10 -32.19 -83.54
C ASP L 83 11.14 -33.32 -83.45
N ALA L 84 11.48 -33.75 -82.24
CA ALA L 84 12.35 -34.92 -82.09
C ALA L 84 11.49 -36.19 -82.18
N ASP L 85 12.14 -37.35 -82.26
CA ASP L 85 11.39 -38.60 -82.39
C ASP L 85 11.53 -39.44 -81.13
N PRO L 86 10.52 -39.53 -80.28
CA PRO L 86 10.60 -40.37 -79.08
C PRO L 86 10.22 -41.83 -79.28
N ALA L 87 9.95 -42.25 -80.52
CA ALA L 87 9.31 -43.54 -80.74
C ALA L 87 10.11 -44.66 -80.09
N GLU L 88 11.44 -44.60 -80.19
CA GLU L 88 12.23 -45.72 -79.72
C GLU L 88 12.46 -45.67 -78.21
N VAL L 89 12.70 -44.49 -77.65
CA VAL L 89 12.82 -44.40 -76.19
C VAL L 89 11.51 -44.80 -75.52
N LEU L 90 10.38 -44.48 -76.16
CA LEU L 90 9.09 -44.95 -75.66
C LEU L 90 9.01 -46.47 -75.71
N LYS L 91 9.35 -47.09 -76.84
CA LYS L 91 9.30 -48.55 -76.94
C LYS L 91 10.14 -49.21 -75.85
N ALA L 92 11.37 -48.70 -75.65
CA ALA L 92 12.27 -49.29 -74.65
C ALA L 92 11.72 -49.11 -73.25
N ALA L 93 11.30 -47.89 -72.91
CA ALA L 93 10.72 -47.63 -71.61
C ALA L 93 9.52 -48.53 -71.36
N LYS L 94 8.69 -48.73 -72.39
CA LYS L 94 7.50 -49.56 -72.23
C LYS L 94 7.88 -51.02 -72.00
N ALA L 95 8.94 -51.51 -72.66
CA ALA L 95 9.38 -52.88 -72.43
C ALA L 95 9.90 -53.07 -71.00
N ALA L 96 10.69 -52.11 -70.52
CA ALA L 96 11.16 -52.17 -69.14
C ALA L 96 9.99 -52.13 -68.15
N LEU L 97 9.05 -51.21 -68.38
CA LEU L 97 7.86 -51.16 -67.56
C LEU L 97 7.12 -52.49 -67.58
N ALA L 98 7.04 -53.12 -68.75
CA ALA L 98 6.38 -54.41 -68.85
C ALA L 98 7.05 -55.44 -67.94
N LEU L 99 8.37 -55.39 -67.85
CA LEU L 99 9.06 -56.29 -66.92
C LEU L 99 8.72 -55.96 -65.47
N PHE L 100 8.76 -54.68 -65.10
CA PHE L 100 8.65 -54.33 -63.68
C PHE L 100 7.20 -54.20 -63.19
N GLU L 101 6.22 -54.17 -64.08
CA GLU L 101 4.86 -53.74 -63.73
C GLU L 101 4.22 -54.70 -62.74
N ALA L 102 4.33 -56.00 -62.98
CA ALA L 102 3.78 -56.99 -62.06
C ALA L 102 4.34 -56.81 -60.65
N ASN L 103 5.63 -56.45 -60.56
CA ASN L 103 6.34 -56.41 -59.30
C ASN L 103 6.46 -54.99 -58.73
N LEU L 104 5.52 -54.10 -59.06
CA LEU L 104 5.60 -52.72 -58.57
C LEU L 104 5.32 -52.62 -57.08
N ASN L 105 4.63 -53.60 -56.52
CA ASN L 105 4.22 -53.59 -55.12
C ASN L 105 4.90 -54.68 -54.30
N SER L 106 6.03 -55.24 -54.79
CA SER L 106 6.49 -56.51 -54.24
C SER L 106 7.85 -56.48 -53.56
N ALA L 107 8.67 -55.45 -53.78
CA ALA L 107 9.98 -55.32 -53.12
C ALA L 107 10.98 -56.39 -53.56
N PHE L 108 10.69 -57.11 -54.65
CA PHE L 108 11.59 -58.09 -55.22
C PHE L 108 12.24 -57.52 -56.48
N ASN L 109 13.49 -57.87 -56.69
CA ASN L 109 14.16 -57.49 -57.93
C ASN L 109 15.26 -58.50 -58.22
N LYS L 110 15.28 -59.00 -59.45
CA LYS L 110 16.25 -60.00 -59.89
C LYS L 110 17.14 -59.39 -60.97
N ASN L 111 18.39 -59.84 -61.03
CA ASN L 111 19.29 -59.34 -62.06
C ASN L 111 18.76 -59.73 -63.44
N VAL L 112 18.64 -58.74 -64.31
CA VAL L 112 18.22 -58.95 -65.69
C VAL L 112 19.40 -58.57 -66.58
N ASP L 113 19.88 -59.52 -67.36
CA ASP L 113 21.05 -59.28 -68.19
C ASP L 113 20.70 -58.61 -69.49
N GLU L 114 19.44 -58.69 -69.93
CA GLU L 114 19.05 -57.96 -71.13
C GLU L 114 17.54 -57.81 -71.17
N ILE L 115 17.10 -56.75 -71.84
CA ILE L 115 15.69 -56.45 -72.05
C ILE L 115 15.44 -56.47 -73.54
N SER L 116 14.53 -57.32 -73.99
CA SER L 116 14.21 -57.43 -75.41
C SER L 116 13.12 -56.43 -75.75
N VAL L 117 13.37 -55.62 -76.78
CA VAL L 117 12.43 -54.59 -77.22
C VAL L 117 11.77 -55.05 -78.51
N ALA L 118 10.48 -54.78 -78.63
CA ALA L 118 9.65 -55.21 -79.76
C ALA L 118 10.17 -54.73 -81.11
N ALA M 1 -10.45 45.19 -108.13
CA ALA M 1 -10.48 43.86 -108.74
C ALA M 1 -9.10 43.19 -108.73
N TYR M 2 -8.78 42.49 -107.64
CA TYR M 2 -7.51 41.79 -107.48
C TYR M 2 -7.73 40.49 -106.74
N LYS M 3 -6.65 39.74 -106.52
CA LYS M 3 -6.74 38.49 -105.77
C LYS M 3 -5.52 38.32 -104.87
N LEU M 4 -5.77 37.70 -103.71
CA LEU M 4 -4.75 37.44 -102.71
C LEU M 4 -4.25 36.02 -102.88
N ILE M 5 -2.99 35.86 -103.23
CA ILE M 5 -2.39 34.55 -103.42
C ILE M 5 -1.72 34.13 -102.12
N LYS M 6 -1.71 32.82 -101.85
CA LYS M 6 -1.14 32.32 -100.61
C LYS M 6 0.38 32.56 -100.58
N MET M 7 0.87 33.02 -99.44
CA MET M 7 2.28 33.26 -99.21
C MET M 7 2.94 32.03 -98.60
N ALA M 8 4.25 31.97 -98.76
CA ALA M 8 5.06 30.99 -98.04
C ALA M 8 5.02 31.32 -96.56
N GLY M 9 4.58 30.34 -95.75
CA GLY M 9 4.49 30.56 -94.32
C GLY M 9 4.99 29.33 -93.57
N GLY M 10 5.34 29.57 -92.30
CA GLY M 10 5.91 28.53 -91.48
C GLY M 10 4.90 27.68 -90.72
N ASN M 11 3.80 28.30 -90.30
CA ASN M 11 2.79 27.61 -89.51
C ASN M 11 1.78 26.90 -90.42
N SER M 12 1.31 25.73 -89.97
CA SER M 12 0.33 24.97 -90.75
C SER M 12 -1.10 25.38 -90.43
N ALA M 13 -1.36 25.88 -89.22
CA ALA M 13 -2.70 26.32 -88.84
C ALA M 13 -3.06 27.66 -89.45
N ILE M 14 -2.06 28.51 -89.70
CA ILE M 14 -2.26 29.85 -90.21
C ILE M 14 -2.00 29.85 -91.72
N GLN M 15 -2.97 30.34 -92.49
CA GLN M 15 -2.79 30.58 -93.91
C GLN M 15 -2.57 32.08 -94.11
N THR M 16 -1.46 32.43 -94.76
CA THR M 16 -1.11 33.82 -95.02
C THR M 16 -1.19 34.07 -96.52
N TYR M 17 -1.80 35.18 -96.90
CA TYR M 17 -1.98 35.59 -98.27
C TYR M 17 -1.46 37.01 -98.44
N ALA M 18 -0.98 37.30 -99.65
CA ALA M 18 -0.60 38.64 -100.02
C ALA M 18 -1.32 39.02 -101.31
N ARG M 19 -1.59 40.31 -101.45
CA ARG M 19 -2.22 40.82 -102.66
C ARG M 19 -1.26 40.75 -103.83
N GLU M 20 -1.79 40.36 -104.99
CA GLU M 20 -0.94 40.22 -106.17
C GLU M 20 -0.35 41.56 -106.59
N ASP M 21 -1.19 42.61 -106.68
CA ASP M 21 -0.71 43.93 -107.08
C ASP M 21 0.29 44.48 -106.08
N LYS M 22 -0.15 44.65 -104.84
CA LYS M 22 0.70 45.12 -103.75
C LYS M 22 0.96 43.96 -102.80
N THR M 23 2.17 43.44 -102.83
CA THR M 23 2.53 42.39 -101.88
C THR M 23 2.76 42.94 -100.47
N THR M 24 2.46 44.23 -100.25
CA THR M 24 2.53 44.83 -98.91
C THR M 24 1.22 44.72 -98.17
N GLN M 25 0.11 44.55 -98.89
CA GLN M 25 -1.18 44.30 -98.29
C GLN M 25 -1.33 42.79 -98.10
N THR M 26 -1.60 42.37 -96.86
CA THR M 26 -1.65 40.96 -96.53
C THR M 26 -2.91 40.64 -95.75
N LEU M 27 -3.17 39.33 -95.63
CA LEU M 27 -4.34 38.77 -94.97
C LEU M 27 -3.97 37.43 -94.37
N SER M 28 -4.57 37.08 -93.24
CA SER M 28 -4.21 35.86 -92.54
C SER M 28 -5.44 35.23 -91.89
N THR M 29 -5.62 33.93 -92.10
CA THR M 29 -6.74 33.20 -91.53
C THR M 29 -6.23 32.03 -90.71
N GLN M 30 -6.74 31.89 -89.49
CA GLN M 30 -6.32 30.84 -88.59
C GLN M 30 -7.54 30.21 -87.94
N LYS M 31 -7.52 28.88 -87.80
CA LYS M 31 -8.55 28.16 -87.08
C LYS M 31 -7.92 27.34 -85.96
N THR M 32 -8.49 27.49 -84.76
CA THR M 32 -8.07 26.80 -83.55
C THR M 32 -9.23 25.98 -83.03
N ILE M 33 -8.95 24.75 -82.61
CA ILE M 33 -9.94 23.92 -81.95
C ILE M 33 -9.53 23.76 -80.50
N SER M 34 -10.48 23.94 -79.58
CA SER M 34 -10.28 23.78 -78.16
C SER M 34 -11.30 22.77 -77.63
N VAL M 35 -11.02 22.21 -76.46
CA VAL M 35 -11.90 21.23 -75.85
C VAL M 35 -12.35 21.77 -74.50
N LEU M 36 -13.65 21.74 -74.25
CA LEU M 36 -14.21 22.16 -72.96
C LEU M 36 -15.09 21.03 -72.47
N ARG M 37 -14.75 20.44 -71.33
CA ARG M 37 -15.49 19.30 -70.81
C ARG M 37 -16.14 19.65 -69.48
N ASN M 38 -17.41 19.28 -69.35
CA ASN M 38 -18.16 19.29 -68.10
C ASN M 38 -18.39 17.84 -67.69
N GLY M 39 -17.81 17.45 -66.56
CA GLY M 39 -17.90 16.07 -66.13
C GLY M 39 -17.31 15.14 -67.17
N SER M 40 -18.15 14.23 -67.67
CA SER M 40 -17.76 13.31 -68.71
C SER M 40 -17.94 13.90 -70.10
N THR M 41 -18.91 14.79 -70.29
CA THR M 41 -19.19 15.32 -71.60
C THR M 41 -18.11 16.32 -72.01
N SER M 42 -17.79 16.36 -73.29
CA SER M 42 -16.78 17.27 -73.81
C SER M 42 -17.25 17.81 -75.16
N THR M 43 -17.00 19.11 -75.38
CA THR M 43 -17.46 19.79 -76.58
C THR M 43 -16.34 20.63 -77.18
N ARG M 44 -16.37 20.76 -78.50
CA ARG M 44 -15.34 21.48 -79.23
C ARG M 44 -15.69 22.95 -79.33
N ILE M 45 -14.68 23.80 -79.18
CA ILE M 45 -14.81 25.24 -79.30
C ILE M 45 -13.97 25.66 -80.50
N ILE M 46 -14.64 26.10 -81.57
CA ILE M 46 -13.98 26.49 -82.81
C ILE M 46 -13.79 27.99 -82.81
N LYS M 47 -12.54 28.41 -83.00
CA LYS M 47 -12.13 29.81 -82.99
C LYS M 47 -11.49 30.14 -84.33
N VAL M 48 -11.98 31.18 -84.97
CA VAL M 48 -11.48 31.65 -86.26
C VAL M 48 -10.92 33.05 -86.08
N HIS M 49 -9.84 33.35 -86.78
CA HIS M 49 -9.21 34.67 -86.72
C HIS M 49 -8.78 35.08 -88.12
N ILE M 50 -9.32 36.19 -88.60
CA ILE M 50 -8.99 36.75 -89.91
C ILE M 50 -8.45 38.16 -89.69
N ASN M 51 -7.27 38.43 -90.23
CA ASN M 51 -6.62 39.73 -90.04
C ASN M 51 -6.16 40.25 -91.40
N SER M 52 -6.61 41.45 -91.76
CA SER M 52 -6.24 42.09 -93.02
C SER M 52 -5.49 43.37 -92.69
N THR M 53 -4.23 43.48 -93.11
CA THR M 53 -3.49 44.72 -92.84
C THR M 53 -2.74 45.19 -94.06
N ALA M 54 -2.36 46.45 -94.01
CA ALA M 54 -1.46 47.07 -94.96
C ALA M 54 -0.69 48.16 -94.24
N PRO M 55 0.54 48.45 -94.65
CA PRO M 55 1.24 49.58 -94.05
C PRO M 55 0.71 50.87 -94.62
N VAL M 56 0.74 51.92 -93.79
CA VAL M 56 0.35 53.25 -94.23
C VAL M 56 1.36 54.26 -93.68
N THR M 57 1.78 55.18 -94.54
CA THR M 57 2.79 56.18 -94.20
C THR M 57 2.23 57.19 -93.20
N ILE M 58 3.00 57.46 -92.14
CA ILE M 58 2.49 58.28 -91.04
C ILE M 58 2.10 59.67 -91.53
N ASN M 59 3.01 60.32 -92.26
CA ASN M 59 2.99 61.77 -92.42
C ASN M 59 2.23 62.17 -93.66
N THR M 60 1.02 62.70 -93.47
CA THR M 60 0.21 63.10 -94.62
C THR M 60 0.77 64.33 -95.31
N CYS M 61 1.18 65.34 -94.55
CA CYS M 61 1.67 66.60 -95.09
C CYS M 61 3.16 66.57 -95.43
N ASP M 62 3.83 65.43 -95.32
CA ASP M 62 5.24 65.30 -95.68
C ASP M 62 5.39 65.10 -97.19
N PRO M 63 6.63 65.22 -97.71
CA PRO M 63 6.84 64.98 -99.15
C PRO M 63 6.90 63.50 -99.52
N THR M 64 6.40 62.65 -98.61
CA THR M 64 6.39 61.18 -98.78
C THR M 64 7.81 60.63 -98.94
N LYS M 65 8.74 61.16 -98.13
CA LYS M 65 10.14 60.75 -98.15
C LYS M 65 10.36 59.51 -97.29
N CYS M 66 9.62 58.43 -97.63
CA CYS M 66 9.69 57.15 -96.92
C CYS M 66 9.61 57.35 -95.40
N GLY M 67 8.58 58.08 -94.99
CA GLY M 67 8.29 58.25 -93.58
C GLY M 67 7.98 56.91 -92.97
N PRO M 68 8.35 56.72 -91.70
CA PRO M 68 8.10 55.43 -91.05
C PRO M 68 6.61 55.09 -91.10
N THR M 69 6.32 53.83 -91.36
CA THR M 69 4.97 53.37 -91.62
C THR M 69 4.38 52.68 -90.40
N VAL M 70 3.06 52.80 -90.26
CA VAL M 70 2.33 52.13 -89.20
C VAL M 70 1.37 51.15 -89.85
N PRO M 71 1.18 49.97 -89.26
CA PRO M 71 0.18 49.02 -89.81
C PRO M 71 -1.24 49.50 -89.57
N MET M 72 -2.03 49.49 -90.63
CA MET M 72 -3.47 49.73 -90.58
C MET M 72 -4.15 48.39 -90.78
N GLY M 73 -5.10 48.08 -89.91
CA GLY M 73 -5.59 46.72 -89.80
C GLY M 73 -7.08 46.63 -89.53
N VAL M 74 -7.68 45.55 -90.01
CA VAL M 74 -9.07 45.22 -89.76
C VAL M 74 -9.12 43.73 -89.44
N SER M 75 -9.66 43.39 -88.28
CA SER M 75 -9.59 42.04 -87.75
C SER M 75 -10.98 41.51 -87.42
N PHE M 76 -11.13 40.20 -87.51
CA PHE M 76 -12.36 39.49 -87.24
C PHE M 76 -12.02 38.26 -86.42
N LYS M 77 -12.79 38.02 -85.37
CA LYS M 77 -12.59 36.84 -84.52
C LYS M 77 -13.93 36.19 -84.20
N SER M 78 -13.90 34.86 -84.11
CA SER M 78 -15.10 34.04 -83.93
C SER M 78 -14.78 32.96 -82.93
N SER M 79 -15.62 32.79 -81.91
CA SER M 79 -15.45 31.69 -80.95
C SER M 79 -16.80 31.11 -80.61
N MET M 80 -17.00 29.82 -80.90
CA MET M 80 -18.32 29.26 -80.68
C MET M 80 -18.22 27.75 -80.46
N PRO M 81 -19.16 27.16 -79.74
CA PRO M 81 -19.22 25.70 -79.68
C PRO M 81 -19.52 25.13 -81.06
N GLU M 82 -18.92 23.96 -81.34
CA GLU M 82 -19.11 23.30 -82.63
C GLU M 82 -20.60 23.14 -82.93
N ASP M 83 -20.97 23.38 -84.19
CA ASP M 83 -22.34 23.25 -84.70
C ASP M 83 -23.30 24.27 -84.11
N ALA M 84 -22.81 25.33 -83.48
CA ALA M 84 -23.71 26.41 -83.04
C ALA M 84 -24.06 27.28 -84.25
N ASP M 85 -25.02 28.18 -84.05
CA ASP M 85 -25.48 29.00 -85.18
C ASP M 85 -25.08 30.47 -85.01
N PRO M 86 -24.00 30.91 -85.66
CA PRO M 86 -23.59 32.31 -85.55
C PRO M 86 -24.44 33.27 -86.36
N ALA M 87 -25.48 32.77 -87.05
CA ALA M 87 -26.20 33.59 -88.02
C ALA M 87 -26.65 34.92 -87.41
N GLU M 88 -27.21 34.87 -86.21
CA GLU M 88 -27.79 36.07 -85.62
C GLU M 88 -26.73 37.01 -85.06
N VAL M 89 -25.70 36.48 -84.38
CA VAL M 89 -24.63 37.35 -83.87
C VAL M 89 -23.87 37.97 -85.04
N LEU M 90 -23.77 37.26 -86.17
CA LEU M 90 -23.15 37.83 -87.36
C LEU M 90 -23.99 38.96 -87.94
N LYS M 91 -25.30 38.74 -88.09
CA LYS M 91 -26.19 39.79 -88.57
C LYS M 91 -26.04 41.05 -87.71
N ALA M 92 -26.09 40.87 -86.39
CA ALA M 92 -25.96 42.00 -85.47
C ALA M 92 -24.61 42.69 -85.62
N ALA M 93 -23.53 41.90 -85.62
CA ALA M 93 -22.20 42.47 -85.74
C ALA M 93 -22.06 43.27 -87.02
N LYS M 94 -22.57 42.74 -88.14
CA LYS M 94 -22.47 43.44 -89.41
C LYS M 94 -23.27 44.73 -89.40
N ALA M 95 -24.47 44.69 -88.80
CA ALA M 95 -25.28 45.91 -88.68
C ALA M 95 -24.54 46.97 -87.87
N ALA M 96 -23.91 46.57 -86.76
CA ALA M 96 -23.15 47.52 -85.97
C ALA M 96 -21.98 48.08 -86.77
N LEU M 97 -21.25 47.21 -87.46
CA LEU M 97 -20.09 47.64 -88.23
C LEU M 97 -20.49 48.69 -89.26
N ALA M 98 -21.61 48.47 -89.95
CA ALA M 98 -22.08 49.42 -90.96
C ALA M 98 -22.14 50.85 -90.41
N LEU M 99 -22.43 51.03 -89.11
CA LEU M 99 -22.47 52.37 -88.54
C LEU M 99 -21.07 52.94 -88.36
N PHE M 100 -20.07 52.09 -88.17
CA PHE M 100 -18.72 52.57 -87.88
C PHE M 100 -17.84 52.69 -89.11
N GLU M 101 -18.05 51.87 -90.15
CA GLU M 101 -17.00 51.76 -91.16
C GLU M 101 -16.83 53.03 -91.98
N ALA M 102 -17.84 53.89 -92.03
CA ALA M 102 -17.62 55.21 -92.61
C ALA M 102 -16.64 56.02 -91.76
N ASN M 103 -16.79 55.94 -90.43
CA ASN M 103 -16.03 56.74 -89.48
C ASN M 103 -14.98 55.90 -88.77
N LEU M 104 -14.35 54.97 -89.49
CA LEU M 104 -13.36 54.07 -88.92
C LEU M 104 -12.02 54.75 -88.66
N ASN M 105 -11.84 55.97 -89.17
CA ASN M 105 -10.60 56.72 -89.02
C ASN M 105 -10.80 58.10 -88.42
N SER M 106 -12.01 58.45 -87.99
CA SER M 106 -12.31 59.85 -87.77
C SER M 106 -12.53 60.20 -86.29
N ALA M 107 -12.19 59.30 -85.37
CA ALA M 107 -12.17 59.62 -83.94
C ALA M 107 -13.53 60.11 -83.41
N PHE M 108 -14.60 59.93 -84.17
CA PHE M 108 -15.91 60.45 -83.80
C PHE M 108 -16.86 59.27 -83.58
N ASN M 109 -17.26 59.07 -82.33
CA ASN M 109 -18.16 57.96 -81.97
C ASN M 109 -19.55 58.55 -81.72
N LYS M 110 -20.45 58.39 -82.67
CA LYS M 110 -21.79 58.95 -82.50
C LYS M 110 -22.53 58.21 -81.38
N ASN M 111 -23.30 58.97 -80.60
CA ASN M 111 -24.17 58.36 -79.59
C ASN M 111 -25.34 57.74 -80.32
N VAL M 112 -25.33 56.41 -80.38
CA VAL M 112 -26.41 55.61 -80.93
C VAL M 112 -27.11 54.90 -79.78
N ASP M 113 -28.42 55.14 -79.65
CA ASP M 113 -29.22 54.55 -78.60
C ASP M 113 -29.92 53.27 -79.04
N GLU M 114 -30.01 52.99 -80.34
CA GLU M 114 -30.53 51.72 -80.80
C GLU M 114 -30.02 51.44 -82.21
N ILE M 115 -29.73 50.18 -82.47
CA ILE M 115 -29.21 49.71 -83.75
C ILE M 115 -30.25 48.75 -84.33
N SER M 116 -30.73 49.06 -85.53
CA SER M 116 -31.73 48.24 -86.19
C SER M 116 -31.03 47.15 -87.01
N VAL M 117 -31.44 45.91 -86.79
CA VAL M 117 -30.89 44.75 -87.50
C VAL M 117 -31.89 44.29 -88.54
N ALA M 118 -31.42 44.07 -89.77
CA ALA M 118 -32.28 43.73 -90.88
C ALA M 118 -32.95 42.36 -90.70
N ALA N 1 -20.19 4.67 -96.28
CA ALA N 1 -21.19 5.65 -96.66
C ALA N 1 -20.88 7.03 -96.06
N TYR N 2 -19.69 7.18 -95.47
CA TYR N 2 -19.21 8.46 -94.96
C TYR N 2 -17.71 8.56 -95.21
N LYS N 3 -17.14 9.72 -94.85
CA LYS N 3 -15.71 9.91 -95.00
C LYS N 3 -15.14 10.61 -93.78
N LEU N 4 -13.92 10.21 -93.42
CA LEU N 4 -13.19 10.79 -92.30
C LEU N 4 -12.30 11.91 -92.84
N ILE N 5 -12.63 13.14 -92.48
CA ILE N 5 -11.89 14.30 -92.97
C ILE N 5 -10.81 14.65 -91.97
N LYS N 6 -9.62 15.01 -92.48
CA LYS N 6 -8.51 15.38 -91.61
C LYS N 6 -8.86 16.62 -90.82
N MET N 7 -8.73 16.54 -89.50
CA MET N 7 -9.16 17.66 -88.68
C MET N 7 -8.14 18.77 -88.71
N ALA N 8 -8.62 19.99 -88.42
CA ALA N 8 -7.80 21.19 -88.38
C ALA N 8 -6.90 21.11 -87.16
N GLY N 9 -5.90 20.23 -87.25
CA GLY N 9 -4.93 20.07 -86.19
C GLY N 9 -3.52 20.12 -86.76
N GLY N 10 -2.57 20.43 -85.88
CA GLY N 10 -1.20 20.50 -86.31
C GLY N 10 -0.62 19.13 -86.63
N ASN N 11 -0.30 18.90 -87.90
CA ASN N 11 0.29 17.62 -88.31
C ASN N 11 1.61 17.42 -87.57
N SER N 12 1.72 16.30 -86.86
CA SER N 12 2.91 15.96 -86.09
C SER N 12 3.58 14.70 -86.62
N ALA N 13 3.50 14.47 -87.93
CA ALA N 13 3.65 13.16 -88.55
C ALA N 13 2.65 12.15 -87.96
N ILE N 14 1.61 12.68 -87.32
CA ILE N 14 0.45 11.96 -86.82
C ILE N 14 -0.77 12.63 -87.41
N GLN N 15 -1.57 11.88 -88.18
CA GLN N 15 -2.72 12.44 -88.87
C GLN N 15 -4.00 12.02 -88.16
N THR N 16 -4.77 13.01 -87.74
CA THR N 16 -6.00 12.78 -86.99
C THR N 16 -7.19 13.26 -87.83
N TYR N 17 -8.17 12.39 -87.99
CA TYR N 17 -9.37 12.63 -88.78
C TYR N 17 -10.59 12.51 -87.88
N ALA N 18 -11.64 13.23 -88.24
CA ALA N 18 -12.95 13.07 -87.63
C ALA N 18 -13.97 12.75 -88.71
N ARG N 19 -14.99 11.99 -88.33
CA ARG N 19 -16.04 11.62 -89.26
C ARG N 19 -16.89 12.83 -89.62
N GLU N 20 -17.26 12.94 -90.89
CA GLU N 20 -17.84 14.18 -91.40
C GLU N 20 -19.17 14.48 -90.71
N ASP N 21 -20.05 13.47 -90.64
CA ASP N 21 -21.39 13.70 -90.06
C ASP N 21 -21.39 13.58 -88.54
N LYS N 22 -20.76 12.53 -88.00
CA LYS N 22 -20.60 12.40 -86.56
C LYS N 22 -19.15 12.76 -86.21
N THR N 23 -18.91 14.02 -85.88
CA THR N 23 -17.56 14.45 -85.57
C THR N 23 -17.07 13.96 -84.21
N THR N 24 -17.90 13.20 -83.48
CA THR N 24 -17.46 12.58 -82.24
C THR N 24 -16.60 11.35 -82.50
N GLN N 25 -16.81 10.71 -83.64
CA GLN N 25 -16.03 9.54 -84.02
C GLN N 25 -14.76 10.02 -84.71
N THR N 26 -13.61 9.59 -84.18
CA THR N 26 -12.31 10.03 -84.67
C THR N 26 -11.44 8.82 -84.99
N LEU N 27 -10.31 9.11 -85.65
CA LEU N 27 -9.36 8.09 -86.09
C LEU N 27 -7.99 8.74 -86.30
N SER N 28 -6.94 8.07 -85.85
CA SER N 28 -5.58 8.62 -85.90
C SER N 28 -4.62 7.60 -86.49
N THR N 29 -3.75 8.06 -87.40
CA THR N 29 -2.75 7.18 -88.00
C THR N 29 -1.37 7.83 -87.88
N GLN N 30 -0.42 7.09 -87.31
CA GLN N 30 0.97 7.55 -87.25
C GLN N 30 1.91 6.43 -87.68
N LYS N 31 3.00 6.82 -88.32
CA LYS N 31 4.09 5.91 -88.64
C LYS N 31 5.38 6.50 -88.08
N THR N 32 6.17 5.65 -87.41
CA THR N 32 7.44 6.05 -86.83
C THR N 32 8.50 5.06 -87.26
N ILE N 33 9.76 5.51 -87.21
CA ILE N 33 10.89 4.70 -87.61
C ILE N 33 11.90 4.64 -86.47
N SER N 34 12.29 3.43 -86.10
CA SER N 34 13.29 3.17 -85.08
C SER N 34 14.52 2.55 -85.74
N VAL N 35 15.64 2.58 -85.02
CA VAL N 35 16.87 1.94 -85.48
C VAL N 35 17.30 0.93 -84.43
N LEU N 36 17.38 -0.33 -84.81
CA LEU N 36 17.79 -1.42 -83.92
C LEU N 36 19.18 -1.87 -84.34
N ARG N 37 20.15 -1.73 -83.44
CA ARG N 37 21.54 -2.06 -83.70
C ARG N 37 21.94 -3.26 -82.87
N ASN N 38 22.34 -4.34 -83.54
CA ASN N 38 22.91 -5.52 -82.89
C ASN N 38 24.34 -5.67 -83.41
N GLY N 39 25.32 -5.30 -82.57
CA GLY N 39 26.70 -5.35 -83.02
C GLY N 39 26.96 -4.37 -84.15
N SER N 40 27.57 -4.88 -85.22
CA SER N 40 27.88 -4.04 -86.39
C SER N 40 26.62 -3.64 -87.13
N THR N 41 25.64 -4.54 -87.22
CA THR N 41 24.46 -4.35 -88.04
C THR N 41 23.46 -3.42 -87.36
N SER N 42 22.88 -2.52 -88.17
CA SER N 42 21.76 -1.68 -87.75
C SER N 42 20.66 -1.79 -88.80
N THR N 43 19.40 -1.92 -88.34
CA THR N 43 18.26 -2.06 -89.23
C THR N 43 17.14 -1.13 -88.78
N ARG N 44 16.34 -0.68 -89.76
CA ARG N 44 15.24 0.21 -89.49
C ARG N 44 13.97 -0.57 -89.22
N ILE N 45 13.23 -0.13 -88.20
CA ILE N 45 11.99 -0.76 -87.77
C ILE N 45 10.83 0.20 -88.01
N ILE N 46 9.89 -0.21 -88.84
CA ILE N 46 8.70 0.57 -89.17
C ILE N 46 7.59 0.21 -88.21
N LYS N 47 6.99 1.23 -87.57
CA LYS N 47 5.93 1.04 -86.59
C LYS N 47 4.73 1.90 -86.97
N VAL N 48 3.62 1.24 -87.29
CA VAL N 48 2.35 1.87 -87.64
C VAL N 48 1.40 1.75 -86.45
N HIS N 49 0.64 2.81 -86.18
CA HIS N 49 -0.38 2.79 -85.14
C HIS N 49 -1.62 3.51 -85.65
N ILE N 50 -2.72 2.77 -85.73
CA ILE N 50 -4.02 3.27 -86.14
C ILE N 50 -4.99 3.13 -84.98
N ASN N 51 -5.76 4.17 -84.71
CA ASN N 51 -6.73 4.14 -83.61
C ASN N 51 -8.05 4.69 -84.10
N SER N 52 -9.16 4.05 -83.73
CA SER N 52 -10.48 4.46 -84.18
C SER N 52 -11.40 4.42 -82.97
N THR N 53 -11.81 5.60 -82.47
CA THR N 53 -12.64 5.63 -81.27
C THR N 53 -13.88 6.49 -81.48
N ALA N 54 -14.86 6.23 -80.62
CA ALA N 54 -16.06 7.03 -80.50
C ALA N 54 -16.47 7.03 -79.04
N PRO N 55 -17.16 8.07 -78.58
CA PRO N 55 -17.71 8.02 -77.22
C PRO N 55 -18.96 7.17 -77.20
N VAL N 56 -19.19 6.50 -76.06
CA VAL N 56 -20.38 5.71 -75.84
C VAL N 56 -21.03 6.19 -74.55
N THR N 57 -22.29 6.62 -74.65
CA THR N 57 -23.08 6.92 -73.46
C THR N 57 -23.26 5.65 -72.64
N ILE N 58 -22.86 5.72 -71.36
CA ILE N 58 -23.04 4.57 -70.48
C ILE N 58 -24.51 4.18 -70.46
N ASN N 59 -24.77 2.87 -70.56
CA ASN N 59 -26.12 2.37 -70.39
C ASN N 59 -26.68 2.88 -69.07
N THR N 60 -27.72 3.70 -69.15
CA THR N 60 -28.22 4.40 -67.98
C THR N 60 -29.71 4.14 -67.79
N CYS N 61 -30.22 4.68 -66.69
CA CYS N 61 -31.59 4.43 -66.26
C CYS N 61 -32.60 5.23 -67.09
N ASP N 62 -32.24 6.44 -67.51
CA ASP N 62 -33.18 7.35 -68.16
C ASP N 62 -33.64 6.79 -69.50
N PRO N 63 -34.88 7.07 -69.90
CA PRO N 63 -35.29 6.76 -71.28
C PRO N 63 -34.50 7.57 -72.29
N THR N 64 -34.28 8.86 -72.02
CA THR N 64 -33.36 9.63 -72.82
C THR N 64 -31.96 9.06 -72.69
N LYS N 65 -31.21 9.08 -73.80
CA LYS N 65 -29.86 8.51 -73.82
C LYS N 65 -28.91 9.53 -73.19
N CYS N 66 -28.94 9.60 -71.86
CA CYS N 66 -28.11 10.53 -71.12
C CYS N 66 -27.38 9.81 -69.98
N GLY N 67 -26.05 9.91 -69.99
CA GLY N 67 -25.23 9.39 -68.93
C GLY N 67 -23.77 9.75 -69.19
N PRO N 68 -22.88 9.40 -68.26
CA PRO N 68 -21.45 9.59 -68.52
C PRO N 68 -21.02 8.85 -69.77
N THR N 69 -20.05 9.41 -70.49
CA THR N 69 -19.55 8.81 -71.72
C THR N 69 -18.19 8.16 -71.46
N VAL N 70 -18.06 6.92 -71.88
CA VAL N 70 -16.80 6.19 -71.82
C VAL N 70 -16.34 6.01 -73.25
N PRO N 71 -15.05 6.16 -73.55
CA PRO N 71 -14.58 5.95 -74.93
C PRO N 71 -14.54 4.46 -75.27
N MET N 72 -15.06 4.13 -76.45
CA MET N 72 -14.85 2.81 -77.04
C MET N 72 -13.93 2.96 -78.24
N GLY N 73 -13.07 1.98 -78.44
CA GLY N 73 -11.98 2.15 -79.38
C GLY N 73 -11.46 0.83 -79.90
N VAL N 74 -11.05 0.85 -81.15
CA VAL N 74 -10.40 -0.27 -81.79
C VAL N 74 -9.07 0.22 -82.30
N SER N 75 -7.99 -0.50 -81.97
CA SER N 75 -6.64 -0.04 -82.23
C SER N 75 -5.85 -1.15 -82.92
N PHE N 76 -5.08 -0.76 -83.94
CA PHE N 76 -4.23 -1.67 -84.69
C PHE N 76 -2.80 -1.15 -84.64
N LYS N 77 -1.87 -2.00 -84.24
CA LYS N 77 -0.46 -1.62 -84.15
C LYS N 77 0.38 -2.65 -84.92
N SER N 78 1.47 -2.18 -85.51
CA SER N 78 2.27 -3.01 -86.42
C SER N 78 3.74 -2.60 -86.32
N SER N 79 4.61 -3.53 -85.97
CA SER N 79 6.04 -3.23 -85.87
C SER N 79 6.86 -4.31 -86.54
N MET N 80 7.68 -3.92 -87.52
CA MET N 80 8.49 -4.92 -88.21
C MET N 80 9.71 -4.24 -88.79
N PRO N 81 10.81 -4.96 -88.99
CA PRO N 81 11.98 -4.35 -89.63
C PRO N 81 11.71 -4.12 -91.10
N GLU N 82 12.36 -3.08 -91.63
CA GLU N 82 12.08 -2.61 -92.99
C GLU N 82 12.22 -3.74 -94.01
N ASP N 83 11.32 -3.72 -95.00
CA ASP N 83 11.27 -4.66 -96.13
C ASP N 83 10.95 -6.09 -95.72
N ALA N 84 10.50 -6.33 -94.49
CA ALA N 84 10.03 -7.66 -94.12
C ALA N 84 8.67 -7.93 -94.76
N ASP N 85 8.21 -9.19 -94.70
CA ASP N 85 6.92 -9.55 -95.30
C ASP N 85 5.91 -9.95 -94.23
N PRO N 86 5.02 -9.06 -93.81
CA PRO N 86 4.05 -9.41 -92.76
C PRO N 86 2.81 -10.12 -93.28
N ALA N 87 2.84 -10.62 -94.51
CA ALA N 87 1.63 -11.16 -95.16
C ALA N 87 0.96 -12.22 -94.29
N GLU N 88 1.74 -13.17 -93.80
CA GLU N 88 1.14 -14.28 -93.05
C GLU N 88 0.74 -13.85 -91.65
N VAL N 89 1.53 -12.95 -91.04
CA VAL N 89 1.17 -12.40 -89.74
C VAL N 89 -0.17 -11.67 -89.81
N LEU N 90 -0.32 -10.82 -90.83
CA LEU N 90 -1.60 -10.14 -91.07
C LEU N 90 -2.72 -11.13 -91.28
N LYS N 91 -2.49 -12.17 -92.09
CA LYS N 91 -3.53 -13.13 -92.39
C LYS N 91 -4.04 -13.80 -91.10
N ALA N 92 -3.10 -14.25 -90.25
CA ALA N 92 -3.49 -14.89 -88.99
C ALA N 92 -4.20 -13.91 -88.05
N ALA N 93 -3.66 -12.70 -87.94
CA ALA N 93 -4.32 -11.69 -87.11
C ALA N 93 -5.74 -11.45 -87.56
N LYS N 94 -5.96 -11.35 -88.88
CA LYS N 94 -7.29 -11.10 -89.41
C LYS N 94 -8.22 -12.27 -89.12
N ALA N 95 -7.73 -13.51 -89.22
CA ALA N 95 -8.56 -14.67 -88.89
C ALA N 95 -8.99 -14.66 -87.43
N ALA N 96 -8.04 -14.36 -86.53
CA ALA N 96 -8.36 -14.27 -85.11
C ALA N 96 -9.40 -13.18 -84.84
N LEU N 97 -9.20 -12.00 -85.44
CA LEU N 97 -10.15 -10.91 -85.28
C LEU N 97 -11.52 -11.32 -85.79
N ALA N 98 -11.57 -12.06 -86.89
CA ALA N 98 -12.84 -12.54 -87.41
C ALA N 98 -13.53 -13.42 -86.38
N LEU N 99 -12.76 -14.24 -85.66
CA LEU N 99 -13.37 -15.07 -84.62
C LEU N 99 -13.90 -14.23 -83.46
N PHE N 100 -13.16 -13.22 -83.03
CA PHE N 100 -13.49 -12.49 -81.81
C PHE N 100 -14.33 -11.23 -82.02
N GLU N 101 -14.64 -10.88 -83.28
CA GLU N 101 -15.24 -9.58 -83.58
C GLU N 101 -16.64 -9.45 -83.00
N ALA N 102 -17.45 -10.50 -83.10
CA ALA N 102 -18.78 -10.46 -82.50
C ALA N 102 -18.70 -10.41 -80.97
N ASN N 103 -17.62 -10.93 -80.40
CA ASN N 103 -17.45 -11.03 -78.95
C ASN N 103 -16.60 -9.90 -78.39
N LEU N 104 -16.31 -8.86 -79.18
CA LEU N 104 -15.55 -7.72 -78.66
C LEU N 104 -16.23 -7.05 -77.47
N ASN N 105 -17.55 -7.22 -77.32
CA ASN N 105 -18.31 -6.60 -76.24
C ASN N 105 -19.02 -7.60 -75.35
N SER N 106 -18.56 -8.86 -75.30
CA SER N 106 -19.39 -9.95 -74.82
C SER N 106 -19.26 -10.22 -73.33
N ALA N 107 -18.10 -9.94 -72.73
CA ALA N 107 -17.78 -10.29 -71.35
C ALA N 107 -17.71 -11.80 -71.12
N PHE N 108 -17.81 -12.59 -72.18
CA PHE N 108 -17.61 -14.03 -72.15
C PHE N 108 -16.51 -14.38 -73.15
N ASN N 109 -15.59 -15.23 -72.74
CA ASN N 109 -14.49 -15.63 -73.60
C ASN N 109 -14.81 -16.98 -74.24
N LYS N 110 -14.80 -17.03 -75.56
CA LYS N 110 -15.01 -18.28 -76.28
C LYS N 110 -13.70 -19.06 -76.30
N ASN N 111 -13.72 -20.28 -75.78
CA ASN N 111 -12.52 -21.12 -75.73
C ASN N 111 -12.45 -21.93 -77.01
N VAL N 112 -11.65 -21.44 -77.96
CA VAL N 112 -11.42 -22.15 -79.23
C VAL N 112 -10.03 -22.76 -79.19
N ASP N 113 -9.92 -23.98 -79.73
CA ASP N 113 -8.69 -24.75 -79.69
C ASP N 113 -7.87 -24.66 -80.97
N GLU N 114 -8.46 -24.18 -82.08
CA GLU N 114 -7.68 -23.93 -83.29
C GLU N 114 -8.33 -22.84 -84.12
N ILE N 115 -7.50 -22.18 -84.92
CA ILE N 115 -7.87 -21.01 -85.71
C ILE N 115 -7.43 -21.26 -87.14
N SER N 116 -8.37 -21.45 -88.05
CA SER N 116 -8.05 -21.77 -89.44
C SER N 116 -7.78 -20.51 -90.25
N VAL N 117 -6.75 -20.57 -91.11
CA VAL N 117 -6.22 -19.40 -91.81
C VAL N 117 -6.13 -19.72 -93.29
N ALA N 118 -6.29 -18.68 -94.12
CA ALA N 118 -6.13 -18.74 -95.59
C ALA N 118 -6.96 -19.84 -96.23
N ALA O 1 8.41 7.29 -116.64
CA ALA O 1 7.48 8.28 -116.10
C ALA O 1 6.92 7.83 -114.75
N TYR O 2 6.96 8.71 -113.76
CA TYR O 2 6.48 8.40 -112.43
C TYR O 2 5.96 9.67 -111.76
N LYS O 3 5.35 9.49 -110.59
CA LYS O 3 4.79 10.59 -109.81
C LYS O 3 5.43 10.63 -108.42
N LEU O 4 5.81 11.84 -108.01
CA LEU O 4 6.30 12.07 -106.65
C LEU O 4 5.09 12.37 -105.76
N ILE O 5 4.69 11.37 -104.98
CA ILE O 5 3.54 11.46 -104.07
C ILE O 5 3.95 12.23 -102.82
N LYS O 6 3.05 13.08 -102.32
CA LYS O 6 3.38 13.89 -101.16
C LYS O 6 3.36 13.06 -99.89
N MET O 7 4.50 13.04 -99.19
CA MET O 7 4.60 12.41 -97.89
C MET O 7 3.95 13.28 -96.82
N ALA O 8 3.63 12.65 -95.69
CA ALA O 8 2.95 13.33 -94.60
C ALA O 8 4.00 13.92 -93.65
N GLY O 9 4.13 15.24 -93.69
CA GLY O 9 5.15 15.92 -92.92
C GLY O 9 4.52 16.79 -91.86
N GLY O 10 5.20 16.89 -90.71
CA GLY O 10 4.71 17.75 -89.64
C GLY O 10 4.93 19.23 -89.94
N ASN O 11 6.04 19.56 -90.58
CA ASN O 11 6.35 20.94 -90.90
C ASN O 11 5.66 21.36 -92.19
N SER O 12 4.96 22.49 -92.15
CA SER O 12 4.24 22.97 -93.32
C SER O 12 5.11 23.80 -94.26
N ALA O 13 6.24 24.32 -93.79
CA ALA O 13 7.11 25.10 -94.65
C ALA O 13 7.78 24.22 -95.71
N ILE O 14 8.03 22.96 -95.38
CA ILE O 14 8.71 22.00 -96.25
C ILE O 14 7.69 20.99 -96.73
N GLN O 15 7.61 20.78 -98.04
CA GLN O 15 6.80 19.73 -98.64
C GLN O 15 7.72 18.62 -99.10
N THR O 16 7.48 17.40 -98.63
CA THR O 16 8.29 16.25 -98.96
C THR O 16 7.49 15.29 -99.82
N TYR O 17 8.15 14.67 -100.78
CA TYR O 17 7.54 13.74 -101.71
C TYR O 17 8.45 12.54 -101.87
N ALA O 18 7.83 11.40 -102.19
CA ALA O 18 8.53 10.16 -102.47
C ALA O 18 8.03 9.63 -103.80
N ARG O 19 8.92 9.02 -104.57
CA ARG O 19 8.54 8.44 -105.84
C ARG O 19 7.61 7.25 -105.61
N GLU O 20 6.62 7.11 -106.49
CA GLU O 20 5.64 6.04 -106.32
C GLU O 20 6.29 4.66 -106.44
N ASP O 21 7.13 4.48 -107.47
CA ASP O 21 7.83 3.22 -107.66
C ASP O 21 8.78 2.93 -106.50
N LYS O 22 9.73 3.83 -106.28
CA LYS O 22 10.72 3.70 -105.21
C LYS O 22 10.40 4.76 -104.17
N THR O 23 9.82 4.35 -103.05
CA THR O 23 9.63 5.29 -101.96
C THR O 23 10.94 5.67 -101.26
N THR O 24 12.06 5.08 -101.70
CA THR O 24 13.37 5.47 -101.17
C THR O 24 13.88 6.74 -101.81
N GLN O 25 13.50 7.00 -103.04
CA GLN O 25 13.88 8.22 -103.73
C GLN O 25 12.93 9.34 -103.33
N THR O 26 13.47 10.41 -102.76
CA THR O 26 12.63 11.47 -102.23
C THR O 26 13.06 12.82 -102.80
N LEU O 27 12.22 13.82 -102.51
CA LEU O 27 12.38 15.19 -102.99
C LEU O 27 11.67 16.14 -102.04
N SER O 28 12.33 17.24 -101.70
CA SER O 28 11.77 18.22 -100.79
C SER O 28 11.81 19.60 -101.42
N THR O 29 10.73 20.36 -101.25
CA THR O 29 10.66 21.74 -101.69
C THR O 29 10.33 22.63 -100.51
N GLN O 30 11.06 23.73 -100.38
CA GLN O 30 10.86 24.67 -99.28
C GLN O 30 11.07 26.10 -99.76
N LYS O 31 10.12 26.98 -99.47
CA LYS O 31 10.29 28.40 -99.70
C LYS O 31 10.18 29.13 -98.37
N THR O 32 11.12 30.05 -98.12
CA THR O 32 11.17 30.84 -96.92
C THR O 32 11.35 32.31 -97.29
N ILE O 33 10.90 33.19 -96.40
CA ILE O 33 10.92 34.63 -96.63
C ILE O 33 11.68 35.29 -95.49
N SER O 34 12.55 36.23 -95.85
CA SER O 34 13.33 37.01 -94.89
C SER O 34 13.07 38.49 -95.11
N VAL O 35 13.19 39.27 -94.03
CA VAL O 35 12.96 40.71 -94.07
C VAL O 35 14.31 41.41 -93.93
N LEU O 36 14.60 42.30 -94.86
CA LEU O 36 15.84 43.07 -94.87
C LEU O 36 15.46 44.52 -94.65
N ARG O 37 15.70 45.03 -93.45
CA ARG O 37 15.29 46.38 -93.09
C ARG O 37 16.44 47.34 -93.37
N ASN O 38 16.24 48.22 -94.34
CA ASN O 38 17.14 49.32 -94.65
C ASN O 38 16.42 50.60 -94.28
N GLY O 39 16.88 51.25 -93.22
CA GLY O 39 16.21 52.45 -92.74
C GLY O 39 14.78 52.16 -92.33
N SER O 40 13.85 52.91 -92.92
CA SER O 40 12.43 52.72 -92.66
C SER O 40 11.74 51.91 -93.75
N THR O 41 12.51 51.25 -94.62
CA THR O 41 11.97 50.44 -95.69
C THR O 41 12.45 49.01 -95.51
N SER O 42 11.51 48.07 -95.43
CA SER O 42 11.84 46.66 -95.30
C SER O 42 11.53 45.96 -96.62
N THR O 43 12.50 45.20 -97.11
CA THR O 43 12.39 44.48 -98.38
C THR O 43 12.38 42.98 -98.15
N ARG O 44 11.63 42.29 -98.99
CA ARG O 44 11.34 40.87 -98.83
C ARG O 44 12.34 40.05 -99.66
N ILE O 45 12.88 39.00 -99.04
CA ILE O 45 13.94 38.20 -99.66
C ILE O 45 13.51 36.74 -99.68
N ILE O 46 13.32 36.21 -100.89
CA ILE O 46 12.74 34.89 -101.11
C ILE O 46 13.85 33.89 -101.33
N LYS O 47 13.83 32.80 -100.56
CA LYS O 47 14.80 31.71 -100.66
C LYS O 47 14.06 30.41 -100.93
N VAL O 48 14.47 29.69 -101.98
CA VAL O 48 13.90 28.42 -102.37
C VAL O 48 14.96 27.34 -102.24
N HIS O 49 14.56 26.17 -101.77
CA HIS O 49 15.46 25.03 -101.61
C HIS O 49 14.76 23.76 -102.04
N ILE O 50 15.26 23.15 -103.12
CA ILE O 50 14.79 21.87 -103.64
C ILE O 50 15.90 20.85 -103.46
N ASN O 51 15.56 19.67 -102.92
CA ASN O 51 16.54 18.61 -102.75
C ASN O 51 15.96 17.31 -103.31
N SER O 52 16.76 16.54 -104.05
CA SER O 52 16.30 15.29 -104.64
C SER O 52 17.37 14.23 -104.37
N THR O 53 17.08 13.29 -103.46
CA THR O 53 18.08 12.28 -103.13
C THR O 53 17.50 10.89 -103.24
N ALA O 54 18.43 9.93 -103.19
CA ALA O 54 18.11 8.51 -103.16
C ALA O 54 19.30 7.79 -102.57
N PRO O 55 19.09 6.67 -101.88
CA PRO O 55 20.20 5.95 -101.28
C PRO O 55 20.89 5.06 -102.32
N VAL O 56 22.23 5.10 -102.35
CA VAL O 56 23.04 4.21 -103.17
C VAL O 56 23.86 3.34 -102.24
N THR O 57 23.98 2.06 -102.57
CA THR O 57 24.73 1.11 -101.75
C THR O 57 26.11 0.87 -102.35
N ILE O 58 27.14 1.07 -101.53
CA ILE O 58 28.52 0.86 -101.94
C ILE O 58 28.87 -0.60 -101.70
N ASN O 59 28.98 -1.38 -102.78
CA ASN O 59 29.28 -2.80 -102.64
C ASN O 59 30.77 -2.96 -102.38
N THR O 60 31.10 -3.56 -101.24
CA THR O 60 32.46 -3.88 -100.86
C THR O 60 32.52 -5.37 -100.55
N CYS O 61 33.53 -6.05 -101.11
CA CYS O 61 33.62 -7.48 -100.90
C CYS O 61 33.95 -7.78 -99.44
N ASP O 62 33.29 -8.80 -98.90
CA ASP O 62 33.29 -9.10 -97.48
C ASP O 62 32.81 -10.53 -97.30
N PRO O 63 33.29 -11.25 -96.28
CA PRO O 63 32.72 -12.58 -96.00
C PRO O 63 31.21 -12.53 -95.87
N THR O 64 30.70 -11.50 -95.21
CA THR O 64 29.27 -11.22 -95.14
C THR O 64 28.97 -10.06 -96.09
N LYS O 65 28.23 -10.36 -97.17
CA LYS O 65 28.07 -9.41 -98.28
C LYS O 65 26.95 -8.41 -97.99
N CYS O 66 27.22 -7.52 -97.04
CA CYS O 66 26.38 -6.33 -96.81
C CYS O 66 27.29 -5.13 -96.67
N GLY O 67 27.10 -4.14 -97.55
CA GLY O 67 27.87 -2.93 -97.52
C GLY O 67 27.02 -1.75 -97.08
N PRO O 68 27.67 -0.61 -96.82
CA PRO O 68 26.95 0.55 -96.27
C PRO O 68 26.14 1.26 -97.35
N THR O 69 25.27 2.16 -96.89
CA THR O 69 24.42 2.93 -97.76
C THR O 69 24.66 4.40 -97.53
N VAL O 70 24.84 5.16 -98.62
CA VAL O 70 25.16 6.58 -98.54
C VAL O 70 24.28 7.28 -99.57
N PRO O 71 23.77 8.49 -99.29
CA PRO O 71 22.82 9.11 -100.21
C PRO O 71 23.51 9.82 -101.37
N MET O 72 22.91 9.73 -102.54
CA MET O 72 23.25 10.56 -103.68
C MET O 72 22.15 11.60 -103.86
N GLY O 73 22.57 12.84 -104.07
CA GLY O 73 21.65 13.96 -103.98
C GLY O 73 21.96 15.03 -104.99
N VAL O 74 20.91 15.72 -105.43
CA VAL O 74 21.04 16.87 -106.30
C VAL O 74 20.22 17.98 -105.64
N SER O 75 20.86 19.11 -105.39
CA SER O 75 20.26 20.19 -104.61
C SER O 75 20.26 21.47 -105.44
N PHE O 76 19.19 22.24 -105.29
CA PHE O 76 19.01 23.53 -105.93
C PHE O 76 18.65 24.53 -104.86
N LYS O 77 19.36 25.65 -104.81
CA LYS O 77 19.04 26.71 -103.88
C LYS O 77 18.99 28.05 -104.63
N SER O 78 18.18 28.96 -104.09
CA SER O 78 17.87 30.22 -104.75
C SER O 78 17.61 31.26 -103.67
N SER O 79 18.11 32.48 -103.87
CA SER O 79 17.87 33.56 -102.92
C SER O 79 17.94 34.90 -103.62
N MET O 80 16.90 35.71 -103.48
CA MET O 80 16.90 36.99 -104.19
C MET O 80 15.86 37.91 -103.59
N PRO O 81 16.01 39.23 -103.75
CA PRO O 81 14.97 40.14 -103.27
C PRO O 81 13.73 40.02 -104.13
N GLU O 82 12.59 40.31 -103.50
CA GLU O 82 11.30 40.17 -104.17
C GLU O 82 11.28 40.99 -105.46
N ASP O 83 10.62 40.43 -106.47
CA ASP O 83 10.43 41.08 -107.78
C ASP O 83 11.75 41.31 -108.52
N ALA O 84 12.80 40.58 -108.17
CA ALA O 84 14.04 40.64 -108.94
C ALA O 84 13.92 39.72 -110.15
N ASP O 85 14.90 39.80 -111.06
CA ASP O 85 14.85 38.99 -112.27
C ASP O 85 15.95 37.94 -112.28
N PRO O 86 15.65 36.68 -112.03
CA PRO O 86 16.69 35.64 -112.06
C PRO O 86 16.95 35.04 -113.44
N ALA O 87 16.33 35.56 -114.49
CA ALA O 87 16.34 34.86 -115.76
C ALA O 87 17.76 34.56 -116.23
N GLU O 88 18.66 35.53 -116.04
CA GLU O 88 20.00 35.35 -116.60
C GLU O 88 20.88 34.49 -115.71
N VAL O 89 20.82 34.65 -114.38
CA VAL O 89 21.58 33.76 -113.51
C VAL O 89 21.10 32.32 -113.67
N LEU O 90 19.80 32.13 -113.91
CA LEU O 90 19.30 30.79 -114.22
C LEU O 90 19.91 30.26 -115.51
N LYS O 91 19.88 31.06 -116.58
CA LYS O 91 20.45 30.59 -117.86
C LYS O 91 21.92 30.19 -117.69
N ALA O 92 22.70 31.02 -116.98
CA ALA O 92 24.12 30.73 -116.81
C ALA O 92 24.33 29.47 -115.96
N ALA O 93 23.62 29.38 -114.83
CA ALA O 93 23.72 28.20 -113.99
C ALA O 93 23.36 26.95 -114.77
N LYS O 94 22.33 27.04 -115.61
CA LYS O 94 21.90 25.87 -116.39
C LYS O 94 22.94 25.48 -117.42
N ALA O 95 23.62 26.46 -118.03
CA ALA O 95 24.69 26.13 -118.98
C ALA O 95 25.86 25.43 -118.28
N ALA O 96 26.25 25.94 -117.10
CA ALA O 96 27.32 25.28 -116.35
C ALA O 96 26.91 23.87 -115.93
N LEU O 97 25.68 23.71 -115.44
CA LEU O 97 25.17 22.39 -115.13
C LEU O 97 25.21 21.48 -116.33
N ALA O 98 24.87 22.02 -117.50
CA ALA O 98 24.91 21.23 -118.72
C ALA O 98 26.32 20.70 -118.98
N LEU O 99 27.33 21.52 -118.72
CA LEU O 99 28.70 21.03 -118.84
C LEU O 99 29.01 19.93 -117.84
N PHE O 100 28.65 20.14 -116.57
CA PHE O 100 29.09 19.21 -115.53
C PHE O 100 28.21 17.97 -115.36
N GLU O 101 27.01 17.96 -115.96
CA GLU O 101 25.99 16.97 -115.60
C GLU O 101 26.44 15.56 -115.95
N ALA O 102 26.98 15.36 -117.15
CA ALA O 102 27.47 14.05 -117.55
C ALA O 102 28.50 13.51 -116.56
N ASN O 103 29.35 14.40 -116.03
CA ASN O 103 30.48 14.04 -115.20
C ASN O 103 30.21 14.19 -113.70
N LEU O 104 28.95 14.11 -113.27
CA LEU O 104 28.63 14.30 -111.86
C LEU O 104 29.10 13.12 -111.00
N ASN O 105 29.31 11.96 -111.61
CA ASN O 105 29.68 10.75 -110.90
C ASN O 105 31.08 10.28 -111.26
N SER O 106 31.93 11.15 -111.83
CA SER O 106 33.12 10.66 -112.52
C SER O 106 34.46 11.08 -111.92
N ALA O 107 34.50 12.12 -111.09
CA ALA O 107 35.74 12.56 -110.43
C ALA O 107 36.74 13.16 -111.41
N PHE O 108 36.32 13.46 -112.63
CA PHE O 108 37.15 14.12 -113.64
C PHE O 108 36.75 15.58 -113.75
N ASN O 109 37.75 16.43 -113.98
CA ASN O 109 37.45 17.84 -114.24
C ASN O 109 38.59 18.42 -115.08
N LYS O 110 38.23 19.10 -116.15
CA LYS O 110 39.18 19.70 -117.08
C LYS O 110 39.04 21.22 -117.04
N ASN O 111 40.15 21.93 -117.26
CA ASN O 111 40.08 23.38 -117.28
C ASN O 111 39.19 23.84 -118.42
N VAL O 112 38.22 24.68 -118.10
CA VAL O 112 37.33 25.27 -119.08
C VAL O 112 37.59 26.77 -119.08
N ASP O 113 38.00 27.30 -120.23
CA ASP O 113 38.36 28.71 -120.32
C ASP O 113 37.14 29.60 -120.51
N GLU O 114 36.03 29.05 -120.98
CA GLU O 114 34.82 29.85 -121.10
C GLU O 114 33.60 28.94 -121.20
N ILE O 115 32.48 29.46 -120.76
CA ILE O 115 31.19 28.79 -120.82
C ILE O 115 30.26 29.65 -121.69
N SER O 116 29.76 29.06 -122.77
CA SER O 116 28.87 29.78 -123.67
C SER O 116 27.43 29.64 -123.19
N VAL O 117 26.76 30.78 -123.03
CA VAL O 117 25.37 30.81 -122.56
C VAL O 117 24.45 31.10 -123.73
N ALA O 118 23.30 30.43 -123.76
CA ALA O 118 22.34 30.51 -124.85
C ALA O 118 21.84 31.94 -125.10
N ALA P 1 80.36 -97.20 51.20
CA ALA P 1 81.64 -97.73 50.75
C ALA P 1 81.97 -97.31 49.32
N TYR P 2 82.58 -96.13 49.16
CA TYR P 2 82.95 -95.59 47.85
C TYR P 2 84.28 -94.87 47.96
N LYS P 3 84.75 -94.31 46.83
CA LYS P 3 85.99 -93.55 46.84
C LYS P 3 85.89 -92.35 45.91
N LEU P 4 86.55 -91.27 46.31
CA LEU P 4 86.57 -90.02 45.58
C LEU P 4 87.84 -89.96 44.74
N ILE P 5 87.68 -89.94 43.44
CA ILE P 5 88.80 -89.89 42.52
C ILE P 5 89.06 -88.45 42.15
N LYS P 6 90.34 -88.11 41.92
CA LYS P 6 90.70 -86.73 41.60
C LYS P 6 90.11 -86.30 40.26
N MET P 7 89.56 -85.10 40.23
CA MET P 7 88.99 -84.51 39.03
C MET P 7 90.03 -83.68 38.30
N ALA P 8 89.78 -83.48 37.01
CA ALA P 8 90.54 -82.51 36.24
C ALA P 8 90.25 -81.11 36.76
N GLY P 9 91.30 -80.40 37.16
CA GLY P 9 91.14 -79.06 37.70
C GLY P 9 92.20 -78.14 37.15
N GLY P 10 91.92 -76.83 37.23
CA GLY P 10 92.80 -75.83 36.68
C GLY P 10 93.86 -75.33 37.64
N ASN P 11 93.53 -75.26 38.92
CA ASN P 11 94.45 -74.73 39.93
C ASN P 11 95.36 -75.83 40.46
N SER P 12 96.62 -75.47 40.74
CA SER P 12 97.59 -76.44 41.27
C SER P 12 97.54 -76.54 42.78
N ALA P 13 97.12 -75.47 43.47
CA ALA P 13 97.02 -75.50 44.93
C ALA P 13 95.80 -76.27 45.41
N ILE P 14 94.73 -76.28 44.60
CA ILE P 14 93.47 -76.90 44.95
C ILE P 14 93.39 -78.28 44.30
N GLN P 15 93.14 -79.30 45.11
CA GLN P 15 92.85 -80.64 44.60
C GLN P 15 91.34 -80.86 44.68
N THR P 16 90.73 -81.19 43.55
CA THR P 16 89.30 -81.44 43.48
C THR P 16 89.06 -82.91 43.20
N TYR P 17 88.12 -83.49 43.92
CA TYR P 17 87.75 -84.90 43.81
C TYR P 17 86.25 -85.00 43.60
N ALA P 18 85.84 -86.04 42.89
CA ALA P 18 84.44 -86.38 42.74
C ALA P 18 84.24 -87.84 43.14
N ARG P 19 83.04 -88.11 43.65
CA ARG P 19 82.68 -89.47 44.03
C ARG P 19 82.51 -90.34 42.79
N GLU P 20 83.00 -91.58 42.87
CA GLU P 20 82.93 -92.47 41.72
C GLU P 20 81.48 -92.79 41.37
N ASP P 21 80.67 -93.16 42.37
CA ASP P 21 79.27 -93.49 42.12
C ASP P 21 78.50 -92.29 41.59
N LYS P 22 78.44 -91.22 42.38
CA LYS P 22 77.80 -89.97 42.00
C LYS P 22 78.87 -88.94 41.75
N THR P 23 79.09 -88.60 40.48
CA THR P 23 80.03 -87.53 40.17
C THR P 23 79.46 -86.15 40.47
N THR P 24 78.28 -86.09 41.12
CA THR P 24 77.71 -84.82 41.56
C THR P 24 78.13 -84.44 42.97
N GLN P 25 78.53 -85.43 43.75
CA GLN P 25 79.11 -85.20 45.08
C GLN P 25 80.60 -84.96 44.92
N THR P 26 81.08 -83.82 45.41
CA THR P 26 82.47 -83.44 45.22
C THR P 26 83.09 -83.00 46.54
N LEU P 27 84.43 -82.89 46.51
CA LEU P 27 85.25 -82.54 47.65
C LEU P 27 86.48 -81.79 47.15
N SER P 28 86.97 -80.85 47.96
CA SER P 28 88.08 -80.00 47.53
C SER P 28 88.99 -79.68 48.70
N THR P 29 90.29 -79.86 48.51
CA THR P 29 91.27 -79.57 49.55
C THR P 29 92.30 -78.59 49.03
N GLN P 30 92.57 -77.54 49.81
CA GLN P 30 93.50 -76.50 49.42
C GLN P 30 94.41 -76.17 50.58
N LYS P 31 95.69 -75.95 50.30
CA LYS P 31 96.65 -75.50 51.30
C LYS P 31 97.30 -74.20 50.83
N THR P 32 97.32 -73.21 51.72
CA THR P 32 97.88 -71.90 51.52
C THR P 32 98.96 -71.66 52.55
N ILE P 33 100.09 -71.11 52.12
CA ILE P 33 101.15 -70.70 53.03
C ILE P 33 101.22 -69.18 53.01
N SER P 34 101.28 -68.58 54.20
CA SER P 34 101.40 -67.14 54.36
C SER P 34 102.63 -66.86 55.23
N VAL P 35 103.12 -65.63 55.16
CA VAL P 35 104.28 -65.21 55.93
C VAL P 35 103.88 -64.06 56.83
N LEU P 36 104.22 -64.19 58.12
CA LEU P 36 103.97 -63.13 59.08
C LEU P 36 105.27 -62.83 59.79
N ARG P 37 105.77 -61.60 59.65
CA ARG P 37 107.06 -61.24 60.22
C ARG P 37 106.89 -60.16 61.27
N ASN P 38 107.56 -60.36 62.40
CA ASN P 38 107.74 -59.36 63.45
C ASN P 38 109.20 -58.95 63.45
N GLY P 39 109.46 -57.68 63.12
CA GLY P 39 110.82 -57.21 63.01
C GLY P 39 111.58 -58.00 61.96
N SER P 40 112.65 -58.65 62.39
CA SER P 40 113.45 -59.50 61.53
C SER P 40 112.91 -60.91 61.44
N THR P 41 112.26 -61.41 62.50
CA THR P 41 111.80 -62.79 62.52
C THR P 41 110.56 -62.93 61.64
N SER P 42 110.45 -64.08 60.98
CA SER P 42 109.31 -64.36 60.12
C SER P 42 108.88 -65.81 60.31
N THR P 43 107.56 -66.04 60.31
CA THR P 43 107.01 -67.35 60.57
C THR P 43 105.91 -67.66 59.56
N ARG P 44 105.78 -68.95 59.24
CA ARG P 44 104.83 -69.42 58.25
C ARG P 44 103.48 -69.70 58.90
N ILE P 45 102.42 -69.32 58.19
CA ILE P 45 101.05 -69.56 58.61
C ILE P 45 100.43 -70.50 57.60
N ILE P 46 100.16 -71.73 58.02
CA ILE P 46 99.61 -72.77 57.16
C ILE P 46 98.10 -72.80 57.33
N LYS P 47 97.39 -72.68 56.20
CA LYS P 47 95.94 -72.63 56.15
C LYS P 47 95.45 -73.76 55.26
N VAL P 48 94.55 -74.58 55.79
CA VAL P 48 93.96 -75.71 55.07
C VAL P 48 92.46 -75.46 54.93
N HIS P 49 91.91 -75.85 53.79
CA HIS P 49 90.48 -75.70 53.53
C HIS P 49 89.97 -76.95 52.84
N ILE P 50 89.02 -77.64 53.46
CA ILE P 50 88.38 -78.83 52.93
C ILE P 50 86.89 -78.55 52.80
N ASN P 51 86.33 -78.75 51.61
CA ASN P 51 84.92 -78.48 51.37
C ASN P 51 84.29 -79.68 50.69
N SER P 52 83.23 -80.24 51.28
CA SER P 52 82.51 -81.37 50.73
C SER P 52 81.10 -80.92 50.43
N THR P 53 80.67 -80.98 49.16
CA THR P 53 79.30 -80.61 48.83
C THR P 53 78.66 -81.61 47.89
N ALA P 54 77.34 -81.52 47.85
CA ALA P 54 76.51 -82.23 46.89
C ALA P 54 75.28 -81.39 46.63
N PRO P 55 74.70 -81.46 45.44
CA PRO P 55 73.44 -80.76 45.21
C PRO P 55 72.30 -81.53 45.85
N VAL P 56 71.29 -80.79 46.30
CA VAL P 56 70.09 -81.38 46.84
C VAL P 56 68.87 -80.64 46.28
N THR P 57 67.87 -81.40 45.87
CA THR P 57 66.65 -80.87 45.26
C THR P 57 65.82 -80.11 46.29
N ILE P 58 65.38 -78.90 45.93
CA ILE P 58 64.72 -78.03 46.90
C ILE P 58 63.46 -78.68 47.45
N ASN P 59 62.61 -79.17 46.55
CA ASN P 59 61.21 -79.40 46.86
C ASN P 59 60.98 -80.84 47.32
N THR P 60 60.76 -81.02 48.62
CA THR P 60 60.56 -82.35 49.16
C THR P 60 59.21 -82.94 48.73
N CYS P 61 58.14 -82.15 48.79
CA CYS P 61 56.80 -82.61 48.48
C CYS P 61 56.46 -82.53 46.98
N ASP P 62 57.42 -82.18 46.13
CA ASP P 62 57.20 -82.14 44.69
C ASP P 62 57.35 -83.54 44.07
N PRO P 63 56.93 -83.70 42.80
CA PRO P 63 57.09 -85.02 42.15
C PRO P 63 58.51 -85.28 41.66
N THR P 64 59.48 -84.49 42.17
CA THR P 64 60.89 -84.57 41.80
C THR P 64 61.09 -84.30 40.30
N LYS P 65 60.36 -83.31 39.78
CA LYS P 65 60.43 -82.93 38.37
C LYS P 65 61.59 -81.96 38.11
N CYS P 66 62.80 -82.43 38.46
CA CYS P 66 64.04 -81.65 38.29
C CYS P 66 63.88 -80.24 38.84
N GLY P 67 63.42 -80.15 40.09
CA GLY P 67 63.35 -78.90 40.78
C GLY P 67 64.72 -78.31 40.93
N PRO P 68 64.84 -76.98 40.88
CA PRO P 68 66.15 -76.35 41.01
C PRO P 68 66.83 -76.78 42.30
N THR P 69 68.13 -77.05 42.20
CA THR P 69 68.89 -77.63 43.29
C THR P 69 69.71 -76.58 44.02
N VAL P 70 69.91 -76.81 45.31
CA VAL P 70 70.75 -75.95 46.13
C VAL P 70 71.93 -76.79 46.62
N PRO P 71 73.13 -76.20 46.69
CA PRO P 71 74.27 -76.94 47.23
C PRO P 71 74.15 -77.12 48.74
N MET P 72 74.34 -78.37 49.19
CA MET P 72 74.45 -78.71 50.59
C MET P 72 75.91 -79.03 50.87
N GLY P 73 76.45 -78.42 51.93
CA GLY P 73 77.88 -78.37 52.09
C GLY P 73 78.34 -78.51 53.53
N VAL P 74 79.52 -79.07 53.71
CA VAL P 74 80.17 -79.19 55.00
C VAL P 74 81.64 -78.81 54.79
N SER P 75 82.11 -77.81 55.54
CA SER P 75 83.41 -77.21 55.31
C SER P 75 84.26 -77.24 56.58
N PHE P 76 85.56 -77.30 56.38
CA PHE P 76 86.55 -77.33 57.44
C PHE P 76 87.67 -76.38 57.07
N LYS P 77 88.11 -75.56 58.02
CA LYS P 77 89.20 -74.62 57.78
C LYS P 77 90.15 -74.64 58.97
N SER P 78 91.44 -74.48 58.67
CA SER P 78 92.51 -74.58 59.64
C SER P 78 93.52 -73.46 59.37
N SER P 79 93.89 -72.71 60.40
CA SER P 79 94.92 -71.68 60.25
C SER P 79 95.82 -71.69 61.47
N MET P 80 97.11 -71.95 61.26
CA MET P 80 97.98 -72.06 62.44
C MET P 80 99.42 -71.74 62.06
N PRO P 81 100.22 -71.26 62.99
CA PRO P 81 101.65 -71.14 62.73
C PRO P 81 102.26 -72.51 62.48
N GLU P 82 103.25 -72.55 61.59
CA GLU P 82 103.93 -73.80 61.25
C GLU P 82 104.44 -74.49 62.52
N ASP P 83 104.27 -75.81 62.57
CA ASP P 83 104.73 -76.66 63.67
C ASP P 83 103.98 -76.42 64.98
N ALA P 84 102.83 -75.74 64.94
CA ALA P 84 102.01 -75.63 66.14
C ALA P 84 101.22 -76.93 66.35
N ASP P 85 100.58 -77.07 67.50
CA ASP P 85 99.89 -78.31 67.80
C ASP P 85 98.37 -78.12 67.81
N PRO P 86 97.67 -78.48 66.74
CA PRO P 86 96.22 -78.34 66.71
C PRO P 86 95.48 -79.40 67.51
N ALA P 87 96.21 -80.31 68.16
CA ALA P 87 95.58 -81.49 68.76
C ALA P 87 94.40 -81.11 69.65
N GLU P 88 94.59 -80.10 70.50
CA GLU P 88 93.57 -79.76 71.48
C GLU P 88 92.41 -78.98 70.86
N VAL P 89 92.68 -78.02 69.98
CA VAL P 89 91.59 -77.31 69.32
C VAL P 89 90.79 -78.25 68.43
N LEU P 90 91.45 -79.27 67.86
CA LEU P 90 90.74 -80.27 67.08
C LEU P 90 89.84 -81.12 67.97
N LYS P 91 90.37 -81.61 69.11
CA LYS P 91 89.53 -82.37 70.04
C LYS P 91 88.30 -81.58 70.43
N ALA P 92 88.49 -80.30 70.80
CA ALA P 92 87.38 -79.45 71.19
C ALA P 92 86.39 -79.27 70.05
N ALA P 93 86.90 -78.94 68.86
CA ALA P 93 86.02 -78.72 67.72
C ALA P 93 85.20 -79.96 67.41
N LYS P 94 85.82 -81.14 67.46
CA LYS P 94 85.11 -82.38 67.18
C LYS P 94 84.05 -82.66 68.24
N ALA P 95 84.38 -82.40 69.51
CA ALA P 95 83.39 -82.57 70.58
C ALA P 95 82.19 -81.65 70.36
N ALA P 96 82.43 -80.40 69.98
CA ALA P 96 81.34 -79.49 69.71
C ALA P 96 80.51 -79.97 68.53
N LEU P 97 81.17 -80.39 67.45
CA LEU P 97 80.47 -80.84 66.26
C LEU P 97 79.54 -82.00 66.60
N ALA P 98 80.01 -82.95 67.40
CA ALA P 98 79.18 -84.10 67.77
C ALA P 98 77.82 -83.68 68.33
N LEU P 99 77.74 -82.51 68.99
CA LEU P 99 76.45 -82.04 69.50
C LEU P 99 75.56 -81.53 68.37
N PHE P 100 76.14 -81.02 67.29
CA PHE P 100 75.36 -80.41 66.22
C PHE P 100 75.02 -81.36 65.09
N GLU P 101 75.86 -82.37 64.81
CA GLU P 101 75.71 -83.05 63.52
C GLU P 101 74.42 -83.86 63.44
N ALA P 102 73.83 -84.23 64.57
CA ALA P 102 72.49 -84.80 64.51
C ALA P 102 71.48 -83.76 64.02
N ASN P 103 71.60 -82.53 64.51
CA ASN P 103 70.65 -81.45 64.25
C ASN P 103 71.23 -80.43 63.26
N LEU P 104 71.97 -80.91 62.27
CA LEU P 104 72.61 -80.04 61.29
C LEU P 104 71.64 -79.47 60.27
N ASN P 105 70.41 -79.98 60.24
CA ASN P 105 69.38 -79.54 59.30
C ASN P 105 68.10 -79.10 59.98
N SER P 106 68.05 -79.04 61.31
CA SER P 106 66.77 -78.98 61.98
C SER P 106 66.48 -77.65 62.66
N ALA P 107 67.29 -76.62 62.40
CA ALA P 107 66.99 -75.25 62.85
C ALA P 107 66.85 -75.13 64.36
N PHE P 108 67.27 -76.14 65.12
CA PHE P 108 67.08 -76.17 66.57
C PHE P 108 68.45 -76.15 67.23
N ASN P 109 68.76 -75.05 67.91
CA ASN P 109 70.05 -74.89 68.59
C ASN P 109 69.80 -75.06 70.09
N LYS P 110 70.18 -76.21 70.63
CA LYS P 110 69.96 -76.43 72.06
C LYS P 110 70.85 -75.52 72.89
N ASN P 111 70.32 -75.02 74.00
CA ASN P 111 71.13 -74.26 74.95
C ASN P 111 72.00 -75.23 75.71
N VAL P 112 73.29 -75.22 75.36
CA VAL P 112 74.31 -76.00 76.03
C VAL P 112 75.17 -75.03 76.83
N ASP P 113 75.27 -75.28 78.14
CA ASP P 113 76.04 -74.45 79.05
C ASP P 113 77.45 -74.98 79.29
N GLU P 114 77.72 -76.25 78.94
CA GLU P 114 79.08 -76.76 79.00
C GLU P 114 79.21 -77.97 78.08
N ILE P 115 80.38 -78.06 77.44
CA ILE P 115 80.70 -79.12 76.49
C ILE P 115 81.86 -79.91 77.07
N SER P 116 81.66 -81.21 77.26
CA SER P 116 82.69 -82.07 77.82
C SER P 116 83.58 -82.61 76.69
N VAL P 117 84.88 -82.44 76.84
CA VAL P 117 85.86 -82.90 75.86
C VAL P 117 86.54 -84.14 76.40
N ALA P 118 86.63 -85.18 75.57
CA ALA P 118 87.15 -86.47 76.00
C ALA P 118 88.64 -86.40 76.35
N ALA Q 1 122.14 -86.16 54.16
CA ALA Q 1 121.43 -86.85 55.21
C ALA Q 1 120.02 -86.27 55.40
N TYR Q 2 119.60 -85.38 54.49
CA TYR Q 2 118.24 -84.84 54.49
C TYR Q 2 117.78 -84.68 53.04
N LYS Q 3 116.52 -84.25 52.88
CA LYS Q 3 115.99 -84.02 51.55
C LYS Q 3 115.19 -82.72 51.51
N LEU Q 4 115.29 -82.03 50.38
CA LEU Q 4 114.56 -80.79 50.14
C LEU Q 4 113.27 -81.13 49.44
N ILE Q 5 112.15 -80.94 50.11
CA ILE Q 5 110.85 -81.28 49.57
C ILE Q 5 110.25 -80.04 48.92
N LYS Q 6 109.62 -80.23 47.76
CA LYS Q 6 109.00 -79.11 47.05
C LYS Q 6 107.88 -78.52 47.89
N MET Q 7 107.93 -77.21 48.10
CA MET Q 7 106.97 -76.60 48.99
C MET Q 7 105.64 -76.43 48.29
N ALA Q 8 104.59 -76.34 49.10
CA ALA Q 8 103.22 -76.15 48.63
C ALA Q 8 103.10 -74.72 48.10
N GLY Q 9 103.71 -74.49 46.94
CA GLY Q 9 103.65 -73.20 46.29
C GLY Q 9 103.25 -73.37 44.83
N GLY Q 10 102.74 -72.29 44.27
CA GLY Q 10 102.34 -72.33 42.87
C GLY Q 10 103.52 -72.41 41.93
N ASN Q 11 103.66 -73.52 41.23
CA ASN Q 11 104.75 -73.68 40.27
C ASN Q 11 104.64 -72.61 39.20
N SER Q 12 105.71 -71.83 39.03
CA SER Q 12 105.76 -70.75 38.05
C SER Q 12 106.83 -71.00 36.99
N ALA Q 13 107.05 -72.27 36.65
CA ALA Q 13 108.29 -72.76 36.03
C ALA Q 13 109.51 -72.39 36.89
N ILE Q 14 109.25 -72.10 38.17
CA ILE Q 14 110.23 -71.89 39.22
C ILE Q 14 109.87 -72.83 40.34
N GLN Q 15 110.78 -73.73 40.71
CA GLN Q 15 110.50 -74.75 41.72
C GLN Q 15 111.21 -74.39 43.01
N THR Q 16 110.45 -74.24 44.08
CA THR Q 16 110.97 -73.85 45.39
C THR Q 16 110.78 -75.00 46.37
N TYR Q 17 111.86 -75.38 47.04
CA TYR Q 17 111.90 -76.47 47.99
C TYR Q 17 112.33 -75.93 49.34
N ALA Q 18 111.87 -76.61 50.40
CA ALA Q 18 112.34 -76.36 51.74
C ALA Q 18 112.89 -77.66 52.32
N ARG Q 19 113.87 -77.53 53.20
CA ARG Q 19 114.47 -78.69 53.84
C ARG Q 19 113.50 -79.33 54.83
N GLU Q 20 113.47 -80.66 54.82
CA GLU Q 20 112.39 -81.37 55.52
C GLU Q 20 112.43 -81.09 57.02
N ASP Q 21 113.61 -81.20 57.64
CA ASP Q 21 113.71 -81.02 59.09
C ASP Q 21 113.85 -79.56 59.48
N LYS Q 22 114.72 -78.80 58.81
CA LYS Q 22 114.83 -77.36 59.02
C LYS Q 22 114.14 -76.66 57.86
N THR Q 23 112.86 -76.36 58.01
CA THR Q 23 112.13 -75.71 56.93
C THR Q 23 112.50 -74.24 56.74
N THR Q 24 113.44 -73.73 57.55
CA THR Q 24 113.94 -72.38 57.33
C THR Q 24 114.94 -72.32 56.18
N GLN Q 25 115.59 -73.44 55.90
CA GLN Q 25 116.53 -73.53 54.81
C GLN Q 25 115.77 -73.87 53.52
N THR Q 26 115.92 -73.03 52.51
CA THR Q 26 115.17 -73.17 51.27
C THR Q 26 116.13 -73.17 50.08
N LEU Q 27 115.58 -73.51 48.91
CA LEU Q 27 116.33 -73.63 47.67
C LEU Q 27 115.38 -73.50 46.49
N SER Q 28 115.78 -72.73 45.47
CA SER Q 28 114.92 -72.44 44.32
C SER Q 28 115.68 -72.70 43.02
N THR Q 29 115.02 -73.36 42.07
CA THR Q 29 115.62 -73.62 40.76
C THR Q 29 114.66 -73.17 39.67
N GLN Q 30 115.16 -72.33 38.76
CA GLN Q 30 114.38 -71.92 37.60
C GLN Q 30 115.24 -72.00 36.34
N LYS Q 31 114.59 -72.35 35.23
CA LYS Q 31 115.22 -72.31 33.92
C LYS Q 31 114.35 -71.46 33.01
N THR Q 32 114.98 -70.55 32.26
CA THR Q 32 114.30 -69.67 31.34
C THR Q 32 115.00 -69.74 29.98
N ILE Q 33 114.27 -69.37 28.94
CA ILE Q 33 114.78 -69.41 27.58
C ILE Q 33 114.61 -68.04 26.94
N SER Q 34 115.70 -67.50 26.40
CA SER Q 34 115.72 -66.24 25.68
C SER Q 34 116.02 -66.51 24.22
N VAL Q 35 115.73 -65.51 23.37
CA VAL Q 35 116.05 -65.59 21.95
C VAL Q 35 116.94 -64.40 21.60
N LEU Q 36 118.15 -64.68 21.13
CA LEU Q 36 119.11 -63.65 20.74
C LEU Q 36 119.21 -63.65 19.22
N ARG Q 37 118.86 -62.53 18.61
CA ARG Q 37 118.83 -62.39 17.16
C ARG Q 37 119.92 -61.41 16.74
N ASN Q 38 120.87 -61.88 15.93
CA ASN Q 38 121.88 -61.03 15.30
C ASN Q 38 121.69 -61.13 13.79
N GLY Q 39 121.09 -60.10 13.20
CA GLY Q 39 120.81 -60.14 11.78
C GLY Q 39 119.78 -61.21 11.44
N SER Q 40 120.11 -62.06 10.46
CA SER Q 40 119.22 -63.13 10.04
C SER Q 40 119.13 -64.22 11.11
N THR Q 41 120.24 -64.51 11.78
CA THR Q 41 120.32 -65.63 12.70
C THR Q 41 119.66 -65.32 14.05
N SER Q 42 118.92 -66.28 14.57
CA SER Q 42 118.38 -66.24 15.92
C SER Q 42 118.74 -67.54 16.64
N THR Q 43 119.17 -67.43 17.90
CA THR Q 43 119.57 -68.58 18.68
C THR Q 43 118.94 -68.52 20.07
N ARG Q 44 118.68 -69.69 20.64
CA ARG Q 44 118.08 -69.79 21.96
C ARG Q 44 119.14 -69.82 23.05
N ILE Q 45 118.90 -69.07 24.11
CA ILE Q 45 119.81 -68.95 25.24
C ILE Q 45 119.15 -69.55 26.47
N ILE Q 46 119.78 -70.59 27.04
CA ILE Q 46 119.29 -71.27 28.23
C ILE Q 46 119.92 -70.62 29.46
N LYS Q 47 119.08 -70.23 30.42
CA LYS Q 47 119.53 -69.56 31.64
C LYS Q 47 118.98 -70.30 32.85
N VAL Q 48 119.88 -70.87 33.65
CA VAL Q 48 119.56 -71.58 34.88
C VAL Q 48 119.93 -70.70 36.06
N HIS Q 49 119.07 -70.70 37.08
CA HIS Q 49 119.35 -69.98 38.33
C HIS Q 49 118.94 -70.84 39.51
N ILE Q 50 119.92 -71.19 40.34
CA ILE Q 50 119.74 -71.96 41.56
C ILE Q 50 120.12 -71.08 42.75
N ASN Q 51 119.29 -71.10 43.79
CA ASN Q 51 119.57 -70.31 44.99
C ASN Q 51 119.33 -71.16 46.21
N SER Q 52 120.24 -71.07 47.19
CA SER Q 52 120.14 -71.89 48.40
C SER Q 52 120.42 -70.97 49.59
N THR Q 53 119.38 -70.67 50.37
CA THR Q 53 119.55 -69.74 51.50
C THR Q 53 119.01 -70.33 52.79
N ALA Q 54 119.51 -69.75 53.88
CA ALA Q 54 119.03 -70.01 55.23
C ALA Q 54 119.13 -68.72 56.01
N PRO Q 55 118.29 -68.51 57.02
CA PRO Q 55 118.48 -67.37 57.89
C PRO Q 55 119.61 -67.63 58.87
N VAL Q 56 120.31 -66.56 59.24
CA VAL Q 56 121.38 -66.62 60.23
C VAL Q 56 121.08 -65.60 61.30
N THR Q 57 120.97 -66.05 62.55
CA THR Q 57 120.87 -65.14 63.68
C THR Q 57 122.16 -64.33 63.78
N ILE Q 58 122.01 -62.99 63.79
CA ILE Q 58 123.18 -62.14 63.93
C ILE Q 58 123.91 -62.48 65.21
N ASN Q 59 125.23 -62.59 65.12
CA ASN Q 59 126.05 -62.76 66.31
C ASN Q 59 125.70 -61.67 67.31
N THR Q 60 125.15 -62.08 68.47
CA THR Q 60 124.61 -61.12 69.41
C THR Q 60 125.21 -61.33 70.79
N CYS Q 61 124.82 -60.44 71.69
CA CYS Q 61 125.39 -60.39 73.04
C CYS Q 61 124.85 -61.50 73.94
N ASP Q 62 123.58 -61.88 73.76
CA ASP Q 62 122.92 -62.80 74.67
C ASP Q 62 123.56 -64.19 74.59
N PRO Q 63 123.58 -64.92 75.71
CA PRO Q 63 123.97 -66.34 75.63
C PRO Q 63 122.99 -67.15 74.81
N THR Q 64 121.68 -66.89 74.98
CA THR Q 64 120.70 -67.46 74.08
C THR Q 64 120.92 -66.93 72.67
N LYS Q 65 120.72 -67.78 71.67
CA LYS Q 65 120.95 -67.41 70.28
C LYS Q 65 119.73 -66.61 69.80
N CYS Q 66 119.68 -65.35 70.21
CA CYS Q 66 118.59 -64.45 69.86
C CYS Q 66 119.12 -63.13 69.33
N GLY Q 67 118.71 -62.78 68.12
CA GLY Q 67 119.03 -61.51 67.51
C GLY Q 67 118.33 -61.38 66.17
N PRO Q 68 118.47 -60.22 65.51
CA PRO Q 68 117.93 -60.10 64.15
C PRO Q 68 118.55 -61.14 63.23
N THR Q 69 117.76 -61.60 62.26
CA THR Q 69 118.21 -62.62 61.32
C THR Q 69 118.52 -61.97 59.97
N VAL Q 70 119.70 -62.27 59.44
CA VAL Q 70 120.11 -61.82 58.11
C VAL Q 70 120.16 -63.07 57.25
N PRO Q 71 119.69 -63.01 56.00
CA PRO Q 71 119.77 -64.20 55.13
C PRO Q 71 121.19 -64.43 54.65
N MET Q 72 121.64 -65.69 54.73
CA MET Q 72 122.86 -66.13 54.07
C MET Q 72 122.48 -67.03 52.91
N GLY Q 73 123.24 -66.94 51.83
CA GLY Q 73 122.80 -67.55 50.59
C GLY Q 73 123.94 -67.83 49.65
N VAL Q 74 123.82 -68.93 48.93
CA VAL Q 74 124.76 -69.30 47.89
C VAL Q 74 123.95 -69.46 46.61
N SER Q 75 124.39 -68.81 45.54
CA SER Q 75 123.62 -68.71 44.31
C SER Q 75 124.50 -69.10 43.13
N PHE Q 76 123.93 -69.90 42.23
CA PHE Q 76 124.60 -70.34 41.02
C PHE Q 76 123.76 -69.93 39.81
N LYS Q 77 124.36 -69.24 38.85
CA LYS Q 77 123.66 -68.81 37.65
C LYS Q 77 124.45 -69.25 36.42
N SER Q 78 123.73 -69.55 35.34
CA SER Q 78 124.33 -70.16 34.15
C SER Q 78 123.59 -69.69 32.92
N SER Q 79 124.28 -69.06 31.97
CA SER Q 79 123.65 -68.59 30.74
C SER Q 79 124.50 -68.97 29.54
N MET Q 80 123.91 -69.69 28.59
CA MET Q 80 124.68 -70.10 27.42
C MET Q 80 123.74 -70.36 26.27
N PRO Q 81 124.17 -70.21 25.03
CA PRO Q 81 123.29 -70.53 23.91
C PRO Q 81 123.11 -72.04 23.80
N GLU Q 82 121.94 -72.43 23.29
CA GLU Q 82 121.54 -73.84 23.29
C GLU Q 82 122.59 -74.72 22.62
N ASP Q 83 122.78 -75.91 23.18
CA ASP Q 83 123.68 -76.96 22.70
C ASP Q 83 125.16 -76.58 22.77
N ALA Q 84 125.52 -75.50 23.48
CA ALA Q 84 126.91 -75.19 23.71
C ALA Q 84 127.49 -76.17 24.74
N ASP Q 85 128.84 -76.16 24.89
CA ASP Q 85 129.48 -77.06 25.84
C ASP Q 85 130.12 -76.28 26.99
N PRO Q 86 129.48 -76.17 28.15
CA PRO Q 86 130.06 -75.41 29.26
C PRO Q 86 131.04 -76.20 30.11
N ALA Q 87 131.52 -77.35 29.62
CA ALA Q 87 132.31 -78.26 30.44
C ALA Q 87 133.51 -77.55 31.06
N GLU Q 88 134.26 -76.81 30.25
CA GLU Q 88 135.48 -76.20 30.76
C GLU Q 88 135.16 -74.99 31.62
N VAL Q 89 134.12 -74.24 31.27
CA VAL Q 89 133.69 -73.12 32.08
C VAL Q 89 133.29 -73.59 33.48
N LEU Q 90 132.48 -74.66 33.54
CA LEU Q 90 132.14 -75.27 34.82
C LEU Q 90 133.36 -75.72 35.59
N LYS Q 91 134.31 -76.38 34.90
CA LYS Q 91 135.49 -76.89 35.58
C LYS Q 91 136.28 -75.76 36.25
N ALA Q 92 136.49 -74.66 35.51
CA ALA Q 92 137.22 -73.52 36.06
C ALA Q 92 136.45 -72.87 37.21
N ALA Q 93 135.13 -72.68 37.02
CA ALA Q 93 134.32 -72.11 38.09
C ALA Q 93 134.43 -72.95 39.36
N LYS Q 94 134.38 -74.27 39.21
CA LYS Q 94 134.44 -75.16 40.37
C LYS Q 94 135.81 -75.07 41.04
N ALA Q 95 136.89 -74.97 40.26
CA ALA Q 95 138.22 -74.81 40.86
C ALA Q 95 138.32 -73.51 41.67
N ALA Q 96 137.82 -72.41 41.11
CA ALA Q 96 137.82 -71.15 41.82
C ALA Q 96 137.01 -71.23 43.11
N LEU Q 97 135.81 -71.81 43.03
CA LEU Q 97 134.99 -71.98 44.22
C LEU Q 97 135.70 -72.82 45.26
N ALA Q 98 136.42 -73.85 44.83
CA ALA Q 98 137.18 -74.66 45.76
C ALA Q 98 138.22 -73.81 46.49
N LEU Q 99 138.83 -72.87 45.78
CA LEU Q 99 139.79 -71.98 46.43
C LEU Q 99 139.12 -71.06 47.45
N PHE Q 100 137.96 -70.51 47.11
CA PHE Q 100 137.35 -69.45 47.93
C PHE Q 100 136.32 -69.96 48.95
N GLU Q 101 136.04 -71.27 48.97
CA GLU Q 101 134.92 -71.80 49.74
C GLU Q 101 135.13 -71.62 51.24
N ALA Q 102 136.35 -71.89 51.72
CA ALA Q 102 136.63 -71.67 53.14
C ALA Q 102 136.57 -70.19 53.50
N ASN Q 103 136.83 -69.31 52.53
CA ASN Q 103 136.89 -67.87 52.75
C ASN Q 103 135.60 -67.16 52.37
N LEU Q 104 134.53 -67.90 52.12
CA LEU Q 104 133.24 -67.26 51.82
C LEU Q 104 132.77 -66.35 52.95
N ASN Q 105 133.24 -66.54 54.18
CA ASN Q 105 132.83 -65.75 55.32
C ASN Q 105 133.99 -65.03 56.01
N SER Q 106 135.09 -64.79 55.30
CA SER Q 106 136.36 -64.49 55.96
C SER Q 106 136.61 -63.00 56.17
N ALA Q 107 136.06 -62.13 55.33
CA ALA Q 107 136.34 -60.69 55.34
C ALA Q 107 137.79 -60.38 54.98
N PHE Q 108 138.57 -61.38 54.59
CA PHE Q 108 139.92 -61.21 54.08
C PHE Q 108 139.99 -61.85 52.70
N ASN Q 109 140.60 -61.16 51.75
CA ASN Q 109 140.71 -61.67 50.40
C ASN Q 109 142.09 -62.29 50.21
N LYS Q 110 142.13 -63.55 49.82
CA LYS Q 110 143.38 -64.23 49.53
C LYS Q 110 143.84 -63.85 48.12
N ASN Q 111 145.04 -63.29 48.00
CA ASN Q 111 145.55 -62.86 46.71
C ASN Q 111 146.31 -64.03 46.10
N VAL Q 112 145.64 -64.77 45.20
CA VAL Q 112 146.26 -65.87 44.47
C VAL Q 112 146.52 -65.42 43.04
N ASP Q 113 147.68 -65.84 42.51
CA ASP Q 113 148.13 -65.43 41.19
C ASP Q 113 147.83 -66.45 40.09
N GLU Q 114 147.49 -67.69 40.44
CA GLU Q 114 147.06 -68.65 39.44
C GLU Q 114 146.14 -69.69 40.07
N ILE Q 115 145.29 -70.28 39.23
CA ILE Q 115 144.24 -71.21 39.63
C ILE Q 115 144.36 -72.44 38.76
N SER Q 116 144.76 -73.57 39.35
CA SER Q 116 144.99 -74.79 38.59
C SER Q 116 143.69 -75.57 38.41
N VAL Q 117 143.49 -76.11 37.20
CA VAL Q 117 142.23 -76.70 36.78
C VAL Q 117 142.50 -78.09 36.21
N ALA Q 118 141.52 -78.99 36.38
CA ALA Q 118 141.52 -80.35 35.80
C ALA Q 118 142.78 -81.13 36.15
N ALA R 1 112.58 -98.13 22.47
CA ALA R 1 111.83 -97.92 23.70
C ALA R 1 112.42 -96.75 24.50
N TYR R 2 111.56 -95.83 24.93
CA TYR R 2 111.99 -94.67 25.68
C TYR R 2 110.90 -94.23 26.64
N LYS R 3 111.23 -93.26 27.50
CA LYS R 3 110.30 -92.73 28.49
C LYS R 3 110.11 -91.23 28.29
N LEU R 4 108.86 -90.78 28.32
CA LEU R 4 108.52 -89.37 28.30
C LEU R 4 108.54 -88.86 29.74
N ILE R 5 109.60 -88.16 30.11
CA ILE R 5 109.80 -87.60 31.45
C ILE R 5 108.98 -86.34 31.59
N LYS R 6 108.37 -86.14 32.77
CA LYS R 6 107.51 -84.98 32.97
C LYS R 6 108.33 -83.72 33.14
N MET R 7 108.08 -82.74 32.28
CA MET R 7 108.70 -81.43 32.39
C MET R 7 108.01 -80.63 33.49
N ALA R 8 108.71 -79.60 33.95
CA ALA R 8 108.23 -78.76 35.05
C ALA R 8 107.41 -77.61 34.48
N GLY R 9 106.10 -77.68 34.64
CA GLY R 9 105.21 -76.70 34.06
C GLY R 9 104.51 -75.90 35.15
N GLY R 10 104.27 -74.62 34.85
CA GLY R 10 103.57 -73.78 35.80
C GLY R 10 102.08 -74.08 35.87
N ASN R 11 101.48 -74.42 34.73
CA ASN R 11 100.05 -74.72 34.67
C ASN R 11 99.81 -76.17 35.06
N SER R 12 98.87 -76.38 35.99
CA SER R 12 98.56 -77.73 36.44
C SER R 12 97.54 -78.45 35.56
N ALA R 13 96.77 -77.72 34.76
CA ALA R 13 95.80 -78.37 33.88
C ALA R 13 96.48 -79.15 32.78
N ILE R 14 97.65 -78.69 32.34
CA ILE R 14 98.41 -79.28 31.25
C ILE R 14 99.64 -79.96 31.82
N GLN R 15 99.83 -81.23 31.48
CA GLN R 15 101.05 -81.96 31.83
C GLN R 15 101.90 -82.10 30.58
N THR R 16 103.14 -81.65 30.67
CA THR R 16 104.06 -81.67 29.54
C THR R 16 105.19 -82.66 29.83
N TYR R 17 105.62 -83.37 28.80
CA TYR R 17 106.65 -84.38 28.90
C TYR R 17 107.61 -84.22 27.73
N ALA R 18 108.85 -84.63 27.96
CA ALA R 18 109.89 -84.64 26.93
C ALA R 18 110.52 -86.01 26.91
N ARG R 19 110.88 -86.48 25.72
CA ARG R 19 111.54 -87.77 25.60
C ARG R 19 112.91 -87.74 26.25
N GLU R 20 113.28 -88.84 26.90
CA GLU R 20 114.55 -88.89 27.62
C GLU R 20 115.73 -88.75 26.65
N ASP R 21 115.70 -89.50 25.54
CA ASP R 21 116.75 -89.42 24.54
C ASP R 21 116.81 -88.03 23.91
N LYS R 22 115.72 -87.61 23.28
CA LYS R 22 115.62 -86.31 22.65
C LYS R 22 114.67 -85.45 23.46
N THR R 23 115.23 -84.50 24.22
CA THR R 23 114.36 -83.57 24.93
C THR R 23 113.69 -82.58 23.98
N THR R 24 113.99 -82.66 22.67
CA THR R 24 113.30 -81.81 21.70
C THR R 24 111.94 -82.35 21.34
N GLN R 25 111.77 -83.67 21.41
CA GLN R 25 110.48 -84.29 21.15
C GLN R 25 109.63 -84.22 22.40
N THR R 26 108.47 -83.59 22.30
CA THR R 26 107.64 -83.36 23.48
C THR R 26 106.22 -83.87 23.24
N LEU R 27 105.46 -83.89 24.33
CA LEU R 27 104.09 -84.38 24.37
C LEU R 27 103.34 -83.71 25.51
N SER R 28 102.13 -83.28 25.25
CA SER R 28 101.30 -82.59 26.24
C SER R 28 99.95 -83.27 26.36
N THR R 29 99.47 -83.45 27.59
CA THR R 29 98.15 -83.98 27.86
C THR R 29 97.37 -82.97 28.69
N GLN R 30 96.12 -82.71 28.30
CA GLN R 30 95.28 -81.76 29.02
C GLN R 30 93.84 -82.25 29.02
N LYS R 31 93.22 -82.28 30.20
CA LYS R 31 91.79 -82.53 30.30
C LYS R 31 91.12 -81.32 30.93
N THR R 32 90.00 -80.89 30.33
CA THR R 32 89.24 -79.76 30.81
C THR R 32 87.76 -80.16 30.88
N ILE R 33 87.03 -79.47 31.75
CA ILE R 33 85.62 -79.77 32.00
C ILE R 33 84.81 -78.51 31.76
N SER R 34 83.67 -78.67 31.06
CA SER R 34 82.75 -77.58 30.79
C SER R 34 81.37 -77.93 31.33
N VAL R 35 80.60 -76.92 31.68
CA VAL R 35 79.26 -77.10 32.22
C VAL R 35 78.26 -76.65 31.17
N LEU R 36 77.31 -77.51 30.84
CA LEU R 36 76.27 -77.22 29.86
C LEU R 36 74.95 -77.19 30.61
N ARG R 37 74.41 -76.01 30.83
CA ARG R 37 73.20 -75.85 31.64
C ARG R 37 71.99 -75.86 30.72
N ASN R 38 71.18 -76.91 30.83
CA ASN R 38 69.89 -77.01 30.16
C ASN R 38 68.82 -76.93 31.23
N GLY R 39 68.09 -75.82 31.25
CA GLY R 39 67.09 -75.61 32.28
C GLY R 39 67.72 -75.59 33.66
N SER R 40 67.22 -76.45 34.55
CA SER R 40 67.73 -76.58 35.90
C SER R 40 68.67 -77.76 36.05
N THR R 41 69.12 -78.35 34.93
CA THR R 41 70.02 -79.49 34.96
C THR R 41 71.30 -79.10 34.23
N SER R 42 72.44 -79.22 34.91
CA SER R 42 73.73 -78.92 34.31
C SER R 42 74.48 -80.23 34.07
N THR R 43 74.97 -80.41 32.84
CA THR R 43 75.68 -81.61 32.44
C THR R 43 77.15 -81.31 32.16
N ARG R 44 77.99 -82.28 32.46
CA ARG R 44 79.44 -82.12 32.46
C ARG R 44 79.99 -82.60 31.10
N ILE R 45 80.88 -81.81 30.51
CA ILE R 45 81.40 -82.06 29.17
C ILE R 45 82.93 -82.12 29.24
N ILE R 46 83.47 -83.30 28.95
CA ILE R 46 84.89 -83.59 29.12
C ILE R 46 85.60 -83.45 27.79
N LYS R 47 86.66 -82.65 27.78
CA LYS R 47 87.49 -82.42 26.59
C LYS R 47 88.93 -82.81 26.91
N VAL R 48 89.50 -83.67 26.07
CA VAL R 48 90.88 -84.12 26.20
C VAL R 48 91.67 -83.65 24.99
N HIS R 49 92.92 -83.24 25.22
CA HIS R 49 93.80 -82.78 24.16
C HIS R 49 95.21 -83.32 24.40
N ILE R 50 95.66 -84.18 23.49
CA ILE R 50 97.02 -84.72 23.49
C ILE R 50 97.75 -84.21 22.27
N ASN R 51 98.97 -83.71 22.46
CA ASN R 51 99.78 -83.22 21.35
C ASN R 51 101.17 -83.84 21.44
N SER R 52 101.71 -84.29 20.30
CA SER R 52 103.04 -84.91 20.28
C SER R 52 103.81 -84.30 19.12
N THR R 53 104.79 -83.46 19.42
CA THR R 53 105.54 -82.80 18.34
C THR R 53 107.04 -82.98 18.52
N ALA R 54 107.75 -82.64 17.45
CA ALA R 54 109.19 -82.61 17.43
C ALA R 54 109.62 -81.67 16.32
N PRO R 55 110.77 -81.01 16.45
CA PRO R 55 111.21 -80.08 15.40
C PRO R 55 111.90 -80.86 14.27
N VAL R 56 111.53 -80.52 13.02
CA VAL R 56 112.20 -81.05 11.84
C VAL R 56 112.85 -79.87 11.12
N THR R 57 114.06 -80.09 10.62
CA THR R 57 114.82 -79.04 9.92
C THR R 57 114.72 -79.23 8.42
N ILE R 58 114.28 -78.18 7.73
CA ILE R 58 114.16 -78.18 6.28
C ILE R 58 115.49 -77.77 5.68
N ASN R 59 116.21 -78.74 5.10
CA ASN R 59 117.51 -78.45 4.53
C ASN R 59 117.32 -77.77 3.17
N THR R 60 117.84 -76.56 3.05
CA THR R 60 117.83 -75.80 1.81
C THR R 60 119.26 -75.41 1.49
N CYS R 61 119.68 -75.63 0.25
CA CYS R 61 121.05 -75.33 -0.12
C CYS R 61 121.27 -73.82 -0.09
N ASP R 62 122.43 -73.43 0.44
CA ASP R 62 122.72 -72.04 0.76
C ASP R 62 124.23 -71.92 0.92
N PRO R 63 124.82 -70.76 0.59
CA PRO R 63 126.25 -70.58 0.89
C PRO R 63 126.58 -70.86 2.35
N THR R 64 125.70 -70.42 3.25
CA THR R 64 125.77 -70.76 4.66
C THR R 64 124.72 -71.82 4.95
N LYS R 65 125.16 -73.04 5.27
CA LYS R 65 124.28 -74.20 5.33
C LYS R 65 123.57 -74.29 6.68
N CYS R 66 122.65 -73.36 6.91
CA CYS R 66 121.71 -73.42 8.03
C CYS R 66 120.31 -73.11 7.50
N GLY R 67 119.40 -74.06 7.65
CA GLY R 67 118.03 -73.89 7.24
C GLY R 67 117.09 -73.78 8.41
N PRO R 68 115.84 -73.42 8.15
CA PRO R 68 114.90 -73.15 9.23
C PRO R 68 114.38 -74.44 9.86
N THR R 69 113.73 -74.28 11.00
CA THR R 69 113.17 -75.41 11.75
C THR R 69 111.68 -75.20 11.92
N VAL R 70 110.90 -76.23 11.62
CA VAL R 70 109.44 -76.15 11.68
C VAL R 70 108.96 -77.42 12.38
N PRO R 71 107.91 -77.36 13.21
CA PRO R 71 107.52 -78.54 13.99
C PRO R 71 106.65 -79.49 13.19
N MET R 72 106.89 -80.79 13.41
CA MET R 72 105.98 -81.82 12.97
C MET R 72 105.23 -82.37 14.18
N GLY R 73 103.92 -82.53 14.03
CA GLY R 73 103.06 -82.76 15.17
C GLY R 73 101.93 -83.70 14.85
N VAL R 74 101.52 -84.45 15.86
CA VAL R 74 100.35 -85.31 15.77
C VAL R 74 99.48 -84.97 16.98
N SER R 75 98.23 -84.60 16.71
CA SER R 75 97.33 -84.09 17.72
C SER R 75 96.09 -84.95 17.81
N PHE R 76 95.59 -85.15 19.02
CA PHE R 76 94.38 -85.88 19.31
C PHE R 76 93.50 -85.01 20.17
N LYS R 77 92.24 -84.85 19.78
CA LYS R 77 91.29 -84.08 20.58
C LYS R 77 90.00 -84.89 20.74
N SER R 78 89.32 -84.65 21.86
CA SER R 78 88.16 -85.44 22.25
C SER R 78 87.22 -84.53 23.04
N SER R 79 85.92 -84.65 22.79
CA SER R 79 84.93 -83.86 23.53
C SER R 79 83.61 -84.60 23.57
N MET R 80 83.07 -84.80 24.78
CA MET R 80 81.83 -85.55 24.87
C MET R 80 81.18 -85.30 26.23
N PRO R 81 79.87 -85.49 26.35
CA PRO R 81 79.24 -85.37 27.66
C PRO R 81 79.64 -86.52 28.56
N GLU R 82 79.64 -86.24 29.87
CA GLU R 82 80.06 -87.22 30.85
C GLU R 82 79.27 -88.51 30.70
N ASP R 83 79.95 -89.64 30.91
CA ASP R 83 79.37 -90.98 30.87
C ASP R 83 78.81 -91.35 29.49
N ALA R 84 79.28 -90.68 28.43
CA ALA R 84 78.91 -91.09 27.08
C ALA R 84 79.82 -92.24 26.63
N ASP R 85 79.49 -92.86 25.50
CA ASP R 85 80.29 -93.98 25.03
C ASP R 85 81.05 -93.63 23.76
N PRO R 86 82.35 -93.40 23.81
CA PRO R 86 83.12 -93.09 22.60
C PRO R 86 83.61 -94.30 21.82
N ALA R 87 83.25 -95.52 22.23
CA ALA R 87 83.92 -96.70 21.71
C ALA R 87 83.85 -96.74 20.19
N GLU R 88 82.71 -96.38 19.62
CA GLU R 88 82.55 -96.54 18.18
C GLU R 88 83.19 -95.39 17.40
N VAL R 89 83.05 -94.15 17.87
CA VAL R 89 83.75 -93.05 17.19
C VAL R 89 85.25 -93.25 17.26
N LEU R 90 85.76 -93.82 18.35
CA LEU R 90 87.17 -94.17 18.43
C LEU R 90 87.53 -95.23 17.38
N LYS R 91 86.75 -96.31 17.30
CA LYS R 91 87.05 -97.35 16.30
C LYS R 91 87.10 -96.77 14.90
N ALA R 92 86.11 -95.93 14.54
CA ALA R 92 86.05 -95.35 13.21
C ALA R 92 87.23 -94.42 12.96
N ALA R 93 87.50 -93.52 13.91
CA ALA R 93 88.63 -92.62 13.77
C ALA R 93 89.93 -93.40 13.60
N LYS R 94 90.08 -94.49 14.35
CA LYS R 94 91.30 -95.28 14.27
C LYS R 94 91.43 -95.96 12.92
N ALA R 95 90.31 -96.42 12.35
CA ALA R 95 90.37 -97.03 11.01
C ALA R 95 90.76 -96.00 9.95
N ALA R 96 90.20 -94.80 10.02
CA ALA R 96 90.58 -93.74 9.09
C ALA R 96 92.06 -93.38 9.25
N LEU R 97 92.50 -93.23 10.49
CA LEU R 97 93.91 -92.99 10.75
C LEU R 97 94.77 -94.08 10.17
N ALA R 98 94.33 -95.34 10.30
CA ALA R 98 95.08 -96.44 9.73
C ALA R 98 95.25 -96.29 8.23
N LEU R 99 94.21 -95.79 7.55
CA LEU R 99 94.36 -95.52 6.12
C LEU R 99 95.36 -94.40 5.86
N PHE R 100 95.26 -93.31 6.59
CA PHE R 100 96.07 -92.13 6.24
C PHE R 100 97.49 -92.14 6.83
N GLU R 101 97.77 -93.04 7.78
CA GLU R 101 98.98 -92.91 8.60
C GLU R 101 100.24 -93.05 7.76
N ALA R 102 100.28 -94.04 6.88
CA ALA R 102 101.45 -94.22 6.01
C ALA R 102 101.73 -92.96 5.20
N ASN R 103 100.67 -92.27 4.76
CA ASN R 103 100.77 -91.14 3.85
C ASN R 103 100.69 -89.78 4.55
N LEU R 104 101.07 -89.72 5.83
CA LEU R 104 100.99 -88.45 6.56
C LEU R 104 102.01 -87.43 6.09
N ASN R 105 103.09 -87.90 5.45
CA ASN R 105 104.19 -87.04 5.01
C ASN R 105 104.31 -86.98 3.50
N SER R 106 103.26 -87.34 2.75
CA SER R 106 103.44 -87.66 1.34
C SER R 106 102.71 -86.75 0.35
N ALA R 107 101.70 -85.99 0.79
CA ALA R 107 100.98 -85.05 -0.08
C ALA R 107 100.15 -85.76 -1.15
N PHE R 108 99.95 -87.06 -1.02
CA PHE R 108 99.11 -87.84 -1.93
C PHE R 108 97.78 -88.14 -1.25
N ASN R 109 96.71 -88.13 -2.03
CA ASN R 109 95.41 -88.54 -1.52
C ASN R 109 94.58 -89.07 -2.66
N LYS R 110 93.98 -90.25 -2.47
CA LYS R 110 93.17 -90.91 -3.48
C LYS R 110 91.73 -90.99 -2.98
N ASN R 111 90.78 -90.95 -3.90
CA ASN R 111 89.38 -91.08 -3.51
C ASN R 111 89.14 -92.43 -2.90
N VAL R 112 88.55 -92.44 -1.71
CA VAL R 112 88.17 -93.65 -1.00
C VAL R 112 86.66 -93.67 -0.91
N ASP R 113 86.04 -94.69 -1.48
CA ASP R 113 84.59 -94.75 -1.51
C ASP R 113 84.01 -95.33 -0.23
N GLU R 114 84.80 -96.05 0.55
CA GLU R 114 84.31 -96.53 1.84
C GLU R 114 85.49 -96.91 2.72
N ILE R 115 85.25 -96.82 4.03
CA ILE R 115 86.21 -97.19 5.06
C ILE R 115 85.59 -98.32 5.87
N SER R 116 86.27 -99.47 5.92
CA SER R 116 85.78 -100.61 6.67
C SER R 116 86.26 -100.53 8.10
N VAL R 117 85.32 -100.63 9.04
CA VAL R 117 85.62 -100.55 10.46
C VAL R 117 85.55 -101.94 11.07
N ALA R 118 86.47 -102.24 11.98
CA ALA R 118 86.61 -103.56 12.60
C ALA R 118 85.35 -104.02 13.32
N ALA S 1 -21.48 -70.68 5.09
CA ALA S 1 -20.94 -71.78 5.88
C ALA S 1 -19.45 -72.01 5.63
N TYR S 2 -18.61 -71.29 6.39
CA TYR S 2 -17.15 -71.39 6.26
C TYR S 2 -16.52 -71.28 7.65
N LYS S 3 -15.19 -71.34 7.69
CA LYS S 3 -14.48 -71.18 8.95
C LYS S 3 -13.19 -70.40 8.74
N LEU S 4 -12.84 -69.60 9.77
CA LEU S 4 -11.65 -68.76 9.76
C LEU S 4 -10.55 -69.49 10.51
N ILE S 5 -9.50 -69.83 9.81
CA ILE S 5 -8.35 -70.52 10.39
C ILE S 5 -7.32 -69.49 10.81
N LYS S 6 -6.59 -69.79 11.88
CA LYS S 6 -5.60 -68.85 12.40
C LYS S 6 -4.45 -68.67 11.41
N MET S 7 -4.05 -67.43 11.22
CA MET S 7 -2.95 -67.06 10.34
C MET S 7 -1.65 -67.00 11.12
N ALA S 8 -0.54 -67.13 10.39
CA ALA S 8 0.77 -66.85 10.94
C ALA S 8 0.87 -65.36 11.26
N GLY S 9 1.16 -65.05 12.53
CA GLY S 9 1.26 -63.67 12.95
C GLY S 9 2.46 -63.47 13.86
N GLY S 10 2.88 -62.22 13.96
CA GLY S 10 4.06 -61.87 14.73
C GLY S 10 3.80 -61.57 16.19
N ASN S 11 2.65 -60.99 16.49
CA ASN S 11 2.32 -60.58 17.86
C ASN S 11 1.65 -61.73 18.60
N SER S 12 1.95 -61.83 19.91
CA SER S 12 1.37 -62.89 20.73
C SER S 12 0.02 -62.49 21.33
N ALA S 13 -0.20 -61.19 21.53
CA ALA S 13 -1.47 -60.71 22.07
C ALA S 13 -2.58 -60.73 21.05
N ILE S 14 -2.23 -60.57 19.77
CA ILE S 14 -3.19 -60.48 18.67
C ILE S 14 -3.27 -61.83 17.99
N GLN S 15 -4.49 -62.36 17.88
CA GLN S 15 -4.75 -63.55 17.07
C GLN S 15 -5.36 -63.10 15.75
N THR S 16 -4.75 -63.50 14.64
CA THR S 16 -5.23 -63.15 13.31
C THR S 16 -5.71 -64.41 12.62
N TYR S 17 -6.87 -64.31 11.98
CA TYR S 17 -7.51 -65.40 11.26
C TYR S 17 -7.84 -64.95 9.85
N ALA S 18 -7.83 -65.90 8.93
CA ALA S 18 -8.28 -65.68 7.57
C ALA S 18 -9.32 -66.72 7.21
N ARG S 19 -10.24 -66.31 6.34
CA ARG S 19 -11.27 -67.22 5.85
C ARG S 19 -10.67 -68.29 4.96
N GLU S 20 -11.15 -69.52 5.11
CA GLU S 20 -10.60 -70.62 4.32
C GLU S 20 -10.88 -70.41 2.84
N ASP S 21 -12.12 -70.10 2.48
CA ASP S 21 -12.49 -69.90 1.08
C ASP S 21 -11.74 -68.72 0.48
N LYS S 22 -11.95 -67.53 1.04
CA LYS S 22 -11.25 -66.32 0.63
C LYS S 22 -10.25 -65.93 1.70
N THR S 23 -8.98 -66.13 1.41
CA THR S 23 -7.95 -65.68 2.36
C THR S 23 -7.76 -64.17 2.33
N THR S 24 -8.62 -63.44 1.61
CA THR S 24 -8.60 -61.98 1.61
C THR S 24 -9.50 -61.40 2.69
N GLN S 25 -10.48 -62.15 3.15
CA GLN S 25 -11.31 -61.77 4.28
C GLN S 25 -10.62 -62.22 5.55
N THR S 26 -10.39 -61.28 6.47
CA THR S 26 -9.64 -61.57 7.68
C THR S 26 -10.37 -61.04 8.91
N LEU S 27 -9.89 -61.48 10.07
CA LEU S 27 -10.45 -61.16 11.38
C LEU S 27 -9.32 -61.17 12.40
N SER S 28 -9.44 -60.31 13.41
CA SER S 28 -8.36 -60.16 14.39
C SER S 28 -8.93 -59.88 15.76
N THR S 29 -8.46 -60.62 16.77
CA THR S 29 -8.91 -60.44 18.14
C THR S 29 -7.72 -60.17 19.04
N GLN S 30 -7.83 -59.14 19.87
CA GLN S 30 -6.76 -58.74 20.76
C GLN S 30 -7.32 -58.46 22.15
N LYS S 31 -6.60 -58.89 23.18
CA LYS S 31 -6.94 -58.56 24.55
C LYS S 31 -5.77 -57.86 25.24
N THR S 32 -6.08 -56.73 25.88
CA THR S 32 -5.14 -55.90 26.60
C THR S 32 -5.58 -55.81 28.05
N ILE S 33 -4.64 -55.93 28.97
CA ILE S 33 -4.90 -55.71 30.38
C ILE S 33 -4.18 -54.44 30.81
N SER S 34 -4.89 -53.57 31.52
CA SER S 34 -4.36 -52.34 32.07
C SER S 34 -4.58 -52.32 33.57
N VAL S 35 -3.84 -51.48 34.26
CA VAL S 35 -3.94 -51.35 35.71
C VAL S 35 -4.32 -49.92 36.04
N LEU S 36 -5.35 -49.75 36.87
CA LEU S 36 -5.76 -48.45 37.33
C LEU S 36 -5.83 -48.49 38.84
N ARG S 37 -5.02 -47.68 39.52
CA ARG S 37 -4.95 -47.72 40.97
C ARG S 37 -5.40 -46.39 41.56
N ASN S 38 -6.24 -46.47 42.58
CA ASN S 38 -6.62 -45.36 43.43
C ASN S 38 -5.99 -45.60 44.80
N GLY S 39 -5.08 -44.71 45.19
CA GLY S 39 -4.36 -44.89 46.43
C GLY S 39 -3.60 -46.21 46.43
N SER S 40 -3.94 -47.06 47.40
CA SER S 40 -3.34 -48.39 47.50
C SER S 40 -4.08 -49.42 46.64
N THR S 41 -5.38 -49.24 46.43
CA THR S 41 -6.15 -50.24 45.70
C THR S 41 -5.85 -50.14 44.21
N SER S 42 -5.85 -51.28 43.54
CA SER S 42 -5.59 -51.34 42.11
C SER S 42 -6.51 -52.35 41.46
N THR S 43 -7.03 -52.00 40.28
CA THR S 43 -7.99 -52.84 39.58
C THR S 43 -7.61 -52.98 38.11
N ARG S 44 -7.95 -54.14 37.55
CA ARG S 44 -7.62 -54.45 36.17
C ARG S 44 -8.70 -53.95 35.22
N ILE S 45 -8.25 -53.42 34.09
CA ILE S 45 -9.12 -52.94 33.02
C ILE S 45 -8.88 -53.83 31.81
N ILE S 46 -9.87 -54.63 31.46
CA ILE S 46 -9.77 -55.57 30.36
C ILE S 46 -10.38 -54.94 29.11
N LYS S 47 -9.59 -54.90 28.05
CA LYS S 47 -9.96 -54.29 26.78
C LYS S 47 -9.86 -55.35 25.68
N VAL S 48 -10.95 -55.52 24.93
CA VAL S 48 -11.02 -56.48 23.84
C VAL S 48 -11.24 -55.70 22.54
N HIS S 49 -10.63 -56.18 21.46
CA HIS S 49 -10.77 -55.55 20.16
C HIS S 49 -10.89 -56.63 19.10
N ILE S 50 -12.01 -56.63 18.38
CA ILE S 50 -12.28 -57.58 17.31
C ILE S 50 -12.50 -56.78 16.03
N ASN S 51 -11.77 -57.10 14.98
CA ASN S 51 -11.86 -56.37 13.71
C ASN S 51 -12.02 -57.37 12.58
N SER S 52 -13.08 -57.22 11.79
CA SER S 52 -13.35 -58.09 10.64
C SER S 52 -13.31 -57.21 9.39
N THR S 53 -12.40 -57.51 8.45
CA THR S 53 -12.36 -56.73 7.22
C THR S 53 -12.21 -57.62 6.01
N ALA S 54 -12.53 -57.02 4.87
CA ALA S 54 -12.30 -57.60 3.56
C ALA S 54 -12.06 -56.47 2.59
N PRO S 55 -11.27 -56.67 1.54
CA PRO S 55 -11.14 -55.63 0.53
C PRO S 55 -12.37 -55.63 -0.36
N VAL S 56 -12.71 -54.44 -0.86
CA VAL S 56 -13.79 -54.29 -1.81
C VAL S 56 -13.36 -53.34 -2.92
N THR S 57 -13.66 -53.72 -4.16
CA THR S 57 -13.26 -52.97 -5.34
C THR S 57 -14.04 -51.65 -5.43
N ILE S 58 -13.33 -50.55 -5.66
CA ILE S 58 -13.95 -49.23 -5.59
C ILE S 58 -15.08 -49.11 -6.61
N ASN S 59 -14.81 -49.48 -7.85
CA ASN S 59 -15.59 -49.01 -8.99
C ASN S 59 -16.69 -50.01 -9.33
N THR S 60 -17.93 -49.66 -9.00
CA THR S 60 -19.04 -50.56 -9.27
C THR S 60 -19.34 -50.66 -10.76
N CYS S 61 -19.37 -49.52 -11.46
CA CYS S 61 -19.71 -49.47 -12.88
C CYS S 61 -18.51 -49.74 -13.80
N ASP S 62 -17.35 -50.09 -13.26
CA ASP S 62 -16.18 -50.43 -14.08
C ASP S 62 -16.25 -51.87 -14.56
N PRO S 63 -15.38 -52.25 -15.53
CA PRO S 63 -15.38 -53.65 -15.98
C PRO S 63 -14.65 -54.60 -15.04
N THR S 64 -14.44 -54.15 -13.79
CA THR S 64 -13.74 -54.91 -12.75
C THR S 64 -12.30 -55.23 -13.18
N LYS S 65 -11.64 -54.24 -13.78
CA LYS S 65 -10.25 -54.39 -14.25
C LYS S 65 -9.26 -54.11 -13.11
N CYS S 66 -9.40 -54.89 -12.04
CA CYS S 66 -8.53 -54.77 -10.85
C CYS S 66 -8.41 -53.32 -10.40
N GLY S 67 -9.56 -52.68 -10.24
CA GLY S 67 -9.60 -51.34 -9.68
C GLY S 67 -9.05 -51.35 -8.28
N PRO S 68 -8.38 -50.26 -7.88
CA PRO S 68 -7.81 -50.22 -6.53
C PRO S 68 -8.89 -50.46 -5.48
N THR S 69 -8.54 -51.24 -4.47
CA THR S 69 -9.48 -51.71 -3.47
C THR S 69 -9.38 -50.90 -2.18
N VAL S 70 -10.51 -50.78 -1.50
CA VAL S 70 -10.57 -50.12 -0.21
C VAL S 70 -11.00 -51.16 0.82
N PRO S 71 -10.44 -51.12 2.03
CA PRO S 71 -10.88 -52.05 3.08
C PRO S 71 -12.27 -51.68 3.58
N MET S 72 -13.14 -52.68 3.64
CA MET S 72 -14.45 -52.59 4.27
C MET S 72 -14.39 -53.36 5.58
N GLY S 73 -14.84 -52.72 6.65
CA GLY S 73 -14.53 -53.20 7.98
C GLY S 73 -15.67 -53.06 8.96
N VAL S 74 -15.71 -53.96 9.92
CA VAL S 74 -16.65 -53.92 11.03
C VAL S 74 -15.87 -54.25 12.30
N SER S 75 -15.92 -53.35 13.27
CA SER S 75 -15.06 -53.43 14.45
C SER S 75 -15.89 -53.40 15.72
N PHE S 76 -15.35 -54.05 16.76
CA PHE S 76 -15.97 -54.14 18.07
C PHE S 76 -14.89 -53.89 19.11
N LYS S 77 -15.20 -53.07 20.11
CA LYS S 77 -14.25 -52.78 21.18
C LYS S 77 -14.97 -52.80 22.52
N SER S 78 -14.25 -53.27 23.53
CA SER S 78 -14.80 -53.50 24.87
C SER S 78 -13.78 -53.02 25.89
N SER S 79 -14.19 -52.19 26.85
CA SER S 79 -13.29 -51.78 27.93
C SER S 79 -14.05 -51.77 29.23
N MET S 80 -13.62 -52.57 30.20
CA MET S 80 -14.38 -52.65 31.43
C MET S 80 -13.49 -53.08 32.59
N PRO S 81 -13.82 -52.69 33.81
CA PRO S 81 -13.12 -53.25 34.97
C PRO S 81 -13.35 -54.76 35.05
N GLU S 82 -12.31 -55.47 35.51
CA GLU S 82 -12.38 -56.92 35.64
C GLU S 82 -13.61 -57.31 36.46
N ASP S 83 -14.29 -58.38 36.02
CA ASP S 83 -15.46 -58.94 36.69
C ASP S 83 -16.68 -58.02 36.66
N ALA S 84 -16.68 -56.98 35.82
CA ALA S 84 -17.89 -56.19 35.66
C ALA S 84 -18.89 -56.92 34.77
N ASP S 85 -20.11 -56.41 34.68
CA ASP S 85 -21.13 -57.11 33.91
C ASP S 85 -21.51 -56.33 32.65
N PRO S 86 -20.97 -56.70 31.49
CA PRO S 86 -21.33 -56.00 30.24
C PRO S 86 -22.69 -56.36 29.70
N ALA S 87 -23.44 -57.23 30.39
CA ALA S 87 -24.65 -57.80 29.81
C ALA S 87 -25.59 -56.72 29.28
N GLU S 88 -25.80 -55.66 30.07
CA GLU S 88 -26.78 -54.65 29.70
C GLU S 88 -26.25 -53.71 28.61
N VAL S 89 -24.99 -53.27 28.70
CA VAL S 89 -24.45 -52.43 27.64
C VAL S 89 -24.36 -53.19 26.33
N LEU S 90 -24.14 -54.51 26.41
CA LEU S 90 -24.15 -55.33 25.19
C LEU S 90 -25.55 -55.42 24.60
N LYS S 91 -26.56 -55.70 25.43
CA LYS S 91 -27.94 -55.72 24.94
C LYS S 91 -28.28 -54.42 24.23
N ALA S 92 -27.97 -53.29 24.89
CA ALA S 92 -28.25 -51.98 24.29
C ALA S 92 -27.50 -51.79 22.99
N ALA S 93 -26.20 -52.07 22.98
CA ALA S 93 -25.40 -51.89 21.78
C ALA S 93 -25.95 -52.73 20.63
N LYS S 94 -26.33 -53.98 20.90
CA LYS S 94 -26.87 -54.84 19.85
C LYS S 94 -28.19 -54.32 19.33
N ALA S 95 -29.05 -53.84 20.24
CA ALA S 95 -30.33 -53.25 19.82
C ALA S 95 -30.10 -52.05 18.90
N ALA S 96 -29.14 -51.19 19.26
CA ALA S 96 -28.82 -50.04 18.42
C ALA S 96 -28.31 -50.49 17.07
N LEU S 97 -27.38 -51.46 17.06
CA LEU S 97 -26.80 -51.93 15.82
C LEU S 97 -27.87 -52.44 14.88
N ALA S 98 -28.84 -53.20 15.41
CA ALA S 98 -29.91 -53.74 14.57
C ALA S 98 -30.59 -52.65 13.75
N LEU S 99 -30.66 -51.41 14.24
CA LEU S 99 -31.26 -50.33 13.47
C LEU S 99 -30.35 -49.88 12.34
N PHE S 100 -29.04 -50.02 12.49
CA PHE S 100 -28.10 -49.52 11.49
C PHE S 100 -27.67 -50.55 10.47
N GLU S 101 -27.64 -51.84 10.82
CA GLU S 101 -26.90 -52.77 9.96
C GLU S 101 -27.58 -52.98 8.62
N ALA S 102 -28.87 -52.70 8.50
CA ALA S 102 -29.48 -52.67 7.18
C ALA S 102 -28.90 -51.53 6.35
N ASN S 103 -28.73 -50.36 6.97
CA ASN S 103 -28.31 -49.13 6.30
C ASN S 103 -26.85 -48.79 6.62
N LEU S 104 -26.01 -49.81 6.70
CA LEU S 104 -24.60 -49.63 7.05
C LEU S 104 -23.77 -49.07 5.89
N ASN S 105 -24.36 -49.02 4.70
CA ASN S 105 -23.67 -48.53 3.51
C ASN S 105 -24.43 -47.41 2.80
N SER S 106 -25.54 -46.93 3.36
CA SER S 106 -26.46 -46.14 2.55
C SER S 106 -26.53 -44.67 2.94
N ALA S 107 -25.60 -44.19 3.78
CA ALA S 107 -25.46 -42.77 4.04
C ALA S 107 -26.72 -42.12 4.62
N PHE S 108 -27.69 -42.92 5.06
CA PHE S 108 -28.98 -42.42 5.53
C PHE S 108 -29.11 -42.75 7.01
N ASN S 109 -29.10 -41.71 7.85
CA ASN S 109 -29.22 -41.87 9.29
C ASN S 109 -30.63 -41.45 9.70
N LYS S 110 -31.49 -42.42 9.98
CA LYS S 110 -32.85 -42.08 10.36
C LYS S 110 -32.87 -41.40 11.73
N ASN S 111 -33.75 -40.41 11.87
CA ASN S 111 -33.97 -39.77 13.17
C ASN S 111 -34.77 -40.74 14.02
N VAL S 112 -34.09 -41.35 14.99
CA VAL S 112 -34.70 -42.22 15.97
C VAL S 112 -34.69 -41.49 17.31
N ASP S 113 -35.87 -41.33 17.90
CA ASP S 113 -36.02 -40.64 19.18
C ASP S 113 -36.05 -41.60 20.37
N GLU S 114 -36.24 -42.90 20.14
CA GLU S 114 -36.11 -43.87 21.21
C GLU S 114 -35.83 -45.25 20.63
N ILE S 115 -34.98 -46.00 21.33
CA ILE S 115 -34.57 -47.33 20.93
C ILE S 115 -35.06 -48.30 21.98
N SER S 116 -35.86 -49.28 21.58
CA SER S 116 -36.41 -50.27 22.51
C SER S 116 -35.43 -51.43 22.65
N VAL S 117 -35.09 -51.77 23.88
CA VAL S 117 -34.19 -52.86 24.19
C VAL S 117 -34.99 -54.04 24.71
N ALA S 118 -34.73 -55.23 24.16
CA ALA S 118 -35.51 -56.41 24.49
C ALA S 118 -35.33 -56.84 25.94
N ALA T 1 -6.48 -77.13 45.22
CA ALA T 1 -7.90 -77.10 44.90
C ALA T 1 -8.22 -75.96 43.90
N TYR T 2 -7.18 -75.33 43.36
CA TYR T 2 -7.34 -74.31 42.32
C TYR T 2 -6.19 -74.44 41.33
N LYS T 3 -6.24 -73.61 40.28
CA LYS T 3 -5.16 -73.61 39.29
C LYS T 3 -4.80 -72.19 38.90
N LEU T 4 -3.51 -71.99 38.66
CA LEU T 4 -2.96 -70.70 38.23
C LEU T 4 -2.92 -70.69 36.72
N ILE T 5 -3.74 -69.88 36.10
CA ILE T 5 -3.82 -69.80 34.64
C ILE T 5 -2.89 -68.70 34.16
N LYS T 6 -2.20 -68.97 33.05
CA LYS T 6 -1.28 -67.99 32.47
C LYS T 6 -2.05 -66.77 32.02
N MET T 7 -1.63 -65.59 32.49
CA MET T 7 -2.41 -64.41 32.19
C MET T 7 -2.13 -63.94 30.78
N ALA T 8 -3.09 -63.18 30.24
CA ALA T 8 -3.02 -62.62 28.90
C ALA T 8 -1.98 -61.51 28.92
N GLY T 9 -0.70 -61.91 28.99
CA GLY T 9 0.40 -60.98 28.97
C GLY T 9 1.43 -61.43 27.94
N GLY T 10 2.25 -60.47 27.52
CA GLY T 10 3.28 -60.78 26.56
C GLY T 10 4.39 -61.61 27.15
N ASN T 11 4.52 -62.86 26.69
CA ASN T 11 5.59 -63.73 27.17
C ASN T 11 6.94 -63.10 26.87
N SER T 12 7.75 -62.92 27.91
CA SER T 12 9.07 -62.31 27.78
C SER T 12 10.17 -63.30 28.18
N ALA T 13 9.96 -64.59 27.91
CA ALA T 13 10.64 -65.70 28.60
C ALA T 13 10.44 -65.61 30.11
N ILE T 14 9.42 -64.84 30.51
CA ILE T 14 8.92 -64.74 31.89
C ILE T 14 7.43 -65.05 31.83
N GLN T 15 7.00 -66.07 32.55
CA GLN T 15 5.62 -66.52 32.50
C GLN T 15 4.90 -66.09 33.78
N THR T 16 3.84 -65.32 33.62
CA THR T 16 3.07 -64.79 34.74
C THR T 16 1.67 -65.39 34.73
N TYR T 17 1.26 -65.93 35.86
CA TYR T 17 -0.02 -66.59 36.04
C TYR T 17 -0.79 -65.88 37.14
N ALA T 18 -2.11 -65.93 37.04
CA ALA T 18 -3.01 -65.50 38.10
C ALA T 18 -3.91 -66.65 38.51
N ARG T 19 -4.29 -66.66 39.78
CA ARG T 19 -5.17 -67.70 40.30
C ARG T 19 -6.56 -67.55 39.72
N GLU T 20 -7.18 -68.68 39.37
CA GLU T 20 -8.41 -68.63 38.57
C GLU T 20 -9.53 -67.95 39.33
N ASP T 21 -9.74 -68.32 40.60
CA ASP T 21 -10.85 -67.76 41.36
C ASP T 21 -10.49 -66.43 42.02
N LYS T 22 -9.33 -66.35 42.66
CA LYS T 22 -8.82 -65.08 43.19
C LYS T 22 -7.73 -64.57 42.27
N THR T 23 -8.12 -63.74 41.30
CA THR T 23 -7.14 -63.22 40.35
C THR T 23 -6.22 -62.17 40.95
N THR T 24 -6.38 -61.86 42.24
CA THR T 24 -5.44 -60.97 42.92
C THR T 24 -4.15 -61.68 43.28
N GLN T 25 -4.22 -62.99 43.45
CA GLN T 25 -3.05 -63.81 43.76
C GLN T 25 -2.35 -64.18 42.46
N THR T 26 -1.08 -63.83 42.35
CA THR T 26 -0.32 -64.05 41.12
C THR T 26 0.97 -64.81 41.44
N LEU T 27 1.63 -65.24 40.36
CA LEU T 27 2.86 -66.03 40.44
C LEU T 27 3.62 -65.91 39.13
N SER T 28 4.94 -65.74 39.21
CA SER T 28 5.78 -65.51 38.04
C SER T 28 6.98 -66.43 38.06
N THR T 29 7.29 -67.04 36.92
CA THR T 29 8.46 -67.90 36.80
C THR T 29 9.30 -67.48 35.59
N GLN T 30 10.59 -67.24 35.83
CA GLN T 30 11.51 -66.94 34.75
C GLN T 30 12.80 -67.75 34.92
N LYS T 31 13.38 -68.14 33.79
CA LYS T 31 14.70 -68.77 33.76
C LYS T 31 15.58 -67.97 32.82
N THR T 32 16.80 -67.68 33.27
CA THR T 32 17.78 -66.94 32.49
C THR T 32 19.09 -67.71 32.48
N ILE T 33 19.92 -67.42 31.48
CA ILE T 33 21.20 -68.08 31.31
C ILE T 33 22.29 -67.04 31.23
N SER T 34 23.32 -67.18 32.06
CA SER T 34 24.49 -66.33 32.08
C SER T 34 25.71 -67.14 31.62
N VAL T 35 26.77 -66.45 31.25
CA VAL T 35 28.04 -67.08 30.88
C VAL T 35 29.13 -66.52 31.79
N LEU T 36 29.76 -67.40 32.56
CA LEU T 36 30.84 -67.02 33.47
C LEU T 36 32.15 -67.54 32.90
N ARG T 37 33.06 -66.63 32.60
CA ARG T 37 34.34 -66.95 31.97
C ARG T 37 35.46 -66.68 32.97
N ASN T 38 36.21 -67.72 33.32
CA ASN T 38 37.42 -67.60 34.12
C ASN T 38 38.59 -68.08 33.27
N GLY T 39 39.37 -67.15 32.75
CA GLY T 39 40.47 -67.51 31.87
C GLY T 39 39.96 -68.12 30.58
N SER T 40 40.51 -69.29 30.23
CA SER T 40 40.11 -69.98 29.01
C SER T 40 38.70 -70.54 29.13
N THR T 41 38.33 -71.03 30.31
CA THR T 41 37.08 -71.74 30.50
C THR T 41 35.90 -70.78 30.60
N SER T 42 34.79 -71.14 29.96
CA SER T 42 33.52 -70.48 30.11
C SER T 42 32.44 -71.50 30.41
N THR T 43 31.55 -71.19 31.35
CA THR T 43 30.50 -72.10 31.76
C THR T 43 29.17 -71.35 31.84
N ARG T 44 28.09 -72.07 31.58
CA ARG T 44 26.75 -71.50 31.61
C ARG T 44 26.13 -71.63 33.00
N ILE T 45 25.50 -70.54 33.44
CA ILE T 45 24.88 -70.46 34.76
C ILE T 45 23.38 -70.31 34.57
N ILE T 46 22.63 -71.29 35.11
CA ILE T 46 21.17 -71.30 35.04
C ILE T 46 20.62 -70.61 36.29
N LYS T 47 19.72 -69.64 36.07
CA LYS T 47 19.14 -68.86 37.16
C LYS T 47 17.62 -68.89 37.04
N VAL T 48 16.95 -69.50 38.03
CA VAL T 48 15.51 -69.59 38.12
C VAL T 48 15.02 -68.61 39.17
N HIS T 49 13.89 -67.95 38.88
CA HIS T 49 13.26 -67.05 39.84
C HIS T 49 11.76 -67.25 39.79
N ILE T 50 11.19 -67.68 40.93
CA ILE T 50 9.77 -67.90 41.11
C ILE T 50 9.28 -66.92 42.18
N ASN T 51 8.14 -66.28 41.92
CA ASN T 51 7.57 -65.33 42.87
C ASN T 51 6.08 -65.59 43.00
N SER T 52 5.57 -65.57 44.23
CA SER T 52 4.16 -65.84 44.48
C SER T 52 3.66 -64.79 45.46
N THR T 53 2.83 -63.87 44.98
CA THR T 53 2.34 -62.79 45.85
C THR T 53 0.83 -62.68 45.82
N ALA T 54 0.31 -62.04 46.86
CA ALA T 54 -1.08 -61.65 46.96
C ALA T 54 -1.12 -60.34 47.72
N PRO T 55 -2.14 -59.50 47.49
CA PRO T 55 -2.31 -58.31 48.31
C PRO T 55 -2.91 -58.69 49.66
N VAL T 56 -2.52 -57.95 50.70
CA VAL T 56 -3.07 -58.11 52.03
C VAL T 56 -3.60 -56.78 52.50
N THR T 57 -4.90 -56.73 52.83
CA THR T 57 -5.47 -55.56 53.48
C THR T 57 -4.80 -55.33 54.82
N ILE T 58 -4.25 -54.14 55.03
CA ILE T 58 -3.64 -53.83 56.31
C ILE T 58 -4.65 -54.00 57.42
N ASN T 59 -4.22 -54.67 58.50
CA ASN T 59 -5.06 -54.76 59.68
C ASN T 59 -5.53 -53.38 60.09
N THR T 60 -6.83 -53.15 60.02
CA THR T 60 -7.37 -51.81 60.20
C THR T 60 -8.44 -51.80 61.28
N CYS T 61 -8.92 -50.60 61.56
CA CYS T 61 -9.86 -50.36 62.65
C CYS T 61 -11.27 -50.82 62.30
N ASP T 62 -11.68 -50.68 61.04
CA ASP T 62 -13.05 -50.93 60.63
C ASP T 62 -13.43 -52.40 60.81
N PRO T 63 -14.69 -52.69 61.15
CA PRO T 63 -15.14 -54.09 61.09
C PRO T 63 -15.11 -54.65 59.68
N THR T 64 -15.52 -53.85 58.70
CA THR T 64 -15.32 -54.22 57.30
C THR T 64 -13.82 -54.29 57.02
N LYS T 65 -13.42 -55.26 56.19
CA LYS T 65 -12.02 -55.46 55.88
C LYS T 65 -11.63 -54.44 54.81
N CYS T 66 -11.41 -53.20 55.26
CA CYS T 66 -11.04 -52.10 54.38
C CYS T 66 -9.85 -51.35 54.93
N GLY T 67 -8.79 -51.26 54.13
CA GLY T 67 -7.62 -50.49 54.45
C GLY T 67 -6.64 -50.51 53.29
N PRO T 68 -5.53 -49.78 53.40
CA PRO T 68 -4.49 -49.89 52.37
C PRO T 68 -4.00 -51.32 52.25
N THR T 69 -3.62 -51.70 51.03
CA THR T 69 -3.14 -53.05 50.75
C THR T 69 -1.62 -53.04 50.60
N VAL T 70 -0.96 -53.93 51.30
CA VAL T 70 0.48 -54.14 51.19
C VAL T 70 0.66 -55.51 50.53
N PRO T 71 1.61 -55.65 49.61
CA PRO T 71 1.83 -56.98 49.00
C PRO T 71 2.56 -57.91 49.96
N MET T 72 2.06 -59.14 50.07
CA MET T 72 2.78 -60.21 50.73
C MET T 72 3.24 -61.21 49.68
N GLY T 73 4.42 -61.77 49.87
CA GLY T 73 5.06 -62.50 48.80
C GLY T 73 6.06 -63.51 49.32
N VAL T 74 6.14 -64.63 48.61
CA VAL T 74 7.14 -65.65 48.87
C VAL T 74 7.90 -65.87 47.58
N SER T 75 9.22 -65.82 47.66
CA SER T 75 10.07 -65.81 46.48
C SER T 75 11.15 -66.87 46.61
N PHE T 76 11.39 -67.60 45.54
CA PHE T 76 12.42 -68.63 45.47
C PHE T 76 13.36 -68.32 44.31
N LYS T 77 14.66 -68.27 44.59
CA LYS T 77 15.65 -67.99 43.57
C LYS T 77 16.72 -69.08 43.59
N SER T 78 17.28 -69.39 42.42
CA SER T 78 18.19 -70.52 42.27
C SER T 78 19.22 -70.21 41.20
N SER T 79 20.51 -70.25 41.54
CA SER T 79 21.56 -69.97 40.57
C SER T 79 22.66 -71.01 40.70
N MET T 80 22.95 -71.71 39.59
CA MET T 80 23.99 -72.72 39.64
C MET T 80 24.56 -72.93 38.25
N PRO T 81 25.80 -73.36 38.12
CA PRO T 81 26.34 -73.64 36.79
C PRO T 81 25.71 -74.89 36.21
N GLU T 82 25.59 -74.92 34.88
CA GLU T 82 24.85 -75.96 34.19
C GLU T 82 25.34 -77.36 34.59
N ASP T 83 24.40 -78.29 34.71
CA ASP T 83 24.61 -79.70 35.02
C ASP T 83 25.14 -79.94 36.42
N ALA T 84 25.14 -78.94 37.31
CA ALA T 84 25.50 -79.16 38.70
C ALA T 84 24.38 -79.92 39.41
N ASP T 85 24.65 -80.41 40.62
CA ASP T 85 23.64 -81.14 41.38
C ASP T 85 23.21 -80.37 42.63
N PRO T 86 22.10 -79.65 42.61
CA PRO T 86 21.68 -78.89 43.78
C PRO T 86 20.90 -79.69 44.82
N ALA T 87 20.94 -81.03 44.73
CA ALA T 87 20.07 -81.87 45.55
C ALA T 87 20.23 -81.56 47.03
N GLU T 88 21.48 -81.47 47.51
CA GLU T 88 21.69 -81.27 48.94
C GLU T 88 21.41 -79.83 49.34
N VAL T 89 21.74 -78.89 48.46
CA VAL T 89 21.41 -77.49 48.72
C VAL T 89 19.91 -77.31 48.88
N LEU T 90 19.13 -77.87 47.94
CA LEU T 90 17.68 -77.86 48.05
C LEU T 90 17.20 -78.50 49.34
N LYS T 91 17.77 -79.66 49.69
CA LYS T 91 17.33 -80.37 50.89
C LYS T 91 17.51 -79.50 52.14
N ALA T 92 18.68 -78.87 52.27
CA ALA T 92 18.94 -78.01 53.42
C ALA T 92 18.04 -76.78 53.42
N ALA T 93 17.89 -76.15 52.26
CA ALA T 93 17.00 -75.00 52.16
C ALA T 93 15.59 -75.37 52.60
N LYS T 94 15.10 -76.53 52.16
CA LYS T 94 13.74 -76.95 52.51
C LYS T 94 13.63 -77.22 54.01
N ALA T 95 14.66 -77.80 54.63
CA ALA T 95 14.62 -78.02 56.08
C ALA T 95 14.55 -76.70 56.84
N ALA T 96 15.37 -75.72 56.43
CA ALA T 96 15.33 -74.41 57.06
C ALA T 96 13.97 -73.75 56.89
N LEU T 97 13.41 -73.80 55.68
CA LEU T 97 12.10 -73.22 55.45
C LEU T 97 11.06 -73.91 56.32
N ALA T 98 11.17 -75.24 56.50
CA ALA T 98 10.25 -75.94 57.37
C ALA T 98 10.33 -75.39 58.79
N LEU T 99 11.54 -75.06 59.25
CA LEU T 99 11.67 -74.49 60.58
C LEU T 99 11.03 -73.10 60.67
N PHE T 100 11.21 -72.26 59.66
CA PHE T 100 10.81 -70.85 59.74
C PHE T 100 9.42 -70.56 59.18
N GLU T 101 8.73 -71.56 58.62
CA GLU T 101 7.50 -71.32 57.86
C GLU T 101 6.38 -70.79 58.75
N ALA T 102 6.22 -71.35 59.95
CA ALA T 102 5.21 -70.83 60.87
C ALA T 102 5.55 -69.43 61.34
N ASN T 103 6.85 -69.07 61.36
CA ASN T 103 7.33 -67.79 61.86
C ASN T 103 7.57 -66.78 60.74
N LEU T 104 7.12 -67.07 59.52
CA LEU T 104 7.28 -66.09 58.44
C LEU T 104 6.61 -64.76 58.74
N ASN T 105 5.63 -64.73 59.65
CA ASN T 105 4.88 -63.52 59.99
C ASN T 105 4.98 -63.16 61.47
N SER T 106 6.02 -63.63 62.17
CA SER T 106 5.97 -63.66 63.62
C SER T 106 6.54 -62.42 64.30
N ALA T 107 7.48 -61.71 63.67
CA ALA T 107 8.20 -60.58 64.27
C ALA T 107 9.08 -61.02 65.45
N PHE T 108 9.18 -62.31 65.71
CA PHE T 108 10.09 -62.88 66.70
C PHE T 108 10.98 -63.89 65.99
N ASN T 109 12.28 -63.83 66.28
CA ASN T 109 13.23 -64.74 65.65
C ASN T 109 13.53 -65.89 66.61
N LYS T 110 13.30 -67.12 66.15
CA LYS T 110 13.62 -68.30 66.95
C LYS T 110 15.11 -68.59 66.81
N ASN T 111 15.81 -68.63 67.93
CA ASN T 111 17.26 -68.88 67.92
C ASN T 111 17.47 -70.38 68.02
N VAL T 112 17.70 -71.03 66.87
CA VAL T 112 18.00 -72.45 66.81
C VAL T 112 19.48 -72.63 66.52
N ASP T 113 20.10 -73.61 67.18
CA ASP T 113 21.53 -73.85 67.09
C ASP T 113 21.90 -74.95 66.10
N GLU T 114 20.94 -75.77 65.66
CA GLU T 114 21.23 -76.75 64.61
C GLU T 114 19.95 -77.07 63.84
N ILE T 115 20.15 -77.49 62.59
CA ILE T 115 19.08 -77.74 61.63
C ILE T 115 19.30 -79.12 61.05
N SER T 116 18.42 -80.07 61.38
CA SER T 116 18.57 -81.45 60.93
C SER T 116 17.98 -81.65 59.54
N VAL T 117 18.70 -82.41 58.71
CA VAL T 117 18.41 -82.55 57.29
C VAL T 117 18.35 -84.03 56.92
N ALA T 118 17.51 -84.36 55.93
CA ALA T 118 17.39 -85.71 55.36
C ALA T 118 17.13 -86.77 56.40
N ALA U 1 11.97 -93.48 20.11
CA ALA U 1 10.80 -92.61 20.07
C ALA U 1 10.83 -91.60 21.20
N TYR U 2 10.62 -90.33 20.87
CA TYR U 2 10.64 -89.26 21.87
C TYR U 2 9.70 -88.14 21.44
N LYS U 3 9.51 -87.17 22.34
CA LYS U 3 8.63 -86.03 22.12
C LYS U 3 9.42 -84.73 22.23
N LEU U 4 9.21 -83.83 21.27
CA LEU U 4 9.77 -82.49 21.32
C LEU U 4 8.79 -81.60 22.08
N ILE U 5 9.12 -81.32 23.35
CA ILE U 5 8.30 -80.50 24.24
C ILE U 5 8.50 -79.03 23.90
N LYS U 6 7.41 -78.26 23.94
CA LYS U 6 7.49 -76.85 23.57
C LYS U 6 8.17 -76.03 24.66
N MET U 7 9.27 -75.37 24.32
CA MET U 7 9.94 -74.46 25.21
C MET U 7 9.16 -73.15 25.31
N ALA U 8 9.44 -72.39 26.36
CA ALA U 8 8.74 -71.14 26.64
C ALA U 8 9.51 -70.00 25.96
N GLY U 9 8.94 -69.48 24.88
CA GLY U 9 9.60 -68.46 24.09
C GLY U 9 8.83 -67.14 24.17
N GLY U 10 9.59 -66.05 24.14
CA GLY U 10 8.95 -64.73 24.16
C GLY U 10 8.32 -64.37 22.83
N ASN U 11 8.94 -64.78 21.73
CA ASN U 11 8.43 -64.48 20.40
C ASN U 11 7.38 -65.51 20.00
N SER U 12 6.23 -65.02 19.54
CA SER U 12 5.13 -65.92 19.14
C SER U 12 5.25 -66.40 17.71
N ALA U 13 6.02 -65.70 16.86
CA ALA U 13 6.18 -66.14 15.48
C ALA U 13 6.97 -67.44 15.39
N ILE U 14 7.90 -67.65 16.33
CA ILE U 14 8.78 -68.82 16.36
C ILE U 14 8.34 -69.72 17.50
N GLN U 15 8.13 -70.99 17.21
CA GLN U 15 7.87 -72.01 18.22
C GLN U 15 9.12 -72.86 18.39
N THR U 16 9.63 -72.94 19.61
CA THR U 16 10.83 -73.69 19.91
C THR U 16 10.49 -74.90 20.76
N TYR U 17 11.16 -76.01 20.51
CA TYR U 17 10.94 -77.27 21.19
C TYR U 17 12.29 -77.87 21.54
N ALA U 18 12.28 -78.65 22.62
CA ALA U 18 13.45 -79.40 23.07
C ALA U 18 13.03 -80.85 23.26
N ARG U 19 13.94 -81.76 22.95
CA ARG U 19 13.66 -83.19 23.13
C ARG U 19 13.54 -83.50 24.61
N GLU U 20 12.61 -84.40 24.94
CA GLU U 20 12.37 -84.72 26.35
C GLU U 20 13.59 -85.38 26.97
N ASP U 21 14.18 -86.36 26.27
CA ASP U 21 15.39 -87.03 26.77
C ASP U 21 16.55 -86.05 26.88
N LYS U 22 16.94 -85.46 25.77
CA LYS U 22 18.03 -84.49 25.72
C LYS U 22 17.45 -83.12 25.48
N THR U 23 17.40 -82.29 26.52
CA THR U 23 16.96 -80.92 26.31
C THR U 23 18.01 -80.09 25.56
N THR U 24 19.16 -80.68 25.22
CA THR U 24 20.16 -80.00 24.41
C THR U 24 19.80 -80.02 22.95
N GLN U 25 19.10 -81.06 22.50
CA GLN U 25 18.66 -81.16 21.12
C GLN U 25 17.38 -80.36 20.96
N THR U 26 17.39 -79.39 20.06
CA THR U 26 16.26 -78.49 19.92
C THR U 26 15.80 -78.42 18.46
N LEU U 27 14.65 -77.78 18.28
CA LEU U 27 13.99 -77.64 16.99
C LEU U 27 13.09 -76.41 17.01
N SER U 28 13.15 -75.63 15.95
CA SER U 28 12.37 -74.40 15.84
C SER U 28 11.57 -74.40 14.56
N THR U 29 10.31 -73.97 14.64
CA THR U 29 9.45 -73.81 13.48
C THR U 29 8.95 -72.37 13.43
N GLN U 30 9.02 -71.76 12.24
CA GLN U 30 8.60 -70.38 12.06
C GLN U 30 7.95 -70.21 10.69
N LYS U 31 6.76 -69.62 10.66
CA LYS U 31 6.13 -69.23 9.41
C LYS U 31 5.94 -67.72 9.40
N THR U 32 6.30 -67.09 8.29
CA THR U 32 6.17 -65.66 8.11
C THR U 32 5.50 -65.39 6.78
N ILE U 33 4.86 -64.22 6.69
CA ILE U 33 4.09 -63.83 5.52
C ILE U 33 4.61 -62.50 5.01
N SER U 34 4.79 -62.40 3.69
CA SER U 34 5.22 -61.18 3.04
C SER U 34 4.20 -60.76 1.98
N VAL U 35 4.12 -59.45 1.73
CA VAL U 35 3.18 -58.90 0.76
C VAL U 35 3.98 -58.45 -0.46
N LEU U 36 3.58 -58.90 -1.63
CA LEU U 36 4.23 -58.55 -2.89
C LEU U 36 3.21 -57.76 -3.69
N ARG U 37 3.39 -56.44 -3.77
CA ARG U 37 2.42 -55.57 -4.42
C ARG U 37 2.83 -55.38 -5.88
N ASN U 38 2.02 -55.91 -6.79
CA ASN U 38 2.15 -55.69 -8.22
C ASN U 38 0.96 -54.85 -8.66
N GLY U 39 1.22 -53.61 -9.01
CA GLY U 39 0.15 -52.68 -9.37
C GLY U 39 -0.82 -52.50 -8.22
N SER U 40 -2.10 -52.75 -8.47
CA SER U 40 -3.14 -52.65 -7.46
C SER U 40 -3.50 -54.00 -6.88
N THR U 41 -2.70 -55.04 -7.12
CA THR U 41 -2.95 -56.37 -6.61
C THR U 41 -1.79 -56.78 -5.73
N SER U 42 -2.07 -57.12 -4.47
CA SER U 42 -1.05 -57.59 -3.55
C SER U 42 -1.20 -59.08 -3.33
N THR U 43 -0.10 -59.82 -3.47
CA THR U 43 -0.09 -61.27 -3.34
C THR U 43 0.73 -61.69 -2.12
N ARG U 44 0.27 -62.76 -1.50
CA ARG U 44 0.79 -63.22 -0.22
C ARG U 44 1.88 -64.27 -0.45
N ILE U 45 3.00 -64.14 0.26
CA ILE U 45 4.17 -64.99 0.06
C ILE U 45 4.55 -65.63 1.39
N ILE U 46 4.42 -66.95 1.44
CA ILE U 46 4.57 -67.73 2.67
C ILE U 46 5.98 -68.31 2.73
N LYS U 47 6.67 -68.05 3.85
CA LYS U 47 8.00 -68.56 4.10
C LYS U 47 7.99 -69.38 5.38
N VAL U 48 8.50 -70.61 5.30
CA VAL U 48 8.59 -71.51 6.44
C VAL U 48 10.06 -71.82 6.71
N HIS U 49 10.43 -71.89 7.98
CA HIS U 49 11.79 -72.18 8.39
C HIS U 49 11.77 -73.14 9.58
N ILE U 50 12.30 -74.35 9.37
CA ILE U 50 12.44 -75.36 10.41
C ILE U 50 13.93 -75.59 10.63
N ASN U 51 14.36 -75.60 11.89
CA ASN U 51 15.75 -75.86 12.22
C ASN U 51 15.82 -76.92 13.31
N SER U 52 16.74 -77.88 13.18
CA SER U 52 16.87 -78.96 14.15
C SER U 52 18.36 -79.11 14.46
N THR U 53 18.78 -78.69 15.66
CA THR U 53 20.21 -78.76 15.99
C THR U 53 20.42 -79.47 17.32
N ALA U 54 21.69 -79.79 17.54
CA ALA U 54 22.16 -80.37 18.79
C ALA U 54 23.64 -80.08 18.90
N PRO U 55 24.17 -79.94 20.12
CA PRO U 55 25.60 -79.65 20.26
C PRO U 55 26.41 -80.93 20.17
N VAL U 56 27.49 -80.89 19.40
CA VAL U 56 28.47 -81.99 19.32
C VAL U 56 29.79 -81.46 19.85
N THR U 57 30.49 -82.30 20.63
CA THR U 57 31.75 -81.92 21.25
C THR U 57 32.91 -82.51 20.45
N ILE U 58 33.83 -81.64 20.03
CA ILE U 58 35.02 -82.06 19.28
C ILE U 58 36.10 -82.43 20.27
N ASN U 59 36.37 -83.73 20.41
CA ASN U 59 37.38 -84.19 21.35
C ASN U 59 38.76 -83.96 20.75
N THR U 60 39.58 -83.17 21.45
CA THR U 60 40.95 -82.89 21.07
C THR U 60 41.82 -83.24 22.27
N CYS U 61 42.90 -83.99 22.03
CA CYS U 61 43.75 -84.39 23.13
C CYS U 61 44.48 -83.18 23.71
N ASP U 62 44.54 -83.14 25.03
CA ASP U 62 44.99 -81.96 25.78
C ASP U 62 45.36 -82.42 27.17
N PRO U 63 46.33 -81.77 27.82
CA PRO U 63 46.59 -82.10 29.24
C PRO U 63 45.34 -82.01 30.09
N THR U 64 44.51 -81.00 29.83
CA THR U 64 43.20 -80.87 30.43
C THR U 64 42.15 -81.27 29.38
N LYS U 65 41.47 -82.39 29.62
CA LYS U 65 40.64 -83.02 28.59
C LYS U 65 39.24 -82.38 28.55
N CYS U 66 39.20 -81.13 28.08
CA CYS U 66 37.95 -80.46 27.74
C CYS U 66 38.10 -79.80 26.38
N GLY U 67 37.28 -80.20 25.43
CA GLY U 67 37.30 -79.63 24.10
C GLY U 67 36.07 -78.78 23.83
N PRO U 68 36.07 -78.04 22.72
CA PRO U 68 35.00 -77.10 22.44
C PRO U 68 33.75 -77.81 21.97
N THR U 69 32.66 -77.05 21.94
CA THR U 69 31.36 -77.55 21.50
C THR U 69 30.86 -76.71 20.34
N VAL U 70 30.41 -77.38 19.28
CA VAL U 70 29.96 -76.71 18.07
C VAL U 70 28.65 -77.38 17.65
N PRO U 71 27.67 -76.66 17.12
CA PRO U 71 26.38 -77.27 16.83
C PRO U 71 26.36 -77.98 15.50
N MET U 72 25.66 -79.12 15.48
CA MET U 72 25.29 -79.79 14.25
C MET U 72 23.81 -79.57 14.00
N GLY U 73 23.48 -79.23 12.76
CA GLY U 73 22.15 -78.72 12.46
C GLY U 73 21.66 -79.17 11.11
N VAL U 74 20.36 -79.33 11.02
CA VAL U 74 19.68 -79.63 9.76
C VAL U 74 18.57 -78.61 9.61
N SER U 75 18.58 -77.88 8.51
CA SER U 75 17.68 -76.75 8.30
C SER U 75 16.85 -76.97 7.05
N PHE U 76 15.60 -76.55 7.11
CA PHE U 76 14.66 -76.61 6.00
C PHE U 76 14.06 -75.23 5.84
N LYS U 77 14.08 -74.70 4.63
CA LYS U 77 13.46 -73.41 4.34
C LYS U 77 12.59 -73.54 3.10
N SER U 78 11.55 -72.70 3.06
CA SER U 78 10.52 -72.79 2.03
C SER U 78 9.99 -71.38 1.78
N SER U 79 9.73 -71.04 0.53
CA SER U 79 9.18 -69.73 0.18
C SER U 79 8.41 -69.82 -1.12
N MET U 80 7.15 -69.40 -1.10
CA MET U 80 6.35 -69.50 -2.32
C MET U 80 5.13 -68.61 -2.22
N PRO U 81 4.55 -68.21 -3.35
CA PRO U 81 3.31 -67.43 -3.29
C PRO U 81 2.16 -68.29 -2.83
N GLU U 82 1.19 -67.65 -2.20
CA GLU U 82 0.04 -68.36 -1.63
C GLU U 82 -0.65 -69.19 -2.70
N ASP U 83 -1.12 -70.37 -2.30
CA ASP U 83 -1.86 -71.30 -3.15
C ASP U 83 -1.03 -71.82 -4.32
N ALA U 84 0.29 -71.78 -4.22
CA ALA U 84 1.14 -72.40 -5.23
C ALA U 84 1.28 -73.89 -4.92
N ASP U 85 1.85 -74.65 -5.85
CA ASP U 85 1.98 -76.09 -5.65
C ASP U 85 3.45 -76.48 -5.48
N PRO U 86 3.90 -76.79 -4.26
CA PRO U 86 5.28 -77.22 -4.06
C PRO U 86 5.55 -78.71 -4.26
N ALA U 87 4.54 -79.48 -4.70
CA ALA U 87 4.65 -80.93 -4.65
C ALA U 87 5.90 -81.42 -5.37
N GLU U 88 6.20 -80.82 -6.52
CA GLU U 88 7.29 -81.35 -7.33
C GLU U 88 8.65 -80.87 -6.85
N VAL U 89 8.77 -79.59 -6.45
CA VAL U 89 10.04 -79.14 -5.87
C VAL U 89 10.35 -79.90 -4.59
N LEU U 90 9.33 -80.25 -3.82
CA LEU U 90 9.52 -81.11 -2.65
C LEU U 90 10.04 -82.47 -3.05
N LYS U 91 9.40 -83.12 -4.03
CA LYS U 91 9.86 -84.45 -4.46
C LYS U 91 11.32 -84.40 -4.90
N ALA U 92 11.69 -83.40 -5.69
CA ALA U 92 13.05 -83.30 -6.20
C ALA U 92 14.04 -83.06 -5.05
N ALA U 93 13.73 -82.08 -4.19
CA ALA U 93 14.59 -81.81 -3.04
C ALA U 93 14.76 -83.06 -2.19
N LYS U 94 13.69 -83.82 -2.00
CA LYS U 94 13.76 -85.02 -1.17
C LYS U 94 14.64 -86.08 -1.82
N ALA U 95 14.58 -86.21 -3.16
CA ALA U 95 15.45 -87.16 -3.84
C ALA U 95 16.92 -86.78 -3.71
N ALA U 96 17.24 -85.49 -3.88
CA ALA U 96 18.61 -85.03 -3.69
C ALA U 96 19.08 -85.27 -2.26
N LEU U 97 18.23 -84.92 -1.28
CA LEU U 97 18.54 -85.20 0.11
C LEU U 97 18.79 -86.68 0.32
N ALA U 98 18.00 -87.53 -0.32
CA ALA U 98 18.19 -88.97 -0.19
C ALA U 98 19.59 -89.37 -0.66
N LEU U 99 20.07 -88.74 -1.73
CA LEU U 99 21.44 -89.02 -2.17
C LEU U 99 22.47 -88.55 -1.14
N PHE U 100 22.31 -87.33 -0.63
CA PHE U 100 23.37 -86.75 0.20
C PHE U 100 23.29 -87.15 1.67
N GLU U 101 22.18 -87.74 2.13
CA GLU U 101 21.90 -87.87 3.56
C GLU U 101 22.93 -88.75 4.25
N ALA U 102 23.25 -89.89 3.65
CA ALA U 102 24.25 -90.79 4.23
C ALA U 102 25.58 -90.07 4.43
N ASN U 103 25.94 -89.19 3.49
CA ASN U 103 27.24 -88.55 3.45
C ASN U 103 27.23 -87.14 4.02
N LEU U 104 26.31 -86.83 4.94
CA LEU U 104 26.23 -85.48 5.50
C LEU U 104 27.40 -85.16 6.43
N ASN U 105 28.05 -86.20 6.96
CA ASN U 105 29.12 -86.04 7.93
C ASN U 105 30.46 -86.52 7.38
N SER U 106 30.61 -86.63 6.06
CA SER U 106 31.71 -87.42 5.52
C SER U 106 32.73 -86.66 4.67
N ALA U 107 32.41 -85.46 4.19
CA ALA U 107 33.34 -84.63 3.41
C ALA U 107 33.68 -85.24 2.06
N PHE U 108 32.92 -86.24 1.61
CA PHE U 108 33.09 -86.85 0.30
C PHE U 108 31.98 -86.36 -0.63
N ASN U 109 32.32 -86.17 -1.90
CA ASN U 109 31.31 -85.84 -2.89
C ASN U 109 31.80 -86.32 -4.25
N LYS U 110 30.93 -87.02 -4.97
CA LYS U 110 31.23 -87.58 -6.28
C LYS U 110 30.34 -86.92 -7.32
N ASN U 111 30.86 -86.79 -8.54
CA ASN U 111 30.05 -86.21 -9.61
C ASN U 111 28.85 -87.09 -9.88
N VAL U 112 27.67 -86.48 -9.86
CA VAL U 112 26.42 -87.16 -10.18
C VAL U 112 25.87 -86.52 -11.44
N ASP U 113 25.71 -87.33 -12.49
CA ASP U 113 25.28 -86.81 -13.78
C ASP U 113 23.77 -86.66 -13.86
N GLU U 114 23.02 -87.36 -13.00
CA GLU U 114 21.58 -87.18 -12.98
C GLU U 114 21.01 -87.70 -11.67
N ILE U 115 19.88 -87.11 -11.27
CA ILE U 115 19.14 -87.50 -10.08
C ILE U 115 17.77 -87.97 -10.54
N SER U 116 17.42 -89.20 -10.22
CA SER U 116 16.13 -89.76 -10.60
C SER U 116 15.09 -89.44 -9.53
N VAL U 117 13.98 -88.84 -9.95
CA VAL U 117 12.91 -88.45 -9.05
C VAL U 117 11.75 -89.43 -9.19
N ALA U 118 11.13 -89.77 -8.06
CA ALA U 118 10.06 -90.77 -8.00
C ALA U 118 8.86 -90.43 -8.89
N ALA V 1 -29.63 140.51 28.13
CA ALA V 1 -30.79 140.21 27.29
C ALA V 1 -30.39 139.76 25.88
N TYR V 2 -30.16 138.46 25.71
CA TYR V 2 -29.77 137.88 24.43
C TYR V 2 -30.43 136.51 24.27
N LYS V 3 -30.16 135.86 23.14
CA LYS V 3 -30.70 134.52 22.91
C LYS V 3 -29.67 133.65 22.20
N LEU V 4 -29.69 132.36 22.55
CA LEU V 4 -28.79 131.35 22.00
C LEU V 4 -29.51 130.63 20.87
N ILE V 5 -29.00 130.79 19.66
CA ILE V 5 -29.58 130.14 18.49
C ILE V 5 -28.86 128.83 18.25
N LYS V 6 -29.59 127.84 17.73
CA LYS V 6 -29.02 126.52 17.51
C LYS V 6 -27.93 126.57 16.43
N MET V 7 -26.81 125.91 16.71
CA MET V 7 -25.69 125.81 15.78
C MET V 7 -25.82 124.57 14.91
N ALA V 8 -25.15 124.62 13.77
CA ALA V 8 -24.98 123.43 12.94
C ALA V 8 -24.10 122.42 13.69
N GLY V 9 -24.64 121.23 13.89
CA GLY V 9 -23.93 120.19 14.61
C GLY V 9 -24.07 118.86 13.92
N GLY V 10 -23.15 117.95 14.24
CA GLY V 10 -23.11 116.65 13.60
C GLY V 10 -23.92 115.58 14.30
N ASN V 11 -24.01 115.65 15.63
CA ASN V 11 -24.72 114.64 16.40
C ASN V 11 -26.20 114.99 16.53
N SER V 12 -27.04 113.96 16.51
CA SER V 12 -28.49 114.17 16.63
C SER V 12 -28.96 114.21 18.09
N ALA V 13 -28.23 113.54 18.99
CA ALA V 13 -28.58 113.54 20.41
C ALA V 13 -28.20 114.84 21.09
N ILE V 14 -27.15 115.50 20.60
CA ILE V 14 -26.61 116.72 21.20
C ILE V 14 -27.14 117.91 20.43
N GLN V 15 -27.76 118.86 21.13
CA GLN V 15 -28.13 120.14 20.56
C GLN V 15 -27.11 121.18 21.01
N THR V 16 -26.50 121.86 20.06
CA THR V 16 -25.50 122.89 20.33
C THR V 16 -26.06 124.24 19.93
N TYR V 17 -25.86 125.22 20.81
CA TYR V 17 -26.33 126.58 20.62
C TYR V 17 -25.16 127.54 20.82
N ALA V 18 -25.23 128.66 20.12
CA ALA V 18 -24.28 129.76 20.31
C ALA V 18 -25.05 131.04 20.56
N ARG V 19 -24.44 131.92 21.33
CA ARG V 19 -25.03 133.22 21.62
C ARG V 19 -25.02 134.09 20.36
N GLU V 20 -26.12 134.82 20.16
CA GLU V 20 -26.23 135.65 18.97
C GLU V 20 -25.18 136.76 18.97
N ASP V 21 -25.05 137.48 20.10
CA ASP V 21 -24.08 138.57 20.20
C ASP V 21 -22.66 138.04 20.05
N LYS V 22 -22.25 137.16 20.96
CA LYS V 22 -20.94 136.53 20.91
C LYS V 22 -21.11 135.07 20.52
N THR V 23 -20.73 134.74 19.29
CA THR V 23 -20.77 133.35 18.87
C THR V 23 -19.64 132.53 19.49
N THR V 24 -18.87 133.12 20.42
CA THR V 24 -17.85 132.39 21.16
C THR V 24 -18.37 131.77 22.44
N GLN V 25 -19.47 132.29 22.96
CA GLN V 25 -20.16 131.70 24.10
C GLN V 25 -21.13 130.67 23.58
N THR V 26 -21.03 129.44 24.07
CA THR V 26 -21.83 128.34 23.56
C THR V 26 -22.45 127.56 24.71
N LEU V 27 -23.41 126.70 24.34
CA LEU V 27 -24.18 125.89 25.27
C LEU V 27 -24.57 124.59 24.55
N SER V 28 -24.66 123.51 25.30
CA SER V 28 -24.93 122.20 24.70
C SER V 28 -25.79 121.36 25.63
N THR V 29 -26.85 120.76 25.08
CA THR V 29 -27.74 119.91 25.85
C THR V 29 -27.83 118.54 25.20
N GLN V 30 -27.68 117.50 26.00
CA GLN V 30 -27.71 116.13 25.51
C GLN V 30 -28.57 115.28 26.43
N LYS V 31 -29.37 114.39 25.83
CA LYS V 31 -30.14 113.40 26.59
C LYS V 31 -29.78 112.01 26.14
N THR V 32 -29.49 111.14 27.11
CA THR V 32 -29.14 109.75 26.91
C THR V 32 -30.14 108.89 27.66
N ILE V 33 -30.59 107.82 27.01
CA ILE V 33 -31.44 106.82 27.66
C ILE V 33 -30.64 105.54 27.80
N SER V 34 -30.69 104.95 29.00
CA SER V 34 -30.03 103.69 29.30
C SER V 34 -31.07 102.72 29.83
N VAL V 35 -30.74 101.43 29.79
CA VAL V 35 -31.64 100.39 30.26
C VAL V 35 -30.94 99.63 31.39
N LEU V 36 -31.64 99.47 32.51
CA LEU V 36 -31.14 98.70 33.63
C LEU V 36 -32.19 97.67 33.99
N ARG V 37 -31.84 96.38 33.89
CA ARG V 37 -32.81 95.32 34.13
C ARG V 37 -32.38 94.47 35.31
N ASN V 38 -33.34 94.20 36.19
CA ASN V 38 -33.21 93.23 37.27
C ASN V 38 -34.12 92.05 36.93
N GLY V 39 -33.52 90.88 36.71
CA GLY V 39 -34.28 89.72 36.30
C GLY V 39 -35.00 89.99 35.00
N SER V 40 -36.33 89.89 35.04
CA SER V 40 -37.17 90.17 33.90
C SER V 40 -37.53 91.65 33.78
N THR V 41 -37.60 92.37 34.91
CA THR V 41 -38.02 93.75 34.87
C THR V 41 -36.89 94.63 34.35
N SER V 42 -37.26 95.67 33.61
CA SER V 42 -36.28 96.60 33.04
C SER V 42 -36.80 98.01 33.16
N THR V 43 -35.91 98.94 33.49
CA THR V 43 -36.29 100.34 33.72
C THR V 43 -35.33 101.27 33.00
N ARG V 44 -35.86 102.41 32.57
CA ARG V 44 -35.09 103.39 31.82
C ARG V 44 -34.38 104.36 32.76
N ILE V 45 -33.15 104.70 32.42
CA ILE V 45 -32.34 105.65 33.15
C ILE V 45 -32.10 106.83 32.23
N ILE V 46 -32.70 107.97 32.56
CA ILE V 46 -32.60 109.18 31.74
C ILE V 46 -31.50 110.06 32.31
N LYS V 47 -30.55 110.42 31.43
CA LYS V 47 -29.39 111.22 31.78
C LYS V 47 -29.38 112.47 30.91
N VAL V 48 -29.29 113.63 31.56
CA VAL V 48 -29.26 114.93 30.88
C VAL V 48 -27.92 115.58 31.19
N HIS V 49 -27.38 116.29 30.19
CA HIS V 49 -26.11 116.99 30.34
C HIS V 49 -26.22 118.34 29.66
N ILE V 50 -26.03 119.41 30.43
CA ILE V 50 -26.06 120.78 29.93
C ILE V 50 -24.71 121.41 30.25
N ASN V 51 -24.05 121.96 29.24
CA ASN V 51 -22.73 122.56 29.41
C ASN V 51 -22.71 123.94 28.77
N SER V 52 -22.37 124.96 29.56
CA SER V 52 -22.29 126.34 29.08
C SER V 52 -20.85 126.79 29.22
N THR V 53 -20.20 127.15 28.11
CA THR V 53 -18.82 127.65 28.22
C THR V 53 -18.62 128.88 27.37
N ALA V 54 -17.53 129.57 27.69
CA ALA V 54 -17.01 130.67 26.89
C ALA V 54 -15.51 130.69 27.08
N PRO V 55 -14.74 131.15 26.09
CA PRO V 55 -13.31 131.31 26.29
C PRO V 55 -13.05 132.55 27.12
N VAL V 56 -11.97 132.50 27.90
CA VAL V 56 -11.52 133.65 28.67
C VAL V 56 -10.01 133.76 28.54
N THR V 57 -9.55 134.99 28.33
CA THR V 57 -8.12 135.26 28.13
C THR V 57 -7.35 135.07 29.43
N ILE V 58 -6.23 134.35 29.36
CA ILE V 58 -5.50 133.97 30.57
C ILE V 58 -5.05 135.19 31.34
N ASN V 59 -4.41 136.13 30.65
CA ASN V 59 -3.53 137.11 31.29
C ASN V 59 -4.30 138.38 31.62
N THR V 60 -4.60 138.59 32.90
CA THR V 60 -5.35 139.78 33.30
C THR V 60 -4.51 141.05 33.16
N CYS V 61 -3.25 141.01 33.61
CA CYS V 61 -2.38 142.17 33.61
C CYS V 61 -1.64 142.38 32.28
N ASP V 62 -1.95 141.59 31.24
CA ASP V 62 -1.33 141.75 29.93
C ASP V 62 -2.05 142.84 29.14
N PRO V 63 -1.45 143.29 28.01
CA PRO V 63 -2.13 144.30 27.19
C PRO V 63 -3.24 143.72 26.31
N THR V 64 -3.69 142.51 26.63
CA THR V 64 -4.72 141.78 25.89
C THR V 64 -4.29 141.53 24.44
N LYS V 65 -3.02 141.15 24.26
CA LYS V 65 -2.46 140.88 22.94
C LYS V 65 -2.74 139.44 22.51
N CYS V 66 -4.04 139.11 22.46
CA CYS V 66 -4.52 137.78 22.07
C CYS V 66 -3.76 136.68 22.81
N GLY V 67 -3.72 136.80 24.13
CA GLY V 67 -3.15 135.78 24.97
C GLY V 67 -3.94 134.50 24.83
N PRO V 68 -3.27 133.36 24.91
CA PRO V 68 -3.97 132.08 24.76
C PRO V 68 -5.12 131.99 25.77
N THR V 69 -6.24 131.46 25.29
CA THR V 69 -7.48 131.45 26.05
C THR V 69 -7.72 130.07 26.67
N VAL V 70 -8.39 130.08 27.81
CA VAL V 70 -8.80 128.86 28.49
C VAL V 70 -10.31 128.84 28.53
N PRO V 71 -10.95 127.68 28.36
CA PRO V 71 -12.40 127.60 28.48
C PRO V 71 -12.85 127.74 29.94
N MET V 72 -13.82 128.62 30.16
CA MET V 72 -14.51 128.78 31.43
C MET V 72 -15.90 128.17 31.27
N GLY V 73 -16.27 127.32 32.20
CA GLY V 73 -17.41 126.45 31.99
C GLY V 73 -18.25 126.23 33.23
N VAL V 74 -19.54 126.00 33.01
CA VAL V 74 -20.48 125.65 34.05
C VAL V 74 -21.35 124.53 33.51
N SER V 75 -21.37 123.40 34.23
CA SER V 75 -21.98 122.17 33.73
C SER V 75 -23.01 121.65 34.71
N PHE V 76 -24.01 120.96 34.17
CA PHE V 76 -25.10 120.36 34.93
C PHE V 76 -25.34 118.96 34.38
N LYS V 77 -25.49 117.99 35.28
CA LYS V 77 -25.74 116.61 34.88
C LYS V 77 -26.84 116.03 35.76
N SER V 78 -27.65 115.17 35.15
CA SER V 78 -28.83 114.59 35.78
C SER V 78 -28.91 113.12 35.40
N SER V 79 -29.06 112.23 36.38
CA SER V 79 -29.25 110.81 36.08
C SER V 79 -30.30 110.24 37.01
N MET V 80 -31.39 109.72 36.45
CA MET V 80 -32.46 109.25 37.31
C MET V 80 -33.29 108.20 36.61
N PRO V 81 -33.92 107.29 37.35
CA PRO V 81 -34.88 106.39 36.73
C PRO V 81 -36.06 107.18 36.17
N GLU V 82 -36.59 106.69 35.05
CA GLU V 82 -37.72 107.34 34.39
C GLU V 82 -38.86 107.54 35.37
N ASP V 83 -39.50 108.72 35.29
CA ASP V 83 -40.64 109.10 36.13
C ASP V 83 -40.29 109.27 37.60
N ALA V 84 -39.02 109.37 37.96
CA ALA V 84 -38.66 109.68 39.34
C ALA V 84 -38.85 111.18 39.57
N ASP V 85 -38.75 111.59 40.84
CA ASP V 85 -39.00 113.00 41.16
C ASP V 85 -37.72 113.72 41.59
N PRO V 86 -37.07 114.46 40.71
CA PRO V 86 -35.85 115.18 41.09
C PRO V 86 -36.11 116.42 41.91
N ALA V 87 -37.37 116.73 42.23
CA ALA V 87 -37.71 118.02 42.82
C ALA V 87 -36.84 118.34 44.03
N GLU V 88 -36.68 117.35 44.92
CA GLU V 88 -35.97 117.61 46.17
C GLU V 88 -34.46 117.68 45.99
N VAL V 89 -33.88 116.77 45.18
CA VAL V 89 -32.44 116.84 44.94
C VAL V 89 -32.09 118.12 44.18
N LEU V 90 -33.01 118.60 43.34
CA LEU V 90 -32.79 119.88 42.66
C LEU V 90 -32.83 121.05 43.64
N LYS V 91 -33.84 121.08 44.51
CA LYS V 91 -33.89 122.13 45.54
C LYS V 91 -32.60 122.16 46.34
N ALA V 92 -32.14 121.00 46.80
CA ALA V 92 -30.91 120.92 47.58
C ALA V 92 -29.71 121.39 46.77
N ALA V 93 -29.57 120.89 45.54
CA ALA V 93 -28.45 121.28 44.71
C ALA V 93 -28.41 122.78 44.49
N LYS V 94 -29.57 123.38 44.21
CA LYS V 94 -29.64 124.82 43.99
C LYS V 94 -29.27 125.60 45.24
N ALA V 95 -29.75 125.13 46.41
CA ALA V 95 -29.39 125.77 47.66
C ALA V 95 -27.88 125.73 47.89
N ALA V 96 -27.27 124.58 47.63
CA ALA V 96 -25.82 124.47 47.76
C ALA V 96 -25.10 125.40 46.80
N LEU V 97 -25.54 125.41 45.54
CA LEU V 97 -24.90 126.26 44.53
C LEU V 97 -24.92 127.71 44.96
N ALA V 98 -26.06 128.19 45.48
CA ALA V 98 -26.17 129.57 45.91
C ALA V 98 -25.03 129.98 46.86
N LEU V 99 -24.51 129.04 47.66
CA LEU V 99 -23.39 129.37 48.54
C LEU V 99 -22.08 129.52 47.78
N PHE V 100 -21.95 128.82 46.64
CA PHE V 100 -20.69 128.82 45.91
C PHE V 100 -20.63 129.86 44.79
N GLU V 101 -21.76 130.22 44.18
CA GLU V 101 -21.64 130.93 42.91
C GLU V 101 -21.09 132.33 43.06
N ALA V 102 -21.15 132.92 44.25
CA ALA V 102 -20.42 134.15 44.48
C ALA V 102 -18.92 133.90 44.40
N ASN V 103 -18.46 132.81 45.01
CA ASN V 103 -17.04 132.48 45.15
C ASN V 103 -16.63 131.37 44.18
N LEU V 104 -17.19 131.39 42.96
CA LEU V 104 -16.92 130.35 41.97
C LEU V 104 -15.55 130.50 41.32
N ASN V 105 -14.87 131.62 41.57
CA ASN V 105 -13.56 131.89 40.99
C ASN V 105 -12.51 132.23 42.04
N SER V 106 -12.82 132.14 43.32
CA SER V 106 -11.98 132.80 44.32
C SER V 106 -11.22 131.82 45.21
N ALA V 107 -11.19 130.53 44.88
CA ALA V 107 -10.32 129.56 45.55
C ALA V 107 -10.58 129.46 47.06
N PHE V 108 -11.69 130.02 47.54
CA PHE V 108 -11.98 130.07 48.97
C PHE V 108 -13.23 129.24 49.24
N ASN V 109 -13.05 128.12 49.94
CA ASN V 109 -14.15 127.22 50.28
C ASN V 109 -14.49 127.42 51.75
N LYS V 110 -15.59 128.12 52.03
CA LYS V 110 -15.95 128.36 53.42
C LYS V 110 -16.37 127.05 54.08
N ASN V 111 -16.00 126.89 55.36
CA ASN V 111 -16.47 125.75 56.14
C ASN V 111 -17.92 126.02 56.50
N VAL V 112 -18.81 125.28 55.84
CA VAL V 112 -20.23 125.30 56.11
C VAL V 112 -20.59 123.98 56.77
N ASP V 113 -21.18 124.06 57.96
CA ASP V 113 -21.58 122.88 58.72
C ASP V 113 -23.04 122.51 58.52
N GLU V 114 -23.86 123.41 57.96
CA GLU V 114 -25.22 123.05 57.59
C GLU V 114 -25.73 124.00 56.52
N ILE V 115 -26.49 123.46 55.59
CA ILE V 115 -27.07 124.18 54.47
C ILE V 115 -28.58 124.14 54.61
N SER V 116 -29.21 125.31 54.68
CA SER V 116 -30.66 125.40 54.84
C SER V 116 -31.32 125.39 53.46
N VAL V 117 -32.28 124.49 53.27
CA VAL V 117 -33.01 124.35 52.01
C VAL V 117 -34.40 124.96 52.20
N ALA V 118 -34.80 125.80 51.25
CA ALA V 118 -36.06 126.53 51.36
C ALA V 118 -37.27 125.61 51.31
N ALA W 1 -56.73 107.43 21.21
CA ALA W 1 -56.86 108.34 22.33
C ALA W 1 -55.50 108.66 22.96
N TYR W 2 -54.42 108.22 22.31
CA TYR W 2 -53.05 108.55 22.73
C TYR W 2 -52.20 108.76 21.50
N LYS W 3 -50.93 109.13 21.72
CA LYS W 3 -50.00 109.31 20.62
C LYS W 3 -48.64 108.72 20.96
N LEU W 4 -48.00 108.15 19.95
CA LEU W 4 -46.68 107.55 20.06
C LEU W 4 -45.65 108.63 19.69
N ILE W 5 -44.88 109.07 20.66
CA ILE W 5 -43.89 110.12 20.44
C ILE W 5 -42.55 109.48 20.13
N LYS W 6 -41.83 110.05 19.17
CA LYS W 6 -40.52 109.54 18.79
C LYS W 6 -39.56 109.64 19.96
N MET W 7 -38.94 108.53 20.32
CA MET W 7 -38.10 108.54 21.50
C MET W 7 -36.76 109.19 21.20
N ALA W 8 -36.14 109.68 22.27
CA ALA W 8 -34.83 110.34 22.21
C ALA W 8 -33.79 109.27 21.92
N GLY W 9 -33.79 108.78 20.67
CA GLY W 9 -32.84 107.80 20.23
C GLY W 9 -32.19 108.24 18.92
N GLY W 10 -31.03 107.66 18.64
CA GLY W 10 -30.34 108.00 17.42
C GLY W 10 -31.03 107.44 16.20
N ASN W 11 -31.56 108.31 15.35
CA ASN W 11 -32.22 107.87 14.13
C ASN W 11 -31.22 107.11 13.26
N SER W 12 -31.57 105.87 12.92
CA SER W 12 -30.71 105.00 12.11
C SER W 12 -31.38 104.66 10.78
N ALA W 13 -32.17 105.59 10.22
CA ALA W 13 -33.22 105.32 9.25
C ALA W 13 -34.21 104.27 9.78
N ILE W 14 -34.21 104.11 11.11
CA ILE W 14 -35.17 103.33 11.88
C ILE W 14 -35.74 104.25 12.94
N GLN W 15 -37.05 104.44 12.94
CA GLN W 15 -37.70 105.39 13.84
C GLN W 15 -38.42 104.61 14.93
N THR W 16 -38.06 104.87 16.18
CA THR W 16 -38.62 104.19 17.33
C THR W 16 -39.41 105.19 18.18
N TYR W 17 -40.64 104.84 18.49
CA TYR W 17 -41.56 105.66 19.25
C TYR W 17 -41.98 104.91 20.50
N ALA W 18 -42.31 105.67 21.54
CA ALA W 18 -42.93 105.13 22.74
C ALA W 18 -44.25 105.85 22.98
N ARG W 19 -45.19 105.12 23.58
CA ARG W 19 -46.50 105.70 23.88
C ARG W 19 -46.38 106.73 25.00
N GLU W 20 -47.10 107.84 24.84
CA GLU W 20 -46.86 109.00 25.71
C GLU W 20 -47.18 108.67 27.17
N ASP W 21 -48.33 108.05 27.43
CA ASP W 21 -48.73 107.77 28.80
C ASP W 21 -48.13 106.47 29.33
N LYS W 22 -48.19 105.40 28.55
CA LYS W 22 -47.52 104.14 28.90
C LYS W 22 -46.26 104.01 28.06
N THR W 23 -45.14 104.49 28.59
CA THR W 23 -43.90 104.45 27.83
C THR W 23 -43.32 103.04 27.75
N THR W 24 -43.99 102.04 28.32
CA THR W 24 -43.56 100.66 28.14
C THR W 24 -43.96 100.11 26.79
N GLN W 25 -45.02 100.65 26.21
CA GLN W 25 -45.49 100.26 24.90
C GLN W 25 -44.70 101.03 23.83
N THR W 26 -44.06 100.31 22.94
CA THR W 26 -43.21 100.92 21.93
C THR W 26 -43.60 100.42 20.54
N LEU W 27 -43.03 101.10 19.53
CA LEU W 27 -43.32 100.82 18.13
C LEU W 27 -42.16 101.31 17.27
N SER W 28 -41.75 100.52 16.28
CA SER W 28 -40.59 100.83 15.44
C SER W 28 -40.94 100.67 13.97
N THR W 29 -40.53 101.64 13.15
CA THR W 29 -40.76 101.57 11.71
C THR W 29 -39.46 101.82 10.98
N GLN W 30 -39.10 100.89 10.09
CA GLN W 30 -37.93 101.06 9.22
C GLN W 30 -38.29 100.71 7.79
N LYS W 31 -37.65 101.42 6.85
CA LYS W 31 -37.73 101.10 5.43
C LYS W 31 -36.32 100.94 4.90
N THR W 32 -36.09 99.88 4.14
CA THR W 32 -34.80 99.59 3.54
C THR W 32 -35.00 99.32 2.05
N ILE W 33 -33.91 99.49 1.30
CA ILE W 33 -33.94 99.30 -0.14
C ILE W 33 -32.85 98.30 -0.53
N SER W 34 -33.24 97.28 -1.28
CA SER W 34 -32.34 96.27 -1.81
C SER W 34 -32.30 96.39 -3.33
N VAL W 35 -31.28 95.78 -3.93
CA VAL W 35 -31.16 95.74 -5.39
C VAL W 35 -31.07 94.27 -5.80
N LEU W 36 -32.04 93.83 -6.61
CA LEU W 36 -32.09 92.47 -7.11
C LEU W 36 -31.74 92.48 -8.59
N ARG W 37 -30.65 91.81 -8.94
CA ARG W 37 -30.13 91.78 -10.30
C ARG W 37 -30.31 90.37 -10.87
N ASN W 38 -31.08 90.26 -11.96
CA ASN W 38 -31.20 89.02 -12.73
C ASN W 38 -30.68 89.29 -14.12
N GLY W 39 -29.46 88.81 -14.41
CA GLY W 39 -28.85 89.09 -15.70
C GLY W 39 -28.56 90.57 -15.88
N SER W 40 -29.01 91.12 -17.01
CA SER W 40 -28.80 92.53 -17.30
C SER W 40 -29.65 93.42 -16.39
N THR W 41 -30.86 92.99 -16.08
CA THR W 41 -31.82 93.82 -15.36
C THR W 41 -31.52 93.86 -13.87
N SER W 42 -31.64 95.06 -13.28
CA SER W 42 -31.59 95.25 -11.85
C SER W 42 -32.80 96.07 -11.42
N THR W 43 -33.44 95.67 -10.31
CA THR W 43 -34.62 96.35 -9.81
C THR W 43 -34.49 96.58 -8.31
N ARG W 44 -35.12 97.66 -7.84
CA ARG W 44 -35.09 98.02 -6.43
C ARG W 44 -36.24 97.38 -5.68
N ILE W 45 -35.95 96.85 -4.50
CA ILE W 45 -36.92 96.17 -3.66
C ILE W 45 -37.09 96.98 -2.38
N ILE W 46 -38.31 97.43 -2.13
CA ILE W 46 -38.67 98.21 -0.95
C ILE W 46 -39.15 97.25 0.13
N LYS W 47 -38.56 97.37 1.33
CA LYS W 47 -38.89 96.50 2.46
C LYS W 47 -39.22 97.35 3.67
N VAL W 48 -40.48 97.27 4.12
CA VAL W 48 -40.99 97.96 5.29
C VAL W 48 -41.10 96.97 6.44
N HIS W 49 -40.75 97.41 7.65
CA HIS W 49 -40.91 96.59 8.84
C HIS W 49 -41.42 97.47 9.98
N ILE W 50 -42.62 97.15 10.47
CA ILE W 50 -43.26 97.82 11.58
C ILE W 50 -43.40 96.83 12.73
N ASN W 51 -43.08 97.25 13.94
CA ASN W 51 -43.19 96.39 15.11
C ASN W 51 -43.85 97.17 16.24
N SER W 52 -44.78 96.52 16.95
CA SER W 52 -45.51 97.18 18.03
C SER W 52 -45.55 96.21 19.20
N THR W 53 -44.80 96.51 20.27
CA THR W 53 -44.74 95.60 21.40
C THR W 53 -45.03 96.32 22.72
N ALA W 54 -45.41 95.50 23.70
CA ALA W 54 -45.56 95.92 25.08
C ALA W 54 -45.16 94.76 25.96
N PRO W 55 -44.68 95.02 27.17
CA PRO W 55 -44.43 93.93 28.10
C PRO W 55 -45.74 93.44 28.70
N VAL W 56 -45.79 92.15 29.01
CA VAL W 56 -46.95 91.54 29.66
C VAL W 56 -46.44 90.81 30.89
N THR W 57 -46.97 91.19 32.05
CA THR W 57 -46.72 90.44 33.27
C THR W 57 -47.28 89.04 33.14
N ILE W 58 -46.42 88.03 33.35
CA ILE W 58 -46.89 86.64 33.28
C ILE W 58 -48.02 86.45 34.27
N ASN W 59 -49.08 85.78 33.81
CA ASN W 59 -50.15 85.39 34.72
C ASN W 59 -49.56 84.64 35.91
N THR W 60 -49.70 85.23 37.09
CA THR W 60 -49.02 84.72 38.26
C THR W 60 -50.00 84.46 39.39
N CYS W 61 -49.47 83.91 40.47
CA CYS W 61 -50.27 83.48 41.61
C CYS W 61 -50.72 84.65 42.48
N ASP W 62 -49.90 85.69 42.60
CA ASP W 62 -50.18 86.78 43.53
C ASP W 62 -51.43 87.56 43.12
N PRO W 63 -52.17 88.08 44.09
CA PRO W 63 -53.24 89.02 43.73
C PRO W 63 -52.70 90.30 43.11
N THR W 64 -51.60 90.82 43.64
CA THR W 64 -50.89 91.90 42.97
C THR W 64 -50.36 91.41 41.64
N LYS W 65 -50.39 92.27 40.63
CA LYS W 65 -49.96 91.91 39.29
C LYS W 65 -48.43 91.97 39.25
N CYS W 66 -47.81 90.94 39.81
CA CYS W 66 -46.35 90.86 39.87
C CYS W 66 -45.87 89.49 39.40
N GLY W 67 -45.00 89.50 38.39
CA GLY W 67 -44.36 88.31 37.88
C GLY W 67 -43.35 88.68 36.81
N PRO W 68 -42.63 87.69 36.29
CA PRO W 68 -41.75 87.97 35.15
C PRO W 68 -42.54 88.52 33.96
N THR W 69 -41.91 89.39 33.20
CA THR W 69 -42.55 90.01 32.04
C THR W 69 -42.04 89.37 30.76
N VAL W 70 -42.97 88.97 29.90
CA VAL W 70 -42.65 88.45 28.58
C VAL W 70 -43.14 89.49 27.58
N PRO W 71 -42.39 89.76 26.51
CA PRO W 71 -42.86 90.74 25.52
C PRO W 71 -43.95 90.14 24.65
N MET W 72 -45.03 90.91 24.45
CA MET W 72 -46.03 90.61 23.44
C MET W 72 -45.91 91.64 22.33
N GLY W 73 -46.13 91.18 21.10
CA GLY W 73 -45.77 91.99 19.95
C GLY W 73 -46.56 91.62 18.72
N VAL W 74 -46.86 92.63 17.92
CA VAL W 74 -47.49 92.45 16.62
C VAL W 74 -46.58 93.11 15.61
N SER W 75 -46.25 92.37 14.55
CA SER W 75 -45.25 92.80 13.59
C SER W 75 -45.81 92.69 12.18
N PHE W 76 -45.56 93.70 11.36
CA PHE W 76 -45.96 93.74 9.97
C PHE W 76 -44.73 93.95 9.09
N LYS W 77 -44.55 93.10 8.10
CA LYS W 77 -43.41 93.20 7.20
C LYS W 77 -43.91 93.18 5.75
N SER W 78 -43.21 93.89 4.87
CA SER W 78 -43.68 94.11 3.51
C SER W 78 -42.47 94.22 2.58
N SER W 79 -42.39 93.36 1.58
CA SER W 79 -41.29 93.39 0.62
C SER W 79 -41.80 93.28 -0.80
N MET W 80 -41.48 94.26 -1.64
CA MET W 80 -41.97 94.20 -3.01
C MET W 80 -41.04 95.03 -3.89
N PRO W 81 -40.93 94.72 -5.18
CA PRO W 81 -40.12 95.55 -6.06
C PRO W 81 -40.79 96.88 -6.30
N GLU W 82 -39.95 97.91 -6.52
CA GLU W 82 -40.43 99.29 -6.60
C GLU W 82 -41.54 99.44 -7.63
N ASP W 83 -42.53 100.28 -7.29
CA ASP W 83 -43.67 100.64 -8.12
C ASP W 83 -44.63 99.49 -8.39
N ALA W 84 -44.50 98.37 -7.67
CA ALA W 84 -45.49 97.30 -7.79
C ALA W 84 -46.78 97.71 -7.08
N ASP W 85 -47.85 96.93 -7.30
CA ASP W 85 -49.13 97.25 -6.66
C ASP W 85 -49.52 96.18 -5.64
N PRO W 86 -49.30 96.40 -4.36
CA PRO W 86 -49.65 95.39 -3.35
C PRO W 86 -51.10 95.43 -2.90
N ALA W 87 -51.98 96.13 -3.63
CA ALA W 87 -53.33 96.38 -3.18
C ALA W 87 -54.05 95.08 -2.81
N GLU W 88 -53.98 94.08 -3.70
CA GLU W 88 -54.73 92.86 -3.46
C GLU W 88 -54.06 92.00 -2.40
N VAL W 89 -52.72 92.01 -2.37
CA VAL W 89 -51.99 91.29 -1.33
C VAL W 89 -52.36 91.83 0.05
N LEU W 90 -52.35 93.17 0.20
CA LEU W 90 -52.79 93.80 1.43
C LEU W 90 -54.22 93.43 1.77
N LYS W 91 -55.12 93.46 0.78
CA LYS W 91 -56.51 93.17 1.06
C LYS W 91 -56.69 91.76 1.63
N ALA W 92 -56.02 90.77 1.01
CA ALA W 92 -56.11 89.40 1.48
C ALA W 92 -55.48 89.24 2.86
N ALA W 93 -54.30 89.84 3.06
CA ALA W 93 -53.66 89.79 4.37
C ALA W 93 -54.58 90.35 5.44
N LYS W 94 -55.24 91.47 5.16
CA LYS W 94 -56.13 92.09 6.14
C LYS W 94 -57.33 91.22 6.43
N ALA W 95 -57.88 90.55 5.41
CA ALA W 95 -59.00 89.63 5.65
C ALA W 95 -58.59 88.47 6.55
N ALA W 96 -57.42 87.88 6.29
CA ALA W 96 -56.91 86.81 7.13
C ALA W 96 -56.70 87.27 8.56
N LEU W 97 -56.08 88.44 8.73
CA LEU W 97 -55.87 88.98 10.07
C LEU W 97 -57.20 89.21 10.77
N ALA W 98 -58.21 89.67 10.03
CA ALA W 98 -59.53 89.84 10.62
C ALA W 98 -60.06 88.51 11.15
N LEU W 99 -59.81 87.43 10.42
CA LEU W 99 -60.25 86.12 10.90
C LEU W 99 -59.50 85.69 12.17
N PHE W 100 -58.19 85.92 12.22
CA PHE W 100 -57.36 85.38 13.30
C PHE W 100 -57.15 86.32 14.48
N GLU W 101 -57.67 87.55 14.42
CA GLU W 101 -57.32 88.59 15.39
C GLU W 101 -57.83 88.25 16.78
N ALA W 102 -59.05 87.74 16.89
CA ALA W 102 -59.56 87.32 18.20
C ALA W 102 -58.79 86.13 18.74
N ASN W 103 -58.22 85.31 17.86
CA ASN W 103 -57.52 84.08 18.23
C ASN W 103 -56.01 84.26 18.30
N LEU W 104 -55.52 85.50 18.26
CA LEU W 104 -54.09 85.72 18.39
C LEU W 104 -53.52 85.19 19.70
N ASN W 105 -54.36 85.01 20.73
CA ASN W 105 -53.92 84.54 22.04
C ASN W 105 -54.61 83.24 22.47
N SER W 106 -55.13 82.46 21.52
CA SER W 106 -56.13 81.46 21.86
C SER W 106 -55.56 80.08 22.18
N ALA W 107 -54.40 79.73 21.63
CA ALA W 107 -53.81 78.38 21.74
C ALA W 107 -54.67 77.31 21.06
N PHE W 108 -55.71 77.71 20.36
CA PHE W 108 -56.52 76.82 19.53
C PHE W 108 -56.53 77.38 18.12
N ASN W 109 -56.35 76.52 17.13
CA ASN W 109 -56.33 76.95 15.74
C ASN W 109 -57.69 76.67 15.11
N LYS W 110 -58.32 77.72 14.58
CA LYS W 110 -59.58 77.56 13.88
C LYS W 110 -59.31 77.07 12.46
N ASN W 111 -59.90 75.93 12.10
CA ASN W 111 -59.68 75.34 10.78
C ASN W 111 -60.75 75.90 9.84
N VAL W 112 -60.38 76.94 9.07
CA VAL W 112 -61.27 77.52 8.07
C VAL W 112 -60.82 77.08 6.68
N ASP W 113 -61.78 76.79 5.82
CA ASP W 113 -61.53 76.27 4.49
C ASP W 113 -61.56 77.33 3.40
N GLU W 114 -62.08 78.52 3.67
CA GLU W 114 -62.00 79.61 2.70
C GLU W 114 -62.05 80.95 3.42
N ILE W 115 -61.48 81.96 2.76
CA ILE W 115 -61.30 83.30 3.32
C ILE W 115 -61.84 84.28 2.29
N SER W 116 -62.94 84.95 2.61
CA SER W 116 -63.58 85.87 1.68
C SER W 116 -62.96 87.25 1.75
N VAL W 117 -62.75 87.87 0.59
CA VAL W 117 -61.99 89.10 0.43
C VAL W 117 -62.82 90.12 -0.35
N ALA W 118 -62.61 91.40 -0.04
CA ALA W 118 -63.21 92.54 -0.76
C ALA W 118 -64.72 92.44 -0.87
N ALA X 1 -46.84 124.34 -8.02
CA ALA X 1 -46.51 124.53 -6.62
C ALA X 1 -46.54 123.20 -5.87
N TYR X 2 -45.47 122.91 -5.11
CA TYR X 2 -45.38 121.66 -4.37
C TYR X 2 -44.56 121.90 -3.10
N LYS X 3 -44.52 120.86 -2.25
CA LYS X 3 -43.79 120.91 -0.99
C LYS X 3 -42.75 119.80 -0.95
N LEU X 4 -41.54 120.15 -0.52
CA LEU X 4 -40.47 119.18 -0.27
C LEU X 4 -40.62 118.68 1.16
N ILE X 5 -41.16 117.47 1.31
CA ILE X 5 -41.39 116.84 2.61
C ILE X 5 -40.08 116.27 3.12
N LYS X 6 -39.85 116.39 4.43
CA LYS X 6 -38.58 115.93 5.01
C LYS X 6 -38.56 114.41 5.11
N MET X 7 -37.57 113.80 4.47
CA MET X 7 -37.34 112.37 4.58
C MET X 7 -36.69 112.04 5.90
N ALA X 8 -36.78 110.78 6.30
CA ALA X 8 -36.26 110.31 7.58
C ALA X 8 -34.82 109.86 7.38
N GLY X 9 -33.88 110.67 7.89
CA GLY X 9 -32.47 110.41 7.69
C GLY X 9 -31.80 110.08 9.02
N GLY X 10 -30.80 109.19 8.96
CA GLY X 10 -30.06 108.87 10.16
C GLY X 10 -29.10 109.96 10.58
N ASN X 11 -28.49 110.63 9.60
CA ASN X 11 -27.54 111.69 9.88
C ASN X 11 -28.27 113.00 10.15
N SER X 12 -27.94 113.67 11.25
CA SER X 12 -28.58 114.92 11.60
C SER X 12 -27.94 116.13 10.95
N ALA X 13 -26.69 116.02 10.48
CA ALA X 13 -26.05 117.15 9.82
C ALA X 13 -26.70 117.46 8.47
N ILE X 14 -27.23 116.44 7.80
CA ILE X 14 -27.83 116.55 6.48
C ILE X 14 -29.34 116.38 6.63
N GLN X 15 -30.10 117.33 6.09
CA GLN X 15 -31.55 117.22 6.01
C GLN X 15 -31.92 116.89 4.56
N THR X 16 -32.66 115.80 4.38
CA THR X 16 -33.07 115.36 3.05
C THR X 16 -34.57 115.51 2.91
N TYR X 17 -35.01 115.90 1.71
CA TYR X 17 -36.40 116.14 1.41
C TYR X 17 -36.72 115.52 0.05
N ALA X 18 -37.97 115.13 -0.11
CA ALA X 18 -38.49 114.60 -1.35
C ALA X 18 -39.75 115.37 -1.72
N ARG X 19 -39.95 115.60 -3.01
CA ARG X 19 -41.14 116.29 -3.46
C ARG X 19 -42.37 115.45 -3.21
N GLU X 20 -43.47 116.11 -2.81
CA GLU X 20 -44.69 115.38 -2.48
C GLU X 20 -45.25 114.65 -3.69
N ASP X 21 -45.32 115.33 -4.84
CA ASP X 21 -45.80 114.71 -6.07
C ASP X 21 -44.89 113.58 -6.51
N LYS X 22 -43.63 113.90 -6.78
CA LYS X 22 -42.64 112.92 -7.20
C LYS X 22 -41.66 112.71 -6.05
N THR X 23 -41.77 111.58 -5.36
CA THR X 23 -40.78 111.28 -4.34
C THR X 23 -39.43 110.89 -4.93
N THR X 24 -39.32 110.85 -6.27
CA THR X 24 -38.04 110.60 -6.93
C THR X 24 -37.18 111.85 -6.97
N GLN X 25 -37.81 113.02 -7.02
CA GLN X 25 -37.08 114.29 -7.00
C GLN X 25 -36.75 114.65 -5.57
N THR X 26 -35.47 114.80 -5.27
CA THR X 26 -35.03 115.02 -3.91
C THR X 26 -34.15 116.26 -3.82
N LEU X 27 -33.87 116.65 -2.57
CA LEU X 27 -33.10 117.84 -2.23
C LEU X 27 -32.47 117.66 -0.86
N SER X 28 -31.21 118.01 -0.73
CA SER X 28 -30.48 117.87 0.52
C SER X 28 -29.84 119.20 0.91
N THR X 29 -29.94 119.54 2.19
CA THR X 29 -29.27 120.72 2.74
C THR X 29 -28.35 120.30 3.86
N GLN X 30 -27.13 120.82 3.86
CA GLN X 30 -26.15 120.49 4.88
C GLN X 30 -25.30 121.71 5.20
N LYS X 31 -25.17 122.03 6.49
CA LYS X 31 -24.23 123.04 6.94
C LYS X 31 -23.21 122.41 7.87
N THR X 32 -21.94 122.73 7.65
CA THR X 32 -20.86 122.21 8.45
C THR X 32 -19.95 123.38 8.86
N ILE X 33 -19.24 123.18 9.96
CA ILE X 33 -18.40 124.22 10.55
C ILE X 33 -16.98 123.68 10.68
N SER X 34 -16.00 124.48 10.31
CA SER X 34 -14.58 124.13 10.43
C SER X 34 -13.87 125.19 11.26
N VAL X 35 -12.80 124.78 11.94
CA VAL X 35 -12.02 125.66 12.79
C VAL X 35 -10.68 125.92 12.10
N LEU X 36 -10.33 127.19 11.94
CA LEU X 36 -9.09 127.60 11.31
C LEU X 36 -8.28 128.29 12.38
N ARG X 37 -7.24 127.61 12.89
CA ARG X 37 -6.46 128.13 13.99
C ARG X 37 -5.25 128.89 13.43
N ASN X 38 -5.24 130.20 13.64
CA ASN X 38 -4.11 131.06 13.32
C ASN X 38 -3.54 131.55 14.64
N GLY X 39 -2.35 131.06 14.99
CA GLY X 39 -1.75 131.40 16.27
C GLY X 39 -2.64 130.95 17.42
N SER X 40 -2.98 131.89 18.29
CA SER X 40 -3.84 131.63 19.43
C SER X 40 -5.28 132.06 19.17
N THR X 41 -5.64 132.34 17.91
CA THR X 41 -6.98 132.75 17.55
C THR X 41 -7.55 131.74 16.57
N SER X 42 -8.69 131.15 16.90
CA SER X 42 -9.36 130.21 16.02
C SER X 42 -10.60 130.87 15.43
N THR X 43 -10.74 130.79 14.10
CA THR X 43 -11.85 131.39 13.38
C THR X 43 -12.73 130.32 12.76
N ARG X 44 -14.01 130.61 12.72
CA ARG X 44 -15.05 129.66 12.33
C ARG X 44 -15.34 129.81 10.83
N ILE X 45 -15.43 128.68 10.13
CA ILE X 45 -15.59 128.66 8.68
C ILE X 45 -16.82 127.84 8.34
N ILE X 46 -17.82 128.50 7.77
CA ILE X 46 -19.14 127.92 7.52
C ILE X 46 -19.21 127.47 6.07
N LYS X 47 -19.59 126.21 5.87
CA LYS X 47 -19.77 125.61 4.55
C LYS X 47 -21.19 125.09 4.42
N VAL X 48 -21.87 125.49 3.36
CA VAL X 48 -23.23 125.08 3.06
C VAL X 48 -23.24 124.31 1.75
N HIS X 49 -24.04 123.24 1.69
CA HIS X 49 -24.15 122.42 0.50
C HIS X 49 -25.62 122.05 0.29
N ILE X 50 -26.20 122.53 -0.81
CA ILE X 50 -27.56 122.21 -1.23
C ILE X 50 -27.48 121.43 -2.54
N ASN X 51 -28.20 120.32 -2.61
CA ASN X 51 -28.23 119.52 -3.83
C ASN X 51 -29.68 119.22 -4.19
N SER X 52 -30.03 119.33 -5.48
CA SER X 52 -31.40 119.09 -5.93
C SER X 52 -31.32 118.21 -7.17
N THR X 53 -31.70 116.94 -7.04
CA THR X 53 -31.61 116.03 -8.19
C THR X 53 -32.92 115.31 -8.43
N ALA X 54 -32.96 114.68 -9.60
CA ALA X 54 -34.06 113.84 -10.01
C ALA X 54 -33.55 112.87 -11.07
N PRO X 55 -34.11 111.67 -11.17
CA PRO X 55 -33.62 110.72 -12.17
C PRO X 55 -34.26 111.01 -13.53
N VAL X 56 -33.43 111.01 -14.58
CA VAL X 56 -33.91 111.12 -15.95
C VAL X 56 -33.55 109.83 -16.66
N THR X 57 -34.46 109.34 -17.50
CA THR X 57 -34.26 108.09 -18.23
C THR X 57 -33.85 108.37 -19.66
N ILE X 58 -32.73 107.80 -20.07
CA ILE X 58 -32.21 107.95 -21.43
C ILE X 58 -32.85 106.89 -22.30
N ASN X 59 -33.78 107.29 -23.17
CA ASN X 59 -34.46 106.34 -24.03
C ASN X 59 -33.55 105.98 -25.19
N THR X 60 -33.23 104.68 -25.30
CA THR X 60 -32.44 104.13 -26.38
C THR X 60 -33.23 103.02 -27.02
N CYS X 61 -33.32 103.03 -28.35
CA CYS X 61 -34.11 102.01 -29.03
C CYS X 61 -33.45 100.64 -28.88
N ASP X 62 -34.27 99.63 -28.62
CA ASP X 62 -33.82 98.30 -28.22
C ASP X 62 -34.97 97.35 -28.45
N PRO X 63 -34.69 96.08 -28.78
CA PRO X 63 -35.79 95.09 -28.86
C PRO X 63 -36.61 95.06 -27.58
N THR X 64 -35.95 95.16 -26.44
CA THR X 64 -36.60 95.31 -25.15
C THR X 64 -36.46 96.77 -24.72
N LYS X 65 -37.58 97.49 -24.68
CA LYS X 65 -37.56 98.96 -24.54
C LYS X 65 -37.46 99.37 -23.06
N CYS X 66 -36.28 99.10 -22.48
CA CYS X 66 -35.91 99.64 -21.17
C CYS X 66 -34.50 100.22 -21.26
N GLY X 67 -34.37 101.51 -21.00
CA GLY X 67 -33.09 102.18 -21.02
C GLY X 67 -32.63 102.55 -19.62
N PRO X 68 -31.38 102.99 -19.49
CA PRO X 68 -30.82 103.26 -18.18
C PRO X 68 -31.33 104.57 -17.60
N THR X 69 -31.06 104.76 -16.31
CA THR X 69 -31.47 105.96 -15.60
C THR X 69 -30.24 106.63 -15.01
N VAL X 70 -30.13 107.94 -15.22
CA VAL X 70 -28.97 108.71 -14.75
C VAL X 70 -29.52 109.98 -14.11
N PRO X 71 -28.90 110.49 -13.04
CA PRO X 71 -29.49 111.63 -12.35
C PRO X 71 -29.12 112.95 -12.99
N MET X 72 -30.08 113.87 -13.01
CA MET X 72 -29.84 115.27 -13.32
C MET X 72 -29.91 116.07 -12.02
N GLY X 73 -28.94 116.95 -11.85
CA GLY X 73 -28.73 117.58 -10.54
C GLY X 73 -28.29 119.01 -10.68
N VAL X 74 -28.68 119.81 -9.69
CA VAL X 74 -28.24 121.19 -9.57
C VAL X 74 -27.72 121.33 -8.15
N SER X 75 -26.47 121.78 -8.02
CA SER X 75 -25.78 121.81 -6.75
C SER X 75 -25.30 123.23 -6.45
N PHE X 76 -25.39 123.60 -5.19
CA PHE X 76 -24.95 124.89 -4.68
C PHE X 76 -24.02 124.62 -3.51
N LYS X 77 -22.84 125.23 -3.53
CA LYS X 77 -21.91 125.11 -2.41
C LYS X 77 -21.41 126.50 -2.02
N SER X 78 -21.07 126.64 -0.74
CA SER X 78 -20.72 127.92 -0.15
C SER X 78 -19.71 127.67 0.95
N SER X 79 -18.71 128.54 1.06
CA SER X 79 -17.70 128.41 2.12
C SER X 79 -17.10 129.77 2.43
N MET X 80 -17.15 130.18 3.70
CA MET X 80 -16.63 131.50 4.03
C MET X 80 -16.38 131.59 5.52
N PRO X 81 -15.50 132.49 5.96
CA PRO X 81 -15.32 132.68 7.41
C PRO X 81 -16.54 133.35 8.01
N GLU X 82 -16.75 133.06 9.29
CA GLU X 82 -17.92 133.56 9.99
C GLU X 82 -17.99 135.08 9.90
N ASP X 83 -19.21 135.60 9.78
CA ASP X 83 -19.49 137.04 9.73
C ASP X 83 -18.87 137.72 8.52
N ALA X 84 -18.56 136.97 7.46
CA ALA X 84 -18.11 137.58 6.22
C ALA X 84 -19.32 138.03 5.41
N ASP X 85 -19.09 138.78 4.33
CA ASP X 85 -20.21 139.27 3.53
C ASP X 85 -20.22 138.61 2.15
N PRO X 86 -21.12 137.67 1.89
CA PRO X 86 -21.19 137.05 0.56
C PRO X 86 -22.04 137.80 -0.46
N ALA X 87 -22.56 138.99 -0.12
CA ALA X 87 -23.58 139.60 -0.95
C ALA X 87 -23.12 139.74 -2.39
N GLU X 88 -21.86 140.13 -2.59
CA GLU X 88 -21.42 140.43 -3.95
C GLU X 88 -21.04 139.17 -4.71
N VAL X 89 -20.37 138.20 -4.07
CA VAL X 89 -20.10 136.95 -4.77
C VAL X 89 -21.40 136.23 -5.13
N LEU X 90 -22.43 136.37 -4.29
CA LEU X 90 -23.75 135.85 -4.64
C LEU X 90 -24.31 136.55 -5.86
N LYS X 91 -24.29 137.88 -5.87
CA LYS X 91 -24.81 138.62 -7.03
C LYS X 91 -24.12 138.19 -8.33
N ALA X 92 -22.78 138.09 -8.29
CA ALA X 92 -22.03 137.71 -9.47
C ALA X 92 -22.35 136.29 -9.92
N ALA X 93 -22.31 135.35 -8.96
CA ALA X 93 -22.66 133.97 -9.29
C ALA X 93 -24.05 133.88 -9.88
N LYS X 94 -25.00 134.65 -9.34
CA LYS X 94 -26.37 134.60 -9.85
C LYS X 94 -26.46 135.16 -11.26
N ALA X 95 -25.68 136.20 -11.56
CA ALA X 95 -25.67 136.73 -12.93
C ALA X 95 -25.11 135.73 -13.93
N ALA X 96 -24.01 135.06 -13.55
CA ALA X 96 -23.45 134.03 -14.42
C ALA X 96 -24.43 132.87 -14.60
N LEU X 97 -25.05 132.43 -13.52
CA LEU X 97 -26.09 131.41 -13.61
C LEU X 97 -27.20 131.85 -14.54
N ALA X 98 -27.60 133.13 -14.46
CA ALA X 98 -28.64 133.63 -15.33
C ALA X 98 -28.25 133.48 -16.80
N LEU X 99 -26.97 133.72 -17.11
CA LEU X 99 -26.52 133.48 -18.48
C LEU X 99 -26.60 132.00 -18.86
N PHE X 100 -26.11 131.12 -18.00
CA PHE X 100 -25.98 129.71 -18.39
C PHE X 100 -27.24 128.88 -18.21
N GLU X 101 -28.26 129.40 -17.49
CA GLU X 101 -29.37 128.57 -17.02
C GLU X 101 -30.17 127.99 -18.17
N ALA X 102 -30.50 128.84 -19.15
CA ALA X 102 -31.26 128.36 -20.31
C ALA X 102 -30.53 127.21 -21.01
N ASN X 103 -29.20 127.27 -21.06
CA ASN X 103 -28.38 126.34 -21.82
C ASN X 103 -27.76 125.24 -20.94
N LEU X 104 -28.39 124.90 -19.82
CA LEU X 104 -27.83 123.87 -18.94
C LEU X 104 -27.92 122.47 -19.54
N ASN X 105 -28.82 122.28 -20.50
CA ASN X 105 -29.07 120.97 -21.09
C ASN X 105 -28.70 120.94 -22.57
N SER X 106 -27.87 121.87 -23.05
CA SER X 106 -27.78 122.09 -24.48
C SER X 106 -26.41 121.82 -25.12
N ALA X 107 -25.34 121.75 -24.34
CA ALA X 107 -24.00 121.45 -24.86
C ALA X 107 -23.44 122.54 -25.75
N PHE X 108 -24.05 123.72 -25.74
CA PHE X 108 -23.57 124.88 -26.48
C PHE X 108 -22.90 125.86 -25.52
N ASN X 109 -21.85 126.51 -25.98
CA ASN X 109 -21.21 127.56 -25.19
C ASN X 109 -20.53 128.53 -26.13
N LYS X 110 -20.78 129.82 -25.93
CA LYS X 110 -20.24 130.88 -26.76
C LYS X 110 -19.31 131.74 -25.91
N ASN X 111 -18.28 132.30 -26.54
CA ASN X 111 -17.37 133.19 -25.81
C ASN X 111 -18.13 134.40 -25.32
N VAL X 112 -18.02 134.68 -24.03
CA VAL X 112 -18.61 135.85 -23.42
C VAL X 112 -17.47 136.73 -22.91
N ASP X 113 -17.40 137.95 -23.42
CA ASP X 113 -16.30 138.83 -23.08
C ASP X 113 -16.54 139.57 -21.77
N GLU X 114 -17.79 139.66 -21.32
CA GLU X 114 -18.05 140.27 -20.03
C GLU X 114 -19.43 139.87 -19.53
N ILE X 115 -19.57 139.86 -18.22
CA ILE X 115 -20.83 139.55 -17.54
C ILE X 115 -21.21 140.79 -16.73
N SER X 116 -22.39 141.34 -17.01
CA SER X 116 -22.86 142.52 -16.31
C SER X 116 -23.61 142.11 -15.06
N VAL X 117 -23.21 142.68 -13.93
CA VAL X 117 -23.81 142.36 -12.63
C VAL X 117 -24.71 143.52 -12.21
N ALA X 118 -25.85 143.18 -11.62
CA ALA X 118 -26.88 144.15 -11.23
C ALA X 118 -26.36 145.21 -10.26
N ALA Y 1 -63.63 91.32 -5.23
CA ALA Y 1 -64.58 90.35 -4.68
C ALA Y 1 -64.25 88.91 -5.10
N TYR Y 2 -63.39 88.24 -4.32
CA TYR Y 2 -62.97 86.87 -4.58
C TYR Y 2 -62.82 86.12 -3.26
N LYS Y 3 -62.44 84.85 -3.35
CA LYS Y 3 -62.20 84.07 -2.15
C LYS Y 3 -61.01 83.13 -2.34
N LEU Y 4 -60.28 82.93 -1.23
CA LEU Y 4 -59.09 82.08 -1.21
C LEU Y 4 -59.49 80.71 -0.69
N ILE Y 5 -59.36 79.71 -1.54
CA ILE Y 5 -59.70 78.34 -1.18
C ILE Y 5 -58.44 77.64 -0.69
N LYS Y 6 -58.61 76.72 0.25
CA LYS Y 6 -57.45 76.02 0.82
C LYS Y 6 -56.77 75.14 -0.22
N MET Y 7 -55.44 75.19 -0.25
CA MET Y 7 -54.64 74.40 -1.15
C MET Y 7 -54.23 73.09 -0.49
N ALA Y 8 -53.89 72.12 -1.33
CA ALA Y 8 -53.25 70.89 -0.85
C ALA Y 8 -51.87 71.23 -0.31
N GLY Y 9 -51.63 70.89 0.95
CA GLY Y 9 -50.36 71.19 1.59
C GLY Y 9 -49.88 69.99 2.41
N GLY Y 10 -48.58 69.99 2.67
CA GLY Y 10 -47.95 68.89 3.37
C GLY Y 10 -47.94 69.02 4.88
N ASN Y 11 -47.81 70.26 5.38
CA ASN Y 11 -47.73 70.51 6.81
C ASN Y 11 -49.11 70.66 7.42
N SER Y 12 -49.27 70.16 8.65
CA SER Y 12 -50.55 70.25 9.35
C SER Y 12 -50.70 71.56 10.13
N ALA Y 13 -49.59 72.17 10.55
CA ALA Y 13 -49.63 73.43 11.28
C ALA Y 13 -49.90 74.60 10.36
N ILE Y 14 -49.48 74.50 9.10
CA ILE Y 14 -49.59 75.58 8.13
C ILE Y 14 -50.79 75.33 7.24
N GLN Y 15 -51.68 76.30 7.15
CA GLN Y 15 -52.78 76.28 6.18
C GLN Y 15 -52.42 77.19 5.02
N THR Y 16 -52.45 76.63 3.81
CA THR Y 16 -52.12 77.37 2.61
C THR Y 16 -53.37 77.53 1.76
N TYR Y 17 -53.59 78.73 1.26
CA TYR Y 17 -54.74 79.08 0.43
C TYR Y 17 -54.25 79.73 -0.85
N ALA Y 18 -55.03 79.53 -1.91
CA ALA Y 18 -54.80 80.22 -3.17
C ALA Y 18 -56.08 80.91 -3.60
N ARG Y 19 -55.91 82.01 -4.31
CA ARG Y 19 -57.05 82.75 -4.83
C ARG Y 19 -57.73 81.98 -5.95
N GLU Y 20 -59.06 82.01 -5.95
CA GLU Y 20 -59.80 81.25 -6.95
C GLU Y 20 -59.52 81.78 -8.36
N ASP Y 21 -59.61 83.10 -8.54
CA ASP Y 21 -59.38 83.70 -9.85
C ASP Y 21 -57.94 83.45 -10.32
N LYS Y 22 -56.97 83.95 -9.55
CA LYS Y 22 -55.56 83.76 -9.84
C LYS Y 22 -54.99 82.80 -8.81
N THR Y 23 -54.71 81.57 -9.23
CA THR Y 23 -54.07 80.63 -8.33
C THR Y 23 -52.58 80.93 -8.12
N THR Y 24 -52.10 82.08 -8.64
CA THR Y 24 -50.74 82.54 -8.40
C THR Y 24 -50.62 83.41 -7.17
N GLN Y 25 -51.72 84.01 -6.76
CA GLN Y 25 -51.78 84.77 -5.50
C GLN Y 25 -52.12 83.80 -4.39
N THR Y 26 -51.28 83.75 -3.35
CA THR Y 26 -51.45 82.79 -2.28
C THR Y 26 -51.34 83.47 -0.92
N LEU Y 27 -51.74 82.72 0.10
CA LEU Y 27 -51.79 83.17 1.49
C LEU Y 27 -51.53 81.98 2.40
N SER Y 28 -50.89 82.21 3.53
CA SER Y 28 -50.51 81.12 4.42
C SER Y 28 -50.62 81.56 5.88
N THR Y 29 -51.27 80.74 6.70
CA THR Y 29 -51.42 81.04 8.12
C THR Y 29 -50.87 79.88 8.94
N GLN Y 30 -50.05 80.20 9.93
CA GLN Y 30 -49.42 79.20 10.78
C GLN Y 30 -49.52 79.63 12.23
N LYS Y 31 -49.80 78.67 13.11
CA LYS Y 31 -49.78 78.91 14.55
C LYS Y 31 -48.82 77.95 15.22
N THR Y 32 -47.95 78.51 16.06
CA THR Y 32 -46.94 77.79 16.82
C THR Y 32 -47.18 78.04 18.30
N ILE Y 33 -47.09 76.99 19.10
CA ILE Y 33 -47.15 77.12 20.55
C ILE Y 33 -45.77 76.79 21.11
N SER Y 34 -45.29 77.63 22.01
CA SER Y 34 -44.02 77.45 22.70
C SER Y 34 -44.27 77.46 24.20
N VAL Y 35 -43.31 76.93 24.95
CA VAL Y 35 -43.41 76.87 26.40
C VAL Y 35 -42.24 77.64 27.00
N LEU Y 36 -42.53 78.55 27.93
CA LEU Y 36 -41.50 79.29 28.63
C LEU Y 36 -41.76 79.13 30.12
N ARG Y 37 -40.80 78.54 30.84
CA ARG Y 37 -40.99 78.26 32.25
C ARG Y 37 -39.98 79.02 33.07
N ASN Y 38 -40.47 79.64 34.15
CA ASN Y 38 -39.66 80.25 35.21
C ASN Y 38 -39.84 79.39 36.45
N GLY Y 39 -38.75 78.77 36.90
CA GLY Y 39 -38.82 77.87 38.03
C GLY Y 39 -39.80 76.73 37.75
N SER Y 40 -40.83 76.64 38.58
CA SER Y 40 -41.87 75.65 38.41
C SER Y 40 -42.98 76.12 37.48
N THR Y 41 -43.23 77.43 37.41
CA THR Y 41 -44.33 77.93 36.60
C THR Y 41 -43.95 77.88 35.13
N SER Y 42 -44.95 77.60 34.28
CA SER Y 42 -44.72 77.54 32.85
C SER Y 42 -45.90 78.18 32.12
N THR Y 43 -45.62 78.92 31.06
CA THR Y 43 -46.63 79.66 30.33
C THR Y 43 -46.46 79.46 28.84
N ARG Y 44 -47.59 79.49 28.12
CA ARG Y 44 -47.60 79.26 26.68
C ARG Y 44 -47.38 80.55 25.93
N ILE Y 45 -46.60 80.47 24.86
CA ILE Y 45 -46.31 81.58 23.98
C ILE Y 45 -46.90 81.24 22.62
N ILE Y 46 -47.96 81.96 22.23
CA ILE Y 46 -48.66 81.71 20.99
C ILE Y 46 -48.13 82.66 19.92
N LYS Y 47 -47.69 82.08 18.81
CA LYS Y 47 -47.09 82.80 17.69
C LYS Y 47 -47.91 82.52 16.43
N VAL Y 48 -48.34 83.58 15.77
CA VAL Y 48 -49.13 83.50 14.54
C VAL Y 48 -48.32 84.13 13.41
N HIS Y 49 -48.43 83.55 12.23
CA HIS Y 49 -47.73 84.06 11.05
C HIS Y 49 -48.66 83.97 9.85
N ILE Y 50 -48.94 85.13 9.25
CA ILE Y 50 -49.79 85.23 8.06
C ILE Y 50 -48.95 85.87 6.95
N ASN Y 51 -48.89 85.22 5.80
CA ASN Y 51 -48.08 85.72 4.69
C ASN Y 51 -48.92 85.69 3.42
N SER Y 52 -49.05 86.85 2.76
CA SER Y 52 -49.81 86.97 1.52
C SER Y 52 -48.83 87.40 0.43
N THR Y 53 -48.68 86.58 -0.61
CA THR Y 53 -47.79 86.96 -1.71
C THR Y 53 -48.42 86.71 -3.06
N ALA Y 54 -47.84 87.35 -4.05
CA ALA Y 54 -48.14 87.12 -5.46
C ALA Y 54 -46.87 87.40 -6.25
N PRO Y 55 -46.67 86.74 -7.37
CA PRO Y 55 -45.53 87.09 -8.21
C PRO Y 55 -45.84 88.37 -8.98
N VAL Y 56 -44.79 89.13 -9.25
CA VAL Y 56 -44.90 90.34 -10.06
C VAL Y 56 -43.73 90.38 -11.04
N THR Y 57 -44.04 90.72 -12.29
CA THR Y 57 -43.05 90.74 -13.37
C THR Y 57 -42.08 91.90 -13.17
N ILE Y 58 -40.78 91.63 -13.30
CA ILE Y 58 -39.77 92.63 -12.96
C ILE Y 58 -39.91 93.86 -13.84
N ASN Y 59 -40.01 93.66 -15.14
CA ASN Y 59 -39.70 94.70 -16.11
C ASN Y 59 -40.96 95.46 -16.51
N THR Y 60 -41.10 96.69 -16.02
CA THR Y 60 -42.28 97.48 -16.32
C THR Y 60 -42.29 97.93 -17.78
N CYS Y 61 -41.15 98.41 -18.29
CA CYS Y 61 -41.06 98.94 -19.64
C CYS Y 61 -40.79 97.87 -20.70
N ASP Y 62 -40.80 96.59 -20.33
CA ASP Y 62 -40.60 95.51 -21.29
C ASP Y 62 -41.91 95.17 -21.99
N PRO Y 63 -41.86 94.37 -23.07
CA PRO Y 63 -43.11 93.97 -23.75
C PRO Y 63 -43.86 92.85 -23.04
N THR Y 64 -43.52 92.63 -21.76
CA THR Y 64 -44.11 91.58 -20.93
C THR Y 64 -43.88 90.20 -21.52
N LYS Y 65 -42.65 89.97 -22.02
CA LYS Y 65 -42.27 88.70 -22.63
C LYS Y 65 -41.82 87.70 -21.56
N CYS Y 66 -42.72 87.42 -20.62
CA CYS Y 66 -42.47 86.50 -19.50
C CYS Y 66 -41.12 86.78 -18.83
N GLY Y 67 -40.92 88.04 -18.46
CA GLY Y 67 -39.76 88.44 -17.71
C GLY Y 67 -39.76 87.73 -16.37
N PRO Y 68 -38.57 87.39 -15.87
CA PRO Y 68 -38.50 86.69 -14.59
C PRO Y 68 -39.22 87.47 -13.50
N THR Y 69 -39.95 86.75 -12.65
CA THR Y 69 -40.83 87.35 -11.67
C THR Y 69 -40.19 87.34 -10.28
N VAL Y 70 -40.55 88.34 -9.50
CA VAL Y 70 -40.11 88.43 -8.11
C VAL Y 70 -41.35 88.35 -7.23
N PRO Y 71 -41.28 87.68 -6.08
CA PRO Y 71 -42.41 87.65 -5.16
C PRO Y 71 -42.61 89.01 -4.48
N MET Y 72 -43.84 89.49 -4.50
CA MET Y 72 -44.27 90.67 -3.76
C MET Y 72 -45.12 90.17 -2.60
N GLY Y 73 -44.83 90.65 -1.40
CA GLY Y 73 -45.33 90.02 -0.20
C GLY Y 73 -45.69 91.00 0.89
N VAL Y 74 -46.67 90.61 1.70
CA VAL Y 74 -47.08 91.36 2.87
C VAL Y 74 -47.28 90.34 3.99
N SER Y 75 -46.58 90.54 5.10
CA SER Y 75 -46.51 89.55 6.16
C SER Y 75 -46.91 90.16 7.50
N PHE Y 76 -47.47 89.31 8.36
CA PHE Y 76 -47.92 89.68 9.70
C PHE Y 76 -47.45 88.60 10.66
N LYS Y 77 -46.90 89.02 11.79
CA LYS Y 77 -46.44 88.08 12.82
C LYS Y 77 -46.88 88.56 14.19
N SER Y 78 -47.20 87.60 15.05
CA SER Y 78 -47.75 87.86 16.38
C SER Y 78 -47.09 86.90 17.36
N SER Y 79 -46.57 87.42 18.48
CA SER Y 79 -46.01 86.57 19.51
C SER Y 79 -46.42 87.11 20.88
N MET Y 80 -47.13 86.30 21.66
CA MET Y 80 -47.63 86.83 22.93
C MET Y 80 -47.86 85.70 23.91
N PRO Y 81 -47.77 85.97 25.20
CA PRO Y 81 -48.19 84.97 26.19
C PRO Y 81 -49.67 84.68 26.05
N GLU Y 82 -50.04 83.42 26.29
CA GLU Y 82 -51.45 83.01 26.19
C GLU Y 82 -52.33 83.91 27.04
N ASP Y 83 -53.49 84.27 26.50
CA ASP Y 83 -54.50 85.10 27.17
C ASP Y 83 -54.05 86.54 27.41
N ALA Y 84 -52.98 86.99 26.75
CA ALA Y 84 -52.63 88.40 26.83
C ALA Y 84 -53.54 89.21 25.92
N ASP Y 85 -53.47 90.54 26.03
CA ASP Y 85 -54.37 91.38 25.24
C ASP Y 85 -53.62 92.15 24.15
N PRO Y 86 -53.63 91.69 22.91
CA PRO Y 86 -52.95 92.43 21.84
C PRO Y 86 -53.69 93.66 21.37
N ALA Y 87 -54.84 93.98 21.97
CA ALA Y 87 -55.71 95.02 21.42
C ALA Y 87 -54.95 96.31 21.16
N GLU Y 88 -54.12 96.74 22.12
CA GLU Y 88 -53.47 98.03 22.00
C GLU Y 88 -52.29 98.00 21.04
N VAL Y 89 -51.46 96.94 21.09
CA VAL Y 89 -50.35 96.86 20.14
C VAL Y 89 -50.88 96.70 18.72
N LEU Y 90 -52.04 96.07 18.55
CA LEU Y 90 -52.66 95.98 17.24
C LEU Y 90 -53.16 97.34 16.77
N LYS Y 91 -53.85 98.08 17.63
CA LYS Y 91 -54.28 99.44 17.26
C LYS Y 91 -53.09 100.27 16.81
N ALA Y 92 -52.01 100.26 17.59
CA ALA Y 92 -50.82 101.03 17.25
C ALA Y 92 -50.22 100.57 15.93
N ALA Y 93 -50.05 99.25 15.76
CA ALA Y 93 -49.47 98.73 14.54
C ALA Y 93 -50.28 99.14 13.33
N LYS Y 94 -51.61 99.05 13.42
CA LYS Y 94 -52.48 99.42 12.31
C LYS Y 94 -52.37 100.90 12.00
N ALA Y 95 -52.32 101.74 13.04
CA ALA Y 95 -52.16 103.18 12.84
C ALA Y 95 -50.84 103.48 12.12
N ALA Y 96 -49.76 102.80 12.52
CA ALA Y 96 -48.48 103.00 11.84
C ALA Y 96 -48.56 102.54 10.40
N LEU Y 97 -49.14 101.37 10.16
CA LEU Y 97 -49.24 100.84 8.81
C LEU Y 97 -49.97 101.82 7.89
N ALA Y 98 -51.07 102.41 8.38
CA ALA Y 98 -51.83 103.35 7.57
C ALA Y 98 -50.94 104.45 6.98
N LEU Y 99 -49.87 104.84 7.69
CA LEU Y 99 -48.97 105.86 7.15
C LEU Y 99 -48.10 105.32 6.02
N PHE Y 100 -47.81 104.02 6.04
CA PHE Y 100 -46.90 103.43 5.06
C PHE Y 100 -47.60 102.85 3.84
N GLU Y 101 -48.83 102.35 3.98
CA GLU Y 101 -49.34 101.49 2.92
C GLU Y 101 -49.61 102.23 1.63
N ALA Y 102 -49.77 103.55 1.67
CA ALA Y 102 -49.78 104.32 0.43
C ALA Y 102 -48.42 104.26 -0.25
N ASN Y 103 -47.35 104.38 0.53
CA ASN Y 103 -45.99 104.47 0.04
C ASN Y 103 -45.21 103.18 0.27
N LEU Y 104 -45.89 102.04 0.11
CA LEU Y 104 -45.28 100.74 0.35
C LEU Y 104 -44.34 100.30 -0.77
N ASN Y 105 -44.34 101.03 -1.88
CA ASN Y 105 -43.51 100.70 -3.02
C ASN Y 105 -42.63 101.87 -3.47
N SER Y 106 -42.63 102.99 -2.75
CA SER Y 106 -42.11 104.23 -3.34
C SER Y 106 -40.80 104.70 -2.71
N ALA Y 107 -40.15 103.87 -1.90
CA ALA Y 107 -38.79 104.16 -1.41
C ALA Y 107 -38.70 105.47 -0.63
N PHE Y 108 -39.83 106.05 -0.24
CA PHE Y 108 -39.84 107.36 0.41
C PHE Y 108 -40.38 107.17 1.84
N ASN Y 109 -39.52 107.38 2.82
CA ASN Y 109 -39.88 107.24 4.23
C ASN Y 109 -40.01 108.64 4.82
N LYS Y 110 -41.25 109.10 5.02
CA LYS Y 110 -41.44 110.44 5.57
C LYS Y 110 -40.97 110.48 7.01
N ASN Y 111 -40.36 111.60 7.40
CA ASN Y 111 -40.00 111.83 8.79
C ASN Y 111 -41.27 112.16 9.55
N VAL Y 112 -41.73 111.19 10.34
CA VAL Y 112 -42.87 111.34 11.23
C VAL Y 112 -42.35 111.39 12.65
N ASP Y 113 -42.67 112.46 13.36
CA ASP Y 113 -42.24 112.65 14.75
C ASP Y 113 -43.29 112.20 15.76
N GLU Y 114 -44.53 112.00 15.34
CA GLU Y 114 -45.53 111.42 16.23
C GLU Y 114 -46.65 110.79 15.41
N ILE Y 115 -47.15 109.67 15.90
CA ILE Y 115 -48.20 108.89 15.26
C ILE Y 115 -49.40 108.90 16.20
N SER Y 116 -50.54 109.39 15.71
CA SER Y 116 -51.76 109.47 16.51
C SER Y 116 -52.53 108.16 16.36
N VAL Y 117 -52.87 107.55 17.50
CA VAL Y 117 -53.63 106.30 17.54
C VAL Y 117 -55.07 106.62 17.93
N ALA Y 118 -56.02 106.06 17.18
CA ALA Y 118 -57.43 106.37 17.38
C ALA Y 118 -57.95 105.86 18.73
N ALA Z 1 -69.47 69.67 31.83
CA ALA Z 1 -69.89 71.04 31.64
C ALA Z 1 -68.82 71.84 30.89
N TYR Z 2 -67.80 71.15 30.36
CA TYR Z 2 -66.78 71.77 29.51
C TYR Z 2 -66.39 70.79 28.41
N LYS Z 3 -65.52 71.24 27.52
CA LYS Z 3 -65.03 70.37 26.45
C LYS Z 3 -63.53 70.54 26.26
N LEU Z 4 -62.87 69.43 25.94
CA LEU Z 4 -61.45 69.39 25.69
C LEU Z 4 -61.23 69.56 24.18
N ILE Z 5 -60.66 70.68 23.79
CA ILE Z 5 -60.45 70.98 22.37
C ILE Z 5 -59.06 70.53 21.99
N LYS Z 6 -58.93 69.94 20.80
CA LYS Z 6 -57.64 69.48 20.31
C LYS Z 6 -56.69 70.66 20.13
N MET Z 7 -55.52 70.57 20.74
CA MET Z 7 -54.64 71.73 20.71
C MET Z 7 -53.93 71.81 19.37
N ALA Z 8 -53.49 73.03 19.05
CA ALA Z 8 -52.78 73.32 17.81
C ALA Z 8 -51.38 72.70 17.92
N GLY Z 9 -51.34 71.37 17.81
CA GLY Z 9 -50.10 70.64 17.84
C GLY Z 9 -50.04 69.67 16.67
N GLY Z 10 -48.81 69.27 16.34
CA GLY Z 10 -48.64 68.35 15.24
C GLY Z 10 -49.12 66.95 15.59
N ASN Z 11 -50.18 66.49 14.92
CA ASN Z 11 -50.69 65.14 15.17
C ASN Z 11 -49.61 64.12 14.85
N SER Z 12 -49.29 63.28 15.82
CA SER Z 12 -48.27 62.26 15.68
C SER Z 12 -48.86 60.86 15.82
N ALA Z 13 -50.11 60.68 15.37
CA ALA Z 13 -50.99 59.59 15.80
C ALA Z 13 -51.16 59.59 17.33
N ILE Z 14 -50.84 60.74 17.94
CA ILE Z 14 -51.08 61.04 19.34
C ILE Z 14 -51.86 62.35 19.37
N GLN Z 15 -53.05 62.33 19.95
CA GLN Z 15 -53.93 63.49 19.97
C GLN Z 15 -53.94 64.12 21.34
N THR Z 16 -53.55 65.39 21.41
CA THR Z 16 -53.46 66.13 22.66
C THR Z 16 -54.48 67.25 22.68
N TYR Z 17 -55.27 67.30 23.74
CA TYR Z 17 -56.34 68.26 23.93
C TYR Z 17 -56.07 69.06 25.20
N ALA Z 18 -56.56 70.29 25.20
CA ALA Z 18 -56.58 71.12 26.40
C ALA Z 18 -58.01 71.53 26.69
N ARG Z 19 -58.30 71.73 27.97
CA ARG Z 19 -59.64 72.13 28.39
C ARG Z 19 -59.90 73.58 27.98
N GLU Z 20 -61.11 73.84 27.50
CA GLU Z 20 -61.39 75.11 26.84
C GLU Z 20 -61.23 76.28 27.79
N ASP Z 21 -61.79 76.18 29.00
CA ASP Z 21 -61.74 77.30 29.94
C ASP Z 21 -60.45 77.30 30.77
N LYS Z 22 -60.07 76.15 31.30
CA LYS Z 22 -58.78 76.01 31.99
C LYS Z 22 -57.82 75.28 31.07
N THR Z 23 -57.05 76.04 30.28
CA THR Z 23 -56.13 75.42 29.34
C THR Z 23 -54.92 74.81 30.02
N THR Z 24 -54.83 74.88 31.35
CA THR Z 24 -53.76 74.19 32.08
C THR Z 24 -54.04 72.71 32.20
N GLN Z 25 -55.31 72.33 32.16
CA GLN Z 25 -55.71 70.93 32.23
C GLN Z 25 -55.67 70.33 30.83
N THR Z 26 -54.90 69.27 30.66
CA THR Z 26 -54.69 68.65 29.36
C THR Z 26 -54.99 67.16 29.43
N LEU Z 27 -55.05 66.55 28.24
CA LEU Z 27 -55.39 65.14 28.08
C LEU Z 27 -54.84 64.64 26.74
N SER Z 28 -54.26 63.45 26.74
CA SER Z 28 -53.61 62.90 25.54
C SER Z 28 -54.07 61.47 25.31
N THR Z 29 -54.38 61.14 24.06
CA THR Z 29 -54.79 59.78 23.70
C THR Z 29 -53.98 59.30 22.51
N GLN Z 30 -53.33 58.15 22.67
CA GLN Z 30 -52.61 57.51 21.57
C GLN Z 30 -52.96 56.04 21.49
N LYS Z 31 -52.98 55.51 20.27
CA LYS Z 31 -53.12 54.09 20.02
C LYS Z 31 -51.96 53.64 19.15
N THR Z 32 -51.33 52.53 19.52
CA THR Z 32 -50.22 51.97 18.79
C THR Z 32 -50.48 50.48 18.54
N ILE Z 33 -49.82 49.95 17.52
CA ILE Z 33 -49.99 48.55 17.14
C ILE Z 33 -48.62 47.87 17.13
N SER Z 34 -48.52 46.75 17.83
CA SER Z 34 -47.33 45.92 17.88
C SER Z 34 -47.62 44.59 17.20
N VAL Z 35 -46.55 43.86 16.85
CA VAL Z 35 -46.68 42.53 16.27
C VAL Z 35 -45.90 41.56 17.15
N LEU Z 36 -46.61 40.57 17.72
CA LEU Z 36 -46.00 39.57 18.58
C LEU Z 36 -45.97 38.26 17.81
N ARG Z 37 -44.77 37.73 17.58
CA ARG Z 37 -44.57 36.51 16.80
C ARG Z 37 -44.05 35.41 17.72
N ASN Z 38 -44.82 34.32 17.83
CA ASN Z 38 -44.39 33.12 18.54
C ASN Z 38 -44.34 31.99 17.52
N GLY Z 39 -43.14 31.63 17.09
CA GLY Z 39 -43.00 30.60 16.06
C GLY Z 39 -43.58 31.06 14.73
N SER Z 40 -44.45 30.22 14.15
CA SER Z 40 -45.09 30.55 12.88
C SER Z 40 -46.09 31.67 13.04
N THR Z 41 -46.81 31.69 14.15
CA THR Z 41 -47.93 32.61 14.34
C THR Z 41 -47.44 34.00 14.70
N SER Z 42 -48.08 35.02 14.10
CA SER Z 42 -47.91 36.41 14.47
C SER Z 42 -49.27 37.04 14.69
N THR Z 43 -49.38 37.84 15.76
CA THR Z 43 -50.64 38.49 16.11
C THR Z 43 -50.40 39.96 16.42
N ARG Z 44 -51.41 40.78 16.15
CA ARG Z 44 -51.33 42.21 16.38
C ARG Z 44 -51.82 42.55 17.79
N ILE Z 45 -51.08 43.43 18.46
CA ILE Z 45 -51.38 43.86 19.82
C ILE Z 45 -51.73 45.35 19.80
N ILE Z 46 -52.94 45.66 20.23
CA ILE Z 46 -53.45 47.03 20.30
C ILE Z 46 -53.14 47.59 21.68
N LYS Z 47 -52.52 48.77 21.71
CA LYS Z 47 -52.12 49.42 22.95
C LYS Z 47 -52.65 50.86 22.96
N VAL Z 48 -53.56 51.14 23.89
CA VAL Z 48 -54.15 52.45 24.10
C VAL Z 48 -53.52 53.09 25.34
N HIS Z 49 -53.25 54.39 25.26
CA HIS Z 49 -52.75 55.14 26.40
C HIS Z 49 -53.44 56.49 26.46
N ILE Z 50 -54.17 56.73 27.55
CA ILE Z 50 -54.87 57.97 27.83
C ILE Z 50 -54.26 58.59 29.07
N ASN Z 51 -54.01 59.90 29.02
CA ASN Z 51 -53.43 60.61 30.16
C ASN Z 51 -54.20 61.90 30.38
N SER Z 52 -54.49 62.21 31.64
CA SER Z 52 -55.26 63.42 31.97
C SER Z 52 -54.57 64.10 33.14
N THR Z 53 -53.93 65.24 32.90
CA THR Z 53 -53.19 65.92 33.97
C THR Z 53 -53.60 67.38 34.08
N ALA Z 54 -53.30 67.92 35.26
CA ALA Z 54 -53.42 69.33 35.56
C ALA Z 54 -52.30 69.69 36.51
N PRO Z 55 -51.84 70.94 36.51
CA PRO Z 55 -50.88 71.36 37.53
C PRO Z 55 -51.61 71.63 38.85
N VAL Z 56 -50.91 71.37 39.94
CA VAL Z 56 -51.42 71.63 41.28
C VAL Z 56 -50.41 72.50 42.00
N THR Z 57 -50.83 73.68 42.45
CA THR Z 57 -50.02 74.51 43.32
C THR Z 57 -49.75 73.76 44.62
N ILE Z 58 -48.47 73.61 44.97
CA ILE Z 58 -48.12 72.95 46.22
C ILE Z 58 -48.78 73.69 47.38
N ASN Z 59 -49.37 72.93 48.29
CA ASN Z 59 -49.90 73.52 49.52
C ASN Z 59 -48.81 74.35 50.18
N THR Z 60 -49.02 75.66 50.27
CA THR Z 60 -47.98 76.57 50.70
C THR Z 60 -48.47 77.42 51.87
N CYS Z 61 -47.54 78.22 52.38
CA CYS Z 61 -47.78 79.03 53.57
C CYS Z 61 -48.63 80.26 53.28
N ASP Z 62 -48.48 80.85 52.10
CA ASP Z 62 -49.13 82.11 51.78
C ASP Z 62 -50.65 81.96 51.75
N PRO Z 63 -51.39 83.00 52.15
CA PRO Z 63 -52.84 82.99 51.92
C PRO Z 63 -53.17 82.97 50.44
N THR Z 64 -52.46 83.76 49.63
CA THR Z 64 -52.56 83.64 48.18
C THR Z 64 -52.09 82.25 47.76
N LYS Z 65 -52.76 81.69 46.76
CA LYS Z 65 -52.44 80.34 46.28
C LYS Z 65 -51.22 80.45 45.36
N CYS Z 66 -50.05 80.58 45.99
CA CYS Z 66 -48.78 80.71 45.26
C CYS Z 66 -47.75 79.76 45.83
N GLY Z 67 -47.20 78.91 44.96
CA GLY Z 67 -46.13 78.01 45.29
C GLY Z 67 -45.68 77.24 44.06
N PRO Z 68 -44.64 76.43 44.18
CA PRO Z 68 -44.26 75.57 43.06
C PRO Z 68 -45.42 74.66 42.68
N THR Z 69 -45.49 74.35 41.38
CA THR Z 69 -46.56 73.50 40.84
C THR Z 69 -46.01 72.11 40.55
N VAL Z 70 -46.71 71.10 41.05
CA VAL Z 70 -46.40 69.70 40.77
C VAL Z 70 -47.53 69.19 39.89
N PRO Z 71 -47.25 68.38 38.88
CA PRO Z 71 -48.33 67.83 38.05
C PRO Z 71 -49.07 66.72 38.78
N MET Z 72 -50.39 66.77 38.74
CA MET Z 72 -51.23 65.66 39.14
C MET Z 72 -51.87 65.06 37.90
N GLY Z 73 -52.03 63.74 37.90
CA GLY Z 73 -52.37 63.05 36.67
C GLY Z 73 -53.02 61.72 36.93
N VAL Z 74 -53.96 61.38 36.05
CA VAL Z 74 -54.61 60.09 36.05
C VAL Z 74 -54.39 59.49 34.68
N SER Z 75 -53.91 58.25 34.64
CA SER Z 75 -53.47 57.61 33.41
C SER Z 75 -54.11 56.24 33.27
N PHE Z 76 -54.59 55.94 32.07
CA PHE Z 76 -55.19 54.65 31.76
C PHE Z 76 -54.44 54.03 30.59
N LYS Z 77 -54.00 52.78 30.74
CA LYS Z 77 -53.27 52.08 29.70
C LYS Z 77 -53.92 50.73 29.46
N SER Z 78 -53.88 50.27 28.20
CA SER Z 78 -54.61 49.07 27.79
C SER Z 78 -53.84 48.36 26.69
N SER Z 79 -53.49 47.10 26.92
CA SER Z 79 -52.76 46.33 25.91
C SER Z 79 -53.37 44.95 25.76
N MET Z 80 -53.78 44.60 24.53
CA MET Z 80 -54.37 43.29 24.33
C MET Z 80 -54.20 42.89 22.88
N PRO Z 81 -54.18 41.60 22.57
CA PRO Z 81 -54.09 41.19 21.16
C PRO Z 81 -55.41 41.47 20.47
N GLU Z 82 -55.31 41.73 19.16
CA GLU Z 82 -56.45 42.19 18.37
C GLU Z 82 -57.63 41.24 18.50
N ASP Z 83 -58.84 41.82 18.55
CA ASP Z 83 -60.12 41.12 18.61
C ASP Z 83 -60.34 40.34 19.90
N ALA Z 84 -59.51 40.55 20.93
CA ALA Z 84 -59.77 39.94 22.23
C ALA Z 84 -60.94 40.65 22.91
N ASP Z 85 -61.45 40.07 24.00
CA ASP Z 85 -62.57 40.68 24.72
C ASP Z 85 -62.14 41.15 26.11
N PRO Z 86 -61.85 42.43 26.31
CA PRO Z 86 -61.42 42.91 27.62
C PRO Z 86 -62.57 43.24 28.57
N ALA Z 87 -63.79 42.79 28.27
CA ALA Z 87 -64.96 43.20 29.02
C ALA Z 87 -64.80 42.96 30.52
N GLU Z 88 -64.36 41.76 30.88
CA GLU Z 88 -64.28 41.42 32.30
C GLU Z 88 -63.08 42.09 32.94
N VAL Z 89 -61.98 42.22 32.21
CA VAL Z 89 -60.81 42.93 32.73
C VAL Z 89 -61.17 44.38 33.05
N LEU Z 90 -61.84 45.04 32.11
CA LEU Z 90 -62.34 46.41 32.33
C LEU Z 90 -63.26 46.46 33.54
N LYS Z 91 -64.19 45.51 33.65
CA LYS Z 91 -65.14 45.53 34.76
C LYS Z 91 -64.43 45.47 36.10
N ALA Z 92 -63.46 44.56 36.23
CA ALA Z 92 -62.71 44.43 37.48
C ALA Z 92 -61.86 45.66 37.75
N ALA Z 93 -61.18 46.17 36.72
CA ALA Z 93 -60.40 47.39 36.89
C ALA Z 93 -61.26 48.54 37.40
N LYS Z 94 -62.47 48.68 36.82
CA LYS Z 94 -63.36 49.76 37.22
C LYS Z 94 -63.84 49.58 38.66
N ALA Z 95 -64.11 48.34 39.08
CA ALA Z 95 -64.50 48.11 40.47
C ALA Z 95 -63.38 48.50 41.44
N ALA Z 96 -62.15 48.09 41.12
CA ALA Z 96 -61.01 48.47 41.95
C ALA Z 96 -60.84 49.98 42.02
N LEU Z 97 -60.92 50.65 40.88
CA LEU Z 97 -60.81 52.10 40.85
C LEU Z 97 -61.90 52.73 41.69
N ALA Z 98 -63.11 52.18 41.64
CA ALA Z 98 -64.19 52.69 42.47
C ALA Z 98 -63.84 52.59 43.95
N LEU Z 99 -63.17 51.51 44.34
CA LEU Z 99 -62.75 51.38 45.73
C LEU Z 99 -61.69 52.42 46.11
N PHE Z 100 -60.72 52.66 45.22
CA PHE Z 100 -59.55 53.48 45.57
C PHE Z 100 -59.68 54.96 45.19
N GLU Z 101 -60.78 55.36 44.54
CA GLU Z 101 -60.87 56.68 43.94
C GLU Z 101 -60.86 57.79 45.00
N ALA Z 102 -61.58 57.59 46.10
CA ALA Z 102 -61.55 58.57 47.18
C ALA Z 102 -60.19 58.64 47.84
N ASN Z 103 -59.43 57.54 47.79
CA ASN Z 103 -58.13 57.44 48.45
C ASN Z 103 -56.97 57.68 47.50
N LEU Z 104 -57.23 58.18 46.29
CA LEU Z 104 -56.14 58.50 45.37
C LEU Z 104 -55.16 59.51 45.95
N ASN Z 105 -55.58 60.32 46.93
CA ASN Z 105 -54.74 61.35 47.52
C ASN Z 105 -54.55 61.17 49.02
N SER Z 106 -54.72 59.95 49.55
CA SER Z 106 -54.95 59.79 50.98
C SER Z 106 -53.68 59.56 51.79
N ALA Z 107 -52.62 59.00 51.20
CA ALA Z 107 -51.40 58.59 51.91
C ALA Z 107 -51.65 57.47 52.92
N PHE Z 108 -52.85 56.92 52.95
CA PHE Z 108 -53.19 55.76 53.75
C PHE Z 108 -53.75 54.69 52.81
N ASN Z 109 -53.30 53.45 52.99
CA ASN Z 109 -53.76 52.36 52.15
C ASN Z 109 -54.84 51.58 52.87
N LYS Z 110 -56.01 51.47 52.25
CA LYS Z 110 -57.10 50.68 52.81
C LYS Z 110 -56.85 49.21 52.49
N ASN Z 111 -56.78 48.38 53.54
CA ASN Z 111 -56.52 46.94 53.35
C ASN Z 111 -57.86 46.24 53.18
N VAL Z 112 -58.25 45.98 51.93
CA VAL Z 112 -59.47 45.25 51.61
C VAL Z 112 -59.10 43.84 51.16
N ASP Z 113 -59.89 42.86 51.60
CA ASP Z 113 -59.62 41.46 51.35
C ASP Z 113 -60.41 40.89 50.17
N GLU Z 114 -61.43 41.59 49.68
CA GLU Z 114 -62.12 41.16 48.47
C GLU Z 114 -62.76 42.34 47.77
N ILE Z 115 -62.94 42.20 46.46
CA ILE Z 115 -63.40 43.27 45.58
C ILE Z 115 -64.56 42.68 44.76
N SER Z 116 -65.78 43.16 45.02
CA SER Z 116 -66.96 42.63 44.34
C SER Z 116 -67.18 43.31 42.99
N VAL Z 117 -67.53 42.51 41.99
CA VAL Z 117 -67.60 42.93 40.59
C VAL Z 117 -68.96 42.56 40.00
N ALA Z 118 -69.42 43.38 39.05
CA ALA Z 118 -70.64 43.14 38.28
C ALA Z 118 -71.87 42.90 39.16
N ALA AA 1 -75.43 50.58 2.87
CA ALA AA 1 -75.02 51.97 3.07
C ALA AA 1 -74.19 52.09 4.35
N TYR AA 2 -73.04 52.75 4.25
CA TYR AA 2 -72.16 52.93 5.40
C TYR AA 2 -71.39 54.24 5.24
N LYS AA 3 -70.66 54.60 6.30
CA LYS AA 3 -69.86 55.82 6.33
C LYS AA 3 -68.39 55.48 6.58
N LEU AA 4 -67.51 56.11 5.81
CA LEU AA 4 -66.07 56.01 6.03
C LEU AA 4 -65.67 57.10 7.01
N ILE AA 5 -65.45 56.71 8.27
CA ILE AA 5 -65.07 57.63 9.34
C ILE AA 5 -63.59 57.96 9.23
N LYS AA 6 -63.23 59.21 9.50
CA LYS AA 6 -61.85 59.63 9.34
C LYS AA 6 -61.00 59.12 10.50
N MET AA 7 -59.96 58.35 10.16
CA MET AA 7 -58.99 57.89 11.13
C MET AA 7 -58.04 59.03 11.50
N ALA AA 8 -57.38 58.87 12.64
CA ALA AA 8 -56.47 59.88 13.17
C ALA AA 8 -55.07 59.63 12.62
N GLY AA 9 -54.64 60.47 11.69
CA GLY AA 9 -53.37 60.30 11.02
C GLY AA 9 -52.42 61.42 11.38
N GLY AA 10 -51.14 61.08 11.46
CA GLY AA 10 -50.12 62.09 11.74
C GLY AA 10 -49.84 62.98 10.55
N ASN AA 11 -49.87 62.42 9.34
CA ASN AA 11 -49.61 63.18 8.13
C ASN AA 11 -50.87 63.88 7.67
N SER AA 12 -50.76 65.18 7.40
CA SER AA 12 -51.90 65.97 6.96
C SER AA 12 -52.14 65.91 5.46
N ALA AA 13 -51.13 65.52 4.67
CA ALA AA 13 -51.32 65.43 3.24
C ALA AA 13 -52.25 64.28 2.87
N ILE AA 14 -52.25 63.22 3.67
CA ILE AA 14 -53.04 62.01 3.43
C ILE AA 14 -54.17 61.96 4.45
N GLN AA 15 -55.40 61.81 3.97
CA GLN AA 15 -56.55 61.58 4.84
C GLN AA 15 -56.94 60.12 4.75
N THR AA 16 -57.00 59.45 5.89
CA THR AA 16 -57.32 58.03 5.95
C THR AA 16 -58.67 57.85 6.63
N TYR AA 17 -59.45 56.90 6.14
CA TYR AA 17 -60.79 56.61 6.64
C TYR AA 17 -60.95 55.10 6.76
N ALA AA 18 -61.80 54.70 7.69
CA ALA AA 18 -62.16 53.31 7.91
C ALA AA 18 -63.67 53.21 7.90
N ARG AA 19 -64.18 52.10 7.36
CA ARG AA 19 -65.62 51.90 7.35
C ARG AA 19 -66.14 51.69 8.76
N GLU AA 20 -67.33 52.23 9.03
CA GLU AA 20 -67.89 52.16 10.37
C GLU AA 20 -68.17 50.72 10.77
N ASP AA 21 -68.79 49.94 9.88
CA ASP AA 21 -69.07 48.54 10.14
C ASP AA 21 -67.79 47.74 10.31
N LYS AA 22 -66.95 47.72 9.28
CA LYS AA 22 -65.69 47.01 9.29
C LYS AA 22 -64.57 48.04 9.32
N THR AA 23 -63.95 48.21 10.49
CA THR AA 23 -62.79 49.08 10.54
C THR AA 23 -61.57 48.47 9.84
N THR AA 24 -61.69 47.26 9.31
CA THR AA 24 -60.61 46.65 8.54
C THR AA 24 -60.57 47.18 7.11
N GLN AA 25 -61.73 47.56 6.58
CA GLN AA 25 -61.80 48.13 5.25
C GLN AA 25 -61.47 49.61 5.33
N THR AA 26 -60.45 50.04 4.61
CA THR AA 26 -59.97 51.41 4.71
C THR AA 26 -59.89 52.05 3.33
N LEU AA 27 -59.65 53.37 3.35
CA LEU AA 27 -59.60 54.21 2.18
C LEU AA 27 -58.75 55.44 2.46
N SER AA 28 -57.87 55.78 1.54
CA SER AA 28 -56.98 56.93 1.71
C SER AA 28 -57.09 57.86 0.52
N THR AA 29 -57.12 59.16 0.79
CA THR AA 29 -57.12 60.18 -0.25
C THR AA 29 -55.94 61.11 -0.03
N GLN AA 30 -55.20 61.40 -1.11
CA GLN AA 30 -54.04 62.27 -1.03
C GLN AA 30 -53.94 63.13 -2.28
N LYS AA 31 -53.77 64.43 -2.11
CA LYS AA 31 -53.47 65.31 -3.22
C LYS AA 31 -52.13 65.98 -2.96
N THR AA 32 -51.29 66.00 -3.99
CA THR AA 32 -49.97 66.60 -3.93
C THR AA 32 -49.77 67.51 -5.13
N ILE AA 33 -48.89 68.49 -4.98
CA ILE AA 33 -48.66 69.51 -6.00
C ILE AA 33 -47.17 69.51 -6.33
N SER AA 34 -46.85 69.56 -7.63
CA SER AA 34 -45.48 69.64 -8.11
C SER AA 34 -45.31 70.87 -8.99
N VAL AA 35 -44.09 71.40 -9.02
CA VAL AA 35 -43.77 72.59 -9.81
C VAL AA 35 -42.92 72.16 -10.99
N LEU AA 36 -43.35 72.55 -12.19
CA LEU AA 36 -42.65 72.23 -13.42
C LEU AA 36 -42.15 73.55 -13.99
N ARG AA 37 -40.85 73.81 -13.88
CA ARG AA 37 -40.29 75.09 -14.28
C ARG AA 37 -39.80 74.97 -15.73
N ASN AA 38 -40.46 75.69 -16.63
CA ASN AA 38 -40.03 75.82 -18.02
C ASN AA 38 -39.60 77.27 -18.21
N GLY AA 39 -38.29 77.48 -18.38
CA GLY AA 39 -37.76 78.83 -18.48
C GLY AA 39 -38.06 79.63 -17.23
N SER AA 40 -38.70 80.79 -17.41
CA SER AA 40 -39.07 81.65 -16.31
C SER AA 40 -40.53 81.49 -15.92
N THR AA 41 -41.19 80.42 -16.40
CA THR AA 41 -42.58 80.17 -16.09
C THR AA 41 -42.69 78.82 -15.39
N SER AA 42 -43.26 78.80 -14.19
CA SER AA 42 -43.46 77.57 -13.44
C SER AA 42 -44.94 77.20 -13.46
N THR AA 43 -45.23 75.95 -13.82
CA THR AA 43 -46.59 75.46 -13.91
C THR AA 43 -46.85 74.40 -12.87
N ARG AA 44 -48.08 74.38 -12.38
CA ARG AA 44 -48.50 73.57 -11.25
C ARG AA 44 -49.08 72.26 -11.74
N ILE AA 45 -48.67 71.14 -11.12
CA ILE AA 45 -49.04 69.81 -11.55
C ILE AA 45 -49.68 69.06 -10.39
N ILE AA 46 -50.96 68.75 -10.54
CA ILE AA 46 -51.77 68.19 -9.46
C ILE AA 46 -51.85 66.68 -9.63
N LYS AA 47 -51.52 65.96 -8.55
CA LYS AA 47 -51.57 64.51 -8.50
C LYS AA 47 -52.48 64.07 -7.37
N VAL AA 48 -53.46 63.22 -7.69
CA VAL AA 48 -54.41 62.69 -6.74
C VAL AA 48 -54.22 61.18 -6.65
N HIS AA 49 -54.32 60.63 -5.43
CA HIS AA 49 -54.19 59.20 -5.20
C HIS AA 49 -55.24 58.75 -4.18
N ILE AA 50 -56.16 57.91 -4.63
CA ILE AA 50 -57.18 57.29 -3.80
C ILE AA 50 -56.92 55.79 -3.74
N ASN AA 51 -56.94 55.23 -2.55
CA ASN AA 51 -56.75 53.79 -2.39
C ASN AA 51 -57.85 53.23 -1.49
N SER AA 52 -58.42 52.08 -1.86
CA SER AA 52 -59.49 51.48 -1.08
C SER AA 52 -59.18 49.99 -0.94
N THR AA 53 -58.79 49.56 0.26
CA THR AA 53 -58.42 48.16 0.45
C THR AA 53 -59.16 47.55 1.63
N ALA AA 54 -59.06 46.22 1.68
CA ALA AA 54 -59.59 45.42 2.77
C ALA AA 54 -58.83 44.12 2.80
N PRO AA 55 -58.67 43.50 3.96
CA PRO AA 55 -57.93 42.24 4.02
C PRO AA 55 -58.85 41.08 3.65
N VAL AA 56 -58.35 40.17 2.81
CA VAL AA 56 -59.03 38.93 2.47
C VAL AA 56 -58.16 37.78 2.96
N THR AA 57 -58.80 36.75 3.53
CA THR AA 57 -58.10 35.60 4.07
C THR AA 57 -58.15 34.44 3.09
N ILE AA 58 -56.99 33.91 2.74
CA ILE AA 58 -56.88 32.78 1.83
C ILE AA 58 -56.99 31.50 2.65
N ASN AA 59 -58.13 30.81 2.54
CA ASN AA 59 -58.32 29.59 3.31
C ASN AA 59 -57.57 28.44 2.64
N THR AA 60 -56.64 27.84 3.38
CA THR AA 60 -55.87 26.70 2.93
C THR AA 60 -56.05 25.60 3.97
N CYS AA 61 -56.35 24.39 3.52
CA CYS AA 61 -56.58 23.30 4.46
C CYS AA 61 -55.27 22.94 5.15
N ASP AA 62 -55.37 22.70 6.46
CA ASP AA 62 -54.21 22.57 7.34
C ASP AA 62 -54.69 21.88 8.60
N PRO AA 63 -53.83 21.08 9.27
CA PRO AA 63 -54.22 20.54 10.59
C PRO AA 63 -54.66 21.63 11.54
N THR AA 64 -53.96 22.77 11.52
CA THR AA 64 -54.37 23.95 12.25
C THR AA 64 -54.96 24.95 11.26
N LYS AA 65 -56.27 25.19 11.36
CA LYS AA 65 -57.01 25.91 10.32
C LYS AA 65 -56.89 27.43 10.51
N CYS AA 66 -55.68 27.94 10.26
CA CYS AA 66 -55.43 29.37 10.14
C CYS AA 66 -54.60 29.62 8.90
N GLY AA 67 -55.13 30.41 7.96
CA GLY AA 67 -54.44 30.75 6.75
C GLY AA 67 -54.02 32.21 6.74
N PRO AA 68 -53.20 32.59 5.76
CA PRO AA 68 -52.64 33.94 5.75
C PRO AA 68 -53.68 34.96 5.27
N THR AA 69 -53.33 36.23 5.46
CA THR AA 69 -54.19 37.33 5.07
C THR AA 69 -53.43 38.24 4.11
N VAL AA 70 -54.08 38.59 3.00
CA VAL AA 70 -53.45 39.39 1.96
C VAL AA 70 -54.47 40.46 1.55
N PRO AA 71 -54.06 41.69 1.24
CA PRO AA 71 -55.04 42.75 0.97
C PRO AA 71 -55.55 42.71 -0.45
N MET AA 72 -56.84 43.00 -0.59
CA MET AA 72 -57.44 43.31 -1.88
C MET AA 72 -57.70 44.80 -1.96
N GLY AA 73 -57.34 45.39 -3.08
CA GLY AA 73 -57.28 46.83 -3.18
C GLY AA 73 -57.71 47.34 -4.53
N VAL AA 74 -58.29 48.53 -4.54
CA VAL AA 74 -58.64 49.23 -5.76
C VAL AA 74 -58.05 50.62 -5.64
N SER AA 75 -57.22 51.00 -6.61
CA SER AA 75 -56.45 52.23 -6.56
C SER AA 75 -56.78 53.11 -7.75
N PHE AA 76 -56.83 54.41 -7.51
CA PHE AA 76 -57.06 55.42 -8.52
C PHE AA 76 -55.95 56.46 -8.41
N LYS AA 77 -55.30 56.77 -9.51
CA LYS AA 77 -54.27 57.79 -9.54
C LYS AA 77 -54.54 58.75 -10.69
N SER AA 78 -54.11 60.00 -10.51
CA SER AA 78 -54.41 61.08 -11.44
C SER AA 78 -53.25 62.06 -11.41
N SER AA 79 -52.86 62.59 -12.58
CA SER AA 79 -51.79 63.58 -12.64
C SER AA 79 -51.96 64.45 -13.87
N MET AA 80 -52.00 65.76 -13.67
CA MET AA 80 -52.22 66.64 -14.82
C MET AA 80 -51.81 68.06 -14.47
N PRO AA 81 -51.49 68.89 -15.46
CA PRO AA 81 -51.20 70.29 -15.16
C PRO AA 81 -52.45 71.02 -14.75
N GLU AA 82 -52.25 72.05 -13.93
CA GLU AA 82 -53.37 72.82 -13.39
C GLU AA 82 -54.25 73.34 -14.52
N ASP AA 83 -55.55 73.35 -14.26
CA ASP AA 83 -56.58 73.87 -15.18
C ASP AA 83 -56.63 73.09 -16.50
N ALA AA 84 -56.15 71.85 -16.51
CA ALA AA 84 -56.34 70.99 -17.68
C ALA AA 84 -57.71 70.35 -17.63
N ASP AA 85 -58.11 69.68 -18.72
CA ASP AA 85 -59.44 69.07 -18.76
C ASP AA 85 -59.33 67.55 -18.78
N PRO AA 86 -59.63 66.86 -17.68
CA PRO AA 86 -59.57 65.40 -17.67
C PRO AA 86 -60.85 64.71 -18.13
N ALA AA 87 -61.85 65.45 -18.60
CA ALA AA 87 -63.18 64.88 -18.79
C ALA AA 87 -63.12 63.66 -19.70
N GLU AA 88 -62.32 63.73 -20.75
CA GLU AA 88 -62.35 62.65 -21.73
C GLU AA 88 -61.50 61.46 -21.30
N VAL AA 89 -60.32 61.70 -20.71
CA VAL AA 89 -59.54 60.58 -20.19
C VAL AA 89 -60.29 59.86 -19.07
N LEU AA 90 -61.06 60.61 -18.28
CA LEU AA 90 -61.94 59.99 -17.29
C LEU AA 90 -62.98 59.12 -17.96
N LYS AA 91 -63.69 59.65 -18.96
CA LYS AA 91 -64.72 58.85 -19.64
C LYS AA 91 -64.14 57.55 -20.20
N ALA AA 92 -62.98 57.64 -20.85
CA ALA AA 92 -62.35 56.45 -21.45
C ALA AA 92 -61.93 55.46 -20.38
N ALA AA 93 -61.24 55.95 -19.34
CA ALA AA 93 -60.84 55.07 -18.24
C ALA AA 93 -62.04 54.39 -17.62
N LYS AA 94 -63.14 55.12 -17.46
CA LYS AA 94 -64.33 54.54 -16.85
C LYS AA 94 -64.95 53.48 -17.74
N ALA AA 95 -64.93 53.68 -19.07
CA ALA AA 95 -65.44 52.64 -19.97
C ALA AA 95 -64.60 51.37 -19.91
N ALA AA 96 -63.27 51.52 -19.89
CA ALA AA 96 -62.41 50.35 -19.76
C ALA AA 96 -62.64 49.64 -18.43
N LEU AA 97 -62.73 50.41 -17.34
CA LEU AA 97 -63.05 49.84 -16.04
C LEU AA 97 -64.37 49.09 -16.09
N ALA AA 98 -65.36 49.66 -16.79
CA ALA AA 98 -66.64 48.99 -16.91
C ALA AA 98 -66.49 47.63 -17.56
N LEU AA 99 -65.61 47.52 -18.56
CA LEU AA 99 -65.35 46.22 -19.16
C LEU AA 99 -64.68 45.26 -18.16
N PHE AA 100 -63.67 45.72 -17.46
CA PHE AA 100 -62.88 44.80 -16.64
C PHE AA 100 -63.45 44.55 -15.25
N GLU AA 101 -64.42 45.34 -14.80
CA GLU AA 101 -64.82 45.36 -13.38
C GLU AA 101 -65.37 44.01 -12.94
N ALA AA 102 -66.27 43.43 -13.74
CA ALA AA 102 -66.83 42.12 -13.41
C ALA AA 102 -65.74 41.08 -13.22
N ASN AA 103 -64.68 41.16 -14.02
CA ASN AA 103 -63.64 40.15 -14.08
C ASN AA 103 -62.38 40.53 -13.29
N LEU AA 104 -62.53 41.38 -12.26
CA LEU AA 104 -61.36 41.81 -11.48
C LEU AA 104 -60.79 40.69 -10.63
N ASN AA 105 -61.60 39.67 -10.33
CA ASN AA 105 -61.20 38.58 -9.44
C ASN AA 105 -61.13 37.24 -10.17
N SER AA 106 -61.03 37.25 -11.51
CA SER AA 106 -61.33 36.04 -12.26
C SER AA 106 -60.16 35.46 -13.06
N ALA AA 107 -59.09 36.20 -13.31
CA ALA AA 107 -57.91 35.70 -14.03
C ALA AA 107 -58.20 35.37 -15.50
N PHE AA 108 -59.34 35.82 -16.02
CA PHE AA 108 -59.69 35.66 -17.43
C PHE AA 108 -59.49 36.98 -18.16
N ASN AA 109 -59.04 36.89 -19.41
CA ASN AA 109 -58.95 38.08 -20.24
C ASN AA 109 -59.07 37.67 -21.70
N LYS AA 110 -59.94 38.35 -22.43
CA LYS AA 110 -60.19 38.07 -23.83
C LYS AA 110 -59.75 39.26 -24.67
N ASN AA 111 -59.30 38.98 -25.90
CA ASN AA 111 -58.91 40.06 -26.78
C ASN AA 111 -60.10 40.95 -27.09
N VAL AA 112 -59.93 42.26 -26.87
CA VAL AA 112 -60.95 43.25 -27.18
C VAL AA 112 -60.39 44.14 -28.27
N ASP AA 113 -61.07 44.18 -29.42
CA ASP AA 113 -60.57 44.93 -30.54
C ASP AA 113 -60.94 46.39 -30.47
N GLU AA 114 -61.95 46.75 -29.67
CA GLU AA 114 -62.27 48.15 -29.50
C GLU AA 114 -63.10 48.35 -28.24
N ILE AA 115 -62.98 49.53 -27.67
CA ILE AA 115 -63.74 49.94 -26.49
C ILE AA 115 -64.58 51.15 -26.88
N SER AA 116 -65.90 51.03 -26.74
CA SER AA 116 -66.81 52.11 -27.09
C SER AA 116 -66.98 53.03 -25.90
N VAL AA 117 -66.76 54.33 -26.11
CA VAL AA 117 -66.86 55.33 -25.07
C VAL AA 117 -68.15 56.12 -25.27
N ALA AA 118 -68.82 56.44 -24.15
CA ALA AA 118 -70.12 57.11 -24.15
C ALA AA 118 -70.09 58.47 -24.87
N ALA BA 1 -71.29 38.72 37.62
CA ALA BA 1 -71.50 38.77 39.06
C ALA BA 1 -70.54 37.83 39.81
N TYR BA 2 -69.35 38.32 40.14
CA TYR BA 2 -68.33 37.55 40.85
C TYR BA 2 -67.59 38.46 41.83
N LYS BA 3 -66.62 37.88 42.55
CA LYS BA 3 -65.81 38.67 43.46
C LYS BA 3 -64.37 38.21 43.45
N LEU BA 4 -63.46 39.16 43.62
CA LEU BA 4 -62.03 38.92 43.63
C LEU BA 4 -61.56 38.81 45.06
N ILE BA 5 -61.08 37.64 45.43
CA ILE BA 5 -60.59 37.40 46.78
C ILE BA 5 -59.09 37.64 46.81
N LYS BA 6 -58.58 38.11 47.95
CA LYS BA 6 -57.16 38.42 48.06
C LYS BA 6 -56.32 37.15 47.97
N MET BA 7 -55.23 37.23 47.21
CA MET BA 7 -54.30 36.14 47.03
C MET BA 7 -53.17 36.24 48.03
N ALA BA 8 -52.53 35.10 48.27
CA ALA BA 8 -51.28 35.08 49.03
C ALA BA 8 -50.20 35.80 48.23
N GLY BA 9 -49.61 36.83 48.83
CA GLY BA 9 -48.59 37.60 48.16
C GLY BA 9 -47.43 37.89 49.10
N GLY BA 10 -46.29 38.23 48.50
CA GLY BA 10 -45.08 38.46 49.26
C GLY BA 10 -44.88 39.89 49.71
N ASN BA 11 -45.32 40.85 48.90
CA ASN BA 11 -45.13 42.26 49.19
C ASN BA 11 -46.27 42.79 50.07
N SER BA 12 -45.93 43.70 50.99
CA SER BA 12 -46.93 44.29 51.87
C SER BA 12 -47.61 45.52 51.26
N ALA BA 13 -46.91 46.22 50.36
CA ALA BA 13 -47.48 47.40 49.70
C ALA BA 13 -48.47 47.02 48.62
N ILE BA 14 -48.28 45.86 47.99
CA ILE BA 14 -49.09 45.41 46.87
C ILE BA 14 -50.12 44.41 47.39
N GLN BA 15 -51.39 44.67 47.09
CA GLN BA 15 -52.47 43.72 47.36
C GLN BA 15 -52.83 43.04 46.03
N THR BA 16 -52.77 41.72 46.01
CA THR BA 16 -53.08 40.93 44.82
C THR BA 16 -54.35 40.15 45.08
N TYR BA 17 -55.25 40.16 44.10
CA TYR BA 17 -56.54 39.49 44.14
C TYR BA 17 -56.69 38.61 42.92
N ALA BA 18 -57.42 37.51 43.08
CA ALA BA 18 -57.80 36.65 41.97
C ALA BA 18 -59.30 36.47 41.98
N ARG BA 19 -59.85 36.28 40.79
CA ARG BA 19 -61.28 36.03 40.65
C ARG BA 19 -61.63 34.66 41.20
N GLU BA 20 -62.77 34.58 41.88
CA GLU BA 20 -63.17 33.30 42.49
C GLU BA 20 -63.45 32.26 41.42
N ASP BA 21 -64.24 32.62 40.39
CA ASP BA 21 -64.58 31.69 39.32
C ASP BA 21 -63.33 31.26 38.56
N LYS BA 22 -62.64 32.22 37.94
CA LYS BA 22 -61.40 31.97 37.23
C LYS BA 22 -60.25 32.55 38.03
N THR BA 23 -59.45 31.68 38.64
CA THR BA 23 -58.27 32.17 39.33
C THR BA 23 -57.16 32.57 38.38
N THR BA 24 -57.44 32.60 37.07
CA THR BA 24 -56.49 33.09 36.07
C THR BA 24 -56.62 34.58 35.82
N GLN BA 25 -57.79 35.14 36.11
CA GLN BA 25 -58.01 36.57 36.04
C GLN BA 25 -57.61 37.18 37.37
N THR BA 26 -56.71 38.15 37.34
CA THR BA 26 -56.17 38.73 38.55
C THR BA 26 -56.20 40.25 38.48
N LEU BA 27 -55.96 40.85 39.66
CA LEU BA 27 -56.00 42.30 39.86
C LEU BA 27 -55.01 42.65 40.97
N SER BA 28 -54.40 43.83 40.87
CA SER BA 28 -53.36 44.22 41.82
C SER BA 28 -53.43 45.71 42.08
N THR BA 29 -53.41 46.09 43.36
CA THR BA 29 -53.45 47.49 43.75
C THR BA 29 -52.25 47.80 44.63
N GLN BA 30 -51.56 48.90 44.32
CA GLN BA 30 -50.37 49.30 45.05
C GLN BA 30 -50.43 50.80 45.33
N LYS BA 31 -50.02 51.19 46.53
CA LYS BA 31 -49.88 52.60 46.88
C LYS BA 31 -48.45 52.89 47.34
N THR BA 32 -47.87 53.93 46.76
CA THR BA 32 -46.52 54.40 47.03
C THR BA 32 -46.60 55.83 47.53
N ILE BA 33 -45.84 56.14 48.57
CA ILE BA 33 -45.72 57.51 49.05
C ILE BA 33 -44.28 57.98 48.77
N SER BA 34 -44.16 59.18 48.20
CA SER BA 34 -42.89 59.80 47.91
C SER BA 34 -42.85 61.15 48.59
N VAL BA 35 -41.64 61.68 48.76
CA VAL BA 35 -41.44 62.99 49.40
C VAL BA 35 -40.76 63.91 48.42
N LEU BA 36 -41.31 65.11 48.24
CA LEU BA 36 -40.72 66.12 47.39
C LEU BA 36 -40.59 67.39 48.20
N ARG BA 37 -39.36 67.86 48.40
CA ARG BA 37 -39.14 69.03 49.24
C ARG BA 37 -38.53 70.16 48.42
N ASN BA 38 -39.09 71.37 48.62
CA ASN BA 38 -38.53 72.62 48.13
C ASN BA 38 -38.03 73.39 49.33
N GLY BA 39 -36.72 73.62 49.38
CA GLY BA 39 -36.12 74.27 50.53
C GLY BA 39 -36.40 73.50 51.80
N SER BA 40 -37.07 74.16 52.74
CA SER BA 40 -37.47 73.52 53.99
C SER BA 40 -38.79 72.79 53.88
N THR BA 41 -39.69 73.25 53.01
CA THR BA 41 -41.01 72.65 52.93
C THR BA 41 -40.92 71.31 52.20
N SER BA 42 -41.76 70.36 52.63
CA SER BA 42 -41.79 69.04 52.02
C SER BA 42 -43.23 68.57 51.91
N THR BA 43 -43.55 67.92 50.80
CA THR BA 43 -44.91 67.48 50.52
C THR BA 43 -44.93 66.05 50.00
N ARG BA 44 -46.01 65.35 50.34
CA ARG BA 44 -46.15 63.94 49.98
C ARG BA 44 -46.76 63.79 48.59
N ILE BA 45 -46.24 62.84 47.84
CA ILE BA 45 -46.73 62.50 46.52
C ILE BA 45 -47.29 61.08 46.59
N ILE BA 46 -48.59 60.96 46.47
CA ILE BA 46 -49.28 59.68 46.57
C ILE BA 46 -49.51 59.12 45.17
N LYS BA 47 -49.03 57.90 44.95
CA LYS BA 47 -49.10 57.21 43.66
C LYS BA 47 -49.85 55.90 43.86
N VAL BA 48 -50.87 55.70 43.04
CA VAL BA 48 -51.70 54.50 43.06
C VAL BA 48 -51.54 53.78 41.74
N HIS BA 49 -51.54 52.44 41.78
CA HIS BA 49 -51.41 51.63 40.58
C HIS BA 49 -52.35 50.45 40.69
N ILE BA 50 -53.29 50.34 39.76
CA ILE BA 50 -54.26 49.25 39.69
C ILE BA 50 -54.09 48.56 38.34
N ASN BA 51 -53.88 47.25 38.36
CA ASN BA 51 -53.65 46.48 37.14
C ASN BA 51 -54.57 45.27 37.14
N SER BA 52 -55.38 45.13 36.09
CA SER BA 52 -56.30 44.00 35.94
C SER BA 52 -55.87 43.24 34.69
N THR BA 53 -55.51 41.96 34.84
CA THR BA 53 -55.15 41.18 33.65
C THR BA 53 -55.78 39.80 33.68
N ALA BA 54 -55.80 39.20 32.50
CA ALA BA 54 -56.17 37.81 32.31
C ALA BA 54 -55.39 37.28 31.12
N PRO BA 55 -55.07 36.00 31.09
CA PRO BA 55 -54.44 35.45 29.89
C PRO BA 55 -55.49 35.25 28.81
N VAL BA 56 -55.05 35.38 27.56
CA VAL BA 56 -55.91 35.13 26.42
C VAL BA 56 -55.11 34.33 25.38
N THR BA 57 -55.76 33.31 24.83
CA THR BA 57 -55.13 32.41 23.87
C THR BA 57 -54.88 33.12 22.55
N ILE BA 58 -53.67 32.97 22.01
CA ILE BA 58 -53.28 33.75 20.83
C ILE BA 58 -54.19 33.44 19.65
N ASN BA 59 -54.39 32.17 19.36
CA ASN BA 59 -54.83 31.73 18.06
C ASN BA 59 -56.35 31.59 18.01
N THR BA 60 -57.01 32.53 17.35
CA THR BA 60 -58.47 32.49 17.27
C THR BA 60 -58.97 31.35 16.39
N CYS BA 61 -58.35 31.16 15.23
CA CYS BA 61 -58.77 30.15 14.26
C CYS BA 61 -58.17 28.76 14.53
N ASP BA 62 -57.45 28.58 15.64
CA ASP BA 62 -56.89 27.27 16.00
C ASP BA 62 -57.93 26.41 16.70
N PRO BA 63 -57.67 25.11 16.87
CA PRO BA 63 -58.63 24.25 17.58
C PRO BA 63 -58.55 24.39 19.10
N THR BA 64 -57.94 25.49 19.56
CA THR BA 64 -57.76 25.79 20.99
C THR BA 64 -56.94 24.70 21.68
N LYS BA 65 -55.89 24.23 21.01
CA LYS BA 65 -55.01 23.18 21.53
C LYS BA 65 -53.92 23.78 22.44
N CYS BA 66 -54.38 24.48 23.49
CA CYS BA 66 -53.49 25.13 24.46
C CYS BA 66 -52.40 25.94 23.77
N GLY BA 67 -52.82 26.80 22.86
CA GLY BA 67 -51.92 27.72 22.21
C GLY BA 67 -51.32 28.65 23.24
N PRO BA 68 -50.07 29.05 23.04
CA PRO BA 68 -49.42 29.93 24.02
C PRO BA 68 -50.25 31.20 24.21
N THR BA 69 -50.34 31.63 25.47
CA THR BA 69 -51.22 32.71 25.86
C THR BA 69 -50.45 34.00 26.05
N VAL BA 70 -51.12 35.11 25.78
CA VAL BA 70 -50.57 36.44 25.99
C VAL BA 70 -51.42 37.13 27.05
N PRO BA 71 -50.81 37.91 27.95
CA PRO BA 71 -51.59 38.66 28.93
C PRO BA 71 -52.33 39.82 28.27
N MET BA 72 -53.63 39.91 28.56
CA MET BA 72 -54.46 41.05 28.19
C MET BA 72 -54.72 41.84 29.46
N GLY BA 73 -54.52 43.16 29.38
CA GLY BA 73 -54.41 43.96 30.58
C GLY BA 73 -55.03 45.33 30.45
N VAL BA 74 -55.53 45.84 31.57
CA VAL BA 74 -56.05 47.19 31.67
C VAL BA 74 -55.50 47.79 32.96
N SER BA 75 -54.81 48.92 32.85
CA SER BA 75 -54.07 49.49 33.96
C SER BA 75 -54.49 50.93 34.21
N PHE BA 76 -54.36 51.34 35.47
CA PHE BA 76 -54.71 52.67 35.94
C PHE BA 76 -53.59 53.15 36.86
N LYS BA 77 -53.16 54.39 36.67
CA LYS BA 77 -52.11 54.95 37.52
C LYS BA 77 -52.49 56.38 37.90
N SER BA 78 -52.11 56.75 39.13
CA SER BA 78 -52.48 58.02 39.72
C SER BA 78 -51.27 58.58 40.45
N SER BA 79 -50.91 59.84 40.19
CA SER BA 79 -49.82 60.48 40.93
C SER BA 79 -50.20 61.92 41.25
N MET BA 80 -50.26 62.25 42.53
CA MET BA 80 -50.72 63.59 42.88
C MET BA 80 -50.17 64.01 44.23
N PRO BA 81 -50.01 65.31 44.46
CA PRO BA 81 -49.67 65.77 45.81
C PRO BA 81 -50.79 65.43 46.77
N GLU BA 82 -50.42 65.11 48.01
CA GLU BA 82 -51.40 64.76 49.05
C GLU BA 82 -52.46 65.86 49.17
N ASP BA 83 -53.71 65.43 49.32
CA ASP BA 83 -54.87 66.30 49.50
C ASP BA 83 -55.20 67.14 48.26
N ALA BA 84 -54.65 66.80 47.09
CA ALA BA 84 -55.06 67.46 45.87
C ALA BA 84 -56.41 66.90 45.40
N ASP BA 85 -57.01 67.54 44.40
CA ASP BA 85 -58.33 67.11 43.97
C ASP BA 85 -58.29 66.49 42.57
N PRO BA 86 -58.28 65.17 42.46
CA PRO BA 86 -58.27 64.54 41.14
C PRO BA 86 -59.61 64.56 40.42
N ALA BA 87 -60.63 65.16 41.03
CA ALA BA 87 -61.99 65.03 40.52
C ALA BA 87 -62.07 65.36 39.03
N GLU BA 88 -61.43 66.47 38.63
CA GLU BA 88 -61.58 66.93 37.25
C GLU BA 88 -60.73 66.11 36.28
N VAL BA 89 -59.48 65.78 36.65
CA VAL BA 89 -58.67 64.94 35.76
C VAL BA 89 -59.27 63.55 35.62
N LEU BA 90 -59.95 63.08 36.67
CA LEU BA 90 -60.65 61.80 36.58
C LEU BA 90 -61.85 61.89 35.65
N LYS BA 91 -62.68 62.93 35.78
CA LYS BA 91 -63.80 63.12 34.86
C LYS BA 91 -63.31 63.13 33.42
N ALA BA 92 -62.25 63.91 33.14
CA ALA BA 92 -61.71 63.99 31.79
C ALA BA 92 -61.19 62.64 31.32
N ALA BA 93 -60.41 61.96 32.16
CA ALA BA 93 -59.86 60.67 31.78
C ALA BA 93 -60.97 59.67 31.45
N LYS BA 94 -62.02 59.65 32.28
CA LYS BA 94 -63.12 58.72 32.05
C LYS BA 94 -63.85 59.04 30.76
N ALA BA 95 -64.06 60.34 30.49
CA ALA BA 95 -64.70 60.75 29.24
C ALA BA 95 -63.88 60.30 28.03
N ALA BA 96 -62.55 60.47 28.11
CA ALA BA 96 -61.70 60.01 27.02
C ALA BA 96 -61.78 58.50 26.85
N LEU BA 97 -61.71 57.77 27.97
CA LEU BA 97 -61.74 56.32 27.92
C LEU BA 97 -63.02 55.83 27.23
N ALA BA 98 -64.16 56.44 27.56
CA ALA BA 98 -65.43 56.04 26.96
C ALA BA 98 -65.35 56.01 25.43
N LEU BA 99 -64.53 56.88 24.82
CA LEU BA 99 -64.40 56.86 23.36
C LEU BA 99 -63.57 55.67 22.89
N PHE BA 100 -62.66 55.18 23.71
CA PHE BA 100 -61.77 54.10 23.29
C PHE BA 100 -62.25 52.71 23.66
N GLU BA 101 -63.01 52.56 24.74
CA GLU BA 101 -63.17 51.21 25.28
C GLU BA 101 -63.99 50.32 24.38
N ALA BA 102 -64.81 50.88 23.49
CA ALA BA 102 -65.42 50.06 22.45
C ALA BA 102 -64.36 49.50 21.51
N ASN BA 103 -63.40 50.33 21.13
CA ASN BA 103 -62.39 50.01 20.13
C ASN BA 103 -61.03 49.75 20.78
N LEU BA 104 -61.04 49.09 21.95
CA LEU BA 104 -59.82 48.83 22.69
C LEU BA 104 -59.00 47.69 22.09
N ASN BA 105 -59.56 46.97 21.12
CA ASN BA 105 -58.89 45.85 20.49
C ASN BA 105 -58.84 45.97 18.96
N SER BA 106 -59.28 47.09 18.39
CA SER BA 106 -59.59 47.09 16.97
C SER BA 106 -58.64 47.93 16.14
N ALA BA 107 -57.51 48.38 16.71
CA ALA BA 107 -56.44 49.02 15.94
C ALA BA 107 -56.92 50.28 15.19
N PHE BA 108 -58.09 50.80 15.50
CA PHE BA 108 -58.67 51.92 14.78
C PHE BA 108 -58.78 53.11 15.74
N ASN BA 109 -58.00 54.14 15.49
CA ASN BA 109 -57.98 55.35 16.32
C ASN BA 109 -58.72 56.45 15.56
N LYS BA 110 -59.96 56.74 15.95
CA LYS BA 110 -60.70 57.77 15.25
C LYS BA 110 -60.10 59.14 15.51
N ASN BA 111 -60.09 59.98 14.48
CA ASN BA 111 -59.67 61.36 14.64
C ASN BA 111 -60.78 62.11 15.36
N VAL BA 112 -60.52 62.41 16.63
CA VAL BA 112 -61.41 63.20 17.47
C VAL BA 112 -60.75 64.55 17.69
N ASP BA 113 -61.45 65.62 17.31
CA ASP BA 113 -60.95 66.98 17.46
C ASP BA 113 -61.43 67.65 18.74
N GLU BA 114 -62.44 67.11 19.41
CA GLU BA 114 -62.82 67.63 20.72
C GLU BA 114 -63.58 66.55 21.49
N ILE BA 115 -63.33 66.51 22.79
CA ILE BA 115 -63.93 65.53 23.70
C ILE BA 115 -64.78 66.32 24.70
N SER BA 116 -66.08 66.00 24.75
CA SER BA 116 -66.99 66.68 25.66
C SER BA 116 -66.99 65.97 27.01
N VAL BA 117 -66.77 66.73 28.08
CA VAL BA 117 -66.75 66.21 29.44
C VAL BA 117 -68.06 66.60 30.13
N ALA BA 118 -68.70 65.64 30.78
CA ALA BA 118 -70.00 65.84 31.39
C ALA BA 118 -69.94 66.84 32.55
N ALA CA 1 -58.65 63.32 70.96
CA ALA CA 1 -59.74 63.68 70.07
C ALA CA 1 -59.39 63.38 68.61
N TYR CA 2 -58.27 62.69 68.39
CA TYR CA 2 -57.87 62.24 67.05
C TYR CA 2 -57.23 60.86 67.17
N LYS CA 3 -56.89 60.28 66.01
CA LYS CA 3 -56.21 58.99 66.00
C LYS CA 3 -55.07 58.98 65.01
N LEU CA 4 -54.00 58.28 65.36
CA LEU CA 4 -52.82 58.12 64.52
C LEU CA 4 -52.99 56.85 63.72
N ILE CA 5 -53.17 56.97 62.42
CA ILE CA 5 -53.39 55.82 61.55
C ILE CA 5 -52.05 55.37 60.99
N LYS CA 6 -51.84 54.05 60.92
CA LYS CA 6 -50.60 53.50 60.39
C LYS CA 6 -50.46 53.88 58.92
N MET CA 7 -49.32 54.48 58.58
CA MET CA 7 -49.17 54.98 57.22
C MET CA 7 -48.86 53.84 56.27
N ALA CA 8 -49.17 54.08 55.00
CA ALA CA 8 -48.94 53.11 53.92
C ALA CA 8 -47.44 53.04 53.69
N GLY CA 9 -46.74 52.40 54.62
CA GLY CA 9 -45.31 52.22 54.51
C GLY CA 9 -44.95 50.76 54.77
N GLY CA 10 -43.78 50.37 54.28
CA GLY CA 10 -43.34 49.00 54.48
C GLY CA 10 -42.96 48.72 55.91
N ASN CA 11 -43.73 47.86 56.59
CA ASN CA 11 -43.42 47.50 57.97
C ASN CA 11 -42.04 46.86 58.04
N SER CA 12 -41.17 47.44 58.86
CA SER CA 12 -39.80 46.96 59.03
C SER CA 12 -39.55 46.48 60.45
N ALA CA 13 -40.58 45.91 61.09
CA ALA CA 13 -40.70 45.81 62.55
C ALA CA 13 -40.57 47.18 63.22
N ILE CA 14 -40.79 48.23 62.40
CA ILE CA 14 -40.90 49.62 62.83
C ILE CA 14 -42.24 50.12 62.28
N GLN CA 15 -43.12 50.57 63.17
CA GLN CA 15 -44.46 50.99 62.76
C GLN CA 15 -44.55 52.51 62.81
N THR CA 16 -44.87 53.11 61.67
CA THR CA 16 -44.95 54.56 61.52
C THR CA 16 -46.40 54.96 61.25
N TYR CA 17 -46.90 55.90 62.04
CA TYR CA 17 -48.26 56.39 61.96
C TYR CA 17 -48.23 57.89 61.68
N ALA CA 18 -49.29 58.36 61.02
CA ALA CA 18 -49.52 59.79 60.86
C ALA CA 18 -50.89 60.13 61.42
N ARG CA 19 -51.01 61.36 61.92
CA ARG CA 19 -52.26 61.82 62.49
C ARG CA 19 -53.30 62.02 61.39
N GLU CA 20 -54.55 61.61 61.68
CA GLU CA 20 -55.54 61.51 60.62
C GLU CA 20 -55.84 62.86 60.00
N ASP CA 21 -56.06 63.88 60.83
CA ASP CA 21 -56.44 65.20 60.32
C ASP CA 21 -55.22 66.03 59.94
N LYS CA 22 -54.20 66.08 60.79
CA LYS CA 22 -52.94 66.73 60.46
C LYS CA 22 -51.91 65.65 60.14
N THR CA 23 -51.80 65.29 58.86
CA THR CA 23 -50.86 64.25 58.47
C THR CA 23 -49.41 64.69 58.54
N THR CA 24 -49.15 65.94 58.93
CA THR CA 24 -47.77 66.40 59.14
C THR CA 24 -47.21 65.89 60.46
N GLN CA 25 -48.09 65.62 61.42
CA GLN CA 25 -47.68 65.08 62.71
C GLN CA 25 -47.58 63.57 62.61
N THR CA 26 -46.41 63.03 62.94
CA THR CA 26 -46.15 61.61 62.80
C THR CA 26 -45.62 61.04 64.12
N LEU CA 27 -45.57 59.71 64.17
CA LEU CA 27 -45.14 58.97 65.35
C LEU CA 27 -44.66 57.58 64.93
N SER CA 28 -43.54 57.13 65.50
CA SER CA 28 -42.92 55.87 65.12
C SER CA 28 -42.61 55.03 66.37
N THR CA 29 -42.92 53.74 66.31
CA THR CA 29 -42.63 52.84 67.42
C THR CA 29 -41.89 51.62 66.89
N GLN CA 30 -40.72 51.33 67.47
CA GLN CA 30 -39.98 50.12 67.16
C GLN CA 30 -39.53 49.42 68.43
N LYS CA 31 -39.48 48.09 68.37
CA LYS CA 31 -38.90 47.27 69.42
C LYS CA 31 -37.85 46.37 68.81
N THR CA 32 -36.69 46.30 69.46
CA THR CA 32 -35.58 45.48 68.99
C THR CA 32 -35.09 44.63 70.16
N ILE CA 33 -34.42 43.53 69.83
CA ILE CA 33 -33.90 42.60 70.83
C ILE CA 33 -32.41 42.41 70.59
N SER CA 34 -31.63 42.60 71.65
CA SER CA 34 -30.19 42.38 71.65
C SER CA 34 -29.86 41.20 72.55
N VAL CA 35 -28.66 40.65 72.40
CA VAL CA 35 -28.17 39.58 73.25
C VAL CA 35 -26.87 40.04 73.89
N LEU CA 36 -26.85 40.10 75.22
CA LEU CA 36 -25.68 40.52 75.98
C LEU CA 36 -25.10 39.28 76.66
N ARG CA 37 -23.87 38.94 76.32
CA ARG CA 37 -23.20 37.75 76.84
C ARG CA 37 -22.04 38.18 77.73
N ASN CA 38 -22.10 37.78 79.00
CA ASN CA 38 -21.00 37.96 79.94
C ASN CA 38 -20.55 36.57 80.39
N GLY CA 39 -19.42 36.11 79.85
CA GLY CA 39 -18.96 34.77 80.16
C GLY CA 39 -19.91 33.71 79.64
N SER CA 40 -20.29 32.78 80.52
CA SER CA 40 -21.22 31.71 80.15
C SER CA 40 -22.62 32.25 79.90
N THR CA 41 -23.04 33.22 80.70
CA THR CA 41 -24.42 33.71 80.67
C THR CA 41 -24.67 34.63 79.49
N SER CA 42 -25.83 34.45 78.86
CA SER CA 42 -26.35 35.36 77.84
C SER CA 42 -27.78 35.74 78.19
N THR CA 43 -28.10 37.02 78.04
CA THR CA 43 -29.43 37.52 78.37
C THR CA 43 -29.94 38.43 77.25
N ARG CA 44 -31.25 38.45 77.08
CA ARG CA 44 -31.90 39.25 76.05
C ARG CA 44 -32.24 40.64 76.57
N ILE CA 45 -31.96 41.65 75.77
CA ILE CA 45 -32.19 43.05 76.11
C ILE CA 45 -33.26 43.61 75.18
N ILE CA 46 -34.37 44.05 75.77
CA ILE CA 46 -35.49 44.63 75.03
C ILE CA 46 -35.28 46.14 74.96
N LYS CA 47 -35.36 46.69 73.73
CA LYS CA 47 -35.16 48.12 73.50
C LYS CA 47 -36.33 48.68 72.71
N VAL CA 48 -37.09 49.58 73.33
CA VAL CA 48 -38.22 50.26 72.74
C VAL CA 48 -37.81 51.68 72.38
N HIS CA 49 -38.27 52.16 71.24
CA HIS CA 49 -38.04 53.54 70.82
C HIS CA 49 -39.31 54.10 70.19
N ILE CA 50 -39.85 55.14 70.83
CA ILE CA 50 -41.05 55.86 70.37
C ILE CA 50 -40.64 57.29 70.03
N ASN CA 51 -41.11 57.80 68.90
CA ASN CA 51 -40.80 59.15 68.48
C ASN CA 51 -42.07 59.83 68.00
N SER CA 52 -42.26 61.08 68.39
CA SER CA 52 -43.47 61.82 68.03
C SER CA 52 -43.05 63.21 67.59
N THR CA 53 -43.15 63.50 66.29
CA THR CA 53 -42.69 64.79 65.77
C THR CA 53 -43.76 65.47 64.95
N ALA CA 54 -43.60 66.78 64.81
CA ALA CA 54 -44.37 67.61 63.92
C ALA CA 54 -43.47 68.70 63.40
N PRO CA 55 -43.72 69.24 62.21
CA PRO CA 55 -42.96 70.40 61.76
C PRO CA 55 -43.48 71.66 62.45
N VAL CA 56 -42.56 72.60 62.67
CA VAL CA 56 -42.91 73.90 63.25
C VAL CA 56 -42.38 74.97 62.32
N THR CA 57 -43.27 75.83 61.84
CA THR CA 57 -42.86 77.01 61.09
C THR CA 57 -42.03 77.92 62.00
N ILE CA 58 -40.82 78.25 61.55
CA ILE CA 58 -39.97 79.15 62.33
C ILE CA 58 -40.71 80.46 62.55
N ASN CA 59 -40.66 80.95 63.79
CA ASN CA 59 -41.19 82.27 64.09
C ASN CA 59 -40.59 83.28 63.13
N THR CA 60 -41.44 83.88 62.29
CA THR CA 60 -40.95 84.71 61.20
C THR CA 60 -41.61 86.08 61.26
N CYS CA 61 -41.15 86.93 60.34
CA CYS CA 61 -41.56 88.34 60.31
C CYS CA 61 -42.96 88.52 59.74
N ASP CA 62 -43.35 87.69 58.77
CA ASP CA 62 -44.61 87.88 58.05
C ASP CA 62 -45.81 87.69 58.97
N PRO CA 63 -46.90 88.43 58.73
CA PRO CA 63 -48.15 88.11 59.44
C PRO CA 63 -48.67 86.73 59.08
N THR CA 64 -48.61 86.37 57.81
CA THR CA 64 -48.88 85.00 57.41
C THR CA 64 -47.85 84.07 58.04
N LYS CA 65 -48.29 82.89 58.45
CA LYS CA 65 -47.40 81.93 59.11
C LYS CA 65 -46.59 81.21 58.03
N CYS CA 66 -45.57 81.91 57.53
CA CYS CA 66 -44.71 81.39 56.48
C CYS CA 66 -43.24 81.57 56.84
N GLY CA 67 -42.50 80.48 56.87
CA GLY CA 67 -41.08 80.48 57.08
C GLY CA 67 -40.53 79.08 56.96
N PRO CA 68 -39.20 78.93 57.06
CA PRO CA 68 -38.62 77.58 57.08
C PRO CA 68 -39.19 76.78 58.25
N THR CA 69 -39.32 75.47 58.03
CA THR CA 69 -39.87 74.57 59.05
C THR CA 69 -38.74 73.78 59.69
N VAL CA 70 -38.72 73.77 61.02
CA VAL CA 70 -37.79 72.96 61.80
C VAL CA 70 -38.61 71.89 62.48
N PRO CA 71 -38.13 70.65 62.54
CA PRO CA 71 -38.90 69.60 63.23
C PRO CA 71 -38.82 69.77 64.74
N MET CA 72 -39.97 69.66 65.41
CA MET CA 72 -40.03 69.52 66.85
C MET CA 72 -40.47 68.11 67.18
N GLY CA 73 -39.92 67.57 68.25
CA GLY CA 73 -40.06 66.14 68.49
C GLY CA 73 -39.88 65.80 69.95
N VAL CA 74 -40.63 64.79 70.38
CA VAL CA 74 -40.50 64.23 71.71
C VAL CA 74 -40.25 62.74 71.54
N SER CA 75 -39.21 62.24 72.19
CA SER CA 75 -38.73 60.89 71.97
C SER CA 75 -38.58 60.16 73.30
N PHE CA 76 -39.03 58.92 73.34
CA PHE CA 76 -38.92 58.06 74.52
C PHE CA 76 -38.18 56.79 74.14
N LYS CA 77 -37.14 56.47 74.90
CA LYS CA 77 -36.34 55.27 74.64
C LYS CA 77 -36.23 54.46 75.92
N SER CA 78 -36.16 53.14 75.78
CA SER CA 78 -36.23 52.22 76.92
C SER CA 78 -35.40 50.98 76.63
N SER CA 79 -34.42 50.69 77.47
CA SER CA 79 -33.58 49.51 77.28
C SER CA 79 -33.40 48.77 78.60
N MET CA 80 -33.78 47.50 78.62
CA MET CA 80 -33.64 46.74 79.86
C MET CA 80 -33.54 45.26 79.52
N PRO CA 81 -32.90 44.46 80.36
CA PRO CA 81 -32.86 43.02 80.10
C PRO CA 81 -34.23 42.39 80.34
N GLU CA 82 -34.51 41.33 79.60
CA GLU CA 82 -35.84 40.72 79.57
C GLU CA 82 -36.31 40.38 80.98
N ASP CA 83 -37.61 40.58 81.22
CA ASP CA 83 -38.32 40.27 82.46
C ASP CA 83 -37.88 41.12 83.65
N ALA CA 84 -37.11 42.18 83.43
CA ALA CA 84 -36.79 43.11 84.51
C ALA CA 84 -38.03 43.94 84.86
N ASP CA 85 -37.96 44.67 85.98
CA ASP CA 85 -39.09 45.50 86.40
C ASP CA 85 -38.75 46.98 86.34
N PRO CA 86 -39.12 47.70 85.28
CA PRO CA 86 -38.78 49.12 85.18
C PRO CA 86 -39.76 50.05 85.90
N ALA CA 87 -40.59 49.51 86.80
CA ALA CA 87 -41.67 50.29 87.40
C ALA CA 87 -41.15 51.56 88.06
N GLU CA 88 -40.10 51.44 88.86
CA GLU CA 88 -39.62 52.60 89.60
C GLU CA 88 -38.84 53.54 88.69
N VAL CA 89 -38.11 52.99 87.72
CA VAL CA 89 -37.41 53.82 86.75
C VAL CA 89 -38.41 54.68 85.97
N LEU CA 90 -39.48 54.05 85.47
CA LEU CA 90 -40.55 54.78 84.81
C LEU CA 90 -41.15 55.84 85.72
N LYS CA 91 -41.42 55.49 86.98
CA LYS CA 91 -42.05 56.45 87.89
C LYS CA 91 -41.18 57.70 88.05
N ALA CA 92 -39.87 57.50 88.28
CA ALA CA 92 -38.96 58.64 88.43
C ALA CA 92 -38.85 59.44 87.14
N ALA CA 93 -38.72 58.77 86.00
CA ALA CA 93 -38.66 59.46 84.73
C ALA CA 93 -39.89 60.33 84.52
N LYS CA 94 -41.08 59.78 84.85
CA LYS CA 94 -42.31 60.53 84.67
C LYS CA 94 -42.37 61.74 85.60
N ALA CA 95 -41.89 61.60 86.83
CA ALA CA 95 -41.85 62.75 87.74
C ALA CA 95 -40.96 63.86 87.21
N ALA CA 96 -39.76 63.48 86.72
CA ALA CA 96 -38.86 64.47 86.14
C ALA CA 96 -39.48 65.16 84.94
N LEU CA 97 -40.09 64.38 84.04
CA LEU CA 97 -40.75 64.96 82.88
C LEU CA 97 -41.86 65.91 83.31
N ALA CA 98 -42.59 65.56 84.36
CA ALA CA 98 -43.62 66.46 84.87
C ALA CA 98 -43.02 67.79 85.30
N LEU CA 99 -41.83 67.74 85.91
CA LEU CA 99 -41.18 68.99 86.29
C LEU CA 99 -40.75 69.81 85.07
N PHE CA 100 -40.22 69.17 84.04
CA PHE CA 100 -39.60 69.89 82.93
C PHE CA 100 -40.54 70.14 81.74
N GLU CA 101 -41.77 69.64 81.79
CA GLU CA 101 -42.65 69.63 80.62
C GLU CA 101 -43.03 71.04 80.18
N ALA CA 102 -43.35 71.91 81.13
CA ALA CA 102 -43.65 73.30 80.78
C ALA CA 102 -42.42 74.02 80.23
N ASN CA 103 -41.23 73.58 80.63
CA ASN CA 103 -39.96 74.22 80.26
C ASN CA 103 -39.28 73.53 79.09
N LEU CA 104 -39.97 72.61 78.41
CA LEU CA 104 -39.38 71.98 77.23
C LEU CA 104 -38.98 72.98 76.15
N ASN CA 105 -39.58 74.18 76.14
CA ASN CA 105 -39.31 75.19 75.12
C ASN CA 105 -38.80 76.50 75.72
N SER CA 106 -38.23 76.46 76.93
CA SER CA 106 -38.08 77.69 77.71
C SER CA 106 -36.77 78.43 77.50
N ALA CA 107 -35.69 77.72 77.13
CA ALA CA 107 -34.34 78.28 77.04
C ALA CA 107 -33.78 78.73 78.39
N PHE CA 108 -34.51 78.46 79.48
CA PHE CA 108 -34.05 78.68 80.84
C PHE CA 108 -34.12 77.36 81.59
N ASN CA 109 -33.08 77.05 82.34
CA ASN CA 109 -33.04 75.80 83.09
C ASN CA 109 -33.42 76.08 84.55
N LYS CA 110 -34.45 75.40 85.03
CA LYS CA 110 -34.86 75.52 86.43
C LYS CA 110 -33.95 74.65 87.28
N ASN CA 111 -33.29 75.26 88.26
CA ASN CA 111 -32.36 74.53 89.12
C ASN CA 111 -33.15 74.01 90.31
N VAL CA 112 -33.55 72.73 90.25
CA VAL CA 112 -34.25 72.07 91.34
C VAL CA 112 -33.29 71.10 92.03
N ASP CA 113 -33.38 71.05 93.37
CA ASP CA 113 -32.46 70.27 94.18
C ASP CA 113 -33.03 68.91 94.60
N GLU CA 114 -34.33 68.69 94.44
CA GLU CA 114 -34.89 67.36 94.69
C GLU CA 114 -36.16 67.17 93.88
N ILE CA 115 -36.46 65.91 93.59
CA ILE CA 115 -37.55 65.51 92.72
C ILE CA 115 -38.36 64.45 93.46
N SER CA 116 -39.59 64.79 93.86
CA SER CA 116 -40.43 63.89 94.65
C SER CA 116 -41.19 62.92 93.75
N VAL CA 117 -41.25 61.65 94.17
CA VAL CA 117 -41.75 60.56 93.36
C VAL CA 117 -42.81 59.78 94.15
N ALA CA 118 -43.78 59.22 93.43
CA ALA CA 118 -44.81 58.33 93.99
C ALA CA 118 -45.56 58.96 95.16
N ALA DA 1 -58.75 28.78 77.71
CA ALA DA 1 -59.07 29.55 76.52
C ALA DA 1 -58.24 30.82 76.46
N TYR DA 2 -57.62 31.07 75.30
CA TYR DA 2 -56.79 32.25 75.12
C TYR DA 2 -56.84 32.69 73.66
N LYS DA 3 -56.23 33.85 73.39
CA LYS DA 3 -56.18 34.43 72.05
C LYS DA 3 -54.74 34.61 71.61
N LEU DA 4 -54.46 34.22 70.37
CA LEU DA 4 -53.16 34.47 69.75
C LEU DA 4 -53.22 35.84 69.07
N ILE DA 5 -52.62 36.84 69.71
CA ILE DA 5 -52.58 38.21 69.22
C ILE DA 5 -51.54 38.34 68.14
N LYS DA 6 -51.84 39.12 67.10
CA LYS DA 6 -50.93 39.24 65.97
C LYS DA 6 -49.75 40.14 66.33
N MET DA 7 -48.55 39.58 66.22
CA MET DA 7 -47.32 40.34 66.41
C MET DA 7 -47.05 41.20 65.18
N ALA DA 8 -46.21 42.22 65.36
CA ALA DA 8 -45.88 43.17 64.31
C ALA DA 8 -44.67 42.66 63.54
N GLY DA 9 -44.90 42.18 62.32
CA GLY DA 9 -43.87 41.58 61.52
C GLY DA 9 -43.59 42.42 60.29
N GLY DA 10 -42.31 42.45 59.89
CA GLY DA 10 -41.95 43.18 58.68
C GLY DA 10 -42.38 42.48 57.41
N ASN DA 11 -42.31 41.14 57.40
CA ASN DA 11 -42.69 40.37 56.23
C ASN DA 11 -44.20 40.15 56.21
N SER DA 12 -44.82 40.44 55.06
CA SER DA 12 -46.26 40.29 54.94
C SER DA 12 -46.69 38.88 54.54
N ALA DA 13 -45.77 38.08 53.99
CA ALA DA 13 -46.14 36.70 53.63
C ALA DA 13 -46.38 35.85 54.86
N ILE DA 14 -45.69 36.14 55.96
CA ILE DA 14 -45.78 35.39 57.20
C ILE DA 14 -46.53 36.23 58.23
N GLN DA 15 -47.56 35.65 58.84
CA GLN DA 15 -48.26 36.26 59.95
C GLN DA 15 -47.84 35.56 61.24
N THR DA 16 -47.35 36.33 62.20
CA THR DA 16 -46.88 35.79 63.47
C THR DA 16 -47.80 36.25 64.59
N TYR DA 17 -48.04 35.36 65.54
CA TYR DA 17 -48.93 35.61 66.67
C TYR DA 17 -48.26 35.10 67.93
N ALA DA 18 -48.61 35.74 69.04
CA ALA DA 18 -48.16 35.35 70.36
C ALA DA 18 -49.37 35.20 71.26
N ARG DA 19 -49.32 34.22 72.17
CA ARG DA 19 -50.43 34.02 73.10
C ARG DA 19 -50.52 35.19 74.06
N GLU DA 20 -51.75 35.59 74.40
CA GLU DA 20 -51.94 36.75 75.26
C GLU DA 20 -51.37 36.51 76.64
N ASP DA 21 -51.65 35.33 77.23
CA ASP DA 21 -51.11 35.00 78.54
C ASP DA 21 -49.59 34.91 78.51
N LYS DA 22 -49.06 34.01 77.69
CA LYS DA 22 -47.63 33.81 77.53
C LYS DA 22 -47.22 34.33 76.18
N THR DA 23 -46.58 35.50 76.14
CA THR DA 23 -46.05 35.98 74.87
C THR DA 23 -44.83 35.17 74.41
N THR DA 24 -44.39 34.18 75.20
CA THR DA 24 -43.30 33.31 74.78
C THR DA 24 -43.80 32.23 73.83
N GLN DA 25 -45.06 31.82 73.97
CA GLN DA 25 -45.64 30.84 73.08
C GLN DA 25 -46.12 31.53 71.81
N THR DA 26 -45.60 31.10 70.67
CA THR DA 26 -45.88 31.79 69.42
C THR DA 26 -46.39 30.80 68.37
N LEU DA 27 -46.87 31.38 67.27
CA LEU DA 27 -47.46 30.65 66.16
C LEU DA 27 -47.32 31.46 64.89
N SER DA 28 -46.93 30.82 63.80
CA SER DA 28 -46.74 31.49 62.52
C SER DA 28 -47.53 30.78 61.44
N THR DA 29 -48.18 31.55 60.57
CA THR DA 29 -48.88 31.02 59.42
C THR DA 29 -48.32 31.67 58.15
N GLN DA 30 -48.06 30.85 57.14
CA GLN DA 30 -47.51 31.36 55.88
C GLN DA 30 -48.08 30.57 54.71
N LYS DA 31 -48.60 31.26 53.71
CA LYS DA 31 -48.98 30.63 52.46
C LYS DA 31 -48.17 31.23 51.32
N THR DA 32 -47.64 30.36 50.48
CA THR DA 32 -46.83 30.74 49.33
C THR DA 32 -47.35 30.02 48.09
N ILE DA 33 -47.10 30.62 46.93
CA ILE DA 33 -47.58 30.12 45.66
C ILE DA 33 -46.40 29.91 44.73
N SER DA 34 -46.39 28.77 44.03
CA SER DA 34 -45.36 28.45 43.05
C SER DA 34 -46.01 28.17 41.71
N VAL DA 35 -45.26 28.43 40.64
CA VAL DA 35 -45.74 28.22 39.27
C VAL DA 35 -45.01 27.02 38.69
N LEU DA 36 -45.77 26.06 38.17
CA LEU DA 36 -45.23 24.86 37.58
C LEU DA 36 -45.60 24.90 36.11
N ARG DA 37 -44.62 25.20 35.25
CA ARG DA 37 -44.88 25.37 33.83
C ARG DA 37 -44.65 24.04 33.11
N ASN DA 38 -45.73 23.47 32.59
CA ASN DA 38 -45.69 22.29 31.74
C ASN DA 38 -46.10 22.74 30.34
N GLY DA 39 -45.14 22.75 29.43
CA GLY DA 39 -45.41 23.24 28.08
C GLY DA 39 -45.85 24.68 28.10
N SER DA 40 -47.02 24.95 27.51
CA SER DA 40 -47.59 26.28 27.46
C SER DA 40 -48.66 26.47 28.52
N THR DA 41 -48.75 25.57 29.50
CA THR DA 41 -49.74 25.66 30.57
C THR DA 41 -49.01 25.73 31.89
N SER DA 42 -49.27 26.79 32.67
CA SER DA 42 -48.67 26.94 33.99
C SER DA 42 -49.73 26.69 35.05
N THR DA 43 -49.39 25.83 36.02
CA THR DA 43 -50.30 25.46 37.09
C THR DA 43 -49.78 25.97 38.43
N ARG DA 44 -50.73 26.32 39.29
CA ARG DA 44 -50.46 27.00 40.55
C ARG DA 44 -50.35 25.98 41.67
N ILE DA 45 -49.33 26.12 42.51
CA ILE DA 45 -49.02 25.15 43.56
C ILE DA 45 -48.97 25.88 44.90
N ILE DA 46 -49.90 25.53 45.78
CA ILE DA 46 -50.12 26.23 47.04
C ILE DA 46 -49.43 25.46 48.16
N LYS DA 47 -48.59 26.17 48.92
CA LYS DA 47 -47.88 25.61 50.06
C LYS DA 47 -48.23 26.41 51.31
N VAL DA 48 -48.66 25.71 52.36
CA VAL DA 48 -49.02 26.31 53.63
C VAL DA 48 -48.06 25.78 54.70
N HIS DA 49 -47.66 26.67 55.61
CA HIS DA 49 -46.76 26.30 56.72
C HIS DA 49 -47.24 26.98 57.99
N ILE DA 50 -47.65 26.16 58.96
CA ILE DA 50 -48.04 26.62 60.29
C ILE DA 50 -47.05 26.07 61.31
N ASN DA 51 -46.57 26.93 62.19
CA ASN DA 51 -45.64 26.50 63.23
C ASN DA 51 -46.11 27.01 64.58
N SER DA 52 -46.06 26.18 65.62
CA SER DA 52 -46.51 26.57 66.94
C SER DA 52 -45.46 26.12 67.95
N THR DA 53 -44.71 27.07 68.50
CA THR DA 53 -43.64 26.69 69.43
C THR DA 53 -43.74 27.46 70.73
N ALA DA 54 -42.96 26.98 71.69
CA ALA DA 54 -42.81 27.62 72.99
C ALA DA 54 -41.50 27.16 73.57
N PRO DA 55 -40.84 27.98 74.39
CA PRO DA 55 -39.56 27.57 74.97
C PRO DA 55 -39.79 26.70 76.20
N VAL DA 56 -39.05 25.59 76.29
CA VAL DA 56 -39.03 24.74 77.48
C VAL DA 56 -37.62 24.77 78.06
N THR DA 57 -37.53 24.84 79.38
CA THR DA 57 -36.26 24.91 80.08
C THR DA 57 -35.87 23.53 80.62
N ILE DA 58 -34.68 23.07 80.26
CA ILE DA 58 -34.16 21.79 80.70
C ILE DA 58 -33.45 22.01 82.03
N ASN DA 59 -34.07 21.56 83.13
CA ASN DA 59 -33.47 21.75 84.44
C ASN DA 59 -32.36 20.73 84.64
N THR DA 60 -31.14 21.21 84.86
CA THR DA 60 -29.98 20.38 85.15
C THR DA 60 -29.39 20.88 86.46
N CYS DA 61 -29.09 19.95 87.37
CA CYS DA 61 -28.56 20.35 88.66
C CYS DA 61 -27.16 20.93 88.49
N ASP DA 62 -26.89 22.01 89.22
CA ASP DA 62 -25.70 22.83 89.02
C ASP DA 62 -25.53 23.68 90.27
N PRO DA 63 -24.28 24.01 90.65
CA PRO DA 63 -24.10 24.97 91.76
C PRO DA 63 -24.87 26.25 91.53
N THR DA 64 -24.89 26.74 90.30
CA THR DA 64 -25.71 27.86 89.89
C THR DA 64 -26.89 27.32 89.10
N LYS DA 65 -28.10 27.44 89.66
CA LYS DA 65 -29.26 26.73 89.13
C LYS DA 65 -29.91 27.52 87.99
N CYS DA 66 -29.21 27.58 86.85
CA CYS DA 66 -29.76 28.07 85.60
C CYS DA 66 -29.40 27.10 84.49
N GLY DA 67 -30.42 26.53 83.84
CA GLY DA 67 -30.23 25.61 82.76
C GLY DA 67 -30.63 26.22 81.42
N PRO DA 68 -30.30 25.54 80.33
CA PRO DA 68 -30.54 26.10 79.00
C PRO DA 68 -32.01 26.02 78.61
N THR DA 69 -32.34 26.73 77.54
CA THR DA 69 -33.70 26.77 77.03
C THR DA 69 -33.70 26.30 75.58
N VAL DA 70 -34.61 25.40 75.25
CA VAL DA 70 -34.68 24.82 73.91
C VAL DA 70 -36.16 24.81 73.52
N PRO DA 71 -36.50 25.05 72.25
CA PRO DA 71 -37.91 25.18 71.87
C PRO DA 71 -38.57 23.84 71.64
N MET DA 72 -39.83 23.74 72.08
CA MET DA 72 -40.70 22.66 71.69
C MET DA 72 -41.71 23.17 70.68
N GLY DA 73 -41.91 22.41 69.61
CA GLY DA 73 -42.62 22.92 68.45
C GLY DA 73 -43.47 21.86 67.80
N VAL DA 74 -44.57 22.30 67.22
CA VAL DA 74 -45.44 21.45 66.42
C VAL DA 74 -45.64 22.16 65.10
N SER DA 75 -45.31 21.49 64.00
CA SER DA 75 -45.29 22.09 62.68
C SER DA 75 -46.23 21.34 61.75
N PHE DA 76 -46.90 22.08 60.88
CA PHE DA 76 -47.79 21.56 59.87
C PHE DA 76 -47.38 22.15 58.54
N LYS DA 77 -47.19 21.31 57.53
CA LYS DA 77 -46.86 21.78 56.19
C LYS DA 77 -47.77 21.09 55.19
N SER DA 78 -48.03 21.79 54.08
CA SER DA 78 -48.99 21.36 53.09
C SER DA 78 -48.52 21.87 51.73
N SER DA 79 -48.67 21.04 50.69
CA SER DA 79 -48.29 21.46 49.33
C SER DA 79 -49.10 20.68 48.31
N MET DA 80 -49.77 21.39 47.42
CA MET DA 80 -50.60 20.68 46.45
C MET DA 80 -50.94 21.61 45.29
N PRO DA 81 -51.27 21.07 44.12
CA PRO DA 81 -51.69 21.92 43.01
C PRO DA 81 -53.06 22.52 43.30
N GLU DA 82 -53.29 23.69 42.71
CA GLU DA 82 -54.52 24.42 42.95
C GLU DA 82 -55.73 23.56 42.61
N ASP DA 83 -56.79 23.71 43.40
CA ASP DA 83 -58.06 23.01 43.21
C ASP DA 83 -57.93 21.49 43.35
N ALA DA 84 -56.89 21.01 44.02
CA ALA DA 84 -56.79 19.59 44.33
C ALA DA 84 -57.62 19.27 45.58
N ASP DA 85 -57.79 17.99 45.88
CA ASP DA 85 -58.59 17.62 47.04
C ASP DA 85 -57.72 16.99 48.12
N PRO DA 86 -57.42 17.69 49.21
CA PRO DA 86 -56.63 17.11 50.29
C PRO DA 86 -57.42 16.32 51.33
N ALA DA 87 -58.72 16.14 51.12
CA ALA DA 87 -59.57 15.65 52.21
C ALA DA 87 -59.04 14.33 52.75
N GLU DA 88 -58.58 13.45 51.88
CA GLU DA 88 -58.22 12.11 52.34
C GLU DA 88 -56.82 12.08 52.94
N VAL DA 89 -55.86 12.79 52.34
CA VAL DA 89 -54.52 12.85 52.96
C VAL DA 89 -54.61 13.53 54.32
N LEU DA 90 -55.50 14.51 54.47
CA LEU DA 90 -55.74 15.11 55.78
C LEU DA 90 -56.29 14.08 56.76
N LYS DA 91 -57.33 13.33 56.37
CA LYS DA 91 -57.89 12.33 57.27
C LYS DA 91 -56.82 11.32 57.73
N ALA DA 92 -56.01 10.84 56.78
CA ALA DA 92 -54.98 9.86 57.12
C ALA DA 92 -53.93 10.45 58.04
N ALA DA 93 -53.42 11.64 57.69
CA ALA DA 93 -52.44 12.31 58.54
C ALA DA 93 -52.99 12.52 59.94
N LYS DA 94 -54.26 12.89 60.04
CA LYS DA 94 -54.87 13.14 61.35
C LYS DA 94 -54.99 11.86 62.15
N ALA DA 95 -55.29 10.73 61.49
CA ALA DA 95 -55.35 9.45 62.21
C ALA DA 95 -53.97 9.04 62.74
N ALA DA 96 -52.94 9.21 61.91
CA ALA DA 96 -51.58 8.91 62.37
C ALA DA 96 -51.18 9.82 63.53
N LEU DA 97 -51.46 11.11 63.40
CA LEU DA 97 -51.21 12.04 64.49
C LEU DA 97 -51.95 11.60 65.75
N ALA DA 98 -53.19 11.13 65.61
CA ALA DA 98 -53.94 10.67 66.75
C ALA DA 98 -53.21 9.54 67.46
N LEU DA 99 -52.60 8.64 66.69
CA LEU DA 99 -51.81 7.58 67.31
C LEU DA 99 -50.59 8.14 68.04
N PHE DA 100 -49.85 9.04 67.41
CA PHE DA 100 -48.56 9.47 67.97
C PHE DA 100 -48.67 10.59 69.00
N GLU DA 101 -49.83 11.26 69.10
CA GLU DA 101 -49.92 12.53 69.83
C GLU DA 101 -49.63 12.35 71.30
N ALA DA 102 -50.21 11.33 71.93
CA ALA DA 102 -49.95 11.08 73.34
C ALA DA 102 -48.46 10.89 73.61
N ASN DA 103 -47.75 10.25 72.67
CA ASN DA 103 -46.37 9.86 72.85
C ASN DA 103 -45.38 10.82 72.19
N LEU DA 104 -45.75 12.09 72.01
CA LEU DA 104 -44.87 13.04 71.35
C LEU DA 104 -43.66 13.41 72.21
N ASN DA 105 -43.77 13.21 73.51
CA ASN DA 105 -42.71 13.61 74.46
C ASN DA 105 -42.10 12.40 75.15
N SER DA 106 -42.24 11.19 74.59
CA SER DA 106 -41.99 9.98 75.38
C SER DA 106 -40.85 9.10 74.90
N ALA DA 107 -40.38 9.24 73.65
CA ALA DA 107 -39.26 8.46 73.13
C ALA DA 107 -39.58 6.97 72.98
N PHE DA 108 -40.86 6.60 73.06
CA PHE DA 108 -41.31 5.24 72.84
C PHE DA 108 -41.95 5.12 71.48
N ASN DA 109 -41.74 3.97 70.83
CA ASN DA 109 -42.43 3.71 69.58
C ASN DA 109 -42.56 2.20 69.40
N LYS DA 110 -43.77 1.75 69.08
CA LYS DA 110 -44.07 0.34 68.91
C LYS DA 110 -44.46 0.09 67.46
N ASN DA 111 -44.16 -1.11 66.96
CA ASN DA 111 -44.54 -1.45 65.60
C ASN DA 111 -46.04 -1.45 65.47
N VAL DA 112 -46.53 -0.71 64.47
CA VAL DA 112 -47.95 -0.65 64.16
C VAL DA 112 -48.12 -1.25 62.78
N ASP DA 113 -48.92 -2.31 62.70
CA ASP DA 113 -49.09 -3.02 61.43
C ASP DA 113 -50.14 -2.36 60.55
N GLU DA 114 -51.03 -1.56 61.12
CA GLU DA 114 -52.00 -0.85 60.30
C GLU DA 114 -52.58 0.32 61.09
N ILE DA 115 -53.00 1.33 60.35
CA ILE DA 115 -53.64 2.52 60.89
C ILE DA 115 -55.03 2.59 60.29
N SER DA 116 -56.05 2.60 61.15
CA SER DA 116 -57.43 2.66 60.69
C SER DA 116 -57.86 4.11 60.53
N VAL DA 117 -58.37 4.45 59.35
CA VAL DA 117 -58.80 5.80 59.04
C VAL DA 117 -60.33 5.87 59.07
N ALA DA 118 -60.85 6.96 59.61
CA ALA DA 118 -62.29 7.15 59.80
C ALA DA 118 -63.10 7.06 58.51
N ALA EA 1 -60.11 -18.82 26.72
CA ALA EA 1 -60.11 -20.14 26.07
C ALA EA 1 -59.43 -20.12 24.70
N TYR EA 2 -58.10 -20.32 24.70
CA TYR EA 2 -57.30 -20.33 23.47
C TYR EA 2 -56.21 -21.37 23.59
N LYS EA 3 -55.39 -21.49 22.54
CA LYS EA 3 -54.27 -22.42 22.57
C LYS EA 3 -53.05 -21.82 21.88
N LEU EA 4 -51.88 -22.17 22.40
CA LEU EA 4 -50.60 -21.71 21.90
C LEU EA 4 -50.02 -22.77 20.98
N ILE EA 5 -49.89 -22.43 19.71
CA ILE EA 5 -49.34 -23.36 18.73
C ILE EA 5 -47.86 -23.10 18.59
N LYS EA 6 -47.10 -24.16 18.30
CA LYS EA 6 -45.64 -24.04 18.20
C LYS EA 6 -45.25 -23.18 17.01
N MET EA 7 -44.30 -22.28 17.23
CA MET EA 7 -43.78 -21.40 16.21
C MET EA 7 -42.56 -22.02 15.55
N ALA EA 8 -42.28 -21.55 14.34
CA ALA EA 8 -41.02 -21.86 13.67
C ALA EA 8 -39.87 -21.24 14.45
N GLY EA 9 -38.92 -22.05 14.88
CA GLY EA 9 -37.80 -21.58 15.65
C GLY EA 9 -36.51 -22.21 15.18
N GLY EA 10 -35.40 -21.56 15.51
CA GLY EA 10 -34.09 -22.00 15.07
C GLY EA 10 -33.40 -22.98 16.00
N ASN EA 11 -33.63 -22.83 17.31
CA ASN EA 11 -32.97 -23.66 18.30
C ASN EA 11 -33.78 -24.94 18.54
N SER EA 12 -33.06 -26.05 18.78
CA SER EA 12 -33.72 -27.33 19.05
C SER EA 12 -34.05 -27.52 20.52
N ALA EA 13 -33.28 -26.89 21.42
CA ALA EA 13 -33.53 -27.00 22.85
C ALA EA 13 -34.71 -26.15 23.29
N ILE EA 14 -34.96 -25.05 22.59
CA ILE EA 14 -36.01 -24.09 22.94
C ILE EA 14 -37.22 -24.35 22.07
N GLN EA 15 -38.38 -24.54 22.70
CA GLN EA 15 -39.66 -24.61 22.01
C GLN EA 15 -40.36 -23.26 22.18
N THR EA 16 -40.72 -22.65 21.06
CA THR EA 16 -41.41 -21.36 21.07
C THR EA 16 -42.82 -21.55 20.57
N TYR EA 17 -43.77 -20.93 21.26
CA TYR EA 17 -45.19 -21.01 20.93
C TYR EA 17 -45.74 -19.59 20.85
N ALA EA 18 -46.75 -19.43 20.01
CA ALA EA 18 -47.52 -18.20 19.92
C ALA EA 18 -48.99 -18.51 20.08
N ARG EA 19 -49.71 -17.53 20.64
CA ARG EA 19 -51.15 -17.66 20.80
C ARG EA 19 -51.85 -17.61 19.45
N GLU EA 20 -52.86 -18.45 19.27
CA GLU EA 20 -53.55 -18.51 17.99
C GLU EA 20 -54.28 -17.19 17.72
N ASP EA 21 -55.03 -16.67 18.71
CA ASP EA 21 -55.76 -15.42 18.53
C ASP EA 21 -54.81 -14.26 18.28
N LYS EA 22 -53.94 -13.99 19.25
CA LYS EA 22 -52.92 -12.94 19.15
C LYS EA 22 -51.57 -13.60 18.99
N THR EA 23 -51.01 -13.53 17.78
CA THR EA 23 -49.67 -14.05 17.58
C THR EA 23 -48.60 -13.12 18.16
N THR EA 24 -49.01 -12.09 18.91
CA THR EA 24 -48.08 -11.21 19.62
C THR EA 24 -47.78 -11.69 21.02
N GLN EA 25 -48.67 -12.49 21.59
CA GLN EA 25 -48.44 -13.12 22.87
C GLN EA 25 -47.71 -14.44 22.63
N THR EA 26 -46.56 -14.62 23.28
CA THR EA 26 -45.73 -15.78 23.03
C THR EA 26 -45.30 -16.41 24.35
N LEU EA 27 -44.75 -17.63 24.22
CA LEU EA 27 -44.31 -18.45 25.33
C LEU EA 27 -43.14 -19.31 24.86
N SER EA 28 -42.21 -19.60 25.77
CA SER EA 28 -41.01 -20.32 25.40
C SER EA 28 -40.57 -21.24 26.53
N THR EA 29 -40.29 -22.50 26.20
CA THR EA 29 -39.83 -23.48 27.19
C THR EA 29 -38.51 -24.06 26.76
N GLN EA 30 -37.55 -24.11 27.67
CA GLN EA 30 -36.22 -24.61 27.39
C GLN EA 30 -35.78 -25.53 28.52
N LYS EA 31 -35.12 -26.63 28.16
CA LYS EA 31 -34.51 -27.53 29.14
C LYS EA 31 -33.03 -27.69 28.85
N THR EA 32 -32.22 -27.50 29.88
CA THR EA 32 -30.77 -27.61 29.86
C THR EA 32 -30.35 -28.70 30.83
N ILE EA 33 -29.40 -29.54 30.40
CA ILE EA 33 -28.80 -30.53 31.28
C ILE EA 33 -27.36 -30.13 31.51
N SER EA 34 -26.93 -30.16 32.77
CA SER EA 34 -25.56 -29.86 33.17
C SER EA 34 -25.02 -31.05 33.95
N VAL EA 35 -23.70 -31.12 34.06
CA VAL EA 35 -23.04 -32.19 34.78
C VAL EA 35 -22.22 -31.60 35.91
N LEU EA 36 -22.40 -32.12 37.11
CA LEU EA 36 -21.62 -31.69 38.27
C LEU EA 36 -21.01 -32.93 38.90
N ARG EA 37 -19.68 -32.99 38.94
CA ARG EA 37 -19.01 -34.19 39.44
C ARG EA 37 -18.19 -33.83 40.68
N ASN EA 38 -18.31 -34.68 41.69
CA ASN EA 38 -17.46 -34.68 42.88
C ASN EA 38 -16.60 -35.94 42.81
N GLY EA 39 -15.29 -35.74 42.70
CA GLY EA 39 -14.39 -36.87 42.54
C GLY EA 39 -14.74 -37.68 41.31
N SER EA 40 -15.05 -38.95 41.53
CA SER EA 40 -15.47 -39.84 40.47
C SER EA 40 -16.97 -39.76 40.20
N THR EA 41 -17.77 -39.45 41.20
CA THR EA 41 -19.21 -39.44 41.03
C THR EA 41 -19.64 -38.19 40.24
N SER EA 42 -20.66 -38.35 39.41
CA SER EA 42 -21.18 -37.25 38.61
C SER EA 42 -22.69 -37.30 38.58
N THR EA 43 -23.34 -36.14 38.67
CA THR EA 43 -24.78 -36.05 38.74
C THR EA 43 -25.30 -34.98 37.79
N ARG EA 44 -26.50 -35.22 37.26
CA ARG EA 44 -27.11 -34.31 36.29
C ARG EA 44 -27.90 -33.22 37.00
N ILE EA 45 -27.79 -32.02 36.46
CA ILE EA 45 -28.52 -30.85 36.95
C ILE EA 45 -29.46 -30.42 35.85
N ILE EA 46 -30.77 -30.59 36.08
CA ILE EA 46 -31.79 -30.28 35.09
C ILE EA 46 -32.34 -28.90 35.39
N LYS EA 47 -32.30 -28.03 34.37
CA LYS EA 47 -32.72 -26.65 34.46
C LYS EA 47 -33.81 -26.41 33.42
N VAL EA 48 -34.95 -25.88 33.88
CA VAL EA 48 -36.09 -25.58 33.03
C VAL EA 48 -36.33 -24.08 33.07
N HIS EA 49 -36.73 -23.51 31.93
CA HIS EA 49 -37.01 -22.09 31.82
C HIS EA 49 -38.25 -21.89 30.96
N ILE EA 50 -39.28 -21.29 31.55
CA ILE EA 50 -40.54 -20.98 30.87
C ILE EA 50 -40.75 -19.48 30.93
N ASN EA 51 -40.96 -18.85 29.77
CA ASN EA 51 -41.13 -17.41 29.71
C ASN EA 51 -42.36 -17.09 28.88
N SER EA 52 -43.30 -16.34 29.47
CA SER EA 52 -44.53 -15.94 28.79
C SER EA 52 -44.52 -14.42 28.69
N THR EA 53 -44.55 -13.88 27.47
CA THR EA 53 -44.59 -12.42 27.33
C THR EA 53 -45.62 -11.99 26.30
N ALA EA 54 -45.95 -10.71 26.38
CA ALA EA 54 -46.76 -10.02 25.40
C ALA EA 54 -46.33 -8.56 25.38
N PRO EA 55 -46.44 -7.88 24.26
CA PRO EA 55 -46.15 -6.44 24.26
C PRO EA 55 -47.33 -5.71 24.86
N VAL EA 56 -47.02 -4.58 25.51
CA VAL EA 56 -48.04 -3.70 26.05
C VAL EA 56 -47.66 -2.26 25.73
N THR EA 57 -48.65 -1.49 25.28
CA THR EA 57 -48.46 -0.11 24.88
C THR EA 57 -48.16 0.78 26.09
N ILE EA 58 -47.12 1.61 25.98
CA ILE EA 58 -46.65 2.37 27.15
C ILE EA 58 -47.74 3.28 27.67
N ASN EA 59 -48.37 4.06 26.79
CA ASN EA 59 -49.08 5.26 27.17
C ASN EA 59 -50.55 4.97 27.40
N THR EA 60 -50.97 4.95 28.67
CA THR EA 60 -52.37 4.66 28.98
C THR EA 60 -53.28 5.80 28.56
N CYS EA 61 -52.90 7.04 28.85
CA CYS EA 61 -53.73 8.21 28.59
C CYS EA 61 -53.56 8.75 27.16
N ASP EA 62 -52.81 8.08 26.30
CA ASP EA 62 -52.65 8.49 24.91
C ASP EA 62 -53.82 8.01 24.06
N PRO EA 63 -53.94 8.52 22.81
CA PRO EA 63 -55.03 8.05 21.94
C PRO EA 63 -54.74 6.71 21.29
N THR EA 64 -53.77 5.97 21.84
CA THR EA 64 -53.33 4.67 21.34
C THR EA 64 -52.81 4.77 19.91
N LYS EA 65 -52.04 5.83 19.63
CA LYS EA 65 -51.48 6.07 18.30
C LYS EA 65 -50.16 5.30 18.12
N CYS EA 66 -50.25 3.98 18.27
CA CYS EA 66 -49.11 3.07 18.13
C CYS EA 66 -47.90 3.58 18.93
N GLY EA 67 -48.14 3.87 20.21
CA GLY EA 67 -47.08 4.24 21.10
C GLY EA 67 -46.11 3.10 21.24
N PRO EA 68 -44.82 3.41 21.41
CA PRO EA 68 -43.82 2.34 21.53
C PRO EA 68 -44.19 1.39 22.66
N THR EA 69 -43.99 0.11 22.40
CA THR EA 69 -44.44 -0.95 23.31
C THR EA 69 -43.28 -1.48 24.14
N VAL EA 70 -43.61 -1.93 25.34
CA VAL EA 70 -42.65 -2.56 26.22
C VAL EA 70 -43.11 -4.00 26.46
N PRO EA 71 -42.19 -4.96 26.53
CA PRO EA 71 -42.58 -6.34 26.84
C PRO EA 71 -43.00 -6.48 28.29
N MET EA 72 -44.15 -7.10 28.50
CA MET EA 72 -44.63 -7.51 29.82
C MET EA 72 -44.49 -9.02 29.91
N GLY EA 73 -43.90 -9.49 30.99
CA GLY EA 73 -43.40 -10.85 31.04
C GLY EA 73 -43.58 -11.50 32.40
N VAL EA 74 -43.75 -12.82 32.37
CA VAL EA 74 -43.82 -13.65 33.56
C VAL EA 74 -42.96 -14.88 33.29
N SER EA 75 -41.98 -15.12 34.15
CA SER EA 75 -40.96 -16.13 33.91
C SER EA 75 -40.89 -17.11 35.08
N PHE EA 76 -40.49 -18.34 34.76
CA PHE EA 76 -40.35 -19.42 35.72
C PHE EA 76 -39.04 -20.13 35.42
N LYS EA 77 -38.26 -20.43 36.46
CA LYS EA 77 -37.00 -21.13 36.29
C LYS EA 77 -36.86 -22.20 37.37
N SER EA 78 -36.25 -23.31 37.00
CA SER EA 78 -36.13 -24.50 37.84
C SER EA 78 -34.72 -25.06 37.67
N SER EA 79 -34.03 -25.32 38.79
CA SER EA 79 -32.72 -25.95 38.72
C SER EA 79 -32.60 -26.96 39.85
N MET EA 80 -32.40 -28.24 39.49
CA MET EA 80 -32.37 -29.24 40.54
C MET EA 80 -31.56 -30.45 40.09
N PRO EA 81 -30.98 -31.19 41.03
CA PRO EA 81 -30.37 -32.47 40.66
C PRO EA 81 -31.42 -33.43 40.14
N GLU EA 82 -31.01 -34.25 39.17
CA GLU EA 82 -31.92 -35.22 38.57
C GLU EA 82 -32.56 -36.09 39.65
N ASP EA 83 -33.86 -36.36 39.48
CA ASP EA 83 -34.66 -37.19 40.38
C ASP EA 83 -34.85 -36.58 41.77
N ALA EA 84 -34.59 -35.29 41.94
CA ALA EA 84 -34.91 -34.65 43.22
C ALA EA 84 -36.41 -34.34 43.26
N ASP EA 85 -36.90 -33.93 44.43
CA ASP EA 85 -38.33 -33.69 44.57
C ASP EA 85 -38.65 -32.21 44.74
N PRO EA 86 -39.06 -31.53 43.68
CA PRO EA 86 -39.41 -30.10 43.81
C PRO EA 86 -40.74 -29.85 44.47
N ALA EA 87 -41.46 -30.89 44.89
CA ALA EA 87 -42.84 -30.74 45.32
C ALA EA 87 -42.99 -29.64 46.37
N GLU EA 88 -42.10 -29.63 47.36
CA GLU EA 88 -42.24 -28.70 48.47
C GLU EA 88 -41.81 -27.28 48.09
N VAL EA 89 -40.69 -27.13 47.37
CA VAL EA 89 -40.29 -25.78 46.94
C VAL EA 89 -41.32 -25.20 45.97
N LEU EA 90 -41.97 -26.06 45.18
CA LEU EA 90 -43.04 -25.58 44.31
C LEU EA 90 -44.26 -25.12 45.11
N LYS EA 91 -44.69 -25.92 46.10
CA LYS EA 91 -45.79 -25.50 46.96
C LYS EA 91 -45.51 -24.15 47.58
N ALA EA 92 -44.31 -23.99 48.15
CA ALA EA 92 -43.93 -22.72 48.78
C ALA EA 92 -43.92 -21.59 47.78
N ALA EA 93 -43.28 -21.80 46.61
CA ALA EA 93 -43.22 -20.75 45.61
C ALA EA 93 -44.60 -20.32 45.17
N LYS EA 94 -45.51 -21.27 44.96
CA LYS EA 94 -46.86 -20.94 44.53
C LYS EA 94 -47.61 -20.18 45.61
N ALA EA 95 -47.44 -20.58 46.88
CA ALA EA 95 -48.06 -19.85 47.98
C ALA EA 95 -47.56 -18.41 48.03
N ALA EA 96 -46.26 -18.21 47.86
CA ALA EA 96 -45.71 -16.85 47.84
C ALA EA 96 -46.27 -16.06 46.67
N LEU EA 97 -46.30 -16.67 45.48
CA LEU EA 97 -46.80 -15.98 44.30
C LEU EA 97 -48.22 -15.50 44.51
N ALA EA 98 -49.08 -16.35 45.10
CA ALA EA 98 -50.47 -15.97 45.33
C ALA EA 98 -50.59 -14.64 46.06
N LEU EA 99 -49.63 -14.29 46.92
CA LEU EA 99 -49.66 -13.00 47.61
C LEU EA 99 -49.32 -11.85 46.67
N PHE EA 100 -48.51 -12.11 45.65
CA PHE EA 100 -48.05 -11.03 44.77
C PHE EA 100 -48.90 -10.84 43.52
N GLU EA 101 -49.54 -11.90 43.01
CA GLU EA 101 -50.04 -11.79 41.64
C GLU EA 101 -51.20 -10.82 41.53
N ALA EA 102 -51.90 -10.53 42.62
CA ALA EA 102 -52.86 -9.44 42.58
C ALA EA 102 -52.15 -8.10 42.37
N ASN EA 103 -51.02 -7.90 43.05
CA ASN EA 103 -50.29 -6.65 43.06
C ASN EA 103 -49.01 -6.73 42.22
N LEU EA 104 -49.09 -7.45 41.09
CA LEU EA 104 -47.92 -7.65 40.24
C LEU EA 104 -47.57 -6.42 39.41
N ASN EA 105 -48.44 -5.40 39.42
CA ASN EA 105 -48.23 -4.19 38.64
C ASN EA 105 -48.33 -2.93 39.50
N SER EA 106 -48.47 -3.05 40.82
CA SER EA 106 -48.93 -1.91 41.60
C SER EA 106 -47.86 -1.33 42.53
N ALA EA 107 -46.60 -1.74 42.38
CA ALA EA 107 -45.48 -1.10 43.07
C ALA EA 107 -45.62 -1.14 44.60
N PHE EA 108 -46.53 -1.94 45.13
CA PHE EA 108 -46.82 -1.98 46.56
C PHE EA 108 -46.44 -3.35 47.09
N ASN EA 109 -45.40 -3.40 47.93
CA ASN EA 109 -44.93 -4.65 48.51
C ASN EA 109 -45.36 -4.68 49.97
N LYS EA 110 -46.40 -5.46 50.28
CA LYS EA 110 -46.87 -5.51 51.65
C LYS EA 110 -45.83 -6.20 52.55
N ASN EA 111 -45.69 -5.68 53.77
CA ASN EA 111 -44.85 -6.34 54.76
C ASN EA 111 -45.57 -7.57 55.25
N VAL EA 112 -45.09 -8.73 54.81
CA VAL EA 112 -45.59 -10.02 55.25
C VAL EA 112 -44.52 -10.66 56.13
N ASP EA 113 -44.89 -10.99 57.36
CA ASP EA 113 -43.98 -11.59 58.32
C ASP EA 113 -44.07 -13.11 58.34
N GLU EA 114 -45.11 -13.71 57.77
CA GLU EA 114 -45.16 -15.16 57.62
C GLU EA 114 -46.12 -15.52 56.50
N ILE EA 115 -45.74 -16.56 55.75
CA ILE EA 115 -46.50 -17.06 54.62
C ILE EA 115 -46.94 -18.48 54.94
N SER EA 116 -48.25 -18.72 54.92
CA SER EA 116 -48.79 -20.03 55.23
C SER EA 116 -48.86 -20.86 53.96
N VAL EA 117 -48.29 -22.06 54.02
CA VAL EA 117 -48.28 -23.00 52.90
C VAL EA 117 -49.30 -24.10 53.16
N ALA EA 118 -50.13 -24.38 52.16
CA ALA EA 118 -51.21 -25.33 52.30
C ALA EA 118 -50.71 -26.75 52.53
N ALA FA 1 -36.61 -55.20 27.90
CA ALA FA 1 -37.64 -54.88 28.88
C ALA FA 1 -37.57 -53.41 29.29
N TYR FA 2 -36.76 -52.62 28.58
CA TYR FA 2 -36.69 -51.17 28.78
C TYR FA 2 -36.48 -50.49 27.44
N LYS FA 3 -36.47 -49.16 27.46
CA LYS FA 3 -36.24 -48.39 26.24
C LYS FA 3 -35.28 -47.24 26.50
N LEU FA 4 -34.45 -46.96 25.50
CA LEU FA 4 -33.49 -45.86 25.54
C LEU FA 4 -34.14 -44.66 24.90
N ILE FA 5 -34.42 -43.64 25.70
CA ILE FA 5 -35.08 -42.43 25.22
C ILE FA 5 -34.03 -41.41 24.84
N LYS FA 6 -34.25 -40.71 23.73
CA LYS FA 6 -33.31 -39.69 23.27
C LYS FA 6 -33.23 -38.57 24.28
N MET FA 7 -32.02 -38.25 24.72
CA MET FA 7 -31.89 -37.27 25.79
C MET FA 7 -32.06 -35.87 25.25
N ALA FA 8 -32.43 -34.96 26.15
CA ALA FA 8 -32.63 -33.56 25.84
C ALA FA 8 -31.27 -32.93 25.57
N GLY FA 9 -30.69 -33.27 24.42
CA GLY FA 9 -29.42 -32.73 24.01
C GLY FA 9 -29.50 -32.20 22.59
N GLY FA 10 -28.57 -31.32 22.26
CA GLY FA 10 -28.57 -30.76 20.92
C GLY FA 10 -28.12 -31.77 19.88
N ASN FA 11 -29.03 -32.16 18.99
CA ASN FA 11 -28.70 -33.09 17.93
C ASN FA 11 -27.57 -32.52 17.06
N SER FA 12 -26.48 -33.26 16.94
CA SER FA 12 -25.32 -32.84 16.17
C SER FA 12 -25.06 -33.77 15.00
N ALA FA 13 -26.14 -34.33 14.41
CA ALA FA 13 -26.10 -35.57 13.62
C ALA FA 13 -25.48 -36.72 14.41
N ILE FA 14 -25.46 -36.55 15.74
CA ILE FA 14 -25.09 -37.57 16.72
C ILE FA 14 -26.25 -37.66 17.71
N GLN FA 15 -26.84 -38.84 17.83
CA GLN FA 15 -28.02 -39.04 18.66
C GLN FA 15 -27.63 -39.77 19.93
N THR FA 16 -27.88 -39.15 21.08
CA THR FA 16 -27.53 -39.70 22.38
C THR FA 16 -28.79 -40.01 23.16
N TYR FA 17 -28.89 -41.24 23.66
CA TYR FA 17 -30.02 -41.74 24.40
C TYR FA 17 -29.56 -42.16 25.79
N ALA FA 18 -30.48 -42.08 26.74
CA ALA FA 18 -30.29 -42.64 28.07
C ALA FA 18 -31.41 -43.63 28.36
N ARG FA 19 -31.08 -44.63 29.17
CA ARG FA 19 -32.06 -45.64 29.54
C ARG FA 19 -33.11 -45.06 30.47
N GLU FA 20 -34.36 -45.44 30.26
CA GLU FA 20 -35.46 -44.73 30.91
C GLU FA 20 -35.41 -44.89 32.43
N ASP FA 21 -35.20 -46.12 32.91
CA ASP FA 21 -35.21 -46.36 34.35
C ASP FA 21 -33.83 -46.09 34.98
N LYS FA 22 -32.77 -46.60 34.37
CA LYS FA 22 -31.40 -46.28 34.81
C LYS FA 22 -30.81 -45.26 33.85
N THR FA 23 -30.96 -43.98 34.18
CA THR FA 23 -30.46 -42.93 33.29
C THR FA 23 -28.93 -42.82 33.33
N THR FA 24 -28.25 -43.66 34.11
CA THR FA 24 -26.79 -43.68 34.10
C THR FA 24 -26.26 -44.44 32.89
N GLN FA 25 -27.07 -45.36 32.37
CA GLN FA 25 -26.69 -46.13 31.19
C GLN FA 25 -27.09 -45.34 29.95
N THR FA 26 -26.11 -45.09 29.08
CA THR FA 26 -26.32 -44.26 27.90
C THR FA 26 -25.85 -45.00 26.65
N LEU FA 27 -26.20 -44.42 25.50
CA LEU FA 27 -25.88 -45.00 24.19
C LEU FA 27 -25.91 -43.89 23.14
N SER FA 28 -24.93 -43.90 22.23
CA SER FA 28 -24.78 -42.84 21.24
C SER FA 28 -24.59 -43.46 19.85
N THR FA 29 -25.31 -42.92 18.86
CA THR FA 29 -25.17 -43.38 17.48
C THR FA 29 -24.91 -42.19 16.56
N GLN FA 30 -23.84 -42.26 15.78
CA GLN FA 30 -23.55 -41.26 14.77
C GLN FA 30 -23.19 -41.92 13.45
N LYS FA 31 -23.56 -41.26 12.35
CA LYS FA 31 -23.15 -41.67 11.02
C LYS FA 31 -22.51 -40.45 10.36
N THR FA 32 -21.36 -40.68 9.73
CA THR FA 32 -20.63 -39.64 9.02
C THR FA 32 -20.27 -40.13 7.62
N ILE FA 33 -20.02 -39.18 6.72
CA ILE FA 33 -19.71 -39.49 5.33
C ILE FA 33 -18.40 -38.82 4.96
N SER FA 34 -17.47 -39.61 4.43
CA SER FA 34 -16.18 -39.14 3.94
C SER FA 34 -16.14 -39.30 2.43
N VAL FA 35 -15.18 -38.62 1.80
CA VAL FA 35 -14.96 -38.74 0.36
C VAL FA 35 -13.51 -39.16 0.14
N LEU FA 36 -13.31 -40.33 -0.46
CA LEU FA 36 -11.99 -40.86 -0.75
C LEU FA 36 -11.75 -40.75 -2.25
N ARG FA 37 -10.73 -39.99 -2.64
CA ARG FA 37 -10.41 -39.72 -4.02
C ARG FA 37 -9.08 -40.40 -4.37
N ASN FA 38 -9.11 -41.31 -5.32
CA ASN FA 38 -7.91 -41.92 -5.88
C ASN FA 38 -7.86 -41.57 -7.36
N GLY FA 39 -7.00 -40.61 -7.72
CA GLY FA 39 -6.94 -40.17 -9.10
C GLY FA 39 -8.23 -39.48 -9.51
N SER FA 40 -8.78 -39.92 -10.66
CA SER FA 40 -10.02 -39.35 -11.17
C SER FA 40 -11.21 -39.73 -10.30
N THR FA 41 -11.21 -40.97 -9.79
CA THR FA 41 -12.37 -41.51 -9.08
C THR FA 41 -12.46 -40.98 -7.66
N SER FA 42 -13.68 -40.66 -7.24
CA SER FA 42 -13.99 -40.32 -5.86
C SER FA 42 -15.19 -41.15 -5.42
N THR FA 43 -15.12 -41.69 -4.20
CA THR FA 43 -16.19 -42.53 -3.66
C THR FA 43 -16.50 -42.11 -2.24
N ARG FA 44 -17.76 -42.30 -1.85
CA ARG FA 44 -18.24 -41.94 -0.53
C ARG FA 44 -18.07 -43.11 0.44
N ILE FA 45 -17.59 -42.79 1.64
CA ILE FA 45 -17.33 -43.77 2.69
C ILE FA 45 -18.27 -43.50 3.85
N ILE FA 46 -19.11 -44.48 4.17
CA ILE FA 46 -20.08 -44.40 5.27
C ILE FA 46 -19.43 -44.96 6.53
N LYS FA 47 -19.48 -44.18 7.61
CA LYS FA 47 -18.87 -44.56 8.88
C LYS FA 47 -19.90 -44.44 9.99
N VAL FA 48 -20.26 -45.57 10.60
CA VAL FA 48 -21.18 -45.66 11.72
C VAL FA 48 -20.40 -45.90 13.00
N HIS FA 49 -20.82 -45.24 14.08
CA HIS FA 49 -20.22 -45.43 15.39
C HIS FA 49 -21.33 -45.48 16.44
N ILE FA 50 -21.44 -46.62 17.11
CA ILE FA 50 -22.39 -46.86 18.19
C ILE FA 50 -21.61 -47.12 19.47
N ASN FA 51 -22.03 -46.48 20.57
CA ASN FA 51 -21.36 -46.65 21.85
C ASN FA 51 -22.40 -46.88 22.93
N SER FA 52 -22.15 -47.82 23.82
CA SER FA 52 -23.12 -48.15 24.89
C SER FA 52 -22.33 -48.29 26.18
N THR FA 53 -22.48 -47.32 27.10
CA THR FA 53 -21.72 -47.35 28.34
C THR FA 53 -22.61 -47.21 29.56
N ALA FA 54 -22.06 -47.65 30.68
CA ALA FA 54 -22.65 -47.46 32.00
C ALA FA 54 -21.51 -47.27 32.98
N PRO FA 55 -21.73 -46.56 34.07
CA PRO FA 55 -20.71 -46.50 35.12
C PRO FA 55 -20.72 -47.78 35.93
N VAL FA 56 -19.55 -48.17 36.42
CA VAL FA 56 -19.40 -49.32 37.29
C VAL FA 56 -18.67 -48.88 38.55
N THR FA 57 -19.31 -49.08 39.69
CA THR FA 57 -18.64 -48.86 40.97
C THR FA 57 -17.47 -49.83 41.10
N ILE FA 58 -16.28 -49.29 41.35
CA ILE FA 58 -15.11 -50.14 41.53
C ILE FA 58 -15.37 -51.10 42.67
N ASN FA 59 -15.02 -52.38 42.45
CA ASN FA 59 -15.08 -53.36 43.52
C ASN FA 59 -14.31 -52.84 44.72
N THR FA 60 -15.02 -52.60 45.83
CA THR FA 60 -14.43 -51.92 46.96
C THR FA 60 -14.63 -52.75 48.22
N CYS FA 61 -14.04 -52.23 49.30
CA CYS FA 61 -13.99 -52.94 50.58
C CYS FA 61 -15.33 -52.89 51.31
N ASP FA 62 -16.07 -51.79 51.19
CA ASP FA 62 -17.28 -51.58 51.98
C ASP FA 62 -18.35 -52.59 51.62
N PRO FA 63 -19.18 -52.99 52.59
CA PRO FA 63 -20.38 -53.77 52.22
C PRO FA 63 -21.34 -52.98 51.37
N THR FA 64 -21.55 -51.71 51.70
CA THR FA 64 -22.27 -50.83 50.79
C THR FA 64 -21.51 -50.69 49.48
N LYS FA 65 -22.25 -50.62 48.38
CA LYS FA 65 -21.63 -50.52 47.06
C LYS FA 65 -21.22 -49.07 46.83
N CYS FA 66 -20.10 -48.70 47.44
CA CYS FA 66 -19.57 -47.34 47.36
C CYS FA 66 -18.09 -47.36 47.01
N GLY FA 67 -17.73 -46.70 45.92
CA GLY FA 67 -16.35 -46.54 45.52
C GLY FA 67 -16.27 -45.65 44.29
N PRO FA 68 -15.07 -45.34 43.82
CA PRO FA 68 -14.93 -44.60 42.56
C PRO FA 68 -15.58 -45.38 41.43
N THR FA 69 -16.14 -44.65 40.46
CA THR FA 69 -16.82 -45.25 39.31
C THR FA 69 -15.92 -45.16 38.08
N VAL FA 70 -15.75 -46.29 37.41
CA VAL FA 70 -15.02 -46.36 36.15
C VAL FA 70 -16.06 -46.66 35.07
N PRO FA 71 -15.98 -46.05 33.90
CA PRO FA 71 -16.94 -46.37 32.84
C PRO FA 71 -16.65 -47.71 32.21
N MET FA 72 -17.68 -48.52 32.03
CA MET FA 72 -17.61 -49.72 31.20
C MET FA 72 -18.43 -49.48 29.95
N GLY FA 73 -17.94 -50.02 28.83
CA GLY FA 73 -18.49 -49.62 27.55
C GLY FA 73 -18.26 -50.66 26.49
N VAL FA 74 -19.22 -50.78 25.60
CA VAL FA 74 -19.13 -51.63 24.43
C VAL FA 74 -19.37 -50.75 23.21
N SER FA 75 -18.47 -50.81 22.24
CA SER FA 75 -18.46 -49.90 21.12
C SER FA 75 -18.38 -50.68 19.81
N PHE FA 76 -19.19 -50.27 18.84
CA PHE FA 76 -19.22 -50.86 17.51
C PHE FA 76 -18.94 -49.78 16.47
N LYS FA 77 -17.98 -50.01 15.60
CA LYS FA 77 -17.63 -49.05 14.55
C LYS FA 77 -17.63 -49.76 13.21
N SER FA 78 -17.99 -49.03 12.16
CA SER FA 78 -18.21 -49.61 10.84
C SER FA 78 -17.84 -48.60 9.77
N SER FA 79 -16.89 -48.94 8.89
CA SER FA 79 -16.50 -48.03 7.82
C SER FA 79 -16.40 -48.78 6.50
N MET FA 80 -17.15 -48.33 5.49
CA MET FA 80 -17.11 -49.01 4.21
C MET FA 80 -17.52 -48.04 3.12
N PRO FA 81 -17.06 -48.23 1.89
CA PRO FA 81 -17.51 -47.34 0.80
C PRO FA 81 -18.96 -47.63 0.45
N GLU FA 82 -19.64 -46.58 0.00
CA GLU FA 82 -21.08 -46.63 -0.22
C GLU FA 82 -21.47 -47.80 -1.12
N ASP FA 83 -22.61 -48.42 -0.78
CA ASP FA 83 -23.23 -49.53 -1.52
C ASP FA 83 -22.41 -50.81 -1.50
N ALA FA 84 -21.38 -50.91 -0.66
CA ALA FA 84 -20.65 -52.17 -0.50
C ALA FA 84 -21.53 -53.16 0.29
N ASP FA 85 -21.10 -54.43 0.32
CA ASP FA 85 -21.87 -55.45 1.05
C ASP FA 85 -21.09 -55.97 2.26
N PRO FA 86 -21.34 -55.49 3.46
CA PRO FA 86 -20.59 -55.96 4.63
C PRO FA 86 -21.14 -57.24 5.25
N ALA FA 87 -21.98 -57.97 4.53
CA ALA FA 87 -22.70 -59.12 5.11
C ALA FA 87 -21.73 -60.11 5.73
N GLU FA 88 -20.68 -60.47 5.00
CA GLU FA 88 -19.78 -61.51 5.50
C GLU FA 88 -18.86 -60.95 6.58
N VAL FA 89 -18.46 -59.69 6.45
CA VAL FA 89 -17.66 -59.05 7.49
C VAL FA 89 -18.41 -59.02 8.81
N LEU FA 90 -19.69 -58.59 8.76
CA LEU FA 90 -20.55 -58.63 9.94
C LEU FA 90 -20.68 -60.03 10.50
N LYS FA 91 -20.89 -61.02 9.62
CA LYS FA 91 -21.08 -62.39 10.11
C LYS FA 91 -19.85 -62.87 10.89
N ALA FA 92 -18.65 -62.63 10.34
CA ALA FA 92 -17.43 -63.05 11.02
C ALA FA 92 -17.22 -62.28 12.32
N ALA FA 93 -17.44 -60.96 12.29
CA ALA FA 93 -17.32 -60.16 13.50
C ALA FA 93 -18.25 -60.69 14.59
N LYS FA 94 -19.48 -61.03 14.22
CA LYS FA 94 -20.44 -61.52 15.20
C LYS FA 94 -20.01 -62.88 15.76
N ALA FA 95 -19.46 -63.76 14.92
CA ALA FA 95 -18.96 -65.04 15.42
C ALA FA 95 -17.83 -64.84 16.42
N ALA FA 96 -16.88 -63.96 16.10
CA ALA FA 96 -15.79 -63.68 17.03
C ALA FA 96 -16.31 -63.11 18.35
N LEU FA 97 -17.24 -62.15 18.26
CA LEU FA 97 -17.81 -61.59 19.47
C LEU FA 97 -18.51 -62.66 20.30
N ALA FA 98 -19.18 -63.60 19.63
CA ALA FA 98 -19.81 -64.70 20.34
C ALA FA 98 -18.79 -65.50 21.12
N LEU FA 99 -17.61 -65.70 20.52
CA LEU FA 99 -16.55 -66.42 21.23
C LEU FA 99 -16.05 -65.65 22.45
N PHE FA 100 -15.86 -64.34 22.31
CA PHE FA 100 -15.19 -63.55 23.35
C PHE FA 100 -16.13 -62.87 24.35
N GLU FA 101 -17.46 -63.01 24.17
CA GLU FA 101 -18.42 -62.23 24.94
C GLU FA 101 -18.39 -62.58 26.41
N ALA FA 102 -18.30 -63.87 26.74
CA ALA FA 102 -18.20 -64.26 28.15
C ALA FA 102 -16.88 -63.81 28.76
N ASN FA 103 -15.85 -63.65 27.94
CA ASN FA 103 -14.51 -63.29 28.39
C ASN FA 103 -14.21 -61.81 28.26
N LEU FA 104 -15.22 -60.99 27.98
CA LEU FA 104 -15.00 -59.54 27.90
C LEU FA 104 -14.44 -58.96 29.20
N ASN FA 105 -14.64 -59.65 30.34
CA ASN FA 105 -14.20 -59.16 31.64
C ASN FA 105 -13.23 -60.12 32.34
N SER FA 106 -12.56 -61.00 31.58
CA SER FA 106 -11.95 -62.18 32.17
C SER FA 106 -10.51 -62.00 32.61
N ALA FA 107 -9.75 -61.09 31.99
CA ALA FA 107 -8.31 -60.92 32.21
C ALA FA 107 -7.50 -62.15 31.80
N PHE FA 108 -8.14 -63.13 31.18
CA PHE FA 108 -7.47 -64.29 30.59
C PHE FA 108 -7.86 -64.35 29.12
N ASN FA 109 -6.88 -64.59 28.25
CA ASN FA 109 -7.14 -64.67 26.83
C ASN FA 109 -7.24 -66.13 26.41
N LYS FA 110 -8.37 -66.50 25.81
CA LYS FA 110 -8.55 -67.85 25.29
C LYS FA 110 -7.86 -67.96 23.94
N ASN FA 111 -6.93 -68.90 23.83
CA ASN FA 111 -6.19 -69.08 22.58
C ASN FA 111 -6.96 -70.07 21.71
N VAL FA 112 -7.73 -69.54 20.77
CA VAL FA 112 -8.47 -70.36 19.81
C VAL FA 112 -7.78 -70.28 18.45
N ASP FA 113 -7.72 -71.42 17.76
CA ASP FA 113 -7.00 -71.54 16.49
C ASP FA 113 -7.91 -71.42 15.28
N GLU FA 114 -9.23 -71.53 15.44
CA GLU FA 114 -10.14 -71.29 14.32
C GLU FA 114 -11.49 -70.82 14.84
N ILE FA 115 -12.20 -70.09 13.99
CA ILE FA 115 -13.46 -69.44 14.31
C ILE FA 115 -14.46 -69.81 13.22
N SER FA 116 -15.46 -70.62 13.59
CA SER FA 116 -16.44 -71.10 12.61
C SER FA 116 -17.57 -70.09 12.41
N VAL FA 117 -17.97 -69.91 11.15
CA VAL FA 117 -18.88 -68.84 10.74
C VAL FA 117 -20.01 -69.44 9.92
N ALA FA 118 -21.19 -68.82 10.01
CA ALA FA 118 -22.39 -69.17 9.21
C ALA FA 118 -22.75 -70.63 9.31
N ALA GA 1 -46.62 -45.53 -4.43
CA ALA GA 1 -46.82 -44.93 -3.11
C ALA GA 1 -45.65 -45.24 -2.18
N TYR GA 2 -45.14 -44.20 -1.53
CA TYR GA 2 -44.00 -44.36 -0.62
C TYR GA 2 -44.08 -43.31 0.48
N LYS GA 3 -43.19 -43.45 1.46
CA LYS GA 3 -43.11 -42.55 2.61
C LYS GA 3 -41.75 -41.88 2.69
N LEU GA 4 -41.75 -40.58 2.91
CA LEU GA 4 -40.52 -39.82 3.16
C LEU GA 4 -40.23 -39.88 4.66
N ILE GA 5 -39.29 -40.72 5.04
CA ILE GA 5 -38.88 -40.91 6.43
C ILE GA 5 -37.99 -39.77 6.87
N LYS GA 6 -38.16 -39.30 8.11
CA LYS GA 6 -37.39 -38.16 8.58
C LYS GA 6 -35.96 -38.57 8.89
N MET GA 7 -35.00 -37.92 8.23
CA MET GA 7 -33.59 -38.11 8.51
C MET GA 7 -33.21 -37.37 9.80
N ALA GA 8 -32.09 -37.77 10.38
CA ALA GA 8 -31.61 -37.21 11.63
C ALA GA 8 -30.72 -36.02 11.33
N GLY GA 9 -31.23 -34.82 11.59
CA GLY GA 9 -30.53 -33.59 11.28
C GLY GA 9 -30.15 -32.85 12.54
N GLY GA 10 -28.99 -32.19 12.49
CA GLY GA 10 -28.56 -31.39 13.62
C GLY GA 10 -29.34 -30.10 13.77
N ASN GA 11 -29.69 -29.48 12.64
CA ASN GA 11 -30.42 -28.22 12.65
C ASN GA 11 -31.92 -28.49 12.81
N SER GA 12 -32.54 -27.80 13.76
CA SER GA 12 -33.97 -27.98 14.00
C SER GA 12 -34.86 -27.13 13.11
N ALA GA 13 -34.31 -26.06 12.51
CA ALA GA 13 -35.11 -25.22 11.63
C ALA GA 13 -35.48 -25.96 10.35
N ILE GA 14 -34.60 -26.86 9.89
CA ILE GA 14 -34.77 -27.61 8.65
C ILE GA 14 -35.09 -29.06 9.00
N GLN GA 15 -36.17 -29.58 8.44
CA GLN GA 15 -36.51 -30.99 8.54
C GLN GA 15 -36.17 -31.67 7.21
N THR GA 16 -35.37 -32.71 7.27
CA THR GA 16 -34.94 -33.43 6.08
C THR GA 16 -35.53 -34.83 6.10
N TYR GA 17 -35.92 -35.32 4.92
CA TYR GA 17 -36.55 -36.61 4.76
C TYR GA 17 -35.93 -37.30 3.55
N ALA GA 18 -35.93 -38.63 3.61
CA ALA GA 18 -35.48 -39.48 2.51
C ALA GA 18 -36.55 -40.49 2.20
N ARG GA 19 -36.70 -40.81 0.92
CA ARG GA 19 -37.69 -41.80 0.52
C ARG GA 19 -37.30 -43.17 1.04
N GLU GA 20 -38.30 -43.95 1.46
CA GLU GA 20 -38.03 -45.26 2.04
C GLU GA 20 -37.39 -46.19 1.01
N ASP GA 21 -37.95 -46.24 -0.20
CA ASP GA 21 -37.39 -47.07 -1.26
C ASP GA 21 -35.99 -46.61 -1.64
N LYS GA 22 -35.87 -45.37 -2.09
CA LYS GA 22 -34.59 -44.79 -2.48
C LYS GA 22 -34.20 -43.75 -1.45
N THR GA 23 -33.25 -44.09 -0.59
CA THR GA 23 -32.75 -43.08 0.34
C THR GA 23 -31.91 -42.02 -0.37
N THR GA 24 -31.70 -42.13 -1.69
CA THR GA 24 -31.00 -41.10 -2.44
C THR GA 24 -31.90 -39.93 -2.77
N GLN GA 25 -33.20 -40.19 -2.91
CA GLN GA 25 -34.17 -39.13 -3.16
C GLN GA 25 -34.56 -38.48 -1.84
N THR GA 26 -34.33 -37.17 -1.74
CA THR GA 26 -34.54 -36.49 -0.47
C THR GA 26 -35.44 -35.28 -0.67
N LEU GA 27 -35.84 -34.71 0.47
CA LEU GA 27 -36.77 -33.58 0.54
C LEU GA 27 -36.53 -32.83 1.84
N SER GA 28 -36.49 -31.50 1.76
CA SER GA 28 -36.25 -30.66 2.93
C SER GA 28 -37.35 -29.61 3.04
N THR GA 29 -37.82 -29.39 4.27
CA THR GA 29 -38.78 -28.33 4.54
C THR GA 29 -38.21 -27.41 5.61
N GLN GA 30 -38.33 -26.10 5.38
CA GLN GA 30 -37.81 -25.11 6.31
C GLN GA 30 -38.73 -23.90 6.36
N LYS GA 31 -39.12 -23.49 7.55
CA LYS GA 31 -39.83 -22.23 7.73
C LYS GA 31 -39.00 -21.32 8.62
N THR GA 32 -38.88 -20.06 8.21
CA THR GA 32 -38.14 -19.05 8.94
C THR GA 32 -38.99 -17.80 9.07
N ILE GA 33 -38.70 -17.01 10.09
CA ILE GA 33 -39.47 -15.82 10.42
C ILE GA 33 -38.53 -14.63 10.46
N SER GA 34 -38.95 -13.51 9.86
CA SER GA 34 -38.20 -12.27 9.85
C SER GA 34 -39.06 -11.15 10.44
N VAL GA 35 -38.40 -10.16 11.03
CA VAL GA 35 -39.08 -9.03 11.64
C VAL GA 35 -38.83 -7.80 10.77
N LEU GA 36 -39.91 -7.12 10.39
CA LEU GA 36 -39.84 -5.93 9.56
C LEU GA 36 -40.34 -4.79 10.42
N ARG GA 37 -39.44 -3.94 10.89
CA ARG GA 37 -39.79 -2.86 11.81
C ARG GA 37 -40.07 -1.60 11.00
N ASN GA 38 -41.33 -1.16 11.02
CA ASN GA 38 -41.76 0.10 10.45
C ASN GA 38 -42.18 1.00 11.61
N GLY GA 39 -41.37 2.03 11.87
CA GLY GA 39 -41.63 2.88 13.01
C GLY GA 39 -41.60 2.10 14.32
N SER GA 40 -42.69 2.20 15.08
CA SER GA 40 -42.82 1.49 16.34
C SER GA 40 -43.66 0.22 16.20
N THR GA 41 -43.90 -0.23 14.96
CA THR GA 41 -44.67 -1.44 14.71
C THR GA 41 -43.80 -2.43 13.95
N SER GA 42 -43.64 -3.62 14.50
CA SER GA 42 -42.87 -4.67 13.85
C SER GA 42 -43.81 -5.74 13.33
N THR GA 43 -43.64 -6.09 12.05
CA THR GA 43 -44.49 -7.08 11.39
C THR GA 43 -43.69 -8.32 11.04
N ARG GA 44 -44.37 -9.46 11.11
CA ARG GA 44 -43.75 -10.77 10.99
C ARG GA 44 -43.84 -11.25 9.54
N ILE GA 45 -42.72 -11.77 9.02
CA ILE GA 45 -42.61 -12.15 7.62
C ILE GA 45 -42.18 -13.61 7.54
N ILE GA 46 -43.07 -14.45 7.01
CA ILE GA 46 -42.90 -15.91 7.01
C ILE GA 46 -42.36 -16.34 5.66
N LYS GA 47 -41.27 -17.10 5.68
CA LYS GA 47 -40.62 -17.64 4.49
C LYS GA 47 -40.56 -19.16 4.62
N VAL GA 48 -41.05 -19.85 3.59
CA VAL GA 48 -41.06 -21.31 3.52
C VAL GA 48 -40.20 -21.75 2.35
N HIS GA 49 -39.43 -22.82 2.53
CA HIS GA 49 -38.57 -23.37 1.49
C HIS GA 49 -38.66 -24.89 1.51
N ILE GA 50 -39.19 -25.46 0.43
CA ILE GA 50 -39.27 -26.90 0.23
C ILE GA 50 -38.38 -27.26 -0.95
N ASN GA 51 -37.55 -28.28 -0.78
CA ASN GA 51 -36.67 -28.75 -1.85
C ASN GA 51 -36.80 -30.26 -1.99
N SER GA 52 -36.89 -30.75 -3.23
CA SER GA 52 -37.05 -32.18 -3.47
C SER GA 52 -36.07 -32.57 -4.58
N THR GA 53 -35.00 -33.29 -4.23
CA THR GA 53 -33.99 -33.64 -5.23
C THR GA 53 -33.71 -35.13 -5.22
N ALA GA 54 -33.01 -35.54 -6.26
CA ALA GA 54 -32.51 -36.89 -6.41
C ALA GA 54 -31.34 -36.85 -7.38
N PRO GA 55 -30.36 -37.75 -7.23
CA PRO GA 55 -29.21 -37.73 -8.15
C PRO GA 55 -29.56 -38.46 -9.44
N VAL GA 56 -29.19 -37.85 -10.57
CA VAL GA 56 -29.30 -38.48 -11.88
C VAL GA 56 -27.90 -38.63 -12.44
N THR GA 57 -27.64 -39.78 -13.08
CA THR GA 57 -26.33 -40.08 -13.64
C THR GA 57 -26.34 -39.83 -15.14
N ILE GA 58 -25.39 -39.00 -15.61
CA ILE GA 58 -25.24 -38.68 -17.02
C ILE GA 58 -24.35 -39.74 -17.65
N ASN GA 59 -24.94 -40.62 -18.44
CA ASN GA 59 -24.16 -41.68 -19.07
C ASN GA 59 -23.41 -41.11 -20.27
N THR GA 60 -22.09 -41.22 -20.23
CA THR GA 60 -21.22 -40.80 -21.31
C THR GA 60 -20.35 -41.98 -21.69
N CYS GA 61 -20.24 -42.28 -22.98
CA CYS GA 61 -19.46 -43.43 -23.40
C CYS GA 61 -17.99 -43.17 -23.13
N ASP GA 62 -17.31 -44.21 -22.65
CA ASP GA 62 -15.96 -44.11 -22.12
C ASP GA 62 -15.39 -45.51 -22.07
N PRO GA 63 -14.06 -45.67 -22.25
CA PRO GA 63 -13.46 -47.01 -22.05
C PRO GA 63 -13.82 -47.59 -20.69
N THR GA 64 -13.82 -46.75 -19.66
CA THR GA 64 -14.30 -47.12 -18.33
C THR GA 64 -15.67 -46.49 -18.14
N LYS GA 65 -16.72 -47.33 -18.07
CA LYS GA 65 -18.09 -46.87 -18.15
C LYS GA 65 -18.60 -46.41 -16.77
N CYS GA 66 -18.05 -45.28 -16.30
CA CYS GA 66 -18.56 -44.57 -15.14
C CYS GA 66 -18.66 -43.09 -15.47
N GLY GA 67 -19.87 -42.55 -15.41
CA GLY GA 67 -20.10 -41.14 -15.67
C GLY GA 67 -20.45 -40.38 -14.42
N PRO GA 68 -20.49 -39.06 -14.51
CA PRO GA 68 -20.69 -38.23 -13.31
C PRO GA 68 -22.15 -38.23 -12.88
N THR GA 69 -22.37 -37.73 -11.67
CA THR GA 69 -23.70 -37.64 -11.09
C THR GA 69 -24.01 -36.20 -10.75
N VAL GA 70 -25.20 -35.74 -11.15
CA VAL GA 70 -25.60 -34.35 -10.95
C VAL GA 70 -27.05 -34.39 -10.44
N PRO GA 71 -27.44 -33.49 -9.54
CA PRO GA 71 -28.77 -33.59 -8.94
C PRO GA 71 -29.84 -32.97 -9.81
N MET GA 72 -31.00 -33.60 -9.84
CA MET GA 72 -32.22 -33.01 -10.37
C MET GA 72 -33.12 -32.64 -9.22
N GLY GA 73 -33.67 -31.43 -9.27
CA GLY GA 73 -34.33 -30.84 -8.12
C GLY GA 73 -35.53 -30.03 -8.50
N VAL GA 74 -36.51 -30.01 -7.60
CA VAL GA 74 -37.68 -29.16 -7.73
C VAL GA 74 -37.80 -28.40 -6.43
N SER GA 75 -37.84 -27.08 -6.52
CA SER GA 75 -37.79 -26.21 -5.35
C SER GA 75 -39.01 -25.31 -5.31
N PHE GA 76 -39.52 -25.08 -4.10
CA PHE GA 76 -40.65 -24.19 -3.85
C PHE GA 76 -40.22 -23.22 -2.78
N LYS GA 77 -40.41 -21.93 -3.02
CA LYS GA 77 -40.13 -20.91 -2.03
C LYS GA 77 -41.33 -19.98 -1.89
N SER GA 78 -41.47 -19.41 -0.70
CA SER GA 78 -42.64 -18.62 -0.35
C SER GA 78 -42.20 -17.56 0.66
N SER GA 79 -42.72 -16.33 0.52
CA SER GA 79 -42.39 -15.26 1.46
C SER GA 79 -43.52 -14.25 1.50
N MET GA 80 -44.04 -13.97 2.69
CA MET GA 80 -45.15 -13.03 2.76
C MET GA 80 -45.32 -12.55 4.18
N PRO GA 81 -45.94 -11.38 4.39
CA PRO GA 81 -46.20 -10.92 5.76
C PRO GA 81 -47.27 -11.78 6.40
N GLU GA 82 -47.19 -11.87 7.73
CA GLU GA 82 -48.10 -12.71 8.48
C GLU GA 82 -49.55 -12.33 8.19
N ASP GA 83 -50.40 -13.35 8.13
CA ASP GA 83 -51.85 -13.21 7.92
C ASP GA 83 -52.18 -12.61 6.55
N ALA GA 84 -51.27 -12.70 5.58
CA ALA GA 84 -51.59 -12.30 4.22
C ALA GA 84 -52.30 -13.44 3.51
N ASP GA 85 -52.83 -13.17 2.32
CA ASP GA 85 -53.57 -14.20 1.59
C ASP GA 85 -52.82 -14.62 0.33
N PRO GA 86 -52.18 -15.79 0.32
CA PRO GA 86 -51.49 -16.25 -0.89
C PRO GA 86 -52.35 -16.99 -1.90
N ALA GA 87 -53.66 -17.07 -1.68
CA ALA GA 87 -54.49 -17.99 -2.45
C ALA GA 87 -54.34 -17.74 -3.94
N GLU GA 88 -54.29 -16.47 -4.34
CA GLU GA 88 -54.30 -16.18 -5.76
C GLU GA 88 -52.92 -16.32 -6.39
N VAL GA 89 -51.86 -15.87 -5.70
CA VAL GA 89 -50.51 -16.10 -6.24
C VAL GA 89 -50.21 -17.59 -6.34
N LEU GA 90 -50.73 -18.39 -5.41
CA LEU GA 90 -50.63 -19.84 -5.52
C LEU GA 90 -51.34 -20.35 -6.75
N LYS GA 91 -52.60 -19.94 -6.96
CA LYS GA 91 -53.34 -20.41 -8.14
C LYS GA 91 -52.59 -20.08 -9.43
N ALA GA 92 -52.09 -18.84 -9.54
CA ALA GA 92 -51.37 -18.43 -10.74
C ALA GA 92 -50.09 -19.22 -10.94
N ALA GA 93 -49.28 -19.33 -9.87
CA ALA GA 93 -48.05 -20.10 -9.94
C ALA GA 93 -48.34 -21.53 -10.36
N LYS GA 94 -49.42 -22.11 -9.82
CA LYS GA 94 -49.75 -23.50 -10.14
C LYS GA 94 -50.17 -23.64 -11.60
N ALA GA 95 -50.88 -22.65 -12.14
CA ALA GA 95 -51.24 -22.70 -13.56
C ALA GA 95 -50.01 -22.62 -14.47
N ALA GA 96 -49.08 -21.72 -14.13
CA ALA GA 96 -47.84 -21.63 -14.90
C ALA GA 96 -47.04 -22.93 -14.81
N LEU GA 97 -46.92 -23.48 -13.60
CA LEU GA 97 -46.28 -24.77 -13.42
C LEU GA 97 -46.95 -25.84 -14.26
N ALA GA 98 -48.28 -25.82 -14.32
CA ALA GA 98 -49.01 -26.79 -15.12
C ALA GA 98 -48.59 -26.70 -16.58
N LEU GA 99 -48.38 -25.47 -17.08
CA LEU GA 99 -47.89 -25.33 -18.45
C LEU GA 99 -46.47 -25.90 -18.60
N PHE GA 100 -45.57 -25.56 -17.69
CA PHE GA 100 -44.17 -25.92 -17.89
C PHE GA 100 -43.80 -27.33 -17.44
N GLU GA 101 -44.66 -28.01 -16.68
CA GLU GA 101 -44.27 -29.23 -15.96
C GLU GA 101 -43.87 -30.34 -16.91
N ALA GA 102 -44.67 -30.56 -17.97
CA ALA GA 102 -44.34 -31.59 -18.95
C ALA GA 102 -42.96 -31.36 -19.55
N ASN GA 103 -42.60 -30.09 -19.76
CA ASN GA 103 -41.39 -29.72 -20.48
C ASN GA 103 -40.24 -29.32 -19.54
N LEU GA 104 -40.22 -29.84 -18.31
CA LEU GA 104 -39.16 -29.47 -17.37
C LEU GA 104 -37.82 -30.06 -17.75
N ASN GA 105 -37.81 -31.12 -18.55
CA ASN GA 105 -36.59 -31.84 -18.92
C ASN GA 105 -36.30 -31.73 -20.41
N SER GA 106 -36.88 -30.74 -21.11
CA SER GA 106 -36.93 -30.83 -22.57
C SER GA 106 -36.17 -29.72 -23.31
N ALA GA 107 -35.84 -28.59 -22.67
CA ALA GA 107 -35.08 -27.51 -23.30
C ALA GA 107 -35.87 -26.80 -24.40
N PHE GA 108 -37.18 -27.03 -24.48
CA PHE GA 108 -38.05 -26.34 -25.43
C PHE GA 108 -38.86 -25.29 -24.70
N ASN GA 109 -39.09 -24.17 -25.37
CA ASN GA 109 -39.97 -23.14 -24.83
C ASN GA 109 -40.58 -22.36 -25.97
N LYS GA 110 -41.90 -22.18 -25.93
CA LYS GA 110 -42.65 -21.48 -26.97
C LYS GA 110 -43.26 -20.22 -26.37
N ASN GA 111 -43.40 -19.19 -27.18
CA ASN GA 111 -44.03 -17.96 -26.70
C ASN GA 111 -45.47 -18.23 -26.31
N VAL GA 112 -45.82 -17.84 -25.09
CA VAL GA 112 -47.17 -17.96 -24.58
C VAL GA 112 -47.69 -16.55 -24.35
N ASP GA 113 -48.78 -16.20 -25.04
CA ASP GA 113 -49.30 -14.85 -24.96
C ASP GA 113 -50.20 -14.65 -23.74
N GLU GA 114 -50.72 -15.73 -23.17
CA GLU GA 114 -51.51 -15.60 -21.95
C GLU GA 114 -51.61 -16.94 -21.25
N ILE GA 115 -51.76 -16.87 -19.93
CA ILE GA 115 -51.94 -18.03 -19.07
C ILE GA 115 -53.31 -17.90 -18.41
N SER GA 116 -54.16 -18.89 -18.62
CA SER GA 116 -55.50 -18.88 -18.05
C SER GA 116 -55.47 -19.50 -16.66
N VAL GA 117 -55.99 -18.78 -15.68
CA VAL GA 117 -56.01 -19.24 -14.29
C VAL GA 117 -57.42 -19.68 -13.93
N ALA GA 118 -57.51 -20.77 -13.17
CA ALA GA 118 -58.79 -21.39 -12.81
C ALA GA 118 -59.74 -20.43 -12.07
N ALA HA 1 -52.01 70.28 -60.03
CA ALA HA 1 -51.75 70.22 -61.47
C ALA HA 1 -50.43 70.91 -61.84
N TYR HA 2 -49.33 70.15 -61.78
CA TYR HA 2 -47.99 70.66 -62.10
C TYR HA 2 -47.20 69.58 -62.82
N LYS HA 3 -45.95 69.90 -63.17
CA LYS HA 3 -45.08 68.91 -63.81
C LYS HA 3 -43.65 69.06 -63.31
N LEU HA 4 -42.97 67.92 -63.22
CA LEU HA 4 -41.59 67.84 -62.75
C LEU HA 4 -40.67 67.79 -63.97
N ILE HA 5 -39.86 68.81 -64.12
CA ILE HA 5 -38.92 68.90 -65.22
C ILE HA 5 -37.58 68.34 -64.77
N LYS HA 6 -36.85 67.72 -65.71
CA LYS HA 6 -35.58 67.11 -65.38
C LYS HA 6 -34.55 68.15 -64.97
N MET HA 7 -33.82 67.87 -63.90
CA MET HA 7 -32.76 68.74 -63.40
C MET HA 7 -31.42 68.36 -63.99
N ALA HA 8 -30.52 69.32 -63.97
CA ALA HA 8 -29.12 69.04 -64.29
C ALA HA 8 -28.54 68.13 -63.21
N GLY HA 9 -28.02 66.98 -63.62
CA GLY HA 9 -27.46 66.02 -62.68
C GLY HA 9 -26.16 65.45 -63.23
N GLY HA 10 -25.38 64.90 -62.30
CA GLY HA 10 -24.06 64.38 -62.63
C GLY HA 10 -24.05 62.92 -63.04
N ASN HA 11 -24.93 62.12 -62.46
CA ASN HA 11 -24.96 60.69 -62.72
C ASN HA 11 -25.85 60.39 -63.93
N SER HA 12 -25.45 59.39 -64.72
CA SER HA 12 -26.22 58.99 -65.90
C SER HA 12 -27.30 57.97 -65.59
N ALA HA 13 -27.10 57.17 -64.54
CA ALA HA 13 -28.09 56.17 -64.14
C ALA HA 13 -29.27 56.80 -63.42
N ILE HA 14 -29.04 57.91 -62.72
CA ILE HA 14 -30.05 58.57 -61.90
C ILE HA 14 -30.61 59.74 -62.69
N GLN HA 15 -31.94 59.78 -62.83
CA GLN HA 15 -32.64 60.94 -63.38
C GLN HA 15 -33.24 61.72 -62.23
N THR HA 16 -32.91 63.01 -62.14
CA THR HA 16 -33.40 63.88 -61.10
C THR HA 16 -34.33 64.92 -61.71
N TYR HA 17 -35.47 65.14 -61.07
CA TYR HA 17 -36.49 66.07 -61.51
C TYR HA 17 -36.83 67.01 -60.36
N ALA HA 18 -37.21 68.23 -60.71
CA ALA HA 18 -37.73 69.19 -59.76
C ALA HA 18 -39.07 69.70 -60.24
N ARG HA 19 -39.92 70.06 -59.29
CA ARG HA 19 -41.22 70.61 -59.59
C ARG HA 19 -41.08 72.01 -60.18
N GLU HA 20 -41.88 72.30 -61.19
CA GLU HA 20 -41.78 73.61 -61.84
C GLU HA 20 -42.16 74.73 -60.88
N ASP HA 21 -43.29 74.59 -60.18
CA ASP HA 21 -43.73 75.61 -59.25
C ASP HA 21 -42.74 75.79 -58.11
N LYS HA 22 -42.51 74.72 -57.34
CA LYS HA 22 -41.54 74.72 -56.25
C LYS HA 22 -40.36 73.88 -56.66
N THR HA 23 -39.24 74.52 -56.95
CA THR HA 23 -38.03 73.76 -57.25
C THR HA 23 -37.39 73.17 -56.00
N THR HA 24 -38.08 73.25 -54.85
CA THR HA 24 -37.63 72.60 -53.63
C THR HA 24 -38.16 71.19 -53.48
N GLN HA 25 -39.27 70.89 -54.15
CA GLN HA 25 -39.81 69.54 -54.20
C GLN HA 25 -39.14 68.81 -55.36
N THR HA 26 -38.53 67.67 -55.07
CA THR HA 26 -37.77 66.94 -56.07
C THR HA 26 -38.15 65.46 -56.07
N LEU HA 27 -37.69 64.78 -57.12
CA LEU HA 27 -37.98 63.37 -57.38
C LEU HA 27 -36.80 62.77 -58.12
N SER HA 28 -36.52 61.49 -57.86
CA SER HA 28 -35.35 60.85 -58.45
C SER HA 28 -35.65 59.40 -58.78
N THR HA 29 -35.31 58.98 -60.00
CA THR HA 29 -35.53 57.61 -60.43
C THR HA 29 -34.21 57.01 -60.89
N GLN HA 30 -33.90 55.81 -60.41
CA GLN HA 30 -32.67 55.12 -60.74
C GLN HA 30 -32.94 53.67 -61.06
N LYS HA 31 -32.28 53.14 -62.09
CA LYS HA 31 -32.35 51.73 -62.42
C LYS HA 31 -30.95 51.12 -62.40
N THR HA 32 -30.83 49.99 -61.71
CA THR HA 32 -29.60 49.23 -61.55
C THR HA 32 -29.81 47.84 -62.10
N ILE HA 33 -28.86 47.32 -62.85
CA ILE HA 33 -28.88 45.95 -63.31
C ILE HA 33 -27.76 45.19 -62.60
N SER HA 34 -28.09 44.02 -62.07
CA SER HA 34 -27.14 43.14 -61.41
C SER HA 34 -27.18 41.78 -62.10
N VAL HA 35 -26.14 41.00 -61.88
CA VAL HA 35 -26.03 39.66 -62.48
C VAL HA 35 -25.92 38.65 -61.35
N LEU HA 36 -26.75 37.61 -61.40
CA LEU HA 36 -26.70 36.52 -60.44
C LEU HA 36 -26.60 35.22 -61.22
N ARG HA 37 -25.50 34.49 -61.02
CA ARG HA 37 -25.28 33.28 -61.79
C ARG HA 37 -25.24 32.06 -60.87
N ASN HA 38 -25.95 31.01 -61.27
CA ASN HA 38 -25.87 29.68 -60.67
C ASN HA 38 -25.18 28.77 -61.68
N GLY HA 39 -24.01 28.27 -61.31
CA GLY HA 39 -23.24 27.45 -62.23
C GLY HA 39 -22.92 28.23 -63.49
N SER HA 40 -23.38 27.69 -64.62
CA SER HA 40 -23.20 28.34 -65.91
C SER HA 40 -24.30 29.35 -66.21
N THR HA 41 -25.52 29.13 -65.69
CA THR HA 41 -26.62 30.02 -66.01
C THR HA 41 -26.48 31.33 -65.24
N SER HA 42 -26.91 32.42 -65.89
CA SER HA 42 -26.84 33.74 -65.27
C SER HA 42 -28.10 34.51 -65.62
N THR HA 43 -28.62 35.26 -64.64
CA THR HA 43 -29.86 35.99 -64.80
C THR HA 43 -29.72 37.41 -64.27
N ARG HA 44 -30.46 38.32 -64.90
CA ARG HA 44 -30.40 39.73 -64.55
C ARG HA 44 -31.37 40.07 -63.44
N ILE HA 45 -30.92 40.92 -62.53
CA ILE HA 45 -31.73 41.40 -61.42
C ILE HA 45 -31.90 42.90 -61.61
N ILE HA 46 -33.13 43.32 -61.92
CA ILE HA 46 -33.44 44.71 -62.18
C ILE HA 46 -33.98 45.34 -60.91
N LYS HA 47 -33.34 46.44 -60.50
CA LYS HA 47 -33.67 47.18 -59.29
C LYS HA 47 -34.01 48.61 -59.66
N VAL HA 48 -35.17 49.07 -59.22
CA VAL HA 48 -35.67 50.42 -59.46
C VAL HA 48 -35.79 51.13 -58.13
N HIS HA 49 -35.48 52.43 -58.12
CA HIS HA 49 -35.57 53.24 -56.91
C HIS HA 49 -36.14 54.60 -57.28
N ILE HA 50 -37.29 54.95 -56.70
CA ILE HA 50 -37.96 56.23 -56.90
C ILE HA 50 -38.07 56.91 -55.55
N ASN HA 51 -37.59 58.14 -55.46
CA ASN HA 51 -37.61 58.89 -54.20
C ASN HA 51 -38.18 60.26 -54.44
N SER HA 52 -39.24 60.62 -53.71
CA SER HA 52 -39.88 61.92 -53.82
C SER HA 52 -39.74 62.63 -52.48
N THR HA 53 -39.07 63.78 -52.45
CA THR HA 53 -38.95 64.52 -51.19
C THR HA 53 -39.21 65.99 -51.37
N ALA HA 54 -39.48 66.63 -50.23
CA ALA HA 54 -39.57 68.07 -50.13
C ALA HA 54 -39.12 68.46 -48.73
N PRO HA 55 -38.56 69.64 -48.55
CA PRO HA 55 -38.23 70.09 -47.20
C PRO HA 55 -39.51 70.55 -46.51
N VAL HA 56 -39.54 70.37 -45.19
CA VAL HA 56 -40.63 70.85 -44.37
C VAL HA 56 -40.06 71.50 -43.11
N THR HA 57 -40.60 72.66 -42.76
CA THR HA 57 -40.14 73.44 -41.62
C THR HA 57 -40.49 72.74 -40.31
N ILE HA 58 -39.51 72.63 -39.40
CA ILE HA 58 -39.70 71.82 -38.19
C ILE HA 58 -40.85 72.36 -37.35
N ASN HA 59 -40.85 73.67 -37.11
CA ASN HA 59 -41.58 74.25 -35.98
C ASN HA 59 -42.97 74.72 -36.44
N THR HA 60 -43.99 73.97 -36.05
CA THR HA 60 -45.35 74.33 -36.45
C THR HA 60 -45.84 75.59 -35.73
N CYS HA 61 -45.60 75.68 -34.42
CA CYS HA 61 -46.09 76.79 -33.61
C CYS HA 61 -45.14 78.00 -33.62
N ASP HA 62 -44.08 77.98 -34.43
CA ASP HA 62 -43.17 79.12 -34.55
C ASP HA 62 -43.72 80.16 -35.51
N PRO HA 63 -43.12 81.37 -35.54
CA PRO HA 63 -43.59 82.39 -36.49
C PRO HA 63 -43.08 82.18 -37.92
N THR HA 64 -42.60 80.95 -38.19
CA THR HA 64 -42.04 80.57 -39.50
C THR HA 64 -40.82 81.43 -39.85
N LYS HA 65 -39.96 81.67 -38.85
CA LYS HA 65 -38.76 82.49 -39.03
C LYS HA 65 -37.60 81.64 -39.56
N CYS HA 66 -37.83 81.01 -40.72
CA CYS HA 66 -36.85 80.16 -41.39
C CYS HA 66 -36.24 79.15 -40.42
N GLY HA 67 -37.11 78.43 -39.71
CA GLY HA 67 -36.69 77.37 -38.85
C GLY HA 67 -36.01 76.29 -39.66
N PRO HA 68 -35.01 75.63 -39.08
CA PRO HA 68 -34.29 74.58 -39.83
C PRO HA 68 -35.26 73.53 -40.33
N THR HA 69 -35.04 73.09 -41.56
CA THR HA 69 -35.97 72.21 -42.26
C THR HA 69 -35.48 70.77 -42.23
N VAL HA 70 -36.43 69.85 -42.23
CA VAL HA 70 -36.14 68.42 -42.30
C VAL HA 70 -36.74 67.89 -43.60
N PRO HA 71 -36.05 66.98 -44.28
CA PRO HA 71 -36.63 66.37 -45.49
C PRO HA 71 -37.78 65.42 -45.15
N MET HA 72 -38.90 65.60 -45.83
CA MET HA 72 -40.03 64.70 -45.80
C MET HA 72 -40.05 63.93 -47.10
N GLY HA 73 -40.16 62.61 -47.02
CA GLY HA 73 -39.85 61.76 -48.15
C GLY HA 73 -40.78 60.56 -48.26
N VAL HA 74 -40.98 60.13 -49.50
CA VAL HA 74 -41.72 58.92 -49.81
C VAL HA 74 -40.93 58.18 -50.88
N SER HA 75 -40.59 56.92 -50.59
CA SER HA 75 -39.67 56.16 -51.42
C SER HA 75 -40.29 54.84 -51.86
N PHE HA 76 -39.86 54.37 -53.02
CA PHE HA 76 -40.31 53.12 -53.62
C PHE HA 76 -39.10 52.39 -54.14
N LYS HA 77 -39.03 51.09 -53.87
CA LYS HA 77 -37.92 50.27 -54.35
C LYS HA 77 -38.46 48.94 -54.90
N SER HA 78 -37.79 48.45 -55.94
CA SER HA 78 -38.23 47.27 -56.67
C SER HA 78 -36.99 46.44 -57.00
N SER HA 79 -37.03 45.14 -56.69
CA SER HA 79 -35.92 44.25 -57.05
C SER HA 79 -36.49 42.93 -57.53
N MET HA 80 -36.20 42.56 -58.77
CA MET HA 80 -36.81 41.35 -59.30
C MET HA 80 -35.96 40.76 -60.41
N PRO HA 81 -36.02 39.46 -60.63
CA PRO HA 81 -35.38 38.88 -61.81
C PRO HA 81 -36.04 39.42 -63.07
N GLU HA 82 -35.22 39.60 -64.11
CA GLU HA 82 -35.71 40.11 -65.39
C GLU HA 82 -36.89 39.29 -65.88
N ASP HA 83 -37.90 39.97 -66.41
CA ASP HA 83 -39.11 39.35 -66.98
C ASP HA 83 -39.98 38.66 -65.94
N ALA HA 84 -39.78 38.92 -64.65
CA ALA HA 84 -40.70 38.41 -63.65
C ALA HA 84 -41.96 39.27 -63.62
N ASP HA 85 -42.98 38.81 -62.90
CA ASP HA 85 -44.25 39.53 -62.88
C ASP HA 85 -44.52 40.18 -61.53
N PRO HA 86 -44.26 41.47 -61.38
CA PRO HA 86 -44.53 42.14 -60.10
C PRO HA 86 -45.99 42.43 -59.86
N ALA HA 87 -46.88 42.05 -60.78
CA ALA HA 87 -48.27 42.49 -60.73
C ALA HA 87 -48.89 42.24 -59.35
N GLU HA 88 -48.68 41.04 -58.81
CA GLU HA 88 -49.34 40.67 -57.57
C GLU HA 88 -48.70 41.33 -56.35
N VAL HA 89 -47.36 41.36 -56.29
CA VAL HA 89 -46.72 42.03 -55.16
C VAL HA 89 -47.01 43.52 -55.17
N LEU HA 90 -47.19 44.10 -56.36
CA LEU HA 90 -47.59 45.49 -56.46
C LEU HA 90 -49.01 45.71 -55.96
N LYS HA 91 -49.95 44.86 -56.39
CA LYS HA 91 -51.32 44.95 -55.88
C LYS HA 91 -51.34 44.90 -54.36
N ALA HA 92 -50.63 43.92 -53.79
CA ALA HA 92 -50.58 43.77 -52.34
C ALA HA 92 -49.96 45.00 -51.68
N ALA HA 93 -48.82 45.45 -52.20
CA ALA HA 93 -48.14 46.61 -51.61
C ALA HA 93 -49.05 47.84 -51.63
N LYS HA 94 -49.75 48.06 -52.74
CA LYS HA 94 -50.64 49.22 -52.84
C LYS HA 94 -51.80 49.10 -51.87
N ALA HA 95 -52.37 47.90 -51.74
CA ALA HA 95 -53.44 47.68 -50.77
C ALA HA 95 -52.97 47.98 -49.35
N ALA HA 96 -51.77 47.53 -48.99
CA ALA HA 96 -51.23 47.83 -47.67
C ALA HA 96 -51.02 49.32 -47.50
N LEU HA 97 -50.43 49.98 -48.50
CA LEU HA 97 -50.17 51.41 -48.41
C LEU HA 97 -51.46 52.18 -48.16
N ALA HA 98 -52.54 51.82 -48.85
CA ALA HA 98 -53.81 52.52 -48.67
C ALA HA 98 -54.23 52.59 -47.21
N LEU HA 99 -53.85 51.58 -46.40
CA LEU HA 99 -54.20 51.63 -44.97
C LEU HA 99 -53.33 52.63 -44.22
N PHE HA 100 -52.11 52.88 -44.69
CA PHE HA 100 -51.19 53.75 -43.96
C PHE HA 100 -51.21 55.19 -44.41
N GLU HA 101 -51.53 55.47 -45.68
CA GLU HA 101 -51.21 56.81 -46.19
C GLU HA 101 -52.07 57.89 -45.56
N ALA HA 102 -53.23 57.54 -45.01
CA ALA HA 102 -53.95 58.52 -44.20
C ALA HA 102 -53.15 58.87 -42.94
N ASN HA 103 -52.57 57.86 -42.31
CA ASN HA 103 -51.88 57.99 -41.03
C ASN HA 103 -50.37 57.93 -41.19
N LEU HA 104 -49.86 58.52 -42.29
CA LEU HA 104 -48.43 58.49 -42.58
C LEU HA 104 -47.62 59.44 -41.71
N ASN HA 105 -48.29 60.30 -40.95
CA ASN HA 105 -47.63 61.28 -40.09
C ASN HA 105 -48.10 61.20 -38.65
N SER HA 106 -48.94 60.23 -38.28
CA SER HA 106 -49.67 60.35 -37.03
C SER HA 106 -49.25 59.35 -35.97
N ALA HA 107 -48.13 58.64 -36.16
CA ALA HA 107 -47.53 57.81 -35.11
C ALA HA 107 -48.47 56.72 -34.61
N PHE HA 108 -49.57 56.46 -35.30
CA PHE HA 108 -50.59 55.51 -34.84
C PHE HA 108 -50.64 54.35 -35.82
N ASN HA 109 -50.22 53.17 -35.37
CA ASN HA 109 -50.21 51.97 -36.19
C ASN HA 109 -51.37 51.08 -35.75
N LYS HA 110 -52.45 51.06 -36.52
CA LYS HA 110 -53.60 50.24 -36.14
C LYS HA 110 -53.25 48.77 -36.24
N ASN HA 111 -53.76 47.99 -35.29
CA ASN HA 111 -53.62 46.52 -35.35
C ASN HA 111 -54.57 46.02 -36.42
N VAL HA 112 -54.00 45.63 -37.55
CA VAL HA 112 -54.73 45.02 -38.66
C VAL HA 112 -54.34 43.55 -38.70
N ASP HA 113 -55.34 42.67 -38.61
CA ASP HA 113 -55.13 41.24 -38.63
C ASP HA 113 -55.30 40.63 -40.02
N GLU HA 114 -55.90 41.35 -40.96
CA GLU HA 114 -55.95 40.89 -42.34
C GLU HA 114 -56.17 42.07 -43.27
N ILE HA 115 -55.50 42.02 -44.42
CA ILE HA 115 -55.56 43.05 -45.45
C ILE HA 115 -56.19 42.45 -46.68
N SER HA 116 -57.29 43.03 -47.15
CA SER HA 116 -57.99 42.54 -48.32
C SER HA 116 -57.41 43.17 -49.57
N VAL HA 117 -57.03 42.34 -50.54
CA VAL HA 117 -56.47 42.80 -51.81
C VAL HA 117 -57.53 42.67 -52.90
N ALA HA 118 -57.70 43.73 -53.68
CA ALA HA 118 -58.76 43.79 -54.68
C ALA HA 118 -58.54 42.76 -55.80
N ALA IA 1 -35.06 42.28 -88.41
CA ALA IA 1 -36.43 42.21 -87.93
C ALA IA 1 -36.51 42.48 -86.42
N TYR IA 2 -35.40 42.91 -85.82
CA TYR IA 2 -35.36 43.32 -84.42
C TYR IA 2 -34.43 44.51 -84.28
N LYS IA 3 -34.35 45.04 -83.06
CA LYS IA 3 -33.45 46.16 -82.79
C LYS IA 3 -32.72 45.96 -81.46
N LEU IA 4 -31.47 46.39 -81.44
CA LEU IA 4 -30.61 46.32 -80.26
C LEU IA 4 -30.75 47.64 -79.51
N ILE IA 5 -31.35 47.60 -78.35
CA ILE IA 5 -31.58 48.80 -77.54
C ILE IA 5 -30.43 48.96 -76.57
N LYS IA 6 -29.98 50.21 -76.39
CA LYS IA 6 -28.88 50.49 -75.47
C LYS IA 6 -29.30 50.15 -74.05
N MET IA 7 -28.50 49.34 -73.38
CA MET IA 7 -28.90 48.87 -72.07
C MET IA 7 -28.66 49.95 -71.03
N ALA IA 8 -29.42 49.83 -69.94
CA ALA IA 8 -29.33 50.75 -68.81
C ALA IA 8 -28.02 50.51 -68.09
N GLY IA 9 -26.92 50.94 -68.74
CA GLY IA 9 -25.60 50.82 -68.16
C GLY IA 9 -24.87 52.15 -68.25
N GLY IA 10 -23.86 52.30 -67.39
CA GLY IA 10 -23.10 53.52 -67.39
C GLY IA 10 -22.23 53.66 -68.63
N ASN IA 11 -22.53 54.64 -69.47
CA ASN IA 11 -21.73 54.87 -70.66
C ASN IA 11 -20.28 55.19 -70.26
N SER IA 12 -19.35 54.41 -70.78
CA SER IA 12 -17.93 54.57 -70.49
C SER IA 12 -17.14 54.94 -71.73
N ALA IA 13 -17.76 55.69 -72.66
CA ALA IA 13 -17.37 55.76 -74.06
C ALA IA 13 -17.35 54.36 -74.70
N ILE IA 14 -18.04 53.42 -74.05
CA ILE IA 14 -18.32 52.08 -74.53
C ILE IA 14 -19.82 51.89 -74.46
N GLN IA 15 -20.46 51.62 -75.60
CA GLN IA 15 -21.91 51.51 -75.66
C GLN IA 15 -22.31 50.06 -75.78
N THR IA 16 -23.10 49.57 -74.84
CA THR IA 16 -23.54 48.19 -74.78
C THR IA 16 -25.04 48.13 -74.99
N TYR IA 17 -25.46 47.28 -75.93
CA TYR IA 17 -26.85 47.11 -76.31
C TYR IA 17 -27.24 45.65 -76.09
N ALA IA 18 -28.52 45.44 -75.82
CA ALA IA 18 -29.11 44.11 -75.79
C ALA IA 18 -30.26 44.05 -76.79
N ARG IA 19 -30.48 42.87 -77.33
CA ARG IA 19 -31.56 42.68 -78.29
C ARG IA 19 -32.91 42.75 -77.59
N GLU IA 20 -33.87 43.40 -78.24
CA GLU IA 20 -35.11 43.76 -77.56
C GLU IA 20 -35.88 42.53 -77.12
N ASP IA 21 -36.05 41.55 -78.01
CA ASP IA 21 -36.84 40.37 -77.69
C ASP IA 21 -36.03 39.31 -76.96
N LYS IA 22 -34.82 39.01 -77.45
CA LYS IA 22 -33.90 38.10 -76.76
C LYS IA 22 -32.82 38.94 -76.08
N THR IA 23 -33.05 39.31 -74.82
CA THR IA 23 -32.08 40.15 -74.12
C THR IA 23 -30.82 39.40 -73.73
N THR IA 24 -30.73 38.10 -74.07
CA THR IA 24 -29.49 37.35 -73.84
C THR IA 24 -28.45 37.67 -74.89
N GLN IA 25 -28.88 38.09 -76.07
CA GLN IA 25 -27.98 38.48 -77.14
C GLN IA 25 -27.58 39.94 -76.96
N THR IA 26 -26.30 40.20 -76.88
CA THR IA 26 -25.78 41.53 -76.61
C THR IA 26 -24.75 41.91 -77.67
N LEU IA 27 -24.38 43.21 -77.65
CA LEU IA 27 -23.45 43.79 -78.60
C LEU IA 27 -22.84 45.05 -78.01
N SER IA 28 -21.53 45.23 -78.17
CA SER IA 28 -20.80 46.34 -77.57
C SER IA 28 -19.93 47.03 -78.62
N THR IA 29 -19.95 48.36 -78.62
CA THR IA 29 -19.13 49.14 -79.54
C THR IA 29 -18.35 50.19 -78.77
N GLN IA 30 -17.03 50.19 -78.94
CA GLN IA 30 -16.18 51.22 -78.35
C GLN IA 30 -15.20 51.76 -79.39
N LYS IA 31 -14.89 53.05 -79.27
CA LYS IA 31 -13.84 53.68 -80.06
C LYS IA 31 -12.87 54.34 -79.11
N THR IA 32 -11.58 54.14 -79.33
CA THR IA 32 -10.52 54.72 -78.52
C THR IA 32 -9.51 55.39 -79.43
N ILE IA 33 -8.75 56.34 -78.87
CA ILE IA 33 -7.76 57.09 -79.61
C ILE IA 33 -6.42 56.97 -78.91
N SER IA 34 -5.40 56.56 -79.66
CA SER IA 34 -4.03 56.47 -79.19
C SER IA 34 -3.17 57.51 -79.90
N VAL IA 35 -2.00 57.78 -79.34
CA VAL IA 35 -1.04 58.69 -79.96
C VAL IA 35 0.27 57.93 -80.16
N LEU IA 36 0.70 57.81 -81.42
CA LEU IA 36 1.93 57.13 -81.77
C LEU IA 36 2.95 58.18 -82.20
N ARG IA 37 4.05 58.27 -81.46
CA ARG IA 37 5.10 59.25 -81.70
C ARG IA 37 6.35 58.55 -82.18
N ASN IA 38 6.79 58.90 -83.39
CA ASN IA 38 8.07 58.45 -83.94
C ASN IA 38 8.93 59.69 -84.17
N GLY IA 39 9.90 59.91 -83.27
CA GLY IA 39 10.72 61.10 -83.38
C GLY IA 39 9.91 62.36 -83.15
N SER IA 40 10.04 63.32 -84.07
CA SER IA 40 9.30 64.59 -83.98
C SER IA 40 7.82 64.38 -84.21
N THR IA 41 7.46 63.49 -85.14
CA THR IA 41 6.08 63.33 -85.57
C THR IA 41 5.27 62.52 -84.57
N SER IA 42 4.03 62.97 -84.34
CA SER IA 42 3.04 62.23 -83.57
C SER IA 42 1.74 62.16 -84.37
N THR IA 43 1.13 60.98 -84.39
CA THR IA 43 -0.11 60.78 -85.14
C THR IA 43 -1.13 60.05 -84.27
N ARG IA 44 -2.41 60.32 -84.53
CA ARG IA 44 -3.50 59.72 -83.78
C ARG IA 44 -3.95 58.42 -84.45
N ILE IA 45 -4.17 57.40 -83.63
CA ILE IA 45 -4.58 56.08 -84.08
C ILE IA 45 -5.99 55.81 -83.56
N ILE IA 46 -6.93 55.58 -84.48
CA ILE IA 46 -8.32 55.29 -84.17
C ILE IA 46 -8.48 53.78 -84.08
N LYS IA 47 -9.06 53.31 -82.98
CA LYS IA 47 -9.27 51.88 -82.73
C LYS IA 47 -10.73 51.63 -82.38
N VAL IA 48 -11.42 50.88 -83.25
CA VAL IA 48 -12.81 50.49 -83.07
C VAL IA 48 -12.85 49.02 -82.67
N HIS IA 49 -13.75 48.70 -81.73
CA HIS IA 49 -13.97 47.33 -81.32
C HIS IA 49 -15.46 47.08 -81.15
N ILE IA 50 -15.99 46.16 -81.96
CA ILE IA 50 -17.38 45.73 -81.94
C ILE IA 50 -17.43 44.26 -81.54
N ASN IA 51 -18.34 43.93 -80.64
CA ASN IA 51 -18.49 42.55 -80.19
C ASN IA 51 -19.96 42.18 -80.16
N SER IA 52 -20.30 40.97 -80.64
CA SER IA 52 -21.68 40.54 -80.71
C SER IA 52 -21.74 39.11 -80.21
N THR IA 53 -22.30 38.90 -79.01
CA THR IA 53 -22.34 37.56 -78.44
C THR IA 53 -23.74 37.17 -78.01
N ALA IA 54 -23.91 35.86 -77.88
CA ALA IA 54 -25.09 35.24 -77.31
C ALA IA 54 -24.66 34.00 -76.57
N PRO IA 55 -25.39 33.58 -75.54
CA PRO IA 55 -25.10 32.30 -74.91
C PRO IA 55 -25.62 31.16 -75.77
N VAL IA 56 -24.92 30.03 -75.74
CA VAL IA 56 -25.34 28.82 -76.43
C VAL IA 56 -25.38 27.70 -75.42
N THR IA 57 -26.55 27.07 -75.28
CA THR IA 57 -26.66 25.86 -74.49
C THR IA 57 -25.81 24.76 -75.11
N ILE IA 58 -24.91 24.18 -74.30
CA ILE IA 58 -24.08 23.09 -74.81
C ILE IA 58 -24.96 21.97 -75.30
N ASN IA 59 -24.64 21.43 -76.47
CA ASN IA 59 -25.32 20.25 -76.97
C ASN IA 59 -25.29 19.17 -75.90
N THR IA 60 -26.47 18.81 -75.40
CA THR IA 60 -26.56 17.93 -74.25
C THR IA 60 -27.44 16.73 -74.56
N CYS IA 61 -27.51 15.83 -73.58
CA CYS IA 61 -28.20 14.56 -73.72
C CYS IA 61 -29.71 14.71 -73.65
N ASP IA 62 -30.20 15.64 -72.82
CA ASP IA 62 -31.62 15.76 -72.55
C ASP IA 62 -32.39 16.16 -73.80
N PRO IA 63 -33.64 15.69 -73.96
CA PRO IA 63 -34.49 16.25 -75.01
C PRO IA 63 -34.79 17.72 -74.79
N THR IA 64 -35.06 18.11 -73.55
CA THR IA 64 -35.14 19.53 -73.21
C THR IA 64 -33.79 20.18 -73.45
N LYS IA 65 -33.80 21.41 -73.94
CA LYS IA 65 -32.56 22.12 -74.24
C LYS IA 65 -32.00 22.69 -72.93
N CYS IA 66 -31.38 21.80 -72.16
CA CYS IA 66 -30.80 22.16 -70.86
C CYS IA 66 -29.38 21.65 -70.75
N GLY IA 67 -28.45 22.56 -70.50
CA GLY IA 67 -27.07 22.23 -70.24
C GLY IA 67 -26.29 23.48 -69.90
N PRO IA 68 -25.01 23.34 -69.56
CA PRO IA 68 -24.16 24.52 -69.35
C PRO IA 68 -24.14 25.39 -70.61
N THR IA 69 -24.05 26.70 -70.40
CA THR IA 69 -24.03 27.66 -71.50
C THR IA 69 -22.61 28.16 -71.72
N VAL IA 70 -22.16 28.11 -72.97
CA VAL IA 70 -20.87 28.66 -73.39
C VAL IA 70 -21.18 29.87 -74.25
N PRO IA 71 -20.45 30.98 -74.12
CA PRO IA 71 -20.71 32.14 -74.98
C PRO IA 71 -20.19 31.89 -76.39
N MET IA 72 -21.01 32.23 -77.38
CA MET IA 72 -20.57 32.31 -78.76
C MET IA 72 -20.56 33.78 -79.17
N GLY IA 73 -19.59 34.16 -79.99
CA GLY IA 73 -19.33 35.56 -80.22
C GLY IA 73 -18.62 35.81 -81.52
N VAL IA 74 -18.96 36.93 -82.13
CA VAL IA 74 -18.30 37.41 -83.33
C VAL IA 74 -17.79 38.81 -83.03
N SER IA 75 -16.51 39.04 -83.30
CA SER IA 75 -15.84 40.26 -82.89
C SER IA 75 -15.12 40.88 -84.08
N PHE IA 76 -15.24 42.20 -84.21
CA PHE IA 76 -14.58 42.96 -85.27
C PHE IA 76 -13.74 44.06 -84.62
N LYS IA 77 -12.46 44.12 -84.99
CA LYS IA 77 -11.56 45.12 -84.45
C LYS IA 77 -10.86 45.84 -85.60
N SER IA 78 -10.56 47.12 -85.39
CA SER IA 78 -10.06 47.98 -86.46
C SER IA 78 -9.12 49.03 -85.88
N SER IA 79 -7.87 49.06 -86.35
CA SER IA 79 -6.90 50.03 -85.86
C SER IA 79 -6.15 50.67 -87.02
N MET IA 80 -6.22 52.00 -87.11
CA MET IA 80 -5.53 52.66 -88.22
C MET IA 80 -5.23 54.09 -87.82
N PRO IA 81 -4.19 54.70 -88.38
CA PRO IA 81 -3.92 56.11 -88.06
C PRO IA 81 -4.96 57.00 -88.72
N GLU IA 82 -5.23 58.13 -88.06
CA GLU IA 82 -6.33 59.01 -88.44
C GLU IA 82 -6.24 59.41 -89.92
N ASP IA 83 -7.40 59.48 -90.56
CA ASP IA 83 -7.59 59.89 -91.95
C ASP IA 83 -6.99 58.91 -92.97
N ALA IA 84 -6.59 57.72 -92.55
CA ALA IA 84 -6.14 56.71 -93.51
C ALA IA 84 -7.36 56.15 -94.27
N ASP IA 85 -7.09 55.38 -95.33
CA ASP IA 85 -8.19 54.81 -96.12
C ASP IA 85 -8.21 53.29 -96.00
N PRO IA 86 -9.05 52.71 -95.15
CA PRO IA 86 -9.09 51.25 -94.99
C PRO IA 86 -9.95 50.54 -96.03
N ALA IA 87 -10.32 51.20 -97.11
CA ALA IA 87 -11.29 50.66 -98.07
C ALA IA 87 -10.88 49.29 -98.55
N GLU IA 88 -9.63 49.15 -98.98
CA GLU IA 88 -9.19 47.88 -99.57
C GLU IA 88 -8.98 46.83 -98.49
N VAL IA 89 -8.49 47.24 -97.32
CA VAL IA 89 -8.34 46.32 -96.20
C VAL IA 89 -9.70 45.73 -95.82
N LEU IA 90 -10.71 46.60 -95.67
CA LEU IA 90 -12.08 46.14 -95.41
C LEU IA 90 -12.56 45.20 -96.50
N LYS IA 91 -12.33 45.55 -97.76
CA LYS IA 91 -12.82 44.72 -98.86
C LYS IA 91 -12.25 43.30 -98.78
N ALA IA 92 -10.94 43.20 -98.56
CA ALA IA 92 -10.29 41.90 -98.46
C ALA IA 92 -10.78 41.13 -97.23
N ALA IA 93 -10.87 41.81 -96.09
CA ALA IA 93 -11.37 41.16 -94.89
C ALA IA 93 -12.77 40.60 -95.12
N LYS IA 94 -13.63 41.37 -95.79
CA LYS IA 94 -15.00 40.92 -96.04
C LYS IA 94 -15.02 39.71 -96.98
N ALA IA 95 -14.14 39.71 -97.99
CA ALA IA 95 -14.08 38.55 -98.89
C ALA IA 95 -13.66 37.28 -98.13
N ALA IA 96 -12.64 37.41 -97.27
CA ALA IA 96 -12.21 36.27 -96.46
C ALA IA 96 -13.32 35.78 -95.56
N LEU IA 97 -14.00 36.71 -94.87
CA LEU IA 97 -15.10 36.33 -94.01
C LEU IA 97 -16.19 35.63 -94.80
N ALA IA 98 -16.46 36.09 -96.02
CA ALA IA 98 -17.44 35.41 -96.86
C ALA IA 98 -17.03 33.98 -97.12
N LEU IA 99 -15.74 33.73 -97.32
CA LEU IA 99 -15.28 32.36 -97.51
C LEU IA 99 -15.46 31.50 -96.26
N PHE IA 100 -15.16 32.06 -95.09
CA PHE IA 100 -15.11 31.26 -93.86
C PHE IA 100 -16.40 31.28 -93.04
N GLU IA 101 -17.42 32.03 -93.47
CA GLU IA 101 -18.59 32.27 -92.64
C GLU IA 101 -19.39 30.99 -92.40
N ALA IA 102 -19.58 30.17 -93.44
CA ALA IA 102 -20.27 28.90 -93.25
C ALA IA 102 -19.47 27.95 -92.35
N ASN IA 103 -18.14 28.11 -92.34
CA ASN IA 103 -17.24 27.22 -91.60
C ASN IA 103 -16.83 27.79 -90.25
N LEU IA 104 -17.49 28.86 -89.79
CA LEU IA 104 -17.17 29.40 -88.47
C LEU IA 104 -17.38 28.38 -87.35
N ASN IA 105 -18.19 27.34 -87.58
CA ASN IA 105 -18.49 26.33 -86.57
C ASN IA 105 -18.12 24.92 -87.01
N SER IA 106 -17.19 24.78 -87.97
CA SER IA 106 -17.09 23.53 -88.71
C SER IA 106 -16.09 22.54 -88.11
N ALA IA 107 -15.07 23.00 -87.39
CA ALA IA 107 -13.97 22.15 -86.89
C ALA IA 107 -13.13 21.54 -88.01
N PHE IA 108 -13.39 21.93 -89.26
CA PHE IA 108 -12.59 21.55 -90.41
C PHE IA 108 -12.12 22.83 -91.10
N ASN IA 109 -10.85 22.89 -91.47
CA ASN IA 109 -10.29 24.06 -92.12
C ASN IA 109 -10.25 23.81 -93.63
N LYS IA 110 -10.89 24.69 -94.39
CA LYS IA 110 -10.84 24.62 -95.84
C LYS IA 110 -9.54 25.23 -96.33
N ASN IA 111 -8.75 24.45 -97.06
CA ASN IA 111 -7.46 24.93 -97.56
C ASN IA 111 -7.68 25.57 -98.92
N VAL IA 112 -7.81 26.90 -98.95
CA VAL IA 112 -7.95 27.66 -100.19
C VAL IA 112 -6.63 28.36 -100.50
N ASP IA 113 -6.27 28.38 -101.78
CA ASP IA 113 -5.00 28.91 -102.23
C ASP IA 113 -5.09 30.34 -102.76
N GLU IA 114 -6.30 30.85 -103.03
CA GLU IA 114 -6.44 32.25 -103.39
C GLU IA 114 -7.83 32.76 -103.02
N ILE IA 115 -7.92 34.07 -102.80
CA ILE IA 115 -9.12 34.73 -102.31
C ILE IA 115 -9.40 35.90 -103.24
N SER IA 116 -10.48 35.82 -104.01
CA SER IA 116 -10.79 36.85 -105.00
C SER IA 116 -11.58 38.00 -104.37
N VAL IA 117 -11.22 39.23 -104.74
CA VAL IA 117 -11.70 40.45 -104.09
C VAL IA 117 -12.24 41.40 -105.15
N ALA IA 118 -13.25 42.20 -104.76
CA ALA IA 118 -13.83 43.26 -105.59
C ALA IA 118 -14.29 42.77 -106.96
N ALA JA 1 -25.42 75.74 -93.61
CA ALA JA 1 -26.28 75.10 -92.61
C ALA JA 1 -25.81 73.67 -92.33
N TYR JA 2 -25.67 73.33 -91.05
CA TYR JA 2 -25.21 72.01 -90.65
C TYR JA 2 -25.82 71.65 -89.30
N LYS JA 3 -25.60 70.40 -88.89
CA LYS JA 3 -26.11 69.87 -87.62
C LYS JA 3 -24.96 69.39 -86.75
N LEU JA 4 -25.01 69.77 -85.47
CA LEU JA 4 -24.07 69.26 -84.48
C LEU JA 4 -24.64 67.96 -83.91
N ILE JA 5 -24.10 66.83 -84.36
CA ILE JA 5 -24.53 65.51 -83.93
C ILE JA 5 -23.94 65.19 -82.57
N LYS JA 6 -24.73 64.55 -81.71
CA LYS JA 6 -24.27 64.27 -80.35
C LYS JA 6 -23.26 63.12 -80.35
N MET JA 7 -22.06 63.40 -79.84
CA MET JA 7 -21.05 62.38 -79.65
C MET JA 7 -21.38 61.54 -78.43
N ALA JA 8 -20.77 60.36 -78.38
CA ALA JA 8 -21.01 59.40 -77.31
C ALA JA 8 -20.04 59.66 -76.17
N GLY JA 9 -20.54 60.22 -75.08
CA GLY JA 9 -19.70 60.60 -73.96
C GLY JA 9 -20.03 59.77 -72.74
N GLY JA 10 -18.98 59.48 -71.95
CA GLY JA 10 -19.20 58.74 -70.72
C GLY JA 10 -19.84 59.57 -69.63
N ASN JA 11 -19.49 60.85 -69.55
CA ASN JA 11 -20.05 61.73 -68.54
C ASN JA 11 -21.39 62.28 -68.99
N SER JA 12 -22.41 62.17 -68.12
CA SER JA 12 -23.73 62.64 -68.45
C SER JA 12 -23.94 64.12 -68.17
N ALA JA 13 -23.11 64.73 -67.32
CA ALA JA 13 -23.25 66.16 -67.05
C ALA JA 13 -22.90 67.00 -68.26
N ILE JA 14 -21.97 66.53 -69.09
CA ILE JA 14 -21.49 67.24 -70.27
C ILE JA 14 -22.03 66.53 -71.51
N GLN JA 15 -22.66 67.30 -72.40
CA GLN JA 15 -23.09 66.81 -73.70
C GLN JA 15 -22.14 67.36 -74.76
N THR JA 16 -21.54 66.46 -75.54
CA THR JA 16 -20.59 66.84 -76.56
C THR JA 16 -21.18 66.55 -77.93
N TYR JA 17 -20.90 67.43 -78.89
CA TYR JA 17 -21.41 67.35 -80.25
C TYR JA 17 -20.28 67.65 -81.21
N ALA JA 18 -20.39 67.07 -82.40
CA ALA JA 18 -19.46 67.30 -83.50
C ALA JA 18 -20.26 67.68 -84.73
N ARG JA 19 -19.71 68.57 -85.53
CA ARG JA 19 -20.38 68.98 -86.75
C ARG JA 19 -20.42 67.81 -87.73
N GLU JA 20 -21.53 67.69 -88.47
CA GLU JA 20 -21.69 66.56 -89.38
C GLU JA 20 -20.65 66.63 -90.50
N ASP JA 21 -20.47 67.81 -91.11
CA ASP JA 21 -19.48 67.98 -92.16
C ASP JA 21 -18.06 67.73 -91.64
N LYS JA 22 -17.66 68.52 -90.66
CA LYS JA 22 -16.33 68.41 -90.05
C LYS JA 22 -16.50 67.86 -88.65
N THR JA 23 -16.19 66.58 -88.45
CA THR JA 23 -16.21 66.06 -87.10
C THR JA 23 -15.06 66.58 -86.26
N THR JA 24 -14.18 67.43 -86.82
CA THR JA 24 -13.13 68.06 -86.05
C THR JA 24 -13.65 69.24 -85.27
N GLN JA 25 -14.67 69.91 -85.79
CA GLN JA 25 -15.28 71.04 -85.10
C GLN JA 25 -16.27 70.51 -84.07
N THR JA 26 -16.07 70.86 -82.80
CA THR JA 26 -16.89 70.30 -81.74
C THR JA 26 -17.47 71.41 -80.88
N LEU JA 27 -18.39 71.00 -80.00
CA LEU JA 27 -19.13 71.89 -79.12
C LEU JA 27 -19.60 71.10 -77.90
N SER JA 28 -19.44 71.68 -76.72
CA SER JA 28 -19.82 71.03 -75.48
C SER JA 28 -20.74 71.94 -74.67
N THR JA 29 -21.79 71.36 -74.09
CA THR JA 29 -22.68 72.08 -73.20
C THR JA 29 -22.72 71.37 -71.85
N GLN JA 30 -22.62 72.14 -70.78
CA GLN JA 30 -22.63 71.59 -69.43
C GLN JA 30 -23.36 72.52 -68.49
N LYS JA 31 -24.30 71.99 -67.72
CA LYS JA 31 -24.93 72.74 -66.64
C LYS JA 31 -24.66 72.03 -65.33
N THR JA 32 -24.26 72.80 -64.32
CA THR JA 32 -23.97 72.29 -62.99
C THR JA 32 -24.69 73.14 -61.96
N ILE JA 33 -24.95 72.55 -60.81
CA ILE JA 33 -25.70 73.20 -59.74
C ILE JA 33 -24.86 73.17 -58.47
N SER JA 34 -24.83 74.31 -57.77
CA SER JA 34 -24.12 74.43 -56.49
C SER JA 34 -25.09 74.90 -55.42
N VAL JA 35 -24.81 74.52 -54.18
CA VAL JA 35 -25.64 74.89 -53.03
C VAL JA 35 -24.89 75.92 -52.21
N LEU JA 36 -25.55 77.04 -51.93
CA LEU JA 36 -24.97 78.13 -51.15
C LEU JA 36 -25.79 78.21 -49.87
N ARG JA 37 -25.23 77.75 -48.76
CA ARG JA 37 -25.96 77.67 -47.50
C ARG JA 37 -25.69 78.95 -46.71
N ASN JA 38 -26.72 79.77 -46.54
CA ASN JA 38 -26.71 80.93 -45.68
C ASN JA 38 -27.63 80.64 -44.51
N GLY JA 39 -27.04 80.46 -43.32
CA GLY JA 39 -27.82 80.10 -42.15
C GLY JA 39 -28.55 78.78 -42.37
N SER JA 40 -29.87 78.80 -42.18
CA SER JA 40 -30.70 77.62 -42.38
C SER JA 40 -31.39 77.63 -43.74
N THR JA 41 -30.97 78.50 -44.65
CA THR JA 41 -31.55 78.59 -45.99
C THR JA 41 -30.47 78.29 -47.01
N SER JA 42 -30.69 77.30 -47.86
CA SER JA 42 -29.75 76.97 -48.92
C SER JA 42 -30.33 77.41 -50.26
N THR JA 43 -29.52 78.13 -51.04
CA THR JA 43 -29.93 78.65 -52.33
C THR JA 43 -29.14 78.00 -53.46
N ARG JA 44 -29.81 77.82 -54.58
CA ARG JA 44 -29.31 77.05 -55.71
C ARG JA 44 -28.63 77.99 -56.70
N ILE JA 45 -27.44 77.59 -57.17
CA ILE JA 45 -26.61 78.43 -58.03
C ILE JA 45 -26.29 77.66 -59.31
N ILE JA 46 -26.80 78.17 -60.43
CA ILE JA 46 -26.74 77.49 -61.72
C ILE JA 46 -25.58 78.04 -62.52
N LYS JA 47 -24.72 77.14 -63.01
CA LYS JA 47 -23.57 77.49 -63.84
C LYS JA 47 -23.68 76.74 -65.16
N VAL JA 48 -23.57 77.47 -66.26
CA VAL JA 48 -23.63 76.93 -67.61
C VAL JA 48 -22.30 77.19 -68.30
N HIS JA 49 -21.83 76.21 -69.06
CA HIS JA 49 -20.57 76.32 -69.81
C HIS JA 49 -20.73 75.72 -71.19
N ILE JA 50 -20.64 76.57 -72.21
CA ILE JA 50 -20.67 76.16 -73.62
C ILE JA 50 -19.31 76.44 -74.23
N ASN JA 51 -18.76 75.47 -74.95
CA ASN JA 51 -17.48 75.64 -75.61
C ASN JA 51 -17.60 75.18 -77.06
N SER JA 52 -17.04 75.96 -77.99
CA SER JA 52 -17.13 75.63 -79.42
C SER JA 52 -15.73 75.80 -80.01
N THR JA 53 -15.06 74.69 -80.33
CA THR JA 53 -13.70 74.77 -80.85
C THR JA 53 -13.54 74.00 -82.15
N ALA JA 54 -12.42 74.26 -82.79
CA ALA JA 54 -12.00 73.56 -83.99
C ALA JA 54 -10.50 73.70 -84.10
N PRO JA 55 -9.80 72.72 -84.69
CA PRO JA 55 -8.35 72.82 -84.81
C PRO JA 55 -7.98 73.67 -86.02
N VAL JA 56 -7.03 74.59 -85.84
CA VAL JA 56 -6.45 75.38 -86.92
C VAL JA 56 -4.97 75.02 -87.02
N THR JA 57 -4.48 74.89 -88.24
CA THR JA 57 -3.09 74.51 -88.50
C THR JA 57 -2.26 75.74 -88.84
N ILE JA 58 -1.19 75.95 -88.09
CA ILE JA 58 -0.28 77.06 -88.31
C ILE JA 58 0.76 76.65 -89.35
N ASN JA 59 0.64 77.18 -90.55
CA ASN JA 59 1.56 76.81 -91.62
C ASN JA 59 2.88 77.56 -91.42
N THR JA 60 3.97 76.81 -91.26
CA THR JA 60 5.31 77.36 -91.13
C THR JA 60 6.16 76.69 -92.19
N CYS JA 61 6.93 77.49 -92.92
CA CYS JA 61 7.75 76.94 -93.99
C CYS JA 61 8.86 76.08 -93.39
N ASP JA 62 9.10 74.94 -94.04
CA ASP JA 62 9.96 73.89 -93.50
C ASP JA 62 10.33 72.98 -94.65
N PRO JA 63 11.52 72.37 -94.64
CA PRO JA 63 11.84 71.36 -95.65
C PRO JA 63 10.78 70.28 -95.75
N THR JA 64 10.27 69.85 -94.60
CA THR JA 64 9.12 68.95 -94.51
C THR JA 64 7.90 69.77 -94.11
N LYS JA 65 6.95 69.90 -95.03
CA LYS JA 65 5.86 70.86 -94.89
C LYS JA 65 4.72 70.27 -94.04
N CYS JA 66 4.99 70.11 -92.75
CA CYS JA 66 3.97 69.80 -91.75
C CYS JA 66 4.16 70.70 -90.55
N GLY JA 67 3.14 71.50 -90.25
CA GLY JA 67 3.17 72.40 -89.12
C GLY JA 67 2.25 71.95 -88.01
N PRO JA 68 2.34 72.58 -86.85
CA PRO JA 68 1.57 72.13 -85.69
C PRO JA 68 0.11 72.55 -85.79
N THR JA 69 -0.69 71.97 -84.91
CA THR JA 69 -2.13 72.25 -84.86
C THR JA 69 -2.48 72.75 -83.47
N VAL JA 70 -3.23 73.85 -83.42
CA VAL JA 70 -3.60 74.49 -82.16
C VAL JA 70 -5.09 74.82 -82.25
N PRO JA 71 -5.85 74.71 -81.16
CA PRO JA 71 -7.31 74.91 -81.28
C PRO JA 71 -7.69 76.38 -81.22
N MET JA 72 -8.69 76.72 -82.02
CA MET JA 72 -9.39 77.99 -81.91
C MET JA 72 -10.76 77.74 -81.28
N GLY JA 73 -11.11 78.57 -80.31
CA GLY JA 73 -12.25 78.28 -79.47
C GLY JA 73 -13.01 79.52 -79.08
N VAL JA 74 -14.31 79.35 -78.90
CA VAL JA 74 -15.18 80.40 -78.39
C VAL JA 74 -15.94 79.80 -77.23
N SER JA 75 -15.85 80.43 -76.06
CA SER JA 75 -16.38 79.88 -74.84
C SER JA 75 -17.38 80.85 -74.22
N PHE JA 76 -18.44 80.31 -73.64
CA PHE JA 76 -19.46 81.07 -72.95
C PHE JA 76 -19.64 80.44 -71.58
N LYS JA 77 -19.60 81.26 -70.53
CA LYS JA 77 -19.83 80.78 -69.18
C LYS JA 77 -20.85 81.68 -68.49
N SER JA 78 -21.58 81.09 -67.55
CA SER JA 78 -22.70 81.75 -66.90
C SER JA 78 -22.82 81.22 -65.49
N SER JA 79 -23.10 82.09 -64.52
CA SER JA 79 -23.28 81.66 -63.14
C SER JA 79 -24.18 82.63 -62.40
N MET JA 80 -25.24 82.12 -61.80
CA MET JA 80 -26.17 83.02 -61.12
C MET JA 80 -27.04 82.24 -60.16
N PRO JA 81 -27.61 82.88 -59.15
CA PRO JA 81 -28.54 82.19 -58.26
C PRO JA 81 -29.84 81.89 -58.99
N GLU JA 82 -30.50 80.82 -58.55
CA GLU JA 82 -31.72 80.36 -59.19
C GLU JA 82 -32.75 81.49 -59.22
N ASP JA 83 -33.51 81.54 -60.32
CA ASP JA 83 -34.59 82.50 -60.53
C ASP JA 83 -34.09 83.95 -60.56
N ALA JA 84 -32.81 84.17 -60.85
CA ALA JA 84 -32.32 85.53 -61.05
C ALA JA 84 -32.60 85.96 -62.48
N ASP JA 85 -32.38 87.25 -62.78
CA ASP JA 85 -32.67 87.74 -64.13
C ASP JA 85 -31.39 88.12 -64.86
N PRO JA 86 -30.91 87.33 -65.81
CA PRO JA 86 -29.70 87.68 -66.55
C PRO JA 86 -29.93 88.58 -67.77
N ALA JA 87 -31.15 89.05 -68.00
CA ALA JA 87 -31.49 89.67 -69.27
C ALA JA 87 -30.53 90.83 -69.57
N GLU JA 88 -30.20 91.63 -68.56
CA GLU JA 88 -29.42 92.82 -68.84
C GLU JA 88 -27.93 92.52 -68.95
N VAL JA 89 -27.39 91.66 -68.10
CA VAL JA 89 -25.98 91.27 -68.26
C VAL JA 89 -25.77 90.58 -69.60
N LEU JA 90 -26.76 89.81 -70.06
CA LEU JA 90 -26.69 89.23 -71.40
C LEU JA 90 -26.65 90.32 -72.47
N LYS JA 91 -27.57 91.29 -72.40
CA LYS JA 91 -27.59 92.36 -73.40
C LYS JA 91 -26.24 93.09 -73.45
N ALA JA 92 -25.68 93.41 -72.29
CA ALA JA 92 -24.41 94.14 -72.23
C ALA JA 92 -23.27 93.29 -72.80
N ALA JA 93 -23.18 92.04 -72.35
CA ALA JA 93 -22.15 91.14 -72.86
C ALA JA 93 -22.26 91.00 -74.36
N LYS JA 94 -23.49 90.91 -74.89
CA LYS JA 94 -23.67 90.75 -76.32
C LYS JA 94 -23.24 92.01 -77.07
N ALA JA 95 -23.49 93.19 -76.50
CA ALA JA 95 -23.03 94.42 -77.16
C ALA JA 95 -21.50 94.50 -77.20
N ALA JA 96 -20.84 94.14 -76.10
CA ALA JA 96 -19.39 94.12 -76.08
C ALA JA 96 -18.84 93.11 -77.09
N LEU JA 97 -19.44 91.91 -77.10
CA LEU JA 97 -19.05 90.91 -78.09
C LEU JA 97 -19.23 91.44 -79.50
N ALA JA 98 -20.32 92.18 -79.73
CA ALA JA 98 -20.54 92.75 -81.06
C ALA JA 98 -19.40 93.67 -81.45
N LEU JA 99 -18.88 94.45 -80.49
CA LEU JA 99 -17.72 95.28 -80.79
C LEU JA 99 -16.49 94.44 -81.11
N PHE JA 100 -16.21 93.42 -80.30
CA PHE JA 100 -14.94 92.71 -80.45
C PHE JA 100 -14.96 91.59 -81.49
N GLU JA 101 -16.13 91.19 -81.98
CA GLU JA 101 -16.26 89.95 -82.74
C GLU JA 101 -15.47 90.00 -84.04
N ALA JA 102 -15.59 91.10 -84.78
CA ALA JA 102 -14.84 91.24 -86.02
C ALA JA 102 -13.35 91.09 -85.79
N ASN JA 103 -12.85 91.59 -84.66
CA ASN JA 103 -11.43 91.67 -84.37
C ASN JA 103 -10.95 90.54 -83.45
N LEU JA 104 -11.63 89.39 -83.45
CA LEU JA 104 -11.23 88.29 -82.58
C LEU JA 104 -9.92 87.63 -83.01
N ASN JA 105 -9.55 87.80 -84.27
CA ASN JA 105 -8.38 87.15 -84.85
C ASN JA 105 -7.31 88.17 -85.25
N SER JA 106 -7.36 89.40 -84.74
CA SER JA 106 -6.61 90.49 -85.36
C SER JA 106 -5.52 91.12 -84.51
N ALA JA 107 -5.53 90.93 -83.18
CA ALA JA 107 -4.49 91.46 -82.30
C ALA JA 107 -4.50 92.98 -82.21
N PHE JA 108 -5.57 93.63 -82.68
CA PHE JA 108 -5.75 95.06 -82.58
C PHE JA 108 -6.77 95.37 -81.48
N ASN JA 109 -6.53 96.46 -80.76
CA ASN JA 109 -7.51 96.93 -79.78
C ASN JA 109 -7.35 98.42 -79.61
N LYS JA 110 -8.48 99.14 -79.68
CA LYS JA 110 -8.50 100.60 -79.57
C LYS JA 110 -9.27 100.98 -78.30
N ASN JA 111 -8.88 102.10 -77.70
CA ASN JA 111 -9.59 102.56 -76.52
C ASN JA 111 -11.03 102.89 -76.88
N VAL JA 112 -11.95 102.32 -76.12
CA VAL JA 112 -13.38 102.58 -76.28
C VAL JA 112 -13.86 103.26 -75.01
N ASP JA 113 -14.38 104.47 -75.15
CA ASP JA 113 -14.78 105.24 -73.97
C ASP JA 113 -16.17 104.87 -73.50
N GLU JA 114 -16.99 104.26 -74.36
CA GLU JA 114 -18.30 103.80 -73.92
C GLU JA 114 -18.84 102.76 -74.88
N ILE JA 115 -19.68 101.90 -74.35
CA ILE JA 115 -20.37 100.85 -75.11
C ILE JA 115 -21.86 101.12 -75.00
N SER JA 116 -22.52 101.30 -76.14
CA SER JA 116 -23.96 101.56 -76.15
C SER JA 116 -24.71 100.24 -76.19
N VAL JA 117 -25.64 100.07 -75.25
CA VAL JA 117 -26.43 98.85 -75.14
C VAL JA 117 -27.84 99.13 -75.66
N ALA JA 118 -28.40 98.15 -76.39
CA ALA JA 118 -29.70 98.27 -77.03
C ALA JA 118 -30.83 98.58 -76.06
N ALA KA 1 66.32 -63.34 109.00
CA ALA KA 1 66.29 -64.65 108.34
C ALA KA 1 65.32 -64.68 107.16
N TYR KA 2 65.79 -64.29 105.97
CA TYR KA 2 64.99 -64.26 104.75
C TYR KA 2 65.84 -64.69 103.57
N LYS KA 3 65.23 -64.70 102.38
CA LYS KA 3 65.97 -65.04 101.17
C LYS KA 3 65.50 -64.18 100.00
N LEU KA 4 66.46 -63.85 99.13
CA LEU KA 4 66.22 -63.03 97.95
C LEU KA 4 66.03 -63.94 96.76
N ILE KA 5 64.85 -63.92 96.19
CA ILE KA 5 64.53 -64.74 95.02
C ILE KA 5 64.77 -63.92 93.76
N LYS KA 6 65.18 -64.59 92.69
CA LYS KA 6 65.49 -63.90 91.45
C LYS KA 6 64.23 -63.28 90.84
N MET KA 7 64.36 -62.04 90.39
CA MET KA 7 63.28 -61.31 89.74
C MET KA 7 63.32 -61.50 88.24
N ALA KA 8 62.18 -61.28 87.61
CA ALA KA 8 62.12 -61.19 86.16
C ALA KA 8 62.89 -59.96 85.70
N GLY KA 9 63.88 -60.16 84.84
CA GLY KA 9 64.70 -59.06 84.36
C GLY KA 9 64.94 -59.20 82.87
N GLY KA 10 65.30 -58.07 82.25
CA GLY KA 10 65.50 -58.02 80.82
C GLY KA 10 66.90 -58.34 80.36
N ASN KA 11 67.90 -57.98 81.16
CA ASN KA 11 69.30 -58.18 80.79
C ASN KA 11 69.77 -59.56 81.22
N SER KA 12 70.63 -60.17 80.40
CA SER KA 12 71.18 -61.49 80.70
C SER KA 12 72.43 -61.42 81.57
N ALA KA 13 73.19 -60.33 81.48
CA ALA KA 13 74.39 -60.17 82.29
C ALA KA 13 74.08 -59.82 83.74
N ILE KA 14 72.95 -59.14 83.96
CA ILE KA 14 72.56 -58.66 85.28
C ILE KA 14 71.53 -59.62 85.86
N GLN KA 15 71.80 -60.12 87.06
CA GLN KA 15 70.84 -60.90 87.84
C GLN KA 15 70.23 -59.98 88.90
N THR KA 16 68.91 -59.87 88.90
CA THR KA 16 68.19 -59.04 89.85
C THR KA 16 67.39 -59.93 90.78
N TYR KA 17 67.45 -59.63 92.08
CA TYR KA 17 66.77 -60.37 93.12
C TYR KA 17 65.96 -59.40 93.97
N ALA KA 18 64.86 -59.90 94.51
CA ALA KA 18 64.06 -59.17 95.47
C ALA KA 18 63.87 -60.02 96.71
N ARG KA 19 63.75 -59.34 97.84
CA ARG KA 19 63.49 -60.02 99.11
C ARG KA 19 62.09 -60.60 99.14
N GLU KA 20 61.98 -61.82 99.67
CA GLU KA 20 60.67 -62.48 99.70
C GLU KA 20 59.69 -61.71 100.57
N ASP KA 21 60.10 -61.33 101.79
CA ASP KA 21 59.23 -60.60 102.70
C ASP KA 21 58.84 -59.25 102.12
N LYS KA 22 59.84 -58.40 101.88
CA LYS KA 22 59.64 -57.09 101.27
C LYS KA 22 60.18 -57.12 99.85
N THR KA 23 59.28 -57.13 98.87
CA THR KA 23 59.73 -57.06 97.49
C THR KA 23 60.18 -55.66 97.10
N THR KA 24 60.29 -54.74 98.07
CA THR KA 24 60.84 -53.40 97.84
C THR KA 24 62.33 -53.34 98.06
N GLN KA 25 62.86 -54.27 98.83
CA GLN KA 25 64.30 -54.40 99.02
C GLN KA 25 64.85 -55.30 97.91
N THR KA 26 65.82 -54.80 97.16
CA THR KA 26 66.32 -55.53 96.01
C THR KA 26 67.85 -55.57 96.02
N LEU KA 27 68.39 -56.42 95.16
CA LEU KA 27 69.82 -56.67 95.03
C LEU KA 27 70.12 -57.04 93.58
N SER KA 28 71.30 -56.67 93.10
CA SER KA 28 71.64 -56.88 91.69
C SER KA 28 73.11 -57.21 91.56
N THR KA 29 73.42 -58.27 90.81
CA THR KA 29 74.80 -58.68 90.57
C THR KA 29 75.07 -58.74 89.08
N GLN KA 30 76.17 -58.14 88.65
CA GLN KA 30 76.54 -58.09 87.25
C GLN KA 30 78.01 -58.40 87.09
N LYS KA 31 78.35 -59.18 86.07
CA LYS KA 31 79.74 -59.45 85.71
C LYS KA 31 80.00 -59.04 84.28
N THR KA 32 81.08 -58.28 84.10
CA THR KA 32 81.54 -57.76 82.82
C THR KA 32 82.94 -58.28 82.56
N ILE KA 33 83.19 -58.72 81.33
CA ILE KA 33 84.54 -59.11 80.90
C ILE KA 33 85.02 -58.09 79.89
N SER KA 34 86.25 -57.62 80.07
CA SER KA 34 86.89 -56.68 79.17
C SER KA 34 88.20 -57.28 78.70
N VAL KA 35 88.74 -56.76 77.61
CA VAL KA 35 89.99 -57.23 77.05
C VAL KA 35 90.98 -56.08 77.01
N LEU KA 36 92.18 -56.30 77.54
CA LEU KA 36 93.24 -55.31 77.50
C LEU KA 36 94.46 -55.97 76.90
N ARG KA 37 94.92 -55.45 75.76
CA ARG KA 37 96.04 -56.07 75.06
C ARG KA 37 97.22 -55.12 74.99
N ASN KA 38 98.40 -55.65 75.31
CA ASN KA 38 99.69 -54.99 75.09
C ASN KA 38 100.40 -55.73 73.96
N GLY KA 39 100.62 -55.04 72.86
CA GLY KA 39 101.22 -55.67 71.69
C GLY KA 39 100.36 -56.84 71.23
N SER KA 40 100.97 -58.02 71.23
CA SER KA 40 100.28 -59.25 70.86
C SER KA 40 99.54 -59.87 72.04
N THR KA 41 100.05 -59.69 73.26
CA THR KA 41 99.44 -60.33 74.41
C THR KA 41 98.15 -59.63 74.79
N SER KA 42 97.18 -60.41 75.27
CA SER KA 42 95.89 -59.87 75.67
C SER KA 42 95.42 -60.57 76.93
N THR KA 43 94.84 -59.81 77.85
CA THR KA 43 94.42 -60.33 79.14
C THR KA 43 93.00 -59.85 79.47
N ARG KA 44 92.28 -60.70 80.21
CA ARG KA 44 90.90 -60.42 80.57
C ARG KA 44 90.82 -59.62 81.85
N ILE KA 45 89.91 -58.67 81.88
CA ILE KA 45 89.65 -57.84 83.04
C ILE KA 45 88.24 -58.14 83.50
N ILE KA 46 88.11 -58.79 84.66
CA ILE KA 46 86.82 -59.19 85.20
C ILE KA 46 86.35 -58.15 86.19
N LYS KA 47 85.14 -57.64 85.96
CA LYS KA 47 84.53 -56.59 86.76
C LYS KA 47 83.21 -57.11 87.31
N VAL KA 48 83.04 -57.01 88.62
CA VAL KA 48 81.84 -57.44 89.32
C VAL KA 48 81.19 -56.23 89.96
N HIS KA 49 79.86 -56.20 89.98
CA HIS KA 49 79.12 -55.10 90.58
C HIS KA 49 77.92 -55.68 91.33
N ILE KA 50 77.87 -55.44 92.63
CA ILE KA 50 76.78 -55.88 93.49
C ILE KA 50 76.16 -54.64 94.13
N ASN KA 51 74.85 -54.48 93.99
CA ASN KA 51 74.16 -53.30 94.52
C ASN KA 51 72.94 -53.77 95.31
N SER KA 52 72.85 -53.36 96.58
CA SER KA 52 71.73 -53.70 97.45
C SER KA 52 71.05 -52.40 97.83
N THR KA 53 69.77 -52.25 97.49
CA THR KA 53 69.04 -51.04 97.88
C THR KA 53 67.67 -51.36 98.42
N ALA KA 54 67.13 -50.36 99.12
CA ALA KA 54 65.75 -50.35 99.57
C ALA KA 54 65.30 -48.91 99.62
N PRO KA 55 64.02 -48.65 99.42
CA PRO KA 55 63.54 -47.27 99.59
C PRO KA 55 63.39 -46.97 101.07
N VAL KA 56 63.60 -45.70 101.41
CA VAL KA 56 63.41 -45.23 102.78
C VAL KA 56 62.66 -43.89 102.73
N THR KA 57 61.66 -43.76 103.61
CA THR KA 57 60.82 -42.57 103.66
C THR KA 57 61.61 -41.38 104.18
N ILE KA 58 61.50 -40.24 103.49
CA ILE KA 58 62.35 -39.09 103.82
C ILE KA 58 62.10 -38.62 105.25
N ASN KA 59 60.84 -38.44 105.61
CA ASN KA 59 60.47 -37.59 106.73
C ASN KA 59 60.33 -38.41 108.02
N THR KA 60 61.31 -38.29 108.91
CA THR KA 60 61.27 -39.06 110.15
C THR KA 60 60.17 -38.56 111.08
N CYS KA 61 60.04 -37.24 111.24
CA CYS KA 61 59.09 -36.64 112.17
C CYS KA 61 57.69 -36.45 111.56
N ASP KA 62 57.45 -36.95 110.35
CA ASP KA 62 56.13 -36.87 109.72
C ASP KA 62 55.24 -37.99 110.21
N PRO KA 63 53.91 -37.91 109.93
CA PRO KA 63 53.02 -39.01 110.33
C PRO KA 63 53.07 -40.22 109.42
N THR KA 64 54.15 -40.30 108.62
CA THR KA 64 54.36 -41.38 107.65
C THR KA 64 53.24 -41.43 106.62
N LYS KA 65 52.82 -40.26 106.15
CA LYS KA 65 51.75 -40.14 105.15
C LYS KA 65 52.29 -40.30 103.73
N CYS KA 66 52.93 -41.45 103.49
CA CYS KA 66 53.53 -41.79 102.19
C CYS KA 66 54.38 -40.64 101.66
N GLY KA 67 55.28 -40.16 102.50
CA GLY KA 67 56.25 -39.17 102.09
C GLY KA 67 57.12 -39.72 100.99
N PRO KA 68 57.53 -38.86 100.06
CA PRO KA 68 58.37 -39.33 98.95
C PRO KA 68 59.62 -40.02 99.48
N THR KA 69 59.98 -41.13 98.83
CA THR KA 69 61.03 -42.00 99.30
C THR KA 69 62.32 -41.77 98.52
N VAL KA 70 63.44 -42.00 99.21
CA VAL KA 70 64.75 -41.92 98.59
C VAL KA 70 65.39 -43.30 98.67
N PRO KA 71 66.11 -43.73 97.64
CA PRO KA 71 66.81 -45.02 97.70
C PRO KA 71 68.00 -44.95 98.65
N MET KA 72 68.07 -45.93 99.55
CA MET KA 72 69.22 -46.16 100.42
C MET KA 72 69.95 -47.39 99.89
N GLY KA 73 71.26 -47.26 99.72
CA GLY KA 73 72.00 -48.23 98.94
C GLY KA 73 73.37 -48.54 99.49
N VAL KA 74 73.82 -49.76 99.23
CA VAL KA 74 75.16 -50.20 99.57
C VAL KA 74 75.68 -50.98 98.37
N SER KA 75 76.83 -50.56 97.84
CA SER KA 75 77.34 -51.06 96.58
C SER KA 75 78.76 -51.59 96.74
N PHE KA 76 79.09 -52.56 95.91
CA PHE KA 76 80.39 -53.21 95.90
C PHE KA 76 80.82 -53.35 94.44
N LYS KA 77 82.07 -53.02 94.15
CA LYS KA 77 82.60 -53.14 92.80
C LYS KA 77 84.00 -53.74 92.85
N SER KA 78 84.31 -54.55 91.83
CA SER KA 78 85.55 -55.31 91.75
C SER KA 78 86.06 -55.25 90.33
N SER KA 79 87.34 -54.90 90.15
CA SER KA 79 87.93 -54.91 88.82
C SER KA 79 89.35 -55.45 88.91
N MET KA 80 89.61 -56.56 88.21
CA MET KA 80 90.93 -57.16 88.36
C MET KA 80 91.27 -57.98 87.12
N PRO KA 81 92.56 -58.14 86.83
CA PRO KA 81 92.95 -59.08 85.77
C PRO KA 81 92.55 -60.50 86.16
N GLU KA 82 92.17 -61.28 85.16
CA GLU KA 82 91.76 -62.68 85.38
C GLU KA 82 92.83 -63.42 86.17
N ASP KA 83 92.40 -64.24 87.11
CA ASP KA 83 93.26 -65.09 87.95
C ASP KA 83 94.16 -64.29 88.89
N ALA KA 84 93.88 -63.01 89.12
CA ALA KA 84 94.62 -62.26 90.14
C ALA KA 84 94.07 -62.62 91.51
N ASP KA 85 94.78 -62.18 92.56
CA ASP KA 85 94.36 -62.55 93.91
C ASP KA 85 93.81 -61.35 94.69
N PRO KA 86 92.50 -61.18 94.79
CA PRO KA 86 91.94 -60.06 95.54
C PRO KA 86 92.00 -60.23 97.04
N ALA KA 87 92.57 -61.35 97.53
CA ALA KA 87 92.46 -61.69 98.94
C ALA KA 87 92.88 -60.52 99.83
N GLU KA 88 94.00 -59.89 99.51
CA GLU KA 88 94.54 -58.86 100.39
C GLU KA 88 93.78 -57.55 100.27
N VAL KA 89 93.43 -57.12 99.05
CA VAL KA 89 92.66 -55.89 98.90
C VAL KA 89 91.27 -56.05 99.51
N LEU KA 90 90.73 -57.28 99.50
CA LEU KA 90 89.46 -57.55 100.16
C LEU KA 90 89.59 -57.45 101.68
N LYS KA 91 90.63 -58.09 102.24
CA LYS KA 91 90.86 -57.98 103.68
C LYS KA 91 90.95 -56.51 104.10
N ALA KA 92 91.75 -55.72 103.36
CA ALA KA 92 91.91 -54.31 103.68
C ALA KA 92 90.58 -53.57 103.57
N ALA KA 93 89.86 -53.78 102.46
CA ALA KA 93 88.59 -53.08 102.26
C ALA KA 93 87.61 -53.41 103.38
N LYS KA 94 87.54 -54.68 103.78
CA LYS KA 94 86.62 -55.07 104.85
C LYS KA 94 87.02 -54.44 106.18
N ALA KA 95 88.33 -54.40 106.46
CA ALA KA 95 88.80 -53.76 107.68
C ALA KA 95 88.42 -52.28 107.70
N ALA KA 96 88.59 -51.59 106.57
CA ALA KA 96 88.19 -50.19 106.49
C ALA KA 96 86.70 -50.03 106.70
N LEU KA 97 85.90 -50.87 106.02
CA LEU KA 97 84.45 -50.78 106.13
C LEU KA 97 84.01 -50.92 107.57
N ALA KA 98 84.59 -51.87 108.30
CA ALA KA 98 84.22 -52.07 109.71
C ALA KA 98 84.28 -50.77 110.51
N LEU KA 99 85.18 -49.85 110.17
CA LEU KA 99 85.24 -48.57 110.88
C LEU KA 99 84.09 -47.66 110.50
N PHE KA 100 83.54 -47.79 109.30
CA PHE KA 100 82.50 -46.89 108.83
C PHE KA 100 81.09 -47.40 109.06
N GLU KA 101 80.87 -48.71 109.07
CA GLU KA 101 79.50 -49.18 108.94
C GLU KA 101 78.65 -48.86 110.17
N ALA KA 102 79.26 -48.62 111.32
CA ALA KA 102 78.50 -48.09 112.43
C ALA KA 102 77.99 -46.68 112.11
N ASN KA 103 78.85 -45.86 111.51
CA ASN KA 103 78.59 -44.45 111.26
C ASN KA 103 78.29 -44.20 109.78
N LEU KA 104 77.57 -45.14 109.15
CA LEU KA 104 77.27 -45.04 107.72
C LEU KA 104 76.17 -44.02 107.42
N ASN KA 105 75.51 -43.52 108.44
CA ASN KA 105 74.42 -42.56 108.29
C ASN KA 105 74.62 -41.29 109.11
N SER KA 106 75.77 -41.12 109.76
CA SER KA 106 75.85 -40.12 110.83
C SER KA 106 76.74 -38.94 110.49
N ALA KA 107 77.16 -38.80 109.23
CA ALA KA 107 77.86 -37.58 108.76
C ALA KA 107 79.14 -37.30 109.54
N PHE KA 108 79.64 -38.24 110.31
CA PHE KA 108 80.80 -38.04 111.17
C PHE KA 108 81.93 -38.94 110.68
N ASN KA 109 82.98 -38.34 110.14
CA ASN KA 109 84.14 -39.07 109.64
C ASN KA 109 85.27 -38.91 110.64
N LYS KA 110 85.54 -39.95 111.42
CA LYS KA 110 86.61 -39.85 112.41
C LYS KA 110 87.96 -39.77 111.72
N ASN KA 111 88.86 -38.97 112.28
CA ASN KA 111 90.24 -38.92 111.80
C ASN KA 111 90.93 -40.18 112.28
N VAL KA 112 91.16 -41.10 111.35
CA VAL KA 112 91.91 -42.33 111.59
C VAL KA 112 93.25 -42.19 110.87
N ASP KA 113 94.32 -42.34 111.63
CA ASP KA 113 95.68 -42.24 111.11
C ASP KA 113 96.29 -43.59 110.74
N GLU KA 114 95.71 -44.70 111.22
CA GLU KA 114 96.14 -46.01 110.77
C GLU KA 114 95.02 -47.02 110.99
N ILE KA 115 94.90 -47.95 110.05
CA ILE KA 115 93.88 -48.99 110.05
C ILE KA 115 94.60 -50.33 110.17
N SER KA 116 94.28 -51.10 111.20
CA SER KA 116 94.91 -52.40 111.42
C SER KA 116 94.13 -53.47 110.68
N VAL KA 117 94.83 -54.26 109.88
CA VAL KA 117 94.24 -55.35 109.11
C VAL KA 117 94.58 -56.67 109.77
N ALA KA 118 93.59 -57.52 109.96
CA ALA KA 118 93.76 -58.77 110.68
C ALA KA 118 94.68 -59.74 109.94
N ALA LA 1 89.09 -84.73 78.97
CA ALA LA 1 89.49 -84.64 80.37
C ALA LA 1 89.28 -83.23 80.91
N TYR LA 2 88.60 -82.37 80.15
CA TYR LA 2 88.22 -81.03 80.59
C TYR LA 2 86.84 -80.70 80.03
N LYS LA 3 86.33 -79.52 80.41
CA LYS LA 3 85.05 -79.08 79.91
C LYS LA 3 85.10 -77.60 79.53
N LEU LA 4 84.38 -77.25 78.46
CA LEU LA 4 84.27 -75.88 77.98
C LEU LA 4 83.03 -75.27 78.61
N ILE LA 5 83.23 -74.31 79.49
CA ILE LA 5 82.13 -73.66 80.19
C ILE LA 5 81.72 -72.41 79.42
N LYS LA 6 80.41 -72.18 79.33
CA LYS LA 6 79.89 -71.01 78.63
C LYS LA 6 80.35 -69.74 79.33
N MET LA 7 80.97 -68.84 78.57
CA MET LA 7 81.55 -67.67 79.21
C MET LA 7 80.46 -66.66 79.51
N ALA LA 8 80.76 -65.80 80.49
CA ALA LA 8 79.86 -64.74 80.93
C ALA LA 8 79.81 -63.68 79.83
N GLY LA 9 79.12 -64.02 78.74
CA GLY LA 9 78.94 -63.11 77.63
C GLY LA 9 77.48 -63.06 77.24
N GLY LA 10 77.12 -61.98 76.56
CA GLY LA 10 75.74 -61.82 76.12
C GLY LA 10 75.39 -62.78 75.01
N ASN LA 11 74.49 -63.71 75.28
CA ASN LA 11 74.06 -64.67 74.25
C ASN LA 11 73.42 -63.91 73.10
N SER LA 12 73.95 -64.11 71.90
CA SER LA 12 73.47 -63.45 70.68
C SER LA 12 72.90 -64.46 69.69
N ALA LA 13 72.30 -65.54 70.19
CA ALA LA 13 72.12 -66.80 69.47
C ALA LA 13 73.46 -67.34 68.95
N ILE LA 14 74.54 -66.85 69.55
CA ILE LA 14 75.90 -67.33 69.37
C ILE LA 14 76.44 -67.66 70.76
N GLN LA 15 76.84 -68.91 70.98
CA GLN LA 15 77.27 -69.36 72.30
C GLN LA 15 78.78 -69.52 72.30
N THR LA 16 79.45 -68.79 73.19
CA THR LA 16 80.90 -68.79 73.30
C THR LA 16 81.31 -69.40 74.63
N TYR LA 17 82.21 -70.38 74.57
CA TYR LA 17 82.70 -71.11 75.72
C TYR LA 17 84.20 -70.93 75.82
N ALA LA 18 84.72 -71.01 77.04
CA ALA LA 18 86.15 -71.08 77.29
C ALA LA 18 86.45 -72.34 78.08
N ARG LA 19 87.64 -72.87 77.87
CA ARG LA 19 88.08 -74.08 78.57
C ARG LA 19 88.33 -73.77 80.03
N GLU LA 20 87.90 -74.69 80.90
CA GLU LA 20 87.86 -74.38 82.33
C GLU LA 20 89.24 -74.11 82.90
N ASP LA 21 90.21 -74.98 82.57
CA ASP LA 21 91.56 -74.82 83.14
C ASP LA 21 92.41 -73.85 82.32
N LYS LA 22 92.42 -73.98 81.01
CA LYS LA 22 93.09 -73.02 80.13
C LYS LA 22 92.03 -72.13 79.49
N THR LA 23 91.75 -70.99 80.13
CA THR LA 23 90.72 -70.09 79.61
C THR LA 23 91.17 -69.34 78.37
N THR LA 24 92.40 -69.58 77.89
CA THR LA 24 92.85 -68.99 76.63
C THR LA 24 92.27 -69.73 75.44
N GLN LA 25 91.94 -71.00 75.62
CA GLN LA 25 91.34 -71.81 74.57
C GLN LA 25 89.83 -71.61 74.59
N THR LA 26 89.28 -71.18 73.46
CA THR LA 26 87.86 -70.85 73.36
C THR LA 26 87.23 -71.62 72.20
N LEU LA 27 85.90 -71.55 72.16
CA LEU LA 27 85.08 -72.25 71.16
C LEU LA 27 83.73 -71.56 71.04
N SER LA 28 83.26 -71.39 69.82
CA SER LA 28 82.01 -70.66 69.55
C SER LA 28 81.12 -71.46 68.62
N THR LA 29 79.82 -71.54 68.94
CA THR LA 29 78.86 -72.23 68.09
C THR LA 29 77.68 -71.32 67.82
N GLN LA 30 77.36 -71.13 66.54
CA GLN LA 30 76.17 -70.38 66.15
C GLN LA 30 75.41 -71.14 65.07
N LYS LA 31 74.08 -71.00 65.11
CA LYS LA 31 73.21 -71.51 64.05
C LYS LA 31 72.34 -70.36 63.56
N THR LA 32 72.24 -70.22 62.24
CA THR LA 32 71.45 -69.19 61.61
C THR LA 32 70.54 -69.82 60.56
N ILE LA 33 69.46 -69.12 60.24
CA ILE LA 33 68.48 -69.61 59.27
C ILE LA 33 68.30 -68.55 58.18
N SER LA 34 68.44 -68.98 56.93
CA SER LA 34 68.22 -68.16 55.76
C SER LA 34 67.00 -68.66 55.01
N VAL LA 35 66.47 -67.82 54.12
CA VAL LA 35 65.35 -68.20 53.27
C VAL LA 35 65.78 -68.00 51.82
N LEU LA 36 65.77 -69.09 51.05
CA LEU LA 36 66.14 -69.07 49.65
C LEU LA 36 64.87 -69.25 48.82
N ARG LA 37 64.56 -68.25 48.01
CA ARG LA 37 63.34 -68.23 47.19
C ARG LA 37 63.72 -68.34 45.72
N ASN LA 38 63.25 -69.39 45.06
CA ASN LA 38 63.39 -69.56 43.61
C ASN LA 38 61.98 -69.59 43.03
N GLY LA 39 61.55 -68.49 42.42
CA GLY LA 39 60.20 -68.42 41.90
C GLY LA 39 59.17 -68.48 43.01
N SER LA 40 58.19 -69.38 42.85
CA SER LA 40 57.14 -69.54 43.85
C SER LA 40 57.67 -70.17 45.14
N THR LA 41 58.61 -71.10 45.01
CA THR LA 41 59.08 -71.89 46.14
C THR LA 41 60.08 -71.11 46.99
N SER LA 42 59.93 -71.23 48.31
CA SER LA 42 60.90 -70.73 49.28
C SER LA 42 61.25 -71.85 50.26
N THR LA 43 62.54 -71.98 50.56
CA THR LA 43 63.01 -73.02 51.47
C THR LA 43 63.98 -72.43 52.49
N ARG LA 44 64.00 -73.04 53.67
CA ARG LA 44 64.85 -72.60 54.75
C ARG LA 44 66.20 -73.29 54.70
N ILE LA 45 67.27 -72.51 54.90
CA ILE LA 45 68.64 -72.99 54.85
C ILE LA 45 69.25 -72.86 56.24
N ILE LA 46 69.66 -73.98 56.82
CA ILE LA 46 70.28 -74.05 58.14
C ILE LA 46 71.79 -73.95 57.97
N LYS LA 47 72.40 -73.01 58.70
CA LYS LA 47 73.83 -72.77 58.64
C LYS LA 47 74.43 -72.81 60.04
N VAL LA 48 75.30 -73.80 60.27
CA VAL LA 48 76.01 -73.99 61.52
C VAL LA 48 77.45 -73.53 61.35
N HIS LA 49 77.99 -72.86 62.37
CA HIS LA 49 79.40 -72.46 62.37
C HIS LA 49 79.98 -72.69 63.75
N ILE LA 50 80.98 -73.57 63.81
CA ILE LA 50 81.72 -73.91 65.02
C ILE LA 50 83.17 -73.47 64.84
N ASN LA 51 83.73 -72.83 65.86
CA ASN LA 51 85.11 -72.37 65.80
C ASN LA 51 85.81 -72.72 67.10
N SER LA 52 87.05 -73.22 67.01
CA SER LA 52 87.80 -73.65 68.19
C SER LA 52 89.21 -73.10 68.05
N THR LA 53 89.56 -72.09 68.86
CA THR LA 53 90.89 -71.49 68.73
C THR LA 53 91.61 -71.44 70.07
N ALA LA 54 92.92 -71.30 69.96
CA ALA LA 54 93.80 -71.05 71.09
C ALA LA 54 94.93 -70.16 70.60
N PRO LA 55 95.52 -69.34 71.47
CA PRO LA 55 96.71 -68.60 71.08
C PRO LA 55 97.93 -69.52 71.07
N VAL LA 56 98.86 -69.23 70.17
CA VAL LA 56 100.12 -69.96 70.09
C VAL LA 56 101.24 -68.94 70.15
N THR LA 57 102.12 -69.10 71.13
CA THR LA 57 103.35 -68.31 71.17
C THR LA 57 104.20 -68.62 69.96
N ILE LA 58 104.58 -67.58 69.20
CA ILE LA 58 105.43 -67.78 68.05
C ILE LA 58 106.72 -68.44 68.49
N ASN LA 59 107.14 -69.46 67.72
CA ASN LA 59 108.44 -70.07 67.95
C ASN LA 59 109.51 -68.99 67.98
N THR LA 60 110.14 -68.81 69.13
CA THR LA 60 111.03 -67.68 69.32
C THR LA 60 112.41 -68.16 69.79
N CYS LA 61 113.31 -67.19 69.92
CA CYS LA 61 114.71 -67.46 70.23
C CYS LA 61 114.91 -67.80 71.70
N ASP LA 62 114.14 -67.18 72.60
CA ASP LA 62 114.36 -67.31 74.03
C ASP LA 62 114.12 -68.74 74.50
N PRO LA 63 114.87 -69.20 75.51
CA PRO LA 63 114.51 -70.48 76.15
C PRO LA 63 113.16 -70.41 76.82
N THR LA 64 112.86 -69.31 77.50
CA THR LA 64 111.51 -69.08 77.99
C THR LA 64 110.55 -68.96 76.81
N LYS LA 65 109.34 -69.49 76.97
CA LYS LA 65 108.36 -69.49 75.90
C LYS LA 65 107.70 -68.10 75.86
N CYS LA 66 108.43 -67.15 75.30
CA CYS LA 66 107.96 -65.77 75.19
C CYS LA 66 108.14 -65.25 73.78
N GLY LA 67 107.04 -64.80 73.18
CA GLY LA 67 107.05 -64.17 71.88
C GLY LA 67 105.65 -63.68 71.54
N PRO LA 68 105.50 -63.00 70.40
CA PRO LA 68 104.15 -62.64 69.95
C PRO LA 68 103.29 -63.88 69.78
N THR LA 69 101.99 -63.71 70.05
CA THR LA 69 101.04 -64.81 69.94
C THR LA 69 100.21 -64.66 68.67
N VAL LA 70 100.13 -65.75 67.91
CA VAL LA 70 99.29 -65.82 66.72
C VAL LA 70 98.17 -66.79 67.05
N PRO LA 71 96.93 -66.52 66.64
CA PRO LA 71 95.84 -67.47 66.92
C PRO LA 71 95.93 -68.67 65.99
N MET LA 72 95.78 -69.86 66.57
CA MET LA 72 95.57 -71.08 65.80
C MET LA 72 94.14 -71.54 66.02
N GLY LA 73 93.53 -72.08 64.96
CA GLY LA 73 92.10 -72.28 64.98
C GLY LA 73 91.67 -73.37 64.02
N VAL LA 74 90.65 -74.11 64.43
CA VAL LA 74 90.01 -75.11 63.59
C VAL LA 74 88.54 -74.74 63.52
N SER LA 75 88.00 -74.66 62.31
CA SER LA 75 86.67 -74.14 62.07
C SER LA 75 85.87 -75.12 61.22
N PHE LA 76 84.62 -75.35 61.60
CA PHE LA 76 83.70 -76.21 60.87
C PHE LA 76 82.46 -75.41 60.50
N LYS LA 77 82.09 -75.42 59.22
CA LYS LA 77 80.92 -74.71 58.75
C LYS LA 77 80.03 -75.67 57.95
N SER LA 78 78.72 -75.46 58.03
CA SER LA 78 77.75 -76.39 57.46
C SER LA 78 76.53 -75.62 56.98
N SER LA 79 76.19 -75.73 55.70
CA SER LA 79 75.03 -75.04 55.15
C SER LA 79 74.22 -76.00 54.27
N MET LA 80 72.94 -76.17 54.61
CA MET LA 80 72.12 -77.07 53.82
C MET LA 80 70.66 -76.67 53.98
N PRO LA 81 69.81 -76.95 52.99
CA PRO LA 81 68.39 -76.65 53.15
C PRO LA 81 67.76 -77.59 54.15
N GLU LA 82 66.73 -77.08 54.84
CA GLU LA 82 66.12 -77.80 55.96
C GLU LA 82 65.68 -79.21 55.57
N ASP LA 83 65.88 -80.14 56.49
CA ASP LA 83 65.49 -81.56 56.38
C ASP LA 83 66.28 -82.32 55.31
N ALA LA 84 67.36 -81.76 54.78
CA ALA LA 84 68.22 -82.51 53.88
C ALA LA 84 69.04 -83.53 54.68
N ASP LA 85 69.70 -84.46 53.97
CA ASP LA 85 70.50 -85.48 54.64
C ASP LA 85 71.99 -85.30 54.34
N PRO LA 86 72.76 -84.69 55.24
CA PRO LA 86 74.19 -84.48 54.97
C PRO LA 86 75.07 -85.67 55.33
N ALA LA 87 74.48 -86.85 55.53
CA ALA LA 87 75.22 -88.00 56.06
C ALA LA 87 76.46 -88.29 55.22
N GLU LA 88 76.29 -88.35 53.90
CA GLU LA 88 77.40 -88.74 53.05
C GLU LA 88 78.40 -87.60 52.90
N VAL LA 89 77.91 -86.36 52.86
CA VAL LA 89 78.79 -85.21 52.81
C VAL LA 89 79.69 -85.17 54.04
N LEU LA 90 79.08 -85.35 55.23
CA LEU LA 90 79.85 -85.45 56.47
C LEU LA 90 80.86 -86.58 56.42
N LYS LA 91 80.44 -87.75 55.94
CA LYS LA 91 81.34 -88.90 55.90
C LYS LA 91 82.59 -88.61 55.06
N ALA LA 92 82.39 -88.03 53.87
CA ALA LA 92 83.51 -87.70 53.00
C ALA LA 92 84.39 -86.62 53.62
N ALA LA 93 83.77 -85.57 54.17
CA ALA LA 93 84.54 -84.52 54.83
C ALA LA 93 85.41 -85.09 55.93
N LYS LA 94 84.85 -86.01 56.74
CA LYS LA 94 85.60 -86.59 57.83
C LYS LA 94 86.74 -87.45 57.32
N ALA LA 95 86.55 -88.18 56.23
CA ALA LA 95 87.64 -88.97 55.65
C ALA LA 95 88.78 -88.07 55.18
N ALA LA 96 88.44 -86.98 54.49
CA ALA LA 96 89.46 -86.03 54.04
C ALA LA 96 90.21 -85.44 55.23
N LEU LA 97 89.47 -85.01 56.25
CA LEU LA 97 90.11 -84.45 57.44
C LEU LA 97 91.04 -85.48 58.09
N ALA LA 98 90.63 -86.74 58.09
CA ALA LA 98 91.50 -87.79 58.63
C ALA LA 98 92.80 -87.85 57.86
N LEU LA 99 92.72 -87.69 56.53
CA LEU LA 99 93.96 -87.69 55.73
C LEU LA 99 94.84 -86.49 56.06
N PHE LA 100 94.27 -85.31 56.22
CA PHE LA 100 95.05 -84.07 56.32
C PHE LA 100 95.36 -83.64 57.76
N GLU LA 101 94.85 -84.36 58.76
CA GLU LA 101 94.91 -83.89 60.15
C GLU LA 101 96.34 -83.81 60.67
N ALA LA 102 97.16 -84.82 60.36
CA ALA LA 102 98.56 -84.76 60.78
C ALA LA 102 99.31 -83.65 60.05
N ASN LA 103 98.85 -83.28 58.85
CA ASN LA 103 99.51 -82.28 58.01
C ASN LA 103 98.89 -80.90 58.13
N LEU LA 104 98.02 -80.69 59.10
CA LEU LA 104 97.45 -79.36 59.30
C LEU LA 104 98.50 -78.29 59.57
N ASN LA 105 99.69 -78.68 60.03
CA ASN LA 105 100.76 -77.75 60.35
C ASN LA 105 102.04 -78.00 59.55
N SER LA 106 101.94 -78.67 58.39
CA SER LA 106 103.12 -79.29 57.80
C SER LA 106 103.87 -78.40 56.81
N ALA LA 107 103.19 -77.45 56.15
CA ALA LA 107 103.76 -76.64 55.08
C ALA LA 107 104.14 -77.46 53.85
N PHE LA 108 103.81 -78.75 53.83
CA PHE LA 108 103.96 -79.61 52.69
C PHE LA 108 102.60 -80.22 52.36
N ASN LA 109 102.25 -80.23 51.08
CA ASN LA 109 100.97 -80.76 50.65
C ASN LA 109 101.16 -82.18 50.14
N LYS LA 110 100.44 -83.13 50.74
CA LYS LA 110 100.48 -84.51 50.27
C LYS LA 110 99.57 -84.66 49.06
N ASN LA 111 100.14 -85.11 47.94
CA ASN LA 111 99.35 -85.27 46.71
C ASN LA 111 98.76 -86.67 46.70
N VAL LA 112 97.50 -86.79 47.11
CA VAL LA 112 96.77 -88.05 47.08
C VAL LA 112 95.78 -88.03 45.93
N ASP LA 113 95.66 -89.17 45.25
CA ASP LA 113 94.83 -89.28 44.05
C ASP LA 113 93.45 -89.88 44.32
N GLU LA 114 93.22 -90.49 45.49
CA GLU LA 114 91.89 -90.94 45.85
C GLU LA 114 91.73 -90.99 47.37
N ILE LA 115 90.49 -90.87 47.81
CA ILE LA 115 90.13 -90.75 49.22
C ILE LA 115 89.03 -91.77 49.48
N SER LA 116 89.35 -92.80 50.26
CA SER LA 116 88.40 -93.88 50.53
C SER LA 116 87.49 -93.54 51.69
N VAL LA 117 86.20 -93.86 51.54
CA VAL LA 117 85.14 -93.42 52.45
C VAL LA 117 84.32 -94.64 52.88
N ALA LA 118 83.79 -94.57 54.11
CA ALA LA 118 82.87 -95.57 54.68
C ALA LA 118 83.44 -96.99 54.61
N ALA MA 1 54.22 -88.71 76.22
CA ALA MA 1 55.06 -87.95 77.14
C ALA MA 1 56.34 -87.49 76.46
N TYR MA 2 56.65 -86.20 76.60
CA TYR MA 2 57.84 -85.62 75.97
C TYR MA 2 58.36 -84.47 76.83
N LYS MA 3 59.54 -83.96 76.45
CA LYS MA 3 60.19 -82.86 77.15
C LYS MA 3 60.40 -81.70 76.21
N LEU MA 4 60.07 -80.49 76.69
CA LEU MA 4 60.37 -79.26 75.98
C LEU MA 4 61.77 -78.80 76.37
N ILE MA 5 62.73 -79.04 75.47
CA ILE MA 5 64.13 -78.68 75.69
C ILE MA 5 64.32 -77.19 75.44
N LYS MA 6 65.15 -76.55 76.26
CA LYS MA 6 65.34 -75.11 76.14
C LYS MA 6 66.22 -74.79 74.94
N MET MA 7 65.68 -73.99 74.02
CA MET MA 7 66.44 -73.48 72.89
C MET MA 7 67.36 -72.36 73.34
N ALA MA 8 68.36 -72.08 72.52
CA ALA MA 8 69.37 -71.07 72.81
C ALA MA 8 68.91 -69.72 72.27
N GLY MA 9 68.49 -68.84 73.17
CA GLY MA 9 67.95 -67.55 72.78
C GLY MA 9 68.85 -66.43 73.22
N GLY MA 10 68.90 -65.37 72.40
CA GLY MA 10 69.70 -64.21 72.77
C GLY MA 10 69.07 -63.38 73.86
N ASN MA 11 67.74 -63.27 73.85
CA ASN MA 11 67.02 -62.49 74.85
C ASN MA 11 66.80 -63.31 76.11
N SER MA 12 67.16 -62.74 77.26
CA SER MA 12 67.01 -63.45 78.53
C SER MA 12 65.62 -63.30 79.14
N ALA MA 13 64.85 -62.29 78.72
CA ALA MA 13 63.50 -62.13 79.26
C ALA MA 13 62.58 -63.24 78.80
N ILE MA 14 62.81 -63.77 77.60
CA ILE MA 14 61.99 -64.80 76.99
C ILE MA 14 62.77 -66.10 76.99
N GLN MA 15 62.16 -67.17 77.51
CA GLN MA 15 62.72 -68.51 77.43
C GLN MA 15 61.94 -69.30 76.38
N THR MA 16 62.65 -69.85 75.41
CA THR MA 16 62.05 -70.60 74.32
C THR MA 16 62.44 -72.05 74.44
N TYR MA 17 61.50 -72.95 74.11
CA TYR MA 17 61.68 -74.37 74.20
C TYR MA 17 61.11 -75.01 72.95
N ALA MA 18 61.67 -76.16 72.59
CA ALA MA 18 61.21 -76.98 71.48
C ALA MA 18 61.02 -78.39 71.98
N ARG MA 19 59.99 -79.06 71.45
CA ARG MA 19 59.74 -80.44 71.84
C ARG MA 19 60.86 -81.34 71.33
N GLU MA 20 61.23 -82.33 72.15
CA GLU MA 20 62.34 -83.20 71.78
C GLU MA 20 62.02 -84.01 70.53
N ASP MA 21 60.81 -84.59 70.46
CA ASP MA 21 60.41 -85.35 69.29
C ASP MA 21 60.33 -84.45 68.05
N LYS MA 22 59.47 -83.43 68.11
CA LYS MA 22 59.30 -82.49 67.02
C LYS MA 22 59.89 -81.16 67.44
N THR MA 23 61.05 -80.83 66.90
CA THR MA 23 61.60 -79.51 67.17
C THR MA 23 60.83 -78.41 66.46
N THR MA 24 59.80 -78.76 65.68
CA THR MA 24 58.95 -77.75 65.04
C THR MA 24 57.93 -77.19 66.01
N GLN MA 25 57.51 -78.00 66.98
CA GLN MA 25 56.57 -77.56 67.99
C GLN MA 25 57.33 -76.82 69.09
N THR MA 26 56.98 -75.57 69.32
CA THR MA 26 57.73 -74.74 70.25
C THR MA 26 56.80 -74.11 71.28
N LEU MA 27 57.43 -73.51 72.29
CA LEU MA 27 56.76 -72.89 73.43
C LEU MA 27 57.65 -71.81 74.02
N SER MA 28 57.07 -70.66 74.32
CA SER MA 28 57.82 -69.53 74.87
C SER MA 28 57.16 -69.05 76.15
N THR MA 29 57.98 -68.75 77.16
CA THR MA 29 57.50 -68.17 78.40
C THR MA 29 58.22 -66.86 78.65
N GLN MA 30 57.47 -65.82 79.02
CA GLN MA 30 58.04 -64.51 79.28
C GLN MA 30 57.31 -63.84 80.43
N LYS MA 31 58.06 -63.33 81.40
CA LYS MA 31 57.50 -62.51 82.45
C LYS MA 31 58.16 -61.13 82.40
N THR MA 32 57.33 -60.09 82.48
CA THR MA 32 57.79 -58.71 82.45
C THR MA 32 57.14 -57.96 83.59
N ILE MA 33 57.79 -56.88 84.03
CA ILE MA 33 57.36 -56.09 85.16
C ILE MA 33 57.21 -54.64 84.72
N SER MA 34 56.12 -54.01 85.14
CA SER MA 34 55.85 -52.60 84.85
C SER MA 34 55.63 -51.85 86.16
N VAL MA 35 55.96 -50.56 86.15
CA VAL MA 35 55.83 -49.71 87.33
C VAL MA 35 54.66 -48.76 87.09
N LEU MA 36 53.73 -48.72 88.03
CA LEU MA 36 52.56 -47.86 87.95
C LEU MA 36 52.69 -46.87 89.10
N ARG MA 37 53.03 -45.62 88.77
CA ARG MA 37 53.28 -44.61 89.78
C ARG MA 37 52.00 -43.83 90.04
N ASN MA 38 51.46 -43.98 91.23
CA ASN MA 38 50.32 -43.21 91.72
C ASN MA 38 50.84 -42.31 92.83
N GLY MA 39 50.91 -41.01 92.57
CA GLY MA 39 51.47 -40.08 93.54
C GLY MA 39 52.92 -40.42 93.85
N SER MA 40 53.20 -40.61 95.13
CA SER MA 40 54.53 -40.96 95.60
C SER MA 40 54.67 -42.45 95.87
N THR MA 41 53.70 -43.26 95.42
CA THR MA 41 53.73 -44.70 95.62
C THR MA 41 53.75 -45.38 94.26
N SER MA 42 54.75 -46.22 94.01
CA SER MA 42 54.83 -46.97 92.77
C SER MA 42 54.52 -48.43 93.03
N THR MA 43 53.62 -48.99 92.23
CA THR MA 43 53.18 -50.37 92.39
C THR MA 43 53.61 -51.20 91.19
N ARG MA 44 53.91 -52.46 91.47
CA ARG MA 44 54.53 -53.37 90.52
C ARG MA 44 53.45 -54.18 89.82
N ILE MA 45 53.54 -54.29 88.50
CA ILE MA 45 52.52 -54.94 87.67
C ILE MA 45 53.16 -56.05 86.85
N ILE MA 46 52.77 -57.29 87.14
CA ILE MA 46 53.39 -58.48 86.58
C ILE MA 46 52.57 -58.97 85.40
N LYS MA 47 53.23 -59.16 84.26
CA LYS MA 47 52.63 -59.66 83.04
C LYS MA 47 53.35 -60.93 82.60
N VAL MA 48 52.59 -62.00 82.37
CA VAL MA 48 53.12 -63.28 81.93
C VAL MA 48 52.54 -63.60 80.56
N HIS MA 49 53.36 -64.16 79.68
CA HIS MA 49 52.95 -64.53 78.33
C HIS MA 49 53.55 -65.89 77.98
N ILE MA 50 52.68 -66.88 77.79
CA ILE MA 50 53.06 -68.22 77.35
C ILE MA 50 52.45 -68.45 75.97
N ASN MA 51 53.26 -68.95 75.05
CA ASN MA 51 52.79 -69.25 73.70
C ASN MA 51 53.22 -70.66 73.32
N SER MA 52 52.33 -71.44 72.71
CA SER MA 52 52.65 -72.82 72.32
C SER MA 52 52.15 -73.02 70.90
N THR MA 53 53.06 -73.09 69.92
CA THR MA 53 52.65 -73.22 68.54
C THR MA 53 53.34 -74.40 67.86
N ALA MA 54 52.81 -74.72 66.69
CA ALA MA 54 53.38 -75.73 65.81
C ALA MA 54 52.89 -75.44 64.41
N PRO MA 55 53.67 -75.77 63.38
CA PRO MA 55 53.23 -75.51 62.01
C PRO MA 55 52.29 -76.60 61.53
N VAL MA 56 51.18 -76.21 60.90
CA VAL MA 56 50.26 -77.14 60.24
C VAL MA 56 50.28 -76.81 58.76
N THR MA 57 50.26 -77.85 57.92
CA THR MA 57 50.29 -77.70 56.47
C THR MA 57 48.90 -77.87 55.90
N ILE MA 58 48.46 -76.87 55.13
CA ILE MA 58 47.16 -76.88 54.49
C ILE MA 58 47.31 -77.58 53.14
N ASN MA 59 46.80 -78.81 53.03
CA ASN MA 59 46.91 -79.56 51.80
C ASN MA 59 45.88 -79.05 50.80
N THR MA 60 46.36 -78.56 49.66
CA THR MA 60 45.52 -78.10 48.56
C THR MA 60 45.95 -78.86 47.32
N CYS MA 61 44.97 -79.39 46.59
CA CYS MA 61 45.31 -80.18 45.40
C CYS MA 61 45.89 -79.27 44.33
N ASP MA 62 46.94 -79.76 43.67
CA ASP MA 62 47.76 -78.96 42.77
C ASP MA 62 48.54 -79.93 41.90
N PRO MA 63 48.85 -79.55 40.65
CA PRO MA 63 49.75 -80.41 39.85
C PRO MA 63 51.04 -80.73 40.57
N THR MA 64 51.60 -79.74 41.26
CA THR MA 64 52.74 -79.93 42.14
C THR MA 64 52.24 -79.92 43.58
N LYS MA 65 52.32 -81.06 44.25
CA LYS MA 65 51.64 -81.26 45.54
C LYS MA 65 52.50 -80.73 46.70
N CYS MA 66 52.62 -79.40 46.75
CA CYS MA 66 53.17 -78.70 47.91
C CYS MA 66 52.26 -77.54 48.27
N GLY MA 67 51.72 -77.57 49.49
CA GLY MA 67 50.87 -76.51 49.97
C GLY MA 67 51.55 -75.67 51.04
N PRO MA 68 50.94 -74.56 51.41
CA PRO MA 68 51.57 -73.63 52.35
C PRO MA 68 51.50 -74.14 53.78
N THR MA 69 52.28 -73.49 54.64
CA THR MA 69 52.34 -73.84 56.05
C THR MA 69 51.95 -72.62 56.88
N VAL MA 70 51.07 -72.83 57.85
CA VAL MA 70 50.55 -71.74 58.68
C VAL MA 70 50.57 -72.25 60.12
N PRO MA 71 50.87 -71.40 61.10
CA PRO MA 71 51.02 -71.91 62.47
C PRO MA 71 49.69 -72.04 63.19
N MET MA 72 49.56 -73.10 63.98
CA MET MA 72 48.50 -73.23 64.96
C MET MA 72 49.07 -72.99 66.35
N GLY MA 73 48.36 -72.20 67.13
CA GLY MA 73 48.93 -71.67 68.36
C GLY MA 73 47.90 -71.57 69.46
N VAL MA 74 48.37 -71.73 70.69
CA VAL MA 74 47.57 -71.53 71.87
C VAL MA 74 48.36 -70.58 72.77
N SER MA 75 47.74 -69.47 73.15
CA SER MA 75 48.42 -68.41 73.86
C SER MA 75 47.71 -68.13 75.18
N PHE MA 76 48.50 -67.83 76.20
CA PHE MA 76 48.03 -67.48 77.52
C PHE MA 76 48.70 -66.18 77.92
N LYS MA 77 47.91 -65.20 78.35
CA LYS MA 77 48.45 -63.94 78.83
C LYS MA 77 47.82 -63.60 80.18
N SER MA 78 48.58 -62.87 80.99
CA SER MA 78 48.21 -62.58 82.37
C SER MA 78 48.79 -61.22 82.74
N SER MA 79 48.02 -60.40 83.46
CA SER MA 79 48.51 -59.10 83.90
C SER MA 79 47.79 -58.70 85.18
N MET MA 80 48.55 -58.37 86.22
CA MET MA 80 47.89 -58.01 87.47
C MET MA 80 48.88 -57.29 88.37
N PRO MA 81 48.41 -56.49 89.33
CA PRO MA 81 49.31 -55.86 90.29
C PRO MA 81 49.89 -56.89 91.23
N GLU MA 82 51.10 -56.60 91.72
CA GLU MA 82 51.80 -57.54 92.57
C GLU MA 82 50.96 -57.89 93.79
N ASP MA 83 51.06 -59.16 94.20
CA ASP MA 83 50.37 -59.69 95.38
C ASP MA 83 48.85 -59.66 95.24
N ALA MA 84 48.33 -59.59 94.02
CA ALA MA 84 46.89 -59.73 93.81
C ALA MA 84 46.51 -61.20 93.78
N ASP MA 85 45.21 -61.49 93.79
CA ASP MA 85 44.77 -62.88 93.80
C ASP MA 85 44.09 -63.25 92.50
N PRO MA 86 44.73 -64.00 91.62
CA PRO MA 86 44.09 -64.42 90.35
C PRO MA 86 43.25 -65.67 90.44
N ALA MA 87 43.07 -66.24 91.64
CA ALA MA 87 42.52 -67.59 91.73
C ALA MA 87 41.17 -67.68 91.03
N GLU MA 88 40.33 -66.66 91.17
CA GLU MA 88 38.98 -66.77 90.65
C GLU MA 88 38.92 -66.47 89.15
N VAL MA 89 39.67 -65.45 88.68
CA VAL MA 89 39.71 -65.21 87.24
C VAL MA 89 40.31 -66.41 86.50
N LEU MA 90 41.27 -67.09 87.13
CA LEU MA 90 41.79 -68.33 86.57
C LEU MA 90 40.71 -69.40 86.49
N LYS MA 91 39.98 -69.63 87.59
CA LYS MA 91 38.92 -70.64 87.58
C LYS MA 91 37.90 -70.36 86.47
N ALA MA 92 37.48 -69.11 86.35
CA ALA MA 92 36.48 -68.75 85.34
C ALA MA 92 37.03 -68.93 83.93
N ALA MA 93 38.23 -68.42 83.68
CA ALA MA 93 38.86 -68.59 82.37
C ALA MA 93 38.98 -70.07 82.03
N LYS MA 94 39.36 -70.89 83.01
CA LYS MA 94 39.52 -72.31 82.75
C LYS MA 94 38.19 -72.98 82.43
N ALA MA 95 37.11 -72.56 83.09
CA ALA MA 95 35.79 -73.13 82.77
C ALA MA 95 35.36 -72.75 81.35
N ALA MA 96 35.57 -71.49 80.95
CA ALA MA 96 35.26 -71.09 79.58
C ALA MA 96 36.09 -71.86 78.57
N LEU MA 97 37.40 -71.98 78.84
CA LEU MA 97 38.26 -72.78 78.00
C LEU MA 97 37.76 -74.21 77.89
N ALA MA 98 37.29 -74.76 79.01
CA ALA MA 98 36.77 -76.12 79.00
C ALA MA 98 35.59 -76.23 78.03
N LEU MA 99 34.75 -75.21 77.99
CA LEU MA 99 33.65 -75.23 77.01
C LEU MA 99 34.17 -75.16 75.58
N PHE MA 100 35.11 -74.26 75.30
CA PHE MA 100 35.50 -74.01 73.92
C PHE MA 100 36.57 -74.97 73.39
N GLU MA 101 37.24 -75.74 74.26
CA GLU MA 101 38.46 -76.45 73.89
C GLU MA 101 38.20 -77.49 72.81
N ALA MA 102 37.15 -78.28 72.97
CA ALA MA 102 36.81 -79.28 71.96
C ALA MA 102 36.61 -78.65 70.60
N ASN MA 103 36.03 -77.45 70.56
CA ASN MA 103 35.64 -76.79 69.32
C ASN MA 103 36.64 -75.73 68.86
N LEU MA 104 37.91 -75.86 69.24
CA LEU MA 104 38.91 -74.85 68.86
C LEU MA 104 39.23 -74.89 67.36
N ASN MA 105 38.97 -76.01 66.71
CA ASN MA 105 39.30 -76.22 65.31
C ASN MA 105 38.06 -76.37 64.44
N SER MA 106 36.88 -75.94 64.91
CA SER MA 106 35.65 -76.39 64.29
C SER MA 106 34.78 -75.31 63.64
N ALA MA 107 35.00 -74.03 63.96
CA ALA MA 107 34.25 -72.91 63.35
C ALA MA 107 32.78 -72.91 63.75
N PHE MA 108 32.40 -73.68 64.77
CA PHE MA 108 31.04 -73.70 65.30
C PHE MA 108 30.99 -72.93 66.61
N ASN MA 109 29.89 -72.23 66.83
CA ASN MA 109 29.69 -71.57 68.12
C ASN MA 109 28.19 -71.43 68.36
N LYS MA 110 27.76 -71.83 69.56
CA LYS MA 110 26.36 -71.80 69.94
C LYS MA 110 26.18 -70.81 71.10
N ASN MA 111 25.01 -70.18 71.15
CA ASN MA 111 24.75 -69.26 72.25
C ASN MA 111 24.76 -70.01 73.57
N VAL MA 112 25.55 -69.50 74.52
CA VAL MA 112 25.62 -70.06 75.86
C VAL MA 112 25.10 -68.99 76.81
N ASP MA 113 24.04 -69.32 77.54
CA ASP MA 113 23.40 -68.34 78.41
C ASP MA 113 24.10 -68.25 79.76
N GLU MA 114 24.87 -69.27 80.14
CA GLU MA 114 25.63 -69.17 81.38
C GLU MA 114 26.74 -70.20 81.39
N ILE MA 115 27.80 -69.87 82.12
CA ILE MA 115 28.95 -70.74 82.31
C ILE MA 115 29.05 -71.05 83.79
N SER MA 116 29.00 -72.32 84.14
CA SER MA 116 29.09 -72.73 85.55
C SER MA 116 30.54 -72.92 85.93
N VAL MA 117 30.94 -72.26 87.02
CA VAL MA 117 32.32 -72.31 87.51
C VAL MA 117 32.37 -73.20 88.74
N ALA MA 118 33.43 -74.00 88.85
CA ALA MA 118 33.61 -74.98 89.91
C ALA MA 118 33.58 -74.36 91.31
N ALA NA 1 6.75 -75.58 -47.12
CA ALA NA 1 7.01 -75.59 -48.55
C ALA NA 1 6.84 -74.19 -49.18
N TYR NA 2 7.90 -73.39 -49.16
CA TYR NA 2 7.90 -72.03 -49.70
C TYR NA 2 9.24 -71.75 -50.37
N LYS NA 3 9.39 -70.54 -50.91
CA LYS NA 3 10.65 -70.15 -51.52
C LYS NA 3 10.95 -68.68 -51.22
N LEU NA 4 12.24 -68.40 -51.07
CA LEU NA 4 12.74 -67.06 -50.77
C LEU NA 4 13.18 -66.41 -52.07
N ILE NA 5 12.50 -65.35 -52.46
CA ILE NA 5 12.82 -64.62 -53.69
C ILE NA 5 13.76 -63.48 -53.34
N LYS NA 6 14.66 -63.14 -54.27
CA LYS NA 6 15.64 -62.09 -54.03
C LYS NA 6 14.95 -60.74 -53.89
N MET NA 7 15.38 -59.96 -52.89
CA MET NA 7 14.87 -58.63 -52.64
C MET NA 7 15.72 -57.59 -53.34
N ALA NA 8 15.13 -56.43 -53.55
CA ALA NA 8 15.88 -55.27 -54.00
C ALA NA 8 16.84 -54.83 -52.90
N GLY NA 9 18.13 -54.78 -53.22
CA GLY NA 9 19.14 -54.42 -52.25
C GLY NA 9 20.15 -53.47 -52.87
N GLY NA 10 20.86 -52.76 -51.99
CA GLY NA 10 21.80 -51.75 -52.41
C GLY NA 10 23.21 -52.26 -52.63
N ASN NA 11 23.62 -53.25 -51.84
CA ASN NA 11 24.98 -53.78 -51.91
C ASN NA 11 25.07 -54.90 -52.94
N SER NA 12 26.20 -54.96 -53.65
CA SER NA 12 26.41 -55.99 -54.67
C SER NA 12 26.99 -57.28 -54.08
N ALA NA 13 27.73 -57.18 -52.97
CA ALA NA 13 28.30 -58.36 -52.33
C ALA NA 13 27.26 -59.15 -51.54
N ILE NA 14 26.24 -58.46 -51.04
CA ILE NA 14 25.21 -59.07 -50.20
C ILE NA 14 23.99 -59.35 -51.05
N GLN NA 15 23.52 -60.60 -51.04
CA GLN NA 15 22.24 -60.97 -51.63
C GLN NA 15 21.22 -61.10 -50.52
N THR NA 16 20.12 -60.37 -50.65
CA THR NA 16 19.04 -60.40 -49.67
C THR NA 16 17.81 -61.03 -50.29
N TYR NA 17 17.17 -61.93 -49.54
CA TYR NA 17 15.99 -62.65 -49.97
C TYR NA 17 14.91 -62.48 -48.92
N ALA NA 18 13.66 -62.51 -49.36
CA ALA NA 18 12.51 -62.53 -48.49
C ALA NA 18 11.62 -63.70 -48.87
N ARG NA 19 10.93 -64.24 -47.86
CA ARG NA 19 9.99 -65.32 -48.08
C ARG NA 19 8.78 -64.84 -48.85
N GLU NA 20 8.32 -65.66 -49.79
CA GLU NA 20 7.17 -65.26 -50.61
C GLU NA 20 5.91 -65.10 -49.76
N ASP NA 21 5.62 -66.09 -48.91
CA ASP NA 21 4.42 -66.04 -48.06
C ASP NA 21 4.50 -64.86 -47.10
N LYS NA 22 5.52 -64.86 -46.23
CA LYS NA 22 5.75 -63.79 -45.28
C LYS NA 22 6.98 -63.01 -45.72
N THR NA 23 6.77 -61.81 -46.24
CA THR NA 23 7.90 -60.96 -46.59
C THR NA 23 8.57 -60.36 -45.35
N THR NA 24 8.18 -60.79 -44.15
CA THR NA 24 8.84 -60.38 -42.92
C THR NA 24 9.97 -61.30 -42.52
N GLN NA 25 9.94 -62.53 -43.00
CA GLN NA 25 11.03 -63.48 -42.81
C GLN NA 25 12.04 -63.27 -43.94
N THR NA 26 13.29 -63.02 -43.59
CA THR NA 26 14.31 -62.70 -44.57
C THR NA 26 15.56 -63.52 -44.33
N LEU NA 27 16.45 -63.48 -45.34
CA LEU NA 27 17.70 -64.23 -45.37
C LEU NA 27 18.71 -63.43 -46.17
N SER NA 28 19.98 -63.55 -45.80
CA SER NA 28 21.03 -62.74 -46.43
C SER NA 28 22.31 -63.54 -46.52
N THR NA 29 22.93 -63.54 -47.72
CA THR NA 29 24.18 -64.25 -47.93
C THR NA 29 25.22 -63.29 -48.48
N GLN NA 30 26.41 -63.31 -47.88
CA GLN NA 30 27.48 -62.42 -48.28
C GLN NA 30 28.78 -63.20 -48.38
N LYS NA 31 29.58 -62.90 -49.39
CA LYS NA 31 30.91 -63.47 -49.53
C LYS NA 31 31.95 -62.36 -49.61
N THR NA 32 33.00 -62.48 -48.80
CA THR NA 32 34.10 -61.55 -48.70
C THR NA 32 35.39 -62.30 -49.03
N ILE NA 33 36.25 -61.67 -49.83
CA ILE NA 33 37.57 -62.21 -50.10
C ILE NA 33 38.59 -61.29 -49.44
N SER NA 34 39.55 -61.89 -48.73
CA SER NA 34 40.63 -61.18 -48.09
C SER NA 34 41.95 -61.75 -48.57
N VAL NA 35 43.02 -60.99 -48.39
CA VAL NA 35 44.35 -61.41 -48.81
C VAL NA 35 45.26 -61.44 -47.59
N LEU NA 36 45.96 -62.56 -47.41
CA LEU NA 36 46.92 -62.70 -46.33
C LEU NA 36 48.24 -63.14 -46.93
N ARG NA 37 49.27 -62.32 -46.79
CA ARG NA 37 50.56 -62.62 -47.42
C ARG NA 37 51.63 -62.81 -46.36
N ASN NA 38 52.42 -63.88 -46.53
CA ASN NA 38 53.64 -64.13 -45.78
C ASN NA 38 54.81 -63.94 -46.73
N GLY NA 39 55.64 -62.95 -46.45
CA GLY NA 39 56.74 -62.62 -47.36
C GLY NA 39 56.22 -62.28 -48.73
N SER NA 40 56.67 -63.06 -49.72
CA SER NA 40 56.21 -62.91 -51.09
C SER NA 40 54.92 -63.66 -51.38
N THR NA 41 54.68 -64.77 -50.68
CA THR NA 41 53.51 -65.58 -50.97
C THR NA 41 52.27 -64.91 -50.41
N SER NA 42 51.15 -65.06 -51.13
CA SER NA 42 49.89 -64.49 -50.71
C SER NA 42 48.76 -65.47 -50.99
N THR NA 43 47.81 -65.56 -50.06
CA THR NA 43 46.73 -66.52 -50.15
C THR NA 43 45.39 -65.85 -49.84
N ARG NA 44 44.34 -66.36 -50.47
CA ARG NA 44 43.01 -65.79 -50.33
C ARG NA 44 42.28 -66.42 -49.16
N ILE NA 45 41.55 -65.58 -48.42
CA ILE NA 45 40.75 -66.00 -47.29
C ILE NA 45 39.29 -65.73 -47.66
N ILE NA 46 38.52 -66.79 -47.85
CA ILE NA 46 37.13 -66.68 -48.26
C ILE NA 46 36.24 -66.78 -47.02
N LYS NA 47 35.40 -65.77 -46.85
CA LYS NA 47 34.50 -65.65 -45.70
C LYS NA 47 33.07 -65.57 -46.20
N VAL NA 48 32.22 -66.44 -45.68
CA VAL NA 48 30.81 -66.50 -46.04
C VAL NA 48 29.99 -66.18 -44.81
N HIS NA 49 28.87 -65.48 -45.00
CA HIS NA 49 27.98 -65.12 -43.90
C HIS NA 49 26.54 -65.28 -44.38
N ILE NA 50 25.79 -66.15 -43.70
CA ILE NA 50 24.38 -66.40 -43.98
C ILE NA 50 23.59 -66.07 -42.73
N ASN NA 51 22.58 -65.22 -42.85
CA ASN NA 51 21.78 -64.80 -41.71
C ASN NA 51 20.31 -64.94 -42.06
N SER NA 52 19.57 -65.69 -41.25
CA SER NA 52 18.13 -65.90 -41.45
C SER NA 52 17.42 -65.33 -40.23
N THR NA 53 16.55 -64.33 -40.44
CA THR NA 53 15.80 -63.78 -39.31
C THR NA 53 14.34 -63.60 -39.64
N ALA NA 54 13.56 -63.46 -38.57
CA ALA NA 54 12.17 -63.07 -38.65
C ALA NA 54 11.84 -62.30 -37.38
N PRO NA 55 10.90 -61.37 -37.43
CA PRO NA 55 10.47 -60.72 -36.19
C PRO NA 55 9.56 -61.64 -35.41
N VAL NA 56 9.62 -61.51 -34.08
CA VAL NA 56 8.74 -62.26 -33.21
C VAL NA 56 8.22 -61.31 -32.12
N THR NA 57 6.92 -61.39 -31.85
CA THR NA 57 6.24 -60.53 -30.89
C THR NA 57 6.68 -60.87 -29.48
N ILE NA 58 7.04 -59.85 -28.69
CA ILE NA 58 7.63 -60.08 -27.37
C ILE NA 58 6.66 -60.86 -26.47
N ASN NA 59 5.42 -60.40 -26.40
CA ASN NA 59 4.55 -60.72 -25.29
C ASN NA 59 3.68 -61.93 -25.62
N THR NA 60 4.01 -63.07 -25.00
CA THR NA 60 3.26 -64.29 -25.27
C THR NA 60 1.86 -64.23 -24.67
N CYS NA 61 1.74 -63.77 -23.42
CA CYS NA 61 0.47 -63.73 -22.71
C CYS NA 61 -0.35 -62.47 -22.99
N ASP NA 62 0.08 -61.62 -23.92
CA ASP NA 62 -0.67 -60.43 -24.29
C ASP NA 62 -1.75 -60.77 -25.31
N PRO NA 63 -2.69 -59.83 -25.57
CA PRO NA 63 -3.73 -60.10 -26.58
C PRO NA 63 -3.25 -59.91 -28.01
N THR NA 64 -1.91 -59.90 -28.19
CA THR NA 64 -1.26 -59.70 -29.49
C THR NA 64 -1.63 -58.35 -30.10
N LYS NA 65 -1.66 -57.31 -29.26
CA LYS NA 65 -2.01 -55.96 -29.69
C LYS NA 65 -0.78 -55.23 -30.25
N CYS NA 66 -0.18 -55.83 -31.29
CA CYS NA 66 1.01 -55.29 -31.96
C CYS NA 66 2.07 -54.88 -30.93
N GLY NA 67 2.40 -55.82 -30.05
CA GLY NA 67 3.47 -55.62 -29.11
C GLY NA 67 4.78 -55.45 -29.86
N PRO NA 68 5.69 -54.63 -29.33
CA PRO NA 68 6.97 -54.42 -30.02
C PRO NA 68 7.67 -55.73 -30.25
N THR NA 69 8.26 -55.87 -31.44
CA THR NA 69 8.84 -57.12 -31.88
C THR NA 69 10.35 -57.11 -31.73
N VAL NA 70 10.90 -58.31 -31.50
CA VAL NA 70 12.34 -58.49 -31.42
C VAL NA 70 12.75 -59.43 -32.55
N PRO NA 71 13.89 -59.19 -33.19
CA PRO NA 71 14.36 -60.11 -34.23
C PRO NA 71 14.84 -61.43 -33.63
N MET NA 72 14.36 -62.53 -34.19
CA MET NA 72 14.83 -63.88 -33.89
C MET NA 72 15.65 -64.34 -35.08
N GLY NA 73 16.84 -64.86 -34.80
CA GLY NA 73 17.84 -65.01 -35.84
C GLY NA 73 18.67 -66.28 -35.69
N VAL NA 74 19.11 -66.79 -36.83
CA VAL NA 74 20.02 -67.93 -36.89
C VAL NA 74 21.07 -67.60 -37.93
N SER NA 75 22.34 -67.63 -37.54
CA SER NA 75 23.43 -67.15 -38.36
C SER NA 75 24.50 -68.21 -38.55
N PHE NA 76 25.18 -68.15 -39.69
CA PHE NA 76 26.24 -69.07 -40.05
C PHE NA 76 27.38 -68.25 -40.63
N LYS NA 77 28.60 -68.55 -40.21
CA LYS NA 77 29.79 -67.85 -40.71
C LYS NA 77 30.90 -68.85 -41.01
N SER NA 78 31.65 -68.57 -42.06
CA SER NA 78 32.69 -69.45 -42.57
C SER NA 78 33.90 -68.62 -42.93
N SER NA 79 35.08 -69.01 -42.45
CA SER NA 79 36.32 -68.33 -42.84
C SER NA 79 37.41 -69.35 -43.06
N MET NA 80 37.95 -69.39 -44.27
CA MET NA 80 38.94 -70.43 -44.56
C MET NA 80 39.85 -70.00 -45.69
N PRO NA 81 41.08 -70.51 -45.72
CA PRO NA 81 41.93 -70.28 -46.90
C PRO NA 81 41.31 -70.92 -48.12
N GLU NA 82 41.49 -70.27 -49.28
CA GLU NA 82 40.95 -70.77 -50.53
C GLU NA 82 41.38 -72.22 -50.76
N ASP NA 83 40.45 -73.03 -51.24
CA ASP NA 83 40.66 -74.44 -51.58
C ASP NA 83 40.94 -75.32 -50.35
N ALA NA 84 40.66 -74.84 -49.14
CA ALA NA 84 40.75 -75.70 -47.97
C ALA NA 84 39.53 -76.60 -47.89
N ASP NA 85 39.56 -77.59 -47.00
CA ASP NA 85 38.46 -78.53 -46.93
C ASP NA 85 37.65 -78.38 -45.64
N PRO NA 86 36.51 -77.69 -45.69
CA PRO NA 86 35.69 -77.53 -44.48
C PRO NA 86 34.90 -78.76 -44.10
N ALA NA 87 35.05 -79.86 -44.84
CA ALA NA 87 34.16 -81.01 -44.68
C ALA NA 87 34.08 -81.45 -43.23
N GLU NA 88 35.24 -81.55 -42.56
CA GLU NA 88 35.26 -82.10 -41.20
C GLU NA 88 34.77 -81.08 -40.17
N VAL NA 89 35.17 -79.81 -40.27
CA VAL NA 89 34.66 -78.81 -39.33
C VAL NA 89 33.17 -78.62 -39.50
N LEU NA 90 32.66 -78.79 -40.73
CA LEU NA 90 31.22 -78.73 -40.95
C LEU NA 90 30.51 -79.92 -40.31
N LYS NA 91 31.03 -81.14 -40.51
CA LYS NA 91 30.44 -82.30 -39.85
C LYS NA 91 30.36 -82.09 -38.35
N ALA NA 92 31.48 -81.65 -37.74
CA ALA NA 92 31.52 -81.42 -36.30
C ALA NA 92 30.51 -80.34 -35.89
N ALA NA 93 30.51 -79.21 -36.60
CA ALA NA 93 29.60 -78.13 -36.27
C ALA NA 93 28.15 -78.59 -36.32
N LYS NA 94 27.79 -79.35 -37.36
CA LYS NA 94 26.42 -79.83 -37.50
C LYS NA 94 26.06 -80.80 -36.38
N ALA NA 95 26.99 -81.69 -36.02
CA ALA NA 95 26.76 -82.60 -34.91
C ALA NA 95 26.51 -81.84 -33.61
N ALA NA 96 27.31 -80.80 -33.35
CA ALA NA 96 27.11 -79.98 -32.16
C ALA NA 96 25.76 -79.29 -32.20
N LEU NA 97 25.41 -78.70 -33.36
CA LEU NA 97 24.15 -77.98 -33.48
C LEU NA 97 22.98 -78.89 -33.16
N ALA NA 98 23.02 -80.13 -33.68
CA ALA NA 98 21.92 -81.07 -33.42
C ALA NA 98 21.60 -81.21 -31.94
N LEU NA 99 22.60 -81.05 -31.06
CA LEU NA 99 22.33 -81.12 -29.62
C LEU NA 99 21.62 -79.88 -29.11
N PHE NA 100 21.83 -78.74 -29.76
CA PHE NA 100 21.26 -77.48 -29.27
C PHE NA 100 19.93 -77.11 -29.90
N GLU NA 101 19.66 -77.53 -31.15
CA GLU NA 101 18.56 -76.89 -31.87
C GLU NA 101 17.21 -77.24 -31.28
N ALA NA 102 17.10 -78.35 -30.54
CA ALA NA 102 15.88 -78.58 -29.78
C ALA NA 102 15.71 -77.53 -28.69
N ASN NA 103 16.80 -77.19 -28.00
CA ASN NA 103 16.80 -76.31 -26.85
C ASN NA 103 17.38 -74.94 -27.20
N LEU NA 104 17.08 -74.45 -28.41
CA LEU NA 104 17.62 -73.18 -28.88
C LEU NA 104 16.92 -71.98 -28.24
N ASN NA 105 15.82 -72.21 -27.52
CA ASN NA 105 15.05 -71.14 -26.89
C ASN NA 105 14.85 -71.37 -25.40
N SER NA 106 15.45 -72.40 -24.80
CA SER NA 106 14.99 -72.86 -23.50
C SER NA 106 16.00 -72.60 -22.38
N ALA NA 107 17.04 -71.82 -22.62
CA ALA NA 107 17.94 -71.35 -21.57
C ALA NA 107 18.61 -72.49 -20.80
N PHE NA 108 18.55 -73.72 -21.31
CA PHE NA 108 19.07 -74.89 -20.61
C PHE NA 108 20.22 -75.47 -21.41
N ASN NA 109 21.42 -75.38 -20.87
CA ASN NA 109 22.63 -75.88 -21.53
C ASN NA 109 23.03 -77.18 -20.83
N LYS NA 110 22.76 -78.31 -21.46
CA LYS NA 110 23.12 -79.59 -20.83
C LYS NA 110 24.63 -79.74 -20.78
N ASN NA 111 25.12 -80.31 -19.68
CA ASN NA 111 26.53 -80.66 -19.58
C ASN NA 111 26.78 -81.88 -20.43
N VAL NA 112 27.43 -81.65 -21.57
CA VAL NA 112 27.86 -82.71 -22.48
C VAL NA 112 29.37 -82.81 -22.39
N ASP NA 113 29.86 -84.01 -22.06
CA ASP NA 113 31.27 -84.28 -21.92
C ASP NA 113 31.90 -84.86 -23.19
N GLU NA 114 31.10 -85.33 -24.14
CA GLU NA 114 31.63 -85.75 -25.43
C GLU NA 114 30.52 -85.72 -26.46
N ILE NA 115 30.88 -85.31 -27.68
CA ILE NA 115 29.98 -85.19 -28.81
C ILE NA 115 30.44 -86.17 -29.88
N SER NA 116 29.56 -87.09 -30.26
CA SER NA 116 29.88 -88.10 -31.27
C SER NA 116 29.58 -87.54 -32.66
N VAL NA 117 30.56 -87.61 -33.54
CA VAL NA 117 30.43 -87.14 -34.92
C VAL NA 117 30.29 -88.35 -35.84
N ALA NA 118 29.29 -88.30 -36.73
CA ALA NA 118 28.97 -89.43 -37.58
C ALA NA 118 30.09 -89.73 -38.59
N ALA OA 1 40.99 -73.17 -73.54
CA ALA OA 1 40.57 -74.40 -72.88
C ALA OA 1 40.18 -74.15 -71.43
N TYR OA 2 40.08 -72.87 -71.03
CA TYR OA 2 39.59 -72.48 -69.71
C TYR OA 2 38.77 -71.21 -69.84
N LYS OA 3 38.20 -70.77 -68.71
CA LYS OA 3 37.43 -69.53 -68.70
C LYS OA 3 37.76 -68.70 -67.47
N LEU OA 4 37.77 -67.39 -67.66
CA LEU OA 4 38.02 -66.43 -66.60
C LEU OA 4 36.68 -66.02 -66.01
N ILE OA 5 36.42 -66.41 -64.78
CA ILE OA 5 35.15 -66.10 -64.13
C ILE OA 5 35.30 -64.82 -63.33
N LYS OA 6 34.26 -63.98 -63.37
CA LYS OA 6 34.28 -62.71 -62.64
C LYS OA 6 34.36 -62.99 -61.15
N MET OA 7 35.34 -62.39 -60.48
CA MET OA 7 35.53 -62.71 -59.09
C MET OA 7 34.52 -61.98 -58.23
N ALA OA 8 34.29 -62.54 -57.04
CA ALA OA 8 33.35 -61.98 -56.06
C ALA OA 8 33.96 -60.71 -55.50
N GLY OA 9 33.97 -59.67 -56.32
CA GLY OA 9 34.48 -58.37 -55.91
C GLY OA 9 33.48 -57.29 -56.25
N GLY OA 10 33.61 -56.16 -55.57
CA GLY OA 10 32.71 -55.06 -55.81
C GLY OA 10 32.98 -54.40 -57.15
N ASN OA 11 32.02 -54.50 -58.06
CA ASN OA 11 32.17 -53.88 -59.38
C ASN OA 11 32.31 -52.36 -59.20
N SER OA 12 33.40 -51.81 -59.73
CA SER OA 12 33.70 -50.38 -59.64
C SER OA 12 33.73 -49.74 -61.02
N ALA OA 13 32.88 -50.22 -61.94
CA ALA OA 13 33.06 -50.07 -63.39
C ALA OA 13 34.43 -50.59 -63.83
N ILE OA 14 35.03 -51.42 -62.98
CA ILE OA 14 36.24 -52.19 -63.24
C ILE OA 14 35.91 -53.64 -62.96
N GLN OA 15 36.04 -54.51 -63.96
CA GLN OA 15 35.67 -55.91 -63.84
C GLN OA 15 36.92 -56.77 -63.72
N THR OA 16 37.01 -57.50 -62.62
CA THR OA 16 38.17 -58.34 -62.33
C THR OA 16 37.75 -59.81 -62.34
N TYR OA 17 38.47 -60.61 -63.11
CA TYR OA 17 38.21 -62.03 -63.29
C TYR OA 17 39.43 -62.82 -62.83
N ALA OA 18 39.18 -64.05 -62.38
CA ALA OA 18 40.23 -65.01 -62.10
C ALA OA 18 39.99 -66.26 -62.93
N ARG OA 19 41.07 -66.93 -63.29
CA ARG OA 19 40.98 -68.16 -64.07
C ARG OA 19 40.40 -69.28 -63.22
N GLU OA 20 39.52 -70.08 -63.82
CA GLU OA 20 38.71 -71.01 -63.05
C GLU OA 20 39.57 -72.05 -62.36
N ASP OA 21 40.51 -72.66 -63.10
CA ASP OA 21 41.33 -73.73 -62.52
C ASP OA 21 42.55 -73.18 -61.77
N LYS OA 22 43.26 -72.23 -62.36
CA LYS OA 22 44.36 -71.55 -61.67
C LYS OA 22 43.88 -70.17 -61.26
N THR OA 23 43.35 -70.06 -60.04
CA THR OA 23 42.83 -68.77 -59.59
C THR OA 23 43.93 -67.77 -59.26
N THR OA 24 45.21 -68.15 -59.43
CA THR OA 24 46.30 -67.19 -59.27
C THR OA 24 46.43 -66.28 -60.47
N GLN OA 25 45.99 -66.75 -61.63
CA GLN OA 25 46.01 -65.95 -62.86
C GLN OA 25 44.76 -65.10 -62.91
N THR OA 26 44.94 -63.79 -63.03
CA THR OA 26 43.84 -62.85 -63.00
C THR OA 26 43.90 -61.93 -64.22
N LEU OA 27 42.81 -61.17 -64.41
CA LEU OA 27 42.64 -60.27 -65.54
C LEU OA 27 41.62 -59.21 -65.19
N SER OA 28 41.90 -57.96 -65.54
CA SER OA 28 41.05 -56.82 -65.19
C SER OA 28 40.77 -55.96 -66.41
N THR OA 29 39.51 -55.56 -66.58
CA THR OA 29 39.13 -54.69 -67.69
C THR OA 29 38.34 -53.50 -67.17
N GLN OA 30 38.79 -52.29 -67.50
CA GLN OA 30 38.06 -51.08 -67.17
C GLN OA 30 37.96 -50.16 -68.37
N LYS OA 31 36.85 -49.44 -68.46
CA LYS OA 31 36.67 -48.38 -69.45
C LYS OA 31 36.29 -47.11 -68.71
N THR OA 32 36.94 -46.00 -69.08
CA THR OA 32 36.67 -44.71 -68.49
C THR OA 32 36.45 -43.69 -69.60
N ILE OA 33 35.78 -42.60 -69.25
CA ILE OA 33 35.46 -41.55 -70.21
C ILE OA 33 35.96 -40.22 -69.67
N SER OA 34 36.73 -39.52 -70.49
CA SER OA 34 37.24 -38.19 -70.19
C SER OA 34 36.61 -37.18 -71.12
N VAL OA 35 36.69 -35.90 -70.75
CA VAL OA 35 36.21 -34.81 -71.60
C VAL OA 35 37.37 -33.87 -71.87
N LEU OA 36 37.72 -33.70 -73.14
CA LEU OA 36 38.81 -32.82 -73.56
C LEU OA 36 38.20 -31.61 -74.24
N ARG OA 37 38.43 -30.44 -73.66
CA ARG OA 37 37.87 -29.18 -74.15
C ARG OA 37 38.98 -28.31 -74.70
N ASN OA 38 38.89 -27.98 -75.98
CA ASN OA 38 39.79 -27.01 -76.63
C ASN OA 38 38.93 -25.85 -77.12
N GLY OA 39 38.98 -24.74 -76.39
CA GLY OA 39 38.14 -23.60 -76.75
C GLY OA 39 36.66 -23.93 -76.58
N SER OA 40 35.88 -23.66 -77.64
CA SER OA 40 34.44 -23.92 -77.60
C SER OA 40 34.15 -25.42 -77.63
N THR OA 41 34.95 -26.18 -78.38
CA THR OA 41 34.68 -27.59 -78.62
C THR OA 41 35.09 -28.44 -77.42
N SER OA 42 34.24 -29.42 -77.10
CA SER OA 42 34.54 -30.47 -76.12
C SER OA 42 34.24 -31.81 -76.74
N THR OA 43 35.13 -32.77 -76.52
CA THR OA 43 34.98 -34.11 -77.08
C THR OA 43 35.26 -35.16 -76.01
N ARG OA 44 34.60 -36.31 -76.15
CA ARG OA 44 34.73 -37.40 -75.20
C ARG OA 44 35.86 -38.34 -75.62
N ILE OA 45 36.67 -38.74 -74.65
CA ILE OA 45 37.82 -39.62 -74.87
C ILE OA 45 37.56 -40.94 -74.15
N ILE OA 46 37.53 -42.03 -74.91
CA ILE OA 46 37.32 -43.37 -74.39
C ILE OA 46 38.69 -44.00 -74.09
N LYS OA 47 38.85 -44.51 -72.87
CA LYS OA 47 40.10 -45.11 -72.43
C LYS OA 47 39.82 -46.50 -71.87
N VAL OA 48 40.36 -47.52 -72.53
CA VAL OA 48 40.26 -48.91 -72.14
C VAL OA 48 41.58 -49.35 -71.53
N HIS OA 49 41.51 -50.14 -70.46
CA HIS OA 49 42.70 -50.72 -69.85
C HIS OA 49 42.42 -52.17 -69.47
N ILE OA 50 43.17 -53.09 -70.08
CA ILE OA 50 43.10 -54.52 -69.83
C ILE OA 50 44.44 -54.97 -69.25
N ASN OA 51 44.38 -55.78 -68.20
CA ASN OA 51 45.60 -56.28 -67.56
C ASN OA 51 45.45 -57.77 -67.31
N SER OA 52 46.50 -58.53 -67.58
CA SER OA 52 46.46 -59.99 -67.42
C SER OA 52 47.74 -60.41 -66.73
N THR OA 53 47.65 -60.81 -65.46
CA THR OA 53 48.86 -61.17 -64.71
C THR OA 53 48.73 -62.54 -64.06
N ALA OA 54 49.89 -63.10 -63.74
CA ALA OA 54 50.03 -64.31 -62.97
C ALA OA 54 51.28 -64.18 -62.12
N PRO OA 55 51.34 -64.83 -60.97
CA PRO OA 55 52.60 -64.87 -60.22
C PRO OA 55 53.56 -65.86 -60.86
N VAL OA 56 54.86 -65.55 -60.75
CA VAL OA 56 55.91 -66.43 -61.24
C VAL OA 56 56.88 -66.67 -60.09
N THR OA 57 57.05 -67.93 -59.72
CA THR OA 57 58.10 -68.30 -58.78
C THR OA 57 59.46 -67.95 -59.35
N ILE OA 58 60.23 -67.17 -58.59
CA ILE OA 58 61.58 -66.81 -59.05
C ILE OA 58 62.38 -68.08 -59.29
N ASN OA 59 63.08 -68.12 -60.41
CA ASN OA 59 64.01 -69.21 -60.66
C ASN OA 59 64.95 -69.37 -59.48
N THR OA 60 64.86 -70.51 -58.79
CA THR OA 60 65.56 -70.68 -57.53
C THR OA 60 66.41 -71.93 -57.57
N CYS OA 61 67.16 -72.12 -56.48
CA CYS OA 61 68.13 -73.19 -56.38
C CYS OA 61 67.48 -74.55 -56.13
N ASP OA 62 66.39 -74.58 -55.38
CA ASP OA 62 65.78 -75.83 -54.95
C ASP OA 62 65.23 -76.62 -56.14
N PRO OA 63 65.28 -77.96 -56.06
CA PRO OA 63 64.56 -78.75 -57.07
C PRO OA 63 63.06 -78.53 -57.01
N THR OA 64 62.51 -78.46 -55.80
CA THR OA 64 61.12 -78.03 -55.65
C THR OA 64 60.98 -76.58 -56.13
N LYS OA 65 59.85 -76.29 -56.76
CA LYS OA 65 59.62 -74.95 -57.31
C LYS OA 65 59.17 -74.05 -56.17
N CYS OA 66 60.15 -73.62 -55.37
CA CYS OA 66 59.89 -72.76 -54.22
C CYS OA 66 60.85 -71.57 -54.22
N GLY OA 67 60.27 -70.38 -54.20
CA GLY OA 67 61.02 -69.14 -54.08
C GLY OA 67 60.08 -67.96 -53.99
N PRO OA 68 60.62 -66.75 -53.81
CA PRO OA 68 59.76 -65.56 -53.87
C PRO OA 68 59.06 -65.47 -55.22
N THR OA 69 57.84 -64.93 -55.19
CA THR OA 69 57.04 -64.79 -56.40
C THR OA 69 57.06 -63.33 -56.86
N VAL OA 70 57.35 -63.13 -58.15
CA VAL OA 70 57.30 -61.83 -58.78
C VAL OA 70 56.12 -61.87 -59.75
N PRO OA 71 55.32 -60.80 -59.85
CA PRO OA 71 54.21 -60.82 -60.81
C PRO OA 71 54.72 -60.64 -62.24
N MET OA 72 54.22 -61.45 -63.15
CA MET OA 72 54.40 -61.24 -64.58
C MET OA 72 53.05 -60.84 -65.17
N GLY OA 73 53.10 -59.94 -66.14
CA GLY OA 73 51.88 -59.28 -66.58
C GLY OA 73 51.99 -58.76 -67.98
N VAL OA 74 50.87 -58.82 -68.69
CA VAL OA 74 50.75 -58.24 -70.02
C VAL OA 74 49.57 -57.27 -69.96
N SER OA 75 49.80 -56.04 -70.42
CA SER OA 75 48.83 -54.96 -70.25
C SER OA 75 48.60 -54.28 -71.59
N PHE OA 76 47.32 -54.00 -71.88
CA PHE OA 76 46.91 -53.32 -73.10
C PHE OA 76 46.12 -52.07 -72.71
N LYS OA 77 46.50 -50.92 -73.24
CA LYS OA 77 45.83 -49.67 -72.95
C LYS OA 77 45.47 -48.98 -74.26
N SER OA 78 44.35 -48.25 -74.26
CA SER OA 78 43.79 -47.69 -75.49
C SER OA 78 43.09 -46.39 -75.17
N SER OA 79 43.51 -45.28 -75.79
CA SER OA 79 42.87 -43.99 -75.56
C SER OA 79 42.62 -43.28 -76.88
N MET OA 80 41.36 -42.92 -77.13
CA MET OA 80 41.05 -42.25 -78.38
C MET OA 80 39.78 -41.45 -78.22
N PRO OA 81 39.60 -40.38 -78.97
CA PRO OA 81 38.34 -39.63 -78.88
C PRO OA 81 37.21 -40.42 -79.51
N GLU OA 82 36.00 -40.21 -78.97
CA GLU OA 82 34.84 -41.02 -79.33
C GLU OA 82 34.62 -41.05 -80.84
N ASP OA 83 34.21 -42.21 -81.34
CA ASP OA 83 33.88 -42.49 -82.74
C ASP OA 83 35.06 -42.39 -83.68
N ALA OA 84 36.30 -42.33 -83.17
CA ALA OA 84 37.47 -42.39 -84.03
C ALA OA 84 37.65 -43.82 -84.55
N ASP OA 85 38.54 -43.99 -85.54
CA ASP OA 85 38.79 -45.33 -86.10
C ASP OA 85 40.20 -45.81 -85.78
N PRO OA 86 40.39 -46.64 -84.77
CA PRO OA 86 41.74 -47.11 -84.43
C PRO OA 86 42.22 -48.30 -85.24
N ALA OA 87 41.55 -48.62 -86.35
CA ALA OA 87 41.81 -49.84 -87.09
C ALA OA 87 43.28 -49.99 -87.45
N GLU OA 88 43.87 -48.92 -88.00
CA GLU OA 88 45.24 -49.01 -88.47
C GLU OA 88 46.22 -48.97 -87.31
N VAL OA 89 45.90 -48.20 -86.27
CA VAL OA 89 46.72 -48.18 -85.07
C VAL OA 89 46.80 -49.56 -84.44
N LEU OA 90 45.64 -50.21 -84.28
CA LEU OA 90 45.59 -51.58 -83.80
C LEU OA 90 46.40 -52.52 -84.69
N LYS OA 91 46.25 -52.40 -86.01
CA LYS OA 91 46.94 -53.29 -86.92
C LYS OA 91 48.46 -53.19 -86.73
N ALA OA 92 48.98 -51.96 -86.67
CA ALA OA 92 50.42 -51.76 -86.48
C ALA OA 92 50.87 -52.26 -85.11
N ALA OA 93 50.11 -51.95 -84.06
CA ALA OA 93 50.45 -52.44 -82.73
C ALA OA 93 50.53 -53.95 -82.71
N LYS OA 94 49.58 -54.62 -83.36
CA LYS OA 94 49.57 -56.08 -83.38
C LYS OA 94 50.76 -56.63 -84.15
N ALA OA 95 51.15 -55.98 -85.25
CA ALA OA 95 52.34 -56.43 -85.99
C ALA OA 95 53.60 -56.31 -85.13
N ALA OA 96 53.75 -55.19 -84.44
CA ALA OA 96 54.90 -55.01 -83.55
C ALA OA 96 54.92 -56.06 -82.45
N LEU OA 97 53.77 -56.29 -81.81
CA LEU OA 97 53.68 -57.31 -80.77
C LEU OA 97 54.04 -58.67 -81.33
N ALA OA 98 53.62 -58.97 -82.56
CA ALA OA 98 53.99 -60.23 -83.18
C ALA OA 98 55.50 -60.36 -83.29
N LEU OA 99 56.17 -59.25 -83.61
CA LEU OA 99 57.63 -59.30 -83.69
C LEU OA 99 58.27 -59.54 -82.32
N PHE OA 100 57.76 -58.89 -81.28
CA PHE OA 100 58.42 -58.89 -79.98
C PHE OA 100 57.91 -59.97 -79.01
N GLU OA 101 56.91 -60.75 -79.40
CA GLU OA 101 56.22 -61.64 -78.47
C GLU OA 101 57.14 -62.75 -77.96
N ALA OA 102 57.93 -63.34 -78.86
CA ALA OA 102 58.88 -64.37 -78.42
C ALA OA 102 59.96 -63.77 -77.53
N ASN OA 103 60.27 -62.49 -77.69
CA ASN OA 103 61.33 -61.81 -76.96
C ASN OA 103 60.82 -61.03 -75.76
N LEU OA 104 59.57 -61.23 -75.36
CA LEU OA 104 59.05 -60.55 -74.17
C LEU OA 104 59.85 -60.89 -72.91
N ASN OA 105 60.58 -62.01 -72.91
CA ASN OA 105 61.34 -62.45 -71.74
C ASN OA 105 62.83 -62.62 -72.05
N SER OA 106 63.35 -61.96 -73.07
CA SER OA 106 64.62 -62.36 -73.67
C SER OA 106 65.83 -61.66 -73.07
N ALA OA 107 65.69 -60.44 -72.55
CA ALA OA 107 66.79 -59.61 -72.09
C ALA OA 107 67.74 -59.19 -73.21
N PHE OA 108 67.40 -59.51 -74.46
CA PHE OA 108 68.10 -59.06 -75.64
C PHE OA 108 67.12 -58.33 -76.54
N ASN OA 109 67.52 -57.19 -77.07
CA ASN OA 109 66.65 -56.41 -77.94
C ASN OA 109 67.02 -56.67 -79.39
N LYS OA 110 66.04 -57.12 -80.17
CA LYS OA 110 66.25 -57.33 -81.60
C LYS OA 110 66.14 -55.99 -82.33
N ASN OA 111 67.20 -55.62 -83.04
CA ASN OA 111 67.22 -54.35 -83.75
C ASN OA 111 66.66 -54.58 -85.14
N VAL OA 112 65.37 -54.27 -85.33
CA VAL OA 112 64.70 -54.36 -86.63
C VAL OA 112 64.52 -52.96 -87.19
N ASP OA 113 64.72 -52.82 -88.49
CA ASP OA 113 64.68 -51.54 -89.17
C ASP OA 113 63.34 -51.25 -89.86
N GLU OA 114 62.49 -52.26 -90.04
CA GLU OA 114 61.14 -52.01 -90.56
C GLU OA 114 60.19 -53.10 -90.09
N ILE OA 115 58.91 -52.72 -90.03
CA ILE OA 115 57.85 -53.56 -89.48
C ILE OA 115 56.73 -53.59 -90.52
N SER OA 116 56.51 -54.75 -91.14
CA SER OA 116 55.51 -54.88 -92.19
C SER OA 116 54.12 -55.14 -91.62
N VAL OA 117 53.11 -54.47 -92.19
CA VAL OA 117 51.75 -54.44 -91.65
C VAL OA 117 50.76 -54.82 -92.74
N ALA OA 118 49.66 -55.44 -92.34
CA ALA OA 118 48.53 -55.79 -93.22
C ALA OA 118 48.95 -56.58 -94.44
N ALA PA 1 13.19 -54.40 -84.18
CA ALA PA 1 13.42 -55.23 -83.01
C ALA PA 1 14.90 -55.20 -82.61
N TYR PA 2 15.16 -54.97 -81.32
CA TYR PA 2 16.52 -54.90 -80.81
C TYR PA 2 16.54 -55.36 -79.36
N LYS PA 3 17.76 -55.49 -78.82
CA LYS PA 3 17.99 -55.94 -77.45
C LYS PA 3 18.74 -54.87 -76.66
N LEU PA 4 18.27 -54.59 -75.46
CA LEU PA 4 18.98 -53.72 -74.52
C LEU PA 4 19.96 -54.57 -73.73
N ILE PA 5 21.24 -54.49 -74.10
CA ILE PA 5 22.31 -55.24 -73.45
C ILE PA 5 22.70 -54.58 -72.14
N LYS PA 6 22.97 -55.38 -71.12
CA LYS PA 6 23.27 -54.82 -69.80
C LYS PA 6 24.68 -54.24 -69.78
N MET PA 7 24.78 -52.96 -69.47
CA MET PA 7 26.06 -52.30 -69.27
C MET PA 7 26.65 -52.68 -67.92
N ALA PA 8 27.96 -52.47 -67.79
CA ALA PA 8 28.69 -52.84 -66.58
C ALA PA 8 28.68 -51.65 -65.62
N GLY PA 9 27.90 -51.77 -64.56
CA GLY PA 9 27.73 -50.69 -63.61
C GLY PA 9 28.30 -51.06 -62.26
N GLY PA 10 28.85 -50.05 -61.58
CA GLY PA 10 29.38 -50.29 -60.25
C GLY PA 10 28.29 -50.45 -59.19
N ASN PA 11 27.20 -49.71 -59.33
CA ASN PA 11 26.10 -49.79 -58.39
C ASN PA 11 25.19 -50.94 -58.73
N SER PA 12 24.88 -51.78 -57.73
CA SER PA 12 24.02 -52.93 -57.94
C SER PA 12 22.54 -52.61 -57.83
N ALA PA 13 22.18 -51.50 -57.20
CA ALA PA 13 20.76 -51.13 -57.08
C ALA PA 13 20.18 -50.74 -58.43
N ILE PA 14 21.00 -50.16 -59.30
CA ILE PA 14 20.60 -49.67 -60.61
C ILE PA 14 21.17 -50.60 -61.68
N GLN PA 15 20.32 -51.09 -62.56
CA GLN PA 15 20.74 -51.85 -63.73
C GLN PA 15 20.63 -50.95 -64.96
N THR PA 16 21.73 -50.81 -65.69
CA THR PA 16 21.77 -49.96 -66.87
C THR PA 16 21.96 -50.82 -68.11
N TYR PA 17 21.30 -50.43 -69.20
CA TYR PA 17 21.33 -51.16 -70.45
C TYR PA 17 21.50 -50.16 -71.58
N ALA PA 18 22.11 -50.63 -72.67
CA ALA PA 18 22.29 -49.87 -73.88
C ALA PA 18 21.76 -50.69 -75.05
N ARG PA 19 21.16 -50.02 -76.01
CA ARG PA 19 20.66 -50.73 -77.19
C ARG PA 19 21.82 -51.28 -78.01
N GLU PA 20 21.62 -52.48 -78.56
CA GLU PA 20 22.70 -53.13 -79.31
C GLU PA 20 23.08 -52.32 -80.55
N ASP PA 21 22.08 -51.88 -81.31
CA ASP PA 21 22.34 -51.07 -82.50
C ASP PA 21 23.00 -49.74 -82.13
N LYS PA 22 22.32 -48.94 -81.32
CA LYS PA 22 22.81 -47.65 -80.87
C LYS PA 22 23.16 -47.76 -79.40
N THR PA 23 24.45 -47.83 -79.08
CA THR PA 23 24.83 -47.81 -77.68
C THR PA 23 24.64 -46.43 -77.05
N THR PA 24 24.19 -45.44 -77.83
CA THR PA 24 23.88 -44.12 -77.28
C THR PA 24 22.53 -44.10 -76.60
N GLN PA 25 21.60 -44.92 -77.07
CA GLN PA 25 20.29 -45.04 -76.47
C GLN PA 25 20.37 -45.97 -75.26
N THR PA 26 20.01 -45.46 -74.09
CA THR PA 26 20.18 -46.24 -72.87
C THR PA 26 18.87 -46.28 -72.09
N LEU PA 27 18.88 -47.14 -71.07
CA LEU PA 27 17.73 -47.41 -70.21
C LEU PA 27 18.21 -47.90 -68.85
N SER PA 28 17.63 -47.37 -67.79
CA SER PA 28 18.00 -47.74 -66.43
C SER PA 28 16.77 -48.18 -65.65
N THR PA 29 16.93 -49.25 -64.87
CA THR PA 29 15.88 -49.72 -63.98
C THR PA 29 16.42 -49.77 -62.55
N GLN PA 30 15.65 -49.25 -61.60
CA GLN PA 30 16.07 -49.22 -60.21
C GLN PA 30 14.86 -49.45 -59.30
N LYS PA 31 14.98 -50.39 -58.37
CA LYS PA 31 13.98 -50.55 -57.32
C LYS PA 31 14.64 -50.32 -55.97
N THR PA 32 13.96 -49.54 -55.13
CA THR PA 32 14.44 -49.21 -53.80
C THR PA 32 13.31 -49.45 -52.80
N ILE PA 33 13.69 -49.70 -51.55
CA ILE PA 33 12.74 -50.03 -50.50
C ILE PA 33 12.94 -49.04 -49.35
N SER PA 34 11.83 -48.53 -48.80
CA SER PA 34 11.84 -47.63 -47.67
C SER PA 34 11.00 -48.21 -46.54
N VAL PA 35 11.35 -47.87 -45.31
CA VAL PA 35 10.64 -48.35 -44.12
C VAL PA 35 9.85 -47.19 -43.54
N LEU PA 36 8.55 -47.40 -43.33
CA LEU PA 36 7.66 -46.40 -42.77
C LEU PA 36 7.20 -46.94 -41.43
N ARG PA 37 7.74 -46.38 -40.34
CA ARG PA 37 7.46 -46.88 -39.00
C ARG PA 37 6.29 -46.10 -38.42
N ASN PA 38 5.16 -46.78 -38.23
CA ASN PA 38 4.00 -46.25 -37.53
C ASN PA 38 3.87 -47.02 -36.23
N GLY PA 39 4.14 -46.33 -35.12
CA GLY PA 39 4.13 -47.00 -33.83
C GLY PA 39 5.15 -48.13 -33.77
N SER PA 40 4.67 -49.32 -33.44
CA SER PA 40 5.51 -50.51 -33.37
C SER PA 40 5.38 -51.36 -34.61
N THR PA 41 4.79 -50.84 -35.68
CA THR PA 41 4.62 -51.57 -36.94
C THR PA 41 5.33 -50.82 -38.04
N SER PA 42 6.26 -51.47 -38.72
CA SER PA 42 6.98 -50.88 -39.84
C SER PA 42 6.48 -51.49 -41.14
N THR PA 43 6.13 -50.63 -42.09
CA THR PA 43 5.62 -51.05 -43.39
C THR PA 43 6.58 -50.71 -44.51
N ARG PA 44 6.61 -51.56 -45.51
CA ARG PA 44 7.59 -51.53 -46.58
C ARG PA 44 7.02 -50.75 -47.76
N ILE PA 45 7.83 -49.84 -48.32
CA ILE PA 45 7.38 -48.94 -49.38
C ILE PA 45 8.32 -49.09 -50.58
N ILE PA 46 7.76 -49.58 -51.68
CA ILE PA 46 8.52 -49.95 -52.87
C ILE PA 46 8.45 -48.83 -53.88
N LYS PA 47 9.62 -48.38 -54.34
CA LYS PA 47 9.75 -47.34 -55.35
C LYS PA 47 10.53 -47.88 -56.54
N VAL PA 48 9.96 -47.72 -57.73
CA VAL PA 48 10.57 -48.17 -58.98
C VAL PA 48 10.82 -46.95 -59.86
N HIS PA 49 11.96 -46.94 -60.55
CA HIS PA 49 12.33 -45.85 -61.44
C HIS PA 49 12.94 -46.43 -62.71
N ILE PA 50 12.27 -46.22 -63.84
CA ILE PA 50 12.75 -46.61 -65.16
C ILE PA 50 13.00 -45.35 -65.97
N ASN PA 51 14.15 -45.26 -66.62
CA ASN PA 51 14.47 -44.11 -67.46
C ASN PA 51 14.96 -44.60 -68.81
N SER PA 52 14.50 -43.98 -69.89
CA SER PA 52 14.91 -44.39 -71.24
C SER PA 52 15.26 -43.13 -72.02
N THR PA 53 16.55 -42.91 -72.27
CA THR PA 53 16.96 -41.69 -72.97
C THR PA 53 17.84 -42.00 -74.16
N ALA PA 54 18.02 -40.96 -74.97
CA ALA PA 54 18.92 -40.99 -76.11
C ALA PA 54 19.30 -39.56 -76.43
N PRO PA 55 20.50 -39.32 -76.97
CA PRO PA 55 20.89 -37.95 -77.29
C PRO PA 55 20.31 -37.53 -78.63
N VAL PA 56 19.76 -36.31 -78.69
CA VAL PA 56 19.30 -35.70 -79.92
C VAL PA 56 20.13 -34.45 -80.16
N THR PA 57 20.53 -34.22 -81.42
CA THR PA 57 21.36 -33.09 -81.78
C THR PA 57 20.50 -31.99 -82.39
N ILE PA 58 20.61 -30.78 -81.82
CA ILE PA 58 19.88 -29.62 -82.28
C ILE PA 58 20.70 -28.95 -83.38
N ASN PA 59 20.26 -29.09 -84.62
CA ASN PA 59 21.00 -28.50 -85.74
C ASN PA 59 20.71 -27.01 -85.80
N THR PA 60 21.76 -26.21 -85.68
CA THR PA 60 21.70 -24.75 -85.79
C THR PA 60 22.69 -24.34 -86.87
N CYS PA 61 22.24 -23.48 -87.78
CA CYS PA 61 23.12 -23.07 -88.86
C CYS PA 61 24.25 -22.21 -88.30
N ASP PA 62 25.46 -22.45 -88.81
CA ASP PA 62 26.69 -21.89 -88.26
C ASP PA 62 27.76 -22.02 -89.33
N PRO PA 63 28.72 -21.09 -89.37
CA PRO PA 63 29.86 -21.28 -90.29
C PRO PA 63 30.53 -22.63 -90.10
N THR PA 64 30.67 -23.06 -88.85
CA THR PA 64 31.14 -24.39 -88.51
C THR PA 64 29.93 -25.22 -88.07
N LYS PA 65 29.56 -26.21 -88.88
CA LYS PA 65 28.27 -26.92 -88.72
C LYS PA 65 28.39 -28.03 -87.67
N CYS PA 66 28.53 -27.61 -86.41
CA CYS PA 66 28.40 -28.51 -85.26
C CYS PA 66 27.51 -27.85 -84.22
N GLY PA 67 26.39 -28.50 -83.90
CA GLY PA 67 25.48 -28.00 -82.91
C GLY PA 67 25.50 -28.84 -81.64
N PRO PA 68 24.85 -28.36 -80.59
CA PRO PA 68 24.91 -29.04 -79.30
C PRO PA 68 24.04 -30.29 -79.26
N THR PA 69 24.26 -31.08 -78.23
CA THR PA 69 23.51 -32.31 -78.03
C THR PA 69 22.81 -32.27 -76.68
N VAL PA 70 21.52 -32.61 -76.69
CA VAL PA 70 20.70 -32.56 -75.48
C VAL PA 70 19.89 -33.85 -75.43
N PRO PA 71 19.65 -34.43 -74.25
CA PRO PA 71 19.00 -35.74 -74.21
C PRO PA 71 17.49 -35.62 -74.29
N MET PA 72 16.89 -36.58 -75.01
CA MET PA 72 15.46 -36.81 -74.96
C MET PA 72 15.18 -38.07 -74.15
N GLY PA 73 14.22 -37.99 -73.25
CA GLY PA 73 14.04 -39.00 -72.24
C GLY PA 73 12.59 -39.26 -71.94
N VAL PA 74 12.30 -40.50 -71.57
CA VAL PA 74 10.99 -40.89 -71.09
C VAL PA 74 11.20 -41.61 -69.78
N SER PA 75 10.55 -41.14 -68.73
CA SER PA 75 10.78 -41.61 -67.37
C SER PA 75 9.49 -42.13 -66.77
N PHE PA 76 9.60 -43.20 -66.00
CA PHE PA 76 8.50 -43.82 -65.29
C PHE PA 76 8.92 -43.96 -63.84
N LYS PA 77 8.07 -43.49 -62.92
CA LYS PA 77 8.34 -43.65 -61.50
C LYS PA 77 7.09 -44.20 -60.81
N SER PA 78 7.32 -44.92 -59.72
CA SER PA 78 6.27 -45.66 -59.03
C SER PA 78 6.63 -45.70 -57.55
N SER PA 79 5.64 -45.54 -56.68
CA SER PA 79 5.87 -45.61 -55.23
C SER PA 79 4.60 -46.04 -54.52
N MET PA 80 4.68 -47.10 -53.73
CA MET PA 80 3.47 -47.57 -53.07
C MET PA 80 3.83 -48.49 -51.91
N PRO PA 81 2.96 -48.64 -50.93
CA PRO PA 81 3.24 -49.59 -49.85
C PRO PA 81 3.14 -51.01 -50.37
N GLU PA 82 3.89 -51.90 -49.71
CA GLU PA 82 3.96 -53.28 -50.14
C GLU PA 82 2.56 -53.90 -50.18
N ASP PA 83 2.35 -54.76 -51.17
CA ASP PA 83 1.10 -55.49 -51.36
C ASP PA 83 -0.09 -54.58 -51.64
N ALA PA 84 0.15 -53.37 -52.11
CA ALA PA 84 -0.94 -52.51 -52.55
C ALA PA 84 -1.33 -52.86 -53.98
N ASP PA 85 -2.43 -52.30 -54.47
CA ASP PA 85 -2.88 -52.63 -55.82
C ASP PA 85 -2.75 -51.42 -56.74
N PRO PA 86 -1.78 -51.39 -57.64
CA PRO PA 86 -1.65 -50.27 -58.57
C PRO PA 86 -2.47 -50.38 -59.85
N ALA PA 87 -3.30 -51.42 -59.98
CA ALA PA 87 -3.90 -51.73 -61.27
C ALA PA 87 -4.64 -50.53 -61.84
N GLU PA 88 -5.36 -49.80 -60.99
CA GLU PA 88 -6.20 -48.74 -61.52
C GLU PA 88 -5.42 -47.46 -61.77
N VAL PA 89 -4.48 -47.09 -60.90
CA VAL PA 89 -3.65 -45.92 -61.18
C VAL PA 89 -2.81 -46.16 -62.44
N LEU PA 90 -2.39 -47.40 -62.67
CA LEU PA 90 -1.71 -47.73 -63.92
C LEU PA 90 -2.63 -47.52 -65.11
N LYS PA 91 -3.85 -48.07 -65.05
CA LYS PA 91 -4.79 -47.90 -66.17
C LYS PA 91 -5.02 -46.42 -66.48
N ALA PA 92 -5.24 -45.60 -65.45
CA ALA PA 92 -5.49 -44.18 -65.65
C ALA PA 92 -4.28 -43.48 -66.23
N ALA PA 93 -3.10 -43.71 -65.64
CA ALA PA 93 -1.88 -43.12 -66.16
C ALA PA 93 -1.65 -43.50 -67.62
N LYS PA 94 -1.94 -44.75 -67.96
CA LYS PA 94 -1.74 -45.21 -69.33
C LYS PA 94 -2.71 -44.54 -70.28
N ALA PA 95 -3.95 -44.31 -69.85
CA ALA PA 95 -4.91 -43.59 -70.70
C ALA PA 95 -4.47 -42.14 -70.95
N ALA PA 96 -4.00 -41.47 -69.90
CA ALA PA 96 -3.50 -40.10 -70.07
C ALA PA 96 -2.28 -40.08 -70.99
N LEU PA 97 -1.35 -41.02 -70.78
CA LEU PA 97 -0.21 -41.13 -71.66
C LEU PA 97 -0.65 -41.36 -73.10
N ALA PA 98 -1.68 -42.18 -73.29
CA ALA PA 98 -2.19 -42.42 -74.64
C ALA PA 98 -2.65 -41.12 -75.28
N LEU PA 99 -3.28 -40.25 -74.50
CA LEU PA 99 -3.65 -38.94 -75.05
C LEU PA 99 -2.42 -38.10 -75.41
N PHE PA 100 -1.44 -38.03 -74.51
CA PHE PA 100 -0.34 -37.10 -74.73
C PHE PA 100 0.79 -37.63 -75.62
N GLU PA 101 0.81 -38.94 -75.89
CA GLU PA 101 2.00 -39.58 -76.47
C GLU PA 101 2.32 -39.04 -77.85
N ALA PA 102 1.31 -38.92 -78.71
CA ALA PA 102 1.53 -38.37 -80.04
C ALA PA 102 2.15 -36.98 -79.99
N ASN PA 103 1.75 -36.18 -78.99
CA ASN PA 103 2.13 -34.78 -78.90
C ASN PA 103 3.29 -34.54 -77.91
N LEU PA 104 4.13 -35.54 -77.67
CA LEU PA 104 5.22 -35.37 -76.71
C LEU PA 104 6.30 -34.43 -77.23
N ASN PA 105 6.38 -34.24 -78.54
CA ASN PA 105 7.42 -33.43 -79.17
C ASN PA 105 6.85 -32.18 -79.84
N SER PA 106 5.64 -31.76 -79.47
CA SER PA 106 4.92 -30.82 -80.32
C SER PA 106 4.62 -29.45 -79.71
N ALA PA 107 4.69 -29.31 -78.37
CA ALA PA 107 4.47 -28.02 -77.70
C ALA PA 107 3.02 -27.54 -77.81
N PHE PA 108 2.10 -28.41 -78.22
CA PHE PA 108 0.68 -28.11 -78.28
C PHE PA 108 -0.04 -28.78 -77.12
N ASN PA 109 -1.04 -28.10 -76.57
CA ASN PA 109 -1.88 -28.70 -75.56
C ASN PA 109 -3.26 -28.06 -75.60
N LYS PA 110 -4.29 -28.89 -75.62
CA LYS PA 110 -5.67 -28.44 -75.69
C LYS PA 110 -6.39 -28.83 -74.41
N ASN PA 111 -7.37 -28.01 -74.01
CA ASN PA 111 -8.13 -28.34 -72.81
C ASN PA 111 -8.89 -29.64 -73.02
N VAL PA 112 -8.72 -30.57 -72.09
CA VAL PA 112 -9.42 -31.84 -72.10
C VAL PA 112 -10.32 -31.87 -70.88
N ASP PA 113 -11.63 -31.99 -71.11
CA ASP PA 113 -12.58 -31.94 -70.01
C ASP PA 113 -12.74 -33.28 -69.32
N GLU PA 114 -12.36 -34.37 -69.98
CA GLU PA 114 -12.41 -35.67 -69.32
C GLU PA 114 -11.54 -36.66 -70.07
N ILE PA 115 -11.03 -37.65 -69.33
CA ILE PA 115 -10.22 -38.73 -69.85
C ILE PA 115 -10.97 -40.03 -69.59
N SER PA 116 -11.28 -40.76 -70.65
CA SER PA 116 -12.00 -42.03 -70.51
C SER PA 116 -11.01 -43.16 -70.29
N VAL PA 117 -11.23 -43.93 -69.23
CA VAL PA 117 -10.36 -45.04 -68.87
C VAL PA 117 -11.04 -46.35 -69.24
N ALA PA 118 -10.25 -47.30 -69.75
CA ALA PA 118 -10.75 -48.58 -70.24
C ALA PA 118 -11.50 -49.38 -69.18
N ALA QA 1 111.14 -94.47 -15.96
CA ALA QA 1 110.15 -95.41 -15.45
C ALA QA 1 109.65 -95.00 -14.05
N TYR QA 2 108.62 -94.15 -14.01
CA TYR QA 2 108.04 -93.67 -12.76
C TYR QA 2 106.54 -93.54 -12.93
N LYS QA 3 105.86 -93.10 -11.85
CA LYS QA 3 104.42 -92.88 -11.92
C LYS QA 3 104.03 -91.65 -11.13
N LEU QA 4 103.00 -90.95 -11.63
CA LEU QA 4 102.48 -89.74 -11.03
C LEU QA 4 101.27 -90.09 -10.18
N ILE QA 5 101.38 -89.90 -8.88
CA ILE QA 5 100.29 -90.19 -7.96
C ILE QA 5 99.48 -88.92 -7.74
N LYS QA 6 98.18 -89.09 -7.52
CA LYS QA 6 97.30 -87.94 -7.35
C LYS QA 6 97.64 -87.19 -6.06
N MET QA 7 97.67 -85.86 -6.16
CA MET QA 7 97.95 -84.98 -5.04
C MET QA 7 96.64 -84.55 -4.38
N ALA QA 8 96.76 -84.14 -3.12
CA ALA QA 8 95.67 -83.47 -2.44
C ALA QA 8 95.40 -82.13 -3.11
N GLY QA 9 94.17 -81.92 -3.57
CA GLY QA 9 93.81 -80.69 -4.24
C GLY QA 9 92.46 -80.20 -3.77
N GLY QA 10 92.23 -78.91 -4.00
CA GLY QA 10 91.00 -78.27 -3.54
C GLY QA 10 89.85 -78.32 -4.52
N ASN QA 11 90.17 -78.27 -5.82
CA ASN QA 11 89.15 -78.23 -6.85
C ASN QA 11 88.74 -79.66 -7.25
N SER QA 12 87.45 -79.84 -7.56
CA SER QA 12 86.95 -81.15 -7.97
C SER QA 12 87.08 -81.38 -9.47
N ALA QA 13 87.07 -80.31 -10.27
CA ALA QA 13 87.21 -80.44 -11.71
C ALA QA 13 88.64 -80.71 -12.12
N ILE QA 14 89.61 -80.23 -11.34
CA ILE QA 14 91.02 -80.35 -11.65
C ILE QA 14 91.61 -81.51 -10.86
N GLN QA 15 92.26 -82.44 -11.55
CA GLN QA 15 93.03 -83.49 -10.92
C GLN QA 15 94.51 -83.12 -11.00
N THR QA 16 95.17 -83.08 -9.85
CA THR QA 16 96.58 -82.74 -9.78
C THR QA 16 97.37 -83.96 -9.34
N TYR QA 17 98.48 -84.20 -10.01
CA TYR QA 17 99.37 -85.33 -9.76
C TYR QA 17 100.78 -84.82 -9.58
N ALA QA 18 101.54 -85.55 -8.77
CA ALA QA 18 102.96 -85.30 -8.61
C ALA QA 18 103.72 -86.59 -8.85
N ARG QA 19 104.94 -86.44 -9.35
CA ARG QA 19 105.82 -87.58 -9.59
C ARG QA 19 106.27 -88.18 -8.28
N GLU QA 20 106.30 -89.52 -8.22
CA GLU QA 20 106.68 -90.19 -6.99
C GLU QA 20 108.14 -89.88 -6.62
N ASP QA 21 109.06 -90.00 -7.59
CA ASP QA 21 110.46 -89.75 -7.33
C ASP QA 21 110.69 -88.29 -6.94
N LYS QA 22 110.35 -87.37 -7.84
CA LYS QA 22 110.45 -85.93 -7.59
C LYS QA 22 109.06 -85.37 -7.43
N THR QA 23 108.69 -85.02 -6.20
CA THR QA 23 107.40 -84.38 -6.00
C THR QA 23 107.40 -82.92 -6.44
N THR QA 24 108.48 -82.47 -7.11
CA THR QA 24 108.53 -81.13 -7.69
C THR QA 24 108.03 -81.09 -9.11
N GLN QA 25 108.05 -82.23 -9.79
CA GLN QA 25 107.48 -82.37 -11.12
C GLN QA 25 106.01 -82.72 -10.97
N THR QA 26 105.13 -81.92 -11.58
CA THR QA 26 103.70 -82.10 -11.40
C THR QA 26 102.98 -82.06 -12.75
N LEU QA 27 101.71 -82.48 -12.71
CA LEU QA 27 100.86 -82.59 -13.87
C LEU QA 27 99.42 -82.33 -13.43
N SER QA 28 98.62 -81.74 -14.32
CA SER QA 28 97.26 -81.35 -13.97
C SER QA 28 96.33 -81.53 -15.15
N THR QA 29 95.19 -82.18 -14.93
CA THR QA 29 94.20 -82.40 -15.98
C THR QA 29 92.86 -81.84 -15.55
N GLN QA 30 92.23 -81.07 -16.43
CA GLN QA 30 90.96 -80.44 -16.13
C GLN QA 30 90.02 -80.60 -17.31
N LYS QA 31 88.74 -80.88 -17.03
CA LYS QA 31 87.71 -80.94 -18.06
C LYS QA 31 86.60 -79.95 -17.72
N THR QA 32 86.23 -79.14 -18.70
CA THR QA 32 85.19 -78.14 -18.62
C THR QA 32 84.13 -78.45 -19.66
N ILE QA 33 82.87 -78.33 -19.27
CA ILE QA 33 81.76 -78.46 -20.21
C ILE QA 33 81.10 -77.10 -20.34
N SER QA 34 80.85 -76.68 -21.58
CA SER QA 34 80.17 -75.43 -21.89
C SER QA 34 78.96 -75.74 -22.75
N VAL QA 35 78.04 -74.80 -22.81
CA VAL QA 35 76.81 -74.94 -23.60
C VAL QA 35 76.77 -73.83 -24.63
N LEU QA 36 76.54 -74.20 -25.89
CA LEU QA 36 76.38 -73.23 -26.97
C LEU QA 36 75.07 -73.54 -27.67
N ARG QA 37 74.14 -72.59 -27.66
CA ARG QA 37 72.83 -72.82 -28.24
C ARG QA 37 72.59 -71.87 -29.40
N ASN QA 38 72.08 -72.43 -30.49
CA ASN QA 38 71.56 -71.68 -31.63
C ASN QA 38 70.05 -71.87 -31.65
N GLY QA 39 69.32 -70.79 -31.46
CA GLY QA 39 67.87 -70.86 -31.37
C GLY QA 39 67.46 -71.78 -30.24
N SER QA 40 66.72 -72.83 -30.58
CA SER QA 40 66.30 -73.84 -29.62
C SER QA 40 67.35 -74.92 -29.40
N THR QA 41 68.16 -75.22 -30.42
CA THR QA 41 69.12 -76.30 -30.29
C THR QA 41 70.29 -75.87 -29.43
N SER QA 42 70.83 -76.82 -28.67
CA SER QA 42 71.96 -76.55 -27.79
C SER QA 42 72.93 -77.72 -27.83
N THR QA 43 74.23 -77.41 -27.84
CA THR QA 43 75.26 -78.43 -27.96
C THR QA 43 76.36 -78.19 -26.94
N ARG QA 44 76.97 -79.29 -26.49
CA ARG QA 44 78.00 -79.24 -25.48
C ARG QA 44 79.38 -79.03 -26.11
N ILE QA 45 80.18 -78.22 -25.46
CA ILE QA 45 81.55 -77.95 -25.87
C ILE QA 45 82.46 -78.47 -24.77
N ILE QA 46 83.20 -79.52 -25.08
CA ILE QA 46 84.08 -80.18 -24.12
C ILE QA 46 85.50 -79.63 -24.31
N LYS QA 47 86.06 -79.13 -23.21
CA LYS QA 47 87.38 -78.53 -23.19
C LYS QA 47 88.25 -79.28 -22.20
N VAL QA 48 89.42 -79.72 -22.64
CA VAL QA 48 90.37 -80.46 -21.82
C VAL QA 48 91.65 -79.64 -21.73
N HIS QA 49 92.29 -79.67 -20.56
CA HIS QA 49 93.53 -78.94 -20.34
C HIS QA 49 94.47 -79.82 -19.53
N ILE QA 50 95.64 -80.14 -20.10
CA ILE QA 50 96.67 -80.93 -19.45
C ILE QA 50 97.93 -80.09 -19.38
N ASN QA 51 98.50 -79.94 -18.19
CA ASN QA 51 99.68 -79.11 -17.99
C ASN QA 51 100.71 -79.91 -17.19
N SER QA 52 101.91 -80.05 -17.75
CA SER QA 52 103.01 -80.77 -17.09
C SER QA 52 104.13 -79.76 -16.86
N THR QA 53 104.50 -79.54 -15.60
CA THR QA 53 105.61 -78.63 -15.33
C THR QA 53 106.57 -79.20 -14.30
N ALA QA 54 107.75 -78.60 -14.29
CA ALA QA 54 108.76 -78.83 -13.28
C ALA QA 54 109.56 -77.55 -13.12
N PRO QA 55 110.09 -77.28 -11.93
CA PRO QA 55 110.97 -76.12 -11.80
C PRO QA 55 112.34 -76.45 -12.38
N VAL QA 56 113.00 -75.41 -12.90
CA VAL QA 56 114.36 -75.55 -13.41
C VAL QA 56 115.17 -74.34 -12.94
N THR QA 57 116.38 -74.61 -12.48
CA THR QA 57 117.27 -73.59 -11.93
C THR QA 57 117.77 -72.67 -13.04
N ILE QA 58 117.70 -71.36 -12.82
CA ILE QA 58 118.00 -70.40 -13.89
C ILE QA 58 119.43 -70.56 -14.38
N ASN QA 59 120.37 -70.60 -13.46
CA ASN QA 59 121.77 -70.29 -13.75
C ASN QA 59 122.55 -71.56 -14.07
N THR QA 60 122.86 -71.77 -15.35
CA THR QA 60 123.57 -72.98 -15.75
C THR QA 60 125.02 -72.94 -15.28
N CYS QA 61 125.70 -71.81 -15.44
CA CYS QA 61 127.11 -71.68 -15.10
C CYS QA 61 127.35 -71.32 -13.63
N ASP QA 62 126.32 -71.30 -12.80
CA ASP QA 62 126.46 -71.02 -11.37
C ASP QA 62 126.84 -72.30 -10.62
N PRO QA 63 127.27 -72.16 -9.34
CA PRO QA 63 127.61 -73.37 -8.56
C PRO QA 63 126.38 -74.10 -8.02
N THR QA 64 125.21 -73.81 -8.60
CA THR QA 64 123.93 -74.39 -8.19
C THR QA 64 123.60 -74.07 -6.74
N LYS QA 65 123.87 -72.83 -6.33
CA LYS QA 65 123.63 -72.37 -4.96
C LYS QA 65 122.18 -71.91 -4.79
N CYS QA 66 121.25 -72.84 -5.06
CA CYS QA 66 119.80 -72.60 -4.96
C CYS QA 66 119.41 -71.29 -5.66
N GLY QA 67 119.84 -71.15 -6.91
CA GLY QA 67 119.44 -70.04 -7.73
C GLY QA 67 117.94 -70.07 -7.92
N PRO QA 68 117.32 -68.88 -8.00
CA PRO QA 68 115.87 -68.84 -8.18
C PRO QA 68 115.45 -69.62 -9.41
N THR QA 69 114.35 -70.36 -9.27
CA THR QA 69 113.90 -71.30 -10.27
C THR QA 69 112.76 -70.72 -11.10
N VAL QA 70 112.70 -71.15 -12.35
CA VAL QA 70 111.61 -70.76 -13.24
C VAL QA 70 110.87 -72.03 -13.64
N PRO QA 71 109.54 -71.98 -13.75
CA PRO QA 71 108.78 -73.15 -14.20
C PRO QA 71 109.01 -73.43 -15.67
N MET QA 72 109.32 -74.68 -15.99
CA MET QA 72 109.40 -75.18 -17.35
C MET QA 72 108.18 -76.06 -17.57
N GLY QA 73 107.48 -75.82 -18.67
CA GLY QA 73 106.13 -76.35 -18.83
C GLY QA 73 105.82 -76.80 -20.24
N VAL QA 74 104.94 -77.79 -20.33
CA VAL QA 74 104.42 -78.28 -21.59
C VAL QA 74 102.92 -78.48 -21.41
N SER QA 75 102.12 -77.83 -22.24
CA SER QA 75 100.69 -77.76 -22.05
C SER QA 75 99.95 -78.25 -23.30
N PHE QA 76 98.76 -78.79 -23.08
CA PHE QA 76 97.89 -79.30 -24.13
C PHE QA 76 96.48 -78.84 -23.83
N LYS QA 77 95.79 -78.34 -24.86
CA LYS QA 77 94.41 -77.89 -24.70
C LYS QA 77 93.57 -78.40 -25.87
N SER QA 78 92.31 -78.72 -25.57
CA SER QA 78 91.39 -79.32 -26.50
C SER QA 78 90.03 -78.66 -26.34
N SER QA 79 89.42 -78.22 -27.44
CA SER QA 79 88.07 -77.67 -27.37
C SER QA 79 87.27 -78.14 -28.58
N MET QA 80 86.18 -78.85 -28.33
CA MET QA 80 85.46 -79.42 -29.46
C MET QA 80 84.00 -79.65 -29.10
N PRO QA 81 83.09 -79.61 -30.07
CA PRO QA 81 81.72 -80.03 -29.80
C PRO QA 81 81.68 -81.50 -29.41
N GLU QA 82 80.76 -81.84 -28.49
CA GLU QA 82 80.62 -83.20 -28.03
C GLU QA 82 80.45 -84.16 -29.20
N ASP QA 83 81.11 -85.32 -29.11
CA ASP QA 83 81.06 -86.39 -30.12
C ASP QA 83 81.69 -86.00 -31.46
N ALA QA 84 82.47 -84.93 -31.51
CA ALA QA 84 83.22 -84.63 -32.72
C ALA QA 84 84.45 -85.53 -32.81
N ASP QA 85 85.12 -85.53 -33.95
CA ASP QA 85 86.26 -86.42 -34.14
C ASP QA 85 87.58 -85.67 -34.18
N PRO QA 86 88.34 -85.61 -33.09
CA PRO QA 86 89.62 -84.92 -33.10
C PRO QA 86 90.73 -85.68 -33.79
N ALA QA 87 90.45 -86.86 -34.34
CA ALA QA 87 91.50 -87.76 -34.82
C ALA QA 87 92.45 -87.04 -35.77
N GLU QA 88 91.90 -86.28 -36.71
CA GLU QA 88 92.75 -85.67 -37.73
C GLU QA 88 93.50 -84.44 -37.21
N VAL QA 89 92.84 -83.59 -36.43
CA VAL QA 89 93.55 -82.43 -35.86
C VAL QA 89 94.63 -82.89 -34.89
N LEU QA 90 94.40 -84.03 -34.21
CA LEU QA 90 95.43 -84.59 -33.35
C LEU QA 90 96.62 -85.12 -34.15
N LYS QA 91 96.35 -85.88 -35.22
CA LYS QA 91 97.43 -86.35 -36.09
C LYS QA 91 98.28 -85.17 -36.58
N ALA QA 92 97.61 -84.13 -37.08
CA ALA QA 92 98.33 -82.95 -37.57
C ALA QA 92 99.13 -82.28 -36.46
N ALA QA 93 98.50 -82.06 -35.31
CA ALA QA 93 99.20 -81.41 -34.20
C ALA QA 93 100.43 -82.19 -33.79
N LYS QA 94 100.31 -83.52 -33.70
CA LYS QA 94 101.44 -84.35 -33.31
C LYS QA 94 102.55 -84.30 -34.35
N ALA QA 95 102.19 -84.32 -35.63
CA ALA QA 95 103.18 -84.20 -36.70
C ALA QA 95 103.93 -82.87 -36.59
N ALA QA 96 103.21 -81.78 -36.35
CA ALA QA 96 103.86 -80.49 -36.18
C ALA QA 96 104.77 -80.49 -34.97
N LEU QA 97 104.29 -81.02 -33.84
CA LEU QA 97 105.09 -81.04 -32.63
C LEU QA 97 106.41 -81.77 -32.85
N ALA QA 98 106.36 -82.91 -33.55
CA ALA QA 98 107.58 -83.68 -33.81
C ALA QA 98 108.68 -82.82 -34.42
N LEU QA 99 108.33 -81.79 -35.21
CA LEU QA 99 109.35 -80.90 -35.77
C LEU QA 99 109.94 -79.97 -34.73
N PHE QA 100 109.17 -79.64 -33.69
CA PHE QA 100 109.62 -78.66 -32.71
C PHE QA 100 110.28 -79.28 -31.48
N GLU QA 101 109.90 -80.51 -31.09
CA GLU QA 101 110.26 -80.93 -29.75
C GLU QA 101 111.76 -81.18 -29.59
N ALA QA 102 112.48 -81.40 -30.69
CA ALA QA 102 113.94 -81.39 -30.59
C ALA QA 102 114.44 -80.00 -30.22
N ASN QA 103 113.87 -78.97 -30.84
CA ASN QA 103 114.32 -77.59 -30.70
C ASN QA 103 113.37 -76.77 -29.82
N LEU QA 104 112.85 -77.41 -28.76
CA LEU QA 104 111.88 -76.75 -27.88
C LEU QA 104 112.54 -75.76 -26.93
N ASN QA 105 113.87 -75.73 -26.87
CA ASN QA 105 114.61 -74.84 -25.99
C ASN QA 105 115.65 -74.00 -26.74
N SER QA 106 115.70 -74.07 -28.06
CA SER QA 106 116.88 -73.58 -28.76
C SER QA 106 116.64 -72.32 -29.58
N ALA QA 107 115.49 -71.66 -29.41
CA ALA QA 107 115.26 -70.34 -30.00
C ALA QA 107 115.37 -70.32 -31.53
N PHE QA 108 115.40 -71.50 -32.17
CA PHE QA 108 115.63 -71.59 -33.61
C PHE QA 108 114.37 -72.17 -34.25
N ASN QA 109 113.67 -71.35 -35.03
CA ASN QA 109 112.45 -71.77 -35.70
C ASN QA 109 112.77 -71.98 -37.18
N LYS QA 110 112.90 -73.24 -37.60
CA LYS QA 110 113.22 -73.50 -39.00
C LYS QA 110 112.06 -73.10 -39.90
N ASN QA 111 112.39 -72.54 -41.06
CA ASN QA 111 111.38 -72.25 -42.08
C ASN QA 111 110.97 -73.56 -42.71
N VAL QA 112 109.77 -74.01 -42.36
CA VAL QA 112 109.14 -75.20 -42.93
C VAL QA 112 108.00 -74.73 -43.82
N ASP QA 113 108.05 -75.11 -45.08
CA ASP QA 113 107.03 -74.75 -46.06
C ASP QA 113 105.95 -75.82 -46.23
N GLU QA 114 106.18 -77.04 -45.75
CA GLU QA 114 105.13 -78.04 -45.74
C GLU QA 114 105.45 -79.10 -44.69
N ILE QA 115 104.40 -79.57 -44.03
CA ILE QA 115 104.49 -80.58 -42.97
C ILE QA 115 103.75 -81.81 -43.45
N SER QA 116 104.43 -82.95 -43.50
CA SER QA 116 103.83 -84.20 -43.96
C SER QA 116 103.19 -84.91 -42.77
N VAL QA 117 101.92 -85.28 -42.92
CA VAL QA 117 101.18 -85.99 -41.88
C VAL QA 117 101.05 -87.46 -42.28
N ALA QA 118 101.35 -88.34 -41.35
CA ALA QA 118 101.38 -89.77 -41.63
C ALA QA 118 99.99 -90.32 -41.97
N ALA RA 1 68.44 -100.89 -19.43
CA ALA RA 1 69.40 -101.36 -20.42
C ALA RA 1 70.48 -100.29 -20.69
N TYR RA 2 70.49 -99.24 -19.88
CA TYR RA 2 71.53 -98.20 -19.94
C TYR RA 2 71.86 -97.73 -18.54
N LYS RA 3 72.84 -96.84 -18.44
CA LYS RA 3 73.21 -96.28 -17.14
C LYS RA 3 73.44 -94.78 -17.25
N LEU RA 4 73.05 -94.06 -16.19
CA LEU RA 4 73.23 -92.63 -16.11
C LEU RA 4 74.54 -92.36 -15.38
N ILE RA 5 75.51 -91.83 -16.10
CA ILE RA 5 76.83 -91.57 -15.53
C ILE RA 5 76.88 -90.14 -15.02
N LYS RA 6 77.51 -89.95 -13.86
CA LYS RA 6 77.64 -88.62 -13.27
C LYS RA 6 78.45 -87.72 -14.18
N MET RA 7 77.89 -86.57 -14.53
CA MET RA 7 78.57 -85.73 -15.50
C MET RA 7 79.71 -84.98 -14.83
N ALA RA 8 80.67 -84.57 -15.66
CA ALA RA 8 81.84 -83.82 -15.24
C ALA RA 8 81.39 -82.42 -14.86
N GLY RA 9 80.70 -82.32 -13.72
CA GLY RA 9 80.25 -81.04 -13.21
C GLY RA 9 80.64 -80.90 -11.74
N GLY RA 10 80.67 -79.66 -11.29
CA GLY RA 10 81.03 -79.39 -9.92
C GLY RA 10 79.94 -79.83 -8.96
N ASN RA 11 80.22 -80.84 -8.14
CA ASN RA 11 79.25 -81.32 -7.16
C ASN RA 11 78.90 -80.18 -6.20
N SER RA 12 77.62 -79.86 -6.09
CA SER RA 12 77.13 -78.80 -5.24
C SER RA 12 76.22 -79.33 -4.14
N ALA RA 13 76.49 -80.56 -3.66
CA ALA RA 13 75.53 -81.42 -2.98
C ALA RA 13 74.28 -81.65 -3.86
N ILE RA 14 74.44 -81.40 -5.16
CA ILE RA 14 73.48 -81.70 -6.21
C ILE RA 14 74.21 -82.54 -7.24
N GLN RA 15 73.73 -83.75 -7.50
CA GLN RA 15 74.41 -84.67 -8.40
C GLN RA 15 73.65 -84.76 -9.71
N THR RA 16 74.32 -84.42 -10.80
CA THR RA 16 73.73 -84.40 -12.13
C THR RA 16 74.37 -85.48 -12.99
N TYR RA 17 73.54 -86.31 -13.61
CA TYR RA 17 73.96 -87.42 -14.44
C TYR RA 17 73.39 -87.23 -15.84
N ALA RA 18 74.09 -87.77 -16.82
CA ALA RA 18 73.61 -87.87 -18.18
C ALA RA 18 73.62 -89.33 -18.61
N ARG RA 19 72.69 -89.68 -19.49
CA ARG RA 19 72.60 -91.04 -19.99
C ARG RA 19 73.77 -91.34 -20.91
N GLU RA 20 74.32 -92.55 -20.79
CA GLU RA 20 75.60 -92.85 -21.42
C GLU RA 20 75.50 -92.77 -22.95
N ASP RA 21 74.47 -93.38 -23.53
CA ASP RA 21 74.34 -93.41 -24.98
C ASP RA 21 73.66 -92.16 -25.53
N LYS RA 22 72.55 -91.75 -24.92
CA LYS RA 22 71.89 -90.49 -25.28
C LYS RA 22 72.22 -89.45 -24.20
N THR RA 23 73.29 -88.70 -24.40
CA THR RA 23 73.70 -87.71 -23.41
C THR RA 23 72.78 -86.50 -23.37
N THR RA 24 71.73 -86.47 -24.20
CA THR RA 24 70.73 -85.40 -24.12
C THR RA 24 69.77 -85.62 -22.97
N GLN RA 25 69.59 -86.87 -22.57
CA GLN RA 25 68.73 -87.21 -21.45
C GLN RA 25 69.52 -87.09 -20.16
N THR RA 26 69.04 -86.28 -19.23
CA THR RA 26 69.75 -86.00 -17.99
C THR RA 26 68.83 -86.26 -16.80
N LEU RA 27 69.44 -86.24 -15.61
CA LEU RA 27 68.76 -86.50 -14.35
C LEU RA 27 69.56 -85.90 -13.21
N SER RA 28 68.87 -85.25 -12.26
CA SER RA 28 69.52 -84.54 -11.16
C SER RA 28 68.88 -84.94 -9.84
N THR RA 29 69.72 -85.19 -8.83
CA THR RA 29 69.23 -85.52 -7.50
C THR RA 29 69.91 -84.64 -6.46
N GLN RA 30 69.10 -83.96 -5.65
CA GLN RA 30 69.63 -83.18 -4.53
C GLN RA 30 68.83 -83.46 -3.26
N LYS RA 31 69.53 -83.41 -2.13
CA LYS RA 31 68.91 -83.49 -0.81
C LYS RA 31 69.36 -82.27 -0.02
N THR RA 32 68.40 -81.62 0.64
CA THR RA 32 68.66 -80.46 1.46
C THR RA 32 68.01 -80.66 2.82
N ILE RA 33 68.52 -79.92 3.82
CA ILE RA 33 68.02 -80.02 5.18
C ILE RA 33 67.63 -78.64 5.66
N SER RA 34 66.40 -78.51 6.16
CA SER RA 34 65.88 -77.29 6.75
C SER RA 34 65.66 -77.50 8.25
N VAL RA 35 65.52 -76.40 8.97
CA VAL RA 35 65.22 -76.45 10.40
C VAL RA 35 63.93 -75.67 10.64
N LEU RA 36 62.91 -76.35 11.15
CA LEU RA 36 61.62 -75.74 11.44
C LEU RA 36 61.48 -75.63 12.96
N ARG RA 37 61.36 -74.40 13.45
CA ARG RA 37 61.28 -74.12 14.88
C ARG RA 37 59.89 -73.60 15.21
N ASN RA 38 59.19 -74.32 16.08
CA ASN RA 38 57.90 -73.88 16.63
C ASN RA 38 58.08 -73.74 18.13
N GLY RA 39 58.21 -72.51 18.61
CA GLY RA 39 58.45 -72.29 20.03
C GLY RA 39 59.80 -72.84 20.46
N SER RA 40 59.79 -73.64 21.52
CA SER RA 40 61.02 -74.24 22.03
C SER RA 40 61.56 -75.30 21.08
N THR RA 41 60.67 -76.08 20.47
CA THR RA 41 61.06 -77.22 19.66
C THR RA 41 61.57 -76.81 18.28
N SER RA 42 62.65 -77.47 17.85
CA SER RA 42 63.16 -77.35 16.50
C SER RA 42 63.35 -78.75 15.92
N THR RA 43 62.95 -78.94 14.66
CA THR RA 43 63.06 -80.23 14.01
C THR RA 43 63.64 -80.06 12.62
N ARG RA 44 64.35 -81.09 12.15
CA ARG RA 44 64.98 -81.09 10.85
C ARG RA 44 64.04 -81.64 9.79
N ILE RA 45 64.00 -80.97 8.64
CA ILE RA 45 63.14 -81.33 7.53
C ILE RA 45 64.02 -81.74 6.34
N ILE RA 46 63.86 -82.99 5.91
CA ILE RA 46 64.60 -83.54 4.79
C ILE RA 46 63.80 -83.32 3.51
N LYS RA 47 64.45 -82.74 2.50
CA LYS RA 47 63.82 -82.42 1.23
C LYS RA 47 64.64 -83.00 0.08
N VAL RA 48 64.05 -83.96 -0.64
CA VAL RA 48 64.65 -84.61 -1.80
C VAL RA 48 64.01 -84.05 -3.05
N HIS RA 49 64.82 -83.84 -4.09
CA HIS RA 49 64.32 -83.40 -5.39
C HIS RA 49 65.06 -84.15 -6.48
N ILE RA 50 64.32 -84.93 -7.26
CA ILE RA 50 64.81 -85.69 -8.40
C ILE RA 50 64.15 -85.15 -9.67
N ASN RA 51 64.95 -84.96 -10.71
CA ASN RA 51 64.42 -84.45 -11.98
C ASN RA 51 65.00 -85.27 -13.11
N SER RA 52 64.16 -85.64 -14.08
CA SER RA 52 64.59 -86.47 -15.21
C SER RA 52 64.02 -85.85 -16.47
N THR RA 53 64.87 -85.24 -17.30
CA THR RA 53 64.39 -84.58 -18.51
C THR RA 53 65.14 -85.04 -19.74
N ALA RA 54 64.50 -84.81 -20.87
CA ALA RA 54 65.07 -85.00 -22.20
C ALA RA 54 64.50 -83.94 -23.10
N PRO RA 55 65.22 -83.52 -24.14
CA PRO RA 55 64.62 -82.63 -25.13
C PRO RA 55 63.71 -83.41 -26.06
N VAL RA 56 62.66 -82.74 -26.53
CA VAL RA 56 61.72 -83.32 -27.50
C VAL RA 56 61.63 -82.36 -28.67
N THR RA 57 61.95 -82.87 -29.85
CA THR RA 57 61.70 -82.12 -31.08
C THR RA 57 60.21 -81.87 -31.24
N ILE RA 58 59.84 -80.60 -31.39
CA ILE RA 58 58.42 -80.27 -31.60
C ILE RA 58 57.92 -81.00 -32.83
N ASN RA 59 56.75 -81.60 -32.71
CA ASN RA 59 56.09 -82.19 -33.87
C ASN RA 59 56.01 -81.17 -34.99
N THR RA 60 56.70 -81.45 -36.09
CA THR RA 60 56.87 -80.45 -37.14
C THR RA 60 56.42 -81.01 -38.48
N CYS RA 61 56.46 -80.14 -39.47
CA CYS RA 61 55.95 -80.45 -40.80
C CYS RA 61 56.90 -81.35 -41.59
N ASP RA 62 58.21 -81.18 -41.41
CA ASP RA 62 59.21 -81.86 -42.21
C ASP RA 62 59.16 -83.38 -42.00
N PRO RA 63 59.44 -84.17 -43.03
CA PRO RA 63 59.64 -85.61 -42.80
C PRO RA 63 60.85 -85.88 -41.92
N THR RA 64 61.95 -85.16 -42.13
CA THR RA 64 63.06 -85.20 -41.19
C THR RA 64 62.59 -84.66 -39.84
N LYS RA 65 63.10 -85.27 -38.77
CA LYS RA 65 62.70 -84.88 -37.41
C LYS RA 65 63.50 -83.63 -37.03
N CYS RA 66 63.05 -82.49 -37.56
CA CYS RA 66 63.71 -81.21 -37.33
C CYS RA 66 62.69 -80.15 -36.93
N GLY RA 67 62.90 -79.55 -35.76
CA GLY RA 67 62.10 -78.45 -35.28
C GLY RA 67 62.65 -77.92 -33.99
N PRO RA 68 62.07 -76.85 -33.45
CA PRO RA 68 62.48 -76.39 -32.11
C PRO RA 68 62.29 -77.50 -31.08
N THR RA 69 63.17 -77.51 -30.08
CA THR RA 69 63.12 -78.52 -29.02
C THR RA 69 62.55 -77.91 -27.75
N VAL RA 70 61.56 -78.59 -27.18
CA VAL RA 70 60.98 -78.21 -25.90
C VAL RA 70 61.40 -79.28 -24.91
N PRO RA 71 61.77 -78.93 -23.67
CA PRO RA 71 62.13 -79.96 -22.69
C PRO RA 71 60.90 -80.68 -22.17
N MET RA 72 60.97 -82.00 -22.11
CA MET RA 72 60.01 -82.81 -21.39
C MET RA 72 60.68 -83.38 -20.16
N GLY RA 73 59.91 -83.48 -19.08
CA GLY RA 73 60.52 -83.74 -17.78
C GLY RA 73 59.55 -84.36 -16.82
N VAL RA 74 60.07 -85.25 -15.98
CA VAL RA 74 59.33 -85.84 -14.88
C VAL RA 74 60.10 -85.55 -13.62
N SER RA 75 59.40 -85.01 -12.61
CA SER RA 75 60.05 -84.50 -11.41
C SER RA 75 59.36 -85.08 -10.18
N PHE RA 76 60.17 -85.50 -9.21
CA PHE RA 76 59.68 -86.04 -7.95
C PHE RA 76 60.28 -85.22 -6.81
N LYS RA 77 59.42 -84.72 -5.91
CA LYS RA 77 59.87 -83.93 -4.77
C LYS RA 77 59.28 -84.52 -3.50
N SER RA 78 60.04 -84.42 -2.40
CA SER RA 78 59.69 -85.08 -1.14
C SER RA 78 60.16 -84.23 0.03
N SER RA 79 59.24 -83.84 0.91
CA SER RA 79 59.61 -83.05 2.08
C SER RA 79 58.94 -83.59 3.33
N MET RA 80 59.74 -83.94 4.32
CA MET RA 80 59.16 -84.48 5.55
C MET RA 80 60.11 -84.24 6.70
N PRO RA 81 59.61 -84.15 7.93
CA PRO RA 81 60.52 -83.99 9.06
C PRO RA 81 61.27 -85.29 9.33
N GLU RA 82 62.49 -85.15 9.85
CA GLU RA 82 63.40 -86.27 9.99
C GLU RA 82 62.75 -87.42 10.77
N ASP RA 83 63.06 -88.65 10.34
CA ASP RA 83 62.62 -89.90 10.94
C ASP RA 83 61.11 -90.14 10.84
N ALA RA 84 60.38 -89.36 10.04
CA ALA RA 84 58.98 -89.65 9.79
C ALA RA 84 58.84 -90.87 8.88
N ASP RA 85 57.63 -91.40 8.75
CA ASP RA 85 57.40 -92.57 7.90
C ASP RA 85 56.53 -92.22 6.69
N PRO RA 86 57.11 -91.99 5.53
CA PRO RA 86 56.32 -91.63 4.34
C PRO RA 86 55.75 -92.82 3.59
N ALA RA 87 55.74 -94.00 4.21
CA ALA RA 87 55.38 -95.24 3.50
C ALA RA 87 54.01 -95.12 2.82
N GLU RA 88 53.02 -94.64 3.56
CA GLU RA 88 51.67 -94.60 3.02
C GLU RA 88 51.51 -93.45 2.03
N VAL RA 89 52.18 -92.33 2.29
CA VAL RA 89 52.16 -91.22 1.35
C VAL RA 89 52.74 -91.65 0.01
N LEU RA 90 53.90 -92.31 0.04
CA LEU RA 90 54.50 -92.87 -1.17
C LEU RA 90 53.56 -93.83 -1.86
N LYS RA 91 52.93 -94.73 -1.10
CA LYS RA 91 52.06 -95.73 -1.70
C LYS RA 91 50.91 -95.06 -2.47
N ALA RA 92 50.27 -94.07 -1.86
CA ALA RA 92 49.17 -93.36 -2.51
C ALA RA 92 49.66 -92.58 -3.73
N ALA RA 93 50.78 -91.88 -3.58
CA ALA RA 93 51.34 -91.15 -4.72
C ALA RA 93 51.61 -92.08 -5.88
N LYS RA 94 52.16 -93.26 -5.61
CA LYS RA 94 52.47 -94.22 -6.67
C LYS RA 94 51.20 -94.73 -7.33
N ALA RA 95 50.14 -94.97 -6.54
CA ALA RA 95 48.88 -95.41 -7.14
C ALA RA 95 48.30 -94.36 -8.07
N ALA RA 96 48.32 -93.09 -7.64
CA ALA RA 96 47.84 -92.00 -8.48
C ALA RA 96 48.67 -91.89 -9.76
N LEU RA 97 49.99 -91.95 -9.64
CA LEU RA 97 50.84 -91.90 -10.81
C LEU RA 97 50.54 -93.05 -11.76
N ALA RA 98 50.27 -94.24 -11.21
CA ALA RA 98 49.90 -95.37 -12.04
C ALA RA 98 48.64 -95.06 -12.84
N LEU RA 99 47.68 -94.37 -12.22
CA LEU RA 99 46.47 -93.99 -12.95
C LEU RA 99 46.76 -92.99 -14.06
N PHE RA 100 47.61 -92.00 -13.80
CA PHE RA 100 47.78 -90.88 -14.73
C PHE RA 100 48.96 -91.05 -15.70
N GLU RA 101 49.72 -92.14 -15.60
CA GLU RA 101 50.98 -92.27 -16.33
C GLU RA 101 50.76 -92.34 -17.83
N ALA RA 102 49.75 -93.10 -18.27
CA ALA RA 102 49.44 -93.15 -19.70
C ALA RA 102 48.93 -91.81 -20.21
N ASN RA 103 48.32 -91.01 -19.33
CA ASN RA 103 47.72 -89.73 -19.69
C ASN RA 103 48.63 -88.54 -19.41
N LEU RA 104 49.90 -88.78 -19.10
CA LEU RA 104 50.82 -87.67 -18.89
C LEU RA 104 50.94 -86.75 -20.11
N ASN RA 105 50.60 -87.24 -21.30
CA ASN RA 105 50.72 -86.47 -22.54
C ASN RA 105 49.38 -86.32 -23.26
N SER RA 106 48.25 -86.48 -22.57
CA SER RA 106 46.99 -86.75 -23.25
C SER RA 106 46.18 -85.51 -23.61
N ALA RA 107 46.33 -84.41 -22.86
CA ALA RA 107 45.51 -83.20 -23.01
C ALA RA 107 44.03 -83.44 -22.67
N PHE RA 108 43.70 -84.63 -22.17
CA PHE RA 108 42.38 -84.95 -21.66
C PHE RA 108 42.53 -85.41 -20.22
N ASN RA 109 41.67 -84.93 -19.34
CA ASN RA 109 41.73 -85.31 -17.94
C ASN RA 109 40.70 -86.39 -17.66
N LYS RA 110 41.15 -87.53 -17.15
CA LYS RA 110 40.24 -88.60 -16.77
C LYS RA 110 39.64 -88.28 -15.40
N ASN RA 111 38.32 -88.23 -15.33
CA ASN RA 111 37.64 -87.91 -14.08
C ASN RA 111 37.38 -89.21 -13.33
N VAL RA 112 38.25 -89.53 -12.38
CA VAL RA 112 38.10 -90.71 -11.53
C VAL RA 112 37.65 -90.26 -10.14
N ASP RA 113 36.73 -91.04 -9.55
CA ASP RA 113 36.12 -90.70 -8.28
C ASP RA 113 36.75 -91.42 -7.09
N GLU RA 114 37.57 -92.46 -7.32
CA GLU RA 114 38.30 -93.07 -6.23
C GLU RA 114 39.58 -93.73 -6.76
N ILE RA 115 40.56 -93.85 -5.88
CA ILE RA 115 41.90 -94.32 -6.20
C ILE RA 115 42.24 -95.41 -5.20
N SER RA 116 42.33 -96.67 -5.67
CA SER RA 116 42.58 -97.80 -4.78
C SER RA 116 44.07 -97.99 -4.54
N VAL RA 117 44.43 -98.28 -3.29
CA VAL RA 117 45.81 -98.30 -2.82
C VAL RA 117 46.09 -99.61 -2.11
N ALA RA 118 47.34 -100.08 -2.20
CA ALA RA 118 47.84 -101.27 -1.49
C ALA RA 118 47.00 -102.50 -1.73
N ALA SA 1 81.06 -104.95 13.18
CA ALA SA 1 81.69 -104.60 11.91
C ALA SA 1 80.72 -103.84 11.02
N TYR SA 2 81.18 -102.70 10.48
CA TYR SA 2 80.34 -101.88 9.62
C TYR SA 2 81.21 -101.15 8.60
N LYS SA 3 80.55 -100.48 7.66
CA LYS SA 3 81.22 -99.73 6.59
C LYS SA 3 80.81 -98.27 6.65
N LEU SA 4 81.79 -97.38 6.54
CA LEU SA 4 81.55 -95.95 6.41
C LEU SA 4 81.38 -95.62 4.93
N ILE SA 5 80.13 -95.44 4.51
CA ILE SA 5 79.77 -95.14 3.13
C ILE SA 5 80.04 -93.67 2.84
N LYS SA 6 80.55 -93.38 1.64
CA LYS SA 6 80.91 -92.00 1.31
C LYS SA 6 79.66 -91.18 1.02
N MET SA 7 79.48 -90.11 1.78
CA MET SA 7 78.41 -89.15 1.53
C MET SA 7 78.77 -88.26 0.35
N ALA SA 8 77.74 -87.64 -0.21
CA ALA SA 8 77.88 -86.79 -1.39
C ALA SA 8 78.17 -85.37 -0.95
N GLY SA 9 79.41 -84.93 -1.12
CA GLY SA 9 79.85 -83.63 -0.66
C GLY SA 9 80.19 -82.74 -1.84
N GLY SA 10 79.91 -81.44 -1.68
CA GLY SA 10 80.27 -80.49 -2.71
C GLY SA 10 81.75 -80.20 -2.78
N ASN SA 11 82.40 -80.16 -1.61
CA ASN SA 11 83.83 -79.88 -1.55
C ASN SA 11 84.63 -81.15 -1.79
N SER SA 12 85.60 -81.08 -2.70
CA SER SA 12 86.43 -82.24 -3.02
C SER SA 12 87.61 -82.41 -2.09
N ALA SA 13 88.02 -81.36 -1.37
CA ALA SA 13 89.15 -81.48 -0.46
C ALA SA 13 88.78 -82.35 0.74
N ILE SA 14 87.52 -82.34 1.15
CA ILE SA 14 87.02 -83.07 2.31
C ILE SA 14 86.18 -84.23 1.81
N GLN SA 15 86.48 -85.44 2.29
CA GLN SA 15 85.66 -86.62 2.04
C GLN SA 15 84.88 -86.94 3.30
N THR SA 16 83.57 -87.01 3.19
CA THR SA 16 82.70 -87.29 4.33
C THR SA 16 82.05 -88.66 4.15
N TYR SA 17 81.91 -89.37 5.26
CA TYR SA 17 81.35 -90.71 5.28
C TYR SA 17 80.38 -90.82 6.44
N ALA SA 18 79.39 -91.69 6.28
CA ALA SA 18 78.41 -92.01 7.30
C ALA SA 18 78.37 -93.51 7.49
N ARG SA 19 78.18 -93.95 8.72
CA ARG SA 19 78.08 -95.39 8.98
C ARG SA 19 76.82 -95.95 8.35
N GLU SA 20 76.92 -97.17 7.83
CA GLU SA 20 75.79 -97.78 7.14
C GLU SA 20 74.63 -98.01 8.11
N ASP SA 21 74.92 -98.57 9.29
CA ASP SA 21 73.88 -98.81 10.28
C ASP SA 21 73.28 -97.50 10.77
N LYS SA 22 74.10 -96.63 11.33
CA LYS SA 22 73.67 -95.33 11.84
C LYS SA 22 74.23 -94.25 10.91
N THR SA 23 73.38 -93.69 10.08
CA THR SA 23 73.83 -92.57 9.26
C THR SA 23 74.03 -91.30 10.09
N THR SA 24 73.76 -91.35 11.40
CA THR SA 24 74.04 -90.21 12.29
C THR SA 24 75.49 -90.14 12.67
N GLN SA 25 76.16 -91.30 12.73
CA GLN SA 25 77.58 -91.34 13.04
C GLN SA 25 78.37 -91.07 11.77
N THR SA 26 79.20 -90.04 11.79
CA THR SA 26 79.90 -89.62 10.59
C THR SA 26 81.40 -89.51 10.85
N LEU SA 27 82.14 -89.33 9.76
CA LEU SA 27 83.59 -89.26 9.76
C LEU SA 27 84.05 -88.47 8.53
N SER SA 28 85.00 -87.57 8.73
CA SER SA 28 85.51 -86.73 7.66
C SER SA 28 87.03 -86.84 7.60
N THR SA 29 87.56 -86.93 6.38
CA THR SA 29 89.00 -86.92 6.15
C THR SA 29 89.35 -85.79 5.20
N GLN SA 30 90.39 -85.03 5.55
CA GLN SA 30 90.82 -83.90 4.73
C GLN SA 30 92.34 -83.79 4.76
N LYS SA 31 92.95 -83.69 3.58
CA LYS SA 31 94.37 -83.37 3.49
C LYS SA 31 94.53 -82.08 2.71
N THR SA 32 95.37 -81.20 3.26
CA THR SA 32 95.66 -79.90 2.66
C THR SA 32 97.17 -79.70 2.60
N ILE SA 33 97.60 -78.87 1.66
CA ILE SA 33 99.01 -78.62 1.41
C ILE SA 33 99.27 -77.13 1.53
N SER SA 34 100.36 -76.77 2.20
CA SER SA 34 100.79 -75.38 2.36
C SER SA 34 102.21 -75.22 1.84
N VAL SA 35 102.53 -74.03 1.36
CA VAL SA 35 103.86 -73.73 0.83
C VAL SA 35 104.57 -72.82 1.81
N LEU SA 36 105.77 -73.20 2.21
CA LEU SA 36 106.59 -72.45 3.15
C LEU SA 36 107.82 -71.98 2.37
N ARG SA 37 107.85 -70.70 2.03
CA ARG SA 37 108.93 -70.17 1.19
C ARG SA 37 110.03 -69.62 2.10
N ASN SA 38 111.19 -70.27 2.07
CA ASN SA 38 112.39 -69.81 2.74
C ASN SA 38 113.38 -69.41 1.64
N GLY SA 39 113.62 -68.12 1.50
CA GLY SA 39 114.49 -67.63 0.44
C GLY SA 39 113.94 -68.01 -0.93
N SER SA 40 114.76 -68.68 -1.73
CA SER SA 40 114.37 -69.13 -3.05
C SER SA 40 113.97 -70.61 -3.06
N THR SA 41 113.75 -71.20 -1.88
CA THR SA 41 113.35 -72.59 -1.79
C THR SA 41 112.01 -72.68 -1.08
N SER SA 42 111.03 -73.29 -1.73
CA SER SA 42 109.71 -73.46 -1.13
C SER SA 42 109.52 -74.93 -0.75
N THR SA 43 109.10 -75.16 0.49
CA THR SA 43 108.90 -76.49 1.02
C THR SA 43 107.43 -76.76 1.29
N ARG SA 44 107.04 -78.00 1.10
CA ARG SA 44 105.65 -78.43 1.12
C ARG SA 44 105.28 -78.94 2.51
N ILE SA 45 104.14 -78.50 3.03
CA ILE SA 45 103.72 -78.80 4.40
C ILE SA 45 102.34 -79.45 4.36
N ILE SA 46 102.29 -80.72 4.78
CA ILE SA 46 101.10 -81.55 4.65
C ILE SA 46 100.36 -81.56 5.98
N LYS SA 47 99.07 -81.24 5.94
CA LYS SA 47 98.19 -81.24 7.09
C LYS SA 47 97.02 -82.19 6.84
N VAL SA 48 96.79 -83.10 7.77
CA VAL SA 48 95.71 -84.07 7.71
C VAL SA 48 94.77 -83.83 8.88
N HIS SA 49 93.46 -83.95 8.62
CA HIS SA 49 92.45 -83.77 9.65
C HIS SA 49 91.36 -84.84 9.48
N ILE SA 50 91.25 -85.71 10.48
CA ILE SA 50 90.22 -86.74 10.55
C ILE SA 50 89.30 -86.42 11.73
N ASN SA 51 88.00 -86.47 11.51
CA ASN SA 51 87.04 -86.22 12.58
C ASN SA 51 86.00 -87.33 12.56
N SER SA 52 85.64 -87.84 13.75
CA SER SA 52 84.66 -88.92 13.86
C SER SA 52 83.68 -88.55 14.96
N THR SA 53 82.45 -88.20 14.59
CA THR SA 53 81.48 -87.78 15.60
C THR SA 53 80.18 -88.53 15.47
N ALA SA 54 79.36 -88.38 16.50
CA ALA SA 54 78.02 -88.93 16.55
C ALA SA 54 77.24 -88.12 17.56
N PRO SA 55 75.92 -87.98 17.39
CA PRO SA 55 75.14 -87.20 18.34
C PRO SA 55 74.77 -88.05 19.54
N VAL SA 56 74.94 -87.48 20.74
CA VAL SA 56 74.49 -88.10 21.99
C VAL SA 56 73.42 -87.20 22.59
N THR SA 57 72.37 -87.82 23.14
CA THR SA 57 71.25 -87.10 23.72
C THR SA 57 71.38 -87.07 25.24
N ILE SA 58 71.35 -85.87 25.81
CA ILE SA 58 71.44 -85.68 27.26
C ILE SA 58 70.03 -85.77 27.83
N ASN SA 59 69.73 -86.87 28.51
CA ASN SA 59 68.40 -87.05 29.07
C ASN SA 59 68.27 -86.23 30.35
N THR SA 60 67.32 -85.30 30.36
CA THR SA 60 67.01 -84.48 31.51
C THR SA 60 65.53 -84.65 31.80
N CYS SA 61 65.20 -84.89 33.08
CA CYS SA 61 63.80 -85.10 33.42
C CYS SA 61 63.02 -83.81 33.25
N ASP SA 62 61.81 -83.95 32.69
CA ASP SA 62 61.01 -82.82 32.24
C ASP SA 62 59.58 -83.32 32.09
N PRO SA 63 58.57 -82.46 32.32
CA PRO SA 63 57.19 -82.88 32.02
C PRO SA 63 57.05 -83.40 30.59
N THR SA 64 57.71 -82.76 29.64
CA THR SA 64 57.81 -83.23 28.27
C THR SA 64 59.21 -83.82 28.07
N LYS SA 65 59.27 -85.14 27.88
CA LYS SA 65 60.53 -85.87 27.94
C LYS SA 65 61.26 -85.81 26.58
N CYS SA 66 61.75 -84.62 26.25
CA CYS SA 66 62.68 -84.42 25.14
C CYS SA 66 63.83 -83.55 25.60
N GLY SA 67 65.04 -84.09 25.54
CA GLY SA 67 66.23 -83.36 25.92
C GLY SA 67 67.08 -82.99 24.72
N PRO SA 68 68.09 -82.15 24.92
CA PRO SA 68 68.89 -81.65 23.80
C PRO SA 68 69.86 -82.70 23.31
N THR SA 69 70.44 -82.41 22.15
CA THR SA 69 71.42 -83.30 21.52
C THR SA 69 72.71 -82.55 21.30
N VAL SA 70 73.83 -83.16 21.69
CA VAL SA 70 75.14 -82.53 21.59
C VAL SA 70 76.09 -83.57 21.03
N PRO SA 71 77.05 -83.19 20.19
CA PRO SA 71 77.89 -84.20 19.53
C PRO SA 71 79.04 -84.66 20.41
N MET SA 72 79.33 -85.95 20.32
CA MET SA 72 80.57 -86.51 20.85
C MET SA 72 81.49 -86.84 19.70
N GLY SA 73 82.75 -86.45 19.84
CA GLY SA 73 83.67 -86.45 18.71
C GLY SA 73 85.06 -86.84 19.12
N VAL SA 74 85.77 -87.46 18.18
CA VAL SA 74 87.17 -87.80 18.34
C VAL SA 74 87.87 -87.27 17.10
N SER SA 75 88.87 -86.42 17.31
CA SER SA 75 89.53 -85.70 16.23
C SER SA 75 91.02 -86.01 16.22
N PHE SA 76 91.58 -86.12 15.02
CA PHE SA 76 92.99 -86.35 14.80
C PHE SA 76 93.48 -85.29 13.84
N LYS SA 77 94.57 -84.62 14.19
CA LYS SA 77 95.17 -83.63 13.30
C LYS SA 77 96.66 -83.89 13.21
N SER SA 78 97.24 -83.51 12.06
CA SER SA 78 98.62 -83.82 11.73
C SER SA 78 99.15 -82.70 10.85
N SER SA 79 100.40 -82.30 11.08
CA SER SA 79 101.02 -81.25 10.25
C SER SA 79 102.53 -81.43 10.26
N MET SA 80 103.13 -81.52 9.08
CA MET SA 80 104.57 -81.73 9.03
C MET SA 80 105.10 -81.39 7.66
N PRO SA 81 106.39 -81.06 7.54
CA PRO SA 81 106.96 -80.83 6.21
C PRO SA 81 107.06 -82.14 5.44
N GLU SA 82 107.00 -82.01 4.12
CA GLU SA 82 107.00 -83.18 3.25
C GLU SA 82 108.23 -84.03 3.51
N ASP SA 83 108.04 -85.35 3.44
CA ASP SA 83 109.11 -86.34 3.60
C ASP SA 83 109.72 -86.33 5.00
N ALA SA 84 109.00 -85.79 6.00
CA ALA SA 84 109.46 -85.89 7.38
C ALA SA 84 109.06 -87.26 7.95
N ASP SA 85 109.56 -87.57 9.14
CA ASP SA 85 109.26 -88.88 9.73
C ASP SA 85 108.39 -88.71 10.97
N PRO SA 86 107.11 -89.02 10.92
CA PRO SA 86 106.25 -88.91 12.10
C PRO SA 86 106.23 -90.14 13.00
N ALA SA 87 107.06 -91.15 12.72
CA ALA SA 87 106.89 -92.44 13.36
C ALA SA 87 106.93 -92.30 14.88
N GLU SA 88 107.81 -91.46 15.40
CA GLU SA 88 107.98 -91.41 16.84
C GLU SA 88 106.94 -90.53 17.51
N VAL SA 89 106.59 -89.38 16.91
CA VAL SA 89 105.51 -88.57 17.48
C VAL SA 89 104.19 -89.34 17.46
N LEU SA 90 103.99 -90.17 16.44
CA LEU SA 90 102.83 -91.06 16.42
C LEU SA 90 102.87 -92.05 17.57
N LYS SA 91 104.01 -92.74 17.76
CA LYS SA 91 104.11 -93.71 18.85
C LYS SA 91 103.80 -93.05 20.21
N ALA SA 92 104.37 -91.86 20.45
CA ALA SA 92 104.17 -91.18 21.71
C ALA SA 92 102.71 -90.75 21.89
N ALA SA 93 102.15 -90.13 20.86
CA ALA SA 93 100.75 -89.74 20.91
C ALA SA 93 99.85 -90.93 21.18
N LYS SA 94 100.15 -92.06 20.55
CA LYS SA 94 99.33 -93.26 20.72
C LYS SA 94 99.45 -93.80 22.15
N ALA SA 95 100.64 -93.73 22.74
CA ALA SA 95 100.79 -94.17 24.14
C ALA SA 95 99.99 -93.28 25.10
N ALA SA 96 100.05 -91.96 24.89
CA ALA SA 96 99.26 -91.05 25.72
C ALA SA 96 97.77 -91.31 25.54
N LEU SA 97 97.33 -91.47 24.29
CA LEU SA 97 95.94 -91.82 24.03
C LEU SA 97 95.56 -93.10 24.73
N ALA SA 98 96.47 -94.08 24.73
CA ALA SA 98 96.19 -95.34 25.41
C ALA SA 98 95.93 -95.11 26.89
N LEU SA 99 96.67 -94.18 27.51
CA LEU SA 99 96.40 -93.85 28.91
C LEU SA 99 95.03 -93.19 29.07
N PHE SA 100 94.72 -92.22 28.23
CA PHE SA 100 93.51 -91.41 28.46
C PHE SA 100 92.23 -92.04 27.89
N GLU SA 101 92.33 -93.06 27.04
CA GLU SA 101 91.19 -93.51 26.24
C GLU SA 101 90.06 -94.03 27.10
N ALA SA 102 90.38 -94.87 28.09
CA ALA SA 102 89.35 -95.39 28.99
C ALA SA 102 88.59 -94.27 29.68
N ASN SA 103 89.29 -93.18 30.02
CA ASN SA 103 88.73 -92.10 30.81
C ASN SA 103 88.30 -90.89 29.97
N LEU SA 104 87.95 -91.11 28.69
CA LEU SA 104 87.56 -89.99 27.84
C LEU SA 104 86.20 -89.41 28.22
N ASN SA 105 85.38 -90.19 28.91
CA ASN SA 105 84.02 -89.79 29.27
C ASN SA 105 83.84 -89.63 30.78
N SER SA 106 84.94 -89.48 31.54
CA SER SA 106 84.85 -89.70 32.98
C SER SA 106 85.15 -88.49 33.86
N ALA SA 107 85.79 -87.44 33.34
CA ALA SA 107 86.07 -86.21 34.09
C ALA SA 107 87.07 -86.42 35.21
N PHE SA 108 87.78 -87.56 35.22
CA PHE SA 108 88.83 -87.85 36.18
C PHE SA 108 90.19 -87.68 35.52
N ASN SA 109 91.15 -87.18 36.29
CA ASN SA 109 92.52 -87.10 35.79
C ASN SA 109 93.47 -87.14 36.98
N LYS SA 110 94.47 -88.01 36.90
CA LYS SA 110 95.45 -88.20 37.96
C LYS SA 110 96.81 -87.77 37.45
N ASN SA 111 97.65 -87.26 38.36
CA ASN SA 111 99.01 -86.88 37.95
C ASN SA 111 99.77 -88.09 37.47
N VAL SA 112 100.34 -87.98 36.28
CA VAL SA 112 101.18 -89.02 35.71
C VAL SA 112 102.58 -88.45 35.58
N ASP SA 113 103.54 -89.10 36.26
CA ASP SA 113 104.90 -88.58 36.27
C ASP SA 113 105.69 -89.01 35.04
N GLU SA 114 105.25 -90.06 34.36
CA GLU SA 114 105.93 -90.44 33.12
C GLU SA 114 105.02 -91.34 32.29
N ILE SA 115 105.24 -91.29 30.97
CA ILE SA 115 104.52 -92.11 30.01
C ILE SA 115 105.54 -92.98 29.31
N SER SA 116 105.37 -94.30 29.39
CA SER SA 116 106.29 -95.23 28.76
C SER SA 116 105.86 -95.49 27.33
N VAL SA 117 106.79 -95.31 26.40
CA VAL SA 117 106.51 -95.49 24.97
C VAL SA 117 107.14 -96.80 24.51
N ALA SA 118 106.42 -97.53 23.65
CA ALA SA 118 106.82 -98.85 23.18
C ALA SA 118 108.19 -98.85 22.49
N ALA TA 1 45.68 -101.65 2.59
CA ALA TA 1 44.52 -101.89 1.72
C ALA TA 1 43.37 -100.91 2.02
N TYR TA 2 43.39 -99.74 1.36
CA TYR TA 2 42.38 -98.72 1.54
C TYR TA 2 42.10 -98.04 0.20
N LYS TA 3 41.19 -97.06 0.22
CA LYS TA 3 40.90 -96.31 -1.00
C LYS TA 3 40.65 -94.84 -0.67
N LEU TA 4 41.07 -93.98 -1.61
CA LEU TA 4 40.94 -92.55 -1.49
C LEU TA 4 39.69 -92.11 -2.24
N ILE TA 5 38.74 -91.58 -1.53
CA ILE TA 5 37.48 -91.11 -2.12
C ILE TA 5 37.61 -89.62 -2.41
N LYS TA 6 36.95 -89.17 -3.47
CA LYS TA 6 37.04 -87.77 -3.86
C LYS TA 6 36.40 -86.87 -2.82
N MET TA 7 37.09 -85.77 -2.50
CA MET TA 7 36.61 -84.78 -1.54
C MET TA 7 35.85 -83.67 -2.27
N ALA TA 8 35.01 -82.99 -1.50
CA ALA TA 8 34.39 -81.76 -1.98
C ALA TA 8 35.46 -80.69 -2.17
N GLY TA 9 35.57 -80.17 -3.38
CA GLY TA 9 36.57 -79.17 -3.68
C GLY TA 9 35.97 -78.06 -4.52
N GLY TA 10 36.66 -76.91 -4.50
CA GLY TA 10 36.17 -75.72 -5.18
C GLY TA 10 36.63 -75.60 -6.63
N ASN TA 11 37.84 -76.08 -6.93
CA ASN TA 11 38.40 -75.95 -8.26
C ASN TA 11 37.99 -77.13 -9.14
N SER TA 12 37.76 -76.86 -10.43
CA SER TA 12 37.37 -77.90 -11.36
C SER TA 12 38.57 -78.61 -11.98
N ALA TA 13 39.71 -77.94 -12.08
CA ALA TA 13 40.92 -78.54 -12.64
C ALA TA 13 41.59 -79.49 -11.65
N ILE TA 14 41.44 -79.23 -10.36
CA ILE TA 14 42.08 -79.99 -9.30
C ILE TA 14 41.09 -80.99 -8.74
N GLN TA 15 41.46 -82.26 -8.71
CA GLN TA 15 40.71 -83.30 -8.02
C GLN TA 15 41.39 -83.60 -6.70
N THR TA 16 40.65 -83.48 -5.60
CA THR TA 16 41.17 -83.74 -4.28
C THR TA 16 40.51 -84.98 -3.71
N TYR TA 17 41.31 -85.85 -3.12
CA TYR TA 17 40.87 -87.10 -2.53
C TYR TA 17 41.38 -87.17 -1.09
N ALA TA 18 40.61 -87.86 -0.26
CA ALA TA 18 41.02 -88.18 1.10
C ALA TA 18 40.89 -89.68 1.32
N ARG TA 19 41.76 -90.19 2.18
CA ARG TA 19 41.72 -91.60 2.54
C ARG TA 19 40.49 -91.90 3.38
N GLU TA 20 39.86 -93.05 3.10
CA GLU TA 20 38.64 -93.40 3.81
C GLU TA 20 38.92 -93.61 5.30
N ASP TA 21 39.96 -94.39 5.63
CA ASP TA 21 40.30 -94.66 7.03
C ASP TA 21 40.69 -93.38 7.75
N LYS TA 22 41.75 -92.72 7.28
CA LYS TA 22 42.20 -91.46 7.83
C LYS TA 22 41.89 -90.36 6.84
N THR TA 23 40.90 -89.53 7.16
CA THR TA 23 40.60 -88.39 6.31
C THR TA 23 41.63 -87.27 6.46
N THR TA 24 42.72 -87.53 7.21
CA THR TA 24 43.82 -86.57 7.33
C THR TA 24 44.88 -86.77 6.26
N GLN TA 25 44.96 -87.97 5.71
CA GLN TA 25 45.83 -88.25 4.58
C GLN TA 25 45.10 -87.91 3.29
N THR TA 26 45.69 -87.05 2.48
CA THR TA 26 45.03 -86.57 1.28
C THR TA 26 45.95 -86.66 0.07
N LEU TA 27 45.34 -86.48 -1.11
CA LEU TA 27 46.01 -86.59 -2.40
C LEU TA 27 45.31 -85.65 -3.37
N SER TA 28 46.06 -85.09 -4.31
CA SER TA 28 45.52 -84.10 -5.22
C SER TA 28 46.15 -84.23 -6.59
N THR TA 29 45.33 -84.26 -7.64
CA THR TA 29 45.81 -84.37 -9.01
C THR TA 29 45.27 -83.21 -9.83
N GLN TA 30 46.15 -82.56 -10.57
CA GLN TA 30 45.79 -81.42 -11.39
C GLN TA 30 46.43 -81.54 -12.77
N LYS TA 31 45.67 -81.17 -13.80
CA LYS TA 31 46.19 -81.11 -15.15
C LYS TA 31 46.00 -79.71 -15.72
N THR TA 32 47.08 -79.16 -16.28
CA THR TA 32 47.13 -77.84 -16.88
C THR TA 32 47.54 -78.00 -18.34
N ILE TA 33 46.86 -77.28 -19.23
CA ILE TA 33 47.27 -77.22 -20.63
C ILE TA 33 47.78 -75.82 -20.91
N SER TA 34 48.92 -75.74 -21.59
CA SER TA 34 49.53 -74.48 -22.00
C SER TA 34 49.75 -74.52 -23.50
N VAL TA 35 49.92 -73.34 -24.09
CA VAL TA 35 50.14 -73.22 -25.53
C VAL TA 35 51.49 -72.55 -25.75
N LEU TA 36 52.31 -73.16 -26.61
CA LEU TA 36 53.60 -72.59 -26.97
C LEU TA 36 53.66 -72.54 -28.49
N ARG TA 37 53.77 -71.34 -29.05
CA ARG TA 37 53.76 -71.18 -30.50
C ARG TA 37 55.08 -70.62 -30.98
N ASN TA 38 55.60 -71.23 -32.04
CA ASN TA 38 56.72 -70.72 -32.82
C ASN TA 38 56.19 -70.28 -34.17
N GLY TA 39 56.28 -68.98 -34.45
CA GLY TA 39 55.72 -68.44 -35.68
C GLY TA 39 54.24 -68.72 -35.75
N SER TA 40 53.84 -69.44 -36.80
CA SER TA 40 52.45 -69.83 -36.98
C SER TA 40 52.11 -71.12 -36.25
N THR TA 41 53.08 -72.02 -36.08
CA THR TA 41 52.80 -73.31 -35.47
C THR TA 41 52.62 -73.14 -33.96
N SER TA 42 51.72 -73.94 -33.39
CA SER TA 42 51.46 -73.90 -31.96
C SER TA 42 51.27 -75.32 -31.44
N THR TA 43 51.82 -75.58 -30.25
CA THR TA 43 51.78 -76.91 -29.67
C THR TA 43 51.38 -76.85 -28.21
N ARG TA 44 50.70 -77.90 -27.76
CA ARG TA 44 50.18 -77.98 -26.40
C ARG TA 44 51.23 -78.54 -25.46
N ILE TA 45 51.30 -77.96 -24.26
CA ILE TA 45 52.19 -78.41 -23.21
C ILE TA 45 51.31 -78.89 -22.07
N ILE TA 46 51.34 -80.20 -21.83
CA ILE TA 46 50.51 -80.83 -20.80
C ILE TA 46 51.34 -80.99 -19.53
N LYS TA 47 50.83 -80.46 -18.43
CA LYS TA 47 51.48 -80.47 -17.14
C LYS TA 47 50.57 -81.16 -16.13
N VAL TA 48 51.12 -82.16 -15.44
CA VAL TA 48 50.40 -82.93 -14.44
C VAL TA 48 51.08 -82.71 -13.09
N HIS TA 49 50.28 -82.65 -12.02
CA HIS TA 49 50.80 -82.46 -10.68
C HIS TA 49 50.02 -83.34 -9.72
N ILE TA 50 50.71 -84.26 -9.06
CA ILE TA 50 50.14 -85.17 -8.07
C ILE TA 50 50.85 -84.93 -6.75
N ASN TA 51 50.07 -84.67 -5.69
CA ASN TA 51 50.65 -84.37 -4.38
C ASN TA 51 49.95 -85.23 -3.34
N SER TA 52 50.71 -86.02 -2.59
CA SER TA 52 50.19 -86.87 -1.53
C SER TA 52 50.78 -86.39 -0.22
N THR TA 53 49.93 -85.98 0.73
CA THR TA 53 50.46 -85.55 2.03
C THR TA 53 49.63 -86.12 3.17
N ALA TA 54 50.26 -86.08 4.34
CA ALA TA 54 49.61 -86.38 5.61
C ALA TA 54 50.29 -85.55 6.68
N PRO TA 55 49.58 -85.18 7.73
CA PRO TA 55 50.25 -84.49 8.84
C PRO TA 55 51.02 -85.50 9.67
N VAL TA 56 52.13 -85.04 10.25
CA VAL TA 56 52.91 -85.86 11.16
C VAL TA 56 53.30 -85.01 12.36
N THR TA 57 53.17 -85.59 13.56
CA THR TA 57 53.43 -84.90 14.81
C THR TA 57 54.93 -84.66 14.97
N ILE TA 58 55.30 -83.42 15.33
CA ILE TA 58 56.72 -83.05 15.36
C ILE TA 58 57.51 -83.92 16.32
N ASN TA 59 57.01 -84.05 17.54
CA ASN TA 59 57.82 -84.45 18.68
C ASN TA 59 57.76 -85.95 18.89
N THR TA 60 58.84 -86.64 18.54
CA THR TA 60 58.87 -88.10 18.68
C THR TA 60 58.93 -88.52 20.15
N CYS TA 61 59.78 -87.87 20.94
CA CYS TA 61 59.99 -88.21 22.34
C CYS TA 61 58.99 -87.57 23.30
N ASP TA 62 57.98 -86.86 22.77
CA ASP TA 62 56.94 -86.25 23.60
C ASP TA 62 55.87 -87.28 23.96
N PRO TA 63 54.98 -86.95 24.92
CA PRO TA 63 53.90 -87.89 25.27
C PRO TA 63 52.73 -87.85 24.27
N THR TA 64 52.99 -87.30 23.07
CA THR TA 64 51.99 -87.16 22.01
C THR TA 64 50.80 -86.31 22.46
N LYS TA 65 51.11 -85.22 23.18
CA LYS TA 65 50.08 -84.31 23.69
C LYS TA 65 49.68 -83.28 22.63
N CYS TA 66 49.22 -83.78 21.49
CA CYS TA 66 48.79 -82.95 20.35
C CYS TA 66 49.84 -81.89 20.03
N GLY TA 67 51.08 -82.33 19.86
CA GLY TA 67 52.14 -81.45 19.43
C GLY TA 67 51.83 -80.92 18.05
N PRO TA 68 52.23 -79.67 17.77
CA PRO TA 68 51.95 -79.10 16.46
C PRO TA 68 52.50 -79.98 15.35
N THR TA 69 51.72 -80.12 14.29
CA THR TA 69 52.01 -81.06 13.22
C THR TA 69 52.61 -80.35 12.02
N VAL TA 70 53.45 -81.08 11.30
CA VAL TA 70 54.04 -80.58 10.06
C VAL TA 70 53.57 -81.49 8.93
N PRO TA 71 53.28 -80.93 7.75
CA PRO TA 71 52.91 -81.78 6.61
C PRO TA 71 54.11 -82.56 6.08
N MET TA 72 53.91 -83.85 5.90
CA MET TA 72 54.86 -84.74 5.23
C MET TA 72 54.28 -85.07 3.87
N GLY TA 73 55.09 -84.91 2.83
CA GLY TA 73 54.57 -84.87 1.47
C GLY TA 73 55.46 -85.55 0.47
N VAL TA 74 54.83 -86.08 -0.58
CA VAL TA 74 55.51 -86.68 -1.71
C VAL TA 74 54.81 -86.19 -2.97
N SER TA 75 55.55 -85.56 -3.86
CA SER TA 75 54.98 -84.86 -5.00
C SER TA 75 55.58 -85.36 -6.31
N PHE TA 76 54.79 -85.27 -7.37
CA PHE TA 76 55.17 -85.69 -8.70
C PHE TA 76 54.70 -84.62 -9.68
N LYS TA 77 55.56 -84.24 -10.61
CA LYS TA 77 55.21 -83.23 -11.61
C LYS TA 77 55.70 -83.68 -12.98
N SER TA 78 54.91 -83.35 -14.00
CA SER TA 78 55.15 -83.79 -15.37
C SER TA 78 54.88 -82.62 -16.30
N SER TA 79 55.81 -82.32 -17.21
CA SER TA 79 55.59 -81.28 -18.20
C SER TA 79 56.14 -81.73 -19.54
N MET TA 80 55.28 -81.83 -20.55
CA MET TA 80 55.77 -82.36 -21.82
C MET TA 80 54.91 -81.86 -22.96
N PRO TA 81 55.46 -81.76 -24.17
CA PRO TA 81 54.62 -81.48 -25.33
C PRO TA 81 53.63 -82.61 -25.54
N GLU TA 82 52.43 -82.25 -26.02
CA GLU TA 82 51.38 -83.23 -26.27
C GLU TA 82 51.90 -84.34 -27.18
N ASP TA 83 51.52 -85.58 -26.86
CA ASP TA 83 51.87 -86.78 -27.61
C ASP TA 83 53.36 -87.12 -27.57
N ALA TA 84 54.13 -86.53 -26.64
CA ALA TA 84 55.50 -86.94 -26.48
C ALA TA 84 55.56 -88.25 -25.69
N ASP TA 85 56.74 -88.86 -25.61
CA ASP TA 85 56.84 -90.15 -24.94
C ASP TA 85 57.63 -90.05 -23.63
N PRO TA 86 56.96 -89.97 -22.48
CA PRO TA 86 57.69 -89.90 -21.21
C PRO TA 86 58.27 -91.23 -20.76
N ALA TA 87 58.11 -92.29 -21.55
CA ALA TA 87 58.44 -93.63 -21.07
C ALA TA 87 59.85 -93.69 -20.49
N GLU TA 88 60.82 -93.10 -21.20
CA GLU TA 88 62.21 -93.23 -20.78
C GLU TA 88 62.55 -92.32 -19.60
N VAL TA 89 62.06 -91.07 -19.60
CA VAL TA 89 62.32 -90.20 -18.45
C VAL TA 89 61.63 -90.74 -17.21
N LEU TA 90 60.49 -91.41 -17.38
CA LEU TA 90 59.83 -92.06 -16.25
C LEU TA 90 60.64 -93.23 -15.72
N LYS TA 91 61.12 -94.11 -16.62
CA LYS TA 91 61.97 -95.21 -16.18
C LYS TA 91 63.16 -94.70 -15.38
N ALA TA 92 63.84 -93.67 -15.92
CA ALA TA 92 65.01 -93.10 -15.24
C ALA TA 92 64.62 -92.52 -13.88
N ALA TA 93 63.55 -91.72 -13.86
CA ALA TA 93 63.13 -91.09 -12.60
C ALA TA 93 62.80 -92.15 -11.55
N LYS TA 94 62.11 -93.22 -11.94
CA LYS TA 94 61.76 -94.27 -11.00
C LYS TA 94 63.00 -94.99 -10.49
N ALA TA 95 63.96 -95.25 -11.38
CA ALA TA 95 65.22 -95.88 -10.97
C ALA TA 95 65.95 -95.01 -9.96
N ALA TA 96 65.99 -93.70 -10.20
CA ALA TA 96 66.63 -92.80 -9.25
C ALA TA 96 65.90 -92.81 -7.92
N LEU TA 97 64.56 -92.73 -7.96
CA LEU TA 97 63.78 -92.70 -6.74
C LEU TA 97 64.05 -93.93 -5.89
N ALA TA 98 64.13 -95.10 -6.52
CA ALA TA 98 64.38 -96.33 -5.78
C ALA TA 98 65.61 -96.23 -4.89
N LEU TA 99 66.62 -95.43 -5.29
CA LEU TA 99 67.80 -95.26 -4.45
C LEU TA 99 67.51 -94.39 -3.24
N PHE TA 100 66.56 -93.47 -3.36
CA PHE TA 100 66.30 -92.51 -2.28
C PHE TA 100 65.20 -92.94 -1.33
N GLU TA 101 64.22 -93.72 -1.78
CA GLU TA 101 63.00 -93.83 -0.98
C GLU TA 101 63.23 -94.59 0.31
N ALA TA 102 64.27 -95.41 0.40
CA ALA TA 102 64.64 -95.96 1.69
C ALA TA 102 65.10 -94.86 2.64
N ASN TA 103 65.91 -93.92 2.13
CA ASN TA 103 66.54 -92.88 2.91
C ASN TA 103 65.88 -91.52 2.69
N LEU TA 104 64.54 -91.53 2.56
CA LEU TA 104 63.78 -90.31 2.28
C LEU TA 104 63.63 -89.43 3.52
N ASN TA 105 64.01 -89.94 4.69
CA ASN TA 105 63.89 -89.20 5.94
C ASN TA 105 65.20 -89.12 6.71
N SER TA 106 66.31 -89.60 6.15
CA SER TA 106 67.48 -89.87 6.97
C SER TA 106 68.65 -88.94 6.71
N ALA TA 107 68.45 -87.85 5.96
CA ALA TA 107 69.45 -86.80 5.82
C ALA TA 107 70.78 -87.30 5.24
N PHE TA 108 70.82 -88.51 4.70
CA PHE TA 108 72.04 -89.12 4.22
C PHE TA 108 71.94 -89.31 2.71
N ASN TA 109 72.75 -88.57 1.97
CA ASN TA 109 72.75 -88.63 0.51
C ASN TA 109 74.00 -89.39 0.08
N LYS TA 110 73.84 -90.66 -0.31
CA LYS TA 110 74.99 -91.44 -0.73
C LYS TA 110 75.58 -90.89 -2.03
N ASN TA 111 76.91 -90.90 -2.12
CA ASN TA 111 77.58 -90.55 -3.37
C ASN TA 111 77.40 -91.71 -4.33
N VAL TA 112 76.52 -91.50 -5.33
CA VAL TA 112 76.29 -92.44 -6.41
C VAL TA 112 76.89 -91.85 -7.67
N ASP TA 113 77.80 -92.58 -8.29
CA ASP TA 113 78.47 -92.16 -9.51
C ASP TA 113 77.80 -92.68 -10.78
N GLU TA 114 76.93 -93.69 -10.67
CA GLU TA 114 76.15 -94.13 -11.82
C GLU TA 114 74.90 -94.85 -11.33
N ILE TA 115 73.80 -94.62 -12.06
CA ILE TA 115 72.50 -95.21 -11.76
C ILE TA 115 72.13 -96.11 -12.92
N SER TA 116 71.89 -97.39 -12.63
CA SER TA 116 71.53 -98.35 -13.66
C SER TA 116 70.01 -98.35 -13.86
N VAL TA 117 69.58 -98.20 -15.10
CA VAL TA 117 68.16 -98.19 -15.46
C VAL TA 117 67.81 -99.52 -16.11
N ALA TA 118 66.72 -100.12 -15.65
CA ALA TA 118 66.34 -101.46 -16.12
C ALA TA 118 65.95 -101.47 -17.59
N ALA UA 1 32.54 -90.91 -37.27
CA ALA UA 1 33.47 -92.00 -37.01
C ALA UA 1 34.50 -91.61 -35.94
N TYR UA 2 34.30 -90.44 -35.30
CA TYR UA 2 35.13 -90.00 -34.19
C TYR UA 2 34.25 -89.29 -33.17
N LYS UA 3 34.87 -88.90 -32.04
CA LYS UA 3 34.14 -88.16 -31.02
C LYS UA 3 34.97 -87.01 -30.50
N LEU UA 4 34.28 -85.91 -30.18
CA LEU UA 4 34.89 -84.71 -29.63
C LEU UA 4 34.81 -84.80 -28.11
N ILE UA 5 35.94 -84.95 -27.46
CA ILE UA 5 35.99 -85.09 -26.02
C ILE UA 5 36.21 -83.72 -25.40
N LYS UA 6 35.51 -83.46 -24.29
CA LYS UA 6 35.64 -82.18 -23.60
C LYS UA 6 37.06 -82.02 -23.07
N MET UA 7 37.69 -80.91 -23.42
CA MET UA 7 39.08 -80.75 -23.06
C MET UA 7 39.21 -80.36 -21.60
N ALA UA 8 40.39 -80.66 -21.05
CA ALA UA 8 40.72 -80.35 -19.66
C ALA UA 8 40.90 -78.84 -19.53
N GLY UA 9 39.76 -78.14 -19.59
CA GLY UA 9 39.76 -76.70 -19.44
C GLY UA 9 38.71 -76.28 -18.42
N GLY UA 10 38.90 -75.09 -17.88
CA GLY UA 10 37.96 -74.59 -16.89
C GLY UA 10 36.62 -74.23 -17.51
N ASN UA 11 35.57 -74.97 -17.14
CA ASN UA 11 34.24 -74.68 -17.66
C ASN UA 11 33.82 -73.27 -17.25
N SER UA 12 33.48 -72.45 -18.23
CA SER UA 12 33.09 -71.06 -18.01
C SER UA 12 31.63 -70.82 -18.44
N ALA UA 13 30.78 -71.85 -18.29
CA ALA UA 13 29.52 -71.99 -19.04
C ALA UA 13 29.77 -71.94 -20.55
N ILE UA 14 31.04 -72.19 -20.92
CA ILE UA 14 31.49 -72.38 -22.30
C ILE UA 14 32.21 -73.71 -22.34
N GLN UA 15 31.74 -74.64 -23.17
CA GLN UA 15 32.30 -75.99 -23.22
C GLN UA 15 33.13 -76.15 -24.48
N THR UA 16 34.41 -76.47 -24.30
CA THR UA 16 35.34 -76.62 -25.40
C THR UA 16 35.80 -78.07 -25.49
N TYR UA 17 35.69 -78.63 -26.69
CA TYR UA 17 36.02 -80.01 -26.98
C TYR UA 17 37.11 -80.04 -28.04
N ALA UA 18 37.91 -81.10 -28.00
CA ALA UA 18 38.87 -81.40 -29.06
C ALA UA 18 38.59 -82.80 -29.60
N ARG UA 19 38.88 -82.98 -30.88
CA ARG UA 19 38.67 -84.27 -31.52
C ARG UA 19 39.68 -85.29 -31.00
N GLU UA 20 39.20 -86.52 -30.77
CA GLU UA 20 40.00 -87.49 -30.03
C GLU UA 20 41.28 -87.84 -30.77
N ASP UA 21 41.18 -88.13 -32.07
CA ASP UA 21 42.36 -88.54 -32.83
C ASP UA 21 43.16 -87.36 -33.36
N LYS UA 22 42.49 -86.36 -33.93
CA LYS UA 22 43.14 -85.12 -34.35
C LYS UA 22 42.80 -84.04 -33.32
N THR UA 23 43.64 -83.87 -32.31
CA THR UA 23 43.36 -82.89 -31.28
C THR UA 23 43.58 -81.46 -31.75
N THR UA 24 43.98 -81.26 -33.02
CA THR UA 24 44.07 -79.91 -33.58
C THR UA 24 42.70 -79.36 -33.94
N GLN UA 25 41.75 -80.25 -34.23
CA GLN UA 25 40.39 -79.85 -34.55
C GLN UA 25 39.61 -79.68 -33.26
N THR UA 26 39.04 -78.50 -33.07
CA THR UA 26 38.34 -78.16 -31.84
C THR UA 26 36.94 -77.64 -32.15
N LEU UA 27 36.14 -77.52 -31.09
CA LEU UA 27 34.74 -77.09 -31.18
C LEU UA 27 34.30 -76.54 -29.83
N SER UA 28 33.58 -75.42 -29.85
CA SER UA 28 33.17 -74.73 -28.62
C SER UA 28 31.68 -74.41 -28.68
N THR UA 29 30.97 -74.66 -27.57
CA THR UA 29 29.56 -74.35 -27.48
C THR UA 29 29.29 -73.54 -26.21
N GLN UA 30 28.65 -72.39 -26.38
CA GLN UA 30 28.23 -71.58 -25.24
C GLN UA 30 26.80 -71.12 -25.42
N LYS UA 31 26.08 -71.02 -24.30
CA LYS UA 31 24.74 -70.42 -24.27
C LYS UA 31 24.75 -69.32 -23.22
N THR UA 32 24.19 -68.16 -23.59
CA THR UA 32 24.09 -67.02 -22.72
C THR UA 32 22.66 -66.51 -22.72
N ILE UA 33 22.30 -65.78 -21.66
CA ILE UA 33 20.96 -65.25 -21.50
C ILE UA 33 21.04 -63.75 -21.27
N SER UA 34 20.29 -62.99 -22.08
CA SER UA 34 20.19 -61.55 -21.97
C SER UA 34 18.77 -61.19 -21.54
N VAL UA 35 18.60 -59.96 -21.06
CA VAL UA 35 17.28 -59.45 -20.70
C VAL UA 35 17.03 -58.17 -21.50
N LEU UA 36 15.98 -58.19 -22.33
CA LEU UA 36 15.60 -57.06 -23.15
C LEU UA 36 14.34 -56.45 -22.57
N ARG UA 37 14.43 -55.18 -22.15
CA ARG UA 37 13.33 -54.48 -21.51
C ARG UA 37 12.84 -53.36 -22.43
N ASN UA 38 11.58 -53.43 -22.83
CA ASN UA 38 10.92 -52.36 -23.57
C ASN UA 38 9.77 -51.85 -22.72
N GLY UA 39 9.95 -50.69 -22.08
CA GLY UA 39 8.93 -50.18 -21.19
C GLY UA 39 8.75 -51.07 -19.98
N SER UA 40 7.49 -51.43 -19.70
CA SER UA 40 7.18 -52.30 -18.56
C SER UA 40 7.67 -53.72 -18.79
N THR UA 41 7.58 -54.20 -20.03
CA THR UA 41 7.86 -55.60 -20.33
C THR UA 41 9.35 -55.87 -20.40
N SER UA 42 9.77 -57.00 -19.83
CA SER UA 42 11.12 -57.53 -19.97
C SER UA 42 11.04 -58.99 -20.41
N THR UA 43 11.89 -59.37 -21.37
CA THR UA 43 11.90 -60.73 -21.88
C THR UA 43 13.33 -61.24 -21.96
N ARG UA 44 13.47 -62.56 -21.82
CA ARG UA 44 14.78 -63.21 -21.85
C ARG UA 44 15.13 -63.64 -23.27
N ILE UA 45 16.38 -63.37 -23.64
CA ILE UA 45 16.89 -63.68 -24.97
C ILE UA 45 17.98 -64.76 -24.84
N ILE UA 46 17.74 -65.90 -25.48
CA ILE UA 46 18.68 -67.01 -25.48
C ILE UA 46 19.60 -66.88 -26.69
N LYS UA 47 20.91 -66.96 -26.43
CA LYS UA 47 21.92 -66.82 -27.48
C LYS UA 47 22.88 -68.00 -27.42
N VAL UA 48 22.89 -68.80 -28.48
CA VAL UA 48 23.75 -69.96 -28.64
C VAL UA 48 24.86 -69.61 -29.63
N HIS UA 49 26.08 -70.06 -29.33
CA HIS UA 49 27.20 -69.88 -30.23
C HIS UA 49 28.03 -71.16 -30.27
N ILE UA 50 28.11 -71.77 -31.46
CA ILE UA 50 28.88 -72.98 -31.72
C ILE UA 50 29.98 -72.62 -32.72
N ASN UA 51 31.19 -73.10 -32.46
CA ASN UA 51 32.32 -72.84 -33.34
C ASN UA 51 33.09 -74.12 -33.56
N SER UA 52 33.49 -74.39 -34.81
CA SER UA 52 34.19 -75.62 -35.14
C SER UA 52 35.36 -75.25 -36.04
N THR UA 53 36.59 -75.33 -35.52
CA THR UA 53 37.75 -74.92 -36.32
C THR UA 53 38.82 -76.01 -36.33
N ALA UA 54 39.67 -75.89 -37.35
CA ALA UA 54 40.88 -76.69 -37.48
C ALA UA 54 41.93 -75.81 -38.12
N PRO UA 55 43.21 -76.07 -37.86
CA PRO UA 55 44.25 -75.36 -38.59
C PRO UA 55 44.41 -75.95 -39.99
N VAL UA 56 44.77 -75.09 -40.94
CA VAL UA 56 45.04 -75.50 -42.31
C VAL UA 56 46.42 -74.99 -42.68
N THR UA 57 47.30 -75.92 -43.06
CA THR UA 57 48.59 -75.54 -43.63
C THR UA 57 48.37 -74.78 -44.92
N ILE UA 58 48.95 -73.57 -45.00
CA ILE UA 58 48.83 -72.78 -46.23
C ILE UA 58 49.38 -73.59 -47.39
N ASN UA 59 48.65 -73.59 -48.50
CA ASN UA 59 49.16 -74.18 -49.73
C ASN UA 59 50.53 -73.61 -50.03
N THR UA 60 51.55 -74.46 -50.01
CA THR UA 60 52.93 -73.99 -50.09
C THR UA 60 53.67 -74.71 -51.21
N CYS UA 61 54.91 -74.28 -51.41
CA CYS UA 61 55.74 -74.74 -52.51
C CYS UA 61 56.30 -76.14 -52.26
N ASP UA 62 56.62 -76.47 -51.00
CA ASP UA 62 57.29 -77.71 -50.69
C ASP UA 62 56.42 -78.93 -51.00
N PRO UA 63 57.03 -80.04 -51.41
CA PRO UA 63 56.26 -81.29 -51.50
C PRO UA 63 55.77 -81.74 -50.14
N THR UA 64 56.61 -81.64 -49.11
CA THR UA 64 56.13 -81.83 -47.75
C THR UA 64 55.10 -80.78 -47.41
N LYS UA 65 54.08 -81.17 -46.65
CA LYS UA 65 53.00 -80.25 -46.28
C LYS UA 65 53.48 -79.40 -45.12
N CYS UA 66 54.30 -78.39 -45.46
CA CYS UA 66 54.87 -77.48 -44.47
C CYS UA 66 54.69 -76.04 -44.91
N GLY UA 67 54.04 -75.25 -44.06
CA GLY UA 67 53.87 -73.82 -44.26
C GLY UA 67 53.18 -73.20 -43.07
N PRO UA 68 53.02 -71.87 -43.07
CA PRO UA 68 52.23 -71.24 -42.01
C PRO UA 68 50.82 -71.80 -41.99
N THR UA 69 50.24 -71.88 -40.79
CA THR UA 69 48.89 -72.40 -40.61
C THR UA 69 47.91 -71.25 -40.38
N VAL UA 70 46.82 -71.26 -41.14
CA VAL UA 70 45.73 -70.30 -40.98
C VAL UA 70 44.55 -71.10 -40.44
N PRO UA 71 43.79 -70.56 -39.49
CA PRO UA 71 42.62 -71.30 -38.99
C PRO UA 71 41.48 -71.26 -40.00
N MET UA 72 40.86 -72.42 -40.22
CA MET UA 72 39.60 -72.50 -40.95
C MET UA 72 38.51 -72.89 -39.95
N GLY UA 73 37.32 -72.34 -40.15
CA GLY UA 73 36.31 -72.41 -39.12
C GLY UA 73 34.92 -72.25 -39.67
N VAL UA 74 33.99 -72.98 -39.07
CA VAL UA 74 32.58 -72.86 -39.37
C VAL UA 74 31.88 -72.52 -38.06
N SER UA 75 31.06 -71.48 -38.09
CA SER UA 75 30.47 -70.94 -36.87
C SER UA 75 28.96 -70.78 -37.05
N PHE UA 76 28.21 -71.16 -36.02
CA PHE UA 76 26.75 -71.05 -36.01
C PHE UA 76 26.35 -70.24 -34.79
N LYS UA 77 25.55 -69.20 -35.01
CA LYS UA 77 25.08 -68.34 -33.92
C LYS UA 77 23.56 -68.23 -34.00
N SER UA 78 22.92 -68.11 -32.83
CA SER UA 78 21.46 -68.16 -32.74
C SER UA 78 20.99 -67.26 -31.60
N SER UA 79 20.14 -66.29 -31.90
CA SER UA 79 19.64 -65.39 -30.87
C SER UA 79 18.13 -65.21 -31.03
N MET UA 80 17.38 -65.53 -29.97
CA MET UA 80 15.93 -65.39 -30.07
C MET UA 80 15.35 -65.21 -28.67
N PRO UA 81 14.22 -64.56 -28.52
CA PRO UA 81 13.61 -64.44 -27.20
C PRO UA 81 13.05 -65.78 -26.76
N GLU UA 82 13.05 -66.00 -25.44
CA GLU UA 82 12.70 -67.29 -24.87
C GLU UA 82 11.35 -67.78 -25.36
N ASP UA 83 11.26 -69.09 -25.60
CA ASP UA 83 10.06 -69.82 -26.03
C ASP UA 83 9.57 -69.44 -27.43
N ALA UA 84 10.37 -68.73 -28.21
CA ALA UA 84 10.02 -68.47 -29.60
C ALA UA 84 10.20 -69.75 -30.42
N ASP UA 85 9.70 -69.75 -31.67
CA ASP UA 85 9.83 -70.92 -32.52
C ASP UA 85 10.73 -70.64 -33.71
N PRO UA 86 11.99 -71.03 -33.68
CA PRO UA 86 12.89 -70.76 -34.81
C PRO UA 86 12.82 -71.78 -35.93
N ALA UA 87 11.78 -72.62 -35.96
CA ALA UA 87 11.72 -73.74 -36.89
C ALA UA 87 11.92 -73.29 -38.32
N GLU UA 88 11.20 -72.25 -38.73
CA GLU UA 88 11.26 -71.84 -40.13
C GLU UA 88 12.55 -71.09 -40.42
N VAL UA 89 13.03 -70.32 -39.46
CA VAL UA 89 14.31 -69.63 -39.61
C VAL UA 89 15.44 -70.64 -39.82
N LEU UA 90 15.47 -71.67 -38.97
CA LEU UA 90 16.43 -72.77 -39.14
C LEU UA 90 16.29 -73.43 -40.49
N LYS UA 91 15.06 -73.71 -40.92
CA LYS UA 91 14.85 -74.40 -42.18
C LYS UA 91 15.44 -73.60 -43.34
N ALA UA 92 15.16 -72.29 -43.38
CA ALA UA 92 15.69 -71.44 -44.45
C ALA UA 92 17.21 -71.33 -44.38
N ALA UA 93 17.75 -71.14 -43.17
CA ALA UA 93 19.19 -71.09 -43.01
C ALA UA 93 19.85 -72.36 -43.55
N LYS UA 94 19.26 -73.52 -43.23
CA LYS UA 94 19.83 -74.78 -43.67
C LYS UA 94 19.76 -74.92 -45.18
N ALA UA 95 18.67 -74.46 -45.80
CA ALA UA 95 18.58 -74.50 -47.27
C ALA UA 95 19.67 -73.64 -47.91
N ALA UA 96 19.86 -72.42 -47.39
CA ALA UA 96 20.91 -71.55 -47.90
C ALA UA 96 22.28 -72.18 -47.75
N LEU UA 97 22.56 -72.73 -46.57
CA LEU UA 97 23.84 -73.39 -46.34
C LEU UA 97 24.03 -74.55 -47.31
N ALA UA 98 22.95 -75.29 -47.59
CA ALA UA 98 23.05 -76.37 -48.57
C ALA UA 98 23.46 -75.83 -49.93
N LEU UA 99 22.95 -74.66 -50.31
CA LEU UA 99 23.36 -74.07 -51.57
C LEU UA 99 24.83 -73.66 -51.58
N PHE UA 100 25.31 -73.07 -50.49
CA PHE UA 100 26.64 -72.47 -50.47
C PHE UA 100 27.75 -73.38 -49.94
N GLU UA 101 27.41 -74.61 -49.50
CA GLU UA 101 28.36 -75.44 -48.78
C GLU UA 101 29.52 -75.87 -49.66
N ALA UA 102 29.25 -76.25 -50.91
CA ALA UA 102 30.33 -76.61 -51.82
C ALA UA 102 31.19 -75.40 -52.16
N ASN UA 103 30.62 -74.19 -52.10
CA ASN UA 103 31.31 -72.96 -52.46
C ASN UA 103 31.87 -72.22 -51.27
N LEU UA 104 31.90 -72.85 -50.09
CA LEU UA 104 32.50 -72.20 -48.92
C LEU UA 104 33.97 -71.82 -49.14
N ASN UA 105 34.65 -72.48 -50.09
CA ASN UA 105 36.07 -72.23 -50.35
C ASN UA 105 36.33 -71.80 -51.79
N SER UA 106 35.33 -71.24 -52.48
CA SER UA 106 35.39 -71.18 -53.93
C SER UA 106 36.00 -69.90 -54.49
N ALA UA 107 35.90 -68.78 -53.75
CA ALA UA 107 36.31 -67.45 -54.23
C ALA UA 107 35.46 -66.96 -55.40
N PHE UA 108 34.42 -67.69 -55.76
CA PHE UA 108 33.43 -67.27 -56.74
C PHE UA 108 32.06 -67.30 -56.09
N ASN UA 109 31.27 -66.26 -56.32
CA ASN UA 109 29.94 -66.19 -55.74
C ASN UA 109 28.90 -66.61 -56.77
N LYS UA 110 28.11 -67.62 -56.43
CA LYS UA 110 27.03 -68.06 -57.31
C LYS UA 110 25.84 -67.14 -57.14
N ASN UA 111 25.40 -66.51 -58.23
CA ASN UA 111 24.27 -65.59 -58.17
C ASN UA 111 22.99 -66.37 -58.39
N VAL UA 112 22.31 -66.71 -57.29
CA VAL UA 112 21.03 -67.41 -57.34
C VAL UA 112 19.92 -66.43 -57.00
N ASP UA 113 18.80 -66.53 -57.71
CA ASP UA 113 17.68 -65.61 -57.59
C ASP UA 113 16.57 -66.13 -56.68
N GLU UA 114 16.56 -67.41 -56.35
CA GLU UA 114 15.59 -67.91 -55.37
C GLU UA 114 16.14 -69.16 -54.69
N ILE UA 115 15.64 -69.39 -53.47
CA ILE UA 115 16.12 -70.45 -52.58
C ILE UA 115 14.89 -71.22 -52.11
N SER UA 116 14.77 -72.47 -52.56
CA SER UA 116 13.59 -73.28 -52.22
C SER UA 116 13.77 -73.98 -50.88
N VAL UA 117 12.70 -73.99 -50.09
CA VAL UA 117 12.72 -74.43 -48.69
C VAL UA 117 11.62 -75.46 -48.46
N ALA UA 118 11.88 -76.38 -47.54
CA ALA UA 118 10.91 -77.40 -47.08
C ALA UA 118 10.31 -78.20 -48.23
N ALA VA 1 7.21 -89.59 -12.88
CA ALA VA 1 8.63 -89.92 -12.81
C ALA VA 1 9.42 -89.15 -13.86
N TYR VA 2 10.51 -88.52 -13.43
CA TYR VA 2 11.34 -87.72 -14.33
C TYR VA 2 12.79 -87.76 -13.85
N LYS VA 3 13.68 -87.21 -14.68
CA LYS VA 3 15.11 -87.16 -14.39
C LYS VA 3 15.59 -85.71 -14.36
N LEU VA 4 16.38 -85.38 -13.33
CA LEU VA 4 17.04 -84.08 -13.25
C LEU VA 4 18.38 -84.18 -13.99
N ILE VA 5 18.43 -83.64 -15.20
CA ILE VA 5 19.62 -83.67 -16.05
C ILE VA 5 20.59 -82.60 -15.58
N LYS VA 6 21.89 -82.92 -15.60
CA LYS VA 6 22.89 -81.99 -15.10
C LYS VA 6 23.11 -80.86 -16.10
N MET VA 7 22.90 -79.63 -15.65
CA MET VA 7 23.19 -78.44 -16.44
C MET VA 7 24.69 -78.19 -16.45
N ALA VA 8 25.12 -77.40 -17.44
CA ALA VA 8 26.53 -77.10 -17.62
C ALA VA 8 26.88 -75.85 -16.83
N GLY VA 9 27.60 -76.03 -15.73
CA GLY VA 9 27.93 -74.94 -14.83
C GLY VA 9 29.43 -74.66 -14.83
N GLY VA 10 29.77 -73.39 -14.68
CA GLY VA 10 31.18 -73.03 -14.61
C GLY VA 10 31.82 -73.41 -13.28
N ASN VA 11 31.06 -73.28 -12.19
CA ASN VA 11 31.57 -73.58 -10.87
C ASN VA 11 31.46 -75.09 -10.60
N SER VA 12 32.55 -75.69 -10.15
CA SER VA 12 32.57 -77.12 -9.88
C SER VA 12 32.07 -77.47 -8.48
N ALA VA 13 32.07 -76.51 -7.55
CA ALA VA 13 31.58 -76.80 -6.21
C ALA VA 13 30.08 -77.03 -6.19
N ILE VA 14 29.35 -76.39 -7.10
CA ILE VA 14 27.90 -76.47 -7.18
C ILE VA 14 27.53 -77.27 -8.43
N GLN VA 15 26.70 -78.29 -8.25
CA GLN VA 15 26.14 -79.05 -9.36
C GLN VA 15 24.68 -78.63 -9.54
N THR VA 16 24.34 -78.19 -10.74
CA THR VA 16 22.99 -77.72 -11.05
C THR VA 16 22.33 -78.70 -12.02
N TYR VA 17 21.04 -78.92 -11.83
CA TYR VA 17 20.26 -79.84 -12.63
C TYR VA 17 18.93 -79.18 -12.98
N ALA VA 18 18.37 -79.59 -14.11
CA ALA VA 18 17.07 -79.15 -14.58
C ALA VA 18 16.24 -80.37 -14.90
N ARG VA 19 14.95 -80.30 -14.63
CA ARG VA 19 14.06 -81.41 -14.95
C ARG VA 19 13.95 -81.58 -16.45
N GLU VA 20 13.88 -82.83 -16.90
CA GLU VA 20 13.84 -83.10 -18.33
C GLU VA 20 12.57 -82.55 -18.95
N ASP VA 21 11.42 -82.78 -18.32
CA ASP VA 21 10.15 -82.26 -18.82
C ASP VA 21 10.13 -80.74 -18.80
N LYS VA 22 10.31 -80.15 -17.63
CA LYS VA 22 10.32 -78.71 -17.45
C LYS VA 22 11.74 -78.29 -17.12
N THR VA 23 12.44 -77.71 -18.08
CA THR VA 23 13.76 -77.17 -17.78
C THR VA 23 13.68 -75.91 -16.92
N THR VA 24 12.47 -75.45 -16.59
CA THR VA 24 12.32 -74.31 -15.68
C THR VA 24 12.48 -74.72 -14.23
N GLN VA 25 12.13 -75.96 -13.91
CA GLN VA 25 12.28 -76.49 -12.57
C GLN VA 25 13.71 -76.96 -12.38
N THR VA 26 14.41 -76.41 -11.41
CA THR VA 26 15.83 -76.70 -11.24
C THR VA 26 16.11 -77.12 -9.81
N LEU VA 27 17.35 -77.60 -9.62
CA LEU VA 27 17.83 -78.14 -8.35
C LEU VA 27 19.35 -78.01 -8.31
N SER VA 28 19.88 -77.56 -7.17
CA SER VA 28 21.31 -77.38 -7.01
C SER VA 28 21.78 -78.10 -5.76
N THR VA 29 22.93 -78.77 -5.86
CA THR VA 29 23.57 -79.42 -4.73
C THR VA 29 24.98 -78.86 -4.57
N GLN VA 30 25.35 -78.53 -3.33
CA GLN VA 30 26.67 -77.98 -3.05
C GLN VA 30 27.17 -78.49 -1.71
N LYS VA 31 28.38 -79.02 -1.68
CA LYS VA 31 29.04 -79.35 -0.43
C LYS VA 31 30.32 -78.52 -0.30
N THR VA 32 30.52 -77.95 0.88
CA THR VA 32 31.68 -77.13 1.17
C THR VA 32 32.28 -77.59 2.49
N ILE VA 33 33.58 -77.33 2.65
CA ILE VA 33 34.33 -77.77 3.82
C ILE VA 33 34.98 -76.56 4.46
N SER VA 34 34.91 -76.47 5.80
CA SER VA 34 35.53 -75.41 6.56
C SER VA 34 36.47 -76.01 7.60
N VAL VA 35 37.50 -75.26 7.96
CA VAL VA 35 38.49 -75.70 8.94
C VAL VA 35 38.28 -74.89 10.22
N LEU VA 36 38.15 -75.60 11.33
CA LEU VA 36 37.95 -74.99 12.64
C LEU VA 36 39.19 -75.33 13.46
N ARG VA 37 40.06 -74.35 13.66
CA ARG VA 37 41.33 -74.58 14.34
C ARG VA 37 41.15 -74.27 15.82
N ASN VA 38 41.25 -75.31 16.65
CA ASN VA 38 41.26 -75.20 18.10
C ASN VA 38 42.66 -75.60 18.56
N GLY VA 39 43.43 -74.61 19.02
CA GLY VA 39 44.81 -74.88 19.41
C GLY VA 39 45.61 -75.39 18.24
N SER VA 40 46.25 -76.55 18.43
CA SER VA 40 47.04 -77.19 17.38
C SER VA 40 46.27 -78.29 16.67
N THR VA 41 44.96 -78.36 16.86
CA THR VA 41 44.12 -79.37 16.22
C THR VA 41 43.08 -78.67 15.36
N SER VA 42 43.06 -79.00 14.07
CA SER VA 42 42.07 -78.44 13.16
C SER VA 42 41.04 -79.51 12.81
N THR VA 43 39.76 -79.15 12.93
CA THR VA 43 38.65 -80.07 12.68
C THR VA 43 37.86 -79.61 11.47
N ARG VA 44 37.35 -80.58 10.73
CA ARG VA 44 36.71 -80.38 9.45
C ARG VA 44 35.21 -80.25 9.63
N ILE VA 45 34.61 -79.25 8.98
CA ILE VA 45 33.19 -78.92 9.16
C ILE VA 45 32.51 -78.93 7.80
N ILE VA 46 31.59 -79.87 7.62
CA ILE VA 46 30.95 -80.15 6.34
C ILE VA 46 29.60 -79.46 6.29
N LYS VA 47 29.39 -78.67 5.24
CA LYS VA 47 28.14 -77.96 5.00
C LYS VA 47 27.57 -78.38 3.65
N VAL VA 48 26.31 -78.79 3.65
CA VAL VA 48 25.60 -79.20 2.44
C VAL VA 48 24.42 -78.26 2.21
N HIS VA 49 24.19 -77.91 0.96
CA HIS VA 49 23.09 -77.03 0.57
C HIS VA 49 22.42 -77.56 -0.69
N ILE VA 50 21.16 -77.96 -0.56
CA ILE VA 50 20.33 -78.41 -1.67
C ILE VA 50 19.19 -77.40 -1.85
N ASN VA 51 18.96 -76.98 -3.08
CA ASN VA 51 17.87 -76.05 -3.38
C ASN VA 51 17.06 -76.59 -4.55
N SER VA 52 15.73 -76.52 -4.45
CA SER VA 52 14.86 -77.03 -5.51
C SER VA 52 13.79 -75.98 -5.77
N THR VA 53 13.88 -75.28 -6.90
CA THR VA 53 12.91 -74.21 -7.18
C THR VA 53 12.29 -74.39 -8.56
N ALA VA 54 11.23 -73.61 -8.75
CA ALA VA 54 10.54 -73.52 -10.03
C ALA VA 54 9.80 -72.19 -10.05
N PRO VA 55 9.61 -71.59 -11.22
CA PRO VA 55 8.91 -70.30 -11.28
C PRO VA 55 7.39 -70.52 -11.27
N VAL VA 56 6.69 -69.74 -10.45
CA VAL VA 56 5.24 -69.71 -10.43
C VAL VA 56 4.80 -68.32 -10.86
N THR VA 57 3.73 -68.26 -11.67
CA THR VA 57 3.22 -67.01 -12.20
C THR VA 57 2.00 -66.57 -11.41
N ILE VA 58 2.04 -65.35 -10.88
CA ILE VA 58 0.93 -64.79 -10.11
C ILE VA 58 -0.02 -64.11 -11.08
N ASN VA 59 -1.18 -64.73 -11.31
CA ASN VA 59 -2.15 -64.17 -12.25
C ASN VA 59 -2.89 -63.02 -11.58
N THR VA 60 -2.78 -61.84 -12.18
CA THR VA 60 -3.48 -60.64 -11.72
C THR VA 60 -4.27 -60.11 -12.90
N CYS VA 61 -5.54 -59.80 -12.68
CA CYS VA 61 -6.36 -59.30 -13.78
C CYS VA 61 -5.89 -57.93 -14.22
N ASP VA 62 -5.85 -57.73 -15.53
CA ASP VA 62 -5.22 -56.57 -16.15
C ASP VA 62 -5.76 -56.47 -17.57
N PRO VA 63 -5.87 -55.25 -18.12
CA PRO VA 63 -6.23 -55.14 -19.54
C PRO VA 63 -5.31 -55.96 -20.43
N THR VA 64 -4.03 -55.96 -20.13
CA THR VA 64 -3.04 -56.83 -20.77
C THR VA 64 -2.72 -57.96 -19.81
N LYS VA 65 -3.12 -59.19 -20.16
CA LYS VA 65 -3.09 -60.32 -19.22
C LYS VA 65 -1.71 -60.98 -19.20
N CYS VA 66 -0.75 -60.24 -18.61
CA CYS VA 66 0.57 -60.79 -18.28
C CYS VA 66 0.91 -60.37 -16.86
N GLY VA 67 1.10 -61.33 -15.98
CA GLY VA 67 1.48 -61.07 -14.61
C GLY VA 67 2.91 -61.47 -14.33
N PRO VA 68 3.42 -61.09 -13.16
CA PRO VA 68 4.83 -61.32 -12.85
C PRO VA 68 5.09 -62.78 -12.48
N THR VA 69 6.37 -63.12 -12.44
CA THR VA 69 6.81 -64.47 -12.10
C THR VA 69 7.73 -64.41 -10.90
N VAL VA 70 7.48 -65.28 -9.92
CA VAL VA 70 8.24 -65.29 -8.67
C VAL VA 70 8.56 -66.75 -8.36
N PRO VA 71 9.72 -67.08 -7.82
CA PRO VA 71 10.09 -68.48 -7.64
C PRO VA 71 9.50 -69.07 -6.37
N MET VA 72 9.09 -70.33 -6.48
CA MET VA 72 8.77 -71.16 -5.32
C MET VA 72 9.89 -72.16 -5.12
N GLY VA 73 10.33 -72.29 -3.87
CA GLY VA 73 11.56 -73.01 -3.59
C GLY VA 73 11.48 -73.80 -2.31
N VAL VA 74 12.20 -74.90 -2.28
CA VAL VA 74 12.37 -75.71 -1.08
C VAL VA 74 13.86 -75.91 -0.89
N SER VA 75 14.36 -75.53 0.27
CA SER VA 75 15.79 -75.50 0.53
C SER VA 75 16.13 -76.37 1.72
N PHE VA 76 17.26 -77.07 1.65
CA PHE VA 76 17.77 -77.91 2.70
C PHE VA 76 19.21 -77.49 2.96
N LYS VA 77 19.55 -77.23 4.21
CA LYS VA 77 20.92 -76.90 4.58
C LYS VA 77 21.34 -77.76 5.76
N SER VA 78 22.65 -78.01 5.84
CA SER VA 78 23.22 -78.95 6.80
C SER VA 78 24.63 -78.47 7.15
N SER VA 79 25.00 -78.54 8.42
CA SER VA 79 26.35 -78.16 8.84
C SER VA 79 26.73 -78.91 10.10
N MET VA 80 27.87 -79.60 10.07
CA MET VA 80 28.25 -80.37 11.23
C MET VA 80 29.73 -80.72 11.16
N PRO VA 81 30.38 -81.00 12.30
CA PRO VA 81 31.77 -81.44 12.25
C PRO VA 81 31.87 -82.83 11.67
N GLU VA 82 33.02 -83.11 11.05
CA GLU VA 82 33.24 -84.37 10.39
C GLU VA 82 33.01 -85.53 11.35
N ASP VA 83 32.44 -86.61 10.82
CA ASP VA 83 32.19 -87.84 11.56
C ASP VA 83 31.21 -87.65 12.73
N ALA VA 84 30.39 -86.61 12.69
CA ALA VA 84 29.32 -86.45 13.67
C ALA VA 84 28.12 -87.29 13.24
N ASP VA 85 27.13 -87.41 14.14
CA ASP VA 85 25.96 -88.22 13.82
C ASP VA 85 24.72 -87.35 13.66
N PRO VA 86 24.23 -87.10 12.45
CA PRO VA 86 23.02 -86.31 12.27
C PRO VA 86 21.71 -87.08 12.36
N ALA VA 87 21.75 -88.38 12.69
CA ALA VA 87 20.59 -89.23 12.52
C ALA VA 87 19.38 -88.65 13.25
N GLU VA 88 19.60 -88.14 14.46
CA GLU VA 88 18.46 -87.72 15.26
C GLU VA 88 17.96 -86.33 14.88
N VAL VA 89 18.87 -85.39 14.60
CA VAL VA 89 18.41 -84.08 14.12
C VAL VA 89 17.67 -84.22 12.79
N LEU VA 90 18.11 -85.16 11.95
CA LEU VA 90 17.37 -85.46 10.72
C LEU VA 90 15.98 -85.97 11.03
N LYS VA 91 15.86 -86.97 11.92
CA LYS VA 91 14.54 -87.51 12.26
C LYS VA 91 13.61 -86.41 12.76
N ALA VA 92 14.11 -85.55 13.66
CA ALA VA 92 13.28 -84.49 14.22
C ALA VA 92 12.87 -83.49 13.15
N ALA VA 93 13.84 -83.02 12.35
CA ALA VA 93 13.54 -82.10 11.27
C ALA VA 93 12.50 -82.69 10.32
N LYS VA 94 12.62 -83.99 10.02
CA LYS VA 94 11.69 -84.62 9.10
C LYS VA 94 10.29 -84.70 9.70
N ALA VA 95 10.19 -84.94 11.01
CA ALA VA 95 8.87 -84.95 11.65
C ALA VA 95 8.21 -83.58 11.61
N ALA VA 96 8.99 -82.53 11.90
CA ALA VA 96 8.45 -81.17 11.81
C ALA VA 96 8.02 -80.83 10.38
N LEU VA 97 8.87 -81.18 9.41
CA LEU VA 97 8.51 -81.00 8.01
C LEU VA 97 7.23 -81.74 7.68
N ALA VA 98 7.06 -82.95 8.21
CA ALA VA 98 5.85 -83.71 7.97
C ALA VA 98 4.63 -82.95 8.47
N LEU VA 99 4.76 -82.28 9.61
CA LEU VA 99 3.64 -81.46 10.08
C LEU VA 99 3.37 -80.27 9.14
N PHE VA 100 4.42 -79.56 8.72
CA PHE VA 100 4.21 -78.32 8.00
C PHE VA 100 4.01 -78.50 6.49
N GLU VA 101 4.29 -79.69 5.95
CA GLU VA 101 4.43 -79.85 4.49
C GLU VA 101 3.12 -79.58 3.77
N ALA VA 102 2.02 -80.13 4.29
CA ALA VA 102 0.71 -79.89 3.68
C ALA VA 102 0.40 -78.41 3.60
N ASN VA 103 0.81 -77.65 4.61
CA ASN VA 103 0.44 -76.25 4.77
C ASN VA 103 1.55 -75.29 4.31
N LEU VA 104 2.42 -75.72 3.39
CA LEU VA 104 3.51 -74.87 2.95
C LEU VA 104 3.04 -73.70 2.10
N ASN VA 105 1.85 -73.81 1.51
CA ASN VA 105 1.30 -72.82 0.60
C ASN VA 105 0.05 -72.15 1.15
N SER VA 106 -0.18 -72.23 2.48
CA SER VA 106 -1.52 -71.94 2.99
C SER VA 106 -1.63 -70.75 3.93
N ALA VA 107 -0.52 -70.27 4.51
CA ALA VA 107 -0.53 -69.09 5.39
C ALA VA 107 -1.26 -69.34 6.71
N PHE VA 108 -1.55 -70.60 7.04
CA PHE VA 108 -2.17 -70.99 8.29
C PHE VA 108 -1.12 -71.59 9.21
N ASN VA 109 -1.24 -71.31 10.51
CA ASN VA 109 -0.36 -71.96 11.48
C ASN VA 109 -1.09 -72.01 12.81
N LYS VA 110 -1.09 -73.20 13.43
CA LYS VA 110 -1.76 -73.43 14.70
C LYS VA 110 -0.72 -73.77 15.75
N ASN VA 111 -1.00 -73.40 17.00
CA ASN VA 111 -0.09 -73.73 18.08
C ASN VA 111 0.03 -75.24 18.22
N VAL VA 112 1.25 -75.74 18.22
CA VAL VA 112 1.54 -77.16 18.42
C VAL VA 112 2.32 -77.27 19.71
N ASP VA 113 1.77 -78.01 20.68
CA ASP VA 113 2.41 -78.12 21.98
C ASP VA 113 3.49 -79.18 22.00
N GLU VA 114 3.47 -80.12 21.06
CA GLU VA 114 4.55 -81.10 20.99
C GLU VA 114 4.57 -81.75 19.63
N ILE VA 115 5.76 -82.19 19.24
CA ILE VA 115 5.99 -82.91 17.99
C ILE VA 115 6.52 -84.29 18.35
N SER VA 116 5.81 -85.32 17.91
CA SER VA 116 6.20 -86.69 18.19
C SER VA 116 7.16 -87.18 17.10
N VAL VA 117 8.32 -87.69 17.53
CA VAL VA 117 9.35 -88.17 16.62
C VAL VA 117 9.34 -89.69 16.63
N ALA VA 118 9.53 -90.28 15.44
CA ALA VA 118 9.47 -91.73 15.26
C ALA VA 118 10.47 -92.50 16.11
N ALA WA 1 -32.48 124.53 -43.96
CA ALA WA 1 -32.39 125.83 -43.29
C ALA WA 1 -32.18 125.69 -41.78
N TYR WA 2 -30.91 125.58 -41.36
CA TYR WA 2 -30.56 125.44 -39.95
C TYR WA 2 -29.27 126.21 -39.68
N LYS WA 3 -28.82 126.17 -38.42
CA LYS WA 3 -27.57 126.82 -38.07
C LYS WA 3 -26.80 125.98 -37.05
N LEU WA 4 -25.48 126.03 -37.17
CA LEU WA 4 -24.55 125.30 -36.31
C LEU WA 4 -24.07 126.23 -35.21
N ILE WA 5 -24.42 125.91 -33.98
CA ILE WA 5 -24.01 126.72 -32.84
C ILE WA 5 -22.74 126.14 -32.26
N LYS WA 6 -21.89 127.00 -31.70
CA LYS WA 6 -20.61 126.55 -31.16
C LYS WA 6 -20.82 125.66 -29.95
N MET WA 7 -20.08 124.56 -29.89
CA MET WA 7 -20.11 123.62 -28.78
C MET WA 7 -19.05 123.96 -27.75
N ALA WA 8 -19.29 123.47 -26.54
CA ALA WA 8 -18.26 123.51 -25.50
C ALA WA 8 -17.10 122.62 -25.92
N GLY WA 9 -15.90 123.18 -25.99
CA GLY WA 9 -14.74 122.43 -26.40
C GLY WA 9 -13.55 122.77 -25.52
N GLY WA 10 -12.57 121.86 -25.51
CA GLY WA 10 -11.41 122.00 -24.66
C GLY WA 10 -10.27 122.76 -25.30
N ASN WA 11 -10.09 122.63 -26.61
CA ASN WA 11 -8.99 123.26 -27.31
C ASN WA 11 -9.36 124.67 -27.75
N SER WA 12 -8.37 125.58 -27.71
CA SER WA 12 -8.60 126.97 -28.10
C SER WA 12 -8.40 127.19 -29.60
N ALA WA 13 -7.56 126.36 -30.24
CA ALA WA 13 -7.31 126.48 -31.67
C ALA WA 13 -8.46 125.92 -32.49
N ILE WA 14 -9.15 124.93 -31.96
CA ILE WA 14 -10.23 124.22 -32.65
C ILE WA 14 -11.56 124.78 -32.20
N GLN WA 15 -12.38 125.22 -33.15
CA GLN WA 15 -13.77 125.59 -32.88
C GLN WA 15 -14.67 124.45 -33.32
N THR WA 16 -15.50 123.96 -32.40
CA THR WA 16 -16.41 122.87 -32.67
C THR WA 16 -17.84 123.40 -32.61
N TYR WA 17 -18.64 122.99 -33.60
CA TYR WA 17 -20.03 123.40 -33.74
C TYR WA 17 -20.89 122.16 -33.89
N ALA WA 18 -22.13 122.26 -33.41
CA ALA WA 18 -23.13 121.24 -33.61
C ALA WA 18 -24.38 121.87 -34.21
N ARG WA 19 -25.08 121.08 -35.00
CA ARG WA 19 -26.32 121.53 -35.61
C ARG WA 19 -27.41 121.68 -34.55
N GLU WA 20 -28.20 122.75 -34.66
CA GLU WA 20 -29.23 122.99 -33.66
C GLU WA 20 -30.28 121.89 -33.68
N ASP WA 21 -30.79 121.53 -34.87
CA ASP WA 21 -31.80 120.49 -34.98
C ASP WA 21 -31.27 119.15 -34.50
N LYS WA 22 -30.23 118.65 -35.17
CA LYS WA 22 -29.57 117.40 -34.79
C LYS WA 22 -28.21 117.73 -34.18
N THR WA 23 -28.10 117.58 -32.87
CA THR WA 23 -26.80 117.78 -32.25
C THR WA 23 -25.85 116.61 -32.49
N THR WA 24 -26.22 115.67 -33.38
CA THR WA 24 -25.35 114.58 -33.79
C THR WA 24 -24.52 114.93 -35.01
N GLN WA 25 -24.98 115.90 -35.80
CA GLN WA 25 -24.22 116.42 -36.92
C GLN WA 25 -23.33 117.54 -36.40
N THR WA 26 -22.02 117.43 -36.65
CA THR WA 26 -21.07 118.38 -36.12
C THR WA 26 -20.11 118.85 -37.20
N LEU WA 27 -19.38 119.91 -36.86
CA LEU WA 27 -18.43 120.58 -37.74
C LEU WA 27 -17.30 121.15 -36.90
N SER WA 28 -16.10 121.19 -37.45
CA SER WA 28 -14.93 121.63 -36.70
C SER WA 28 -13.97 122.38 -37.60
N THR WA 29 -13.52 123.56 -37.15
CA THR WA 29 -12.57 124.36 -37.90
C THR WA 29 -11.35 124.65 -37.05
N GLN WA 30 -10.17 124.43 -37.63
CA GLN WA 30 -8.92 124.63 -36.92
C GLN WA 30 -7.95 125.38 -37.81
N LYS WA 31 -7.19 126.32 -37.22
CA LYS WA 31 -6.13 127.02 -37.93
C LYS WA 31 -4.82 126.84 -37.18
N THR WA 32 -3.79 126.45 -37.92
CA THR WA 32 -2.44 126.21 -37.45
C THR WA 32 -1.49 127.14 -38.18
N ILE WA 33 -0.57 127.76 -37.45
CA ILE WA 33 0.49 128.55 -38.05
C ILE WA 33 1.81 127.82 -37.83
N SER WA 34 2.60 127.71 -38.90
CA SER WA 34 3.91 127.09 -38.87
C SER WA 34 4.93 128.09 -39.39
N VAL WA 35 6.20 127.85 -39.08
CA VAL WA 35 7.29 128.73 -39.51
C VAL WA 35 8.25 127.92 -40.35
N LEU WA 36 8.59 128.43 -41.53
CA LEU WA 36 9.56 127.79 -42.40
C LEU WA 36 10.61 128.84 -42.76
N ARG WA 37 11.86 128.60 -42.37
CA ARG WA 37 12.91 129.58 -42.59
C ARG WA 37 13.97 129.01 -43.52
N ASN WA 38 14.37 129.83 -44.50
CA ASN WA 38 15.52 129.60 -45.36
C ASN WA 38 16.59 130.62 -44.98
N GLY WA 39 17.72 130.13 -44.46
CA GLY WA 39 18.76 131.02 -43.99
C GLY WA 39 18.23 131.94 -42.90
N SER WA 40 18.29 133.24 -43.16
CA SER WA 40 17.78 134.23 -42.23
C SER WA 40 16.30 134.50 -42.44
N THR WA 41 15.80 134.35 -43.67
CA THR WA 41 14.41 134.68 -43.94
C THR WA 41 13.50 133.60 -43.39
N SER WA 42 12.32 134.02 -42.92
CA SER WA 42 11.35 133.09 -42.36
C SER WA 42 9.95 133.50 -42.80
N THR WA 43 9.13 132.50 -43.13
CA THR WA 43 7.80 132.75 -43.65
C THR WA 43 6.78 131.86 -42.95
N ARG WA 44 5.56 132.38 -42.82
CA ARG WA 44 4.49 131.68 -42.13
C ARG WA 44 3.73 130.77 -43.09
N ILE WA 45 3.38 129.59 -42.59
CA ILE WA 45 2.60 128.61 -43.33
C ILE WA 45 1.28 128.45 -42.59
N ILE WA 46 0.20 128.90 -43.22
CA ILE WA 46 -1.12 128.88 -42.62
C ILE WA 46 -1.86 127.64 -43.13
N LYS WA 47 -2.34 126.82 -42.18
CA LYS WA 47 -3.02 125.58 -42.45
C LYS WA 47 -4.41 125.63 -41.82
N VAL WA 48 -5.43 125.36 -42.63
CA VAL WA 48 -6.81 125.36 -42.20
C VAL WA 48 -7.36 123.95 -42.37
N HIS WA 49 -8.22 123.53 -41.44
CA HIS WA 49 -8.84 122.21 -41.48
C HIS WA 49 -10.29 122.33 -41.06
N ILE WA 50 -11.20 121.96 -41.97
CA ILE WA 50 -12.64 121.98 -41.72
C ILE WA 50 -13.16 120.56 -41.91
N ASN WA 51 -13.86 120.04 -40.90
CA ASN WA 51 -14.37 118.68 -40.94
C ASN WA 51 -15.84 118.68 -40.56
N SER WA 52 -16.69 118.15 -41.44
CA SER WA 52 -18.13 118.06 -41.20
C SER WA 52 -18.50 116.59 -41.17
N THR WA 53 -19.03 116.11 -40.04
CA THR WA 53 -19.45 114.70 -39.99
C THR WA 53 -20.81 114.55 -39.34
N ALA WA 54 -21.38 113.39 -39.58
CA ALA WA 54 -22.60 112.94 -38.91
C ALA WA 54 -22.53 111.42 -38.84
N PRO WA 55 -23.14 110.82 -37.82
CA PRO WA 55 -23.20 109.36 -37.80
C PRO WA 55 -24.27 108.88 -38.77
N VAL WA 56 -24.05 107.69 -39.33
CA VAL WA 56 -25.02 107.06 -40.20
C VAL WA 56 -25.10 105.58 -39.84
N THR WA 57 -26.33 105.07 -39.76
CA THR WA 57 -26.60 103.69 -39.37
C THR WA 57 -26.14 102.74 -40.46
N ILE WA 58 -25.41 101.68 -40.07
CA ILE WA 58 -24.78 100.80 -41.06
C ILE WA 58 -25.84 100.15 -41.95
N ASN WA 59 -26.86 99.57 -41.33
CA ASN WA 59 -27.67 98.55 -41.97
C ASN WA 59 -28.90 99.16 -42.63
N THR WA 60 -28.89 99.23 -43.96
CA THR WA 60 -30.00 99.83 -44.68
C THR WA 60 -31.24 98.95 -44.62
N CYS WA 61 -31.09 97.64 -44.83
CA CYS WA 61 -32.20 96.70 -44.88
C CYS WA 61 -32.61 96.18 -43.50
N ASP WA 62 -32.03 96.70 -42.42
CA ASP WA 62 -32.41 96.29 -41.06
C ASP WA 62 -33.65 97.07 -40.60
N PRO WA 63 -34.26 96.64 -39.48
CA PRO WA 63 -35.44 97.37 -38.97
C PRO WA 63 -35.07 98.64 -38.20
N THR WA 64 -33.83 99.11 -38.40
CA THR WA 64 -33.28 100.29 -37.73
C THR WA 64 -33.28 100.12 -36.21
N LYS WA 65 -32.89 98.93 -35.75
CA LYS WA 65 -32.85 98.60 -34.32
C LYS WA 65 -31.52 99.05 -33.71
N CYS WA 66 -31.25 100.35 -33.82
CA CYS WA 66 -30.03 100.97 -33.31
C CYS WA 66 -28.78 100.17 -33.70
N GLY WA 67 -28.67 99.91 -35.00
CA GLY WA 67 -27.50 99.28 -35.54
C GLY WA 67 -26.29 100.16 -35.32
N PRO WA 68 -25.13 99.55 -35.09
CA PRO WA 68 -23.93 100.37 -34.84
C PRO WA 68 -23.69 101.32 -36.00
N THR WA 69 -23.29 102.55 -35.64
CA THR WA 69 -23.18 103.64 -36.60
C THR WA 69 -21.74 103.87 -37.00
N VAL WA 70 -21.56 104.34 -38.23
CA VAL WA 70 -20.26 104.71 -38.74
C VAL WA 70 -20.28 106.20 -39.05
N PRO WA 71 -19.19 106.92 -38.78
CA PRO WA 71 -19.13 108.34 -39.13
C PRO WA 71 -19.03 108.53 -40.64
N MET WA 72 -19.89 109.40 -41.18
CA MET WA 72 -19.84 109.85 -42.56
C MET WA 72 -19.32 111.28 -42.53
N GLY WA 73 -18.33 111.57 -43.36
CA GLY WA 73 -17.54 112.78 -43.20
C GLY WA 73 -17.14 113.42 -44.51
N VAL WA 74 -17.00 114.74 -44.48
CA VAL WA 74 -16.50 115.51 -45.60
C VAL WA 74 -15.51 116.52 -45.02
N SER WA 75 -14.28 116.50 -45.53
CA SER WA 75 -13.19 117.26 -44.95
C SER WA 75 -12.53 118.16 -45.99
N PHE WA 76 -11.98 119.27 -45.51
CA PHE WA 76 -11.31 120.26 -46.33
C PHE WA 76 -10.03 120.67 -45.60
N LYS WA 77 -8.92 120.73 -46.34
CA LYS WA 77 -7.65 121.13 -45.76
C LYS WA 77 -6.95 122.11 -46.70
N SER WA 78 -6.24 123.06 -46.09
CA SER WA 78 -5.60 124.16 -46.81
C SER WA 78 -4.22 124.39 -46.20
N SER WA 79 -3.18 124.44 -47.03
CA SER WA 79 -1.84 124.75 -46.53
C SER WA 79 -1.15 125.68 -47.51
N MET WA 80 -0.78 126.88 -47.07
CA MET WA 80 -0.20 127.82 -48.01
C MET WA 80 0.69 128.82 -47.29
N PRO WA 81 1.68 129.37 -47.96
CA PRO WA 81 2.44 130.49 -47.37
C PRO WA 81 1.51 131.68 -47.16
N GLU WA 82 1.77 132.42 -46.08
CA GLU WA 82 0.97 133.59 -45.75
C GLU WA 82 0.91 134.54 -46.94
N ASP WA 83 -0.27 135.11 -47.17
CA ASP WA 83 -0.54 136.08 -48.24
C ASP WA 83 -0.43 135.48 -49.64
N ALA WA 84 -0.42 134.16 -49.78
CA ALA WA 84 -0.47 133.57 -51.11
C ALA WA 84 -1.90 133.61 -51.63
N ASP WA 85 -2.08 133.29 -52.91
CA ASP WA 85 -3.42 133.39 -53.51
C ASP WA 85 -3.99 132.02 -53.83
N PRO WA 86 -4.87 131.48 -52.98
CA PRO WA 86 -5.46 130.16 -53.27
C PRO WA 86 -6.56 130.20 -54.32
N ALA WA 87 -6.83 131.37 -54.90
CA ALA WA 87 -8.01 131.52 -55.75
C ALA WA 87 -8.07 130.46 -56.84
N GLU WA 88 -6.93 130.21 -57.50
CA GLU WA 88 -6.94 129.30 -58.64
C GLU WA 88 -6.99 127.84 -58.20
N VAL WA 89 -6.22 127.45 -57.18
CA VAL WA 89 -6.29 126.06 -56.69
C VAL WA 89 -7.67 125.77 -56.12
N LEU WA 90 -8.33 126.77 -55.55
CA LEU WA 90 -9.70 126.59 -55.07
C LEU WA 90 -10.66 126.40 -56.23
N LYS WA 91 -10.58 127.25 -57.26
CA LYS WA 91 -11.43 127.06 -58.43
C LYS WA 91 -11.28 125.65 -59.00
N ALA WA 92 -10.02 125.21 -59.17
CA ALA WA 92 -9.77 123.87 -59.71
C ALA WA 92 -10.34 122.80 -58.79
N ALA WA 93 -10.06 122.89 -57.49
CA ALA WA 93 -10.55 121.89 -56.55
C ALA WA 93 -12.07 121.79 -56.59
N LYS WA 94 -12.75 122.95 -56.63
CA LYS WA 94 -14.21 122.95 -56.66
C LYS WA 94 -14.73 122.34 -57.95
N ALA WA 95 -14.09 122.65 -59.08
CA ALA WA 95 -14.48 122.05 -60.36
C ALA WA 95 -14.33 120.53 -60.31
N ALA WA 96 -13.23 120.04 -59.74
CA ALA WA 96 -13.06 118.60 -59.61
C ALA WA 96 -14.12 117.99 -58.72
N LEU WA 97 -14.37 118.63 -57.57
CA LEU WA 97 -15.36 118.11 -56.63
C LEU WA 97 -16.72 117.97 -57.29
N ALA WA 98 -17.12 118.98 -58.08
CA ALA WA 98 -18.42 118.92 -58.75
C ALA WA 98 -18.61 117.62 -59.54
N LEU WA 99 -17.53 117.04 -60.07
CA LEU WA 99 -17.65 115.77 -60.79
C LEU WA 99 -17.89 114.60 -59.85
N PHE WA 100 -17.41 114.69 -58.60
CA PHE WA 100 -17.50 113.58 -57.67
C PHE WA 100 -18.71 113.63 -56.76
N GLU WA 101 -19.22 114.82 -56.43
CA GLU WA 101 -20.13 114.88 -55.29
C GLU WA 101 -21.47 114.21 -55.59
N ALA WA 102 -21.83 114.04 -56.85
CA ALA WA 102 -22.98 113.20 -57.16
C ALA WA 102 -22.70 111.74 -56.78
N ASN WA 103 -21.49 111.27 -57.09
CA ASN WA 103 -21.10 109.88 -56.93
C ASN WA 103 -20.16 109.70 -55.74
N LEU WA 104 -20.42 110.45 -54.65
CA LEU WA 104 -19.58 110.41 -53.46
C LEU WA 104 -19.79 109.15 -52.63
N ASN WA 105 -20.83 108.38 -52.94
CA ASN WA 105 -21.15 107.17 -52.20
C ASN WA 105 -21.26 105.94 -53.09
N SER WA 106 -20.95 106.04 -54.38
CA SER WA 106 -21.38 105.01 -55.32
C SER WA 106 -20.25 104.18 -55.89
N ALA WA 107 -19.03 104.29 -55.33
CA ALA WA 107 -17.94 103.38 -55.67
C ALA WA 107 -17.57 103.40 -57.16
N PHE WA 108 -18.07 104.38 -57.92
CA PHE WA 108 -17.88 104.42 -59.36
C PHE WA 108 -17.04 105.66 -59.70
N ASN WA 109 -15.82 105.44 -60.16
CA ASN WA 109 -14.91 106.53 -60.52
C ASN WA 109 -14.85 106.61 -62.03
N LYS WA 110 -15.53 107.60 -62.61
CA LYS WA 110 -15.52 107.72 -64.07
C LYS WA 110 -14.13 108.11 -64.57
N ASN WA 111 -13.74 107.54 -65.70
CA ASN WA 111 -12.49 107.95 -66.35
C ASN WA 111 -12.73 109.29 -67.00
N VAL WA 112 -12.16 110.33 -66.39
CA VAL WA 112 -12.18 111.69 -66.90
C VAL WA 112 -10.78 112.02 -67.37
N ASP WA 113 -10.66 112.40 -68.64
CA ASP WA 113 -9.38 112.74 -69.24
C ASP WA 113 -9.10 114.25 -69.24
N GLU WA 114 -10.11 115.08 -68.98
CA GLU WA 114 -9.87 116.50 -68.80
C GLU WA 114 -11.02 117.11 -68.02
N ILE WA 115 -10.67 118.06 -67.14
CA ILE WA 115 -11.62 118.76 -66.28
C ILE WA 115 -11.59 120.23 -66.67
N SER WA 116 -12.75 120.76 -67.05
CA SER WA 116 -12.86 122.16 -67.46
C SER WA 116 -13.12 123.02 -66.24
N VAL WA 117 -12.31 124.06 -66.06
CA VAL WA 117 -12.42 125.00 -64.95
C VAL WA 117 -13.03 126.30 -65.47
N ALA WA 118 -14.04 126.80 -64.77
CA ALA WA 118 -14.79 127.96 -65.21
C ALA WA 118 -13.93 129.23 -65.21
N ALA XA 1 -2.11 154.45 -36.25
CA ALA XA 1 -2.83 154.35 -37.51
C ALA XA 1 -2.98 152.89 -37.94
N TYR XA 2 -2.63 151.95 -37.05
CA TYR XA 2 -2.82 150.52 -37.28
C TYR XA 2 -3.23 149.86 -35.97
N LYS XA 3 -3.51 148.56 -36.04
CA LYS XA 3 -3.86 147.81 -34.84
C LYS XA 3 -3.15 146.45 -34.84
N LEU XA 4 -2.76 146.02 -33.65
CA LEU XA 4 -2.12 144.73 -33.43
C LEU XA 4 -3.20 143.73 -33.07
N ILE XA 5 -3.43 142.78 -33.96
CA ILE XA 5 -4.47 141.78 -33.76
C ILE XA 5 -3.85 140.54 -33.11
N LYS XA 6 -4.56 139.95 -32.16
CA LYS XA 6 -4.08 138.76 -31.48
C LYS XA 6 -3.94 137.62 -32.46
N MET XA 7 -2.76 137.02 -32.51
CA MET XA 7 -2.53 136.00 -33.52
C MET XA 7 -3.18 134.69 -33.12
N ALA XA 8 -3.45 133.87 -34.13
CA ALA XA 8 -4.05 132.55 -33.95
C ALA XA 8 -3.02 131.64 -33.30
N GLY XA 9 -2.77 131.87 -32.02
CA GLY XA 9 -1.84 131.06 -31.25
C GLY XA 9 -2.49 130.63 -29.95
N GLY XA 10 -1.94 129.57 -29.38
CA GLY XA 10 -2.47 129.05 -28.13
C GLY XA 10 -2.17 129.97 -26.97
N ASN XA 11 -3.19 130.58 -26.39
CA ASN XA 11 -3.00 131.46 -25.24
C ASN XA 11 -2.37 130.66 -24.09
N SER XA 12 -1.23 131.14 -23.61
CA SER XA 12 -0.50 130.49 -22.52
C SER XA 12 -0.42 131.38 -21.29
N ALA XA 13 -1.46 132.19 -21.06
CA ALA XA 13 -1.39 133.41 -20.24
C ALA XA 13 -0.31 134.35 -20.75
N ILE XA 14 0.09 134.15 -22.02
CA ILE XA 14 0.97 135.02 -22.79
C ILE XA 14 0.24 135.35 -24.07
N GLN XA 15 0.00 136.63 -24.32
CA GLN XA 15 -0.79 137.06 -25.47
C GLN XA 15 0.14 137.64 -26.53
N THR XA 16 0.13 137.06 -27.71
CA THR XA 16 0.98 137.47 -28.82
C THR XA 16 0.13 138.04 -29.95
N TYR XA 17 0.49 139.23 -30.40
CA TYR XA 17 -0.23 139.96 -31.44
C TYR XA 17 0.73 140.22 -32.60
N ALA XA 18 0.16 140.32 -33.79
CA ALA XA 18 0.89 140.77 -34.96
C ALA XA 18 0.17 141.98 -35.55
N ARG XA 19 0.96 142.86 -36.17
CA ARG XA 19 0.40 144.05 -36.78
C ARG XA 19 -0.40 143.70 -38.02
N GLU XA 20 -1.55 144.36 -38.19
CA GLU XA 20 -2.52 143.91 -39.18
C GLU XA 20 -1.96 144.01 -40.59
N ASP XA 21 -1.33 145.13 -40.94
CA ASP XA 21 -0.83 145.32 -42.30
C ASP XA 21 0.57 144.73 -42.49
N LYS XA 22 1.48 144.98 -41.55
CA LYS XA 22 2.80 144.36 -41.57
C LYS XA 22 2.82 143.25 -40.51
N THR XA 23 2.48 142.03 -40.91
CA THR XA 23 2.43 140.93 -39.96
C THR XA 23 3.82 140.46 -39.52
N THR XA 24 4.89 141.10 -40.03
CA THR XA 24 6.23 140.79 -39.56
C THR XA 24 6.51 141.45 -38.22
N GLN XA 25 5.83 142.54 -37.92
CA GLN XA 25 5.97 143.25 -36.66
C GLN XA 25 5.05 142.60 -35.64
N THR XA 26 5.61 142.15 -34.52
CA THR XA 26 4.87 141.44 -33.51
C THR XA 26 5.09 142.09 -32.14
N LEU XA 27 4.27 141.65 -31.17
CA LEU XA 27 4.27 142.18 -29.81
C LEU XA 27 3.67 141.15 -28.87
N SER XA 28 4.29 140.96 -27.70
CA SER XA 28 3.88 139.93 -26.75
C SER XA 28 3.76 140.53 -25.35
N THR XA 29 2.67 140.19 -24.66
CA THR XA 29 2.47 140.67 -23.29
C THR XA 29 2.14 139.48 -22.39
N GLN XA 30 2.91 139.33 -21.31
CA GLN XA 30 2.63 138.31 -20.30
C GLN XA 30 2.70 138.92 -18.90
N LYS XA 31 1.86 138.41 -18.01
CA LYS XA 31 1.92 138.74 -16.59
C LYS XA 31 2.02 137.44 -15.81
N THR XA 32 2.94 137.41 -14.84
CA THR XA 32 3.16 136.26 -13.99
C THR XA 32 3.15 136.70 -12.54
N ILE XA 33 2.89 135.75 -11.65
CA ILE XA 33 2.81 136.02 -10.22
C ILE XA 33 3.76 135.08 -9.48
N SER XA 34 4.62 135.65 -8.66
CA SER XA 34 5.54 134.92 -7.81
C SER XA 34 5.15 135.12 -6.35
N VAL XA 35 5.67 134.25 -5.49
CA VAL XA 35 5.46 134.37 -4.05
C VAL XA 35 6.83 134.45 -3.38
N LEU XA 36 7.09 135.56 -2.68
CA LEU XA 36 8.34 135.78 -1.98
C LEU XA 36 8.06 135.67 -0.48
N ARG XA 37 8.71 134.70 0.16
CA ARG XA 37 8.51 134.42 1.58
C ARG XA 37 9.78 134.78 2.34
N ASN XA 38 9.67 135.71 3.28
CA ASN XA 38 10.74 136.04 4.21
C ASN XA 38 10.25 135.73 5.62
N GLY XA 39 10.70 134.61 6.17
CA GLY XA 39 10.23 134.21 7.49
C GLY XA 39 8.75 133.86 7.45
N SER XA 40 7.99 134.45 8.39
CA SER XA 40 6.55 134.20 8.46
C SER XA 40 5.82 134.82 7.28
N THR XA 41 6.25 135.99 6.85
CA THR XA 41 5.54 136.77 5.84
C THR XA 41 5.78 136.23 4.45
N SER XA 42 4.70 136.18 3.65
CA SER XA 42 4.77 135.88 2.23
C SER XA 42 4.00 136.95 1.47
N THR XA 43 4.58 137.42 0.35
CA THR XA 43 3.95 138.46 -0.45
C THR XA 43 3.99 138.07 -1.93
N ARG XA 44 3.01 138.55 -2.67
CA ARG XA 44 2.90 138.26 -4.10
C ARG XA 44 3.62 139.32 -4.92
N ILE XA 45 4.37 138.87 -5.92
CA ILE XA 45 5.16 139.73 -6.79
C ILE XA 45 4.59 139.64 -8.20
N ILE XA 46 4.14 140.78 -8.72
CA ILE XA 46 3.58 140.88 -10.07
C ILE XA 46 4.69 141.24 -11.03
N LYS XA 47 4.81 140.46 -12.11
CA LYS XA 47 5.86 140.65 -13.11
C LYS XA 47 5.23 140.73 -14.49
N VAL XA 48 5.35 141.89 -15.14
CA VAL XA 48 4.86 142.15 -16.48
C VAL XA 48 6.04 142.15 -17.44
N HIS XA 49 5.83 141.59 -18.62
CA HIS XA 49 6.84 141.59 -19.67
C HIS XA 49 6.17 141.86 -21.01
N ILE XA 50 6.54 142.98 -21.64
CA ILE XA 50 6.05 143.39 -22.95
C ILE XA 50 7.23 143.40 -23.91
N ASN XA 51 7.04 142.86 -25.11
CA ASN XA 51 8.09 142.83 -26.11
C ASN XA 51 7.52 143.24 -27.46
N SER XA 52 8.24 144.08 -28.19
CA SER XA 52 7.77 144.59 -29.47
C SER XA 52 8.92 144.50 -30.46
N THR XA 53 8.85 143.56 -31.41
CA THR XA 53 9.95 143.38 -32.35
C THR XA 53 9.47 143.41 -33.79
N ALA XA 54 10.43 143.67 -34.67
CA ALA XA 54 10.26 143.57 -36.11
C ALA XA 54 11.58 143.10 -36.70
N PRO XA 55 11.55 142.41 -37.83
CA PRO XA 55 12.80 142.09 -38.51
C PRO XA 55 13.34 143.31 -39.24
N VAL XA 56 14.67 143.40 -39.32
CA VAL XA 56 15.35 144.47 -40.04
C VAL XA 56 16.30 143.82 -41.03
N THR XA 57 16.12 144.12 -42.31
CA THR XA 57 17.09 143.72 -43.33
C THR XA 57 18.43 144.39 -43.04
N ILE XA 58 19.48 143.58 -42.93
CA ILE XA 58 20.81 144.14 -42.70
C ILE XA 58 21.15 145.10 -43.82
N ASN XA 59 21.68 146.25 -43.45
CA ASN XA 59 22.19 147.19 -44.44
C ASN XA 59 23.16 146.47 -45.37
N THR XA 60 22.79 146.36 -46.65
CA THR XA 60 23.53 145.54 -47.57
C THR XA 60 23.95 146.34 -48.80
N CYS XA 61 24.70 145.67 -49.65
CA CYS XA 61 25.30 146.30 -50.83
C CYS XA 61 24.29 146.53 -51.94
N ASP XA 62 23.33 145.63 -52.11
CA ASP XA 62 22.40 145.68 -53.23
C ASP XA 62 21.53 146.93 -53.18
N PRO XA 63 21.16 147.48 -54.34
CA PRO XA 63 20.13 148.53 -54.34
C PRO XA 63 18.79 148.02 -53.86
N THR XA 64 18.41 146.81 -54.28
CA THR XA 64 17.25 146.15 -53.70
C THR XA 64 17.52 145.88 -52.23
N LYS XA 65 16.48 146.02 -51.40
CA LYS XA 65 16.62 145.83 -49.96
C LYS XA 65 16.59 144.33 -49.67
N CYS XA 66 17.73 143.69 -49.93
CA CYS XA 66 17.87 142.25 -49.73
C CYS XA 66 19.14 141.94 -48.95
N GLY XA 67 18.98 141.25 -47.82
CA GLY XA 67 20.08 140.78 -47.02
C GLY XA 67 19.56 139.95 -45.87
N PRO XA 68 20.46 139.38 -45.07
CA PRO XA 68 20.02 138.68 -43.85
C PRO XA 68 19.24 139.62 -42.94
N THR XA 69 18.27 139.06 -42.24
CA THR XA 69 17.42 139.85 -41.34
C THR XA 69 17.84 139.59 -39.89
N VAL XA 70 18.04 140.67 -39.15
CA VAL XA 70 18.34 140.61 -37.72
C VAL XA 70 17.12 141.19 -37.02
N PRO XA 71 16.68 140.60 -35.90
CA PRO XA 71 15.53 141.17 -35.18
C PRO XA 71 15.92 142.44 -34.43
N MET XA 72 15.10 143.47 -34.55
CA MET XA 72 15.18 144.64 -33.69
C MET XA 72 13.98 144.64 -32.76
N GLY XA 73 14.19 145.08 -31.53
CA GLY XA 73 13.20 144.86 -30.50
C GLY XA 73 13.31 145.86 -29.37
N VAL XA 74 12.17 146.23 -28.83
CA VAL XA 74 12.09 147.07 -27.65
C VAL XA 74 11.29 146.30 -26.61
N SER XA 75 11.84 146.20 -25.41
CA SER XA 75 11.28 145.34 -24.37
C SER XA 75 11.13 146.12 -23.08
N PHE XA 76 9.98 145.94 -22.42
CA PHE XA 76 9.69 146.57 -21.15
C PHE XA 76 9.35 145.49 -20.13
N LYS XA 77 10.02 145.52 -18.98
CA LYS XA 77 9.80 144.55 -17.92
C LYS XA 77 9.55 145.27 -16.61
N SER XA 78 8.71 144.68 -15.76
CA SER XA 78 8.23 145.34 -14.55
C SER XA 78 8.01 144.30 -13.46
N SER XA 79 8.68 144.45 -12.32
CA SER XA 79 8.50 143.51 -11.22
C SER XA 79 8.35 144.26 -9.90
N MET XA 80 7.24 144.01 -9.21
CA MET XA 80 7.02 144.72 -7.95
C MET XA 80 6.10 143.90 -7.08
N PRO XA 81 6.17 144.03 -5.76
CA PRO XA 81 5.23 143.30 -4.90
C PRO XA 81 3.84 143.92 -5.01
N GLU XA 82 2.83 143.07 -4.83
CA GLU XA 82 1.44 143.47 -5.07
C GLU XA 82 1.07 144.72 -4.29
N ASP XA 83 0.27 145.57 -4.94
CA ASP XA 83 -0.28 146.82 -4.39
C ASP XA 83 0.78 147.88 -4.09
N ALA XA 84 2.01 147.71 -4.56
CA ALA XA 84 3.01 148.76 -4.45
C ALA XA 84 2.69 149.90 -5.42
N ASP XA 85 3.38 151.04 -5.27
CA ASP XA 85 3.13 152.18 -6.16
C ASP XA 85 4.35 152.47 -7.03
N PRO XA 86 4.37 152.02 -8.28
CA PRO XA 86 5.54 152.26 -9.14
C PRO XA 86 5.53 153.62 -9.83
N ALA XA 87 4.69 154.56 -9.39
CA ALA XA 87 4.48 155.80 -10.12
C ALA XA 87 5.79 156.53 -10.36
N GLU XA 88 6.61 156.67 -9.33
CA GLU XA 88 7.84 157.44 -9.47
C GLU XA 88 8.89 156.66 -10.24
N VAL XA 89 8.94 155.35 -10.05
CA VAL XA 89 9.85 154.50 -10.81
C VAL XA 89 9.56 154.60 -12.30
N LEU XA 90 8.27 154.49 -12.66
CA LEU XA 90 7.85 154.68 -14.05
C LEU XA 90 8.23 156.05 -14.57
N LYS XA 91 7.99 157.09 -13.77
CA LYS XA 91 8.29 158.45 -14.22
C LYS XA 91 9.76 158.61 -14.56
N ALA XA 92 10.64 158.13 -13.67
CA ALA XA 92 12.09 158.22 -13.91
C ALA XA 92 12.51 157.39 -15.12
N ALA XA 93 11.99 156.16 -15.22
CA ALA XA 93 12.30 155.32 -16.36
C ALA XA 93 11.91 156.01 -17.66
N LYS XA 94 10.72 156.63 -17.69
CA LYS XA 94 10.26 157.30 -18.89
C LYS XA 94 11.14 158.50 -19.23
N ALA XA 95 11.59 159.25 -18.23
CA ALA XA 95 12.51 160.37 -18.49
C ALA XA 95 13.82 159.89 -19.10
N ALA XA 96 14.38 158.82 -18.54
CA ALA XA 96 15.62 158.25 -19.09
C ALA XA 96 15.42 157.79 -20.53
N LEU XA 97 14.32 157.06 -20.78
CA LEU XA 97 14.04 156.61 -22.13
C LEU XA 97 13.90 157.79 -23.08
N ALA XA 98 13.28 158.88 -22.61
CA ALA XA 98 13.17 160.07 -23.45
C ALA XA 98 14.55 160.59 -23.82
N LEU XA 99 15.49 160.53 -22.88
CA LEU XA 99 16.85 160.97 -23.20
C LEU XA 99 17.52 160.05 -24.23
N PHE XA 100 17.35 158.75 -24.10
CA PHE XA 100 18.12 157.78 -24.90
C PHE XA 100 17.40 157.32 -26.17
N GLU XA 101 16.16 157.77 -26.41
CA GLU XA 101 15.34 157.20 -27.48
C GLU XA 101 15.91 157.49 -28.85
N ALA XA 102 16.38 158.71 -29.09
CA ALA XA 102 17.00 159.02 -30.36
C ALA XA 102 18.31 158.25 -30.56
N ASN XA 103 18.97 157.88 -29.46
CA ASN XA 103 20.26 157.22 -29.49
C ASN XA 103 20.15 155.71 -29.33
N LEU XA 104 18.95 155.15 -29.42
CA LEU XA 104 18.80 153.70 -29.34
C LEU XA 104 19.58 152.96 -30.42
N ASN XA 105 19.92 153.64 -31.53
CA ASN XA 105 20.62 153.03 -32.65
C ASN XA 105 21.95 153.71 -32.96
N SER XA 106 22.53 154.43 -32.00
CA SER XA 106 23.55 155.43 -32.33
C SER XA 106 24.97 154.90 -32.31
N ALA XA 107 25.27 153.87 -31.51
CA ALA XA 107 26.62 153.36 -31.29
C ALA XA 107 27.53 154.37 -30.58
N PHE XA 108 26.97 155.50 -30.15
CA PHE XA 108 27.66 156.48 -29.34
C PHE XA 108 26.86 156.70 -28.07
N ASN XA 109 27.55 156.73 -26.93
CA ASN XA 109 26.87 156.91 -25.65
C ASN XA 109 26.99 158.37 -25.22
N LYS XA 110 25.85 159.00 -24.99
CA LYS XA 110 25.82 160.38 -24.51
C LYS XA 110 26.06 160.37 -23.00
N ASN XA 111 27.11 161.09 -22.56
CA ASN XA 111 27.44 161.12 -21.14
C ASN XA 111 26.69 162.29 -20.51
N VAL XA 112 25.55 161.99 -19.88
CA VAL XA 112 24.76 162.99 -19.16
C VAL XA 112 24.96 162.79 -17.67
N ASP XA 113 25.06 163.91 -16.94
CA ASP XA 113 25.34 163.90 -15.51
C ASP XA 113 24.10 164.04 -14.64
N GLU XA 114 22.96 164.44 -15.21
CA GLU XA 114 21.72 164.44 -14.44
C GLU XA 114 20.53 164.29 -15.37
N ILE XA 115 19.44 163.77 -14.80
CA ILE XA 115 18.23 163.42 -15.54
C ILE XA 115 17.06 164.05 -14.81
N SER XA 116 16.43 165.05 -15.43
CA SER XA 116 15.33 165.77 -14.79
C SER XA 116 14.00 165.06 -14.99
N VAL XA 117 13.20 165.00 -13.93
CA VAL XA 117 11.99 164.20 -13.86
C VAL XA 117 10.82 165.08 -13.41
N ALA XA 118 9.61 164.73 -13.89
CA ALA XA 118 8.35 165.37 -13.49
C ALA XA 118 8.37 166.89 -13.63
N ALA YA 1 -23.67 148.41 -9.08
CA ALA YA 1 -23.58 147.84 -10.43
C ALA YA 1 -22.15 147.83 -10.92
N TYR YA 2 -21.69 146.68 -11.42
CA TYR YA 2 -20.34 146.55 -11.93
C TYR YA 2 -20.30 145.52 -13.05
N LYS YA 3 -19.14 145.41 -13.69
CA LYS YA 3 -18.91 144.48 -14.80
C LYS YA 3 -17.80 143.52 -14.47
N LEU YA 4 -18.02 142.24 -14.73
CA LEU YA 4 -16.98 141.20 -14.62
C LEU YA 4 -16.23 141.15 -15.95
N ILE YA 5 -15.05 141.74 -15.99
CA ILE YA 5 -14.20 141.78 -17.18
C ILE YA 5 -13.50 140.45 -17.35
N LYS YA 6 -13.38 140.00 -18.60
CA LYS YA 6 -12.77 138.69 -18.86
C LYS YA 6 -11.26 138.75 -18.70
N MET YA 7 -10.74 137.93 -17.80
CA MET YA 7 -9.31 137.77 -17.62
C MET YA 7 -8.73 136.93 -18.75
N ALA YA 8 -7.42 137.04 -18.93
CA ALA YA 8 -6.71 136.35 -20.00
C ALA YA 8 -6.26 134.98 -19.49
N GLY YA 9 -6.92 133.93 -19.95
CA GLY YA 9 -6.65 132.59 -19.48
C GLY YA 9 -6.08 131.73 -20.58
N GLY YA 10 -5.18 130.83 -20.21
CA GLY YA 10 -4.61 129.91 -21.18
C GLY YA 10 -5.57 128.83 -21.61
N ASN YA 11 -6.40 128.34 -20.68
CA ASN YA 11 -7.35 127.29 -20.98
C ASN YA 11 -8.62 127.89 -21.57
N SER YA 12 -9.06 127.34 -22.70
CA SER YA 12 -10.26 127.83 -23.37
C SER YA 12 -11.55 127.23 -22.84
N ALA YA 13 -11.48 126.09 -22.14
CA ALA YA 13 -12.69 125.49 -21.59
C ALA YA 13 -13.25 126.33 -20.45
N ILE YA 14 -12.38 127.02 -19.71
CA ILE YA 14 -12.75 127.83 -18.55
C ILE YA 14 -12.60 129.30 -18.92
N GLN YA 15 -13.66 130.07 -18.70
CA GLN YA 15 -13.61 131.52 -18.85
C GLN YA 15 -13.57 132.15 -17.46
N THR YA 16 -12.57 132.97 -17.21
CA THR YA 16 -12.38 133.61 -15.93
C THR YA 16 -12.60 135.11 -16.06
N TYR YA 17 -13.21 135.71 -15.05
CA TYR YA 17 -13.56 137.12 -15.04
C TYR YA 17 -13.19 137.68 -13.68
N ALA YA 18 -12.88 138.97 -13.66
CA ALA YA 18 -12.60 139.73 -12.45
C ALA YA 18 -13.47 140.97 -12.45
N ARG YA 19 -13.93 141.37 -11.26
CA ARG YA 19 -14.74 142.57 -11.15
C ARG YA 19 -13.90 143.79 -11.47
N GLU YA 20 -14.52 144.77 -12.15
CA GLU YA 20 -13.78 145.96 -12.55
C GLU YA 20 -13.30 146.75 -11.35
N ASP YA 21 -14.19 146.97 -10.37
CA ASP YA 21 -13.81 147.68 -9.15
C ASP YA 21 -12.75 146.93 -8.37
N LYS YA 22 -13.06 145.70 -7.96
CA LYS YA 22 -12.14 144.86 -7.20
C LYS YA 22 -11.69 143.73 -8.12
N THR YA 23 -10.47 143.80 -8.62
CA THR YA 23 -9.95 142.68 -9.39
C THR YA 23 -9.63 141.48 -8.50
N THR YA 24 -9.84 141.59 -7.18
CA THR YA 24 -9.66 140.45 -6.29
C THR YA 24 -10.86 139.53 -6.31
N GLN YA 25 -12.04 140.08 -6.57
CA GLN YA 25 -13.25 139.28 -6.67
C GLN YA 25 -13.34 138.69 -8.07
N THR YA 26 -13.40 137.37 -8.16
CA THR YA 26 -13.36 136.71 -9.45
C THR YA 26 -14.53 135.74 -9.60
N LEU YA 27 -14.68 135.24 -10.83
CA LEU YA 27 -15.76 134.36 -11.22
C LEU YA 27 -15.32 133.53 -12.42
N SER YA 28 -15.60 132.23 -12.39
CA SER YA 28 -15.21 131.33 -13.45
C SER YA 28 -16.42 130.55 -13.95
N THR YA 29 -16.53 130.40 -15.26
CA THR YA 29 -17.57 129.59 -15.88
C THR YA 29 -16.92 128.52 -16.75
N GLN YA 30 -17.40 127.28 -16.62
CA GLN YA 30 -16.86 126.18 -17.38
C GLN YA 30 -17.97 125.21 -17.76
N LYS YA 31 -18.05 124.85 -19.04
CA LYS YA 31 -18.94 123.79 -19.48
C LYS YA 31 -18.11 122.68 -20.12
N THR YA 32 -18.41 121.45 -19.73
CA THR YA 32 -17.72 120.27 -20.23
C THR YA 32 -18.76 119.24 -20.67
N ILE YA 33 -18.35 118.38 -21.59
CA ILE YA 33 -19.24 117.38 -22.19
C ILE YA 33 -18.63 116.01 -21.99
N SER YA 34 -19.45 115.04 -21.59
CA SER YA 34 -19.05 113.65 -21.40
C SER YA 34 -19.91 112.75 -22.27
N VAL YA 35 -19.35 111.62 -22.68
CA VAL YA 35 -20.04 110.65 -23.51
C VAL YA 35 -20.37 109.43 -22.66
N LEU YA 36 -21.63 109.03 -22.67
CA LEU YA 36 -22.10 107.88 -21.90
C LEU YA 36 -22.56 106.85 -22.93
N ARG YA 37 -21.78 105.81 -23.12
CA ARG YA 37 -22.05 104.81 -24.15
C ARG YA 37 -22.86 103.68 -23.53
N ASN YA 38 -24.11 103.54 -23.94
CA ASN YA 38 -24.98 102.42 -23.59
C ASN YA 38 -25.20 101.62 -24.86
N GLY YA 39 -24.61 100.43 -24.91
CA GLY YA 39 -24.70 99.60 -26.11
C GLY YA 39 -24.09 100.32 -27.29
N SER YA 40 -24.87 100.45 -28.37
CA SER YA 40 -24.43 101.14 -29.57
C SER YA 40 -24.95 102.56 -29.65
N THR YA 41 -25.46 103.10 -28.53
CA THR YA 41 -25.97 104.46 -28.49
C THR YA 41 -25.18 105.24 -27.46
N SER YA 42 -24.59 106.34 -27.87
CA SER YA 42 -23.84 107.21 -26.97
C SER YA 42 -24.63 108.49 -26.72
N THR YA 43 -24.79 108.84 -25.45
CA THR YA 43 -25.56 110.01 -25.04
C THR YA 43 -24.64 111.05 -24.40
N ARG YA 44 -24.98 112.30 -24.63
CA ARG YA 44 -24.16 113.44 -24.28
C ARG YA 44 -24.57 113.97 -22.90
N ILE YA 45 -23.60 114.24 -22.05
CA ILE YA 45 -23.84 114.64 -20.66
C ILE YA 45 -23.14 115.97 -20.39
N ILE YA 46 -23.93 117.00 -20.12
CA ILE YA 46 -23.45 118.37 -20.02
C ILE YA 46 -23.26 118.71 -18.54
N LYS YA 47 -22.07 119.19 -18.20
CA LYS YA 47 -21.73 119.62 -16.85
C LYS YA 47 -21.29 121.08 -16.88
N VAL YA 48 -21.90 121.89 -16.02
CA VAL YA 48 -21.59 123.31 -15.90
C VAL YA 48 -21.07 123.58 -14.50
N HIS YA 49 -20.06 124.44 -14.40
CA HIS YA 49 -19.47 124.81 -13.13
C HIS YA 49 -19.19 126.31 -13.10
N ILE YA 50 -19.89 127.02 -12.22
CA ILE YA 50 -19.69 128.45 -11.99
C ILE YA 50 -19.15 128.64 -10.58
N ASN YA 51 -18.11 129.44 -10.44
CA ASN YA 51 -17.53 129.72 -9.12
C ASN YA 51 -17.35 131.22 -8.97
N SER YA 52 -17.71 131.76 -7.81
CA SER YA 52 -17.60 133.20 -7.56
C SER YA 52 -16.96 133.39 -6.20
N THR YA 53 -15.69 133.83 -6.16
CA THR YA 53 -15.00 133.97 -4.89
C THR YA 53 -14.39 135.35 -4.74
N ALA YA 54 -13.97 135.62 -3.51
CA ALA YA 54 -13.25 136.83 -3.16
C ALA YA 54 -12.49 136.55 -1.89
N PRO YA 55 -11.34 137.20 -1.68
CA PRO YA 55 -10.57 136.95 -0.46
C PRO YA 55 -11.12 137.77 0.70
N VAL YA 56 -11.29 137.14 1.86
CA VAL YA 56 -11.65 137.82 3.10
C VAL YA 56 -10.49 137.66 4.07
N THR YA 57 -10.19 138.73 4.81
CA THR YA 57 -9.08 138.74 5.76
C THR YA 57 -9.61 138.54 7.18
N ILE YA 58 -9.08 137.55 7.87
CA ILE YA 58 -9.46 137.24 9.24
C ILE YA 58 -8.60 138.08 10.17
N ASN YA 59 -9.18 139.11 10.77
CA ASN YA 59 -8.42 139.99 11.66
C ASN YA 59 -8.24 139.29 13.00
N THR YA 60 -6.98 139.08 13.38
CA THR YA 60 -6.61 138.52 14.67
C THR YA 60 -5.65 139.49 15.34
N CYS YA 61 -5.89 139.78 16.61
CA CYS YA 61 -5.05 140.74 17.30
C CYS YA 61 -3.65 140.14 17.50
N ASP YA 62 -2.64 140.98 17.29
CA ASP YA 62 -1.26 140.56 17.21
C ASP YA 62 -0.39 141.78 17.41
N PRO YA 63 0.81 141.65 17.99
CA PRO YA 63 1.72 142.79 18.04
C PRO YA 63 1.96 143.40 16.66
N THR YA 64 2.09 142.56 15.65
CA THR YA 64 2.15 142.97 14.26
C THR YA 64 0.80 142.68 13.62
N LYS YA 65 0.05 143.73 13.26
CA LYS YA 65 -1.36 143.59 12.88
C LYS YA 65 -1.49 143.22 11.40
N CYS YA 66 -1.10 141.98 11.08
CA CYS YA 66 -1.37 141.37 9.79
C CYS YA 66 -1.90 139.97 10.01
N GLY YA 67 -3.12 139.71 9.55
CA GLY YA 67 -3.74 138.41 9.67
C GLY YA 67 -3.84 137.71 8.34
N PRO YA 68 -4.21 136.43 8.36
CA PRO YA 68 -4.21 135.64 7.12
C PRO YA 68 -5.42 135.96 6.26
N THR YA 69 -5.36 135.48 5.02
CA THR YA 69 -6.43 135.69 4.06
C THR YA 69 -6.94 134.34 3.58
N VAL YA 70 -8.26 134.18 3.57
CA VAL YA 70 -8.89 132.92 3.19
C VAL YA 70 -10.05 133.26 2.27
N PRO YA 71 -10.33 132.46 1.24
CA PRO YA 71 -11.36 132.85 0.27
C PRO YA 71 -12.76 132.51 0.73
N MET YA 72 -13.69 133.40 0.42
CA MET YA 72 -15.12 133.11 0.53
C MET YA 72 -15.67 132.92 -0.88
N GLY YA 73 -16.48 131.88 -1.03
CA GLY YA 73 -16.85 131.43 -2.36
C GLY YA 73 -18.27 130.92 -2.41
N VAL YA 74 -18.89 131.09 -3.57
CA VAL YA 74 -20.20 130.55 -3.84
C VAL YA 74 -20.09 129.79 -5.15
N SER YA 75 -20.44 128.52 -5.13
CA SER YA 75 -20.23 127.62 -6.26
C SER YA 75 -21.56 127.03 -6.72
N PHE YA 76 -21.70 126.88 -8.03
CA PHE YA 76 -22.86 126.27 -8.66
C PHE YA 76 -22.35 125.19 -9.59
N LYS YA 77 -22.91 123.98 -9.47
CA LYS YA 77 -22.56 122.90 -10.37
C LYS YA 77 -23.84 122.26 -10.90
N SER YA 78 -23.74 121.70 -12.11
CA SER YA 78 -24.88 121.18 -12.84
C SER YA 78 -24.40 120.02 -13.70
N SER YA 79 -25.20 118.95 -13.78
CA SER YA 79 -24.85 117.81 -14.61
C SER YA 79 -26.11 117.08 -15.04
N MET YA 80 -26.28 116.89 -16.35
CA MET YA 80 -27.50 116.24 -16.81
C MET YA 80 -27.32 115.75 -18.23
N PRO YA 81 -28.09 114.76 -18.67
CA PRO YA 81 -28.02 114.33 -20.06
C PRO YA 81 -28.60 115.39 -20.97
N GLU YA 82 -28.10 115.40 -22.20
CA GLU YA 82 -28.51 116.41 -23.17
C GLU YA 82 -30.01 116.39 -23.36
N ASP YA 83 -30.59 117.58 -23.53
CA ASP YA 83 -32.02 117.78 -23.78
C ASP YA 83 -32.89 117.32 -22.61
N ALA YA 84 -32.34 117.23 -21.41
CA ALA YA 84 -33.14 116.95 -20.23
C ALA YA 84 -33.77 118.25 -19.73
N ASP YA 85 -34.69 118.14 -18.77
CA ASP YA 85 -35.36 119.35 -18.27
C ASP YA 85 -34.96 119.62 -16.83
N PRO YA 86 -34.12 120.62 -16.56
CA PRO YA 86 -33.75 120.94 -15.18
C PRO YA 86 -34.69 121.90 -14.46
N ALA YA 87 -35.81 122.27 -15.07
CA ALA YA 87 -36.60 123.38 -14.56
C ALA YA 87 -36.98 123.15 -13.11
N GLU YA 88 -37.36 121.91 -12.76
CA GLU YA 88 -37.88 121.69 -11.42
C GLU YA 88 -36.77 121.52 -10.40
N VAL YA 89 -35.68 120.82 -10.74
CA VAL YA 89 -34.55 120.75 -9.80
C VAL YA 89 -33.97 122.13 -9.55
N LEU YA 90 -33.98 122.99 -10.57
CA LEU YA 90 -33.58 124.38 -10.37
C LEU YA 90 -34.51 125.09 -9.39
N LYS YA 91 -35.82 124.99 -9.61
CA LYS YA 91 -36.77 125.65 -8.70
C LYS YA 91 -36.56 125.20 -7.26
N ALA YA 92 -36.41 123.89 -7.05
CA ALA YA 92 -36.23 123.35 -5.70
C ALA YA 92 -34.92 123.84 -5.09
N ALA YA 93 -33.82 123.72 -5.83
CA ALA YA 93 -32.53 124.20 -5.36
C ALA YA 93 -32.60 125.67 -4.99
N LYS YA 94 -33.29 126.46 -5.81
CA LYS YA 94 -33.38 127.89 -5.55
C LYS YA 94 -34.19 128.18 -4.30
N ALA YA 95 -35.24 127.39 -4.04
CA ALA YA 95 -36.01 127.58 -2.80
C ALA YA 95 -35.18 127.24 -1.57
N ALA YA 96 -34.42 126.15 -1.63
CA ALA YA 96 -33.53 125.81 -0.51
C ALA YA 96 -32.47 126.88 -0.30
N LEU YA 97 -31.86 127.35 -1.39
CA LEU YA 97 -30.91 128.45 -1.31
C LEU YA 97 -31.55 129.67 -0.67
N ALA YA 98 -32.80 129.95 -1.03
CA ALA YA 98 -33.50 131.09 -0.45
C ALA YA 98 -33.59 130.95 1.05
N LEU YA 99 -33.82 129.73 1.54
CA LEU YA 99 -33.84 129.52 3.00
C LEU YA 99 -32.45 129.75 3.60
N PHE YA 100 -31.41 129.19 2.99
CA PHE YA 100 -30.10 129.22 3.65
C PHE YA 100 -29.29 130.49 3.39
N GLU YA 101 -29.71 131.33 2.43
CA GLU YA 101 -28.84 132.40 1.92
C GLU YA 101 -28.52 133.42 2.99
N ALA YA 102 -29.52 133.86 3.75
CA ALA YA 102 -29.29 134.81 4.83
C ALA YA 102 -28.26 134.29 5.83
N ASN YA 103 -28.29 132.98 6.09
CA ASN YA 103 -27.48 132.36 7.12
C ASN YA 103 -26.22 131.67 6.58
N LEU YA 104 -25.70 132.13 5.44
CA LEU YA 104 -24.52 131.50 4.86
C LEU YA 104 -23.25 131.78 5.66
N ASN YA 105 -23.26 132.83 6.46
CA ASN YA 105 -22.09 133.26 7.22
C ASN YA 105 -22.31 133.14 8.74
N SER YA 106 -23.29 132.34 9.18
CA SER YA 106 -23.76 132.47 10.54
C SER YA 106 -23.56 131.26 11.44
N ALA YA 107 -23.31 130.07 10.89
CA ALA YA 107 -23.06 128.85 11.67
C ALA YA 107 -24.29 128.37 12.45
N PHE YA 108 -25.47 128.90 12.13
CA PHE YA 108 -26.72 128.47 12.73
C PHE YA 108 -27.48 127.61 11.74
N ASN YA 109 -28.17 126.59 12.26
CA ASN YA 109 -29.04 125.78 11.42
C ASN YA 109 -30.14 125.20 12.28
N LYS YA 110 -31.38 125.33 11.83
CA LYS YA 110 -32.56 124.85 12.55
C LYS YA 110 -33.21 123.75 11.73
N ASN YA 111 -33.84 122.80 12.43
CA ASN YA 111 -34.55 121.74 11.72
C ASN YA 111 -35.69 122.32 10.91
N VAL YA 112 -35.72 121.98 9.63
CA VAL YA 112 -36.78 122.39 8.73
C VAL YA 112 -37.51 121.14 8.29
N ASP YA 113 -38.81 121.06 8.59
CA ASP YA 113 -39.58 119.87 8.29
C ASP YA 113 -40.06 119.85 6.86
N GLU YA 114 -40.13 120.99 6.19
CA GLU YA 114 -40.50 121.00 4.78
C GLU YA 114 -40.06 122.31 4.14
N ILE YA 115 -39.82 122.24 2.83
CA ILE YA 115 -39.44 123.37 2.01
C ILE YA 115 -40.53 123.54 0.96
N SER YA 116 -41.15 124.71 0.94
CA SER YA 116 -42.22 124.99 -0.03
C SER YA 116 -41.61 125.54 -1.31
N VAL YA 117 -41.94 124.93 -2.44
CA VAL YA 117 -41.43 125.33 -3.74
C VAL YA 117 -42.51 126.08 -4.50
N ALA YA 118 -42.12 127.13 -5.21
CA ALA YA 118 -43.03 128.01 -5.92
C ALA YA 118 -43.89 127.28 -6.97
N ALA ZA 1 9.83 -45.52 107.78
CA ALA ZA 1 8.55 -44.95 108.19
C ALA ZA 1 8.64 -43.43 108.42
N TYR ZA 2 8.43 -42.65 107.35
CA TYR ZA 2 8.49 -41.19 107.40
C TYR ZA 2 7.43 -40.62 106.48
N LYS ZA 3 7.36 -39.28 106.42
CA LYS ZA 3 6.43 -38.62 105.52
C LYS ZA 3 7.05 -37.38 104.92
N LEU ZA 4 6.67 -37.12 103.66
CA LEU ZA 4 7.16 -35.98 102.89
C LEU ZA 4 6.15 -34.85 103.00
N ILE ZA 5 6.53 -33.76 103.61
CA ILE ZA 5 5.66 -32.61 103.76
C ILE ZA 5 5.91 -31.64 102.61
N LYS ZA 6 4.87 -30.93 102.19
CA LYS ZA 6 4.99 -30.01 101.08
C LYS ZA 6 5.91 -28.85 101.41
N MET ZA 7 6.79 -28.51 100.48
CA MET ZA 7 7.72 -27.40 100.61
C MET ZA 7 7.13 -26.13 100.03
N ALA ZA 8 7.66 -25.01 100.48
CA ALA ZA 8 7.37 -23.73 99.85
C ALA ZA 8 7.96 -23.71 98.44
N GLY ZA 9 7.12 -23.49 97.44
CA GLY ZA 9 7.56 -23.48 96.07
C GLY ZA 9 6.93 -22.32 95.32
N GLY ZA 10 7.57 -21.98 94.19
CA GLY ZA 10 7.14 -20.85 93.40
C GLY ZA 10 6.12 -21.16 92.34
N ASN ZA 11 6.20 -22.36 91.76
CA ASN ZA 11 5.32 -22.76 90.68
C ASN ZA 11 4.03 -23.38 91.23
N SER ZA 12 2.91 -23.12 90.54
CA SER ZA 12 1.63 -23.66 90.97
C SER ZA 12 1.36 -25.04 90.39
N ALA ZA 13 1.95 -25.35 89.22
CA ALA ZA 13 1.76 -26.66 88.61
C ALA ZA 13 2.59 -27.74 89.27
N ILE ZA 14 3.73 -27.35 89.85
CA ILE ZA 14 4.67 -28.28 90.46
C ILE ZA 14 4.46 -28.26 91.97
N GLN ZA 15 4.24 -29.44 92.55
CA GLN ZA 15 4.22 -29.62 94.01
C GLN ZA 15 5.55 -30.21 94.43
N THR ZA 16 6.23 -29.54 95.36
CA THR ZA 16 7.52 -29.99 95.87
C THR ZA 16 7.36 -30.39 97.32
N TYR ZA 17 7.93 -31.52 97.68
CA TYR ZA 17 7.89 -32.08 99.02
C TYR ZA 17 9.30 -32.39 99.48
N ALA ZA 18 9.51 -32.29 100.79
CA ALA ZA 18 10.75 -32.71 101.41
C ALA ZA 18 10.44 -33.69 102.53
N ARG ZA 19 11.39 -34.59 102.77
CA ARG ZA 19 11.25 -35.55 103.85
C ARG ZA 19 11.38 -34.86 105.20
N GLU ZA 20 10.54 -35.28 106.14
CA GLU ZA 20 10.56 -34.64 107.46
C GLU ZA 20 11.89 -34.88 108.17
N ASP ZA 21 12.36 -36.13 108.19
CA ASP ZA 21 13.62 -36.46 108.86
C ASP ZA 21 14.79 -35.76 108.18
N LYS ZA 22 15.01 -36.06 106.90
CA LYS ZA 22 16.05 -35.42 106.10
C LYS ZA 22 15.40 -34.47 105.11
N THR ZA 23 15.53 -33.18 105.35
CA THR ZA 23 15.02 -32.21 104.38
C THR ZA 23 15.91 -32.11 103.16
N THR ZA 24 16.92 -32.99 103.02
CA THR ZA 24 17.75 -33.06 101.83
C THR ZA 24 17.20 -34.00 100.79
N GLN ZA 25 16.37 -34.96 101.21
CA GLN ZA 25 15.67 -35.85 100.31
C GLN ZA 25 14.37 -35.18 99.89
N THR ZA 26 14.16 -35.03 98.58
CA THR ZA 26 13.01 -34.30 98.08
C THR ZA 26 12.30 -35.10 96.99
N LEU ZA 27 11.10 -34.63 96.66
CA LEU ZA 27 10.22 -35.26 95.68
C LEU ZA 27 9.37 -34.16 95.02
N SER ZA 28 9.04 -34.35 93.75
CA SER ZA 28 8.33 -33.32 93.00
C SER ZA 28 7.36 -33.96 92.03
N THR ZA 29 6.12 -33.48 92.02
CA THR ZA 29 5.09 -33.98 91.12
C THR ZA 29 4.51 -32.83 90.30
N GLN ZA 30 4.43 -33.02 88.99
CA GLN ZA 30 3.93 -32.01 88.09
C GLN ZA 30 2.96 -32.63 87.10
N LYS ZA 31 1.87 -31.91 86.82
CA LYS ZA 31 0.93 -32.32 85.78
C LYS ZA 31 0.78 -31.22 84.75
N THR ZA 32 0.90 -31.61 83.48
CA THR ZA 32 0.80 -30.75 82.32
C THR ZA 32 -0.34 -31.24 81.45
N ILE ZA 33 -1.16 -30.32 80.95
CA ILE ZA 33 -2.20 -30.64 79.98
C ILE ZA 33 -1.81 -30.01 78.65
N SER ZA 34 -1.90 -30.79 77.58
CA SER ZA 34 -1.63 -30.34 76.23
C SER ZA 34 -2.86 -30.61 75.37
N VAL ZA 35 -2.94 -29.93 74.23
CA VAL ZA 35 -4.06 -30.10 73.31
C VAL ZA 35 -3.51 -30.57 71.97
N LEU ZA 36 -4.09 -31.64 71.43
CA LEU ZA 36 -3.73 -32.13 70.12
C LEU ZA 36 -5.00 -32.25 69.30
N ARG ZA 37 -5.07 -31.50 68.19
CA ARG ZA 37 -6.28 -31.47 67.39
C ARG ZA 37 -6.00 -32.01 66.00
N ASN ZA 38 -6.90 -32.89 65.54
CA ASN ZA 38 -6.97 -33.36 64.16
C ASN ZA 38 -8.21 -32.76 63.52
N GLY ZA 39 -8.02 -31.92 62.52
CA GLY ZA 39 -9.14 -31.23 61.91
C GLY ZA 39 -9.88 -30.40 62.94
N SER ZA 40 -11.16 -30.72 63.11
CA SER ZA 40 -11.99 -30.05 64.09
C SER ZA 40 -11.89 -30.70 65.47
N THR ZA 41 -11.62 -32.00 65.53
CA THR ZA 41 -11.61 -32.68 66.82
C THR ZA 41 -10.33 -32.35 67.57
N SER ZA 42 -10.44 -32.26 68.89
CA SER ZA 42 -9.30 -31.94 69.74
C SER ZA 42 -9.35 -32.79 71.00
N THR ZA 43 -8.18 -33.28 71.42
CA THR ZA 43 -8.10 -34.18 72.56
C THR ZA 43 -6.97 -33.74 73.51
N ARG ZA 44 -7.18 -34.01 74.79
CA ARG ZA 44 -6.23 -33.61 75.82
C ARG ZA 44 -5.17 -34.68 76.02
N ILE ZA 45 -3.94 -34.22 76.21
CA ILE ZA 45 -2.80 -35.08 76.48
C ILE ZA 45 -2.31 -34.76 77.88
N ILE ZA 46 -2.49 -35.69 78.81
CA ILE ZA 46 -2.13 -35.49 80.20
C ILE ZA 46 -0.75 -36.11 80.44
N LYS ZA 47 0.16 -35.29 80.96
CA LYS ZA 47 1.54 -35.66 81.22
C LYS ZA 47 1.83 -35.46 82.70
N VAL ZA 48 2.34 -36.50 83.34
CA VAL ZA 48 2.69 -36.49 84.75
C VAL ZA 48 4.19 -36.71 84.87
N HIS ZA 49 4.81 -36.04 85.84
CA HIS ZA 49 6.24 -36.17 86.09
C HIS ZA 49 6.48 -36.20 87.60
N ILE ZA 50 7.06 -37.30 88.07
CA ILE ZA 50 7.40 -37.48 89.48
C ILE ZA 50 8.90 -37.70 89.57
N ASN ZA 51 9.58 -36.92 90.39
CA ASN ZA 51 11.04 -37.01 90.52
C ASN ZA 51 11.39 -37.07 91.99
N SER ZA 52 12.12 -38.12 92.40
CA SER ZA 52 12.56 -38.29 93.78
C SER ZA 52 14.08 -38.26 93.78
N THR ZA 53 14.68 -37.31 94.49
CA THR ZA 53 16.15 -37.28 94.57
C THR ZA 53 16.63 -37.04 95.98
N ALA ZA 54 17.90 -37.36 96.17
CA ALA ZA 54 18.64 -37.05 97.37
C ALA ZA 54 20.10 -36.84 96.98
N PRO ZA 55 20.84 -36.01 97.69
CA PRO ZA 55 22.26 -35.90 97.42
C PRO ZA 55 22.99 -37.10 98.01
N VAL ZA 56 24.08 -37.50 97.34
CA VAL ZA 56 24.93 -38.56 97.84
C VAL ZA 56 26.39 -38.14 97.67
N THR ZA 57 27.18 -38.38 98.71
CA THR ZA 57 28.58 -37.99 98.74
C THR ZA 57 29.40 -38.83 97.77
N ILE ZA 58 30.24 -38.18 96.96
CA ILE ZA 58 30.93 -38.88 95.88
C ILE ZA 58 31.83 -39.98 96.44
N ASN ZA 59 32.63 -39.65 97.43
CA ASN ZA 59 33.83 -40.42 97.75
C ASN ZA 59 33.53 -41.45 98.84
N THR ZA 60 33.45 -42.72 98.44
CA THR ZA 60 33.15 -43.77 99.40
C THR ZA 60 34.31 -44.01 100.36
N CYS ZA 61 35.53 -44.08 99.84
CA CYS ZA 61 36.73 -44.38 100.63
C CYS ZA 61 37.34 -43.15 101.30
N ASP ZA 62 36.69 -41.98 101.21
CA ASP ZA 62 37.18 -40.77 101.86
C ASP ZA 62 36.74 -40.74 103.33
N PRO ZA 63 37.32 -39.82 104.13
CA PRO ZA 63 36.90 -39.72 105.54
C PRO ZA 63 35.58 -38.97 105.72
N THR ZA 64 34.82 -38.82 104.63
CA THR ZA 64 33.53 -38.11 104.61
C THR ZA 64 33.71 -36.65 105.01
N LYS ZA 65 34.78 -36.02 104.51
CA LYS ZA 65 35.09 -34.62 104.82
C LYS ZA 65 34.33 -33.68 103.88
N CYS ZA 66 33.00 -33.80 103.90
CA CYS ZA 66 32.09 -33.00 103.07
C CYS ZA 66 32.55 -32.96 101.61
N GLY ZA 67 32.78 -34.15 101.06
CA GLY ZA 67 33.10 -34.28 99.67
C GLY ZA 67 31.94 -33.78 98.83
N PRO ZA 68 32.25 -33.19 97.67
CA PRO ZA 68 31.17 -32.67 96.83
C PRO ZA 68 30.17 -33.77 96.49
N THR ZA 69 28.90 -33.40 96.52
CA THR ZA 69 27.80 -34.35 96.40
C THR ZA 69 27.22 -34.33 95.00
N VAL ZA 70 26.72 -35.49 94.58
CA VAL ZA 70 26.04 -35.62 93.31
C VAL ZA 70 24.59 -36.03 93.59
N PRO ZA 71 23.63 -35.52 92.83
CA PRO ZA 71 22.23 -35.94 93.02
C PRO ZA 71 22.02 -37.36 92.51
N MET ZA 72 21.40 -38.18 93.35
CA MET ZA 72 20.93 -39.51 93.01
C MET ZA 72 19.41 -39.43 92.88
N GLY ZA 73 18.89 -39.97 91.78
CA GLY ZA 73 17.53 -39.67 91.39
C GLY ZA 73 16.80 -40.84 90.78
N VAL ZA 74 15.49 -40.87 90.97
CA VAL ZA 74 14.61 -41.85 90.37
C VAL ZA 74 13.39 -41.09 89.86
N SER ZA 75 13.10 -41.20 88.57
CA SER ZA 75 12.09 -40.39 87.91
C SER ZA 75 11.06 -41.26 87.21
N PHE ZA 76 9.85 -40.73 87.10
CA PHE ZA 76 8.72 -41.37 86.47
C PHE ZA 76 8.02 -40.34 85.60
N LYS ZA 77 7.68 -40.73 84.37
CA LYS ZA 77 6.97 -39.84 83.46
C LYS ZA 77 5.85 -40.60 82.77
N SER ZA 78 4.75 -39.89 82.52
CA SER ZA 78 3.53 -40.46 81.97
C SER ZA 78 2.97 -39.50 80.94
N SER ZA 79 2.66 -39.99 79.74
CA SER ZA 79 2.02 -39.16 78.72
C SER ZA 79 0.95 -39.95 78.01
N MET ZA 80 -0.30 -39.50 78.08
CA MET ZA 80 -1.36 -40.31 77.49
C MET ZA 80 -2.55 -39.43 77.13
N PRO ZA 81 -3.33 -39.82 76.13
CA PRO ZA 81 -4.59 -39.13 75.89
C PRO ZA 81 -5.52 -39.27 77.08
N GLU ZA 82 -6.30 -38.21 77.33
CA GLU ZA 82 -7.23 -38.21 78.45
C GLU ZA 82 -8.15 -39.43 78.38
N ASP ZA 83 -8.40 -40.03 79.55
CA ASP ZA 83 -9.27 -41.19 79.70
C ASP ZA 83 -8.74 -42.46 79.04
N ALA ZA 84 -7.46 -42.50 78.67
CA ALA ZA 84 -6.87 -43.75 78.19
C ALA ZA 84 -6.57 -44.66 79.37
N ASP ZA 85 -6.21 -45.91 79.08
CA ASP ZA 85 -5.99 -46.87 80.16
C ASP ZA 85 -4.51 -47.24 80.28
N PRO ZA 86 -3.76 -46.66 81.20
CA PRO ZA 86 -2.35 -47.01 81.36
C PRO ZA 86 -2.12 -48.33 82.06
N ALA ZA 87 -3.18 -49.05 82.43
CA ALA ZA 87 -3.05 -50.21 83.30
C ALA ZA 87 -2.01 -51.19 82.78
N GLU ZA 88 -2.04 -51.48 81.48
CA GLU ZA 88 -1.17 -52.50 80.93
C GLU ZA 88 0.27 -52.00 80.75
N VAL ZA 89 0.45 -50.77 80.26
CA VAL ZA 89 1.80 -50.24 80.14
C VAL ZA 89 2.45 -50.07 81.51
N LEU ZA 90 1.64 -49.77 82.53
CA LEU ZA 90 2.16 -49.70 83.89
C LEU ZA 90 2.58 -51.07 84.41
N LYS ZA 91 1.73 -52.10 84.21
CA LYS ZA 91 2.11 -53.45 84.61
C LYS ZA 91 3.44 -53.84 83.96
N ALA ZA 92 3.56 -53.62 82.66
CA ALA ZA 92 4.78 -53.96 81.93
C ALA ZA 92 5.98 -53.18 82.47
N ALA ZA 93 5.82 -51.86 82.64
CA ALA ZA 93 6.91 -51.03 83.13
C ALA ZA 93 7.38 -51.51 84.49
N LYS ZA 94 6.44 -51.82 85.39
CA LYS ZA 94 6.79 -52.27 86.73
C LYS ZA 94 7.50 -53.61 86.69
N ALA ZA 95 7.04 -54.52 85.83
CA ALA ZA 95 7.71 -55.81 85.67
C ALA ZA 95 9.15 -55.62 85.19
N ALA ZA 96 9.36 -54.73 84.22
CA ALA ZA 96 10.71 -54.45 83.75
C ALA ZA 96 11.56 -53.86 84.86
N LEU ZA 97 11.01 -52.89 85.59
CA LEU ZA 97 11.76 -52.23 86.66
C LEU ZA 97 12.23 -53.25 87.68
N ALA ZA 98 11.35 -54.19 88.07
CA ALA ZA 98 11.73 -55.20 89.05
C ALA ZA 98 13.03 -55.91 88.68
N LEU ZA 99 13.33 -56.07 87.38
CA LEU ZA 99 14.58 -56.70 86.99
C LEU ZA 99 15.78 -55.78 87.21
N PHE ZA 100 15.56 -54.47 87.15
CA PHE ZA 100 16.68 -53.53 87.25
C PHE ZA 100 16.93 -53.01 88.65
N GLU ZA 101 15.91 -52.92 89.51
CA GLU ZA 101 16.08 -52.11 90.70
C GLU ZA 101 17.06 -52.73 91.69
N ALA ZA 102 17.30 -54.03 91.61
CA ALA ZA 102 18.41 -54.59 92.38
C ALA ZA 102 19.74 -54.06 91.88
N ASN ZA 103 19.90 -53.97 90.57
CA ASN ZA 103 21.16 -53.60 89.92
C ASN ZA 103 21.10 -52.18 89.37
N LEU ZA 104 20.45 -51.28 90.10
CA LEU ZA 104 20.28 -49.89 89.66
C LEU ZA 104 21.56 -49.07 89.81
N ASN ZA 105 22.57 -49.61 90.50
CA ASN ZA 105 23.82 -48.92 90.73
C ASN ZA 105 25.04 -49.72 90.27
N SER ZA 106 24.85 -50.87 89.62
CA SER ZA 106 25.96 -51.81 89.50
C SER ZA 106 26.48 -51.96 88.09
N ALA ZA 107 26.08 -51.10 87.16
CA ALA ZA 107 26.68 -51.05 85.82
C ALA ZA 107 26.56 -52.36 85.05
N PHE ZA 108 25.74 -53.29 85.51
CA PHE ZA 108 25.64 -54.62 84.92
C PHE ZA 108 24.23 -54.78 84.34
N ASN ZA 109 24.14 -54.86 83.02
CA ASN ZA 109 22.86 -55.01 82.33
C ASN ZA 109 22.76 -56.45 81.85
N LYS ZA 110 21.97 -57.27 82.54
CA LYS ZA 110 21.85 -58.66 82.13
C LYS ZA 110 21.12 -58.76 80.79
N ASN ZA 111 21.57 -59.70 79.96
CA ASN ZA 111 20.87 -59.99 78.71
C ASN ZA 111 19.61 -60.76 79.05
N VAL ZA 112 18.47 -60.09 78.96
CA VAL ZA 112 17.16 -60.67 79.15
C VAL ZA 112 16.48 -60.75 77.79
N ASP ZA 113 16.08 -61.95 77.40
CA ASP ZA 113 15.42 -62.18 76.11
C ASP ZA 113 13.91 -62.20 76.21
N GLU ZA 114 13.35 -62.31 77.42
CA GLU ZA 114 11.91 -62.16 77.59
C GLU ZA 114 11.60 -61.79 79.03
N ILE ZA 115 10.61 -60.92 79.19
CA ILE ZA 115 10.17 -60.41 80.48
C ILE ZA 115 8.74 -60.88 80.69
N SER ZA 116 8.50 -61.61 81.78
CA SER ZA 116 7.18 -62.13 82.09
C SER ZA 116 6.41 -61.10 82.90
N VAL ZA 117 5.20 -60.78 82.44
CA VAL ZA 117 4.33 -59.82 83.11
C VAL ZA 117 3.22 -60.58 83.83
N ALA ZA 118 2.99 -60.23 85.09
CA ALA ZA 118 2.04 -60.95 85.92
C ALA ZA 118 0.60 -60.79 85.43
N ALA AB 1 -26.64 -31.48 89.08
CA ALA AB 1 -26.37 -32.88 89.34
C ALA AB 1 -24.91 -33.24 89.00
N TYR AB 2 -24.10 -32.22 88.72
CA TYR AB 2 -22.66 -32.39 88.49
C TYR AB 2 -21.92 -31.22 89.10
N LYS AB 3 -20.58 -31.27 89.03
CA LYS AB 3 -19.77 -30.17 89.53
C LYS AB 3 -18.63 -29.87 88.56
N LEU AB 4 -18.31 -28.58 88.44
CA LEU AB 4 -17.21 -28.11 87.61
C LEU AB 4 -15.96 -28.01 88.47
N ILE AB 5 -14.99 -28.86 88.20
CA ILE AB 5 -13.77 -28.90 88.99
C ILE AB 5 -12.73 -28.02 88.31
N LYS AB 6 -11.97 -27.27 89.12
CA LYS AB 6 -10.93 -26.39 88.59
C LYS AB 6 -9.86 -27.22 87.89
N MET AB 7 -9.57 -26.88 86.64
CA MET AB 7 -8.66 -27.71 85.89
C MET AB 7 -7.22 -27.42 86.29
N ALA AB 8 -6.35 -28.40 86.04
CA ALA AB 8 -4.93 -28.32 86.35
C ALA AB 8 -4.30 -27.34 85.37
N GLY AB 9 -4.58 -26.05 85.58
CA GLY AB 9 -4.03 -25.00 84.76
C GLY AB 9 -3.44 -23.92 85.64
N GLY AB 10 -2.54 -23.14 85.04
CA GLY AB 10 -1.91 -22.07 85.79
C GLY AB 10 -2.87 -20.93 86.06
N ASN AB 11 -3.21 -20.71 87.33
CA ASN AB 11 -4.10 -19.62 87.70
C ASN AB 11 -3.47 -18.28 87.27
N SER AB 12 -4.22 -17.52 86.47
CA SER AB 12 -3.77 -16.24 85.96
C SER AB 12 -4.65 -15.09 86.46
N ALA AB 13 -5.17 -15.23 87.68
CA ALA AB 13 -6.36 -14.52 88.16
C ALA AB 13 -7.55 -14.76 87.22
N ILE AB 14 -7.45 -15.83 86.44
CA ILE AB 14 -8.51 -16.38 85.60
C ILE AB 14 -8.66 -17.84 85.97
N GLN AB 15 -9.85 -18.24 86.43
CA GLN AB 15 -10.07 -19.60 86.91
C GLN AB 15 -10.88 -20.37 85.88
N THR AB 16 -10.31 -21.48 85.40
CA THR AB 16 -10.92 -22.30 84.39
C THR AB 16 -11.26 -23.67 84.97
N TYR AB 17 -12.51 -24.09 84.80
CA TYR AB 17 -13.05 -25.33 85.32
C TYR AB 17 -13.53 -26.18 84.15
N ALA AB 18 -13.50 -27.49 84.34
CA ALA AB 18 -14.12 -28.43 83.44
C ALA AB 18 -15.13 -29.28 84.20
N ARG AB 19 -16.17 -29.71 83.51
CA ARG AB 19 -17.19 -30.54 84.12
C ARG AB 19 -16.65 -31.93 84.41
N GLU AB 20 -17.01 -32.48 85.58
CA GLU AB 20 -16.34 -33.67 86.07
C GLU AB 20 -16.57 -34.85 85.15
N ASP AB 21 -17.82 -35.08 84.75
CA ASP AB 21 -18.14 -36.25 83.92
C ASP AB 21 -17.91 -35.98 82.43
N LYS AB 22 -18.38 -34.85 81.93
CA LYS AB 22 -18.09 -34.44 80.55
C LYS AB 22 -17.03 -33.35 80.60
N THR AB 23 -15.76 -33.75 80.50
CA THR AB 23 -14.68 -32.77 80.56
C THR AB 23 -14.57 -31.92 79.29
N THR AB 24 -15.45 -32.14 78.30
CA THR AB 24 -15.48 -31.27 77.13
C THR AB 24 -16.17 -29.96 77.42
N GLN AB 25 -17.07 -29.96 78.41
CA GLN AB 25 -17.78 -28.76 78.82
C GLN AB 25 -16.93 -28.00 79.82
N THR AB 26 -16.63 -26.75 79.52
CA THR AB 26 -15.75 -25.93 80.34
C THR AB 26 -16.44 -24.61 80.70
N LEU AB 27 -15.80 -23.90 81.63
CA LEU AB 27 -16.30 -22.64 82.16
C LEU AB 27 -15.15 -21.84 82.75
N SER AB 28 -15.11 -20.53 82.48
CA SER AB 28 -14.01 -19.67 82.90
C SER AB 28 -14.56 -18.42 83.58
N THR AB 29 -13.96 -18.03 84.70
CA THR AB 29 -14.36 -16.81 85.41
C THR AB 29 -13.13 -15.97 85.70
N GLN AB 30 -13.18 -14.71 85.27
CA GLN AB 30 -12.11 -13.75 85.60
C GLN AB 30 -12.71 -12.44 86.08
N LYS AB 31 -12.00 -11.80 87.00
CA LYS AB 31 -12.33 -10.45 87.45
C LYS AB 31 -11.10 -9.58 87.27
N THR AB 32 -11.29 -8.39 86.70
CA THR AB 32 -10.23 -7.44 86.47
C THR AB 32 -10.65 -6.08 87.02
N ILE AB 33 -9.65 -5.24 87.31
CA ILE AB 33 -9.89 -3.92 87.87
C ILE AB 33 -9.22 -2.88 86.98
N SER AB 34 -9.98 -1.87 86.57
CA SER AB 34 -9.50 -0.75 85.79
C SER AB 34 -9.58 0.51 86.63
N VAL AB 35 -8.86 1.55 86.19
CA VAL AB 35 -8.92 2.86 86.84
C VAL AB 35 -9.34 3.88 85.80
N LEU AB 36 -10.47 4.54 86.03
CA LEU AB 36 -10.99 5.56 85.13
C LEU AB 36 -10.81 6.92 85.80
N ARG AB 37 -10.03 7.79 85.17
CA ARG AB 37 -9.70 9.11 85.71
C ARG AB 37 -10.36 10.17 84.84
N ASN AB 38 -11.23 10.97 85.45
CA ASN AB 38 -11.82 12.15 84.80
C ASN AB 38 -11.39 13.37 85.61
N GLY AB 39 -10.42 14.12 85.09
CA GLY AB 39 -9.90 15.26 85.82
C GLY AB 39 -9.19 14.83 87.09
N SER AB 40 -9.57 15.45 88.22
CA SER AB 40 -8.97 15.13 89.50
C SER AB 40 -9.40 13.75 89.99
N THR AB 41 -10.65 13.38 89.74
CA THR AB 41 -11.22 12.16 90.28
C THR AB 41 -10.77 10.93 89.51
N SER AB 42 -10.46 9.86 90.26
CA SER AB 42 -10.20 8.54 89.71
C SER AB 42 -11.04 7.52 90.45
N THR AB 43 -11.64 6.59 89.70
CA THR AB 43 -12.49 5.57 90.28
C THR AB 43 -12.14 4.20 89.72
N ARG AB 44 -12.36 3.17 90.52
CA ARG AB 44 -12.06 1.80 90.13
C ARG AB 44 -13.27 1.16 89.47
N ILE AB 45 -13.02 0.45 88.38
CA ILE AB 45 -14.06 -0.22 87.59
C ILE AB 45 -13.83 -1.73 87.67
N ILE AB 46 -14.83 -2.44 88.21
CA ILE AB 46 -14.79 -3.89 88.35
C ILE AB 46 -15.41 -4.51 87.12
N LYS AB 47 -14.70 -5.46 86.50
CA LYS AB 47 -15.14 -6.13 85.28
C LYS AB 47 -15.07 -7.63 85.48
N VAL AB 48 -16.23 -8.28 85.45
CA VAL AB 48 -16.37 -9.73 85.57
C VAL AB 48 -16.67 -10.31 84.19
N HIS AB 49 -16.06 -11.46 83.89
CA HIS AB 49 -16.33 -12.17 82.66
C HIS AB 49 -16.42 -13.66 82.94
N ILE AB 50 -17.60 -14.23 82.68
CA ILE AB 50 -17.88 -15.66 82.84
C ILE AB 50 -18.19 -16.24 81.47
N ASN AB 51 -17.62 -17.39 81.16
CA ASN AB 51 -17.86 -18.04 79.88
C ASN AB 51 -18.13 -19.52 80.11
N SER AB 52 -19.12 -20.07 79.42
CA SER AB 52 -19.50 -21.47 79.60
C SER AB 52 -19.70 -22.07 78.22
N THR AB 53 -18.78 -22.94 77.79
CA THR AB 53 -18.87 -23.51 76.44
C THR AB 53 -18.80 -25.02 76.46
N ALA AB 54 -19.29 -25.61 75.38
CA ALA AB 54 -19.16 -27.02 75.09
C ALA AB 54 -19.03 -27.16 73.58
N PRO AB 55 -18.37 -28.22 73.10
CA PRO AB 55 -18.36 -28.47 71.67
C PRO AB 55 -19.68 -29.10 71.25
N VAL AB 56 -20.09 -28.79 70.02
CA VAL AB 56 -21.30 -29.37 69.43
C VAL AB 56 -20.91 -30.00 68.10
N THR AB 57 -21.17 -31.30 67.96
CA THR AB 57 -21.02 -31.95 66.67
C THR AB 57 -22.00 -31.35 65.67
N ILE AB 58 -21.48 -30.87 64.53
CA ILE AB 58 -22.35 -30.31 63.51
C ILE AB 58 -23.37 -31.36 63.09
N ASN AB 59 -24.62 -30.93 62.98
CA ASN AB 59 -25.66 -31.80 62.43
C ASN AB 59 -25.20 -32.34 61.10
N THR AB 60 -25.01 -33.66 61.04
CA THR AB 60 -24.39 -34.28 59.87
C THR AB 60 -25.28 -35.39 59.32
N CYS AB 61 -24.82 -35.94 58.21
CA CYS AB 61 -25.58 -36.93 57.45
C CYS AB 61 -25.57 -38.31 58.12
N ASP AB 62 -24.45 -38.67 58.75
CA ASP AB 62 -24.29 -40.02 59.28
C ASP AB 62 -25.28 -40.31 60.40
N PRO AB 63 -25.73 -41.56 60.53
CA PRO AB 63 -26.48 -41.93 61.73
C PRO AB 63 -25.64 -41.82 62.99
N THR AB 64 -24.39 -42.25 62.94
CA THR AB 64 -23.46 -41.98 64.02
C THR AB 64 -23.25 -40.47 64.14
N LYS AB 65 -23.13 -40.01 65.39
CA LYS AB 65 -22.98 -38.57 65.65
C LYS AB 65 -21.52 -38.20 65.40
N CYS AB 66 -21.17 -38.07 64.10
CA CYS AB 66 -19.82 -37.74 63.70
C CYS AB 66 -19.83 -36.61 62.68
N GLY AB 67 -19.12 -35.54 63.00
CA GLY AB 67 -18.93 -34.41 62.11
C GLY AB 67 -17.99 -33.40 62.73
N PRO AB 68 -17.65 -32.35 62.00
CA PRO AB 68 -16.86 -31.27 62.60
C PRO AB 68 -17.58 -30.68 63.81
N THR AB 69 -16.80 -30.25 64.80
CA THR AB 69 -17.34 -29.68 66.03
C THR AB 69 -17.19 -28.17 66.01
N VAL AB 70 -18.29 -27.47 66.29
CA VAL AB 70 -18.30 -26.03 66.44
C VAL AB 70 -18.54 -25.74 67.91
N PRO AB 71 -17.86 -24.76 68.50
CA PRO AB 71 -18.13 -24.45 69.92
C PRO AB 71 -19.44 -23.70 70.07
N MET AB 72 -20.25 -24.13 71.05
CA MET AB 72 -21.39 -23.37 71.50
C MET AB 72 -21.10 -22.83 72.90
N GLY AB 73 -21.57 -21.62 73.16
CA GLY AB 73 -21.12 -20.90 74.34
C GLY AB 73 -22.10 -19.86 74.80
N VAL AB 74 -22.17 -19.70 76.11
CA VAL AB 74 -22.97 -18.65 76.73
C VAL AB 74 -22.02 -17.84 77.60
N SER AB 75 -22.05 -16.52 77.43
CA SER AB 75 -21.08 -15.64 78.04
C SER AB 75 -21.78 -14.50 78.76
N PHE AB 76 -21.33 -14.20 79.96
CA PHE AB 76 -21.86 -13.10 80.77
C PHE AB 76 -20.73 -12.16 81.12
N LYS AB 77 -20.92 -10.86 80.84
CA LYS AB 77 -19.91 -9.85 81.13
C LYS AB 77 -20.55 -8.72 81.93
N SER AB 78 -19.76 -8.11 82.82
CA SER AB 78 -20.28 -7.14 83.77
C SER AB 78 -19.22 -6.09 84.06
N SER AB 79 -19.51 -4.82 83.82
CA SER AB 79 -18.56 -3.75 84.08
C SER AB 79 -19.25 -2.59 84.79
N MET AB 80 -18.73 -2.23 85.97
CA MET AB 80 -19.36 -1.14 86.70
C MET AB 80 -18.32 -0.52 87.63
N PRO AB 81 -18.46 0.76 87.98
CA PRO AB 81 -17.53 1.35 88.93
C PRO AB 81 -17.79 0.81 90.33
N GLU AB 82 -16.71 0.74 91.12
CA GLU AB 82 -16.75 0.08 92.42
C GLU AB 82 -17.87 0.64 93.30
N ASP AB 83 -18.50 -0.27 94.05
CA ASP AB 83 -19.57 0.01 95.01
C ASP AB 83 -20.86 0.52 94.38
N ALA AB 84 -21.00 0.44 93.05
CA ALA AB 84 -22.27 0.76 92.41
C ALA AB 84 -23.29 -0.33 92.69
N ASP AB 85 -24.56 -0.07 92.37
CA ASP AB 85 -25.61 -1.06 92.60
C ASP AB 85 -26.20 -1.57 91.29
N PRO AB 86 -25.78 -2.73 90.79
CA PRO AB 86 -26.30 -3.23 89.52
C PRO AB 86 -27.61 -3.99 89.63
N ALA AB 87 -28.31 -3.88 90.77
CA ALA AB 87 -29.47 -4.71 91.05
C ALA AB 87 -30.51 -4.63 89.93
N GLU AB 88 -30.83 -3.40 89.51
CA GLU AB 88 -31.90 -3.25 88.52
C GLU AB 88 -31.40 -3.61 87.13
N VAL AB 89 -30.13 -3.33 86.84
CA VAL AB 89 -29.54 -3.73 85.57
C VAL AB 89 -29.58 -5.25 85.42
N LEU AB 90 -29.15 -5.96 86.47
CA LEU AB 90 -29.22 -7.42 86.49
C LEU AB 90 -30.66 -7.90 86.32
N LYS AB 91 -31.61 -7.28 87.03
CA LYS AB 91 -33.00 -7.71 86.95
C LYS AB 91 -33.52 -7.63 85.50
N ALA AB 92 -33.27 -6.49 84.84
CA ALA AB 92 -33.71 -6.31 83.46
C ALA AB 92 -33.01 -7.28 82.52
N ALA AB 93 -31.69 -7.45 82.67
CA ALA AB 93 -30.96 -8.39 81.85
C ALA AB 93 -31.54 -9.79 81.98
N LYS AB 94 -31.85 -10.20 83.22
CA LYS AB 94 -32.39 -11.53 83.45
C LYS AB 94 -33.77 -11.69 82.82
N ALA AB 95 -34.60 -10.65 82.88
CA ALA AB 95 -35.92 -10.72 82.23
C ALA AB 95 -35.78 -10.89 80.72
N ALA AB 96 -34.88 -10.11 80.10
CA ALA AB 96 -34.64 -10.24 78.67
C ALA AB 96 -34.14 -11.63 78.31
N LEU AB 97 -33.18 -12.15 79.08
CA LEU AB 97 -32.67 -13.49 78.83
C LEU AB 97 -33.78 -14.52 78.97
N ALA AB 98 -34.68 -14.33 79.93
CA ALA AB 98 -35.81 -15.23 80.06
C ALA AB 98 -36.66 -15.24 78.80
N LEU AB 99 -36.83 -14.06 78.19
CA LEU AB 99 -37.59 -14.01 76.95
C LEU AB 99 -36.88 -14.73 75.81
N PHE AB 100 -35.56 -14.56 75.70
CA PHE AB 100 -34.83 -15.04 74.52
C PHE AB 100 -34.20 -16.43 74.69
N GLU AB 101 -34.33 -17.05 75.88
CA GLU AB 101 -33.58 -18.25 76.19
C GLU AB 101 -34.01 -19.43 75.32
N ALA AB 102 -35.31 -19.60 75.11
CA ALA AB 102 -35.77 -20.67 74.22
C ALA AB 102 -35.36 -20.42 72.78
N ASN AB 103 -35.16 -19.15 72.40
CA ASN AB 103 -34.82 -18.76 71.03
C ASN AB 103 -33.34 -18.53 70.83
N LEU AB 104 -32.50 -18.93 71.79
CA LEU AB 104 -31.06 -18.80 71.60
C LEU AB 104 -30.54 -19.56 70.38
N ASN AB 105 -31.28 -20.57 69.90
CA ASN AB 105 -30.86 -21.38 68.77
C ASN AB 105 -31.87 -21.35 67.62
N SER AB 106 -32.70 -20.32 67.54
CA SER AB 106 -33.92 -20.40 66.73
C SER AB 106 -33.76 -19.94 65.29
N ALA AB 107 -32.82 -19.02 65.01
CA ALA AB 107 -32.67 -18.37 63.70
C ALA AB 107 -33.87 -17.51 63.32
N PHE AB 108 -34.83 -17.34 64.22
CA PHE AB 108 -35.95 -16.44 64.06
C PHE AB 108 -35.95 -15.46 65.23
N ASN AB 109 -36.15 -14.19 64.94
CA ASN AB 109 -36.15 -13.17 65.99
C ASN AB 109 -37.59 -12.83 66.36
N LYS AB 110 -37.93 -12.99 67.63
CA LYS AB 110 -39.26 -12.62 68.12
C LYS AB 110 -39.29 -11.11 68.34
N ASN AB 111 -40.24 -10.44 67.68
CA ASN AB 111 -40.35 -8.99 67.80
C ASN AB 111 -41.29 -8.69 68.95
N VAL AB 112 -40.71 -8.39 70.13
CA VAL AB 112 -41.49 -8.00 71.31
C VAL AB 112 -41.34 -6.50 71.52
N ASP AB 113 -42.44 -5.86 71.91
CA ASP AB 113 -42.50 -4.41 72.07
C ASP AB 113 -42.33 -3.95 73.51
N GLU AB 114 -42.43 -4.84 74.49
CA GLU AB 114 -42.13 -4.46 75.87
C GLU AB 114 -41.69 -5.70 76.67
N ILE AB 115 -40.91 -5.44 77.71
CA ILE AB 115 -40.27 -6.46 78.53
C ILE AB 115 -40.60 -6.14 79.97
N SER AB 116 -41.41 -6.98 80.62
CA SER AB 116 -41.84 -6.73 81.99
C SER AB 116 -40.81 -7.26 82.99
N VAL AB 117 -40.57 -6.48 84.04
CA VAL AB 117 -39.48 -6.71 84.99
C VAL AB 117 -40.04 -6.68 86.41
N ALA AB 118 -39.41 -7.46 87.30
CA ALA AB 118 -39.72 -7.49 88.74
C ALA AB 118 -41.19 -7.72 89.03
N ALA BB 1 -15.34 -11.32 115.64
CA ALA BB 1 -14.81 -12.55 115.03
C ALA BB 1 -15.17 -12.60 113.54
N TYR BB 2 -14.16 -12.88 112.70
CA TYR BB 2 -14.37 -12.95 111.26
C TYR BB 2 -13.39 -13.94 110.65
N LYS BB 3 -13.57 -14.20 109.36
CA LYS BB 3 -12.73 -15.14 108.61
C LYS BB 3 -12.08 -14.43 107.44
N LEU BB 4 -10.78 -14.67 107.26
CA LEU BB 4 -10.04 -14.19 106.10
C LEU BB 4 -10.17 -15.23 104.99
N ILE BB 5 -11.04 -14.97 104.02
CA ILE BB 5 -11.30 -15.86 102.90
C ILE BB 5 -10.18 -15.74 101.88
N LYS BB 6 -9.78 -16.86 101.29
CA LYS BB 6 -8.66 -16.84 100.36
C LYS BB 6 -9.09 -16.26 99.02
N MET BB 7 -8.42 -15.19 98.60
CA MET BB 7 -8.62 -14.60 97.29
C MET BB 7 -7.95 -15.46 96.22
N ALA BB 8 -8.38 -15.25 94.99
CA ALA BB 8 -7.89 -16.02 93.85
C ALA BB 8 -6.68 -15.31 93.26
N GLY BB 9 -5.50 -15.86 93.49
CA GLY BB 9 -4.27 -15.24 93.05
C GLY BB 9 -3.58 -16.08 92.00
N GLY BB 10 -2.92 -15.40 91.06
CA GLY BB 10 -2.18 -16.10 90.02
C GLY BB 10 -0.90 -16.73 90.53
N ASN BB 11 -0.22 -16.03 91.45
CA ASN BB 11 1.03 -16.51 92.00
C ASN BB 11 0.76 -17.49 93.14
N SER BB 12 1.41 -18.66 93.09
CA SER BB 12 1.22 -19.68 94.11
C SER BB 12 2.12 -19.49 95.31
N ALA BB 13 3.21 -18.73 95.19
CA ALA BB 13 4.09 -18.51 96.32
C ALA BB 13 3.43 -17.64 97.39
N ILE BB 14 2.55 -16.73 96.96
CA ILE BB 14 1.87 -15.79 97.85
C ILE BB 14 0.41 -16.21 97.94
N GLN BB 15 -0.09 -16.35 99.17
CA GLN BB 15 -1.50 -16.58 99.43
C GLN BB 15 -2.12 -15.28 99.95
N THR BB 16 -3.17 -14.82 99.29
CA THR BB 16 -3.82 -13.57 99.65
C THR BB 16 -5.22 -13.88 100.17
N TYR BB 17 -5.65 -13.13 101.18
CA TYR BB 17 -6.93 -13.31 101.83
C TYR BB 17 -7.56 -11.95 102.04
N ALA BB 18 -8.89 -11.94 102.06
CA ALA BB 18 -9.67 -10.75 102.34
C ALA BB 18 -10.67 -11.08 103.44
N ARG BB 19 -10.93 -10.11 104.31
CA ARG BB 19 -11.90 -10.32 105.37
C ARG BB 19 -13.30 -10.47 104.79
N GLU BB 20 -14.09 -11.36 105.40
CA GLU BB 20 -15.42 -11.62 104.87
C GLU BB 20 -16.31 -10.38 104.98
N ASP BB 21 -16.29 -9.72 106.14
CA ASP BB 21 -17.08 -8.50 106.33
C ASP BB 21 -16.60 -7.40 105.39
N LYS BB 22 -15.34 -7.01 105.51
CA LYS BB 22 -14.75 -5.96 104.69
C LYS BB 22 -13.77 -6.63 103.73
N THR BB 23 -14.14 -6.75 102.47
CA THR BB 23 -13.19 -7.26 101.50
C THR BB 23 -12.09 -6.24 101.18
N THR BB 24 -12.14 -5.04 101.79
CA THR BB 24 -11.08 -4.06 101.62
C THR BB 24 -9.89 -4.37 102.50
N GLN BB 25 -10.14 -5.00 103.65
CA GLN BB 25 -9.06 -5.39 104.55
C GLN BB 25 -8.47 -6.71 104.08
N THR BB 26 -7.18 -6.72 103.79
CA THR BB 26 -6.56 -7.89 103.22
C THR BB 26 -5.33 -8.30 104.03
N LEU BB 27 -4.82 -9.48 103.68
CA LEU BB 27 -3.70 -10.11 104.35
C LEU BB 27 -3.00 -11.07 103.39
N SER BB 28 -1.68 -11.04 103.35
CA SER BB 28 -0.90 -11.88 102.46
C SER BB 28 0.15 -12.64 103.25
N THR BB 29 0.31 -13.92 102.93
CA THR BB 29 1.36 -14.75 103.52
C THR BB 29 2.23 -15.31 102.41
N GLN BB 30 3.54 -15.24 102.59
CA GLN BB 30 4.48 -15.74 101.60
C GLN BB 30 5.69 -16.36 102.28
N LYS BB 31 6.05 -17.58 101.89
CA LYS BB 31 7.30 -18.18 102.33
C LYS BB 31 8.16 -18.47 101.11
N THR BB 32 9.44 -18.11 101.21
CA THR BB 32 10.40 -18.31 100.15
C THR BB 32 11.66 -18.96 100.73
N ILE BB 33 12.40 -19.66 99.87
CA ILE BB 33 13.57 -20.41 100.28
C ILE BB 33 14.75 -19.94 99.45
N SER BB 34 15.90 -19.74 100.11
CA SER BB 34 17.14 -19.35 99.46
C SER BB 34 18.23 -20.35 99.78
N VAL BB 35 19.18 -20.50 98.87
CA VAL BB 35 20.29 -21.44 99.03
C VAL BB 35 21.56 -20.63 99.30
N LEU BB 36 22.25 -20.97 100.37
CA LEU BB 36 23.49 -20.30 100.77
C LEU BB 36 24.59 -21.34 100.64
N ARG BB 37 25.41 -21.23 99.61
CA ARG BB 37 26.44 -22.22 99.32
C ARG BB 37 27.75 -21.78 99.98
N ASN BB 38 28.18 -22.53 100.99
CA ASN BB 38 29.48 -22.36 101.63
C ASN BB 38 30.31 -23.59 101.26
N GLY BB 39 31.32 -23.38 100.42
CA GLY BB 39 32.13 -24.49 99.96
C GLY BB 39 31.28 -25.50 99.20
N SER BB 40 31.35 -26.75 99.64
CA SER BB 40 30.58 -27.83 99.04
C SER BB 40 29.31 -28.14 99.84
N THR BB 41 28.93 -27.27 100.77
CA THR BB 41 27.73 -27.47 101.58
C THR BB 41 26.78 -26.31 101.34
N SER BB 42 25.57 -26.62 100.92
CA SER BB 42 24.55 -25.60 100.70
C SER BB 42 23.50 -25.67 101.82
N THR BB 43 23.21 -24.53 102.42
CA THR BB 43 22.26 -24.44 103.53
C THR BB 43 21.04 -23.64 103.12
N ARG BB 44 19.91 -24.05 103.68
CA ARG BB 44 18.60 -23.55 103.28
C ARG BB 44 18.19 -22.40 104.20
N ILE BB 45 17.69 -21.31 103.61
CA ILE BB 45 17.38 -20.08 104.34
C ILE BB 45 15.92 -19.71 104.09
N ILE BB 46 15.11 -19.76 105.14
CA ILE BB 46 13.66 -19.62 105.06
C ILE BB 46 13.29 -18.18 105.41
N LYS BB 47 12.54 -17.54 104.52
CA LYS BB 47 12.05 -16.19 104.70
C LYS BB 47 10.51 -16.18 104.63
N VAL BB 48 9.89 -15.61 105.65
CA VAL BB 48 8.44 -15.50 105.73
C VAL BB 48 8.05 -14.03 105.73
N HIS BB 49 6.97 -13.70 105.03
CA HIS BB 49 6.47 -12.34 104.95
C HIS BB 49 4.95 -12.34 105.06
N ILE BB 50 4.43 -11.75 106.12
CA ILE BB 50 3.00 -11.57 106.36
C ILE BB 50 2.70 -10.08 106.32
N ASN BB 51 1.66 -9.70 105.58
CA ASN BB 51 1.25 -8.30 105.51
C ASN BB 51 -0.25 -8.21 105.74
N SER BB 52 -0.68 -7.23 106.55
CA SER BB 52 -2.10 -7.07 106.85
C SER BB 52 -2.43 -5.59 106.72
N THR BB 53 -3.17 -5.22 105.65
CA THR BB 53 -3.47 -3.82 105.43
C THR BB 53 -4.96 -3.60 105.24
N ALA BB 54 -5.33 -2.33 105.28
CA ALA BB 54 -6.68 -1.87 105.01
C ALA BB 54 -6.59 -0.40 104.61
N PRO BB 55 -7.50 0.07 103.77
CA PRO BB 55 -7.44 1.49 103.36
C PRO BB 55 -8.10 2.36 104.40
N VAL BB 56 -7.43 3.48 104.75
CA VAL BB 56 -8.00 4.51 105.62
C VAL BB 56 -8.13 5.78 104.79
N THR BB 57 -9.23 6.49 104.98
CA THR BB 57 -9.51 7.72 104.25
C THR BB 57 -9.20 8.94 105.11
N ILE BB 58 -8.35 9.82 104.59
CA ILE BB 58 -7.96 11.04 105.28
C ILE BB 58 -8.99 12.12 104.95
N ASN BB 59 -9.83 12.47 105.91
CA ASN BB 59 -10.87 13.46 105.68
C ASN BB 59 -10.23 14.85 105.75
N THR BB 60 -10.35 15.59 104.65
CA THR BB 60 -9.88 16.96 104.55
C THR BB 60 -11.05 17.81 104.09
N CYS BB 61 -11.28 18.93 104.76
CA CYS BB 61 -12.41 19.77 104.41
C CYS BB 61 -12.17 20.40 103.04
N ASP BB 62 -13.24 20.43 102.24
CA ASP BB 62 -13.16 20.79 100.83
C ASP BB 62 -14.57 21.13 100.38
N PRO BB 63 -14.73 22.05 99.42
CA PRO BB 63 -16.08 22.28 98.85
C PRO BB 63 -16.72 21.00 98.38
N THR BB 64 -15.94 20.13 97.75
CA THR BB 64 -16.37 18.78 97.39
C THR BB 64 -15.74 17.80 98.38
N LYS BB 65 -16.58 17.17 99.20
CA LYS BB 65 -16.10 16.42 100.37
C LYS BB 65 -15.71 14.99 99.95
N CYS BB 66 -14.61 14.88 99.20
CA CYS BB 66 -13.96 13.61 98.94
C CYS BB 66 -12.46 13.78 99.16
N GLY BB 67 -11.91 13.00 100.09
CA GLY BB 67 -10.50 13.03 100.39
C GLY BB 67 -9.80 11.77 99.92
N PRO BB 68 -8.48 11.78 99.96
CA PRO BB 68 -7.71 10.65 99.41
C PRO BB 68 -7.73 9.45 100.34
N THR BB 69 -7.28 8.32 99.82
CA THR BB 69 -7.23 7.08 100.57
C THR BB 69 -5.80 6.56 100.57
N VAL BB 70 -5.31 6.19 101.75
CA VAL BB 70 -3.94 5.73 101.93
C VAL BB 70 -3.99 4.48 102.81
N PRO BB 71 -3.14 3.48 102.57
CA PRO BB 71 -3.27 2.23 103.32
C PRO BB 71 -2.59 2.30 104.68
N MET BB 72 -3.23 1.67 105.66
CA MET BB 72 -2.60 1.38 106.95
C MET BB 72 -2.28 -0.11 107.00
N GLY BB 73 -1.08 -0.41 107.44
CA GLY BB 73 -0.54 -1.76 107.28
C GLY BB 73 0.30 -2.18 108.47
N VAL BB 74 0.27 -3.48 108.74
CA VAL BB 74 1.13 -4.09 109.74
C VAL BB 74 1.83 -5.25 109.07
N SER BB 75 3.15 -5.24 109.10
CA SER BB 75 3.96 -6.21 108.36
C SER BB 75 4.86 -6.97 109.30
N PHE BB 76 5.04 -8.26 109.02
CA PHE BB 76 5.91 -9.14 109.75
C PHE BB 76 6.83 -9.82 108.75
N LYS BB 77 8.13 -9.78 109.02
CA LYS BB 77 9.10 -10.47 108.18
C LYS BB 77 10.04 -11.30 109.04
N SER BB 78 10.54 -12.38 108.46
CA SER BB 78 11.33 -13.37 109.17
C SER BB 78 12.33 -13.97 108.20
N SER BB 79 13.56 -14.21 108.66
CA SER BB 79 14.58 -14.82 107.82
C SER BB 79 15.59 -15.54 108.69
N MET BB 80 15.81 -16.83 108.42
CA MET BB 80 16.74 -17.57 109.25
C MET BB 80 17.17 -18.85 108.55
N PRO BB 81 18.32 -19.41 108.90
CA PRO BB 81 18.71 -20.69 108.31
C PRO BB 81 17.83 -21.81 108.83
N GLU BB 82 17.68 -22.84 108.00
CA GLU BB 82 16.80 -23.95 108.34
C GLU BB 82 17.20 -24.57 109.68
N ASP BB 83 16.18 -24.98 110.43
CA ASP BB 83 16.35 -25.64 111.72
C ASP BB 83 17.01 -24.74 112.78
N ALA BB 84 16.97 -23.42 112.60
CA ALA BB 84 17.43 -22.51 113.63
C ALA BB 84 16.33 -22.31 114.66
N ASP BB 85 16.66 -21.65 115.77
CA ASP BB 85 15.67 -21.45 116.83
C ASP BB 85 15.31 -19.97 116.95
N PRO BB 86 14.14 -19.55 116.49
CA PRO BB 86 13.74 -18.15 116.63
C PRO BB 86 13.05 -17.80 117.94
N ALA BB 87 12.96 -18.74 118.89
CA ALA BB 87 12.09 -18.55 120.03
C ALA BB 87 12.42 -17.25 120.77
N GLU BB 88 13.70 -16.95 120.91
CA GLU BB 88 14.06 -15.80 121.74
C GLU BB 88 13.95 -14.49 120.98
N VAL BB 89 14.36 -14.45 119.71
CA VAL BB 89 14.15 -13.23 118.92
C VAL BB 89 12.67 -12.92 118.78
N LEU BB 90 11.83 -13.95 118.70
CA LEU BB 90 10.39 -13.74 118.72
C LEU BB 90 9.94 -13.13 120.03
N LYS BB 91 10.35 -13.71 121.16
CA LYS BB 91 9.95 -13.16 122.46
C LYS BB 91 10.35 -11.69 122.59
N ALA BB 92 11.58 -11.36 122.19
CA ALA BB 92 12.05 -9.98 122.31
C ALA BB 92 11.27 -9.05 121.39
N ALA BB 93 11.11 -9.44 120.12
CA ALA BB 93 10.33 -8.63 119.19
C ALA BB 93 8.91 -8.41 119.71
N LYS BB 94 8.32 -9.45 120.30
CA LYS BB 94 6.95 -9.33 120.79
C LYS BB 94 6.88 -8.38 121.98
N ALA BB 95 7.90 -8.39 122.85
CA ALA BB 95 7.92 -7.44 123.96
C ALA BB 95 8.04 -6.00 123.48
N ALA BB 96 8.92 -5.76 122.50
CA ALA BB 96 9.04 -4.41 121.93
C ALA BB 96 7.74 -3.98 121.27
N LEU BB 97 7.14 -4.88 120.49
CA LEU BB 97 5.83 -4.59 119.90
C LEU BB 97 4.81 -4.27 120.96
N ALA BB 98 4.83 -4.99 122.09
CA ALA BB 98 3.91 -4.72 123.17
C ALA BB 98 4.07 -3.29 123.67
N LEU BB 99 5.31 -2.81 123.74
CA LEU BB 99 5.52 -1.41 124.14
C LEU BB 99 4.96 -0.45 123.09
N PHE BB 100 5.24 -0.69 121.81
CA PHE BB 100 4.90 0.30 120.80
C PHE BB 100 3.46 0.20 120.28
N GLU BB 101 2.75 -0.89 120.58
CA GLU BB 101 1.50 -1.20 119.88
C GLU BB 101 0.43 -0.14 120.14
N ALA BB 102 0.26 0.25 121.40
CA ALA BB 102 -0.72 1.28 121.73
C ALA BB 102 -0.46 2.57 120.96
N ASN BB 103 0.82 2.90 120.74
CA ASN BB 103 1.22 4.16 120.15
C ASN BB 103 1.57 4.06 118.67
N LEU BB 104 0.99 3.09 117.95
CA LEU BB 104 1.31 2.92 116.54
C LEU BB 104 0.74 4.03 115.68
N ASN BB 105 -0.29 4.73 116.17
CA ASN BB 105 -0.99 5.76 115.41
C ASN BB 105 -0.80 7.14 116.03
N SER BB 106 0.21 7.34 116.88
CA SER BB 106 0.20 8.50 117.76
C SER BB 106 1.35 9.49 117.55
N ALA BB 107 2.44 9.12 116.87
CA ALA BB 107 3.54 10.03 116.58
C ALA BB 107 4.31 10.45 117.83
N PHE BB 108 4.09 9.76 118.95
CA PHE BB 108 4.82 10.00 120.19
C PHE BB 108 5.85 8.90 120.39
N ASN BB 109 7.00 9.27 120.95
CA ASN BB 109 8.00 8.28 121.30
C ASN BB 109 8.85 8.83 122.44
N LYS BB 110 9.02 8.02 123.49
CA LYS BB 110 9.78 8.41 124.68
C LYS BB 110 11.00 7.52 124.78
N ASN BB 111 12.08 8.06 125.35
CA ASN BB 111 13.28 7.26 125.54
C ASN BB 111 13.00 6.11 126.49
N VAL BB 112 13.33 4.91 126.06
CA VAL BB 112 13.19 3.71 126.87
C VAL BB 112 14.59 3.17 127.12
N ASP BB 113 14.97 3.08 128.39
CA ASP BB 113 16.32 2.66 128.72
C ASP BB 113 16.46 1.15 128.74
N GLU BB 114 15.35 0.41 128.88
CA GLU BB 114 15.43 -1.03 128.81
C GLU BB 114 14.06 -1.61 128.52
N ILE BB 115 14.06 -2.78 127.89
CA ILE BB 115 12.87 -3.54 127.57
C ILE BB 115 12.96 -4.87 128.30
N SER BB 116 11.99 -5.16 129.16
CA SER BB 116 11.97 -6.40 129.92
C SER BB 116 11.28 -7.48 129.11
N VAL BB 117 11.96 -8.61 128.93
CA VAL BB 117 11.43 -9.74 128.17
C VAL BB 117 10.98 -10.84 129.13
N ALA BB 118 9.86 -11.46 128.80
CA ALA BB 118 9.23 -12.48 129.64
C ALA BB 118 10.14 -13.67 129.94
N ALA CB 1 -69.59 18.78 -18.65
CA ALA CB 1 -70.10 19.90 -19.44
C ALA CB 1 -69.60 21.25 -18.89
N TYR CB 2 -68.42 21.69 -19.35
CA TYR CB 2 -67.83 22.96 -18.92
C TYR CB 2 -67.11 23.59 -20.10
N LYS CB 3 -66.50 24.76 -19.86
CA LYS CB 3 -65.75 25.44 -20.90
C LYS CB 3 -64.50 26.09 -20.32
N LEU CB 4 -63.44 26.10 -21.13
CA LEU CB 4 -62.15 26.67 -20.76
C LEU CB 4 -62.06 28.08 -21.33
N ILE CB 5 -61.98 29.05 -20.45
CA ILE CB 5 -61.89 30.45 -20.85
C ILE CB 5 -60.43 30.84 -20.90
N LYS CB 6 -60.08 31.75 -21.82
CA LYS CB 6 -58.69 32.16 -21.98
C LYS CB 6 -58.20 32.90 -20.75
N MET CB 7 -56.99 32.57 -20.31
CA MET CB 7 -56.34 33.21 -19.18
C MET CB 7 -55.48 34.37 -19.63
N ALA CB 8 -55.21 35.28 -18.70
CA ALA CB 8 -54.21 36.30 -18.91
C ALA CB 8 -52.84 35.67 -19.02
N GLY CB 9 -52.16 35.89 -20.13
CA GLY CB 9 -50.85 35.32 -20.35
C GLY CB 9 -49.90 36.35 -20.93
N GLY CB 10 -48.61 36.06 -20.78
CA GLY CB 10 -47.58 36.98 -21.22
C GLY CB 10 -47.12 36.79 -22.66
N ASN CB 11 -47.11 35.54 -23.13
CA ASN CB 11 -46.64 35.22 -24.47
C ASN CB 11 -47.77 35.35 -25.49
N SER CB 12 -47.43 35.83 -26.69
CA SER CB 12 -48.42 35.99 -27.75
C SER CB 12 -48.60 34.72 -28.58
N ALA CB 13 -47.57 33.88 -28.66
CA ALA CB 13 -47.65 32.63 -29.41
C ALA CB 13 -48.44 31.56 -28.65
N ILE CB 14 -48.42 31.62 -27.33
CA ILE CB 14 -49.05 30.62 -26.46
C ILE CB 14 -50.39 31.17 -25.99
N GLN CB 15 -51.45 30.41 -26.21
CA GLN CB 15 -52.77 30.70 -25.65
C GLN CB 15 -52.98 29.78 -24.45
N THR CB 16 -53.26 30.37 -23.30
CA THR CB 16 -53.49 29.63 -22.07
C THR CB 16 -54.95 29.78 -21.66
N TYR CB 17 -55.56 28.66 -21.28
CA TYR CB 17 -56.96 28.61 -20.87
C TYR CB 17 -57.05 27.91 -19.52
N ALA CB 18 -58.05 28.30 -18.75
CA ALA CB 18 -58.38 27.63 -17.50
C ALA CB 18 -59.85 27.24 -17.52
N ARG CB 19 -60.15 26.15 -16.83
CA ARG CB 19 -61.52 25.70 -16.71
C ARG CB 19 -62.33 26.64 -15.83
N GLU CB 20 -63.57 26.90 -16.24
CA GLU CB 20 -64.40 27.84 -15.50
C GLU CB 20 -64.69 27.32 -14.09
N ASP CB 21 -65.12 26.05 -13.99
CA ASP CB 21 -65.44 25.46 -12.69
C ASP CB 21 -64.20 25.40 -11.80
N LYS CB 22 -63.17 24.68 -12.24
CA LYS CB 22 -61.91 24.58 -11.52
C LYS CB 22 -60.86 25.36 -12.29
N THR CB 23 -60.46 26.51 -11.76
CA THR CB 23 -59.39 27.26 -12.39
C THR CB 23 -58.02 26.64 -12.13
N THR CB 24 -57.99 25.43 -11.53
CA THR CB 24 -56.74 24.69 -11.35
C THR CB 24 -56.44 23.76 -12.51
N GLN CB 25 -57.46 23.40 -13.28
CA GLN CB 25 -57.29 22.62 -14.50
C GLN CB 25 -57.05 23.61 -15.64
N THR CB 26 -55.95 23.43 -16.36
CA THR CB 26 -55.56 24.36 -17.40
C THR CB 26 -55.19 23.63 -18.68
N LEU CB 27 -55.07 24.41 -19.75
CA LEU CB 27 -54.79 23.93 -21.10
C LEU CB 27 -54.01 25.01 -21.84
N SER CB 28 -53.12 24.60 -22.73
CA SER CB 28 -52.26 25.56 -23.42
C SER CB 28 -52.01 25.09 -24.85
N THR CB 29 -52.17 26.01 -25.81
CA THR CB 29 -51.94 25.70 -27.21
C THR CB 29 -50.92 26.68 -27.78
N GLN CB 30 -49.93 26.16 -28.48
CA GLN CB 30 -48.87 26.97 -29.06
C GLN CB 30 -48.59 26.53 -30.48
N LYS CB 31 -48.37 27.48 -31.38
CA LYS CB 31 -47.97 27.19 -32.75
C LYS CB 31 -46.66 27.90 -33.06
N THR CB 32 -45.71 27.14 -33.60
CA THR CB 32 -44.39 27.58 -33.99
C THR CB 32 -44.20 27.35 -35.48
N ILE CB 33 -43.65 28.33 -36.18
CA ILE CB 33 -43.28 28.16 -37.57
C ILE CB 33 -41.77 28.17 -37.67
N SER CB 34 -41.22 27.21 -38.40
CA SER CB 34 -39.79 27.09 -38.66
C SER CB 34 -39.56 27.07 -40.16
N VAL CB 35 -38.33 27.36 -40.56
CA VAL CB 35 -37.95 27.38 -41.98
C VAL CB 35 -36.85 26.36 -42.20
N LEU CB 36 -37.04 25.51 -43.20
CA LEU CB 36 -36.03 24.53 -43.58
C LEU CB 36 -35.76 24.69 -45.07
N ARG CB 37 -34.53 25.04 -45.42
CA ARG CB 37 -34.21 25.30 -46.82
C ARG CB 37 -33.18 24.30 -47.32
N ASN CB 38 -33.44 23.76 -48.51
CA ASN CB 38 -32.48 22.97 -49.28
C ASN CB 38 -32.08 23.80 -50.50
N GLY CB 39 -30.81 24.15 -50.56
CA GLY CB 39 -30.33 25.02 -51.63
C GLY CB 39 -31.07 26.34 -51.62
N SER CB 40 -31.74 26.62 -52.73
CA SER CB 40 -32.56 27.82 -52.86
C SER CB 40 -33.96 27.64 -52.33
N THR CB 41 -34.50 26.41 -52.39
CA THR CB 41 -35.88 26.18 -51.98
C THR CB 41 -35.98 26.21 -50.46
N SER CB 42 -37.10 26.71 -49.95
CA SER CB 42 -37.32 26.79 -48.52
C SER CB 42 -38.78 26.45 -48.22
N THR CB 43 -38.99 25.70 -47.14
CA THR CB 43 -40.32 25.22 -46.79
C THR CB 43 -40.58 25.43 -45.30
N ARG CB 44 -41.85 25.67 -44.98
CA ARG CB 44 -42.27 25.94 -43.61
C ARG CB 44 -42.57 24.66 -42.86
N ILE CB 45 -42.16 24.62 -41.61
CA ILE CB 45 -42.41 23.50 -40.71
C ILE CB 45 -43.31 24.02 -39.60
N ILE CB 46 -44.56 23.55 -39.58
CA ILE CB 46 -45.54 23.99 -38.61
C ILE CB 46 -45.58 22.98 -37.46
N LYS CB 47 -45.40 23.50 -36.25
CA LYS CB 47 -45.35 22.70 -35.03
C LYS CB 47 -46.43 23.20 -34.08
N VAL CB 48 -47.27 22.29 -33.61
CA VAL CB 48 -48.36 22.57 -32.69
C VAL CB 48 -48.09 21.83 -31.39
N HIS CB 49 -48.44 22.46 -30.26
CA HIS CB 49 -48.26 21.85 -28.96
C HIS CB 49 -49.47 22.17 -28.10
N ILE CB 50 -50.18 21.14 -27.65
CA ILE CB 50 -51.34 21.26 -26.79
C ILE CB 50 -51.06 20.49 -25.50
N ASN CB 51 -51.21 21.16 -24.36
CA ASN CB 51 -50.91 20.54 -23.08
C ASN CB 51 -52.07 20.79 -22.14
N SER CB 52 -52.66 19.71 -21.59
CA SER CB 52 -53.76 19.79 -20.64
C SER CB 52 -53.28 19.21 -19.32
N THR CB 53 -53.29 20.01 -18.25
CA THR CB 53 -52.89 19.49 -16.96
C THR CB 53 -53.84 19.92 -15.86
N ALA CB 54 -53.75 19.20 -14.75
CA ALA CB 54 -54.41 19.54 -13.51
C ALA CB 54 -53.54 19.02 -12.37
N PRO CB 55 -53.57 19.67 -11.21
CA PRO CB 55 -52.85 19.11 -10.07
C PRO CB 55 -53.64 17.95 -9.48
N VAL CB 56 -52.91 16.99 -8.93
CA VAL CB 56 -53.54 15.87 -8.23
C VAL CB 56 -52.76 15.61 -6.95
N THR CB 57 -53.50 15.39 -5.86
CA THR CB 57 -52.93 15.19 -4.53
C THR CB 57 -52.22 13.84 -4.46
N ILE CB 58 -50.99 13.84 -3.94
CA ILE CB 58 -50.17 12.63 -3.97
C ILE CB 58 -50.84 11.48 -3.23
N ASN CB 59 -51.29 11.75 -2.01
CA ASN CB 59 -51.53 10.70 -1.02
C ASN CB 59 -52.98 10.25 -1.06
N THR CB 60 -53.22 9.06 -1.61
CA THR CB 60 -54.58 8.56 -1.72
C THR CB 60 -55.14 8.17 -0.34
N CYS CB 61 -54.35 7.48 0.48
CA CYS CB 61 -54.79 6.98 1.77
C CYS CB 61 -54.64 8.00 2.90
N ASP CB 62 -54.26 9.25 2.59
CA ASP CB 62 -54.13 10.30 3.60
C ASP CB 62 -55.50 10.93 3.86
N PRO CB 63 -55.61 11.75 4.94
CA PRO CB 63 -56.89 12.42 5.21
C PRO CB 63 -57.13 13.64 4.34
N THR CB 64 -56.37 13.75 3.24
CA THR CB 64 -56.44 14.87 2.29
C THR CB 64 -56.11 16.19 2.98
N LYS CB 65 -55.07 16.16 3.84
CA LYS CB 65 -54.63 17.34 4.58
C LYS CB 65 -53.66 18.19 3.73
N CYS CB 66 -54.15 18.61 2.56
CA CYS CB 66 -53.36 19.42 1.62
C CYS CB 66 -51.98 18.83 1.38
N GLY CB 67 -51.95 17.55 1.06
CA GLY CB 67 -50.73 16.89 0.69
C GLY CB 67 -50.16 17.53 -0.55
N PRO CB 68 -48.83 17.59 -0.65
CA PRO CB 68 -48.21 18.21 -1.83
C PRO CB 68 -48.71 17.55 -3.11
N THR CB 69 -48.97 18.39 -4.11
CA THR CB 69 -49.61 17.95 -5.34
C THR CB 69 -48.59 17.79 -6.46
N VAL CB 70 -48.90 16.86 -7.36
CA VAL CB 70 -48.08 16.63 -8.54
C VAL CB 70 -48.94 16.94 -9.76
N PRO CB 71 -48.37 17.53 -10.80
CA PRO CB 71 -49.13 17.77 -12.03
C PRO CB 71 -49.39 16.48 -12.78
N MET CB 72 -50.65 16.26 -13.15
CA MET CB 72 -51.07 15.19 -14.04
C MET CB 72 -51.39 15.81 -15.38
N GLY CB 73 -50.85 15.23 -16.45
CA GLY CB 73 -50.81 15.91 -17.73
C GLY CB 73 -51.02 15.00 -18.91
N VAL CB 74 -51.59 15.56 -19.96
CA VAL CB 74 -51.78 14.87 -21.24
C VAL CB 74 -51.39 15.86 -22.32
N SER CB 75 -50.43 15.49 -23.17
CA SER CB 75 -49.83 16.40 -24.12
C SER CB 75 -49.92 15.85 -25.54
N PHE CB 76 -49.98 16.77 -26.50
CA PHE CB 76 -50.07 16.46 -27.92
C PHE CB 76 -49.10 17.37 -28.65
N LYS CB 77 -48.33 16.81 -29.58
CA LYS CB 77 -47.39 17.59 -30.37
C LYS CB 77 -47.47 17.16 -31.83
N SER CB 78 -47.29 18.14 -32.72
CA SER CB 78 -47.45 17.96 -34.15
C SER CB 78 -46.33 18.71 -34.85
N SER CB 79 -45.62 18.05 -35.77
CA SER CB 79 -44.59 18.73 -36.56
C SER CB 79 -44.66 18.24 -37.99
N MET CB 80 -44.91 19.15 -38.93
CA MET CB 80 -45.08 18.70 -40.31
C MET CB 80 -44.75 19.83 -41.28
N PRO CB 81 -44.32 19.49 -42.49
CA PRO CB 81 -44.20 20.52 -43.52
C PRO CB 81 -45.56 21.13 -43.84
N GLU CB 82 -45.56 22.42 -44.13
CA GLU CB 82 -46.80 23.14 -44.46
C GLU CB 82 -47.54 22.42 -45.57
N ASP CB 83 -48.86 22.34 -45.43
CA ASP CB 83 -49.77 21.72 -46.41
C ASP CB 83 -49.59 20.21 -46.54
N ALA CB 84 -48.90 19.56 -45.61
CA ALA CB 84 -48.85 18.11 -45.62
C ALA CB 84 -50.15 17.54 -45.05
N ASP CB 85 -50.33 16.23 -45.18
CA ASP CB 85 -51.60 15.63 -44.75
C ASP CB 85 -51.41 14.75 -43.51
N PRO CB 86 -51.71 15.25 -42.32
CA PRO CB 86 -51.56 14.43 -41.11
C PRO CB 86 -52.66 13.39 -40.93
N ALA CB 87 -53.61 13.31 -41.86
CA ALA CB 87 -54.81 12.51 -41.65
C ALA CB 87 -54.47 11.09 -41.21
N GLU CB 88 -53.50 10.46 -41.89
CA GLU CB 88 -53.20 9.06 -41.62
C GLU CB 88 -52.39 8.87 -40.33
N VAL CB 89 -51.39 9.73 -40.09
CA VAL CB 89 -50.64 9.61 -38.84
C VAL CB 89 -51.53 9.92 -37.64
N LEU CB 90 -52.52 10.80 -37.82
CA LEU CB 90 -53.49 11.06 -36.76
C LEU CB 90 -54.38 9.86 -36.51
N LYS CB 91 -54.92 9.25 -37.58
CA LYS CB 91 -55.72 8.04 -37.40
C LYS CB 91 -54.95 6.97 -36.64
N ALA CB 92 -53.70 6.74 -37.05
CA ALA CB 92 -52.86 5.74 -36.39
C ALA CB 92 -52.61 6.11 -34.93
N ALA CB 93 -52.23 7.36 -34.67
CA ALA CB 93 -51.96 7.79 -33.31
C ALA CB 93 -53.18 7.61 -32.42
N LYS CB 94 -54.36 7.98 -32.92
CA LYS CB 94 -55.58 7.84 -32.13
C LYS CB 94 -55.90 6.38 -31.86
N ALA CB 95 -55.72 5.52 -32.87
CA ALA CB 95 -55.93 4.09 -32.67
C ALA CB 95 -55.01 3.54 -31.60
N ALA CB 96 -53.73 3.95 -31.62
CA ALA CB 96 -52.80 3.51 -30.59
C ALA CB 96 -53.22 4.01 -29.22
N LEU CB 97 -53.59 5.30 -29.14
CA LEU CB 97 -53.98 5.88 -27.87
C LEU CB 97 -55.15 5.12 -27.25
N ALA CB 98 -56.15 4.77 -28.07
CA ALA CB 98 -57.30 4.04 -27.57
C ALA CB 98 -56.91 2.79 -26.78
N LEU CB 99 -55.78 2.15 -27.13
CA LEU CB 99 -55.33 0.99 -26.37
C LEU CB 99 -54.75 1.37 -25.02
N PHE CB 100 -54.20 2.58 -24.90
CA PHE CB 100 -53.53 2.98 -23.67
C PHE CB 100 -54.43 3.75 -22.70
N GLU CB 101 -55.42 4.49 -23.20
CA GLU CB 101 -56.03 5.48 -22.32
C GLU CB 101 -56.84 4.86 -21.20
N ALA CB 102 -57.26 3.61 -21.34
CA ALA CB 102 -57.82 2.90 -20.19
C ALA CB 102 -56.75 2.70 -19.11
N ASN CB 103 -55.56 2.31 -19.53
CA ASN CB 103 -54.46 1.94 -18.64
C ASN CB 103 -53.39 3.03 -18.58
N LEU CB 104 -53.83 4.30 -18.61
CA LEU CB 104 -52.91 5.43 -18.60
C LEU CB 104 -52.29 5.70 -17.23
N ASN CB 105 -52.79 5.02 -16.20
CA ASN CB 105 -52.30 5.19 -14.84
C ASN CB 105 -51.89 3.89 -14.18
N SER CB 106 -51.90 2.77 -14.91
CA SER CB 106 -51.86 1.47 -14.23
C SER CB 106 -50.57 0.71 -14.43
N ALA CB 107 -49.52 1.34 -14.97
CA ALA CB 107 -48.18 0.75 -15.02
C ALA CB 107 -48.13 -0.57 -15.79
N PHE CB 108 -49.18 -0.92 -16.52
CA PHE CB 108 -49.28 -2.21 -17.20
C PHE CB 108 -49.30 -1.97 -18.70
N ASN CB 109 -48.24 -2.38 -19.38
CA ASN CB 109 -48.11 -2.22 -20.83
C ASN CB 109 -48.35 -3.58 -21.48
N LYS CB 110 -49.53 -3.77 -22.06
CA LYS CB 110 -49.82 -5.05 -22.69
C LYS CB 110 -48.96 -5.25 -23.93
N ASN CB 111 -48.51 -6.48 -24.13
CA ASN CB 111 -47.80 -6.83 -25.36
C ASN CB 111 -48.81 -6.91 -26.48
N VAL CB 112 -48.78 -5.89 -27.34
CA VAL CB 112 -49.60 -5.83 -28.55
C VAL CB 112 -48.68 -6.03 -29.74
N ASP CB 113 -48.99 -7.03 -30.55
CA ASP CB 113 -48.21 -7.36 -31.74
C ASP CB 113 -48.76 -6.74 -33.01
N GLU CB 114 -50.00 -6.25 -33.00
CA GLU CB 114 -50.53 -5.51 -34.13
C GLU CB 114 -51.69 -4.63 -33.67
N ILE CB 115 -51.74 -3.43 -34.25
CA ILE CB 115 -52.76 -2.43 -33.94
C ILE CB 115 -53.59 -2.22 -35.20
N SER CB 116 -54.89 -2.44 -35.11
CA SER CB 116 -55.79 -2.26 -36.25
C SER CB 116 -56.26 -0.82 -36.31
N VAL CB 117 -56.10 -0.20 -37.47
CA VAL CB 117 -56.53 1.18 -37.70
C VAL CB 117 -57.80 1.17 -38.53
N ALA CB 118 -58.79 1.94 -38.10
CA ALA CB 118 -60.10 1.95 -38.73
C ALA CB 118 -60.05 2.50 -40.15
N ALA DB 1 -58.86 39.84 -54.95
CA ALA DB 1 -59.59 38.59 -54.95
C ALA DB 1 -59.02 37.61 -53.92
N TYR DB 2 -58.08 38.09 -53.09
CA TYR DB 2 -57.53 37.29 -51.98
C TYR DB 2 -57.30 38.20 -50.79
N LYS DB 3 -56.86 37.61 -49.68
CA LYS DB 3 -56.56 38.38 -48.49
C LYS DB 3 -55.26 37.91 -47.85
N LEU DB 4 -54.52 38.86 -47.31
CA LEU DB 4 -53.26 38.59 -46.61
C LEU DB 4 -53.57 38.45 -45.13
N ILE DB 5 -53.41 37.25 -44.62
CA ILE DB 5 -53.71 36.95 -43.23
C ILE DB 5 -52.44 37.10 -42.40
N LYS DB 6 -52.57 37.69 -41.21
CA LYS DB 6 -51.42 37.89 -40.33
C LYS DB 6 -50.87 36.54 -39.91
N MET DB 7 -49.57 36.34 -40.12
CA MET DB 7 -49.01 35.03 -39.86
C MET DB 7 -48.79 34.84 -38.37
N ALA DB 8 -48.73 33.57 -37.97
CA ALA DB 8 -48.52 33.17 -36.59
C ALA DB 8 -47.07 33.48 -36.23
N GLY DB 9 -46.78 34.77 -36.07
CA GLY DB 9 -45.46 35.21 -35.69
C GLY DB 9 -45.55 36.19 -34.53
N GLY DB 10 -44.44 36.33 -33.82
CA GLY DB 10 -44.41 37.24 -32.69
C GLY DB 10 -44.45 38.69 -33.13
N ASN DB 11 -45.54 39.39 -32.80
CA ASN DB 11 -45.65 40.79 -33.15
C ASN DB 11 -44.52 41.58 -32.47
N SER DB 12 -43.74 42.30 -33.28
CA SER DB 12 -42.61 43.08 -32.80
C SER DB 12 -42.81 44.57 -33.06
N ALA DB 13 -44.07 45.02 -33.01
CA ALA DB 13 -44.53 46.26 -33.66
C ALA DB 13 -44.21 46.24 -35.15
N ILE DB 14 -43.97 45.03 -35.68
CA ILE DB 14 -43.83 44.73 -37.10
C ILE DB 14 -44.83 43.63 -37.41
N GLN DB 15 -45.74 43.89 -38.34
CA GLN DB 15 -46.81 42.94 -38.66
C GLN DB 15 -46.51 42.28 -39.99
N THR DB 16 -46.41 40.96 -39.98
CA THR DB 16 -46.09 40.18 -41.16
C THR DB 16 -47.29 39.30 -41.53
N TYR DB 17 -47.70 39.38 -42.79
CA TYR DB 17 -48.84 38.67 -43.33
C TYR DB 17 -48.36 37.78 -44.48
N ALA DB 18 -49.08 36.69 -44.68
CA ALA DB 18 -48.92 35.84 -45.84
C ALA DB 18 -50.24 35.73 -46.58
N ARG DB 19 -50.15 35.56 -47.89
CA ARG DB 19 -51.34 35.43 -48.72
C ARG DB 19 -52.02 34.10 -48.46
N GLU DB 20 -53.36 34.12 -48.39
CA GLU DB 20 -54.09 32.96 -47.89
C GLU DB 20 -53.90 31.75 -48.79
N ASP DB 21 -54.02 31.93 -50.10
CA ASP DB 21 -53.94 30.79 -51.02
C ASP DB 21 -52.49 30.49 -51.41
N LYS DB 22 -51.71 31.51 -51.75
CA LYS DB 22 -50.28 31.35 -52.01
C LYS DB 22 -49.51 31.88 -50.80
N THR DB 23 -49.21 31.01 -49.85
CA THR DB 23 -48.51 31.44 -48.65
C THR DB 23 -47.04 31.75 -48.89
N THR DB 24 -46.57 31.62 -50.14
CA THR DB 24 -45.21 32.02 -50.47
C THR DB 24 -45.10 33.54 -50.63
N GLN DB 25 -46.21 34.18 -50.97
CA GLN DB 25 -46.25 35.63 -51.11
C GLN DB 25 -46.52 36.25 -49.75
N THR DB 26 -45.63 37.13 -49.32
CA THR DB 26 -45.72 37.73 -48.00
C THR DB 26 -45.65 39.25 -48.10
N LEU DB 27 -45.94 39.90 -46.97
CA LEU DB 27 -45.99 41.36 -46.87
C LEU DB 27 -45.80 41.77 -45.42
N SER DB 28 -45.00 42.80 -45.19
CA SER DB 28 -44.65 43.25 -43.84
C SER DB 28 -44.84 44.75 -43.71
N THR DB 29 -45.45 45.19 -42.61
CA THR DB 29 -45.65 46.61 -42.35
C THR DB 29 -45.14 46.95 -40.95
N GLN DB 30 -44.26 47.93 -40.86
CA GLN DB 30 -43.79 48.44 -39.57
C GLN DB 30 -43.82 49.96 -39.55
N LYS DB 31 -44.11 50.51 -38.38
CA LYS DB 31 -44.01 51.94 -38.14
C LYS DB 31 -43.10 52.15 -36.94
N THR DB 32 -42.17 53.10 -37.06
CA THR DB 32 -41.24 53.43 -36.00
C THR DB 32 -41.25 54.94 -35.80
N ILE DB 33 -40.82 55.36 -34.60
CA ILE DB 33 -40.80 56.77 -34.25
C ILE DB 33 -39.39 57.14 -33.79
N SER DB 34 -38.84 58.19 -34.39
CA SER DB 34 -37.54 58.74 -34.04
C SER DB 34 -37.73 60.13 -33.44
N VAL DB 35 -36.70 60.61 -32.75
CA VAL DB 35 -36.70 61.97 -32.20
C VAL DB 35 -35.50 62.71 -32.76
N LEU DB 36 -35.76 63.80 -33.48
CA LEU DB 36 -34.72 64.63 -34.08
C LEU DB 36 -34.65 65.93 -33.29
N ARG DB 37 -33.50 66.18 -32.68
CA ARG DB 37 -33.29 67.36 -31.84
C ARG DB 37 -32.29 68.29 -32.52
N ASN DB 38 -32.72 69.51 -32.82
CA ASN DB 38 -31.85 70.57 -33.32
C ASN DB 38 -31.88 71.70 -32.29
N GLY DB 39 -30.82 71.81 -31.50
CA GLY DB 39 -30.78 72.81 -30.45
C GLY DB 39 -31.83 72.54 -29.38
N SER DB 40 -32.63 73.56 -29.08
CA SER DB 40 -33.68 73.43 -28.07
C SER DB 40 -34.82 72.55 -28.57
N THR DB 41 -35.14 72.64 -29.85
CA THR DB 41 -36.31 71.98 -30.42
C THR DB 41 -36.05 70.50 -30.65
N SER DB 42 -37.05 69.67 -30.32
CA SER DB 42 -37.07 68.26 -30.65
C SER DB 42 -38.40 67.93 -31.31
N THR DB 43 -38.35 67.14 -32.38
CA THR DB 43 -39.55 66.76 -33.12
C THR DB 43 -39.54 65.27 -33.40
N ARG DB 44 -40.75 64.70 -33.49
CA ARG DB 44 -40.91 63.27 -33.73
C ARG DB 44 -41.01 62.99 -35.23
N ILE DB 45 -40.30 61.95 -35.66
CA ILE DB 45 -40.24 61.55 -37.06
C ILE DB 45 -40.89 60.18 -37.21
N ILE DB 46 -41.96 60.12 -38.00
CA ILE DB 46 -42.69 58.89 -38.27
C ILE DB 46 -42.11 58.22 -39.51
N LYS DB 47 -41.77 56.93 -39.37
CA LYS DB 47 -41.17 56.17 -40.46
C LYS DB 47 -41.95 54.88 -40.68
N VAL DB 48 -42.58 54.77 -41.86
CA VAL DB 48 -43.34 53.60 -42.28
C VAL DB 48 -42.51 52.81 -43.28
N HIS DB 49 -42.57 51.49 -43.17
CA HIS DB 49 -41.90 50.60 -44.12
C HIS DB 49 -42.83 49.43 -44.43
N ILE DB 50 -43.21 49.32 -45.71
CA ILE DB 50 -44.05 48.25 -46.23
C ILE DB 50 -43.23 47.46 -47.24
N ASN DB 51 -43.29 46.13 -47.17
CA ASN DB 51 -42.56 45.28 -48.09
C ASN DB 51 -43.48 44.18 -48.58
N SER DB 52 -43.43 43.89 -49.88
CA SER DB 52 -44.31 42.87 -50.47
C SER DB 52 -43.45 42.02 -51.40
N THR DB 53 -43.17 40.77 -51.01
CA THR DB 53 -42.31 39.91 -51.82
C THR DB 53 -42.96 38.58 -52.10
N ALA DB 54 -42.44 37.94 -53.15
CA ALA DB 54 -42.77 36.57 -53.51
C ALA DB 54 -41.51 35.95 -54.09
N PRO DB 55 -41.36 34.63 -53.98
CA PRO DB 55 -40.24 33.97 -54.67
C PRO DB 55 -40.56 33.84 -56.15
N VAL DB 56 -39.52 33.89 -56.97
CA VAL DB 56 -39.64 33.70 -58.41
C VAL DB 56 -38.66 32.60 -58.81
N THR DB 57 -39.18 31.53 -59.41
CA THR DB 57 -38.33 30.52 -60.01
C THR DB 57 -37.52 31.14 -61.14
N ILE DB 58 -36.18 31.00 -61.07
CA ILE DB 58 -35.34 31.52 -62.13
C ILE DB 58 -35.75 30.89 -63.45
N ASN DB 59 -35.85 31.73 -64.48
CA ASN DB 59 -36.09 31.22 -65.83
C ASN DB 59 -35.05 30.17 -66.15
N THR DB 60 -35.50 28.93 -66.34
CA THR DB 60 -34.60 27.81 -66.46
C THR DB 60 -34.88 27.03 -67.75
N CYS DB 61 -34.03 26.03 -67.97
CA CYS DB 61 -34.06 25.26 -69.20
C CYS DB 61 -35.20 24.25 -69.24
N ASP DB 62 -35.56 23.68 -68.08
CA ASP DB 62 -36.53 22.60 -68.03
C ASP DB 62 -37.92 23.07 -68.47
N PRO DB 63 -38.70 22.20 -69.12
CA PRO DB 63 -40.12 22.55 -69.33
C PRO DB 63 -40.88 22.68 -68.03
N THR DB 64 -40.63 21.79 -67.08
CA THR DB 64 -41.14 21.99 -65.73
C THR DB 64 -40.54 23.25 -65.13
N LYS DB 65 -41.35 23.98 -64.36
CA LYS DB 65 -40.91 25.24 -63.77
C LYS DB 65 -40.09 24.90 -62.52
N CYS DB 66 -38.84 24.50 -62.76
CA CYS DB 66 -37.92 24.12 -61.69
C CYS DB 66 -36.59 24.81 -61.86
N GLY DB 67 -36.17 25.56 -60.84
CA GLY DB 67 -34.87 26.18 -60.79
C GLY DB 67 -34.68 26.88 -59.46
N PRO DB 68 -33.50 27.45 -59.23
CA PRO DB 68 -33.30 28.25 -58.03
C PRO DB 68 -34.30 29.40 -57.97
N THR DB 69 -34.71 29.76 -56.76
CA THR DB 69 -35.67 30.84 -56.55
C THR DB 69 -34.96 32.09 -56.05
N VAL DB 70 -35.24 33.21 -56.71
CA VAL DB 70 -34.73 34.51 -56.30
C VAL DB 70 -35.94 35.30 -55.80
N PRO DB 71 -35.82 36.06 -54.72
CA PRO DB 71 -36.95 36.85 -54.25
C PRO DB 71 -37.17 38.08 -55.13
N MET DB 72 -38.43 38.31 -55.51
CA MET DB 72 -38.84 39.56 -56.12
C MET DB 72 -39.69 40.32 -55.12
N GLY DB 73 -39.54 41.65 -55.12
CA GLY DB 73 -40.09 42.43 -54.04
C GLY DB 73 -40.33 43.87 -54.43
N VAL DB 74 -41.40 44.43 -53.87
CA VAL DB 74 -41.71 45.83 -54.04
C VAL DB 74 -41.81 46.42 -52.64
N SER DB 75 -41.11 47.53 -52.42
CA SER DB 75 -40.95 48.10 -51.09
C SER DB 75 -41.29 49.58 -51.12
N PHE DB 76 -42.03 50.02 -50.11
CA PHE DB 76 -42.41 51.42 -49.95
C PHE DB 76 -41.95 51.91 -48.58
N LYS DB 77 -41.21 53.02 -48.55
CA LYS DB 77 -40.71 53.58 -47.31
C LYS DB 77 -41.11 55.05 -47.24
N SER DB 78 -41.35 55.54 -46.02
CA SER DB 78 -41.90 56.87 -45.82
C SER DB 78 -41.37 57.44 -44.52
N SER DB 79 -40.69 58.59 -44.56
CA SER DB 79 -40.16 59.22 -43.36
C SER DB 79 -40.48 60.71 -43.36
N MET DB 80 -41.17 61.18 -42.32
CA MET DB 80 -41.51 62.59 -42.27
C MET DB 80 -41.71 63.00 -40.82
N PRO DB 81 -41.50 64.26 -40.47
CA PRO DB 81 -41.77 64.68 -39.10
C PRO DB 81 -43.26 64.73 -38.85
N GLU DB 82 -43.63 64.49 -37.58
CA GLU DB 82 -45.03 64.33 -37.21
C GLU DB 82 -45.88 65.50 -37.66
N ASP DB 83 -47.11 65.20 -38.10
CA ASP DB 83 -48.12 66.15 -38.54
C ASP DB 83 -47.76 66.92 -39.81
N ALA DB 84 -46.71 66.50 -40.53
CA ALA DB 84 -46.42 67.10 -41.82
C ALA DB 84 -47.45 66.63 -42.85
N ASP DB 85 -47.45 67.27 -44.03
CA ASP DB 85 -48.40 66.89 -45.09
C ASP DB 85 -47.68 66.30 -46.29
N PRO DB 86 -47.63 64.97 -46.42
CA PRO DB 86 -46.92 64.36 -47.56
C PRO DB 86 -47.76 64.26 -48.82
N ALA DB 87 -48.88 64.97 -48.90
CA ALA DB 87 -49.84 64.79 -49.99
C ALA DB 87 -49.17 64.94 -51.36
N GLU DB 88 -48.39 66.01 -51.52
CA GLU DB 88 -47.81 66.27 -52.84
C GLU DB 88 -46.63 65.34 -53.11
N VAL DB 89 -45.87 65.00 -52.07
CA VAL DB 89 -44.78 64.04 -52.22
C VAL DB 89 -45.32 62.68 -52.68
N LEU DB 90 -46.39 62.21 -52.02
CA LEU DB 90 -47.07 60.99 -52.44
C LEU DB 90 -47.56 61.08 -53.87
N LYS DB 91 -48.18 62.21 -54.23
CA LYS DB 91 -48.73 62.36 -55.58
C LYS DB 91 -47.63 62.21 -56.64
N ALA DB 92 -46.50 62.89 -56.42
CA ALA DB 92 -45.39 62.82 -57.38
C ALA DB 92 -44.80 61.41 -57.41
N ALA DB 93 -44.60 60.80 -56.24
CA ALA DB 93 -44.08 59.44 -56.20
C ALA DB 93 -44.98 58.49 -56.99
N LYS DB 94 -46.29 58.63 -56.82
CA LYS DB 94 -47.23 57.77 -57.51
C LYS DB 94 -47.19 57.98 -59.02
N ALA DB 95 -47.04 59.24 -59.45
CA ALA DB 95 -46.92 59.50 -60.89
C ALA DB 95 -45.67 58.84 -61.48
N ALA DB 96 -44.54 58.98 -60.78
CA ALA DB 96 -43.31 58.34 -61.23
C ALA DB 96 -43.45 56.83 -61.31
N LEU DB 97 -44.03 56.23 -60.26
CA LEU DB 97 -44.24 54.79 -60.25
C LEU DB 97 -45.14 54.38 -61.40
N ALA DB 98 -46.16 55.19 -61.72
CA ALA DB 98 -47.01 54.89 -62.85
C ALA DB 98 -46.20 54.85 -64.14
N LEU DB 99 -45.23 55.76 -64.28
CA LEU DB 99 -44.38 55.73 -65.46
C LEU DB 99 -43.50 54.49 -65.52
N PHE DB 100 -42.93 54.07 -64.39
CA PHE DB 100 -41.92 53.01 -64.39
C PHE DB 100 -42.47 51.61 -64.11
N GLU DB 101 -43.78 51.48 -63.85
CA GLU DB 101 -44.34 50.22 -63.36
C GLU DB 101 -44.24 49.11 -64.40
N ALA DB 102 -44.53 49.42 -65.66
CA ALA DB 102 -44.38 48.42 -66.71
C ALA DB 102 -42.92 48.03 -66.91
N ASN DB 103 -42.00 48.95 -66.61
CA ASN DB 103 -40.57 48.74 -66.81
C ASN DB 103 -39.84 48.29 -65.57
N LEU DB 104 -40.56 47.90 -64.52
CA LEU DB 104 -39.91 47.39 -63.32
C LEU DB 104 -39.04 46.17 -63.59
N ASN DB 105 -39.30 45.44 -64.68
CA ASN DB 105 -38.56 44.22 -65.02
C ASN DB 105 -37.87 44.30 -66.38
N SER DB 106 -37.62 45.51 -66.89
CA SER DB 106 -37.35 45.67 -68.32
C SER DB 106 -35.88 45.59 -68.69
N ALA DB 107 -34.96 45.93 -67.78
CA ALA DB 107 -33.52 46.03 -68.06
C ALA DB 107 -33.19 47.15 -69.06
N PHE DB 108 -34.18 47.94 -69.45
CA PHE DB 108 -34.00 49.13 -70.27
C PHE DB 108 -34.56 50.31 -69.51
N ASN DB 109 -33.83 51.42 -69.50
CA ASN DB 109 -34.28 52.62 -68.80
C ASN DB 109 -34.89 53.59 -69.81
N LYS DB 110 -36.14 53.97 -69.58
CA LYS DB 110 -36.80 54.95 -70.42
C LYS DB 110 -36.35 56.35 -69.99
N ASN DB 111 -35.79 57.12 -70.93
CA ASN DB 111 -35.30 58.46 -70.62
C ASN DB 111 -36.44 59.44 -70.85
N VAL DB 112 -37.13 59.82 -69.77
CA VAL DB 112 -38.20 60.80 -69.83
C VAL DB 112 -37.69 62.11 -69.24
N ASP DB 113 -38.08 63.23 -69.87
CA ASP DB 113 -37.60 64.55 -69.50
C ASP DB 113 -38.57 65.31 -68.61
N GLU DB 114 -39.82 64.88 -68.48
CA GLU DB 114 -40.74 65.50 -67.53
C GLU DB 114 -41.80 64.49 -67.10
N ILE DB 115 -42.34 64.72 -65.90
CA ILE DB 115 -43.29 63.82 -65.25
C ILE DB 115 -44.48 64.66 -64.82
N SER DB 116 -45.63 64.44 -65.44
CA SER DB 116 -46.82 65.24 -65.15
C SER DB 116 -47.59 64.67 -63.96
N VAL DB 117 -48.06 65.56 -63.08
CA VAL DB 117 -48.64 65.22 -61.79
C VAL DB 117 -49.99 65.88 -61.65
N ALA DB 118 -50.89 65.23 -60.91
CA ALA DB 118 -52.22 65.75 -60.55
C ALA DB 118 -53.02 66.22 -61.75
N ALA EB 1 -69.22 60.79 -28.64
CA ALA EB 1 -69.07 59.33 -28.74
C ALA EB 1 -67.94 58.98 -29.71
N TYR EB 2 -67.04 58.10 -29.28
CA TYR EB 2 -65.91 57.69 -30.10
C TYR EB 2 -65.52 56.26 -29.76
N LYS EB 3 -64.59 55.71 -30.55
CA LYS EB 3 -64.11 54.35 -30.37
C LYS EB 3 -62.60 54.35 -30.15
N LEU EB 4 -62.16 53.58 -29.16
CA LEU EB 4 -60.74 53.36 -28.92
C LEU EB 4 -60.30 52.17 -29.77
N ILE EB 5 -59.62 52.45 -30.88
CA ILE EB 5 -59.14 51.45 -31.82
C ILE EB 5 -57.88 50.80 -31.25
N LYS EB 6 -57.73 49.50 -31.45
CA LYS EB 6 -56.59 48.78 -30.89
C LYS EB 6 -55.34 49.07 -31.70
N MET EB 7 -54.31 49.60 -31.04
CA MET EB 7 -53.01 49.80 -31.64
C MET EB 7 -52.26 48.48 -31.73
N ALA EB 8 -51.26 48.45 -32.61
CA ALA EB 8 -50.48 47.26 -32.86
C ALA EB 8 -49.30 47.21 -31.90
N GLY EB 9 -49.37 46.34 -30.91
CA GLY EB 9 -48.35 46.25 -29.87
C GLY EB 9 -47.61 44.94 -29.96
N GLY EB 10 -46.31 44.99 -29.63
CA GLY EB 10 -45.52 43.78 -29.62
C GLY EB 10 -45.82 42.89 -28.43
N ASN EB 11 -46.09 43.49 -27.28
CA ASN EB 11 -46.39 42.73 -26.07
C ASN EB 11 -47.86 42.34 -26.04
N SER EB 12 -48.12 41.05 -25.79
CA SER EB 12 -49.48 40.55 -25.76
C SER EB 12 -50.15 40.71 -24.40
N ALA EB 13 -49.38 40.90 -23.33
CA ALA EB 13 -49.98 41.09 -22.02
C ALA EB 13 -50.70 42.42 -21.92
N ILE EB 14 -50.23 43.43 -22.64
CA ILE EB 14 -50.78 44.78 -22.62
C ILE EB 14 -51.50 45.03 -23.94
N GLN EB 15 -52.75 45.47 -23.86
CA GLN EB 15 -53.50 45.90 -25.03
C GLN EB 15 -53.57 47.43 -25.01
N THR EB 16 -53.12 48.05 -26.10
CA THR EB 16 -53.10 49.50 -26.21
C THR EB 16 -54.10 49.94 -27.27
N TYR EB 17 -54.76 51.06 -27.00
CA TYR EB 17 -55.79 51.61 -27.88
C TYR EB 17 -55.57 53.11 -28.00
N ALA EB 18 -55.98 53.65 -29.13
CA ALA EB 18 -55.96 55.08 -29.40
C ALA EB 18 -57.34 55.51 -29.87
N ARG EB 19 -57.74 56.71 -29.47
CA ARG EB 19 -59.02 57.23 -29.89
C ARG EB 19 -59.04 57.49 -31.39
N GLU EB 20 -60.17 57.20 -32.03
CA GLU EB 20 -60.25 57.35 -33.48
C GLU EB 20 -60.07 58.80 -33.90
N ASP EB 21 -60.76 59.72 -33.21
CA ASP EB 21 -60.63 61.15 -33.52
C ASP EB 21 -59.22 61.65 -33.24
N LYS EB 22 -58.76 61.52 -32.01
CA LYS EB 22 -57.42 61.94 -31.60
C LYS EB 22 -56.62 60.69 -31.32
N THR EB 23 -55.71 60.36 -32.23
CA THR EB 23 -54.82 59.25 -31.95
C THR EB 23 -53.76 59.60 -30.89
N THR EB 24 -53.79 60.84 -30.39
CA THR EB 24 -52.89 61.22 -29.30
C THR EB 24 -53.41 60.75 -27.96
N GLN EB 25 -54.73 60.65 -27.82
CA GLN EB 25 -55.34 60.15 -26.59
C GLN EB 25 -55.31 58.63 -26.61
N THR EB 26 -54.68 58.02 -25.62
CA THR EB 26 -54.50 56.58 -25.62
C THR EB 26 -54.99 55.98 -24.31
N LEU EB 27 -55.05 54.65 -24.31
CA LEU EB 27 -55.56 53.85 -23.19
C LEU EB 27 -54.93 52.47 -23.25
N SER EB 28 -54.48 51.96 -22.11
CA SER EB 28 -53.85 50.65 -22.03
C SER EB 28 -54.53 49.81 -20.97
N THR EB 29 -54.76 48.54 -21.28
CA THR EB 29 -55.29 47.58 -20.32
C THR EB 29 -54.33 46.41 -20.19
N GLN EB 30 -54.05 46.00 -18.95
CA GLN EB 30 -53.14 44.91 -18.70
C GLN EB 30 -53.62 44.09 -17.50
N LYS EB 31 -53.70 42.78 -17.67
CA LYS EB 31 -53.95 41.88 -16.54
C LYS EB 31 -52.77 40.94 -16.39
N THR EB 32 -52.31 40.77 -15.16
CA THR EB 32 -51.20 39.90 -14.83
C THR EB 32 -51.60 39.02 -13.65
N ILE EB 33 -50.94 37.87 -13.56
CA ILE EB 33 -51.25 36.86 -12.55
C ILE EB 33 -49.98 36.55 -11.78
N SER EB 34 -50.10 36.47 -10.45
CA SER EB 34 -49.00 36.12 -9.57
C SER EB 34 -49.38 34.90 -8.73
N VAL EB 35 -48.37 34.13 -8.33
CA VAL EB 35 -48.57 32.93 -7.53
C VAL EB 35 -48.07 33.21 -6.12
N LEU EB 36 -48.91 32.95 -5.13
CA LEU EB 36 -48.57 33.17 -3.73
C LEU EB 36 -48.58 31.79 -3.08
N ARG EB 37 -47.40 31.26 -2.80
CA ARG EB 37 -47.27 29.90 -2.27
C ARG EB 37 -47.24 29.97 -0.75
N ASN EB 38 -48.29 29.44 -0.12
CA ASN EB 38 -48.36 29.26 1.32
C ASN EB 38 -48.32 27.76 1.59
N GLY EB 39 -47.21 27.29 2.15
CA GLY EB 39 -47.04 25.86 2.36
C GLY EB 39 -47.10 25.10 1.06
N SER EB 40 -47.99 24.11 1.00
CA SER EB 40 -48.19 23.31 -0.19
C SER EB 40 -49.38 23.78 -1.01
N THR EB 41 -49.91 24.96 -0.73
CA THR EB 41 -51.06 25.50 -1.46
C THR EB 41 -50.64 26.82 -2.09
N SER EB 42 -50.79 26.91 -3.41
CA SER EB 42 -50.49 28.14 -4.13
C SER EB 42 -51.78 28.81 -4.57
N THR EB 43 -51.89 30.11 -4.27
CA THR EB 43 -53.08 30.89 -4.59
C THR EB 43 -52.76 31.94 -5.64
N ARG EB 44 -53.76 32.20 -6.48
CA ARG EB 44 -53.61 33.04 -7.65
C ARG EB 44 -54.02 34.48 -7.33
N ILE EB 45 -53.20 35.43 -7.74
CA ILE EB 45 -53.39 36.85 -7.40
C ILE EB 45 -53.45 37.66 -8.69
N ILE EB 46 -54.62 38.26 -8.93
CA ILE EB 46 -54.93 38.94 -10.19
C ILE EB 46 -54.72 40.43 -10.01
N LYS EB 47 -53.93 41.03 -10.89
CA LYS EB 47 -53.65 42.45 -10.90
C LYS EB 47 -54.06 43.04 -12.25
N VAL EB 48 -54.86 44.09 -12.21
CA VAL EB 48 -55.33 44.79 -13.41
C VAL EB 48 -54.81 46.22 -13.38
N HIS EB 49 -54.41 46.72 -14.54
CA HIS EB 49 -53.90 48.08 -14.68
C HIS EB 49 -54.46 48.71 -15.95
N ILE EB 50 -55.28 49.75 -15.78
CA ILE EB 50 -55.83 50.53 -16.88
C ILE EB 50 -55.25 51.95 -16.79
N ASN EB 51 -54.77 52.46 -17.92
CA ASN EB 51 -54.23 53.82 -17.96
C ASN EB 51 -54.85 54.56 -19.13
N SER EB 52 -55.25 55.82 -18.92
CA SER EB 52 -55.87 56.61 -19.97
C SER EB 52 -55.22 57.99 -19.96
N THR EB 53 -54.39 58.28 -20.97
CA THR EB 53 -53.68 59.56 -20.99
C THR EB 53 -53.87 60.28 -22.31
N ALA EB 54 -53.48 61.55 -22.29
CA ALA EB 54 -53.46 62.39 -23.46
C ALA EB 54 -52.47 63.51 -23.20
N PRO EB 55 -51.82 64.03 -24.25
CA PRO EB 55 -50.85 65.12 -24.03
C PRO EB 55 -51.56 66.46 -23.93
N VAL EB 56 -51.17 67.26 -22.93
CA VAL EB 56 -51.64 68.64 -22.78
C VAL EB 56 -50.43 69.55 -22.94
N THR EB 57 -50.62 70.66 -23.64
CA THR EB 57 -49.55 71.62 -23.91
C THR EB 57 -49.67 72.81 -22.95
N ILE EB 58 -48.58 73.08 -22.24
CA ILE EB 58 -48.51 74.20 -21.30
C ILE EB 58 -48.08 75.44 -22.07
N ASN EB 59 -49.02 76.36 -22.30
CA ASN EB 59 -48.70 77.56 -23.05
C ASN EB 59 -47.97 78.54 -22.14
N THR EB 60 -46.75 78.89 -22.53
CA THR EB 60 -45.93 79.87 -21.83
C THR EB 60 -45.53 80.93 -22.84
N CYS EB 61 -45.69 82.20 -22.46
CA CYS EB 61 -45.37 83.27 -23.38
C CYS EB 61 -43.87 83.32 -23.63
N ASP EB 62 -43.50 83.53 -24.90
CA ASP EB 62 -42.13 83.39 -25.36
C ASP EB 62 -42.03 84.12 -26.69
N PRO EB 63 -40.86 84.69 -27.03
CA PRO EB 63 -40.70 85.25 -28.38
C PRO EB 63 -41.05 84.25 -29.46
N THR EB 64 -40.66 82.99 -29.27
CA THR EB 64 -41.06 81.89 -30.14
C THR EB 64 -42.13 81.09 -29.40
N LYS EB 65 -43.36 81.12 -29.92
CA LYS EB 65 -44.52 80.62 -29.18
C LYS EB 65 -44.67 79.10 -29.38
N CYS EB 66 -43.75 78.35 -28.77
CA CYS EB 66 -43.86 76.90 -28.64
C CYS EB 66 -43.53 76.52 -27.20
N GLY EB 67 -44.48 75.91 -26.52
CA GLY EB 67 -44.29 75.46 -25.16
C GLY EB 67 -44.22 73.96 -25.06
N PRO EB 68 -43.84 73.44 -23.89
CA PRO EB 68 -43.63 72.00 -23.75
C PRO EB 68 -44.95 71.25 -23.64
N THR EB 69 -44.85 69.94 -23.77
CA THR EB 69 -46.01 69.05 -23.70
C THR EB 69 -45.79 68.04 -22.58
N VAL EB 70 -46.81 67.88 -21.74
CA VAL EB 70 -46.73 66.99 -20.58
C VAL EB 70 -48.03 66.19 -20.55
N PRO EB 71 -48.00 64.92 -20.16
CA PRO EB 71 -49.22 64.10 -20.25
C PRO EB 71 -50.13 64.30 -19.06
N MET EB 72 -51.43 64.30 -19.33
CA MET EB 72 -52.45 64.17 -18.30
C MET EB 72 -53.04 62.77 -18.36
N GLY EB 73 -53.19 62.15 -17.20
CA GLY EB 73 -53.47 60.73 -17.14
C GLY EB 73 -54.40 60.39 -16.00
N VAL EB 74 -55.19 59.36 -16.21
CA VAL EB 74 -56.04 58.79 -15.19
C VAL EB 74 -55.75 57.30 -15.16
N SER EB 75 -55.38 56.78 -14.00
CA SER EB 75 -54.91 55.41 -13.86
C SER EB 75 -55.77 54.67 -12.85
N PHE EB 76 -56.02 53.40 -13.14
CA PHE EB 76 -56.77 52.50 -12.28
C PHE EB 76 -55.94 51.26 -12.09
N LYS EB 77 -55.74 50.85 -10.83
CA LYS EB 77 -55.03 49.63 -10.53
C LYS EB 77 -55.83 48.79 -9.55
N SER EB 78 -55.65 47.48 -9.63
CA SER EB 78 -56.45 46.51 -8.88
C SER EB 78 -55.57 45.31 -8.59
N SER EB 79 -55.68 44.75 -7.38
CA SER EB 79 -54.92 43.57 -7.01
C SER EB 79 -55.66 42.79 -5.93
N MET EB 80 -55.92 41.51 -6.17
CA MET EB 80 -56.67 40.74 -5.18
C MET EB 80 -56.48 39.26 -5.44
N PRO EB 81 -56.67 38.41 -4.42
CA PRO EB 81 -56.61 36.97 -4.65
C PRO EB 81 -57.81 36.50 -5.47
N GLU EB 82 -57.59 35.42 -6.21
CA GLU EB 82 -58.63 34.91 -7.10
C GLU EB 82 -59.90 34.63 -6.32
N ASP EB 83 -61.03 34.89 -6.96
CA ASP EB 83 -62.36 34.63 -6.42
C ASP EB 83 -62.67 35.45 -5.17
N ALA EB 84 -61.95 36.58 -4.97
CA ALA EB 84 -62.29 37.49 -3.88
C ALA EB 84 -63.43 38.40 -4.34
N ASP EB 85 -63.98 39.18 -3.40
CA ASP EB 85 -65.10 40.06 -3.75
C ASP EB 85 -64.67 41.53 -3.65
N PRO EB 86 -64.45 42.21 -4.76
CA PRO EB 86 -64.09 43.64 -4.71
C PRO EB 86 -65.26 44.60 -4.64
N ALA EB 87 -66.50 44.11 -4.53
CA ALA EB 87 -67.66 44.96 -4.74
C ALA EB 87 -67.62 46.17 -3.82
N GLU EB 88 -67.22 45.97 -2.57
CA GLU EB 88 -67.32 47.07 -1.62
C GLU EB 88 -66.13 48.02 -1.72
N VAL EB 89 -64.91 47.51 -1.92
CA VAL EB 89 -63.78 48.42 -2.14
C VAL EB 89 -63.99 49.25 -3.40
N LEU EB 90 -64.62 48.65 -4.42
CA LEU EB 90 -64.98 49.41 -5.61
C LEU EB 90 -65.97 50.51 -5.28
N LYS EB 91 -67.06 50.19 -4.56
CA LYS EB 91 -68.05 51.21 -4.20
C LYS EB 91 -67.40 52.37 -3.46
N ALA EB 92 -66.54 52.05 -2.47
CA ALA EB 92 -65.90 53.10 -1.68
C ALA EB 92 -64.96 53.95 -2.53
N ALA EB 93 -64.11 53.28 -3.32
CA ALA EB 93 -63.20 54.01 -4.20
C ALA EB 93 -63.98 54.91 -5.14
N LYS EB 94 -65.10 54.43 -5.67
CA LYS EB 94 -65.90 55.23 -6.59
C LYS EB 94 -66.52 56.44 -5.90
N ALA EB 95 -66.94 56.28 -4.64
CA ALA EB 95 -67.48 57.43 -3.91
C ALA EB 95 -66.40 58.49 -3.66
N ALA EB 96 -65.20 58.05 -3.27
CA ALA EB 96 -64.10 59.00 -3.09
C ALA EB 96 -63.75 59.70 -4.40
N LEU EB 97 -63.66 58.93 -5.48
CA LEU EB 97 -63.44 59.51 -6.80
C LEU EB 97 -64.52 60.52 -7.14
N ALA EB 98 -65.77 60.22 -6.80
CA ALA EB 98 -66.85 61.15 -7.07
C ALA EB 98 -66.62 62.47 -6.35
N LEU EB 99 -66.09 62.41 -5.12
CA LEU EB 99 -65.76 63.66 -4.44
C LEU EB 99 -64.63 64.41 -5.14
N PHE EB 100 -63.56 63.71 -5.51
CA PHE EB 100 -62.37 64.40 -6.01
C PHE EB 100 -62.42 64.73 -7.50
N GLU EB 101 -63.36 64.16 -8.26
CA GLU EB 101 -63.28 64.17 -9.72
C GLU EB 101 -63.38 65.59 -10.28
N ALA EB 102 -64.33 66.38 -9.77
CA ALA EB 102 -64.47 67.76 -10.23
C ALA EB 102 -63.17 68.53 -10.03
N ASN EB 103 -62.45 68.26 -8.94
CA ASN EB 103 -61.28 69.02 -8.53
C ASN EB 103 -59.97 68.35 -8.91
N LEU EB 104 -59.97 67.52 -9.96
CA LEU EB 104 -58.73 66.82 -10.35
C LEU EB 104 -57.70 67.76 -10.95
N ASN EB 105 -58.13 68.91 -11.44
CA ASN EB 105 -57.26 69.87 -12.13
C ASN EB 105 -57.13 71.18 -11.36
N SER EB 106 -57.45 71.20 -10.06
CA SER EB 106 -57.70 72.47 -9.40
C SER EB 106 -56.75 72.83 -8.26
N ALA EB 107 -55.99 71.86 -7.71
CA ALA EB 107 -55.02 72.13 -6.65
C ALA EB 107 -55.65 72.56 -5.34
N PHE EB 108 -56.97 72.39 -5.20
CA PHE EB 108 -57.69 72.68 -3.97
C PHE EB 108 -58.03 71.38 -3.26
N ASN EB 109 -57.98 71.40 -1.94
CA ASN EB 109 -58.41 70.26 -1.15
C ASN EB 109 -58.88 70.74 0.21
N LYS EB 110 -60.06 70.28 0.61
CA LYS EB 110 -60.67 70.66 1.88
C LYS EB 110 -60.77 69.43 2.77
N ASN EB 111 -60.69 69.65 4.09
CA ASN EB 111 -60.82 68.53 5.02
C ASN EB 111 -62.21 67.94 4.90
N VAL EB 112 -62.27 66.63 4.70
CA VAL EB 112 -63.52 65.89 4.64
C VAL EB 112 -63.53 64.93 5.83
N ASP EB 113 -64.52 65.10 6.70
CA ASP EB 113 -64.57 64.29 7.91
C ASP EB 113 -65.20 62.93 7.67
N GLU EB 114 -65.98 62.77 6.59
CA GLU EB 114 -66.52 61.46 6.28
C GLU EB 114 -66.95 61.42 4.82
N ILE EB 115 -66.91 60.21 4.27
CA ILE EB 115 -67.34 59.93 2.90
C ILE EB 115 -68.50 58.95 2.98
N SER EB 116 -69.64 59.35 2.44
CA SER EB 116 -70.83 58.50 2.46
C SER EB 116 -70.82 57.59 1.24
N VAL EB 117 -70.97 56.30 1.47
CA VAL EB 117 -70.95 55.30 0.40
C VAL EB 117 -72.38 54.81 0.16
N ALA EB 118 -72.72 54.60 -1.11
CA ALA EB 118 -74.06 54.23 -1.53
C ALA EB 118 -74.55 52.93 -0.89
N ALA FB 1 -40.98 -3.39 90.39
CA ALA FB 1 -42.14 -3.68 89.53
C ALA FB 1 -42.32 -2.61 88.46
N TYR FB 2 -41.65 -2.76 87.32
CA TYR FB 2 -41.73 -1.81 86.21
C TYR FB 2 -41.68 -2.59 84.90
N LYS FB 3 -41.74 -1.84 83.78
CA LYS FB 3 -41.64 -2.47 82.46
C LYS FB 3 -40.84 -1.59 81.52
N LEU FB 4 -40.09 -2.26 80.63
CA LEU FB 4 -39.25 -1.61 79.64
C LEU FB 4 -40.01 -1.55 78.32
N ILE FB 5 -40.29 -0.34 77.87
CA ILE FB 5 -41.01 -0.13 76.63
C ILE FB 5 -39.99 0.08 75.51
N LYS FB 6 -40.35 -0.36 74.31
CA LYS FB 6 -39.43 -0.25 73.17
C LYS FB 6 -39.19 1.21 72.81
N MET FB 7 -37.93 1.54 72.56
CA MET FB 7 -37.51 2.88 72.17
C MET FB 7 -37.48 2.99 70.65
N ALA FB 8 -37.57 4.23 70.18
CA ALA FB 8 -37.30 4.52 68.77
C ALA FB 8 -35.84 4.26 68.48
N GLY FB 9 -35.59 3.38 67.50
CA GLY FB 9 -34.23 3.03 67.14
C GLY FB 9 -34.08 2.97 65.63
N GLY FB 10 -32.82 3.07 65.20
CA GLY FB 10 -32.51 3.12 63.78
C GLY FB 10 -32.28 1.76 63.15
N ASN FB 11 -31.72 0.83 63.89
CA ASN FB 11 -31.38 -0.49 63.37
C ASN FB 11 -32.57 -1.44 63.50
N SER FB 12 -32.75 -2.31 62.51
CA SER FB 12 -33.83 -3.28 62.54
C SER FB 12 -33.48 -4.56 63.27
N ALA FB 13 -32.19 -4.91 63.31
CA ALA FB 13 -31.75 -6.11 64.02
C ALA FB 13 -31.72 -5.91 65.53
N ILE FB 14 -31.49 -4.68 65.97
CA ILE FB 14 -31.36 -4.35 67.39
C ILE FB 14 -32.67 -3.77 67.88
N GLN FB 15 -33.21 -4.35 68.96
CA GLN FB 15 -34.36 -3.81 69.66
C GLN FB 15 -33.85 -3.11 70.92
N THR FB 16 -34.18 -1.83 71.06
CA THR FB 16 -33.78 -1.03 72.21
C THR FB 16 -35.01 -0.70 73.04
N TYR FB 17 -34.87 -0.85 74.35
CA TYR FB 17 -35.93 -0.60 75.31
C TYR FB 17 -35.41 0.36 76.39
N ALA FB 18 -36.32 1.15 76.93
CA ALA FB 18 -36.03 1.99 78.08
C ALA FB 18 -37.06 1.73 79.16
N ARG FB 19 -36.62 1.89 80.40
CA ARG FB 19 -37.51 1.73 81.54
C ARG FB 19 -38.52 2.85 81.60
N GLU FB 20 -39.76 2.51 81.93
CA GLU FB 20 -40.81 3.52 81.96
C GLU FB 20 -40.54 4.56 83.05
N ASP FB 21 -40.22 4.12 84.26
CA ASP FB 21 -39.95 5.03 85.37
C ASP FB 21 -38.74 5.90 85.06
N LYS FB 22 -37.57 5.27 84.88
CA LYS FB 22 -36.34 5.96 84.53
C LYS FB 22 -36.01 5.64 83.09
N THR FB 23 -36.18 6.62 82.20
CA THR FB 23 -35.78 6.43 80.82
C THR FB 23 -34.27 6.49 80.65
N THR FB 24 -33.50 6.55 81.75
CA THR FB 24 -32.05 6.50 81.70
C THR FB 24 -31.52 5.07 81.79
N GLN FB 25 -32.31 4.17 82.34
CA GLN FB 25 -31.98 2.75 82.36
C GLN FB 25 -32.49 2.12 81.07
N THR FB 26 -31.60 1.47 80.33
CA THR FB 26 -31.95 0.93 79.03
C THR FB 26 -31.48 -0.52 78.90
N LEU FB 27 -31.98 -1.16 77.84
CA LEU FB 27 -31.72 -2.57 77.55
C LEU FB 27 -31.77 -2.74 76.03
N SER FB 28 -30.96 -3.67 75.52
CA SER FB 28 -30.86 -3.86 74.08
C SER FB 28 -30.66 -5.32 73.74
N THR FB 29 -31.44 -5.83 72.79
CA THR FB 29 -31.33 -7.23 72.37
C THR FB 29 -31.10 -7.27 70.87
N GLN FB 30 -30.11 -8.07 70.46
CA GLN FB 30 -29.75 -8.19 69.05
C GLN FB 30 -29.54 -9.65 68.71
N LYS FB 31 -30.01 -10.06 67.53
CA LYS FB 31 -29.76 -11.40 67.01
C LYS FB 31 -29.09 -11.31 65.64
N THR FB 32 -28.00 -12.05 65.50
CA THR FB 32 -27.19 -12.14 64.30
C THR FB 32 -27.17 -13.58 63.82
N ILE FB 33 -27.34 -13.78 62.53
CA ILE FB 33 -27.19 -15.09 61.91
C ILE FB 33 -25.94 -15.08 61.05
N SER FB 34 -25.11 -16.11 61.20
CA SER FB 34 -23.90 -16.30 60.42
C SER FB 34 -23.97 -17.65 59.73
N VAL FB 35 -23.15 -17.82 58.70
CA VAL FB 35 -23.10 -19.07 57.95
C VAL FB 35 -21.69 -19.63 58.03
N LEU FB 36 -21.57 -20.90 58.39
CA LEU FB 36 -20.28 -21.58 58.43
C LEU FB 36 -20.42 -22.85 57.61
N ARG FB 37 -19.63 -22.96 56.54
CA ARG FB 37 -19.74 -24.10 55.64
C ARG FB 37 -18.45 -24.89 55.65
N ASN FB 38 -18.59 -26.22 55.74
CA ASN FB 38 -17.52 -27.19 55.53
C ASN FB 38 -17.83 -27.92 54.24
N GLY FB 39 -16.95 -27.76 53.25
CA GLY FB 39 -17.19 -28.34 51.94
C GLY FB 39 -18.50 -27.84 51.36
N SER FB 40 -19.40 -28.78 51.10
CA SER FB 40 -20.73 -28.46 50.59
C SER FB 40 -21.71 -28.15 51.70
N THR FB 41 -21.54 -28.74 52.88
CA THR FB 41 -22.50 -28.53 53.95
C THR FB 41 -22.32 -27.15 54.56
N SER FB 42 -23.44 -26.56 54.98
CA SER FB 42 -23.42 -25.24 55.59
C SER FB 42 -24.40 -25.20 56.75
N THR FB 43 -24.00 -24.54 57.84
CA THR FB 43 -24.80 -24.50 59.06
C THR FB 43 -24.87 -23.07 59.60
N ARG FB 44 -26.00 -22.77 60.23
CA ARG FB 44 -26.25 -21.43 60.76
C ARG FB 44 -25.70 -21.30 62.17
N ILE FB 45 -25.12 -20.15 62.44
CA ILE FB 45 -24.59 -19.81 63.76
C ILE FB 45 -25.42 -18.64 64.28
N ILE FB 46 -26.21 -18.89 65.32
CA ILE FB 46 -27.09 -17.89 65.90
C ILE FB 46 -26.41 -17.26 67.09
N LYS FB 47 -26.29 -15.93 67.07
CA LYS FB 47 -25.64 -15.15 68.09
C LYS FB 47 -26.63 -14.15 68.67
N VAL FB 48 -26.77 -14.15 69.99
CA VAL FB 48 -27.67 -13.25 70.71
C VAL FB 48 -26.84 -12.37 71.60
N HIS FB 49 -27.25 -11.11 71.75
CA HIS FB 49 -26.56 -10.15 72.60
C HIS FB 49 -27.60 -9.32 73.34
N ILE FB 50 -27.57 -9.38 74.67
CA ILE FB 50 -28.45 -8.62 75.54
C ILE FB 50 -27.59 -7.75 76.43
N ASN FB 51 -27.86 -6.44 76.45
CA ASN FB 51 -27.07 -5.50 77.23
C ASN FB 51 -28.01 -4.62 78.04
N SER FB 52 -27.83 -4.59 79.36
CA SER FB 52 -28.64 -3.78 80.26
C SER FB 52 -27.71 -2.78 80.93
N THR FB 53 -27.95 -1.47 80.73
CA THR FB 53 -27.10 -0.48 81.39
C THR FB 53 -27.93 0.63 82.00
N ALA FB 54 -27.28 1.35 82.91
CA ALA FB 54 -27.79 2.58 83.48
C ALA FB 54 -26.60 3.45 83.82
N PRO FB 55 -26.75 4.77 83.79
CA PRO FB 55 -25.66 5.63 84.24
C PRO FB 55 -25.62 5.64 85.76
N VAL FB 56 -24.42 5.80 86.30
CA VAL FB 56 -24.23 5.93 87.73
C VAL FB 56 -23.21 7.05 87.99
N THR FB 57 -23.54 7.90 88.96
CA THR FB 57 -22.73 9.06 89.29
C THR FB 57 -21.42 8.62 89.95
N ILE FB 58 -20.29 9.18 89.48
CA ILE FB 58 -18.99 8.70 89.92
C ILE FB 58 -18.81 8.87 91.43
N ASN FB 59 -19.12 10.06 91.93
CA ASN FB 59 -18.61 10.51 93.22
C ASN FB 59 -19.60 10.20 94.33
N THR FB 60 -19.27 9.19 95.14
CA THR FB 60 -20.16 8.81 96.23
C THR FB 60 -20.19 9.86 97.34
N CYS FB 61 -19.02 10.37 97.73
CA CYS FB 61 -18.91 11.32 98.84
C CYS FB 61 -19.12 12.77 98.40
N ASP FB 62 -19.50 13.03 97.15
CA ASP FB 62 -19.76 14.38 96.67
C ASP FB 62 -21.19 14.80 97.04
N PRO FB 63 -21.52 16.10 96.89
CA PRO FB 63 -22.89 16.54 97.19
C PRO FB 63 -23.88 16.24 96.07
N THR FB 64 -23.49 15.32 95.17
CA THR FB 64 -24.30 14.92 94.01
C THR FB 64 -24.59 16.10 93.09
N LYS FB 65 -23.56 16.93 92.87
CA LYS FB 65 -23.68 18.13 92.02
C LYS FB 65 -23.45 17.76 90.56
N CYS FB 66 -24.28 16.84 90.05
CA CYS FB 66 -24.22 16.37 88.67
C CYS FB 66 -22.79 16.01 88.27
N GLY FB 67 -22.16 15.17 89.09
CA GLY FB 67 -20.85 14.64 88.79
C GLY FB 67 -20.93 13.82 87.53
N PRO FB 68 -19.87 13.83 86.72
CA PRO FB 68 -19.88 13.06 85.47
C PRO FB 68 -20.18 11.59 85.76
N THR FB 69 -21.01 11.01 84.90
CA THR FB 69 -21.54 9.67 85.11
C THR FB 69 -20.79 8.64 84.26
N VAL FB 70 -20.72 7.43 84.79
CA VAL FB 70 -20.12 6.31 84.07
C VAL FB 70 -21.21 5.27 83.86
N PRO FB 71 -21.23 4.61 82.70
CA PRO FB 71 -22.21 3.53 82.48
C PRO FB 71 -21.88 2.30 83.32
N MET FB 72 -22.88 1.80 84.01
CA MET FB 72 -22.83 0.52 84.72
C MET FB 72 -23.66 -0.47 83.93
N GLY FB 73 -23.10 -1.63 83.66
CA GLY FB 73 -23.64 -2.52 82.64
C GLY FB 73 -23.54 -3.98 83.01
N VAL FB 74 -24.50 -4.75 82.50
CA VAL FB 74 -24.52 -6.20 82.63
C VAL FB 74 -24.91 -6.76 81.28
N SER FB 75 -24.06 -7.62 80.73
CA SER FB 75 -24.20 -8.08 79.35
C SER FB 75 -24.24 -9.60 79.28
N PHE FB 76 -24.92 -10.11 78.27
CA PHE FB 76 -25.08 -11.53 78.01
C PHE FB 76 -24.88 -11.75 76.53
N LYS FB 77 -24.11 -12.79 76.18
CA LYS FB 77 -23.87 -13.12 74.79
C LYS FB 77 -23.96 -14.63 74.60
N SER FB 78 -24.48 -15.03 73.44
CA SER FB 78 -24.76 -16.42 73.12
C SER FB 78 -24.34 -16.67 71.68
N SER FB 79 -23.57 -17.73 71.45
CA SER FB 79 -23.20 -18.11 70.09
C SER FB 79 -23.26 -19.62 69.96
N MET FB 80 -24.10 -20.11 69.06
CA MET FB 80 -24.26 -21.56 68.97
C MET FB 80 -24.74 -21.96 67.59
N PRO FB 81 -24.42 -23.17 67.14
CA PRO FB 81 -25.02 -23.68 65.91
C PRO FB 81 -26.53 -23.81 66.08
N GLU FB 82 -27.26 -23.56 64.99
CA GLU FB 82 -28.71 -23.64 65.02
C GLU FB 82 -29.16 -25.01 65.55
N ASP FB 83 -30.21 -24.98 66.38
CA ASP FB 83 -30.81 -26.18 66.97
C ASP FB 83 -29.89 -26.91 67.96
N ALA FB 84 -28.82 -26.28 68.42
CA ALA FB 84 -28.02 -26.88 69.47
C ALA FB 84 -28.72 -26.68 70.82
N ASP FB 85 -28.21 -27.35 71.86
CA ASP FB 85 -28.88 -27.28 73.16
C ASP FB 85 -28.04 -26.51 74.18
N PRO FB 86 -28.35 -25.23 74.41
CA PRO FB 86 -27.58 -24.46 75.40
C PRO FB 86 -27.93 -24.79 76.84
N ALA FB 87 -28.84 -25.74 77.07
CA ALA FB 87 -29.39 -25.95 78.41
C ALA FB 87 -28.28 -26.10 79.45
N GLU FB 88 -27.28 -26.91 79.14
CA GLU FB 88 -26.26 -27.22 80.14
C GLU FB 88 -25.26 -26.08 80.31
N VAL FB 89 -24.81 -25.45 79.22
CA VAL FB 89 -23.91 -24.30 79.36
C VAL FB 89 -24.61 -23.15 80.07
N LEU FB 90 -25.93 -23.02 79.89
CA LEU FB 90 -26.68 -22.00 80.61
C LEU FB 90 -26.76 -22.33 82.10
N LYS FB 91 -27.08 -23.58 82.45
CA LYS FB 91 -27.09 -23.97 83.86
C LYS FB 91 -25.75 -23.65 84.51
N ALA FB 92 -24.65 -24.05 83.85
CA ALA FB 92 -23.32 -23.79 84.40
C ALA FB 92 -23.06 -22.31 84.54
N ALA FB 93 -23.34 -21.53 83.48
CA ALA FB 93 -23.09 -20.10 83.52
C ALA FB 93 -23.87 -19.44 84.66
N LYS FB 94 -25.14 -19.83 84.84
CA LYS FB 94 -25.95 -19.24 85.90
C LYS FB 94 -25.42 -19.61 87.27
N ALA FB 95 -24.98 -20.87 87.44
CA ALA FB 95 -24.38 -21.28 88.70
C ALA FB 95 -23.13 -20.46 89.02
N ALA FB 96 -22.28 -20.24 88.01
CA ALA FB 96 -21.09 -19.43 88.22
C ALA FB 96 -21.47 -18.00 88.58
N LEU FB 97 -22.43 -17.43 87.84
CA LEU FB 97 -22.84 -16.05 88.10
C LEU FB 97 -23.32 -15.88 89.53
N ALA FB 98 -24.11 -16.83 90.04
CA ALA FB 98 -24.61 -16.76 91.41
C ALA FB 98 -23.49 -16.52 92.42
N LEU FB 99 -22.27 -17.02 92.15
CA LEU FB 99 -21.16 -16.79 93.07
C LEU FB 99 -20.64 -15.36 92.97
N PHE FB 100 -20.78 -14.71 91.81
CA PHE FB 100 -20.22 -13.39 91.60
C PHE FB 100 -21.20 -12.25 91.87
N GLU FB 101 -22.51 -12.47 91.67
CA GLU FB 101 -23.38 -11.30 91.59
C GLU FB 101 -23.53 -10.59 92.92
N ALA FB 102 -23.26 -11.25 94.05
CA ALA FB 102 -23.16 -10.52 95.30
C ALA FB 102 -21.97 -9.57 95.28
N ASN FB 103 -20.84 -10.02 94.75
CA ASN FB 103 -19.58 -9.30 94.77
C ASN FB 103 -19.24 -8.72 93.40
N LEU FB 104 -20.27 -8.26 92.68
CA LEU FB 104 -20.09 -7.73 91.33
C LEU FB 104 -19.47 -6.34 91.31
N ASN FB 105 -19.36 -5.70 92.47
CA ASN FB 105 -18.81 -4.36 92.58
C ASN FB 105 -17.66 -4.28 93.59
N SER FB 106 -17.21 -5.39 94.15
CA SER FB 106 -16.40 -5.31 95.36
C SER FB 106 -14.94 -5.72 95.15
N ALA FB 107 -14.50 -5.89 93.90
CA ALA FB 107 -13.08 -6.09 93.60
C ALA FB 107 -12.49 -7.32 94.28
N PHE FB 108 -13.32 -8.20 94.83
CA PHE FB 108 -12.84 -9.35 95.60
C PHE FB 108 -13.24 -10.62 94.86
N ASN FB 109 -12.26 -11.34 94.35
CA ASN FB 109 -12.49 -12.58 93.61
C ASN FB 109 -12.10 -13.75 94.52
N LYS FB 110 -13.09 -14.43 95.08
CA LYS FB 110 -12.77 -15.54 95.97
C LYS FB 110 -12.16 -16.69 95.19
N ASN FB 111 -11.18 -17.37 95.78
CA ASN FB 111 -10.61 -18.57 95.19
C ASN FB 111 -11.62 -19.69 95.39
N VAL FB 112 -12.27 -20.06 94.28
CA VAL FB 112 -13.21 -21.18 94.23
C VAL FB 112 -12.55 -22.29 93.44
N ASP FB 113 -12.42 -23.46 94.05
CA ASP FB 113 -11.80 -24.62 93.43
C ASP FB 113 -12.81 -25.56 92.78
N GLU FB 114 -14.09 -25.43 93.10
CA GLU FB 114 -15.12 -26.18 92.40
C GLU FB 114 -16.47 -25.49 92.55
N ILE FB 115 -17.24 -25.53 91.46
CA ILE FB 115 -18.56 -24.91 91.38
C ILE FB 115 -19.58 -26.01 91.20
N SER FB 116 -20.55 -26.11 92.11
CA SER FB 116 -21.58 -27.13 92.05
C SER FB 116 -22.75 -26.63 91.20
N VAL FB 117 -23.14 -27.43 90.21
CA VAL FB 117 -24.24 -27.09 89.32
C VAL FB 117 -25.45 -27.93 89.70
N ALA FB 118 -26.60 -27.28 89.84
CA ALA FB 118 -27.81 -27.94 90.31
C ALA FB 118 -28.31 -29.01 89.34
N ALA GB 1 -49.34 -27.14 55.14
CA ALA GB 1 -49.30 -27.69 56.48
C ALA GB 1 -48.12 -27.12 57.29
N TYR GB 2 -47.44 -26.11 56.73
CA TYR GB 2 -46.38 -25.40 57.43
C TYR GB 2 -46.45 -23.92 57.07
N LYS GB 3 -45.58 -23.13 57.70
CA LYS GB 3 -45.52 -21.70 57.40
C LYS GB 3 -44.08 -21.23 57.29
N LEU GB 4 -43.86 -20.31 56.37
CA LEU GB 4 -42.55 -19.70 56.14
C LEU GB 4 -42.47 -18.43 56.99
N ILE GB 5 -41.61 -18.44 57.99
CA ILE GB 5 -41.47 -17.30 58.90
C ILE GB 5 -40.34 -16.43 58.40
N LYS GB 6 -40.56 -15.10 58.48
CA LYS GB 6 -39.54 -14.15 58.03
C LYS GB 6 -38.29 -14.28 58.90
N MET GB 7 -37.15 -14.47 58.26
CA MET GB 7 -35.95 -14.74 59.03
C MET GB 7 -35.41 -13.44 59.62
N ALA GB 8 -34.63 -13.60 60.68
CA ALA GB 8 -34.01 -12.49 61.38
C ALA GB 8 -32.89 -11.95 60.51
N GLY GB 9 -33.29 -11.24 59.44
CA GLY GB 9 -32.36 -10.64 58.53
C GLY GB 9 -32.73 -9.19 58.28
N GLY GB 10 -31.76 -8.42 57.84
CA GLY GB 10 -32.01 -7.01 57.57
C GLY GB 10 -32.87 -6.82 56.33
N ASN GB 11 -34.08 -6.31 56.53
CA ASN GB 11 -34.97 -6.05 55.40
C ASN GB 11 -34.32 -5.05 54.45
N SER GB 12 -34.18 -5.43 53.19
CA SER GB 12 -33.56 -4.60 52.17
C SER GB 12 -34.56 -4.24 51.07
N ALA GB 13 -35.84 -4.09 51.42
CA ALA GB 13 -36.98 -4.21 50.50
C ALA GB 13 -36.96 -5.56 49.78
N ILE GB 14 -36.23 -6.51 50.36
CA ILE GB 14 -36.19 -7.92 49.97
C ILE GB 14 -36.51 -8.73 51.23
N GLN GB 15 -37.57 -9.52 51.19
CA GLN GB 15 -38.02 -10.26 52.36
C GLN GB 15 -37.67 -11.73 52.19
N THR GB 16 -36.89 -12.25 53.13
CA THR GB 16 -36.42 -13.62 53.10
C THR GB 16 -37.03 -14.40 54.27
N TYR GB 17 -37.64 -15.54 53.96
CA TYR GB 17 -38.31 -16.39 54.91
C TYR GB 17 -37.66 -17.77 54.89
N ALA GB 18 -37.73 -18.45 56.03
CA ALA GB 18 -37.34 -19.85 56.14
C ALA GB 18 -38.52 -20.65 56.67
N ARG GB 19 -38.60 -21.91 56.25
CA ARG GB 19 -39.67 -22.78 56.68
C ARG GB 19 -39.49 -23.13 58.16
N GLU GB 20 -40.61 -23.16 58.88
CA GLU GB 20 -40.53 -23.21 60.34
C GLU GB 20 -39.89 -24.52 60.81
N ASP GB 21 -40.33 -25.65 60.26
CA ASP GB 21 -39.82 -26.94 60.71
C ASP GB 21 -38.52 -27.32 60.01
N LYS GB 22 -38.46 -27.17 58.68
CA LYS GB 22 -37.23 -27.38 57.93
C LYS GB 22 -36.66 -26.02 57.57
N THR GB 23 -35.77 -25.48 58.42
CA THR GB 23 -35.22 -24.17 58.16
C THR GB 23 -34.19 -24.17 57.03
N THR GB 24 -33.94 -25.33 56.41
CA THR GB 24 -33.08 -25.38 55.24
C THR GB 24 -33.80 -24.90 53.99
N GLN GB 25 -35.12 -25.02 53.97
CA GLN GB 25 -35.93 -24.56 52.86
C GLN GB 25 -36.24 -23.08 53.05
N THR GB 26 -35.87 -22.27 52.07
CA THR GB 26 -36.04 -20.82 52.16
C THR GB 26 -36.79 -20.29 50.94
N LEU GB 27 -37.17 -19.02 51.04
CA LEU GB 27 -37.96 -18.34 50.01
C LEU GB 27 -37.75 -16.83 50.15
N SER GB 28 -37.58 -16.15 49.01
CA SER GB 28 -37.29 -14.72 49.00
C SER GB 28 -38.21 -13.99 48.03
N THR GB 29 -38.75 -12.85 48.46
CA THR GB 29 -39.61 -12.04 47.59
C THR GB 29 -39.12 -10.60 47.59
N GLN GB 30 -38.87 -10.07 46.40
CA GLN GB 30 -38.52 -8.66 46.25
C GLN GB 30 -39.33 -8.03 45.13
N LYS GB 31 -39.65 -6.74 45.31
CA LYS GB 31 -40.27 -5.93 44.27
C LYS GB 31 -39.42 -4.70 44.08
N THR GB 32 -39.15 -4.36 42.81
CA THR GB 32 -38.36 -3.20 42.44
C THR GB 32 -39.12 -2.40 41.40
N ILE GB 33 -38.77 -1.11 41.30
CA ILE GB 33 -39.42 -0.21 40.36
C ILE GB 33 -38.36 0.45 39.49
N SER GB 34 -38.55 0.37 38.17
CA SER GB 34 -37.70 1.00 37.19
C SER GB 34 -38.46 2.10 36.49
N VAL GB 35 -37.74 2.99 35.81
CA VAL GB 35 -38.35 4.04 35.01
C VAL GB 35 -37.84 3.91 33.58
N LEU GB 36 -38.74 3.69 32.64
CA LEU GB 36 -38.40 3.56 31.23
C LEU GB 36 -38.89 4.80 30.51
N ARG GB 37 -37.95 5.53 29.91
CA ARG GB 37 -38.24 6.80 29.23
C ARG GB 37 -38.00 6.61 27.74
N ASN GB 38 -39.06 6.82 26.95
CA ASN GB 38 -38.97 6.85 25.50
C ASN GB 38 -39.39 8.24 25.05
N GLY GB 39 -38.43 9.07 24.68
CA GLY GB 39 -38.74 10.44 24.30
C GLY GB 39 -39.29 11.23 25.48
N SER GB 40 -40.44 11.89 25.26
CA SER GB 40 -41.07 12.68 26.31
C SER GB 40 -41.65 11.80 27.41
N THR GB 41 -42.20 10.64 27.03
CA THR GB 41 -42.92 9.79 27.95
C THR GB 41 -41.97 8.99 28.84
N SER GB 42 -42.32 8.88 30.12
CA SER GB 42 -41.66 8.01 31.07
C SER GB 42 -42.72 7.18 31.80
N THR GB 43 -42.45 5.89 31.96
CA THR GB 43 -43.38 4.98 32.62
C THR GB 43 -42.65 4.12 33.63
N ARG GB 44 -43.37 3.72 34.68
CA ARG GB 44 -42.81 2.90 35.75
C ARG GB 44 -43.00 1.43 35.45
N ILE GB 45 -41.96 0.65 35.68
CA ILE GB 45 -41.94 -0.78 35.43
C ILE GB 45 -41.80 -1.51 36.76
N ILE GB 46 -42.80 -2.33 37.09
CA ILE GB 46 -42.82 -3.12 38.31
C ILE GB 46 -42.19 -4.48 38.03
N LYS GB 47 -41.22 -4.87 38.85
CA LYS GB 47 -40.51 -6.13 38.69
C LYS GB 47 -40.54 -6.91 40.00
N VAL GB 48 -41.20 -8.07 39.98
CA VAL GB 48 -41.31 -8.98 41.11
C VAL GB 48 -40.38 -10.16 40.88
N HIS GB 49 -39.71 -10.61 41.95
CA HIS GB 49 -38.87 -11.79 41.89
C HIS GB 49 -39.09 -12.61 43.15
N ILE GB 50 -39.57 -13.85 42.97
CA ILE GB 50 -39.79 -14.81 44.03
C ILE GB 50 -38.88 -16.01 43.79
N ASN GB 51 -38.24 -16.47 44.85
CA ASN GB 51 -37.34 -17.62 44.75
C ASN GB 51 -37.62 -18.58 45.89
N SER GB 52 -37.66 -19.88 45.60
CA SER GB 52 -37.96 -20.89 46.61
C SER GB 52 -36.96 -22.02 46.44
N THR GB 53 -36.02 -22.15 47.37
CA THR GB 53 -34.99 -23.19 47.23
C THR GB 53 -34.89 -24.04 48.49
N ALA GB 54 -34.31 -25.22 48.29
CA ALA GB 54 -33.92 -26.13 49.35
C ALA GB 54 -32.66 -26.83 48.92
N PRO GB 55 -31.82 -27.26 49.86
CA PRO GB 55 -30.68 -28.09 49.49
C PRO GB 55 -31.12 -29.51 49.22
N VAL GB 56 -30.42 -30.17 48.30
CA VAL GB 56 -30.67 -31.57 47.97
C VAL GB 56 -29.35 -32.31 48.11
N THR GB 57 -29.34 -33.32 48.96
CA THR GB 57 -28.20 -34.24 49.03
C THR GB 57 -28.04 -34.96 47.71
N ILE GB 58 -26.85 -34.87 47.11
CA ILE GB 58 -26.59 -35.57 45.86
C ILE GB 58 -26.84 -37.05 46.06
N ASN GB 59 -27.55 -37.66 45.10
CA ASN GB 59 -27.72 -39.11 45.10
C ASN GB 59 -26.35 -39.76 45.21
N THR GB 60 -26.13 -40.47 46.32
CA THR GB 60 -24.81 -40.99 46.61
C THR GB 60 -24.86 -42.48 46.87
N CYS GB 61 -23.67 -43.05 47.06
CA CYS GB 61 -23.50 -44.49 47.20
C CYS GB 61 -23.95 -45.00 48.57
N ASP GB 62 -23.75 -44.21 49.62
CA ASP GB 62 -23.98 -44.67 50.98
C ASP GB 62 -25.47 -44.96 51.22
N PRO GB 63 -25.78 -45.95 52.06
CA PRO GB 63 -27.18 -46.11 52.49
C PRO GB 63 -27.66 -44.91 53.29
N THR GB 64 -26.82 -44.39 54.19
CA THR GB 64 -27.12 -43.11 54.82
C THR GB 64 -27.18 -42.01 53.78
N LYS GB 65 -28.09 -41.07 53.95
CA LYS GB 65 -28.27 -39.99 52.99
C LYS GB 65 -27.20 -38.93 53.26
N CYS GB 66 -25.98 -39.24 52.80
CA CYS GB 66 -24.83 -38.35 52.99
C CYS GB 66 -24.10 -38.14 51.67
N GLY GB 67 -23.97 -36.88 51.27
CA GLY GB 67 -23.19 -36.50 50.10
C GLY GB 67 -23.16 -34.99 49.98
N PRO GB 68 -22.44 -34.47 48.99
CA PRO GB 68 -22.48 -33.03 48.73
C PRO GB 68 -23.90 -32.57 48.44
N THR GB 69 -24.22 -31.35 48.85
CA THR GB 69 -25.54 -30.79 48.64
C THR GB 69 -25.51 -29.78 47.50
N VAL GB 70 -26.44 -29.94 46.56
CA VAL GB 70 -26.63 -29.00 45.47
C VAL GB 70 -27.95 -28.30 45.72
N PRO GB 71 -28.06 -26.99 45.49
CA PRO GB 71 -29.35 -26.31 45.70
C PRO GB 71 -30.32 -26.64 44.57
N MET GB 72 -31.55 -26.96 44.95
CA MET GB 72 -32.66 -27.03 43.99
C MET GB 72 -33.59 -25.86 44.26
N GLY GB 73 -34.15 -25.31 43.20
CA GLY GB 73 -34.83 -24.04 43.30
C GLY GB 73 -35.85 -23.83 42.22
N VAL GB 74 -36.93 -23.17 42.58
CA VAL GB 74 -37.96 -22.76 41.65
C VAL GB 74 -38.11 -21.25 41.78
N SER GB 75 -38.05 -20.55 40.65
CA SER GB 75 -37.98 -19.10 40.63
C SER GB 75 -39.03 -18.54 39.69
N PHE GB 76 -39.72 -17.49 40.15
CA PHE GB 76 -40.74 -16.80 39.36
C PHE GB 76 -40.36 -15.32 39.26
N LYS GB 77 -40.33 -14.80 38.04
CA LYS GB 77 -39.98 -13.40 37.81
C LYS GB 77 -41.06 -12.75 36.95
N SER GB 78 -41.31 -11.47 37.17
CA SER GB 78 -42.43 -10.77 36.55
C SER GB 78 -42.05 -9.31 36.32
N SER GB 79 -42.10 -8.86 35.07
CA SER GB 79 -41.77 -7.47 34.76
C SER GB 79 -42.80 -6.87 33.82
N MET GB 80 -43.44 -5.77 34.25
CA MET GB 80 -44.45 -5.17 33.38
C MET GB 80 -44.58 -3.70 33.73
N PRO GB 81 -44.99 -2.86 32.80
CA PRO GB 81 -45.20 -1.45 33.14
C PRO GB 81 -46.44 -1.29 34.01
N GLU GB 82 -46.39 -0.27 34.87
CA GLU GB 82 -47.41 -0.08 35.90
C GLU GB 82 -48.82 -0.07 35.32
N ASP GB 83 -49.76 -0.68 36.04
CA ASP GB 83 -51.18 -0.74 35.72
C ASP GB 83 -51.50 -1.57 34.47
N ALA GB 84 -50.54 -2.32 33.94
CA ALA GB 84 -50.83 -3.24 32.85
C ALA GB 84 -51.62 -4.44 33.38
N ASP GB 85 -52.16 -5.24 32.46
CA ASP GB 85 -52.94 -6.42 32.86
C ASP GB 85 -52.24 -7.71 32.46
N PRO GB 86 -51.54 -8.37 33.38
CA PRO GB 86 -50.83 -9.61 33.02
C PRO GB 86 -51.69 -10.87 33.09
N ALA GB 87 -53.02 -10.71 33.13
CA ALA GB 87 -53.91 -11.84 33.38
C ALA GB 87 -53.66 -12.98 32.39
N GLU GB 88 -53.60 -12.64 31.10
CA GLU GB 88 -53.47 -13.70 30.09
C GLU GB 88 -52.06 -14.25 30.06
N VAL GB 89 -51.06 -13.40 30.28
CA VAL GB 89 -49.68 -13.85 30.35
C VAL GB 89 -49.51 -14.86 31.49
N LEU GB 90 -50.04 -14.53 32.67
CA LEU GB 90 -50.05 -15.45 33.80
C LEU GB 90 -50.76 -16.74 33.46
N LYS GB 91 -51.93 -16.65 32.82
CA LYS GB 91 -52.70 -17.85 32.50
C LYS GB 91 -51.89 -18.80 31.61
N ALA GB 92 -51.26 -18.26 30.56
CA ALA GB 92 -50.46 -19.08 29.67
C ALA GB 92 -49.24 -19.66 30.38
N ALA GB 93 -48.55 -18.83 31.16
CA ALA GB 93 -47.40 -19.31 31.92
C ALA GB 93 -47.79 -20.48 32.82
N LYS GB 94 -48.94 -20.35 33.50
CA LYS GB 94 -49.39 -21.39 34.41
C LYS GB 94 -49.73 -22.67 33.65
N ALA GB 95 -50.33 -22.55 32.47
CA ALA GB 95 -50.63 -23.74 31.66
C ALA GB 95 -49.34 -24.46 31.26
N ALA GB 96 -48.34 -23.70 30.80
CA ALA GB 96 -47.07 -24.30 30.44
C ALA GB 96 -46.42 -24.98 31.63
N LEU GB 97 -46.40 -24.31 32.78
CA LEU GB 97 -45.82 -24.91 33.97
C LEU GB 97 -46.56 -26.19 34.34
N ALA GB 98 -47.88 -26.20 34.17
CA ALA GB 98 -48.64 -27.42 34.43
C ALA GB 98 -48.17 -28.55 33.53
N LEU GB 99 -47.85 -28.25 32.28
CA LEU GB 99 -47.34 -29.28 31.39
C LEU GB 99 -45.97 -29.79 31.82
N PHE GB 100 -45.07 -28.89 32.25
CA PHE GB 100 -43.67 -29.25 32.49
C PHE GB 100 -43.37 -29.61 33.95
N GLU GB 101 -44.35 -29.52 34.85
CA GLU GB 101 -44.07 -29.62 36.28
C GLU GB 101 -43.59 -31.01 36.68
N ALA GB 102 -44.21 -32.05 36.12
CA ALA GB 102 -43.75 -33.41 36.41
C ALA GB 102 -42.36 -33.66 35.83
N ASN GB 103 -42.01 -32.94 34.76
CA ASN GB 103 -40.75 -33.13 34.04
C ASN GB 103 -39.68 -32.13 34.45
N LEU GB 104 -39.91 -31.38 35.53
CA LEU GB 104 -38.88 -30.45 36.01
C LEU GB 104 -37.58 -31.14 36.36
N ASN GB 105 -37.60 -32.45 36.63
CA ASN GB 105 -36.41 -33.22 37.02
C ASN GB 105 -36.12 -34.38 36.06
N SER GB 106 -36.62 -34.32 34.83
CA SER GB 106 -36.73 -35.54 34.03
C SER GB 106 -35.51 -35.83 33.15
N ALA GB 107 -34.77 -34.80 32.73
CA ALA GB 107 -33.67 -34.92 31.77
C ALA GB 107 -34.14 -35.35 30.38
N PHE GB 108 -35.46 -35.44 30.17
CA PHE GB 108 -36.06 -35.69 28.87
C PHE GB 108 -37.03 -34.55 28.58
N ASN GB 109 -36.99 -34.04 27.36
CA ASN GB 109 -37.86 -32.95 26.96
C ASN GB 109 -39.05 -33.50 26.19
N LYS GB 110 -40.26 -33.21 26.68
CA LYS GB 110 -41.47 -33.62 25.98
C LYS GB 110 -41.74 -32.63 24.84
N ASN GB 111 -41.83 -33.14 23.62
CA ASN GB 111 -42.07 -32.28 22.47
C ASN GB 111 -43.58 -32.16 22.26
N VAL GB 112 -44.16 -31.08 22.76
CA VAL GB 112 -45.57 -30.79 22.58
C VAL GB 112 -45.73 -29.68 21.54
N ASP GB 113 -46.75 -29.82 20.68
CA ASP GB 113 -46.97 -28.92 19.57
C ASP GB 113 -48.02 -27.85 19.86
N GLU GB 114 -48.82 -28.00 20.92
CA GLU GB 114 -49.74 -26.94 21.32
C GLU GB 114 -50.03 -27.02 22.81
N ILE GB 115 -50.39 -25.87 23.37
CA ILE GB 115 -50.59 -25.71 24.81
C ILE GB 115 -51.95 -25.05 25.00
N SER GB 116 -52.91 -25.78 25.56
CA SER GB 116 -54.27 -25.27 25.72
C SER GB 116 -54.40 -24.47 27.01
N VAL GB 117 -55.11 -23.33 26.91
CA VAL GB 117 -55.19 -22.34 27.98
C VAL GB 117 -56.65 -22.02 28.27
N ALA GB 118 -56.93 -21.67 29.54
CA ALA GB 118 -58.25 -21.21 30.00
C ALA GB 118 -59.37 -22.16 29.63
N ALA HB 1 -64.29 4.73 54.96
CA ALA HB 1 -63.42 4.04 55.92
C ALA HB 1 -62.47 3.09 55.21
N TYR HB 2 -61.18 3.17 55.54
CA TYR HB 2 -60.17 2.33 54.93
C TYR HB 2 -59.04 2.09 55.92
N LYS HB 3 -58.11 1.19 55.53
CA LYS HB 3 -56.97 0.83 56.35
C LYS HB 3 -55.67 1.13 55.61
N LEU HB 4 -54.73 1.75 56.32
CA LEU HB 4 -53.38 1.97 55.80
C LEU HB 4 -52.54 0.74 56.13
N ILE HB 5 -52.32 -0.11 55.13
CA ILE HB 5 -51.56 -1.34 55.27
C ILE HB 5 -50.06 -1.02 55.27
N LYS HB 6 -49.30 -1.72 56.11
CA LYS HB 6 -47.88 -1.42 56.22
C LYS HB 6 -47.12 -1.97 55.02
N MET HB 7 -46.43 -1.08 54.32
CA MET HB 7 -45.55 -1.47 53.23
C MET HB 7 -44.26 -2.04 53.78
N ALA HB 8 -43.55 -2.78 52.92
CA ALA HB 8 -42.33 -3.47 53.30
C ALA HB 8 -41.15 -2.52 53.04
N GLY HB 9 -40.57 -1.98 54.11
CA GLY HB 9 -39.50 -1.02 54.00
C GLY HB 9 -38.22 -1.58 54.56
N GLY HB 10 -37.10 -1.17 53.94
CA GLY HB 10 -35.80 -1.61 54.41
C GLY HB 10 -35.39 -0.90 55.70
N ASN HB 11 -35.73 0.37 55.82
CA ASN HB 11 -35.36 1.14 57.00
C ASN HB 11 -36.38 0.91 58.12
N SER HB 12 -35.89 0.59 59.31
CA SER HB 12 -36.76 0.33 60.45
C SER HB 12 -37.16 1.59 61.20
N ALA HB 13 -36.43 2.69 61.04
CA ALA HB 13 -36.79 3.93 61.72
C ALA HB 13 -38.08 4.51 61.15
N ILE HB 14 -38.34 4.30 59.87
CA ILE HB 14 -39.49 4.84 59.16
C ILE HB 14 -40.45 3.70 58.86
N GLN HB 15 -41.71 3.86 59.25
CA GLN HB 15 -42.77 2.93 58.90
C GLN HB 15 -43.63 3.56 57.79
N THR HB 16 -43.77 2.86 56.68
CA THR HB 16 -44.52 3.35 55.54
C THR HB 16 -45.77 2.50 55.36
N TYR HB 17 -46.86 3.15 54.98
CA TYR HB 17 -48.15 2.51 54.80
C TYR HB 17 -48.77 3.03 53.51
N ALA HB 18 -49.60 2.20 52.91
CA ALA HB 18 -50.37 2.54 51.71
C ALA HB 18 -51.83 2.21 51.97
N ARG HB 19 -52.71 3.03 51.44
CA ARG HB 19 -54.14 2.78 51.60
C ARG HB 19 -54.54 1.51 50.84
N GLU HB 20 -55.46 0.75 51.44
CA GLU HB 20 -55.85 -0.52 50.82
C GLU HB 20 -56.53 -0.30 49.48
N ASP HB 21 -57.47 0.66 49.43
CA ASP HB 21 -58.16 0.98 48.18
C ASP HB 21 -57.19 1.52 47.14
N LYS HB 22 -56.52 2.63 47.45
CA LYS HB 22 -55.55 3.25 46.56
C LYS HB 22 -54.17 3.05 47.15
N THR HB 23 -53.40 2.14 46.57
CA THR HB 23 -52.02 2.00 47.01
C THR HB 23 -51.15 3.17 46.57
N THR HB 24 -51.72 4.14 45.84
CA THR HB 24 -50.97 5.35 45.48
C THR HB 24 -50.94 6.33 46.62
N GLN HB 25 -51.96 6.33 47.46
CA GLN HB 25 -51.99 7.20 48.63
C GLN HB 25 -51.19 6.57 49.76
N THR HB 26 -50.17 7.27 50.24
CA THR HB 26 -49.28 6.69 51.22
C THR HB 26 -49.14 7.61 52.43
N LEU HB 27 -48.50 7.06 53.47
CA LEU HB 27 -48.31 7.72 54.75
C LEU HB 27 -47.07 7.14 55.43
N SER HB 28 -46.23 8.00 55.99
CA SER HB 28 -45.01 7.57 56.65
C SER HB 28 -44.95 8.15 58.06
N THR HB 29 -44.54 7.33 59.01
CA THR HB 29 -44.32 7.78 60.38
C THR HB 29 -42.89 7.48 60.79
N GLN HB 30 -42.22 8.46 61.40
CA GLN HB 30 -40.84 8.31 61.82
C GLN HB 30 -40.61 9.02 63.14
N LYS HB 31 -40.02 8.34 64.11
CA LYS HB 31 -39.58 8.98 65.34
C LYS HB 31 -38.07 8.81 65.47
N THR HB 32 -37.38 9.89 65.80
CA THR HB 32 -35.94 9.90 65.97
C THR HB 32 -35.61 10.59 67.28
N ILE HB 33 -34.44 10.24 67.83
CA ILE HB 33 -34.00 10.74 69.13
C ILE HB 33 -32.65 11.39 68.96
N SER HB 34 -32.47 12.55 69.58
CA SER HB 34 -31.22 13.29 69.58
C SER HB 34 -30.75 13.53 71.01
N VAL HB 35 -29.44 13.64 71.19
CA VAL HB 35 -28.85 13.87 72.50
C VAL HB 35 -28.32 15.29 72.54
N LEU HB 36 -28.71 16.04 73.56
CA LEU HB 36 -28.30 17.42 73.75
C LEU HB 36 -27.48 17.45 75.03
N ARG HB 37 -26.16 17.56 74.89
CA ARG HB 37 -25.26 17.50 76.04
C ARG HB 37 -25.00 18.91 76.54
N ASN HB 38 -25.48 19.20 77.74
CA ASN HB 38 -25.21 20.44 78.46
C ASN HB 38 -24.34 20.07 79.66
N GLY HB 39 -23.08 20.46 79.62
CA GLY HB 39 -22.15 20.08 80.68
C GLY HB 39 -22.03 18.57 80.79
N SER HB 40 -22.28 18.06 82.00
CA SER HB 40 -22.23 16.64 82.26
C SER HB 40 -23.61 16.00 82.26
N THR HB 41 -24.63 16.71 81.75
CA THR HB 41 -25.99 16.20 81.70
C THR HB 41 -26.44 16.18 80.25
N SER HB 42 -26.84 15.01 79.77
CA SER HB 42 -27.35 14.87 78.41
C SER HB 42 -28.87 14.67 78.45
N THR HB 43 -29.57 15.46 77.64
CA THR HB 43 -31.03 15.42 77.60
C THR HB 43 -31.50 14.91 76.24
N ARG HB 44 -32.61 14.20 76.26
CA ARG HB 44 -33.13 13.48 75.11
C ARG HB 44 -34.15 14.34 74.39
N ILE HB 45 -34.05 14.40 73.06
CA ILE HB 45 -34.88 15.28 72.24
C ILE HB 45 -35.59 14.45 71.18
N ILE HB 46 -36.91 14.38 71.28
CA ILE HB 46 -37.75 13.50 70.47
C ILE HB 46 -38.32 14.29 69.30
N LYS HB 47 -38.12 13.77 68.09
CA LYS HB 47 -38.63 14.37 66.86
C LYS HB 47 -39.51 13.34 66.14
N VAL HB 48 -40.72 13.76 65.80
CA VAL HB 48 -41.69 12.93 65.09
C VAL HB 48 -42.00 13.57 63.75
N HIS HB 49 -42.12 12.75 62.71
CA HIS HB 49 -42.43 13.21 61.37
C HIS HB 49 -43.45 12.27 60.73
N ILE HB 50 -44.63 12.80 60.45
CA ILE HB 50 -45.70 12.09 59.76
C ILE HB 50 -45.94 12.78 58.41
N ASN HB 51 -46.01 12.00 57.35
CA ASN HB 51 -46.27 12.54 56.02
C ASN HB 51 -47.38 11.75 55.36
N SER HB 52 -48.33 12.43 54.71
CA SER HB 52 -49.45 11.76 54.05
C SER HB 52 -49.61 12.37 52.68
N THR HB 53 -49.25 11.62 51.62
CA THR HB 53 -49.32 12.17 50.28
C THR HB 53 -50.10 11.26 49.35
N ALA HB 54 -50.41 11.82 48.19
CA ALA HB 54 -51.05 11.10 47.10
C ALA HB 54 -50.76 11.84 45.83
N PRO HB 55 -50.68 11.16 44.68
CA PRO HB 55 -50.38 11.86 43.42
C PRO HB 55 -51.66 12.46 42.85
N VAL HB 56 -51.57 13.71 42.41
CA VAL HB 56 -52.65 14.38 41.68
C VAL HB 56 -52.15 14.69 40.28
N THR HB 57 -53.02 14.49 39.28
CA THR HB 57 -52.67 14.72 37.89
C THR HB 57 -53.20 16.06 37.42
N ILE HB 58 -52.32 16.89 36.89
CA ILE HB 58 -52.68 18.21 36.37
C ILE HB 58 -53.10 18.05 34.92
N ASN HB 59 -54.39 18.15 34.65
CA ASN HB 59 -54.89 17.99 33.29
C ASN HB 59 -54.63 19.26 32.49
N THR HB 60 -53.87 19.13 31.42
CA THR HB 60 -53.56 20.21 30.51
C THR HB 60 -53.96 19.75 29.12
N CYS HB 61 -54.69 20.60 28.39
CA CYS HB 61 -55.15 20.22 27.07
C CYS HB 61 -53.96 20.12 26.12
N ASP HB 62 -53.98 19.07 25.29
CA ASP HB 62 -52.84 18.67 24.48
C ASP HB 62 -53.37 17.77 23.37
N PRO HB 63 -52.74 17.77 22.18
CA PRO HB 63 -53.14 16.78 21.16
C PRO HB 63 -53.10 15.36 21.70
N THR HB 64 -52.08 15.05 22.50
CA THR HB 64 -52.00 13.79 23.23
C THR HB 64 -52.35 14.06 24.69
N LYS HB 65 -53.48 13.53 25.14
CA LYS HB 65 -54.06 13.92 26.42
C LYS HB 65 -53.44 13.11 27.57
N CYS HB 66 -52.17 13.42 27.85
CA CYS HB 66 -51.49 12.93 29.05
C CYS HB 66 -50.76 14.10 29.68
N GLY HB 67 -51.12 14.42 30.93
CA GLY HB 67 -50.48 15.49 31.67
C GLY HB 67 -49.62 14.96 32.80
N PRO HB 68 -48.84 15.84 33.41
CA PRO HB 68 -47.88 15.40 34.43
C PRO HB 68 -48.58 15.10 35.76
N THR HB 69 -47.82 14.45 36.64
CA THR HB 69 -48.32 14.09 37.96
C THR HB 69 -47.43 14.70 39.01
N VAL HB 70 -48.04 15.33 40.01
CA VAL HB 70 -47.31 16.03 41.07
C VAL HB 70 -47.98 15.65 42.39
N PRO HB 71 -47.23 15.48 43.48
CA PRO HB 71 -47.83 14.99 44.72
C PRO HB 71 -48.48 16.10 45.52
N MET HB 72 -49.62 15.76 46.13
CA MET HB 72 -50.24 16.59 47.16
C MET HB 72 -50.00 15.92 48.50
N GLY HB 73 -49.60 16.72 49.47
CA GLY HB 73 -49.09 16.18 50.72
C GLY HB 73 -49.48 17.02 51.91
N VAL HB 74 -49.64 16.35 53.04
CA VAL HB 74 -49.88 16.99 54.32
C VAL HB 74 -48.86 16.42 55.29
N SER HB 75 -48.08 17.29 55.91
CA SER HB 75 -46.96 16.89 56.72
C SER HB 75 -47.11 17.45 58.14
N PHE HB 76 -46.71 16.65 59.11
CA PHE HB 76 -46.71 17.02 60.52
C PHE HB 76 -45.33 16.74 61.07
N LYS HB 77 -44.74 17.73 61.74
CA LYS HB 77 -43.45 17.54 62.38
C LYS HB 77 -43.52 18.04 63.81
N SER HB 78 -42.69 17.45 64.67
CA SER HB 78 -42.73 17.69 66.10
C SER HB 78 -41.32 17.51 66.65
N SER HB 79 -40.92 18.38 67.57
CA SER HB 79 -39.60 18.27 68.19
C SER HB 79 -39.62 18.90 69.57
N MET HB 80 -39.20 18.14 70.59
CA MET HB 80 -39.26 18.68 71.93
C MET HB 80 -38.38 17.85 72.86
N PRO HB 81 -37.92 18.41 73.97
CA PRO HB 81 -37.16 17.62 74.93
C PRO HB 81 -38.06 16.62 75.62
N GLU HB 82 -37.45 15.51 76.04
CA GLU HB 82 -38.19 14.43 76.65
C GLU HB 82 -38.98 14.93 77.86
N ASP HB 83 -40.17 14.38 78.04
CA ASP HB 83 -41.07 14.69 79.16
C ASP HB 83 -41.52 16.14 79.17
N ALA HB 84 -41.47 16.83 78.03
CA ALA HB 84 -42.04 18.17 77.94
C ALA HB 84 -43.55 18.06 77.69
N ASP HB 85 -44.25 19.19 77.77
CA ASP HB 85 -45.70 19.17 77.58
C ASP HB 85 -46.09 19.89 76.29
N PRO HB 86 -46.47 19.17 75.23
CA PRO HB 86 -46.88 19.82 74.00
C PRO HB 86 -48.36 20.21 73.94
N ALA HB 87 -49.11 20.02 75.02
CA ALA HB 87 -50.56 20.10 74.93
C ALA HB 87 -51.01 21.44 74.35
N GLU HB 88 -50.35 22.53 74.76
CA GLU HB 88 -50.83 23.83 74.34
C GLU HB 88 -50.36 24.20 72.94
N VAL HB 89 -49.11 23.89 72.58
CA VAL HB 89 -48.67 24.14 71.20
C VAL HB 89 -49.50 23.30 70.23
N LEU HB 90 -49.89 22.10 70.63
CA LEU HB 90 -50.80 21.30 69.81
C LEU HB 90 -52.15 21.99 69.66
N LYS HB 91 -52.75 22.44 70.76
CA LYS HB 91 -54.05 23.12 70.67
C LYS HB 91 -53.98 24.32 69.72
N ALA HB 92 -52.93 25.13 69.86
CA ALA HB 92 -52.79 26.32 69.03
C ALA HB 92 -52.60 25.96 67.56
N ALA HB 93 -51.68 25.03 67.29
CA ALA HB 93 -51.46 24.58 65.92
C ALA HB 93 -52.74 24.04 65.31
N LYS HB 94 -53.53 23.30 66.10
CA LYS HB 94 -54.76 22.73 65.59
C LYS HB 94 -55.78 23.81 65.28
N ALA HB 95 -55.84 24.86 66.10
CA ALA HB 95 -56.76 25.97 65.81
C ALA HB 95 -56.37 26.69 64.51
N ALA HB 96 -55.08 26.95 64.33
CA ALA HB 96 -54.61 27.57 63.09
C ALA HB 96 -54.91 26.69 61.89
N LEU HB 97 -54.64 25.39 62.01
CA LEU HB 97 -54.98 24.45 60.95
C LEU HB 97 -56.46 24.48 60.66
N ALA HB 98 -57.29 24.58 61.70
CA ALA HB 98 -58.73 24.66 61.49
C ALA HB 98 -59.09 25.86 60.63
N LEU HB 99 -58.41 26.98 60.85
CA LEU HB 99 -58.66 28.15 60.00
C LEU HB 99 -58.22 27.88 58.55
N PHE HB 100 -57.03 27.32 58.36
CA PHE HB 100 -56.49 27.23 56.99
C PHE HB 100 -56.96 26.00 56.21
N GLU HB 101 -57.59 25.02 56.88
CA GLU HB 101 -57.79 23.70 56.27
C GLU HB 101 -58.69 23.77 55.07
N ALA HB 102 -59.81 24.49 55.18
CA ALA HB 102 -60.72 24.64 54.04
C ALA HB 102 -60.01 25.22 52.83
N ASN HB 103 -59.08 26.15 53.06
CA ASN HB 103 -58.42 26.90 52.00
C ASN HB 103 -57.04 26.36 51.64
N LEU HB 104 -56.79 25.07 51.87
CA LEU HB 104 -55.47 24.51 51.57
C LEU HB 104 -55.19 24.41 50.08
N ASN HB 105 -56.25 24.40 49.27
CA ASN HB 105 -56.14 24.23 47.83
C ASN HB 105 -56.57 25.46 47.06
N SER HB 106 -56.63 26.64 47.70
CA SER HB 106 -57.38 27.74 47.13
C SER HB 106 -56.56 28.98 46.77
N ALA HB 107 -55.34 29.15 47.29
CA ALA HB 107 -54.47 30.29 46.96
C ALA HB 107 -55.01 31.61 47.48
N PHE HB 108 -55.99 31.59 48.38
CA PHE HB 108 -56.53 32.78 49.02
C PHE HB 108 -56.01 32.86 50.44
N ASN HB 109 -55.75 34.09 50.89
CA ASN HB 109 -55.37 34.30 52.28
C ASN HB 109 -55.78 35.71 52.68
N LYS HB 110 -56.46 35.82 53.83
CA LYS HB 110 -56.94 37.09 54.34
C LYS HB 110 -56.24 37.39 55.66
N ASN HB 111 -56.05 38.68 55.93
CA ASN HB 111 -55.42 39.06 57.20
C ASN HB 111 -56.29 38.63 58.35
N VAL HB 112 -55.68 37.91 59.30
CA VAL HB 112 -56.35 37.48 60.51
C VAL HB 112 -55.66 38.16 61.68
N ASP HB 113 -56.42 38.95 62.42
CA ASP HB 113 -55.84 39.73 63.52
C ASP HB 113 -55.70 38.91 64.78
N GLU HB 114 -56.45 37.81 64.92
CA GLU HB 114 -56.27 36.96 66.08
C GLU HB 114 -56.86 35.58 65.80
N ILE HB 115 -56.30 34.58 66.48
CA ILE HB 115 -56.76 33.20 66.41
C ILE HB 115 -57.21 32.80 67.80
N SER HB 116 -58.46 32.39 67.92
CA SER HB 116 -59.01 31.98 69.21
C SER HB 116 -58.74 30.50 69.43
N VAL HB 117 -58.14 30.17 70.58
CA VAL HB 117 -57.80 28.80 70.91
C VAL HB 117 -58.78 28.29 71.97
N ALA HB 118 -59.18 27.03 71.82
CA ALA HB 118 -60.18 26.41 72.69
C ALA HB 118 -59.80 26.42 74.17
#